data_6YFK
#
_entry.id   6YFK
#
_cell.length_a   278.203
_cell.length_b   278.203
_cell.length_c   661.500
_cell.angle_alpha   90.000
_cell.angle_beta   90.000
_cell.angle_gamma   120.000
#
_symmetry.space_group_name_H-M   'H 3'
#
loop_
_entity.id
_entity.type
_entity.pdbx_description
1 polymer 'coat protein'
2 non-polymer 'CALCIUM ION'
#
_entity_poly.entity_id   1
_entity_poly.type   'polypeptide(L)'
_entity_poly.pdbx_seq_one_letter_code
;QIANVVLADGQAAPADKTFEPQRGQNGVTDPAEWWEKSSPTLNGYRRLTALVRRNAASKSVKVKVAIYDPTLAVTAPSTA
SGIQPSPTVAFTCPVFIEFTLPDACTIQNRKDILAYAKNFLASATATDLVVNTAPQY
;
_entity_poly.pdbx_strand_id   AA,AB,AC,AD,AE,AF,AG,AH,AI,AJ,AK,AL,AM,AN,AO,AP,AQ,AR,AS,AT,AU,AV,AW,AX,AY,AZ,BA,BB,BC,BD,BE,BF,BG,BH,BI,BJ,BK,BL,BM,BN,BO,BP,BQ,BR,BS,BT,BU,BV,BW,BX,BY,BZ,CA,CB,CC,CD,CE,CF,CG,CH
#
# COMPACT_ATOMS: atom_id res chain seq x y z
N GLN A 1 67.20 -63.59 -36.63
CA GLN A 1 67.97 -62.88 -37.66
C GLN A 1 67.58 -63.36 -39.06
N ILE A 2 67.76 -62.51 -40.09
CA ILE A 2 67.29 -62.86 -41.43
C ILE A 2 68.30 -63.76 -42.13
N ALA A 3 67.76 -64.72 -42.88
CA ALA A 3 68.51 -65.68 -43.67
C ALA A 3 67.53 -66.28 -44.65
N ASN A 4 68.04 -66.70 -45.81
CA ASN A 4 67.17 -67.15 -46.89
C ASN A 4 66.34 -68.35 -46.45
N VAL A 5 65.20 -68.54 -47.12
CA VAL A 5 64.27 -69.62 -46.79
C VAL A 5 64.08 -70.49 -48.02
N VAL A 6 63.98 -71.80 -47.80
CA VAL A 6 64.00 -72.76 -48.89
C VAL A 6 62.69 -73.54 -48.85
N LEU A 7 61.84 -73.35 -49.86
CA LEU A 7 60.54 -74.00 -49.92
C LEU A 7 60.48 -74.92 -51.14
N ALA A 8 59.81 -76.05 -50.99
CA ALA A 8 59.76 -77.07 -52.04
C ALA A 8 58.48 -76.95 -52.83
N ASP A 9 58.59 -76.81 -54.15
CA ASP A 9 57.40 -76.74 -54.98
C ASP A 9 56.75 -78.11 -55.12
N GLY A 10 55.48 -78.09 -55.53
CA GLY A 10 54.73 -79.32 -55.68
C GLY A 10 54.92 -79.92 -57.06
N GLN A 11 55.48 -81.14 -57.10
CA GLN A 11 55.69 -81.83 -58.36
C GLN A 11 55.84 -83.32 -58.09
N ALA A 12 56.13 -84.05 -59.16
CA ALA A 12 56.67 -85.40 -59.07
C ALA A 12 57.82 -85.46 -58.08
N ALA A 13 58.90 -84.76 -58.41
CA ALA A 13 60.07 -84.62 -57.55
C ALA A 13 60.14 -83.13 -57.23
N PRO A 14 59.89 -82.75 -55.99
CA PRO A 14 59.85 -81.33 -55.68
C PRO A 14 61.23 -80.73 -55.74
N ALA A 15 61.28 -79.46 -56.16
CA ALA A 15 62.50 -78.70 -56.27
C ALA A 15 62.52 -77.64 -55.18
N ASP A 16 63.68 -77.48 -54.57
CA ASP A 16 63.93 -76.44 -53.59
C ASP A 16 64.06 -75.09 -54.29
N LYS A 17 63.09 -74.19 -54.06
CA LYS A 17 63.19 -72.81 -54.49
C LYS A 17 63.69 -72.00 -53.29
N THR A 18 64.81 -71.31 -53.48
CA THR A 18 65.46 -70.58 -52.40
C THR A 18 65.13 -69.10 -52.53
N PHE A 19 64.50 -68.54 -51.50
CA PHE A 19 64.24 -67.10 -51.39
C PHE A 19 65.42 -66.51 -50.63
N GLU A 20 66.31 -65.84 -51.36
CA GLU A 20 67.39 -65.07 -50.75
C GLU A 20 66.83 -63.82 -50.07
N PRO A 21 67.33 -63.43 -48.91
CA PRO A 21 66.83 -62.19 -48.29
C PRO A 21 67.23 -61.00 -49.13
N GLN A 22 66.25 -60.19 -49.48
CA GLN A 22 66.50 -58.97 -50.22
C GLN A 22 66.15 -57.72 -49.43
N ARG A 23 65.30 -57.82 -48.41
CA ARG A 23 65.11 -56.72 -47.47
C ARG A 23 64.69 -57.27 -46.11
N GLY A 24 65.39 -56.84 -45.06
CA GLY A 24 65.04 -57.24 -43.71
C GLY A 24 64.03 -56.31 -43.06
N GLN A 25 63.46 -56.77 -41.95
CA GLN A 25 62.54 -55.97 -41.13
C GLN A 25 63.27 -55.50 -39.87
N ASN A 26 63.53 -54.20 -39.78
CA ASN A 26 64.06 -53.64 -38.54
C ASN A 26 63.06 -52.74 -37.84
N GLY A 27 61.89 -52.49 -38.46
CA GLY A 27 60.89 -51.63 -37.89
C GLY A 27 59.53 -52.30 -37.95
N VAL A 28 58.56 -51.66 -37.29
CA VAL A 28 57.20 -52.23 -37.20
C VAL A 28 56.38 -51.92 -38.44
N THR A 29 56.68 -50.84 -39.13
CA THR A 29 55.82 -50.43 -40.24
C THR A 29 55.88 -51.43 -41.41
N ASP A 30 57.08 -51.74 -41.92
CA ASP A 30 57.29 -52.44 -43.19
C ASP A 30 57.81 -53.87 -42.99
N PRO A 31 57.16 -54.87 -43.61
CA PRO A 31 57.57 -56.26 -43.41
C PRO A 31 58.88 -56.60 -44.10
N ALA A 32 59.46 -57.72 -43.67
CA ALA A 32 60.66 -58.29 -44.28
C ALA A 32 60.29 -59.05 -45.55
N GLU A 33 61.23 -59.11 -46.49
CA GLU A 33 60.95 -59.61 -47.83
C GLU A 33 62.11 -60.46 -48.33
N TRP A 34 61.76 -61.56 -49.00
CA TRP A 34 62.68 -62.50 -49.60
C TRP A 34 62.33 -62.65 -51.08
N TRP A 35 63.37 -62.74 -51.92
CA TRP A 35 63.24 -62.77 -53.37
C TRP A 35 63.86 -64.04 -53.93
N GLU A 36 63.20 -64.67 -54.92
CA GLU A 36 63.64 -65.98 -55.36
C GLU A 36 64.75 -65.90 -56.41
N LYS A 37 64.62 -65.01 -57.39
CA LYS A 37 65.63 -64.80 -58.43
C LYS A 37 65.79 -65.99 -59.36
N SER A 38 64.75 -66.81 -59.52
CA SER A 38 64.81 -67.88 -60.52
C SER A 38 64.81 -67.29 -61.92
N SER A 39 63.77 -66.55 -62.27
CA SER A 39 63.70 -65.87 -63.56
C SER A 39 64.81 -64.82 -63.67
N PRO A 40 65.13 -64.36 -64.90
CA PRO A 40 66.20 -63.36 -65.04
C PRO A 40 65.80 -61.92 -64.68
N THR A 41 64.53 -61.57 -64.80
CA THR A 41 64.06 -60.21 -64.55
C THR A 41 63.32 -60.12 -63.22
N LEU A 42 63.22 -58.89 -62.70
CA LEU A 42 62.63 -58.67 -61.39
C LEU A 42 61.18 -59.14 -61.33
N ASN A 43 60.46 -59.09 -62.46
CA ASN A 43 59.05 -59.46 -62.46
C ASN A 43 58.85 -60.95 -62.16
N GLY A 44 59.81 -61.78 -62.56
CA GLY A 44 59.69 -63.21 -62.41
C GLY A 44 60.14 -63.76 -61.07
N TYR A 45 60.52 -62.90 -60.14
CA TYR A 45 60.92 -63.37 -58.82
C TYR A 45 59.70 -63.81 -58.05
N ARG A 46 59.85 -64.88 -57.27
CA ARG A 46 58.86 -65.25 -56.28
C ARG A 46 59.16 -64.50 -54.99
N ARG A 47 58.11 -64.06 -54.29
CA ARG A 47 58.29 -63.21 -53.13
C ARG A 47 57.74 -63.85 -51.86
N LEU A 48 58.38 -63.50 -50.74
CA LEU A 48 57.93 -63.90 -49.41
C LEU A 48 58.06 -62.72 -48.45
N THR A 49 56.94 -62.27 -47.88
CA THR A 49 56.92 -61.17 -46.92
C THR A 49 56.49 -61.67 -45.55
N ALA A 50 57.07 -61.09 -44.50
CA ALA A 50 56.83 -61.53 -43.12
C ALA A 50 57.00 -60.36 -42.17
N LEU A 51 55.95 -60.05 -41.43
CA LEU A 51 55.90 -58.95 -40.47
C LEU A 51 55.41 -59.47 -39.13
N VAL A 52 56.22 -59.29 -38.09
CA VAL A 52 55.80 -59.51 -36.71
C VAL A 52 55.70 -58.14 -36.06
N ARG A 53 54.53 -57.84 -35.51
CA ARG A 53 54.19 -56.49 -35.06
C ARG A 53 53.39 -56.57 -33.78
N ARG A 54 53.85 -55.88 -32.75
CA ARG A 54 53.10 -55.85 -31.49
C ARG A 54 51.98 -54.83 -31.61
N ASN A 55 50.74 -55.28 -31.43
CA ASN A 55 49.57 -54.41 -31.40
C ASN A 55 49.22 -54.17 -29.94
N ALA A 56 49.48 -52.95 -29.46
CA ALA A 56 49.22 -52.62 -28.07
C ALA A 56 47.75 -52.49 -27.76
N ALA A 57 46.91 -52.24 -28.78
CA ALA A 57 45.48 -52.10 -28.55
C ALA A 57 44.86 -53.37 -28.02
N SER A 58 45.05 -54.48 -28.74
CA SER A 58 44.57 -55.79 -28.33
C SER A 58 45.51 -56.48 -27.35
N LYS A 59 46.57 -55.81 -26.92
CA LYS A 59 47.63 -56.41 -26.12
C LYS A 59 48.03 -57.76 -26.74
N SER A 60 48.48 -57.69 -27.98
CA SER A 60 48.69 -58.91 -28.75
C SER A 60 49.86 -58.69 -29.71
N VAL A 61 50.16 -59.74 -30.48
CA VAL A 61 51.24 -59.70 -31.46
C VAL A 61 50.74 -60.36 -32.72
N LYS A 62 50.70 -59.62 -33.82
CA LYS A 62 50.29 -60.16 -35.10
C LYS A 62 51.50 -60.61 -35.92
N VAL A 63 51.30 -61.66 -36.71
CA VAL A 63 52.32 -62.17 -37.62
C VAL A 63 51.65 -62.37 -38.97
N LYS A 64 52.06 -61.57 -39.96
CA LYS A 64 51.53 -61.63 -41.31
C LYS A 64 52.59 -62.17 -42.27
N VAL A 65 52.24 -63.22 -42.98
CA VAL A 65 53.13 -63.85 -43.96
C VAL A 65 52.40 -63.88 -45.30
N ALA A 66 53.14 -63.61 -46.37
CA ALA A 66 52.56 -63.64 -47.71
C ALA A 66 53.56 -64.29 -48.66
N ILE A 67 53.04 -65.14 -49.55
CA ILE A 67 53.85 -65.82 -50.56
C ILE A 67 53.24 -65.52 -51.92
N TYR A 68 53.98 -64.79 -52.76
CA TYR A 68 53.53 -64.44 -54.11
C TYR A 68 54.29 -65.28 -55.13
N ASP A 69 53.55 -66.14 -55.86
CA ASP A 69 54.11 -66.93 -56.95
C ASP A 69 53.58 -66.40 -58.28
N PRO A 70 54.36 -65.64 -59.05
CA PRO A 70 53.87 -65.13 -60.32
C PRO A 70 54.14 -66.13 -61.44
N THR A 71 53.23 -66.17 -62.40
CA THR A 71 53.43 -66.97 -63.61
C THR A 71 53.64 -65.98 -64.75
N LEU A 72 54.89 -65.87 -65.22
CA LEU A 72 55.20 -64.91 -66.27
C LEU A 72 54.42 -65.23 -67.53
N ALA A 73 53.83 -64.20 -68.14
CA ALA A 73 53.16 -64.40 -69.41
C ALA A 73 54.19 -64.82 -70.45
N VAL A 74 53.80 -65.81 -71.27
CA VAL A 74 54.58 -66.17 -72.45
C VAL A 74 54.68 -64.95 -73.37
N THR A 75 55.90 -64.47 -73.56
CA THR A 75 56.14 -63.26 -74.36
C THR A 75 56.80 -63.68 -75.67
N ALA A 76 56.08 -63.49 -76.77
CA ALA A 76 56.53 -63.74 -78.13
C ALA A 76 56.87 -62.41 -78.82
N PRO A 77 57.81 -62.42 -79.76
CA PRO A 77 58.15 -61.18 -80.48
C PRO A 77 56.93 -60.62 -81.19
N SER A 78 56.76 -59.31 -81.07
CA SER A 78 55.53 -58.65 -81.50
C SER A 78 55.18 -59.04 -82.92
N THR A 79 53.89 -59.30 -83.13
CA THR A 79 53.40 -59.53 -84.48
C THR A 79 53.25 -58.20 -85.21
N ALA A 80 53.03 -57.12 -84.46
CA ALA A 80 52.90 -55.80 -85.07
C ALA A 80 54.19 -54.99 -85.03
N SER A 81 54.81 -54.86 -83.86
CA SER A 81 56.05 -54.10 -83.79
C SER A 81 57.27 -54.89 -84.26
N GLY A 82 57.15 -56.22 -84.36
CA GLY A 82 58.32 -57.04 -84.57
C GLY A 82 59.29 -57.02 -83.41
N ILE A 83 58.90 -56.48 -82.26
CA ILE A 83 59.79 -56.18 -81.15
C ILE A 83 59.23 -56.83 -79.90
N GLN A 84 59.88 -57.91 -79.44
CA GLN A 84 59.40 -58.64 -78.29
C GLN A 84 59.33 -57.73 -77.06
N PRO A 85 58.19 -57.67 -76.38
CA PRO A 85 58.07 -56.77 -75.23
C PRO A 85 58.85 -57.31 -74.04
N SER A 86 59.28 -56.39 -73.18
CA SER A 86 59.91 -56.73 -71.91
C SER A 86 58.99 -57.69 -71.17
N PRO A 87 59.55 -58.64 -70.40
CA PRO A 87 58.69 -59.69 -69.82
C PRO A 87 57.74 -59.11 -68.80
N THR A 88 56.50 -59.58 -68.86
CA THR A 88 55.40 -59.11 -68.02
C THR A 88 54.81 -60.28 -67.24
N VAL A 89 53.95 -59.96 -66.27
CA VAL A 89 53.31 -60.94 -65.41
C VAL A 89 51.85 -61.07 -65.83
N ALA A 90 51.44 -62.29 -66.21
CA ALA A 90 50.06 -62.53 -66.62
C ALA A 90 49.13 -62.66 -65.43
N PHE A 91 49.57 -63.32 -64.37
CA PHE A 91 48.82 -63.39 -63.13
C PHE A 91 49.76 -63.89 -62.03
N THR A 92 49.26 -63.82 -60.80
CA THR A 92 50.04 -64.19 -59.64
C THR A 92 49.14 -64.91 -58.64
N CYS A 93 49.69 -65.94 -57.99
CA CYS A 93 48.96 -66.71 -56.98
C CYS A 93 49.50 -66.34 -55.61
N PRO A 94 48.73 -65.66 -54.79
CA PRO A 94 49.17 -65.39 -53.41
C PRO A 94 48.58 -66.33 -52.36
N VAL A 95 49.38 -66.52 -51.31
CA VAL A 95 48.91 -67.00 -50.01
C VAL A 95 49.10 -65.89 -49.00
N PHE A 96 48.09 -65.69 -48.17
CA PHE A 96 48.17 -64.81 -47.01
C PHE A 96 47.89 -65.63 -45.76
N ILE A 97 48.76 -65.52 -44.77
CA ILE A 97 48.61 -66.22 -43.49
C ILE A 97 48.77 -65.20 -42.37
N GLU A 98 47.81 -65.20 -41.44
CA GLU A 98 47.84 -64.30 -40.29
C GLU A 98 47.68 -65.10 -39.02
N PHE A 99 48.67 -65.04 -38.13
CA PHE A 99 48.56 -65.53 -36.77
C PHE A 99 48.36 -64.36 -35.84
N THR A 100 47.54 -64.53 -34.81
CA THR A 100 47.54 -63.53 -33.75
C THR A 100 47.79 -64.22 -32.41
N LEU A 101 48.66 -63.63 -31.60
CA LEU A 101 49.12 -64.23 -30.34
C LEU A 101 48.94 -63.24 -29.21
N PRO A 102 47.98 -63.45 -28.31
CA PRO A 102 47.73 -62.47 -27.24
C PRO A 102 48.92 -62.38 -26.28
N ASP A 103 48.90 -61.32 -25.46
CA ASP A 103 50.02 -61.10 -24.55
C ASP A 103 50.10 -62.17 -23.47
N ALA A 104 48.98 -62.83 -23.17
CA ALA A 104 48.95 -63.86 -22.13
C ALA A 104 49.16 -65.27 -22.70
N CYS A 105 49.83 -65.38 -23.85
CA CYS A 105 49.84 -66.61 -24.64
C CYS A 105 51.01 -67.51 -24.27
N THR A 106 50.71 -68.78 -24.00
CA THR A 106 51.74 -69.75 -23.65
C THR A 106 52.59 -70.11 -24.86
N ILE A 107 53.86 -70.42 -24.59
CA ILE A 107 54.74 -70.97 -25.62
C ILE A 107 54.12 -72.22 -26.21
N GLN A 108 53.49 -73.03 -25.35
CA GLN A 108 52.84 -74.24 -25.81
C GLN A 108 51.66 -73.92 -26.73
N ASN A 109 50.91 -72.87 -26.43
CA ASN A 109 49.81 -72.48 -27.31
C ASN A 109 50.32 -72.04 -28.68
N ARG A 110 51.44 -71.31 -28.70
CA ARG A 110 52.01 -70.88 -29.98
C ARG A 110 52.44 -72.08 -30.81
N LYS A 111 53.15 -73.02 -30.18
CA LYS A 111 53.51 -74.27 -30.86
C LYS A 111 52.27 -74.98 -31.39
N ASP A 112 51.22 -75.05 -30.56
CA ASP A 112 49.97 -75.67 -30.95
C ASP A 112 49.41 -75.06 -32.23
N ILE A 113 49.29 -73.73 -32.25
CA ILE A 113 48.59 -73.08 -33.35
C ILE A 113 49.40 -73.20 -34.65
N LEU A 114 50.73 -73.04 -34.56
CA LEU A 114 51.55 -73.23 -35.76
C LEU A 114 51.46 -74.67 -36.26
N ALA A 115 51.38 -75.64 -35.32
CA ALA A 115 51.28 -77.03 -35.71
C ALA A 115 49.95 -77.31 -36.42
N TYR A 116 48.84 -76.79 -35.88
CA TYR A 116 47.55 -76.97 -36.54
C TYR A 116 47.58 -76.41 -37.95
N ALA A 117 48.17 -75.22 -38.11
CA ALA A 117 48.26 -74.63 -39.44
C ALA A 117 49.05 -75.51 -40.40
N LYS A 118 50.28 -75.90 -40.02
CA LYS A 118 51.13 -76.63 -40.95
C LYS A 118 50.55 -78.01 -41.27
N ASN A 119 50.03 -78.71 -40.24
CA ASN A 119 49.50 -80.05 -40.48
C ASN A 119 48.22 -80.00 -41.31
N PHE A 120 47.38 -78.97 -41.11
CA PHE A 120 46.22 -78.84 -41.99
C PHE A 120 46.64 -78.57 -43.43
N LEU A 121 47.60 -77.66 -43.64
CA LEU A 121 48.01 -77.37 -45.01
C LEU A 121 48.60 -78.59 -45.69
N ALA A 122 49.31 -79.44 -44.92
CA ALA A 122 49.74 -80.72 -45.48
C ALA A 122 48.55 -81.63 -45.75
N SER A 123 47.45 -81.47 -45.01
CA SER A 123 46.37 -82.45 -45.03
C SER A 123 45.68 -82.56 -46.39
N ALA A 124 45.19 -83.77 -46.66
CA ALA A 124 44.55 -84.06 -47.94
C ALA A 124 43.28 -83.26 -48.14
N THR A 125 42.63 -82.83 -47.06
CA THR A 125 41.47 -81.95 -47.21
C THR A 125 41.89 -80.57 -47.71
N ALA A 126 43.03 -80.06 -47.23
CA ALA A 126 43.57 -78.83 -47.80
C ALA A 126 43.94 -79.03 -49.27
N THR A 127 44.44 -80.21 -49.63
CA THR A 127 44.73 -80.46 -51.04
C THR A 127 43.45 -80.45 -51.88
N ASP A 128 42.44 -81.21 -51.45
CA ASP A 128 41.11 -81.17 -52.09
C ASP A 128 40.58 -79.75 -52.18
N LEU A 129 40.93 -78.91 -51.21
CA LEU A 129 40.38 -77.56 -51.10
C LEU A 129 41.01 -76.61 -52.10
N VAL A 130 42.33 -76.61 -52.22
CA VAL A 130 43.05 -75.62 -53.02
C VAL A 130 43.45 -76.17 -54.38
N VAL A 131 44.01 -77.38 -54.42
CA VAL A 131 44.50 -77.94 -55.68
C VAL A 131 43.34 -78.28 -56.61
N ASN A 132 42.29 -78.89 -56.08
CA ASN A 132 41.10 -79.20 -56.85
C ASN A 132 40.05 -78.10 -56.79
N THR A 133 40.32 -77.01 -56.07
CA THR A 133 39.37 -75.91 -55.89
C THR A 133 37.98 -76.42 -55.56
N ALA A 134 37.93 -77.38 -54.64
CA ALA A 134 36.66 -77.99 -54.32
C ALA A 134 36.28 -77.70 -52.88
N PRO A 135 35.01 -77.41 -52.61
CA PRO A 135 34.55 -77.20 -51.24
C PRO A 135 34.23 -78.52 -50.56
N GLN A 136 33.71 -78.41 -49.34
CA GLN A 136 33.33 -79.55 -48.52
C GLN A 136 31.81 -79.57 -48.40
N TYR A 137 31.16 -80.39 -49.22
CA TYR A 137 29.73 -80.27 -49.48
C TYR A 137 28.81 -81.14 -48.61
N GLN B 1 77.43 -56.05 -34.82
CA GLN B 1 76.30 -55.23 -35.26
C GLN B 1 75.40 -54.87 -34.09
N ILE B 2 74.40 -55.75 -33.87
CA ILE B 2 73.55 -55.78 -32.68
C ILE B 2 73.77 -57.12 -31.99
N ALA B 3 73.93 -57.08 -30.67
CA ALA B 3 74.18 -58.28 -29.90
C ALA B 3 73.30 -58.24 -28.66
N ASN B 4 72.88 -59.43 -28.23
CA ASN B 4 72.07 -59.53 -27.04
C ASN B 4 72.83 -58.97 -25.84
N VAL B 5 72.09 -58.59 -24.81
CA VAL B 5 72.69 -57.87 -23.68
C VAL B 5 72.27 -58.57 -22.38
N VAL B 6 73.22 -58.80 -21.49
CA VAL B 6 72.96 -59.54 -20.26
C VAL B 6 73.14 -58.60 -19.07
N LEU B 7 72.10 -58.49 -18.26
CA LEU B 7 72.11 -57.61 -17.09
C LEU B 7 71.92 -58.42 -15.82
N ALA B 8 72.55 -57.99 -14.73
CA ALA B 8 72.49 -58.68 -13.47
C ALA B 8 71.34 -58.13 -12.62
N ASP B 9 70.42 -59.01 -12.22
CA ASP B 9 69.32 -58.55 -11.40
C ASP B 9 69.76 -58.36 -9.95
N GLY B 10 68.89 -57.75 -9.18
CA GLY B 10 69.19 -57.50 -7.78
C GLY B 10 68.77 -58.67 -6.92
N GLN B 11 69.74 -59.32 -6.31
CA GLN B 11 69.49 -60.44 -5.41
C GLN B 11 70.74 -60.56 -4.54
N ALA B 12 70.75 -61.56 -3.67
CA ALA B 12 71.97 -61.88 -2.94
C ALA B 12 73.12 -62.11 -3.91
N ALA B 13 72.94 -63.03 -4.85
CA ALA B 13 73.87 -63.22 -5.95
C ALA B 13 73.12 -62.84 -7.22
N PRO B 14 73.62 -61.88 -7.99
CA PRO B 14 72.91 -61.49 -9.21
C PRO B 14 72.76 -62.67 -10.16
N ALA B 15 71.56 -62.79 -10.72
CA ALA B 15 71.23 -63.81 -11.71
C ALA B 15 71.18 -63.13 -13.07
N ASP B 16 72.13 -63.46 -13.92
CA ASP B 16 72.21 -62.93 -15.28
C ASP B 16 70.90 -63.15 -16.03
N LYS B 17 70.29 -62.04 -16.47
CA LYS B 17 69.12 -62.05 -17.33
C LYS B 17 69.56 -61.63 -18.72
N THR B 18 69.36 -62.51 -19.70
CA THR B 18 69.81 -62.28 -21.07
C THR B 18 68.66 -61.74 -21.90
N PHE B 19 68.90 -60.61 -22.57
CA PHE B 19 67.94 -59.99 -23.47
C PHE B 19 68.39 -60.29 -24.89
N GLU B 20 67.64 -61.16 -25.59
CA GLU B 20 67.91 -61.50 -26.97
C GLU B 20 67.48 -60.35 -27.90
N PRO B 21 68.22 -60.08 -28.96
CA PRO B 21 67.81 -59.05 -29.92
C PRO B 21 66.68 -59.58 -30.80
N GLN B 22 65.47 -59.09 -30.54
CA GLN B 22 64.34 -59.50 -31.37
C GLN B 22 64.07 -58.52 -32.51
N ARG B 23 64.54 -57.27 -32.41
CA ARG B 23 64.51 -56.33 -33.53
C ARG B 23 65.62 -55.30 -33.35
N GLY B 24 66.29 -54.97 -34.46
CA GLY B 24 67.35 -53.97 -34.43
C GLY B 24 66.82 -52.59 -34.73
N GLN B 25 67.68 -51.60 -34.54
CA GLN B 25 67.28 -50.21 -34.72
C GLN B 25 67.04 -49.92 -36.20
N ASN B 26 65.80 -49.53 -36.52
CA ASN B 26 65.37 -49.37 -37.90
C ASN B 26 66.30 -48.46 -38.67
N GLY B 27 66.60 -47.32 -38.09
CA GLY B 27 67.33 -46.24 -38.73
C GLY B 27 67.36 -45.15 -37.70
N VAL B 28 66.81 -43.97 -38.02
CA VAL B 28 66.59 -42.94 -37.01
C VAL B 28 65.16 -42.93 -36.48
N THR B 29 64.30 -43.79 -37.01
CA THR B 29 62.89 -43.74 -36.68
C THR B 29 62.50 -44.65 -35.52
N ASP B 30 62.82 -45.96 -35.62
CA ASP B 30 62.36 -46.94 -34.65
C ASP B 30 63.54 -47.45 -33.83
N PRO B 31 63.43 -47.47 -32.49
CA PRO B 31 64.57 -47.92 -31.67
C PRO B 31 64.77 -49.42 -31.75
N ALA B 32 65.99 -49.84 -31.39
CA ALA B 32 66.31 -51.25 -31.27
C ALA B 32 65.67 -51.80 -30.00
N GLU B 33 65.24 -53.07 -30.07
CA GLU B 33 64.52 -53.68 -28.96
C GLU B 33 65.04 -55.08 -28.66
N TRP B 34 65.10 -55.39 -27.37
CA TRP B 34 65.61 -56.65 -26.85
C TRP B 34 64.59 -57.22 -25.87
N TRP B 35 64.45 -58.56 -25.90
CA TRP B 35 63.42 -59.28 -25.16
C TRP B 35 64.07 -60.34 -24.28
N GLU B 36 63.71 -60.39 -23.00
CA GLU B 36 64.30 -61.37 -22.10
C GLU B 36 63.82 -62.78 -22.42
N LYS B 37 62.50 -62.94 -22.57
CA LYS B 37 61.90 -64.22 -22.95
C LYS B 37 62.17 -65.30 -21.91
N SER B 38 62.14 -64.92 -20.63
CA SER B 38 62.32 -65.92 -19.57
C SER B 38 60.99 -66.55 -19.17
N SER B 39 59.99 -65.73 -18.82
CA SER B 39 58.68 -66.22 -18.40
C SER B 39 58.01 -67.02 -19.50
N PRO B 40 57.08 -67.91 -19.16
CA PRO B 40 56.37 -68.68 -20.21
C PRO B 40 55.36 -67.84 -20.97
N THR B 41 54.77 -66.84 -20.34
CA THR B 41 53.84 -65.96 -21.03
C THR B 41 54.60 -64.81 -21.67
N LEU B 42 54.02 -64.26 -22.75
CA LEU B 42 54.59 -63.07 -23.35
C LEU B 42 54.54 -61.87 -22.41
N ASN B 43 53.70 -61.94 -21.36
CA ASN B 43 53.59 -60.86 -20.40
C ASN B 43 54.91 -60.60 -19.69
N GLY B 44 55.60 -61.67 -19.27
CA GLY B 44 56.78 -61.63 -18.45
C GLY B 44 58.09 -61.47 -19.18
N TYR B 45 58.07 -61.16 -20.47
CA TYR B 45 59.27 -60.76 -21.17
C TYR B 45 59.71 -59.38 -20.69
N ARG B 46 60.96 -59.26 -20.24
CA ARG B 46 61.50 -57.95 -19.91
C ARG B 46 62.04 -57.29 -21.19
N ARG B 47 61.99 -55.97 -21.25
CA ARG B 47 62.28 -55.25 -22.49
C ARG B 47 63.40 -54.22 -22.34
N LEU B 48 64.12 -54.02 -23.45
CA LEU B 48 65.16 -52.99 -23.52
C LEU B 48 65.11 -52.31 -24.88
N THR B 49 64.94 -51.00 -24.91
CA THR B 49 64.93 -50.23 -26.15
C THR B 49 66.06 -49.22 -26.15
N ALA B 50 66.74 -49.07 -27.29
CA ALA B 50 67.82 -48.11 -27.42
C ALA B 50 67.81 -47.49 -28.82
N LEU B 51 67.83 -46.16 -28.85
CA LEU B 51 67.78 -45.38 -30.09
C LEU B 51 68.85 -44.28 -30.05
N VAL B 52 69.57 -44.12 -31.17
CA VAL B 52 70.61 -43.11 -31.31
C VAL B 52 70.30 -42.29 -32.56
N ARG B 53 69.94 -41.03 -32.37
CA ARG B 53 69.45 -40.22 -33.48
C ARG B 53 70.05 -38.81 -33.39
N ARG B 54 70.46 -38.28 -34.54
CA ARG B 54 71.03 -36.93 -34.59
C ARG B 54 69.93 -35.93 -34.89
N ASN B 55 69.58 -35.11 -33.92
CA ASN B 55 68.71 -33.97 -34.18
C ASN B 55 69.56 -32.91 -34.88
N ALA B 56 69.27 -32.72 -36.18
CA ALA B 56 70.09 -31.87 -37.03
C ALA B 56 69.85 -30.39 -36.75
N ALA B 57 68.64 -30.04 -36.35
CA ALA B 57 68.36 -28.67 -35.94
C ALA B 57 69.21 -28.27 -34.75
N SER B 58 69.09 -29.01 -33.64
CA SER B 58 69.83 -28.72 -32.43
C SER B 58 71.30 -29.07 -32.54
N LYS B 59 71.74 -29.59 -33.68
CA LYS B 59 73.11 -30.06 -33.86
C LYS B 59 73.55 -30.90 -32.67
N SER B 60 72.81 -31.97 -32.43
CA SER B 60 73.12 -32.81 -31.28
C SER B 60 72.70 -34.24 -31.57
N VAL B 61 73.11 -35.13 -30.68
CA VAL B 61 72.79 -36.55 -30.77
C VAL B 61 72.05 -36.93 -29.50
N LYS B 62 70.83 -37.43 -29.65
CA LYS B 62 70.06 -37.98 -28.54
C LYS B 62 70.27 -39.48 -28.49
N VAL B 63 70.38 -40.00 -27.26
CA VAL B 63 70.51 -41.43 -27.00
C VAL B 63 69.47 -41.78 -25.95
N LYS B 64 68.46 -42.56 -26.34
CA LYS B 64 67.34 -42.93 -25.48
C LYS B 64 67.36 -44.44 -25.20
N VAL B 65 67.33 -44.79 -23.93
CA VAL B 65 67.32 -46.19 -23.49
C VAL B 65 66.19 -46.37 -22.50
N ALA B 66 65.48 -47.50 -22.60
CA ALA B 66 64.41 -47.81 -21.68
C ALA B 66 64.48 -49.29 -21.29
N ILE B 67 64.22 -49.55 -20.01
CA ILE B 67 64.22 -50.91 -19.46
C ILE B 67 62.87 -51.13 -18.79
N TYR B 68 62.12 -52.11 -19.29
CA TYR B 68 60.78 -52.42 -18.81
C TYR B 68 60.81 -53.76 -18.08
N ASP B 69 60.50 -53.76 -16.78
CA ASP B 69 60.42 -54.99 -16.01
C ASP B 69 58.98 -55.22 -15.55
N PRO B 70 58.27 -56.20 -16.10
CA PRO B 70 56.90 -56.45 -15.67
C PRO B 70 56.83 -57.41 -14.50
N THR B 71 55.83 -57.18 -13.65
CA THR B 71 55.48 -58.12 -12.60
C THR B 71 54.03 -58.54 -12.81
N LEU B 72 53.82 -59.85 -12.84
CA LEU B 72 52.55 -60.48 -13.18
C LEU B 72 51.78 -60.85 -11.92
N ALA B 73 50.50 -61.13 -12.10
CA ALA B 73 49.65 -61.55 -11.01
C ALA B 73 48.50 -62.35 -11.57
N VAL B 74 48.10 -63.38 -10.84
CA VAL B 74 46.98 -64.21 -11.23
C VAL B 74 45.80 -63.90 -10.31
N THR B 75 44.59 -64.16 -10.79
CA THR B 75 43.40 -64.00 -9.95
C THR B 75 43.52 -64.79 -8.65
N ALA B 76 44.09 -65.99 -8.74
CA ALA B 76 44.20 -66.91 -7.63
C ALA B 76 45.44 -67.76 -7.82
N PRO B 77 46.06 -68.23 -6.74
CA PRO B 77 47.32 -68.95 -6.88
C PRO B 77 47.16 -70.23 -7.69
N SER B 78 48.23 -70.61 -8.37
CA SER B 78 48.19 -71.72 -9.32
C SER B 78 48.04 -73.06 -8.61
N THR B 79 47.35 -74.00 -9.27
CA THR B 79 47.12 -75.34 -8.70
C THR B 79 47.90 -76.45 -9.37
N ALA B 80 48.25 -76.32 -10.65
CA ALA B 80 48.95 -77.32 -11.46
C ALA B 80 48.10 -78.57 -11.71
N SER B 81 46.79 -78.50 -11.53
CA SER B 81 45.93 -79.66 -11.76
C SER B 81 44.91 -79.44 -12.86
N GLY B 82 44.02 -78.46 -12.72
CA GLY B 82 42.99 -78.20 -13.70
C GLY B 82 43.26 -76.90 -14.44
N ILE B 83 42.27 -76.49 -15.24
CA ILE B 83 42.38 -75.24 -15.96
C ILE B 83 42.49 -74.11 -14.95
N GLN B 84 43.50 -73.26 -15.14
CA GLN B 84 43.89 -72.26 -14.17
C GLN B 84 43.74 -70.87 -14.76
N PRO B 85 43.67 -69.84 -13.92
CA PRO B 85 43.50 -68.47 -14.43
C PRO B 85 44.76 -68.01 -15.14
N SER B 86 44.59 -67.50 -16.36
CA SER B 86 45.70 -66.90 -17.08
C SER B 86 46.14 -65.63 -16.36
N PRO B 87 47.42 -65.29 -16.44
CA PRO B 87 47.95 -64.19 -15.61
C PRO B 87 47.83 -62.84 -16.28
N THR B 88 47.45 -61.85 -15.49
CA THR B 88 47.42 -60.46 -15.92
C THR B 88 48.73 -59.78 -15.57
N VAL B 89 48.99 -58.65 -16.24
CA VAL B 89 50.14 -57.83 -15.92
C VAL B 89 49.77 -56.96 -14.73
N ALA B 90 50.33 -57.26 -13.56
CA ALA B 90 50.03 -56.46 -12.37
C ALA B 90 50.59 -55.05 -12.53
N PHE B 91 51.88 -54.91 -12.79
CA PHE B 91 52.44 -53.59 -13.02
C PHE B 91 53.76 -53.73 -13.78
N THR B 92 54.37 -52.58 -14.09
CA THR B 92 55.63 -52.54 -14.80
C THR B 92 56.52 -51.47 -14.17
N CYS B 93 57.79 -51.80 -13.99
CA CYS B 93 58.80 -50.87 -13.48
C CYS B 93 59.69 -50.45 -14.64
N PRO B 94 59.54 -49.24 -15.15
CA PRO B 94 60.47 -48.74 -16.16
C PRO B 94 61.58 -47.85 -15.60
N VAL B 95 62.71 -47.94 -16.29
CA VAL B 95 63.77 -46.92 -16.29
C VAL B 95 63.81 -46.29 -17.67
N PHE B 96 63.92 -44.97 -17.70
CA PHE B 96 64.21 -44.22 -18.92
C PHE B 96 65.51 -43.45 -18.72
N ILE B 97 66.39 -43.54 -19.70
CA ILE B 97 67.69 -42.89 -19.69
C ILE B 97 67.84 -42.11 -20.98
N GLU B 98 68.21 -40.83 -20.87
CA GLU B 98 68.43 -39.98 -22.02
C GLU B 98 69.75 -39.24 -21.88
N PHE B 99 70.62 -39.39 -22.87
CA PHE B 99 71.81 -38.58 -23.01
C PHE B 99 71.61 -37.63 -24.18
N THR B 100 72.09 -36.40 -24.05
CA THR B 100 72.18 -35.54 -25.22
C THR B 100 73.60 -35.01 -25.35
N LEU B 101 74.16 -35.16 -26.54
CA LEU B 101 75.56 -34.84 -26.80
C LEU B 101 75.64 -33.84 -27.95
N PRO B 102 75.98 -32.58 -27.70
CA PRO B 102 76.08 -31.60 -28.79
C PRO B 102 77.08 -32.02 -29.83
N ASP B 103 76.93 -31.47 -31.04
CA ASP B 103 77.74 -31.95 -32.16
C ASP B 103 79.21 -31.67 -31.94
N ALA B 104 79.54 -30.54 -31.34
CA ALA B 104 80.94 -30.19 -31.07
C ALA B 104 81.35 -30.69 -29.69
N CYS B 105 81.28 -32.01 -29.51
CA CYS B 105 81.48 -32.65 -28.22
C CYS B 105 82.65 -33.62 -28.28
N THR B 106 83.48 -33.61 -27.24
CA THR B 106 84.64 -34.47 -27.19
C THR B 106 84.25 -35.91 -26.85
N ILE B 107 84.96 -36.85 -27.46
CA ILE B 107 84.84 -38.25 -27.04
C ILE B 107 85.13 -38.36 -25.55
N GLN B 108 86.06 -37.55 -25.03
CA GLN B 108 86.34 -37.57 -23.60
C GLN B 108 85.15 -37.07 -22.79
N ASN B 109 84.42 -36.07 -23.31
CA ASN B 109 83.21 -35.61 -22.64
C ASN B 109 82.14 -36.70 -22.62
N ARG B 110 82.02 -37.45 -23.72
CA ARG B 110 81.05 -38.55 -23.76
C ARG B 110 81.40 -39.62 -22.72
N LYS B 111 82.68 -40.00 -22.67
CA LYS B 111 83.14 -40.94 -21.66
C LYS B 111 82.83 -40.42 -20.25
N ASP B 112 83.12 -39.14 -20.02
CA ASP B 112 82.83 -38.52 -18.73
C ASP B 112 81.36 -38.68 -18.34
N ILE B 113 80.45 -38.30 -19.25
CA ILE B 113 79.04 -38.25 -18.89
C ILE B 113 78.50 -39.67 -18.66
N LEU B 114 78.91 -40.63 -19.49
CA LEU B 114 78.48 -42.00 -19.28
C LEU B 114 79.01 -42.54 -17.96
N ALA B 115 80.25 -42.17 -17.61
CA ALA B 115 80.83 -42.62 -16.35
C ALA B 115 80.09 -42.03 -15.17
N TYR B 116 79.73 -40.74 -15.24
CA TYR B 116 78.96 -40.12 -14.16
C TYR B 116 77.64 -40.86 -13.97
N ALA B 117 76.96 -41.16 -15.06
CA ALA B 117 75.69 -41.89 -14.97
C ALA B 117 75.87 -43.25 -14.31
N LYS B 118 76.83 -44.06 -14.82
CA LYS B 118 76.95 -45.43 -14.32
C LYS B 118 77.43 -45.46 -12.87
N ASN B 119 78.42 -44.62 -12.52
CA ASN B 119 78.92 -44.60 -11.15
C ASN B 119 77.86 -44.10 -10.19
N PHE B 120 77.05 -43.12 -10.61
CA PHE B 120 75.96 -42.69 -9.75
C PHE B 120 74.97 -43.81 -9.52
N LEU B 121 74.53 -44.48 -10.60
CA LEU B 121 73.55 -45.55 -10.43
C LEU B 121 74.08 -46.67 -9.56
N ALA B 122 75.39 -46.93 -9.60
CA ALA B 122 75.98 -47.87 -8.64
C ALA B 122 75.97 -47.30 -7.23
N SER B 123 75.98 -45.97 -7.08
CA SER B 123 76.19 -45.35 -5.78
C SER B 123 75.07 -45.66 -4.78
N ALA B 124 75.46 -45.73 -3.51
CA ALA B 124 74.52 -45.99 -2.43
C ALA B 124 73.52 -44.87 -2.26
N THR B 125 73.83 -43.65 -2.70
CA THR B 125 72.81 -42.60 -2.68
C THR B 125 71.70 -42.89 -3.67
N ALA B 126 72.06 -43.35 -4.87
CA ALA B 126 71.06 -43.84 -5.81
C ALA B 126 70.27 -45.01 -5.22
N THR B 127 70.95 -45.87 -4.45
CA THR B 127 70.23 -46.97 -3.82
C THR B 127 69.22 -46.47 -2.78
N ASP B 128 69.65 -45.61 -1.85
CA ASP B 128 68.74 -44.96 -0.92
C ASP B 128 67.60 -44.28 -1.66
N LEU B 129 67.88 -43.74 -2.85
CA LEU B 129 66.90 -42.97 -3.60
C LEU B 129 65.81 -43.86 -4.19
N VAL B 130 66.21 -44.91 -4.91
CA VAL B 130 65.26 -45.70 -5.70
C VAL B 130 64.84 -46.97 -4.98
N VAL B 131 65.81 -47.74 -4.46
CA VAL B 131 65.48 -48.98 -3.77
C VAL B 131 64.70 -48.67 -2.50
N ASN B 132 65.24 -47.77 -1.68
CA ASN B 132 64.64 -47.48 -0.38
C ASN B 132 63.39 -46.61 -0.50
N THR B 133 63.21 -45.92 -1.63
CA THR B 133 62.08 -45.00 -1.87
C THR B 133 62.11 -43.85 -0.87
N ALA B 134 63.23 -43.16 -0.80
CA ALA B 134 63.43 -42.13 0.20
C ALA B 134 64.23 -41.02 -0.46
N PRO B 135 63.75 -39.80 -0.42
CA PRO B 135 64.51 -38.68 -1.01
C PRO B 135 65.54 -38.14 -0.03
N GLN B 136 66.35 -37.22 -0.57
CA GLN B 136 67.48 -36.65 0.15
C GLN B 136 67.04 -35.33 0.81
N TYR B 137 66.80 -35.39 2.12
CA TYR B 137 66.23 -34.23 2.81
C TYR B 137 67.26 -33.41 3.60
N GLN C 1 73.04 -56.97 -45.48
CA GLN C 1 72.88 -56.36 -44.15
C GLN C 1 73.93 -55.30 -44.04
N ILE C 2 73.85 -54.46 -43.01
CA ILE C 2 74.69 -53.26 -42.95
C ILE C 2 75.87 -53.51 -42.04
N ALA C 3 77.06 -53.20 -42.54
CA ALA C 3 78.29 -53.18 -41.77
C ALA C 3 79.13 -52.02 -42.29
N ASN C 4 80.15 -51.66 -41.52
CA ASN C 4 80.97 -50.52 -41.91
C ASN C 4 81.71 -50.83 -43.20
N VAL C 5 82.05 -49.77 -43.95
CA VAL C 5 82.70 -49.91 -45.24
C VAL C 5 84.07 -49.24 -45.16
N VAL C 6 85.06 -49.86 -45.79
CA VAL C 6 86.45 -49.41 -45.68
C VAL C 6 86.92 -48.92 -47.05
N LEU C 7 87.27 -47.64 -47.14
CA LEU C 7 87.67 -47.02 -48.39
C LEU C 7 89.11 -46.53 -48.28
N ALA C 8 89.93 -46.87 -49.26
CA ALA C 8 91.33 -46.47 -49.23
C ALA C 8 91.50 -45.09 -49.85
N ASP C 9 92.18 -44.20 -49.14
CA ASP C 9 92.31 -42.83 -49.60
C ASP C 9 93.36 -42.74 -50.72
N GLY C 10 93.50 -41.55 -51.27
CA GLY C 10 94.44 -41.31 -52.33
C GLY C 10 95.75 -40.83 -51.76
N GLN C 11 96.77 -41.68 -51.79
CA GLN C 11 98.12 -41.36 -51.39
C GLN C 11 99.06 -42.29 -52.15
N ALA C 12 100.35 -42.17 -51.89
CA ALA C 12 101.29 -43.18 -52.33
C ALA C 12 100.89 -44.55 -51.83
N ALA C 13 100.81 -44.66 -50.52
CA ALA C 13 100.35 -45.84 -49.85
C ALA C 13 98.98 -45.53 -49.32
N PRO C 14 97.97 -46.27 -49.76
CA PRO C 14 96.61 -46.02 -49.30
C PRO C 14 96.51 -46.23 -47.80
N ALA C 15 95.70 -45.40 -47.17
CA ALA C 15 95.39 -45.51 -45.75
C ALA C 15 93.89 -45.74 -45.64
N ASP C 16 93.52 -46.90 -45.12
CA ASP C 16 92.13 -47.28 -45.05
C ASP C 16 91.37 -46.38 -44.07
N LYS C 17 90.31 -45.75 -44.55
CA LYS C 17 89.39 -44.99 -43.72
C LYS C 17 88.12 -45.82 -43.57
N THR C 18 87.72 -46.05 -42.33
CA THR C 18 86.57 -46.90 -42.03
C THR C 18 85.37 -46.03 -41.72
N PHE C 19 84.24 -46.31 -42.40
CA PHE C 19 82.98 -45.63 -42.20
C PHE C 19 82.05 -46.57 -41.45
N GLU C 20 81.83 -46.28 -40.16
CA GLU C 20 80.94 -47.05 -39.32
C GLU C 20 79.49 -46.57 -39.51
N PRO C 21 78.54 -47.49 -39.60
CA PRO C 21 77.16 -47.10 -39.94
C PRO C 21 76.48 -46.33 -38.82
N GLN C 22 75.66 -45.37 -39.22
CA GLN C 22 74.86 -44.56 -38.31
C GLN C 22 73.36 -44.69 -38.54
N ARG C 23 72.94 -45.05 -39.76
CA ARG C 23 71.53 -45.20 -40.10
C ARG C 23 71.35 -46.37 -41.04
N GLY C 24 70.26 -47.11 -40.84
CA GLY C 24 69.80 -48.05 -41.84
C GLY C 24 68.81 -47.37 -42.76
N GLN C 25 68.75 -47.85 -44.00
CA GLN C 25 67.77 -47.34 -44.95
C GLN C 25 66.38 -47.79 -44.52
N ASN C 26 65.48 -46.82 -44.33
CA ASN C 26 64.12 -47.08 -43.89
C ASN C 26 63.17 -46.59 -44.98
N GLY C 27 62.37 -47.49 -45.53
CA GLY C 27 61.47 -47.11 -46.61
C GLY C 27 62.24 -46.73 -47.86
N VAL C 28 61.88 -45.59 -48.45
CA VAL C 28 62.63 -45.04 -49.57
C VAL C 28 62.92 -43.57 -49.33
N THR C 29 62.29 -42.99 -48.30
CA THR C 29 62.56 -41.60 -47.99
C THR C 29 63.96 -41.42 -47.41
N ASP C 30 64.39 -42.35 -46.55
CA ASP C 30 65.56 -42.17 -45.71
C ASP C 30 66.72 -43.00 -46.24
N PRO C 31 67.87 -42.40 -46.56
CA PRO C 31 69.03 -43.21 -46.96
C PRO C 31 69.86 -43.67 -45.77
N ALA C 32 70.59 -44.77 -45.98
CA ALA C 32 71.48 -45.27 -44.95
C ALA C 32 72.79 -44.48 -44.94
N GLU C 33 73.32 -44.21 -43.75
CA GLU C 33 74.44 -43.28 -43.59
C GLU C 33 75.57 -43.92 -42.78
N TRP C 34 76.81 -43.58 -43.16
CA TRP C 34 78.05 -44.05 -42.54
C TRP C 34 78.93 -42.86 -42.21
N TRP C 35 79.58 -42.92 -41.04
CA TRP C 35 80.40 -41.83 -40.52
C TRP C 35 81.82 -42.32 -40.25
N GLU C 36 82.82 -41.50 -40.59
CA GLU C 36 84.21 -41.95 -40.46
C GLU C 36 84.72 -41.88 -39.02
N LYS C 37 84.38 -40.81 -38.31
CA LYS C 37 84.79 -40.62 -36.92
C LYS C 37 86.30 -40.42 -36.80
N SER C 38 86.93 -39.85 -37.83
CA SER C 38 88.38 -39.67 -37.74
C SER C 38 88.74 -38.47 -36.89
N SER C 39 88.17 -37.30 -37.19
CA SER C 39 88.46 -36.08 -36.43
C SER C 39 87.72 -36.09 -35.08
N PRO C 40 88.11 -35.22 -34.14
CA PRO C 40 87.42 -35.24 -32.83
C PRO C 40 85.95 -34.80 -32.87
N THR C 41 85.61 -33.73 -33.57
CA THR C 41 84.22 -33.24 -33.60
C THR C 41 83.48 -33.81 -34.80
N LEU C 42 82.17 -33.55 -34.89
CA LEU C 42 81.39 -34.11 -36.00
C LEU C 42 81.84 -33.54 -37.33
N ASN C 43 82.12 -32.24 -37.39
CA ASN C 43 82.41 -31.59 -38.66
C ASN C 43 83.52 -32.30 -39.42
N GLY C 44 84.42 -33.00 -38.72
CA GLY C 44 85.50 -33.72 -39.37
C GLY C 44 85.18 -35.10 -39.88
N TYR C 45 84.05 -35.69 -39.43
CA TYR C 45 83.61 -36.98 -39.94
C TYR C 45 83.42 -36.92 -41.45
N ARG C 46 83.89 -37.95 -42.14
CA ARG C 46 83.58 -38.13 -43.56
C ARG C 46 82.30 -38.96 -43.66
N ARG C 47 81.45 -38.62 -44.62
CA ARG C 47 80.12 -39.21 -44.72
C ARG C 47 79.95 -40.05 -45.98
N LEU C 48 79.13 -41.10 -45.85
CA LEU C 48 78.71 -41.93 -46.98
C LEU C 48 77.23 -42.22 -46.87
N THR C 49 76.46 -41.81 -47.87
CA THR C 49 75.01 -42.07 -47.92
C THR C 49 74.68 -42.97 -49.08
N ALA C 50 73.75 -43.90 -48.87
CA ALA C 50 73.34 -44.84 -49.91
C ALA C 50 71.86 -45.12 -49.78
N LEU C 51 71.14 -44.99 -50.90
CA LEU C 51 69.69 -45.15 -50.93
C LEU C 51 69.30 -45.90 -52.20
N VAL C 52 68.61 -47.02 -52.05
CA VAL C 52 68.01 -47.74 -53.16
C VAL C 52 66.51 -47.56 -53.06
N ARG C 53 65.94 -46.84 -54.03
CA ARG C 53 64.51 -46.54 -54.04
C ARG C 53 63.90 -46.95 -55.37
N ARG C 54 62.80 -47.67 -55.34
CA ARG C 54 62.13 -48.01 -56.57
C ARG C 54 61.26 -46.83 -57.01
N ASN C 55 61.43 -46.40 -58.26
CA ASN C 55 60.59 -45.39 -58.87
C ASN C 55 59.57 -46.12 -59.76
N ALA C 56 58.30 -46.02 -59.40
CA ALA C 56 57.25 -46.76 -60.09
C ALA C 56 56.83 -46.08 -61.38
N ALA C 57 57.06 -44.77 -61.48
CA ALA C 57 56.77 -44.07 -62.73
C ALA C 57 57.56 -44.65 -63.88
N SER C 58 58.88 -44.72 -63.73
CA SER C 58 59.76 -45.25 -64.77
C SER C 58 59.83 -46.78 -64.77
N LYS C 59 59.11 -47.43 -63.87
CA LYS C 59 59.20 -48.88 -63.67
C LYS C 59 60.67 -49.29 -63.55
N SER C 60 61.35 -48.70 -62.57
CA SER C 60 62.79 -48.91 -62.47
C SER C 60 63.24 -48.69 -61.03
N VAL C 61 64.50 -49.04 -60.77
CA VAL C 61 65.12 -48.89 -59.47
C VAL C 61 66.23 -47.84 -59.59
N LYS C 62 66.29 -46.92 -58.63
CA LYS C 62 67.37 -45.95 -58.57
C LYS C 62 68.28 -46.26 -57.39
N VAL C 63 69.58 -46.03 -57.58
CA VAL C 63 70.59 -46.22 -56.55
C VAL C 63 71.41 -44.95 -56.46
N LYS C 64 71.34 -44.26 -55.33
CA LYS C 64 72.04 -43.01 -55.10
C LYS C 64 73.08 -43.20 -53.99
N VAL C 65 74.31 -42.80 -54.29
CA VAL C 65 75.42 -42.87 -53.34
C VAL C 65 76.06 -41.50 -53.29
N ALA C 66 76.51 -41.10 -52.10
CA ALA C 66 77.18 -39.82 -51.91
C ALA C 66 78.33 -39.99 -50.93
N ILE C 67 79.47 -39.38 -51.26
CA ILE C 67 80.63 -39.38 -50.39
C ILE C 67 81.04 -37.94 -50.14
N TYR C 68 80.98 -37.51 -48.88
CA TYR C 68 81.33 -36.17 -48.47
C TYR C 68 82.65 -36.20 -47.70
N ASP C 69 83.70 -35.55 -48.24
CA ASP C 69 85.00 -35.43 -47.60
C ASP C 69 85.22 -33.97 -47.19
N PRO C 70 85.05 -33.61 -45.92
CA PRO C 70 85.25 -32.21 -45.52
C PRO C 70 86.66 -31.95 -45.01
N THR C 71 87.20 -30.76 -45.27
CA THR C 71 88.48 -30.35 -44.70
C THR C 71 88.24 -29.16 -43.77
N LEU C 72 88.80 -29.22 -42.57
CA LEU C 72 88.56 -28.16 -41.59
C LEU C 72 89.43 -26.95 -41.88
N ALA C 73 89.01 -25.81 -41.35
CA ALA C 73 89.73 -24.56 -41.55
C ALA C 73 90.77 -24.38 -40.46
N VAL C 74 91.79 -23.58 -40.79
CA VAL C 74 92.88 -23.31 -39.84
C VAL C 74 92.41 -22.26 -38.84
N THR C 75 92.41 -22.63 -37.56
CA THR C 75 91.90 -21.76 -36.51
C THR C 75 93.04 -21.06 -35.77
N ALA C 76 92.65 -20.08 -34.96
CA ALA C 76 93.56 -19.27 -34.17
C ALA C 76 93.11 -19.27 -32.72
N PRO C 77 94.05 -19.21 -31.77
CA PRO C 77 93.65 -19.27 -30.35
C PRO C 77 92.82 -18.07 -29.92
N SER C 78 93.13 -16.88 -30.42
CA SER C 78 92.43 -15.66 -30.04
C SER C 78 91.41 -15.31 -31.12
N THR C 79 90.14 -15.47 -30.80
CA THR C 79 89.04 -15.01 -31.65
C THR C 79 88.57 -13.65 -31.14
N ALA C 80 88.15 -12.79 -32.07
CA ALA C 80 87.71 -11.47 -31.67
C ALA C 80 86.50 -11.55 -30.76
N SER C 81 86.50 -10.67 -29.75
CA SER C 81 85.34 -10.48 -28.89
C SER C 81 84.79 -11.81 -28.40
N GLY C 82 85.66 -12.63 -27.87
CA GLY C 82 85.09 -13.81 -27.25
C GLY C 82 86.06 -14.97 -27.23
N ILE C 83 85.50 -16.14 -27.49
CA ILE C 83 86.09 -17.39 -27.08
C ILE C 83 86.88 -18.00 -28.23
N GLN C 84 87.83 -18.86 -27.88
CA GLN C 84 88.55 -19.66 -28.87
C GLN C 84 87.55 -20.46 -29.71
N PRO C 85 87.69 -20.50 -31.04
CA PRO C 85 86.60 -20.99 -31.88
C PRO C 85 86.56 -22.51 -31.92
N SER C 86 85.34 -23.03 -32.03
CA SER C 86 85.18 -24.46 -32.26
C SER C 86 85.56 -24.79 -33.70
N PRO C 87 86.00 -26.02 -33.97
CA PRO C 87 86.48 -26.35 -35.31
C PRO C 87 85.35 -26.28 -36.32
N THR C 88 85.62 -25.62 -37.45
CA THR C 88 84.60 -25.41 -38.47
C THR C 88 85.10 -25.93 -39.81
N VAL C 89 84.14 -26.22 -40.68
CA VAL C 89 84.44 -26.72 -42.02
C VAL C 89 84.75 -25.56 -42.95
N ALA C 90 85.90 -25.62 -43.62
CA ALA C 90 86.23 -24.59 -44.61
C ALA C 90 85.62 -24.92 -45.96
N PHE C 91 85.68 -26.18 -46.37
CA PHE C 91 85.00 -26.64 -47.58
C PHE C 91 84.90 -28.15 -47.51
N THR C 92 84.19 -28.71 -48.49
CA THR C 92 83.94 -30.14 -48.53
C THR C 92 83.88 -30.57 -49.99
N CYS C 93 84.45 -31.75 -50.28
CA CYS C 93 84.47 -32.32 -51.64
C CYS C 93 83.47 -33.47 -51.71
N PRO C 94 82.38 -33.31 -52.43
CA PRO C 94 81.47 -34.44 -52.64
C PRO C 94 81.62 -35.16 -53.96
N VAL C 95 81.32 -36.46 -53.90
CA VAL C 95 80.94 -37.27 -55.05
C VAL C 95 79.47 -37.63 -54.92
N PHE C 96 78.75 -37.56 -56.04
CA PHE C 96 77.43 -38.16 -56.18
C PHE C 96 77.48 -39.20 -57.29
N ILE C 97 76.84 -40.34 -57.05
CA ILE C 97 76.77 -41.43 -58.01
C ILE C 97 75.33 -41.90 -58.09
N GLU C 98 74.79 -41.99 -59.30
CA GLU C 98 73.42 -42.47 -59.50
C GLU C 98 73.40 -43.53 -60.58
N PHE C 99 73.01 -44.75 -60.20
CA PHE C 99 72.68 -45.81 -61.14
C PHE C 99 71.18 -45.84 -61.34
N THR C 100 70.73 -46.10 -62.57
CA THR C 100 69.32 -46.47 -62.72
C THR C 100 69.22 -47.78 -63.48
N LEU C 101 68.32 -48.65 -63.02
CA LEU C 101 68.21 -50.02 -63.52
C LEU C 101 66.75 -50.34 -63.81
N PRO C 102 66.36 -50.54 -65.06
CA PRO C 102 64.96 -50.82 -65.37
C PRO C 102 64.55 -52.19 -64.85
N ASP C 103 63.23 -52.40 -64.78
CA ASP C 103 62.71 -53.63 -64.21
C ASP C 103 63.02 -54.84 -65.09
N ALA C 104 63.15 -54.62 -66.40
CA ALA C 104 63.37 -55.71 -67.34
C ALA C 104 64.84 -56.04 -67.53
N CYS C 105 65.72 -55.64 -66.62
CA CYS C 105 67.16 -55.74 -66.85
C CYS C 105 67.72 -57.03 -66.28
N THR C 106 68.89 -57.41 -66.80
CA THR C 106 69.55 -58.65 -66.40
C THR C 106 70.55 -58.42 -65.27
N ILE C 107 70.74 -59.47 -64.47
CA ILE C 107 71.84 -59.48 -63.51
C ILE C 107 73.16 -59.20 -64.22
N GLN C 108 73.29 -59.71 -65.44
CA GLN C 108 74.48 -59.42 -66.24
C GLN C 108 74.60 -57.94 -66.58
N ASN C 109 73.47 -57.30 -66.89
CA ASN C 109 73.51 -55.87 -67.18
C ASN C 109 73.93 -55.06 -65.96
N ARG C 110 73.41 -55.42 -64.78
CA ARG C 110 73.79 -54.71 -63.57
C ARG C 110 75.28 -54.85 -63.29
N LYS C 111 75.81 -56.08 -63.40
CA LYS C 111 77.24 -56.28 -63.18
C LYS C 111 78.05 -55.50 -64.22
N ASP C 112 77.61 -55.50 -65.48
CA ASP C 112 78.24 -54.70 -66.52
C ASP C 112 78.35 -53.24 -66.11
N ILE C 113 77.22 -52.63 -65.73
CA ILE C 113 77.19 -51.20 -65.51
C ILE C 113 78.07 -50.82 -64.32
N LEU C 114 78.01 -51.62 -63.25
CA LEU C 114 78.82 -51.32 -62.08
C LEU C 114 80.30 -51.45 -62.38
N ALA C 115 80.67 -52.49 -63.14
CA ALA C 115 82.09 -52.67 -63.47
C ALA C 115 82.58 -51.55 -64.37
N TYR C 116 81.74 -51.08 -65.31
CA TYR C 116 82.11 -49.95 -66.13
C TYR C 116 82.42 -48.74 -65.27
N ALA C 117 81.55 -48.47 -64.28
CA ALA C 117 81.77 -47.34 -63.38
C ALA C 117 83.09 -47.48 -62.61
N LYS C 118 83.31 -48.63 -61.96
CA LYS C 118 84.50 -48.76 -61.12
C LYS C 118 85.78 -48.73 -61.96
N ASN C 119 85.78 -49.39 -63.11
CA ASN C 119 86.98 -49.40 -63.96
C ASN C 119 87.27 -48.02 -64.52
N PHE C 120 86.23 -47.27 -64.90
CA PHE C 120 86.50 -45.91 -65.34
C PHE C 120 87.09 -45.08 -64.20
N LEU C 121 86.50 -45.14 -63.02
CA LEU C 121 87.00 -44.32 -61.92
C LEU C 121 88.44 -44.67 -61.56
N ALA C 122 88.83 -45.94 -61.75
CA ALA C 122 90.25 -46.28 -61.62
C ALA C 122 91.07 -45.70 -62.77
N SER C 123 90.47 -45.56 -63.95
CA SER C 123 91.25 -45.25 -65.16
C SER C 123 91.97 -43.90 -65.05
N ALA C 124 93.11 -43.83 -65.74
CA ALA C 124 93.91 -42.62 -65.71
C ALA C 124 93.19 -41.44 -66.32
N THR C 125 92.24 -41.66 -67.24
CA THR C 125 91.46 -40.53 -67.76
C THR C 125 90.53 -39.96 -66.70
N ALA C 126 89.94 -40.81 -65.87
CA ALA C 126 89.21 -40.26 -64.72
C ALA C 126 90.15 -39.55 -63.76
N THR C 127 91.36 -40.09 -63.57
CA THR C 127 92.33 -39.41 -62.70
C THR C 127 92.69 -38.04 -63.26
N ASP C 128 93.04 -37.97 -64.57
CA ASP C 128 93.26 -36.69 -65.24
C ASP C 128 92.06 -35.79 -65.04
N LEU C 129 90.85 -36.35 -65.15
CA LEU C 129 89.63 -35.55 -65.13
C LEU C 129 89.40 -34.88 -63.78
N VAL C 130 89.63 -35.59 -62.67
CA VAL C 130 89.28 -35.06 -61.36
C VAL C 130 90.47 -34.43 -60.65
N VAL C 131 91.61 -35.12 -60.64
CA VAL C 131 92.78 -34.64 -59.89
C VAL C 131 93.39 -33.43 -60.58
N ASN C 132 93.49 -33.43 -61.90
CA ASN C 132 94.03 -32.29 -62.62
C ASN C 132 92.97 -31.30 -63.06
N THR C 133 91.68 -31.62 -62.86
CA THR C 133 90.56 -30.77 -63.25
C THR C 133 90.66 -30.36 -64.72
N ALA C 134 91.13 -31.30 -65.55
CA ALA C 134 91.40 -30.95 -66.93
C ALA C 134 90.37 -31.56 -67.87
N PRO C 135 89.97 -30.82 -68.92
CA PRO C 135 89.10 -31.40 -69.96
C PRO C 135 89.80 -32.48 -70.78
N GLN C 136 89.13 -32.98 -71.81
CA GLN C 136 89.72 -33.95 -72.73
C GLN C 136 89.82 -33.31 -74.12
N TYR C 137 91.01 -32.85 -74.47
CA TYR C 137 91.23 -31.93 -75.59
C TYR C 137 91.34 -32.71 -76.91
N GLN D 1 -13.03 -4.06 58.22
CA GLN D 1 -12.16 -5.03 57.52
C GLN D 1 -12.98 -6.16 56.91
N ILE D 2 -12.47 -6.80 55.84
CA ILE D 2 -13.26 -7.80 55.12
C ILE D 2 -13.20 -9.13 55.84
N ALA D 3 -14.33 -9.83 55.83
CA ALA D 3 -14.52 -11.15 56.41
C ALA D 3 -15.81 -11.70 55.81
N ASN D 4 -15.86 -13.02 55.71
CA ASN D 4 -16.98 -13.67 55.02
C ASN D 4 -18.30 -13.31 55.69
N VAL D 5 -19.39 -13.39 54.92
CA VAL D 5 -20.73 -13.05 55.40
C VAL D 5 -21.62 -14.27 55.23
N VAL D 6 -22.51 -14.49 56.20
CA VAL D 6 -23.29 -15.71 56.28
C VAL D 6 -24.76 -15.33 56.22
N LEU D 7 -25.43 -15.70 55.13
CA LEU D 7 -26.84 -15.36 54.93
C LEU D 7 -27.67 -16.64 54.85
N ALA D 8 -28.88 -16.59 55.40
CA ALA D 8 -29.74 -17.76 55.51
C ALA D 8 -30.75 -17.78 54.37
N ASP D 9 -30.78 -18.88 53.61
CA ASP D 9 -31.76 -18.97 52.54
C ASP D 9 -33.16 -19.24 53.10
N GLY D 10 -34.16 -18.98 52.27
CA GLY D 10 -35.53 -19.17 52.66
C GLY D 10 -36.00 -20.59 52.42
N GLN D 11 -36.37 -21.30 53.49
CA GLN D 11 -36.86 -22.66 53.37
C GLN D 11 -37.67 -23.00 54.62
N ALA D 12 -38.09 -24.27 54.67
CA ALA D 12 -38.54 -24.89 55.91
C ALA D 12 -37.54 -24.65 57.03
N ALA D 13 -36.34 -25.17 56.88
CA ALA D 13 -35.24 -24.97 57.82
C ALA D 13 -34.19 -24.24 57.00
N PRO D 14 -33.92 -22.98 57.30
CA PRO D 14 -33.00 -22.22 56.48
C PRO D 14 -31.58 -22.72 56.68
N ALA D 15 -30.80 -22.65 55.61
CA ALA D 15 -29.40 -23.06 55.59
C ALA D 15 -28.54 -21.82 55.47
N ASP D 16 -27.47 -21.80 56.25
CA ASP D 16 -26.45 -20.77 56.19
C ASP D 16 -25.60 -20.94 54.93
N LYS D 17 -25.72 -20.01 53.99
CA LYS D 17 -24.82 -19.94 52.84
C LYS D 17 -23.74 -18.91 53.19
N THR D 18 -22.48 -19.36 53.14
CA THR D 18 -21.35 -18.53 53.54
C THR D 18 -20.68 -17.99 52.28
N PHE D 19 -20.62 -16.67 52.16
CA PHE D 19 -19.87 -15.96 51.12
C PHE D 19 -18.48 -15.69 51.68
N GLU D 20 -17.51 -16.48 51.24
CA GLU D 20 -16.10 -16.22 51.56
C GLU D 20 -15.62 -14.98 50.81
N PRO D 21 -14.79 -14.13 51.43
CA PRO D 21 -14.27 -12.98 50.68
C PRO D 21 -13.34 -13.46 49.59
N GLN D 22 -13.61 -13.00 48.36
CA GLN D 22 -12.75 -13.32 47.24
C GLN D 22 -12.09 -12.09 46.64
N ARG D 23 -12.63 -10.90 46.87
CA ARG D 23 -11.92 -9.67 46.55
C ARG D 23 -12.37 -8.55 47.47
N GLY D 24 -11.40 -7.86 48.09
CA GLY D 24 -11.69 -6.73 48.95
C GLY D 24 -11.75 -5.42 48.18
N GLN D 25 -12.29 -4.39 48.83
CA GLN D 25 -12.33 -3.03 48.30
C GLN D 25 -11.29 -2.18 49.01
N ASN D 26 -10.24 -1.78 48.29
CA ASN D 26 -9.28 -0.83 48.84
C ASN D 26 -9.35 0.52 48.13
N GLY D 27 -10.15 0.63 47.08
CA GLY D 27 -10.27 1.85 46.32
C GLY D 27 -11.72 2.21 46.10
N VAL D 28 -11.94 3.42 45.57
CA VAL D 28 -13.30 3.92 45.37
C VAL D 28 -13.92 3.40 44.08
N THR D 29 -13.11 3.06 43.09
CA THR D 29 -13.67 2.68 41.80
C THR D 29 -14.46 1.37 41.88
N ASP D 30 -13.83 0.29 42.38
CA ASP D 30 -14.33 -1.09 42.27
C ASP D 30 -14.83 -1.65 43.59
N PRO D 31 -16.05 -2.19 43.64
CA PRO D 31 -16.60 -2.69 44.90
C PRO D 31 -15.95 -3.97 45.37
N ALA D 32 -16.17 -4.27 46.66
CA ALA D 32 -15.74 -5.51 47.27
C ALA D 32 -16.71 -6.64 46.92
N GLU D 33 -16.20 -7.87 46.90
CA GLU D 33 -16.95 -9.00 46.36
C GLU D 33 -16.71 -10.23 47.23
N TRP D 34 -17.78 -10.99 47.44
CA TRP D 34 -17.80 -12.24 48.20
C TRP D 34 -18.39 -13.33 47.32
N TRP D 35 -17.80 -14.53 47.41
CA TRP D 35 -18.15 -15.67 46.57
C TRP D 35 -18.60 -16.84 47.44
N GLU D 36 -19.65 -17.56 47.01
CA GLU D 36 -20.23 -18.57 47.88
C GLU D 36 -19.52 -19.91 47.77
N LYS D 37 -19.20 -20.35 46.55
CA LYS D 37 -18.47 -21.60 46.31
C LYS D 37 -19.27 -22.85 46.70
N SER D 38 -20.61 -22.76 46.70
CA SER D 38 -21.41 -23.97 46.91
C SER D 38 -21.26 -24.93 45.72
N SER D 39 -21.62 -24.48 44.52
CA SER D 39 -21.44 -25.28 43.31
C SER D 39 -19.95 -25.53 43.06
N PRO D 40 -19.60 -26.53 42.22
CA PRO D 40 -18.18 -26.79 41.95
C PRO D 40 -17.50 -25.84 40.97
N THR D 41 -18.25 -25.23 40.07
CA THR D 41 -17.68 -24.35 39.05
C THR D 41 -17.97 -22.89 39.37
N LEU D 42 -17.16 -22.00 38.75
CA LEU D 42 -17.25 -20.57 39.05
C LEU D 42 -18.64 -20.02 38.73
N ASN D 43 -19.32 -20.58 37.73
CA ASN D 43 -20.62 -20.06 37.31
C ASN D 43 -21.67 -20.22 38.40
N GLY D 44 -21.56 -21.27 39.21
CA GLY D 44 -22.54 -21.57 40.23
C GLY D 44 -22.35 -20.87 41.55
N TYR D 45 -21.35 -19.99 41.65
CA TYR D 45 -21.14 -19.26 42.89
C TYR D 45 -22.23 -18.20 43.04
N ARG D 46 -22.66 -18.00 44.28
CA ARG D 46 -23.50 -16.85 44.60
C ARG D 46 -22.59 -15.68 44.95
N ARG D 47 -22.97 -14.47 44.53
CA ARG D 47 -22.10 -13.32 44.67
C ARG D 47 -22.72 -12.23 45.55
N LEU D 48 -21.83 -11.50 46.23
CA LEU D 48 -22.22 -10.34 47.02
C LEU D 48 -21.21 -9.21 46.79
N THR D 49 -21.67 -8.08 46.27
CA THR D 49 -20.82 -6.91 46.03
C THR D 49 -21.24 -5.75 46.93
N ALA D 50 -20.27 -4.97 47.39
CA ALA D 50 -20.51 -3.88 48.32
C ALA D 50 -19.47 -2.79 48.14
N LEU D 51 -19.95 -1.58 47.83
CA LEU D 51 -19.12 -0.41 47.58
C LEU D 51 -19.61 0.75 48.44
N VAL D 52 -18.72 1.28 49.27
CA VAL D 52 -18.96 2.53 49.98
C VAL D 52 -18.05 3.58 49.35
N ARG D 53 -18.65 4.67 48.89
CA ARG D 53 -17.96 5.64 48.05
C ARG D 53 -18.40 7.05 48.43
N ARG D 54 -17.44 7.92 48.74
CA ARG D 54 -17.78 9.30 49.06
C ARG D 54 -17.98 10.05 47.76
N ASN D 55 -19.18 10.63 47.58
CA ASN D 55 -19.48 11.49 46.45
C ASN D 55 -19.35 12.94 46.92
N ALA D 56 -18.30 13.61 46.46
CA ALA D 56 -18.06 14.98 46.90
C ALA D 56 -19.03 15.97 46.27
N ALA D 57 -19.66 15.60 45.15
CA ALA D 57 -20.60 16.49 44.48
C ALA D 57 -21.80 16.79 45.38
N SER D 58 -22.49 15.74 45.83
CA SER D 58 -23.62 15.87 46.73
C SER D 58 -23.22 16.00 48.18
N LYS D 59 -21.91 16.09 48.46
CA LYS D 59 -21.38 16.04 49.82
C LYS D 59 -22.04 14.90 50.60
N SER D 60 -21.87 13.69 50.08
CA SER D 60 -22.62 12.55 50.59
C SER D 60 -21.75 11.30 50.46
N VAL D 61 -22.32 10.18 50.90
CA VAL D 61 -21.64 8.89 50.85
C VAL D 61 -22.66 7.86 50.37
N LYS D 62 -22.38 7.23 49.24
CA LYS D 62 -23.24 6.18 48.71
C LYS D 62 -22.74 4.81 49.14
N VAL D 63 -23.70 3.90 49.33
CA VAL D 63 -23.41 2.51 49.68
C VAL D 63 -24.26 1.65 48.74
N LYS D 64 -23.60 0.91 47.85
CA LYS D 64 -24.26 0.03 46.89
C LYS D 64 -23.96 -1.42 47.23
N VAL D 65 -25.01 -2.21 47.41
CA VAL D 65 -24.90 -3.63 47.71
C VAL D 65 -25.69 -4.39 46.67
N ALA D 66 -25.14 -5.52 46.23
CA ALA D 66 -25.80 -6.37 45.24
C ALA D 66 -25.62 -7.83 45.63
N ILE D 67 -26.70 -8.60 45.48
CA ILE D 67 -26.69 -10.03 45.78
C ILE D 67 -27.18 -10.76 44.54
N TYR D 68 -26.29 -11.55 43.92
CA TYR D 68 -26.61 -12.33 42.73
C TYR D 68 -26.76 -13.80 43.11
N ASP D 69 -27.97 -14.35 42.93
CA ASP D 69 -28.24 -15.77 43.15
C ASP D 69 -28.50 -16.42 41.81
N PRO D 70 -27.56 -17.16 41.24
CA PRO D 70 -27.81 -17.81 39.95
C PRO D 70 -28.41 -19.19 40.14
N THR D 71 -29.29 -19.56 39.22
CA THR D 71 -29.84 -20.92 39.19
C THR D 71 -29.22 -21.62 37.98
N LEU D 72 -28.30 -22.55 38.24
CA LEU D 72 -27.62 -23.23 37.15
C LEU D 72 -28.61 -24.01 36.31
N ALA D 73 -28.49 -23.88 34.99
CA ALA D 73 -29.32 -24.68 34.11
C ALA D 73 -29.00 -26.16 34.31
N VAL D 74 -30.05 -26.97 34.36
CA VAL D 74 -29.88 -28.43 34.31
C VAL D 74 -29.17 -28.82 33.03
N THR D 75 -27.97 -29.38 33.16
CA THR D 75 -27.15 -29.73 32.01
C THR D 75 -27.14 -31.26 31.89
N ALA D 76 -27.73 -31.77 30.82
CA ALA D 76 -27.78 -33.17 30.44
C ALA D 76 -26.78 -33.44 29.32
N PRO D 77 -26.22 -34.66 29.24
CA PRO D 77 -25.29 -34.97 28.16
C PRO D 77 -25.96 -34.81 26.81
N SER D 78 -25.22 -34.20 25.89
CA SER D 78 -25.79 -33.76 24.61
C SER D 78 -26.54 -34.89 23.94
N THR D 79 -27.70 -34.55 23.40
CA THR D 79 -28.43 -35.49 22.58
C THR D 79 -27.80 -35.59 21.19
N ALA D 80 -27.15 -34.51 20.75
CA ALA D 80 -26.50 -34.49 19.45
C ALA D 80 -25.01 -34.79 19.52
N SER D 81 -24.27 -34.08 20.37
CA SER D 81 -22.84 -34.34 20.47
C SER D 81 -22.51 -35.56 21.33
N GLY D 82 -23.47 -36.02 22.14
CA GLY D 82 -23.16 -37.02 23.14
C GLY D 82 -22.23 -36.52 24.23
N ILE D 83 -22.00 -35.21 24.29
CA ILE D 83 -20.95 -34.62 25.12
C ILE D 83 -21.58 -33.55 25.99
N GLN D 84 -21.71 -33.84 27.29
CA GLN D 84 -22.36 -32.91 28.21
C GLN D 84 -21.64 -31.57 28.22
N PRO D 85 -22.35 -30.46 28.01
CA PRO D 85 -21.67 -29.17 27.97
C PRO D 85 -21.25 -28.73 29.36
N SER D 86 -20.20 -27.92 29.40
CA SER D 86 -19.74 -27.30 30.64
C SER D 86 -20.92 -26.57 31.28
N PRO D 87 -21.00 -26.52 32.62
CA PRO D 87 -22.22 -26.01 33.25
C PRO D 87 -22.40 -24.52 32.97
N THR D 88 -23.64 -24.16 32.67
CA THR D 88 -24.02 -22.80 32.29
C THR D 88 -25.10 -22.29 33.24
N VAL D 89 -25.37 -20.98 33.15
CA VAL D 89 -26.35 -20.31 34.00
C VAL D 89 -27.59 -20.02 33.17
N ALA D 90 -28.75 -20.55 33.61
CA ALA D 90 -29.99 -20.34 32.88
C ALA D 90 -30.60 -18.97 33.19
N PHE D 91 -30.51 -18.52 34.43
CA PHE D 91 -30.91 -17.18 34.82
C PHE D 91 -30.36 -16.89 36.20
N THR D 92 -30.49 -15.62 36.59
CA THR D 92 -29.96 -15.15 37.86
C THR D 92 -30.93 -14.16 38.48
N CYS D 93 -31.09 -14.23 39.80
CA CYS D 93 -31.96 -13.32 40.55
C CYS D 93 -31.10 -12.33 41.31
N PRO D 94 -31.10 -11.06 40.92
CA PRO D 94 -30.38 -10.05 41.71
C PRO D 94 -31.26 -9.24 42.65
N VAL D 95 -30.61 -8.80 43.74
CA VAL D 95 -31.06 -7.69 44.55
C VAL D 95 -30.04 -6.58 44.45
N PHE D 96 -30.53 -5.35 44.28
CA PHE D 96 -29.73 -4.14 44.37
C PHE D 96 -30.27 -3.27 45.49
N ILE D 97 -29.38 -2.82 46.36
CA ILE D 97 -29.73 -1.95 47.47
C ILE D 97 -28.79 -0.76 47.46
N GLU D 98 -29.35 0.45 47.52
CA GLU D 98 -28.56 1.68 47.55
C GLU D 98 -29.01 2.54 48.72
N PHE D 99 -28.08 2.82 49.63
CA PHE D 99 -28.27 3.81 50.67
C PHE D 99 -27.50 5.06 50.28
N THR D 100 -28.06 6.23 50.58
CA THR D 100 -27.25 7.44 50.47
C THR D 100 -27.30 8.19 51.80
N LEU D 101 -26.13 8.66 52.25
CA LEU D 101 -25.97 9.26 53.57
C LEU D 101 -25.29 10.62 53.43
N PRO D 102 -25.99 11.73 53.62
CA PRO D 102 -25.38 13.04 53.42
C PRO D 102 -24.28 13.31 54.44
N ASP D 103 -23.48 14.34 54.16
CA ASP D 103 -22.35 14.65 55.02
C ASP D 103 -22.81 15.13 56.40
N ALA D 104 -24.02 15.68 56.50
CA ALA D 104 -24.55 16.19 57.76
C ALA D 104 -25.37 15.16 58.52
N CYS D 105 -25.14 13.87 58.28
CA CYS D 105 -26.04 12.79 58.70
C CYS D 105 -25.69 12.26 60.07
N THR D 106 -26.70 12.19 60.95
CA THR D 106 -26.49 11.67 62.29
C THR D 106 -26.27 10.16 62.28
N ILE D 107 -25.47 9.69 63.24
CA ILE D 107 -25.33 8.26 63.47
C ILE D 107 -26.70 7.64 63.71
N GLN D 108 -27.55 8.36 64.44
CA GLN D 108 -28.89 7.88 64.71
C GLN D 108 -29.72 7.77 63.44
N ASN D 109 -29.56 8.74 62.52
CA ASN D 109 -30.28 8.66 61.26
C ASN D 109 -29.83 7.44 60.44
N ARG D 110 -28.52 7.16 60.44
CA ARG D 110 -28.03 5.98 59.72
C ARG D 110 -28.61 4.69 60.29
N LYS D 111 -28.58 4.57 61.62
CA LYS D 111 -29.21 3.43 62.27
C LYS D 111 -30.69 3.33 61.88
N ASP D 112 -31.38 4.48 61.90
CA ASP D 112 -32.79 4.52 61.52
C ASP D 112 -33.01 3.94 60.13
N ILE D 113 -32.26 4.42 59.14
CA ILE D 113 -32.54 4.06 57.76
C ILE D 113 -32.22 2.59 57.51
N LEU D 114 -31.10 2.09 58.08
CA LEU D 114 -30.81 0.67 57.94
C LEU D 114 -31.88 -0.18 58.61
N ALA D 115 -32.40 0.30 59.75
CA ALA D 115 -33.45 -0.45 60.45
C ALA D 115 -34.73 -0.50 59.63
N TYR D 116 -35.14 0.63 59.05
CA TYR D 116 -36.32 0.63 58.19
C TYR D 116 -36.17 -0.36 57.05
N ALA D 117 -35.00 -0.36 56.41
CA ALA D 117 -34.75 -1.30 55.31
C ALA D 117 -34.88 -2.75 55.77
N LYS D 118 -34.15 -3.13 56.83
CA LYS D 118 -34.14 -4.53 57.22
C LYS D 118 -35.51 -4.99 57.73
N ASN D 119 -36.18 -4.14 58.52
CA ASN D 119 -37.48 -4.54 59.06
C ASN D 119 -38.54 -4.60 57.97
N PHE D 120 -38.48 -3.72 56.97
CA PHE D 120 -39.40 -3.85 55.85
C PHE D 120 -39.15 -5.13 55.07
N LEU D 121 -37.88 -5.43 54.79
CA LEU D 121 -37.60 -6.65 54.02
C LEU D 121 -38.06 -7.90 54.77
N ALA D 122 -37.95 -7.89 56.11
CA ALA D 122 -38.53 -8.97 56.88
C ALA D 122 -40.06 -8.95 56.81
N SER D 123 -40.66 -7.78 56.57
CA SER D 123 -42.10 -7.62 56.73
C SER D 123 -42.90 -8.46 55.72
N ALA D 124 -44.09 -8.86 56.18
CA ALA D 124 -44.97 -9.70 55.37
C ALA D 124 -45.43 -9.00 54.12
N THR D 125 -45.47 -7.67 54.11
CA THR D 125 -45.80 -6.96 52.87
C THR D 125 -44.67 -7.11 51.85
N ALA D 126 -43.42 -7.05 52.30
CA ALA D 126 -42.32 -7.38 51.39
C ALA D 126 -42.40 -8.81 50.90
N THR D 127 -42.84 -9.73 51.75
CA THR D 127 -43.01 -11.12 51.28
C THR D 127 -44.10 -11.20 50.21
N ASP D 128 -45.29 -10.64 50.48
CA ASP D 128 -46.35 -10.54 49.47
C ASP D 128 -45.84 -9.88 48.20
N LEU D 129 -44.88 -8.97 48.32
CA LEU D 129 -44.42 -8.17 47.19
C LEU D 129 -43.49 -8.96 46.28
N VAL D 130 -42.52 -9.66 46.85
CA VAL D 130 -41.48 -10.33 46.07
C VAL D 130 -41.75 -11.82 45.89
N VAL D 131 -42.12 -12.52 46.97
CA VAL D 131 -42.31 -13.96 46.88
C VAL D 131 -43.54 -14.30 46.05
N ASN D 132 -44.64 -13.58 46.27
CA ASN D 132 -45.85 -13.77 45.50
C ASN D 132 -45.92 -12.86 44.28
N THR D 133 -44.91 -12.02 44.06
CA THR D 133 -44.87 -11.08 42.94
C THR D 133 -46.20 -10.33 42.82
N ALA D 134 -46.71 -9.87 43.96
CA ALA D 134 -48.00 -9.22 43.97
C ALA D 134 -47.86 -7.76 44.38
N PRO D 135 -48.58 -6.87 43.73
CA PRO D 135 -48.57 -5.46 44.11
C PRO D 135 -49.55 -5.19 45.25
N GLN D 136 -49.68 -3.92 45.60
CA GLN D 136 -50.56 -3.45 46.66
C GLN D 136 -51.69 -2.65 46.00
N TYR D 137 -52.83 -3.30 45.82
CA TYR D 137 -53.87 -2.80 44.91
C TYR D 137 -54.98 -1.96 45.57
N GLN E 1 -0.23 -4.79 58.87
CA GLN E 1 -0.61 -4.36 57.53
C GLN E 1 -0.87 -2.87 57.49
N ILE E 2 -2.14 -2.51 57.75
CA ILE E 2 -2.61 -1.15 58.03
C ILE E 2 -3.20 -1.13 59.43
N ALA E 3 -2.84 -0.11 60.21
CA ALA E 3 -3.31 -0.01 61.58
C ALA E 3 -3.74 1.43 61.82
N ASN E 4 -4.75 1.58 62.67
CA ASN E 4 -5.23 2.89 63.01
C ASN E 4 -4.11 3.71 63.65
N VAL E 5 -4.24 5.03 63.60
CA VAL E 5 -3.16 5.93 64.02
C VAL E 5 -3.72 6.94 65.01
N VAL E 6 -3.00 7.15 66.11
CA VAL E 6 -3.48 8.03 67.17
C VAL E 6 -2.54 9.23 67.26
N LEU E 7 -3.12 10.43 67.14
CA LEU E 7 -2.37 11.69 67.19
C LEU E 7 -2.83 12.54 68.36
N ALA E 8 -1.89 13.27 68.95
CA ALA E 8 -2.20 14.11 70.10
C ALA E 8 -2.57 15.51 69.64
N ASP E 9 -3.75 15.98 70.03
CA ASP E 9 -4.16 17.32 69.65
C ASP E 9 -3.46 18.36 70.52
N GLY E 10 -3.60 19.61 70.11
CA GLY E 10 -2.99 20.70 70.85
C GLY E 10 -3.92 21.20 71.94
N GLN E 11 -3.52 21.03 73.18
CA GLN E 11 -4.27 21.51 74.33
C GLN E 11 -3.27 21.61 75.47
N ALA E 12 -3.77 21.97 76.65
CA ALA E 12 -2.94 21.90 77.85
C ALA E 12 -2.38 20.49 78.02
N ALA E 13 -3.26 19.49 78.05
CA ALA E 13 -2.87 18.09 78.01
C ALA E 13 -3.38 17.54 76.70
N PRO E 14 -2.52 17.00 75.85
CA PRO E 14 -3.00 16.45 74.57
C PRO E 14 -4.02 15.35 74.79
N ALA E 15 -5.09 15.41 73.99
CA ALA E 15 -6.16 14.40 73.99
C ALA E 15 -5.96 13.55 72.75
N ASP E 16 -5.60 12.29 72.96
CA ASP E 16 -5.43 11.33 71.88
C ASP E 16 -6.66 11.24 71.01
N LYS E 17 -6.49 11.53 69.72
CA LYS E 17 -7.51 11.37 68.70
C LYS E 17 -7.12 10.16 67.85
N THR E 18 -7.99 9.17 67.82
CA THR E 18 -7.73 7.92 67.14
C THR E 18 -8.39 7.95 65.75
N PHE E 19 -7.58 7.67 64.72
CA PHE E 19 -8.04 7.58 63.34
C PHE E 19 -8.12 6.11 62.98
N GLU E 20 -9.36 5.59 62.84
CA GLU E 20 -9.59 4.21 62.44
C GLU E 20 -9.33 4.05 60.94
N PRO E 21 -8.78 2.92 60.52
CA PRO E 21 -8.57 2.68 59.08
C PRO E 21 -9.90 2.30 58.42
N GLN E 22 -10.45 3.24 57.66
CA GLN E 22 -11.69 2.95 56.95
C GLN E 22 -11.45 2.47 55.52
N ARG E 23 -10.28 2.75 54.94
CA ARG E 23 -9.88 2.17 53.67
C ARG E 23 -8.35 2.15 53.58
N GLY E 24 -7.81 1.04 53.06
CA GLY E 24 -6.38 0.91 52.89
C GLY E 24 -5.93 1.37 51.52
N GLN E 25 -4.62 1.46 51.35
CA GLN E 25 -4.05 1.95 50.11
C GLN E 25 -4.29 0.96 48.98
N ASN E 26 -5.02 1.41 47.95
CA ASN E 26 -5.45 0.53 46.87
C ASN E 26 -4.30 -0.23 46.26
N GLY E 27 -3.24 0.48 45.94
CA GLY E 27 -2.12 -0.01 45.20
C GLY E 27 -1.23 1.19 45.02
N VAL E 28 -0.93 1.58 43.77
CA VAL E 28 -0.27 2.86 43.53
C VAL E 28 -1.24 3.95 43.12
N THR E 29 -2.53 3.63 43.02
CA THR E 29 -3.50 4.58 42.50
C THR E 29 -4.20 5.39 43.59
N ASP E 30 -4.80 4.72 44.57
CA ASP E 30 -5.63 5.40 45.58
C ASP E 30 -4.95 5.35 46.94
N PRO E 31 -4.82 6.49 47.62
CA PRO E 31 -4.12 6.50 48.92
C PRO E 31 -4.95 5.82 50.01
N ALA E 32 -4.25 5.42 51.07
CA ALA E 32 -4.90 4.90 52.26
C ALA E 32 -5.54 6.04 53.04
N GLU E 33 -6.67 5.76 53.67
CA GLU E 33 -7.43 6.80 54.36
C GLU E 33 -7.89 6.34 55.73
N TRP E 34 -7.84 7.25 56.68
CA TRP E 34 -8.19 7.02 58.08
C TRP E 34 -9.16 8.10 58.53
N TRP E 35 -10.13 7.70 59.36
CA TRP E 35 -11.24 8.54 59.78
C TRP E 35 -11.31 8.59 61.31
N GLU E 36 -11.39 9.80 61.88
CA GLU E 36 -11.44 9.93 63.32
C GLU E 36 -12.76 9.42 63.88
N LYS E 37 -13.86 9.85 63.30
CA LYS E 37 -15.20 9.39 63.68
C LYS E 37 -15.52 9.75 65.13
N SER E 38 -15.11 10.95 65.55
CA SER E 38 -15.44 11.39 66.90
C SER E 38 -16.78 12.12 66.93
N SER E 39 -16.94 13.16 66.09
CA SER E 39 -18.17 13.94 66.05
C SER E 39 -19.37 13.08 65.66
N PRO E 40 -20.59 13.50 66.03
CA PRO E 40 -21.76 12.70 65.65
C PRO E 40 -22.11 12.83 64.17
N THR E 41 -21.81 13.96 63.55
CA THR E 41 -22.05 14.12 62.13
C THR E 41 -20.84 13.63 61.34
N LEU E 42 -21.09 13.20 60.10
CA LEU E 42 -20.00 12.85 59.21
C LEU E 42 -19.12 14.05 58.88
N ASN E 43 -19.63 15.26 59.11
CA ASN E 43 -18.86 16.47 58.85
C ASN E 43 -17.59 16.52 59.68
N GLY E 44 -17.70 16.19 60.96
CA GLY E 44 -16.65 16.33 61.95
C GLY E 44 -15.68 15.17 62.07
N TYR E 45 -15.71 14.23 61.12
CA TYR E 45 -14.66 13.22 61.05
C TYR E 45 -13.37 13.88 60.56
N ARG E 46 -12.29 13.72 61.31
CA ARG E 46 -10.97 14.17 60.84
C ARG E 46 -10.36 13.10 59.95
N ARG E 47 -9.55 13.52 58.98
CA ARG E 47 -9.08 12.61 57.94
C ARG E 47 -7.56 12.55 57.85
N LEU E 48 -7.06 11.39 57.44
CA LEU E 48 -5.64 11.18 57.18
C LEU E 48 -5.46 10.32 55.95
N THR E 49 -4.74 10.82 54.94
CA THR E 49 -4.46 10.06 53.73
C THR E 49 -2.96 9.89 53.56
N ALA E 50 -2.54 8.68 53.16
CA ALA E 50 -1.13 8.39 52.93
C ALA E 50 -0.96 7.47 51.73
N LEU E 51 -0.10 7.87 50.80
CA LEU E 51 0.17 7.15 49.57
C LEU E 51 1.68 7.05 49.34
N VAL E 52 2.14 5.86 48.95
CA VAL E 52 3.55 5.60 48.67
C VAL E 52 3.65 4.99 47.28
N ARG E 53 4.21 5.74 46.34
CA ARG E 53 4.20 5.33 44.93
C ARG E 53 5.55 5.59 44.30
N ARG E 54 6.03 4.64 43.50
CA ARG E 54 7.31 4.79 42.82
C ARG E 54 7.08 5.39 41.43
N ASN E 55 7.49 6.63 41.25
CA ASN E 55 7.55 7.21 39.91
C ASN E 55 8.74 6.59 39.18
N ALA E 56 8.44 5.72 38.21
CA ALA E 56 9.47 4.92 37.54
C ALA E 56 10.28 5.76 36.57
N ALA E 57 9.67 6.78 35.98
CA ALA E 57 10.40 7.70 35.12
C ALA E 57 11.49 8.41 35.91
N SER E 58 11.09 9.13 36.96
CA SER E 58 12.03 9.88 37.78
C SER E 58 12.89 8.99 38.67
N LYS E 59 12.71 7.67 38.60
CA LYS E 59 13.40 6.72 39.46
C LYS E 59 13.38 7.22 40.91
N SER E 60 12.18 7.41 41.43
CA SER E 60 12.05 7.92 42.78
C SER E 60 10.77 7.40 43.41
N VAL E 61 10.65 7.64 44.72
CA VAL E 61 9.48 7.24 45.49
C VAL E 61 8.89 8.49 46.10
N LYS E 62 7.63 8.77 45.78
CA LYS E 62 6.89 9.85 46.40
C LYS E 62 6.07 9.29 47.57
N VAL E 63 6.02 10.07 48.65
CA VAL E 63 5.24 9.75 49.84
C VAL E 63 4.41 10.97 50.17
N LYS E 64 3.08 10.85 50.01
CA LYS E 64 2.15 11.95 50.22
C LYS E 64 1.24 11.66 51.41
N VAL E 65 1.19 12.60 52.35
CA VAL E 65 0.36 12.50 53.54
C VAL E 65 -0.45 13.77 53.67
N ALA E 66 -1.71 13.64 54.06
CA ALA E 66 -2.58 14.79 54.27
C ALA E 66 -3.40 14.58 55.54
N ILE E 67 -3.55 15.65 56.31
CA ILE E 67 -4.35 15.65 57.54
C ILE E 67 -5.39 16.75 57.42
N TYR E 68 -6.66 16.36 57.47
CA TYR E 68 -7.79 17.27 57.31
C TYR E 68 -8.52 17.40 58.64
N ASP E 69 -8.54 18.62 59.21
CA ASP E 69 -9.26 18.87 60.46
C ASP E 69 -10.42 19.83 60.18
N PRO E 70 -11.67 19.38 60.22
CA PRO E 70 -12.79 20.29 59.98
C PRO E 70 -13.27 20.96 61.24
N THR E 71 -13.73 22.19 61.09
CA THR E 71 -14.44 22.91 62.15
C THR E 71 -15.82 23.27 61.63
N LEU E 72 -16.83 22.89 62.41
CA LEU E 72 -18.23 22.99 62.06
C LEU E 72 -18.85 24.26 62.65
N ALA E 73 -20.01 24.61 62.13
CA ALA E 73 -20.74 25.77 62.62
C ALA E 73 -22.21 25.57 62.32
N VAL E 74 -23.06 26.00 63.24
CA VAL E 74 -24.49 25.92 63.07
C VAL E 74 -25.02 27.34 62.81
N THR E 75 -26.17 27.41 62.15
CA THR E 75 -26.83 28.70 61.94
C THR E 75 -27.04 29.44 63.25
N ALA E 76 -27.40 28.70 64.30
CA ALA E 76 -27.73 29.27 65.60
C ALA E 76 -27.39 28.24 66.66
N PRO E 77 -27.05 28.68 67.88
CA PRO E 77 -26.59 27.73 68.89
C PRO E 77 -27.66 26.72 69.24
N SER E 78 -27.21 25.53 69.64
CA SER E 78 -28.10 24.40 69.87
C SER E 78 -28.97 24.61 71.11
N THR E 79 -30.19 24.07 71.07
CA THR E 79 -31.14 24.19 72.18
C THR E 79 -31.38 22.90 72.95
N ALA E 80 -31.23 21.73 72.32
CA ALA E 80 -31.49 20.42 72.91
C ALA E 80 -32.96 20.18 73.22
N SER E 81 -33.87 20.96 72.63
CA SER E 81 -35.29 20.78 72.91
C SER E 81 -36.10 20.42 71.68
N GLY E 82 -36.11 21.28 70.65
CA GLY E 82 -36.87 21.05 69.45
C GLY E 82 -35.95 20.75 68.28
N ILE E 83 -36.56 20.69 67.09
CA ILE E 83 -35.79 20.48 65.88
C ILE E 83 -34.81 21.63 65.71
N GLN E 84 -33.55 21.29 65.50
CA GLN E 84 -32.46 22.23 65.53
C GLN E 84 -31.77 22.29 64.18
N PRO E 85 -31.02 23.37 63.90
CA PRO E 85 -30.35 23.48 62.61
C PRO E 85 -29.22 22.47 62.48
N SER E 86 -29.22 21.73 61.38
CA SER E 86 -28.12 20.82 61.10
C SER E 86 -26.86 21.63 60.83
N PRO E 87 -25.68 21.10 61.15
CA PRO E 87 -24.46 21.89 61.11
C PRO E 87 -23.78 21.85 59.75
N THR E 88 -23.30 23.01 59.33
CA THR E 88 -22.51 23.14 58.12
C THR E 88 -21.03 23.04 58.46
N VAL E 89 -20.22 22.76 57.44
CA VAL E 89 -18.78 22.76 57.60
C VAL E 89 -18.30 24.20 57.47
N ALA E 90 -17.88 24.80 58.59
CA ALA E 90 -17.40 26.18 58.54
C ALA E 90 -16.11 26.27 57.75
N PHE E 91 -15.10 25.49 58.12
CA PHE E 91 -13.86 25.50 57.36
C PHE E 91 -13.09 24.21 57.65
N THR E 92 -11.95 24.06 56.99
CA THR E 92 -11.08 22.91 57.16
C THR E 92 -9.63 23.36 57.19
N CYS E 93 -8.86 22.81 58.13
CA CYS E 93 -7.43 23.07 58.24
C CYS E 93 -6.67 21.86 57.74
N PRO E 94 -6.09 21.92 56.55
CA PRO E 94 -5.23 20.83 56.09
C PRO E 94 -3.75 21.08 56.30
N VAL E 95 -3.06 19.94 56.52
CA VAL E 95 -1.62 19.80 56.33
C VAL E 95 -1.39 18.85 55.15
N PHE E 96 -0.47 19.23 54.27
CA PHE E 96 0.04 18.35 53.22
C PHE E 96 1.53 18.16 53.43
N ILE E 97 1.99 16.91 53.36
CA ILE E 97 3.38 16.54 53.54
C ILE E 97 3.78 15.69 52.35
N GLU E 98 4.89 16.04 51.72
CA GLU E 98 5.41 15.26 50.59
C GLU E 98 6.90 15.02 50.79
N PHE E 99 7.30 13.76 50.77
CA PHE E 99 8.69 13.37 50.69
C PHE E 99 8.97 12.81 49.30
N THR E 100 10.14 13.12 48.75
CA THR E 100 10.57 12.40 47.56
C THR E 100 11.95 11.81 47.79
N LEU E 101 12.09 10.53 47.50
CA LEU E 101 13.30 9.77 47.80
C LEU E 101 13.82 9.13 46.52
N PRO E 102 14.92 9.60 45.95
CA PRO E 102 15.44 9.00 44.71
C PRO E 102 15.77 7.53 44.91
N ASP E 103 15.80 6.80 43.80
CA ASP E 103 15.92 5.35 43.89
C ASP E 103 17.25 4.93 44.53
N ALA E 104 18.32 5.66 44.23
CA ALA E 104 19.63 5.34 44.79
C ALA E 104 19.84 6.11 46.10
N CYS E 105 18.97 5.85 47.07
CA CYS E 105 18.91 6.60 48.32
C CYS E 105 19.15 5.68 49.50
N THR E 106 19.94 6.15 50.46
CA THR E 106 20.27 5.36 51.63
C THR E 106 19.11 5.34 52.62
N ILE E 107 18.94 4.19 53.28
CA ILE E 107 18.02 4.13 54.40
C ILE E 107 18.39 5.17 55.44
N GLN E 108 19.70 5.44 55.60
CA GLN E 108 20.13 6.47 56.53
C GLN E 108 19.69 7.85 56.07
N ASN E 109 19.70 8.10 54.75
CA ASN E 109 19.19 9.37 54.24
C ASN E 109 17.69 9.52 54.49
N ARG E 110 16.94 8.42 54.35
CA ARG E 110 15.51 8.47 54.63
C ARG E 110 15.26 8.80 56.09
N LYS E 111 15.98 8.12 56.99
CA LYS E 111 15.87 8.42 58.42
C LYS E 111 16.20 9.88 58.69
N ASP E 112 17.28 10.38 58.07
CA ASP E 112 17.67 11.78 58.21
C ASP E 112 16.52 12.71 57.84
N ILE E 113 15.95 12.53 56.66
CA ILE E 113 14.98 13.49 56.15
C ILE E 113 13.71 13.46 57.00
N LEU E 114 13.26 12.25 57.39
CA LEU E 114 12.08 12.17 58.25
C LEU E 114 12.35 12.83 59.60
N ALA E 115 13.57 12.66 60.13
CA ALA E 115 13.92 13.28 61.40
C ALA E 115 13.94 14.79 61.30
N TYR E 116 14.48 15.33 60.20
CA TYR E 116 14.48 16.77 60.00
C TYR E 116 13.05 17.31 60.00
N ALA E 117 12.16 16.62 59.27
CA ALA E 117 10.76 17.04 59.23
C ALA E 117 10.12 17.04 60.62
N LYS E 118 10.25 15.91 61.34
CA LYS E 118 9.53 15.80 62.61
C LYS E 118 10.11 16.75 63.67
N ASN E 119 11.44 16.86 63.74
CA ASN E 119 12.05 17.75 64.72
C ASN E 119 11.73 19.20 64.41
N PHE E 120 11.69 19.57 63.11
CA PHE E 120 11.28 20.92 62.78
C PHE E 120 9.85 21.19 63.20
N LEU E 121 8.93 20.29 62.87
CA LEU E 121 7.53 20.52 63.23
C LEU E 121 7.35 20.61 64.74
N ALA E 122 8.16 19.88 65.50
CA ALA E 122 8.14 20.08 66.95
C ALA E 122 8.73 21.43 67.34
N SER E 123 9.62 21.99 66.51
CA SER E 123 10.38 23.17 66.91
C SER E 123 9.51 24.41 67.13
N ALA E 124 9.96 25.24 68.06
CA ALA E 124 9.25 26.47 68.39
C ALA E 124 9.25 27.46 67.24
N THR E 125 10.20 27.36 66.31
CA THR E 125 10.13 28.21 65.12
C THR E 125 8.95 27.81 64.24
N ALA E 126 8.72 26.50 64.08
CA ALA E 126 7.50 26.04 63.42
C ALA E 126 6.27 26.49 64.18
N THR E 127 6.34 26.53 65.51
CA THR E 127 5.19 27.00 66.28
C THR E 127 4.92 28.49 66.02
N ASP E 128 5.96 29.34 66.16
CA ASP E 128 5.84 30.76 65.78
C ASP E 128 5.30 30.90 64.36
N LEU E 129 5.67 29.97 63.48
CA LEU E 129 5.31 30.06 62.07
C LEU E 129 3.83 29.79 61.84
N VAL E 130 3.33 28.67 62.34
CA VAL E 130 1.99 28.19 62.02
C VAL E 130 0.98 28.55 63.10
N VAL E 131 1.29 28.27 64.36
CA VAL E 131 0.36 28.57 65.44
C VAL E 131 0.18 30.08 65.55
N ASN E 132 1.28 30.80 65.64
CA ASN E 132 1.23 32.23 65.89
C ASN E 132 0.84 33.02 64.63
N THR E 133 0.97 32.41 63.43
CA THR E 133 0.67 33.04 62.13
C THR E 133 1.59 34.24 61.91
N ALA E 134 2.88 34.00 62.02
CA ALA E 134 3.85 35.08 61.95
C ALA E 134 5.06 34.53 61.20
N PRO E 135 5.50 35.20 60.14
CA PRO E 135 6.68 34.74 59.42
C PRO E 135 7.97 35.24 60.06
N GLN E 136 9.07 34.74 59.53
CA GLN E 136 10.41 35.00 60.05
C GLN E 136 11.02 36.19 59.31
N TYR E 137 11.03 37.36 59.95
CA TYR E 137 11.45 38.58 59.27
C TYR E 137 12.88 39.02 59.62
N GLN F 1 -5.81 -11.81 51.56
CA GLN F 1 -5.34 -10.43 51.80
C GLN F 1 -3.85 -10.47 51.63
N ILE F 2 -3.19 -9.31 51.57
CA ILE F 2 -1.79 -9.25 51.18
C ILE F 2 -0.92 -9.13 52.41
N ALA F 3 0.09 -9.99 52.48
CA ALA F 3 1.15 -9.92 53.48
C ALA F 3 2.44 -10.35 52.79
N ASN F 4 3.56 -10.07 53.45
CA ASN F 4 4.83 -10.38 52.83
C ASN F 4 4.99 -11.90 52.69
N VAL F 5 5.79 -12.30 51.71
CA VAL F 5 6.00 -13.72 51.40
C VAL F 5 7.47 -14.06 51.63
N VAL F 6 7.72 -15.25 52.18
CA VAL F 6 9.06 -15.65 52.58
C VAL F 6 9.49 -16.82 51.72
N LEU F 7 10.57 -16.63 50.96
CA LEU F 7 11.07 -17.64 50.02
C LEU F 7 12.48 -18.05 50.43
N ALA F 8 12.72 -19.34 50.53
CA ALA F 8 14.03 -19.83 50.92
C ALA F 8 14.94 -19.96 49.71
N ASP F 9 16.14 -19.39 49.81
CA ASP F 9 17.05 -19.37 48.67
C ASP F 9 17.70 -20.74 48.49
N GLY F 10 18.49 -20.86 47.44
CA GLY F 10 19.19 -22.09 47.14
C GLY F 10 20.57 -22.06 47.74
N GLN F 11 20.77 -22.85 48.79
CA GLN F 11 22.06 -23.04 49.43
C GLN F 11 22.03 -24.41 50.08
N ALA F 12 23.13 -24.75 50.76
CA ALA F 12 23.11 -25.89 51.65
C ALA F 12 22.02 -25.75 52.69
N ALA F 13 22.09 -24.69 53.45
CA ALA F 13 21.10 -24.32 54.41
C ALA F 13 20.35 -23.14 53.83
N PRO F 14 19.05 -23.29 53.63
CA PRO F 14 18.27 -22.19 53.07
C PRO F 14 18.29 -21.00 53.99
N ALA F 15 18.32 -19.81 53.39
CA ALA F 15 18.25 -18.55 54.09
C ALA F 15 17.00 -17.84 53.60
N ASP F 16 16.06 -17.63 54.51
CA ASP F 16 14.77 -17.05 54.15
C ASP F 16 14.94 -15.60 53.73
N LYS F 17 14.48 -15.29 52.52
CA LYS F 17 14.41 -13.93 52.02
C LYS F 17 12.96 -13.49 52.06
N THR F 18 12.70 -12.37 52.72
CA THR F 18 11.35 -11.86 52.93
C THR F 18 11.05 -10.76 51.92
N PHE F 19 9.92 -10.90 51.23
CA PHE F 19 9.45 -9.93 50.26
C PHE F 19 8.27 -9.19 50.88
N GLU F 20 8.49 -7.93 51.28
CA GLU F 20 7.46 -7.08 51.86
C GLU F 20 6.66 -6.41 50.75
N PRO F 21 5.33 -6.35 50.88
CA PRO F 21 4.51 -5.86 49.77
C PRO F 21 4.67 -4.37 49.53
N GLN F 22 4.60 -3.99 48.26
CA GLN F 22 4.67 -2.60 47.82
C GLN F 22 3.44 -2.14 47.08
N ARG F 23 2.69 -3.06 46.45
CA ARG F 23 1.48 -2.74 45.71
C ARG F 23 0.44 -3.82 45.91
N GLY F 24 -0.82 -3.40 46.02
CA GLY F 24 -1.92 -4.31 45.90
C GLY F 24 -2.38 -4.39 44.45
N GLN F 25 -2.94 -5.53 44.08
CA GLN F 25 -3.49 -5.68 42.74
C GLN F 25 -4.75 -4.84 42.62
N ASN F 26 -4.77 -3.94 41.64
CA ASN F 26 -5.88 -3.03 41.40
C ASN F 26 -6.45 -3.32 40.03
N GLY F 27 -7.72 -3.70 39.96
CA GLY F 27 -8.33 -4.04 38.68
C GLY F 27 -7.70 -5.29 38.10
N VAL F 28 -7.34 -5.23 36.82
CA VAL F 28 -6.61 -6.31 36.18
C VAL F 28 -5.39 -5.76 35.45
N THR F 29 -5.34 -4.43 35.31
CA THR F 29 -4.18 -3.82 34.65
C THR F 29 -2.93 -3.94 35.50
N ASP F 30 -3.07 -3.74 36.82
CA ASP F 30 -1.94 -3.54 37.72
C ASP F 30 -1.68 -4.80 38.53
N PRO F 31 -0.49 -5.39 38.50
CA PRO F 31 -0.20 -6.52 39.38
C PRO F 31 0.30 -6.09 40.75
N ALA F 32 0.12 -6.97 41.72
CA ALA F 32 0.62 -6.71 43.07
C ALA F 32 2.11 -7.05 43.14
N GLU F 33 2.88 -6.22 43.86
CA GLU F 33 4.33 -6.30 43.84
C GLU F 33 4.90 -6.38 45.26
N TRP F 34 5.98 -7.15 45.40
CA TRP F 34 6.71 -7.37 46.65
C TRP F 34 8.19 -7.11 46.44
N TRP F 35 8.83 -6.48 47.42
CA TRP F 35 10.22 -6.06 47.35
C TRP F 35 11.02 -6.68 48.51
N GLU F 36 12.24 -7.14 48.23
CA GLU F 36 13.02 -7.82 49.27
C GLU F 36 13.66 -6.86 50.25
N LYS F 37 14.21 -5.75 49.75
CA LYS F 37 14.87 -4.74 50.58
C LYS F 37 16.16 -5.28 51.21
N SER F 38 16.82 -6.23 50.56
CA SER F 38 18.04 -6.77 51.17
C SER F 38 19.23 -5.83 50.98
N SER F 39 19.49 -5.41 49.74
CA SER F 39 20.61 -4.52 49.45
C SER F 39 20.27 -3.08 49.86
N PRO F 40 21.27 -2.19 49.95
CA PRO F 40 20.96 -0.80 50.36
C PRO F 40 20.13 0.00 49.36
N THR F 41 20.45 -0.06 48.06
CA THR F 41 19.73 0.71 47.05
C THR F 41 18.61 -0.13 46.44
N LEU F 42 17.78 0.51 45.59
CA LEU F 42 16.67 -0.22 44.99
C LEU F 42 17.14 -1.34 44.08
N ASN F 43 18.19 -1.07 43.29
CA ASN F 43 18.62 -2.03 42.28
C ASN F 43 18.86 -3.41 42.87
N GLY F 44 19.20 -3.49 44.17
CA GLY F 44 19.45 -4.77 44.81
C GLY F 44 18.23 -5.49 45.33
N TYR F 45 17.09 -4.79 45.46
CA TYR F 45 15.84 -5.44 45.85
C TYR F 45 15.49 -6.58 44.89
N ARG F 46 15.08 -7.71 45.45
CA ARG F 46 14.49 -8.78 44.64
C ARG F 46 12.98 -8.55 44.55
N ARG F 47 12.41 -8.83 43.38
CA ARG F 47 11.02 -8.49 43.11
C ARG F 47 10.16 -9.73 42.91
N LEU F 48 8.89 -9.60 43.32
CA LEU F 48 7.87 -10.61 43.06
C LEU F 48 6.58 -9.93 42.62
N THR F 49 6.10 -10.25 41.42
CA THR F 49 4.85 -9.70 40.89
C THR F 49 3.83 -10.81 40.71
N ALA F 50 2.57 -10.51 41.03
CA ALA F 50 1.50 -11.49 40.91
C ALA F 50 0.22 -10.80 40.48
N LEU F 51 -0.42 -11.34 39.44
CA LEU F 51 -1.60 -10.74 38.84
C LEU F 51 -2.58 -11.85 38.47
N VAL F 52 -3.79 -11.78 39.00
CA VAL F 52 -4.88 -12.66 38.61
C VAL F 52 -5.87 -11.82 37.82
N ARG F 53 -5.99 -12.10 36.53
CA ARG F 53 -6.87 -11.35 35.64
C ARG F 53 -7.80 -12.30 34.91
N ARG F 54 -9.09 -11.99 34.90
CA ARG F 54 -10.01 -12.81 34.13
C ARG F 54 -9.97 -12.37 32.68
N ASN F 55 -9.76 -13.32 31.77
CA ASN F 55 -9.84 -13.11 30.33
C ASN F 55 -11.21 -13.61 29.87
N ALA F 56 -12.05 -12.68 29.40
CA ALA F 56 -13.42 -13.00 29.04
C ALA F 56 -13.50 -13.65 27.66
N ALA F 57 -12.50 -13.40 26.80
CA ALA F 57 -12.48 -14.05 25.50
C ALA F 57 -12.44 -15.56 25.63
N SER F 58 -11.47 -16.07 26.39
CA SER F 58 -11.33 -17.50 26.60
C SER F 58 -12.25 -18.04 27.68
N LYS F 59 -13.07 -17.19 28.29
CA LYS F 59 -13.89 -17.56 29.44
C LYS F 59 -13.04 -18.29 30.48
N SER F 60 -12.00 -17.59 30.95
CA SER F 60 -11.03 -18.25 31.82
C SER F 60 -10.33 -17.21 32.67
N VAL F 61 -9.56 -17.70 33.65
CA VAL F 61 -8.79 -16.87 34.55
C VAL F 61 -7.32 -17.13 34.30
N LYS F 62 -6.52 -16.06 34.22
CA LYS F 62 -5.08 -16.19 34.09
C LYS F 62 -4.41 -15.75 35.39
N VAL F 63 -3.32 -16.43 35.74
CA VAL F 63 -2.52 -16.12 36.92
C VAL F 63 -1.06 -16.00 36.47
N LYS F 64 -0.50 -14.80 36.59
CA LYS F 64 0.87 -14.53 36.19
C LYS F 64 1.70 -14.16 37.42
N VAL F 65 2.83 -14.85 37.57
CA VAL F 65 3.77 -14.61 38.65
C VAL F 65 5.14 -14.40 38.05
N ALA F 66 5.92 -13.50 38.64
CA ALA F 66 7.28 -13.22 38.18
C ALA F 66 8.19 -13.02 39.38
N ILE F 67 9.38 -13.60 39.31
CA ILE F 67 10.39 -13.44 40.34
C ILE F 67 11.66 -12.93 39.68
N TYR F 68 12.09 -11.73 40.06
CA TYR F 68 13.30 -11.11 39.52
C TYR F 68 14.38 -11.10 40.60
N ASP F 69 15.49 -11.81 40.34
CA ASP F 69 16.66 -11.84 41.23
C ASP F 69 17.82 -11.12 40.55
N PRO F 70 18.13 -9.87 40.93
CA PRO F 70 19.24 -9.17 40.28
C PRO F 70 20.56 -9.32 41.04
N THR F 71 21.68 -9.39 40.33
CA THR F 71 22.99 -9.38 40.96
C THR F 71 23.72 -8.11 40.55
N LEU F 72 24.30 -7.41 41.51
CA LEU F 72 24.95 -6.14 41.21
C LEU F 72 26.34 -6.37 40.63
N ALA F 73 26.84 -5.35 39.94
CA ALA F 73 28.15 -5.43 39.31
C ALA F 73 29.23 -4.96 40.28
N VAL F 74 30.45 -5.44 40.04
CA VAL F 74 31.59 -5.07 40.88
C VAL F 74 32.08 -3.69 40.50
N THR F 75 32.05 -2.76 41.45
CA THR F 75 32.39 -1.37 41.18
C THR F 75 33.81 -1.05 41.64
N ALA F 76 34.28 0.11 41.24
CA ALA F 76 35.61 0.61 41.54
C ALA F 76 35.50 2.01 42.12
N PRO F 77 36.40 2.37 43.06
CA PRO F 77 36.29 3.70 43.69
C PRO F 77 36.51 4.85 42.70
N SER F 78 37.42 4.69 41.75
CA SER F 78 37.74 5.75 40.80
C SER F 78 37.03 5.45 39.48
N THR F 79 36.03 6.25 39.17
CA THR F 79 35.37 6.22 37.87
C THR F 79 35.98 7.30 36.99
N ALA F 80 36.05 7.03 35.68
CA ALA F 80 36.64 8.01 34.79
C ALA F 80 35.83 9.28 34.76
N SER F 81 36.54 10.41 34.72
CA SER F 81 35.95 11.72 34.51
C SER F 81 34.76 11.92 35.43
N GLY F 82 34.97 11.67 36.71
CA GLY F 82 33.88 12.05 37.59
C GLY F 82 33.87 11.22 38.86
N ILE F 83 32.66 10.89 39.25
CA ILE F 83 32.35 10.52 40.62
C ILE F 83 32.37 9.01 40.78
N GLN F 84 32.58 8.57 42.01
CA GLN F 84 32.45 7.15 42.35
C GLN F 84 31.06 6.65 41.98
N PRO F 85 30.92 5.50 41.34
CA PRO F 85 29.66 5.15 40.70
C PRO F 85 28.64 4.62 41.70
N SER F 86 27.37 4.92 41.42
CA SER F 86 26.30 4.33 42.20
C SER F 86 26.14 2.86 41.81
N PRO F 87 25.63 2.02 42.73
CA PRO F 87 25.58 0.58 42.44
C PRO F 87 24.61 0.30 41.30
N THR F 88 25.05 -0.52 40.36
CA THR F 88 24.27 -0.81 39.17
C THR F 88 24.09 -2.31 39.02
N VAL F 89 23.04 -2.69 38.28
CA VAL F 89 22.72 -4.10 38.05
C VAL F 89 23.57 -4.60 36.88
N ALA F 90 24.27 -5.71 37.09
CA ALA F 90 25.02 -6.32 36.00
C ALA F 90 24.13 -7.25 35.19
N PHE F 91 23.31 -8.05 35.86
CA PHE F 91 22.31 -8.87 35.20
C PHE F 91 21.27 -9.29 36.22
N THR F 92 20.22 -9.94 35.73
CA THR F 92 19.11 -10.34 36.57
C THR F 92 18.55 -11.66 36.04
N CYS F 93 18.17 -12.55 36.96
CA CYS F 93 17.60 -13.86 36.62
C CYS F 93 16.11 -13.85 36.90
N PRO F 94 15.28 -13.88 35.87
CA PRO F 94 13.83 -14.00 36.10
C PRO F 94 13.26 -15.40 35.94
N VAL F 95 12.22 -15.66 36.73
CA VAL F 95 11.22 -16.69 36.49
C VAL F 95 9.92 -16.02 36.10
N PHE F 96 9.26 -16.58 35.09
CA PHE F 96 7.86 -16.28 34.80
C PHE F 96 7.04 -17.57 34.94
N ILE F 97 5.87 -17.46 35.54
CA ILE F 97 4.95 -18.58 35.73
C ILE F 97 3.56 -18.13 35.33
N GLU F 98 2.91 -18.90 34.47
CA GLU F 98 1.55 -18.59 34.04
C GLU F 98 0.67 -19.82 34.17
N PHE F 99 -0.34 -19.74 35.03
CA PHE F 99 -1.42 -20.71 35.09
C PHE F 99 -2.61 -20.18 34.30
N THR F 100 -3.30 -21.07 33.58
CA THR F 100 -4.61 -20.67 33.09
C THR F 100 -5.66 -21.69 33.52
N LEU F 101 -6.81 -21.19 33.96
CA LEU F 101 -7.86 -22.00 34.57
C LEU F 101 -9.21 -21.67 33.93
N PRO F 102 -9.83 -22.59 33.20
CA PRO F 102 -11.11 -22.29 32.57
C PRO F 102 -12.21 -22.13 33.60
N ASP F 103 -13.31 -21.53 33.15
CA ASP F 103 -14.41 -21.23 34.07
C ASP F 103 -15.10 -22.51 34.56
N ALA F 104 -15.07 -23.56 33.75
CA ALA F 104 -15.76 -24.80 34.09
C ALA F 104 -14.90 -25.76 34.91
N CYS F 105 -13.84 -25.28 35.55
CA CYS F 105 -12.87 -26.17 36.17
C CYS F 105 -13.17 -26.39 37.65
N THR F 106 -12.63 -27.49 38.18
CA THR F 106 -12.87 -27.89 39.56
C THR F 106 -11.79 -27.35 40.48
N ILE F 107 -12.18 -27.13 41.74
CA ILE F 107 -11.21 -26.86 42.80
C ILE F 107 -10.16 -27.96 42.84
N GLN F 108 -10.59 -29.20 42.58
CA GLN F 108 -9.64 -30.31 42.51
C GLN F 108 -8.66 -30.13 41.35
N ASN F 109 -9.14 -29.65 40.20
CA ASN F 109 -8.24 -29.43 39.08
C ASN F 109 -7.21 -28.35 39.40
N ARG F 110 -7.64 -27.27 40.05
CA ARG F 110 -6.70 -26.21 40.40
C ARG F 110 -5.63 -26.72 41.37
N LYS F 111 -6.05 -27.47 42.39
CA LYS F 111 -5.07 -28.03 43.33
C LYS F 111 -4.12 -28.98 42.61
N ASP F 112 -4.66 -29.82 41.71
CA ASP F 112 -3.84 -30.70 40.88
C ASP F 112 -2.75 -29.91 40.16
N ILE F 113 -3.15 -28.88 39.41
CA ILE F 113 -2.21 -28.20 38.52
C ILE F 113 -1.12 -27.51 39.34
N LEU F 114 -1.51 -26.87 40.45
CA LEU F 114 -0.51 -26.18 41.27
C LEU F 114 0.46 -27.18 41.90
N ALA F 115 -0.05 -28.32 42.37
CA ALA F 115 0.83 -29.30 42.98
C ALA F 115 1.78 -29.88 41.94
N TYR F 116 1.30 -30.11 40.71
CA TYR F 116 2.18 -30.57 39.65
C TYR F 116 3.33 -29.60 39.45
N ALA F 117 3.00 -28.30 39.40
CA ALA F 117 4.04 -27.29 39.22
C ALA F 117 5.06 -27.32 40.35
N LYS F 118 4.59 -27.27 41.60
CA LYS F 118 5.53 -27.18 42.73
C LYS F 118 6.38 -28.44 42.84
N ASN F 119 5.78 -29.62 42.66
CA ASN F 119 6.52 -30.86 42.78
C ASN F 119 7.54 -31.00 41.66
N PHE F 120 7.19 -30.58 40.44
CA PHE F 120 8.19 -30.60 39.38
C PHE F 120 9.35 -29.68 39.72
N LEU F 121 9.06 -28.43 40.13
CA LEU F 121 10.13 -27.50 40.41
C LEU F 121 11.05 -28.00 41.53
N ALA F 122 10.50 -28.76 42.48
CA ALA F 122 11.35 -29.42 43.45
C ALA F 122 12.16 -30.55 42.82
N SER F 123 11.61 -31.20 41.78
CA SER F 123 12.20 -32.43 41.27
C SER F 123 13.61 -32.23 40.74
N ALA F 124 14.41 -33.29 40.85
CA ALA F 124 15.80 -33.24 40.42
C ALA F 124 15.92 -33.01 38.92
N THR F 125 14.92 -33.40 38.13
CA THR F 125 14.97 -33.09 36.69
C THR F 125 14.81 -31.60 36.44
N ALA F 126 13.96 -30.91 37.21
CA ALA F 126 13.95 -29.46 37.11
C ALA F 126 15.26 -28.87 37.61
N THR F 127 15.86 -29.46 38.66
CA THR F 127 17.16 -28.96 39.12
C THR F 127 18.23 -29.13 38.04
N ASP F 128 18.32 -30.33 37.44
CA ASP F 128 19.19 -30.57 36.30
C ASP F 128 18.90 -29.54 35.21
N LEU F 129 17.62 -29.25 34.97
CA LEU F 129 17.22 -28.40 33.85
C LEU F 129 17.70 -26.96 34.03
N VAL F 130 17.60 -26.40 35.23
CA VAL F 130 17.89 -24.98 35.42
C VAL F 130 19.29 -24.74 35.95
N VAL F 131 19.71 -25.49 36.97
CA VAL F 131 21.01 -25.28 37.60
C VAL F 131 22.14 -25.70 36.66
N ASN F 132 22.00 -26.84 35.99
CA ASN F 132 23.03 -27.29 35.07
C ASN F 132 22.80 -26.82 33.64
N THR F 133 21.66 -26.17 33.37
CA THR F 133 21.30 -25.68 32.03
C THR F 133 21.40 -26.80 31.00
N ALA F 134 21.01 -28.01 31.40
CA ALA F 134 21.22 -29.15 30.53
C ALA F 134 19.90 -29.65 29.94
N PRO F 135 19.92 -30.08 28.67
CA PRO F 135 18.73 -30.72 28.08
C PRO F 135 18.42 -32.07 28.71
N GLN F 136 17.43 -32.78 28.17
CA GLN F 136 17.10 -34.13 28.61
C GLN F 136 17.36 -35.10 27.45
N TYR F 137 18.51 -35.78 27.50
CA TYR F 137 19.07 -36.50 26.35
C TYR F 137 18.45 -37.89 26.22
N GLN G 1 -85.78 -72.30 -58.74
CA GLN G 1 -84.80 -72.62 -59.81
C GLN G 1 -85.32 -72.18 -61.18
N ILE G 2 -84.43 -71.91 -62.13
CA ILE G 2 -84.86 -71.35 -63.42
C ILE G 2 -85.36 -72.46 -64.33
N ALA G 3 -86.40 -72.14 -65.09
CA ALA G 3 -87.03 -73.01 -66.06
C ALA G 3 -87.89 -72.12 -66.95
N ASN G 4 -88.06 -72.54 -68.19
CA ASN G 4 -88.72 -71.70 -69.18
C ASN G 4 -90.15 -71.37 -68.73
N VAL G 5 -90.69 -70.26 -69.25
CA VAL G 5 -92.01 -69.79 -68.88
C VAL G 5 -92.84 -69.68 -70.15
N VAL G 6 -94.13 -70.04 -70.05
CA VAL G 6 -94.99 -70.18 -71.21
C VAL G 6 -96.15 -69.21 -71.06
N LEU G 7 -96.20 -68.19 -71.90
CA LEU G 7 -97.25 -67.18 -71.83
C LEU G 7 -98.08 -67.20 -73.11
N ALA G 8 -99.37 -66.96 -72.98
CA ALA G 8 -100.32 -67.07 -74.09
C ALA G 8 -100.60 -65.69 -74.68
N ASP G 9 -100.36 -65.54 -75.98
CA ASP G 9 -100.65 -64.27 -76.62
C ASP G 9 -102.16 -64.07 -76.79
N GLY G 10 -102.54 -62.81 -77.00
CA GLY G 10 -103.95 -62.47 -77.16
C GLY G 10 -104.39 -62.61 -78.60
N GLN G 11 -105.34 -63.51 -78.84
CA GLN G 11 -105.89 -63.72 -80.18
C GLN G 11 -107.25 -64.38 -80.06
N ALA G 12 -107.79 -64.70 -81.24
CA ALA G 12 -108.91 -65.65 -81.34
C ALA G 12 -108.62 -66.91 -80.54
N ALA G 13 -107.59 -67.64 -80.95
CA ALA G 13 -107.11 -68.83 -80.27
C ALA G 13 -105.71 -68.48 -79.83
N PRO G 14 -105.47 -68.33 -78.53
CA PRO G 14 -104.16 -67.89 -78.08
C PRO G 14 -103.13 -68.97 -78.29
N ALA G 15 -101.91 -68.55 -78.59
CA ALA G 15 -100.77 -69.43 -78.81
C ALA G 15 -99.82 -69.29 -77.64
N ASP G 16 -99.31 -70.43 -77.20
CA ASP G 16 -98.29 -70.50 -76.17
C ASP G 16 -96.94 -70.07 -76.74
N LYS G 17 -96.42 -68.92 -76.31
CA LYS G 17 -95.06 -68.50 -76.61
C LYS G 17 -94.19 -68.92 -75.43
N THR G 18 -93.16 -69.71 -75.70
CA THR G 18 -92.30 -70.28 -74.67
C THR G 18 -91.01 -69.45 -74.62
N PHE G 19 -90.73 -68.86 -73.46
CA PHE G 19 -89.47 -68.19 -73.18
C PHE G 19 -88.55 -69.23 -72.55
N GLU G 20 -87.59 -69.73 -73.34
CA GLU G 20 -86.54 -70.59 -72.82
C GLU G 20 -85.57 -69.78 -71.96
N PRO G 21 -85.09 -70.33 -70.84
CA PRO G 21 -84.11 -69.57 -70.04
C PRO G 21 -82.81 -69.43 -70.82
N GLN G 22 -82.36 -68.19 -70.94
CA GLN G 22 -81.09 -67.91 -71.59
C GLN G 22 -80.06 -67.31 -70.65
N ARG G 23 -80.48 -66.73 -69.54
CA ARG G 23 -79.55 -66.37 -68.48
C ARG G 23 -80.25 -66.38 -67.14
N GLY G 24 -79.66 -67.07 -66.16
CA GLY G 24 -80.21 -67.09 -64.82
C GLY G 24 -79.69 -65.96 -63.95
N GLN G 25 -80.35 -65.77 -62.81
CA GLN G 25 -79.93 -64.78 -61.79
C GLN G 25 -79.30 -65.53 -60.62
N ASN G 26 -78.00 -65.38 -60.44
CA ASN G 26 -77.34 -65.89 -59.25
C ASN G 26 -76.85 -64.79 -58.32
N GLY G 27 -76.97 -63.53 -58.74
CA GLY G 27 -76.51 -62.41 -57.96
C GLY G 27 -77.58 -61.35 -57.88
N VAL G 28 -77.33 -60.34 -57.03
CA VAL G 28 -78.31 -59.28 -56.81
C VAL G 28 -78.24 -58.19 -57.87
N THR G 29 -77.09 -58.02 -58.49
CA THR G 29 -76.95 -56.90 -59.42
C THR G 29 -77.83 -57.08 -60.67
N ASP G 30 -77.70 -58.23 -61.38
CA ASP G 30 -78.24 -58.43 -62.73
C ASP G 30 -79.43 -59.39 -62.75
N PRO G 31 -80.56 -59.01 -63.35
CA PRO G 31 -81.74 -59.86 -63.34
C PRO G 31 -81.61 -61.08 -64.24
N ALA G 32 -82.49 -62.05 -64.01
CA ALA G 32 -82.61 -63.23 -64.84
C ALA G 32 -83.40 -62.92 -66.11
N GLU G 33 -83.11 -63.67 -67.17
CA GLU G 33 -83.62 -63.33 -68.50
C GLU G 33 -84.02 -64.60 -69.24
N TRP G 34 -85.14 -64.51 -69.96
CA TRP G 34 -85.71 -65.57 -70.77
C TRP G 34 -85.90 -65.05 -72.19
N TRP G 35 -85.61 -65.90 -73.17
CA TRP G 35 -85.62 -65.55 -74.59
C TRP G 35 -86.60 -66.44 -75.34
N GLU G 36 -87.36 -65.85 -76.28
CA GLU G 36 -88.44 -66.61 -76.91
C GLU G 36 -87.96 -67.45 -78.08
N LYS G 37 -87.12 -66.87 -78.95
CA LYS G 37 -86.54 -67.57 -80.10
C LYS G 37 -87.59 -67.95 -81.15
N SER G 38 -88.69 -67.21 -81.23
CA SER G 38 -89.64 -67.45 -82.32
C SER G 38 -89.03 -67.02 -83.66
N SER G 39 -88.65 -65.74 -83.78
CA SER G 39 -87.98 -65.25 -84.98
C SER G 39 -86.62 -65.94 -85.15
N PRO G 40 -86.03 -65.88 -86.36
CA PRO G 40 -84.73 -66.54 -86.55
C PRO G 40 -83.52 -65.77 -86.02
N THR G 41 -83.61 -64.45 -85.91
CA THR G 41 -82.49 -63.63 -85.47
C THR G 41 -82.70 -63.13 -84.05
N LEU G 42 -81.59 -62.74 -83.42
CA LEU G 42 -81.62 -62.33 -82.02
C LEU G 42 -82.56 -61.15 -81.79
N ASN G 43 -82.69 -60.27 -82.78
CA ASN G 43 -83.51 -59.06 -82.63
C ASN G 43 -84.99 -59.40 -82.44
N GLY G 44 -85.45 -60.48 -83.04
CA GLY G 44 -86.84 -60.86 -83.00
C GLY G 44 -87.27 -61.67 -81.81
N TYR G 45 -86.36 -61.91 -80.87
CA TYR G 45 -86.72 -62.66 -79.67
C TYR G 45 -87.58 -61.79 -78.77
N ARG G 46 -88.57 -62.40 -78.12
CA ARG G 46 -89.29 -61.75 -77.05
C ARG G 46 -88.54 -62.01 -75.74
N ARG G 47 -88.50 -61.02 -74.86
CA ARG G 47 -87.67 -61.11 -73.67
C ARG G 47 -88.50 -61.01 -72.39
N LEU G 48 -88.02 -61.69 -71.35
CA LEU G 48 -88.59 -61.61 -70.01
C LEU G 48 -87.48 -61.51 -68.98
N THR G 49 -87.44 -60.42 -68.22
CA THR G 49 -86.45 -60.21 -67.16
C THR G 49 -87.12 -60.20 -65.79
N ALA G 50 -86.42 -60.74 -64.79
CA ALA G 50 -86.97 -60.89 -63.44
C ALA G 50 -85.84 -60.84 -62.42
N LEU G 51 -85.93 -59.87 -61.51
CA LEU G 51 -84.96 -59.64 -60.46
C LEU G 51 -85.66 -59.58 -59.11
N VAL G 52 -85.26 -60.45 -58.19
CA VAL G 52 -85.67 -60.35 -56.79
C VAL G 52 -84.43 -59.94 -56.00
N ARG G 53 -84.56 -58.84 -55.26
CA ARG G 53 -83.42 -58.17 -54.66
C ARG G 53 -83.81 -57.66 -53.28
N ARG G 54 -83.03 -58.05 -52.26
CA ARG G 54 -83.31 -57.55 -50.92
C ARG G 54 -82.70 -56.16 -50.78
N ASN G 55 -83.55 -55.18 -50.47
CA ASN G 55 -83.11 -53.81 -50.19
C ASN G 55 -83.06 -53.66 -48.67
N ALA G 56 -81.84 -53.59 -48.13
CA ALA G 56 -81.67 -53.48 -46.68
C ALA G 56 -82.04 -52.11 -46.15
N ALA G 57 -82.05 -51.09 -47.01
CA ALA G 57 -82.38 -49.73 -46.57
C ALA G 57 -83.82 -49.66 -46.07
N SER G 58 -84.77 -50.06 -46.92
CA SER G 58 -86.18 -50.10 -46.55
C SER G 58 -86.57 -51.36 -45.80
N LYS G 59 -85.60 -52.21 -45.46
CA LYS G 59 -85.86 -53.53 -44.89
C LYS G 59 -86.97 -54.22 -45.67
N SER G 60 -86.71 -54.41 -46.97
CA SER G 60 -87.75 -54.87 -47.86
C SER G 60 -87.13 -55.73 -48.95
N VAL G 61 -87.98 -56.21 -49.85
CA VAL G 61 -87.55 -57.04 -50.98
C VAL G 61 -88.30 -56.57 -52.21
N LYS G 62 -87.56 -56.12 -53.22
CA LYS G 62 -88.16 -55.69 -54.48
C LYS G 62 -88.15 -56.83 -55.49
N VAL G 63 -89.16 -56.85 -56.34
CA VAL G 63 -89.29 -57.81 -57.42
C VAL G 63 -89.62 -57.01 -58.68
N LYS G 64 -88.71 -56.99 -59.64
CA LYS G 64 -88.88 -56.27 -60.90
C LYS G 64 -89.00 -57.27 -62.04
N VAL G 65 -90.08 -57.17 -62.80
CA VAL G 65 -90.34 -58.03 -63.94
C VAL G 65 -90.56 -57.14 -65.15
N ALA G 66 -90.02 -57.55 -66.30
CA ALA G 66 -90.17 -56.81 -67.53
C ALA G 66 -90.43 -57.78 -68.68
N ILE G 67 -91.37 -57.43 -69.56
CA ILE G 67 -91.69 -58.23 -70.74
C ILE G 67 -91.56 -57.33 -71.96
N TYR G 68 -90.60 -57.64 -72.83
CA TYR G 68 -90.36 -56.89 -74.05
C TYR G 68 -90.86 -57.69 -75.24
N ASP G 69 -91.88 -57.16 -75.94
CA ASP G 69 -92.40 -57.75 -77.18
C ASP G 69 -92.02 -56.87 -78.36
N PRO G 70 -91.02 -57.23 -79.14
CA PRO G 70 -90.65 -56.39 -80.29
C PRO G 70 -91.45 -56.78 -81.52
N THR G 71 -91.76 -55.77 -82.34
CA THR G 71 -92.38 -56.01 -83.64
C THR G 71 -91.34 -55.71 -84.70
N LEU G 72 -90.81 -56.75 -85.33
CA LEU G 72 -89.76 -56.56 -86.32
C LEU G 72 -90.27 -55.73 -87.48
N ALA G 73 -89.47 -54.75 -87.90
CA ALA G 73 -89.82 -53.98 -89.07
C ALA G 73 -89.84 -54.89 -90.29
N VAL G 74 -90.86 -54.71 -91.13
CA VAL G 74 -90.90 -55.35 -92.44
C VAL G 74 -89.68 -54.91 -93.24
N THR G 75 -88.81 -55.85 -93.57
CA THR G 75 -87.56 -55.57 -94.27
C THR G 75 -87.69 -56.09 -95.70
N ALA G 76 -87.71 -55.18 -96.67
CA ALA G 76 -87.73 -55.44 -98.09
C ALA G 76 -86.35 -55.24 -98.70
N PRO G 77 -86.00 -55.96 -99.76
CA PRO G 77 -84.69 -55.76 -100.40
C PRO G 77 -84.54 -54.32 -100.87
N SER G 78 -83.36 -53.76 -100.60
CA SER G 78 -83.13 -52.33 -100.79
C SER G 78 -83.56 -51.89 -102.17
N THR G 79 -84.22 -50.75 -102.21
CA THR G 79 -84.53 -50.13 -103.50
C THR G 79 -83.30 -49.45 -104.07
N ALA G 80 -82.39 -49.02 -103.21
CA ALA G 80 -81.16 -48.38 -103.65
C ALA G 80 -79.97 -49.33 -103.73
N SER G 81 -79.69 -50.07 -102.66
CA SER G 81 -78.56 -50.99 -102.70
C SER G 81 -78.90 -52.30 -103.40
N GLY G 82 -80.18 -52.60 -103.61
CA GLY G 82 -80.56 -53.91 -104.06
C GLY G 82 -80.28 -55.01 -103.07
N ILE G 83 -79.94 -54.66 -101.83
CA ILE G 83 -79.40 -55.58 -100.85
C ILE G 83 -80.26 -55.48 -99.58
N GLN G 84 -81.07 -56.51 -99.34
CA GLN G 84 -81.98 -56.49 -98.19
C GLN G 84 -81.19 -56.33 -96.89
N PRO G 85 -81.54 -55.36 -96.05
CA PRO G 85 -80.77 -55.15 -94.82
C PRO G 85 -81.07 -56.25 -93.81
N SER G 86 -80.10 -56.50 -92.94
CA SER G 86 -80.27 -57.41 -91.82
C SER G 86 -81.50 -56.99 -91.03
N PRO G 87 -82.25 -57.94 -90.44
CA PRO G 87 -83.54 -57.58 -89.85
C PRO G 87 -83.35 -56.67 -88.64
N THR G 88 -84.20 -55.65 -88.57
CA THR G 88 -84.15 -54.62 -87.53
C THR G 88 -85.49 -54.56 -86.79
N VAL G 89 -85.49 -53.83 -85.69
CA VAL G 89 -86.67 -53.68 -84.83
C VAL G 89 -87.26 -52.29 -85.05
N ALA G 90 -88.53 -52.23 -85.46
CA ALA G 90 -89.18 -50.95 -85.71
C ALA G 90 -89.67 -50.32 -84.41
N PHE G 91 -90.18 -51.12 -83.48
CA PHE G 91 -90.54 -50.66 -82.16
C PHE G 91 -90.75 -51.87 -81.26
N THR G 92 -90.90 -51.58 -79.97
CA THR G 92 -91.04 -52.63 -78.98
C THR G 92 -92.06 -52.18 -77.92
N CYS G 93 -92.88 -53.12 -77.47
CA CYS G 93 -93.89 -52.87 -76.43
C CYS G 93 -93.41 -53.48 -75.13
N PRO G 94 -93.05 -52.68 -74.14
CA PRO G 94 -92.71 -53.24 -72.83
C PRO G 94 -93.83 -53.17 -71.79
N VAL G 95 -93.80 -54.15 -70.90
CA VAL G 95 -94.45 -54.07 -69.59
C VAL G 95 -93.39 -54.07 -68.51
N PHE G 96 -93.56 -53.21 -67.53
CA PHE G 96 -92.76 -53.20 -66.31
C PHE G 96 -93.68 -53.41 -65.13
N ILE G 97 -93.33 -54.35 -64.26
CA ILE G 97 -94.07 -54.65 -63.04
C ILE G 97 -93.11 -54.65 -61.87
N GLU G 98 -93.46 -53.93 -60.82
CA GLU G 98 -92.65 -53.86 -59.61
C GLU G 98 -93.52 -54.17 -58.41
N PHE G 99 -93.16 -55.22 -57.67
CA PHE G 99 -93.73 -55.50 -56.35
C PHE G 99 -92.72 -55.10 -55.31
N THR G 100 -93.19 -54.56 -54.18
CA THR G 100 -92.29 -54.42 -53.04
C THR G 100 -92.92 -55.10 -51.83
N LEU G 101 -92.10 -55.85 -51.09
CA LEU G 101 -92.58 -56.68 -49.99
C LEU G 101 -91.74 -56.39 -48.75
N PRO G 102 -92.29 -55.72 -47.74
CA PRO G 102 -91.49 -55.35 -46.56
C PRO G 102 -91.05 -56.58 -45.79
N ASP G 103 -90.10 -56.37 -44.88
CA ASP G 103 -89.55 -57.49 -44.12
C ASP G 103 -90.58 -58.10 -43.17
N ALA G 104 -91.59 -57.32 -42.77
CA ALA G 104 -92.62 -57.79 -41.85
C ALA G 104 -93.85 -58.34 -42.56
N CYS G 105 -93.69 -58.80 -43.80
CA CYS G 105 -94.80 -59.08 -44.70
C CYS G 105 -95.30 -60.51 -44.58
N THR G 106 -96.61 -60.68 -44.40
CA THR G 106 -97.19 -62.00 -44.29
C THR G 106 -97.21 -62.71 -45.64
N ILE G 107 -97.09 -64.04 -45.59
CA ILE G 107 -97.28 -64.86 -46.77
C ILE G 107 -98.64 -64.58 -47.38
N GLN G 108 -99.63 -64.40 -46.52
CA GLN G 108 -100.98 -64.10 -46.99
C GLN G 108 -101.04 -62.75 -47.70
N ASN G 109 -100.30 -61.75 -47.20
CA ASN G 109 -100.27 -60.45 -47.86
C ASN G 109 -99.62 -60.57 -49.24
N ARG G 110 -98.56 -61.37 -49.36
CA ARG G 110 -97.92 -61.56 -50.66
C ARG G 110 -98.87 -62.20 -51.66
N LYS G 111 -99.55 -63.26 -51.23
CA LYS G 111 -100.57 -63.88 -52.07
C LYS G 111 -101.64 -62.86 -52.47
N ASP G 112 -102.08 -62.05 -51.51
CA ASP G 112 -103.07 -61.01 -51.77
C ASP G 112 -102.61 -60.08 -52.89
N ILE G 113 -101.41 -59.54 -52.77
CA ILE G 113 -100.97 -58.50 -53.70
C ILE G 113 -100.76 -59.08 -55.09
N LEU G 114 -100.19 -60.28 -55.20
CA LEU G 114 -100.05 -60.91 -56.51
C LEU G 114 -101.42 -61.20 -57.12
N ALA G 115 -102.39 -61.58 -56.28
CA ALA G 115 -103.72 -61.87 -56.78
C ALA G 115 -104.39 -60.61 -57.31
N TYR G 116 -104.29 -59.49 -56.57
CA TYR G 116 -104.86 -58.24 -57.04
C TYR G 116 -104.26 -57.86 -58.39
N ALA G 117 -102.94 -57.99 -58.52
CA ALA G 117 -102.29 -57.66 -59.80
C ALA G 117 -102.84 -58.53 -60.93
N LYS G 118 -102.81 -59.86 -60.77
CA LYS G 118 -103.18 -60.73 -61.88
C LYS G 118 -104.66 -60.57 -62.23
N ASN G 119 -105.53 -60.48 -61.22
CA ASN G 119 -106.97 -60.37 -61.49
C ASN G 119 -107.31 -59.02 -62.13
N PHE G 120 -106.62 -57.94 -61.72
CA PHE G 120 -106.83 -56.67 -62.40
C PHE G 120 -106.39 -56.74 -63.85
N LEU G 121 -105.21 -57.30 -64.10
CA LEU G 121 -104.74 -57.37 -65.49
C LEU G 121 -105.68 -58.20 -66.36
N ALA G 122 -106.26 -59.25 -65.79
CA ALA G 122 -107.31 -59.97 -66.52
C ALA G 122 -108.57 -59.10 -66.70
N SER G 123 -108.79 -58.14 -65.80
CA SER G 123 -110.07 -57.44 -65.75
C SER G 123 -110.34 -56.61 -67.01
N ALA G 124 -111.64 -56.49 -67.31
CA ALA G 124 -112.07 -55.77 -68.50
C ALA G 124 -111.72 -54.30 -68.43
N THR G 125 -111.58 -53.73 -67.24
CA THR G 125 -111.12 -52.36 -67.13
C THR G 125 -109.66 -52.23 -67.55
N ALA G 126 -108.82 -53.20 -67.20
CA ALA G 126 -107.47 -53.22 -67.74
C ALA G 126 -107.47 -53.39 -69.25
N THR G 127 -108.41 -54.17 -69.78
CA THR G 127 -108.48 -54.28 -71.25
C THR G 127 -108.87 -52.95 -71.89
N ASP G 128 -109.94 -52.30 -71.38
CA ASP G 128 -110.30 -50.95 -71.83
C ASP G 128 -109.14 -49.98 -71.70
N LEU G 129 -108.27 -50.22 -70.72
CA LEU G 129 -107.18 -49.29 -70.41
C LEU G 129 -106.02 -49.40 -71.39
N VAL G 130 -105.59 -50.62 -71.69
CA VAL G 130 -104.39 -50.84 -72.50
C VAL G 130 -104.73 -51.17 -73.95
N VAL G 131 -105.69 -52.06 -74.18
CA VAL G 131 -106.00 -52.49 -75.54
C VAL G 131 -106.66 -51.36 -76.32
N ASN G 132 -107.60 -50.66 -75.70
CA ASN G 132 -108.25 -49.52 -76.33
C ASN G 132 -107.57 -48.20 -76.02
N THR G 133 -106.48 -48.23 -75.23
CA THR G 133 -105.75 -47.03 -74.83
C THR G 133 -106.71 -45.94 -74.34
N ALA G 134 -107.67 -46.35 -73.52
CA ALA G 134 -108.68 -45.42 -73.07
C ALA G 134 -108.59 -45.21 -71.57
N PRO G 135 -108.74 -43.98 -71.10
CA PRO G 135 -108.74 -43.71 -69.67
C PRO G 135 -110.12 -43.94 -69.06
N GLN G 136 -110.24 -43.62 -67.78
CA GLN G 136 -111.48 -43.78 -67.03
C GLN G 136 -112.00 -42.38 -66.68
N TYR G 137 -112.95 -41.90 -67.47
CA TYR G 137 -113.30 -40.48 -67.50
C TYR G 137 -114.46 -40.05 -66.60
N GLN H 1 -75.37 -79.76 -57.74
CA GLN H 1 -74.95 -78.37 -57.95
C GLN H 1 -74.96 -77.62 -56.63
N ILE H 2 -76.12 -77.00 -56.34
CA ILE H 2 -76.48 -76.42 -55.05
C ILE H 2 -77.70 -77.16 -54.52
N ALA H 3 -77.66 -77.52 -53.25
CA ALA H 3 -78.75 -78.26 -52.64
C ALA H 3 -79.05 -77.64 -51.29
N ASN H 4 -80.32 -77.69 -50.92
CA ASN H 4 -80.74 -77.16 -49.63
C ASN H 4 -80.00 -77.90 -48.51
N VAL H 5 -79.92 -77.27 -47.35
CA VAL H 5 -79.11 -77.78 -46.24
C VAL H 5 -79.95 -77.83 -44.98
N VAL H 6 -79.90 -78.94 -44.26
CA VAL H 6 -80.73 -79.14 -43.08
C VAL H 6 -79.82 -79.20 -41.85
N LEU H 7 -80.10 -78.34 -40.88
CA LEU H 7 -79.31 -78.26 -39.65
C LEU H 7 -80.20 -78.56 -38.44
N ALA H 8 -79.61 -79.19 -37.44
CA ALA H 8 -80.34 -79.57 -36.24
C ALA H 8 -80.24 -78.46 -35.19
N ASP H 9 -81.38 -77.94 -34.74
CA ASP H 9 -81.35 -76.91 -33.73
C ASP H 9 -81.07 -77.51 -32.36
N GLY H 10 -80.82 -76.64 -31.40
CA GLY H 10 -80.55 -77.06 -30.04
C GLY H 10 -81.82 -77.19 -29.25
N GLN H 11 -82.15 -78.40 -28.85
CA GLN H 11 -83.31 -78.68 -28.03
C GLN H 11 -83.04 -80.02 -27.37
N ALA H 12 -84.03 -80.49 -26.60
CA ALA H 12 -83.96 -81.86 -26.09
C ALA H 12 -83.76 -82.85 -27.23
N ALA H 13 -84.64 -82.81 -28.22
CA ALA H 13 -84.47 -83.55 -29.46
C ALA H 13 -84.31 -82.52 -30.55
N PRO H 14 -83.22 -82.54 -31.30
CA PRO H 14 -83.03 -81.55 -32.37
C PRO H 14 -84.15 -81.63 -33.40
N ALA H 15 -84.64 -80.46 -33.78
CA ALA H 15 -85.67 -80.31 -34.80
C ALA H 15 -84.99 -79.81 -36.07
N ASP H 16 -84.96 -80.67 -37.08
CA ASP H 16 -84.37 -80.34 -38.37
C ASP H 16 -84.98 -79.07 -38.95
N LYS H 17 -84.12 -78.08 -39.19
CA LYS H 17 -84.48 -76.85 -39.87
C LYS H 17 -83.88 -76.89 -41.26
N THR H 18 -84.73 -76.82 -42.28
CA THR H 18 -84.31 -76.93 -43.67
C THR H 18 -84.15 -75.55 -44.27
N PHE H 19 -82.98 -75.30 -44.87
CA PHE H 19 -82.68 -74.06 -45.55
C PHE H 19 -82.75 -74.33 -47.05
N GLU H 20 -83.78 -73.80 -47.71
CA GLU H 20 -83.95 -73.93 -49.15
C GLU H 20 -82.98 -73.00 -49.87
N PRO H 21 -82.45 -73.43 -51.02
CA PRO H 21 -81.57 -72.56 -51.81
C PRO H 21 -82.40 -71.52 -52.55
N GLN H 22 -82.34 -70.28 -52.07
CA GLN H 22 -83.06 -69.22 -52.77
C GLN H 22 -82.18 -68.47 -53.77
N ARG H 23 -80.86 -68.52 -53.61
CA ARG H 23 -79.93 -68.01 -54.62
C ARG H 23 -78.60 -68.75 -54.51
N GLY H 24 -78.03 -69.09 -55.67
CA GLY H 24 -76.75 -69.76 -55.70
C GLY H 24 -75.60 -68.78 -55.79
N GLN H 25 -74.38 -69.30 -55.63
CA GLN H 25 -73.20 -68.46 -55.64
C GLN H 25 -72.95 -67.88 -57.02
N ASN H 26 -72.98 -66.55 -57.12
CA ASN H 26 -72.91 -65.86 -58.41
C ASN H 26 -71.71 -66.32 -59.21
N GLY H 27 -70.55 -66.34 -58.59
CA GLY H 27 -69.28 -66.57 -59.22
C GLY H 27 -68.28 -66.42 -58.11
N VAL H 28 -67.34 -65.48 -58.24
CA VAL H 28 -66.48 -65.13 -57.11
C VAL H 28 -66.96 -63.87 -56.39
N THR H 29 -68.02 -63.25 -56.86
CA THR H 29 -68.46 -61.96 -56.32
C THR H 29 -69.50 -62.10 -55.21
N ASP H 30 -70.62 -62.79 -55.48
CA ASP H 30 -71.73 -62.84 -54.54
C ASP H 30 -71.87 -64.24 -53.95
N PRO H 31 -71.97 -64.36 -52.63
CA PRO H 31 -72.05 -65.69 -52.02
C PRO H 31 -73.40 -66.36 -52.27
N ALA H 32 -73.41 -67.68 -52.13
CA ALA H 32 -74.64 -68.44 -52.19
C ALA H 32 -75.43 -68.25 -50.90
N GLU H 33 -76.75 -68.24 -51.01
CA GLU H 33 -77.61 -67.94 -49.87
C GLU H 33 -78.77 -68.93 -49.79
N TRP H 34 -79.11 -69.29 -48.55
CA TRP H 34 -80.15 -70.26 -48.24
C TRP H 34 -81.06 -69.65 -47.18
N TRP H 35 -82.37 -69.93 -47.31
CA TRP H 35 -83.41 -69.33 -46.49
C TRP H 35 -84.24 -70.42 -45.82
N GLU H 36 -84.45 -70.31 -44.51
CA GLU H 36 -85.22 -71.33 -43.80
C GLU H 36 -86.70 -71.27 -44.18
N LYS H 37 -87.28 -70.08 -44.16
CA LYS H 37 -88.66 -69.85 -44.56
C LYS H 37 -89.64 -70.62 -43.68
N SER H 38 -89.35 -70.68 -42.37
CA SER H 38 -90.26 -71.34 -41.45
C SER H 38 -91.31 -70.37 -40.92
N SER H 39 -90.88 -69.24 -40.35
CA SER H 39 -91.79 -68.25 -39.78
C SER H 39 -92.73 -67.68 -40.86
N PRO H 40 -93.89 -67.16 -40.46
CA PRO H 40 -94.80 -66.56 -41.47
C PRO H 40 -94.32 -65.23 -42.00
N THR H 41 -93.59 -64.46 -41.20
CA THR H 41 -93.03 -63.21 -41.66
C THR H 41 -91.67 -63.44 -42.29
N LEU H 42 -91.30 -62.55 -43.22
CA LEU H 42 -89.96 -62.60 -43.79
C LEU H 42 -88.89 -62.33 -42.73
N ASN H 43 -89.28 -61.74 -41.60
CA ASN H 43 -88.33 -61.46 -40.53
C ASN H 43 -87.68 -62.72 -40.00
N GLY H 44 -88.48 -63.76 -39.78
CA GLY H 44 -88.07 -65.00 -39.14
C GLY H 44 -87.46 -66.06 -40.04
N TYR H 45 -87.13 -65.72 -41.28
CA TYR H 45 -86.34 -66.61 -42.10
C TYR H 45 -84.91 -66.65 -41.57
N ARG H 46 -84.40 -67.86 -41.29
CA ARG H 46 -83.00 -68.00 -40.92
C ARG H 46 -82.15 -68.08 -42.19
N ARG H 47 -80.91 -67.60 -42.12
CA ARG H 47 -80.10 -67.43 -43.32
C ARG H 47 -78.77 -68.17 -43.25
N LEU H 48 -78.28 -68.60 -44.43
CA LEU H 48 -76.98 -69.23 -44.55
C LEU H 48 -76.31 -68.75 -45.82
N THR H 49 -75.11 -68.16 -45.70
CA THR H 49 -74.35 -67.70 -46.85
C THR H 49 -73.01 -68.44 -46.91
N ALA H 50 -72.61 -68.83 -48.12
CA ALA H 50 -71.33 -69.51 -48.33
C ALA H 50 -70.70 -69.07 -49.64
N LEU H 51 -69.43 -68.66 -49.56
CA LEU H 51 -68.66 -68.17 -50.70
C LEU H 51 -67.29 -68.82 -50.71
N VAL H 52 -66.85 -69.25 -51.90
CA VAL H 52 -65.54 -69.88 -52.10
C VAL H 52 -64.82 -69.12 -53.20
N ARG H 53 -63.76 -68.41 -52.85
CA ARG H 53 -63.10 -67.50 -53.80
C ARG H 53 -61.60 -67.64 -53.67
N ARG H 54 -60.90 -67.67 -54.81
CA ARG H 54 -59.44 -67.76 -54.81
C ARG H 54 -58.85 -66.36 -54.87
N ASN H 55 -58.24 -65.94 -53.77
CA ASN H 55 -57.43 -64.73 -53.80
C ASN H 55 -56.12 -65.06 -54.52
N ALA H 56 -55.99 -64.51 -55.74
CA ALA H 56 -54.88 -64.87 -56.61
C ALA H 56 -53.57 -64.23 -56.17
N ALA H 57 -53.66 -63.04 -55.55
CA ALA H 57 -52.47 -62.42 -54.99
C ALA H 57 -51.87 -63.29 -53.91
N SER H 58 -52.65 -63.58 -52.87
CA SER H 58 -52.18 -64.39 -51.75
C SER H 58 -52.03 -65.87 -52.10
N LYS H 59 -52.33 -66.24 -53.34
CA LYS H 59 -52.31 -67.64 -53.77
C LYS H 59 -53.00 -68.52 -52.73
N SER H 60 -54.27 -68.20 -52.48
CA SER H 60 -55.00 -68.95 -51.47
C SER H 60 -56.48 -68.97 -51.83
N VAL H 61 -57.22 -69.78 -51.09
CA VAL H 61 -58.66 -69.92 -51.26
C VAL H 61 -59.32 -69.57 -49.95
N LYS H 62 -60.19 -68.55 -49.96
CA LYS H 62 -60.99 -68.19 -48.81
C LYS H 62 -62.35 -68.87 -48.93
N VAL H 63 -62.85 -69.35 -47.79
CA VAL H 63 -64.16 -69.96 -47.68
C VAL H 63 -64.89 -69.29 -46.52
N LYS H 64 -65.94 -68.52 -46.85
CA LYS H 64 -66.69 -67.75 -45.87
C LYS H 64 -68.11 -68.29 -45.74
N VAL H 65 -68.52 -68.59 -44.50
CA VAL H 65 -69.85 -69.09 -44.20
C VAL H 65 -70.44 -68.25 -43.08
N ALA H 66 -71.72 -67.94 -43.18
CA ALA H 66 -72.41 -67.19 -42.14
C ALA H 66 -73.78 -67.80 -41.91
N ILE H 67 -74.18 -67.86 -40.63
CA ILE H 67 -75.48 -68.37 -40.22
C ILE H 67 -76.15 -67.30 -39.39
N TYR H 68 -77.31 -66.82 -39.86
CA TYR H 68 -78.07 -65.75 -39.22
C TYR H 68 -79.35 -66.32 -38.64
N ASP H 69 -79.50 -66.25 -37.31
CA ASP H 69 -80.72 -66.70 -36.64
C ASP H 69 -81.43 -65.51 -36.02
N PRO H 70 -82.57 -65.07 -36.54
CA PRO H 70 -83.26 -63.93 -35.94
C PRO H 70 -84.25 -64.36 -34.86
N THR H 71 -84.40 -63.51 -33.86
CA THR H 71 -85.44 -63.65 -32.86
C THR H 71 -86.31 -62.40 -32.89
N LEU H 72 -87.61 -62.61 -33.03
CA LEU H 72 -88.60 -61.57 -33.23
C LEU H 72 -89.26 -61.19 -31.91
N ALA H 73 -89.93 -60.04 -31.94
CA ALA H 73 -90.65 -59.57 -30.77
C ALA H 73 -91.76 -58.65 -31.23
N VAL H 74 -92.89 -58.73 -30.55
CA VAL H 74 -94.03 -57.89 -30.84
C VAL H 74 -94.16 -56.84 -29.74
N THR H 75 -94.79 -55.71 -30.07
CA THR H 75 -95.06 -54.69 -29.05
C THR H 75 -95.82 -55.28 -27.87
N ALA H 76 -96.77 -56.18 -28.14
CA ALA H 76 -97.63 -56.75 -27.14
C ALA H 76 -98.03 -58.14 -27.59
N PRO H 77 -98.30 -59.06 -26.66
CA PRO H 77 -98.57 -60.45 -27.05
C PRO H 77 -99.79 -60.55 -27.94
N SER H 78 -99.78 -61.56 -28.81
CA SER H 78 -100.79 -61.73 -29.84
C SER H 78 -102.14 -62.12 -29.24
N THR H 79 -103.23 -61.67 -29.88
CA THR H 79 -104.59 -61.97 -29.41
C THR H 79 -105.36 -62.94 -30.29
N ALA H 80 -105.06 -63.01 -31.59
CA ALA H 80 -105.75 -63.85 -32.57
C ALA H 80 -107.19 -63.42 -32.82
N SER H 81 -107.57 -62.19 -32.45
CA SER H 81 -108.93 -61.72 -32.65
C SER H 81 -109.03 -60.52 -33.57
N GLY H 82 -108.39 -59.40 -33.21
CA GLY H 82 -108.44 -58.19 -34.01
C GLY H 82 -107.10 -57.91 -34.65
N ILE H 83 -107.01 -56.72 -35.26
CA ILE H 83 -105.75 -56.29 -35.86
C ILE H 83 -104.70 -56.22 -34.78
N GLN H 84 -103.56 -56.85 -35.04
CA GLN H 84 -102.53 -57.06 -34.05
C GLN H 84 -101.24 -56.38 -34.48
N PRO H 85 -100.32 -56.14 -33.53
CA PRO H 85 -99.06 -55.46 -33.89
C PRO H 85 -98.18 -56.36 -34.73
N SER H 86 -97.72 -55.84 -35.86
CA SER H 86 -96.75 -56.57 -36.67
C SER H 86 -95.44 -56.69 -35.91
N PRO H 87 -94.69 -57.77 -36.14
CA PRO H 87 -93.51 -58.06 -35.30
C PRO H 87 -92.25 -57.40 -35.82
N THR H 88 -91.47 -56.86 -34.89
CA THR H 88 -90.16 -56.31 -35.19
C THR H 88 -89.10 -57.39 -34.97
N VAL H 89 -87.93 -57.15 -35.55
CA VAL H 89 -86.78 -58.03 -35.33
C VAL H 89 -86.13 -57.59 -34.02
N ALA H 90 -86.28 -58.41 -32.99
CA ALA H 90 -85.66 -58.08 -31.70
C ALA H 90 -84.15 -58.12 -31.80
N PHE H 91 -83.58 -59.24 -32.24
CA PHE H 91 -82.14 -59.32 -32.42
C PHE H 91 -81.80 -60.45 -33.38
N THR H 92 -80.52 -60.61 -33.65
CA THR H 92 -80.03 -61.66 -34.53
C THR H 92 -78.76 -62.25 -33.95
N CYS H 93 -78.66 -63.58 -33.99
CA CYS H 93 -77.47 -64.31 -33.55
C CYS H 93 -76.73 -64.80 -34.77
N PRO H 94 -75.63 -64.19 -35.14
CA PRO H 94 -74.80 -64.74 -36.22
C PRO H 94 -73.62 -65.57 -35.75
N VAL H 95 -73.30 -66.55 -36.61
CA VAL H 95 -72.00 -67.22 -36.67
C VAL H 95 -71.32 -66.82 -37.97
N PHE H 96 -70.04 -66.50 -37.89
CA PHE H 96 -69.19 -66.33 -39.06
C PHE H 96 -68.06 -67.33 -38.99
N ILE H 97 -67.80 -68.02 -40.10
CA ILE H 97 -66.76 -69.03 -40.21
C ILE H 97 -65.93 -68.70 -41.43
N GLU H 98 -64.61 -68.66 -41.25
CA GLU H 98 -63.68 -68.40 -42.35
C GLU H 98 -62.56 -69.42 -42.32
N PHE H 99 -62.38 -70.12 -43.44
CA PHE H 99 -61.20 -70.95 -43.68
C PHE H 99 -60.34 -70.27 -44.71
N THR H 100 -59.02 -70.34 -44.53
CA THR H 100 -58.14 -69.95 -45.62
C THR H 100 -57.16 -71.09 -45.91
N LEU H 101 -57.07 -71.46 -47.17
CA LEU H 101 -56.29 -72.62 -47.60
C LEU H 101 -55.28 -72.19 -48.66
N PRO H 102 -53.99 -72.15 -48.34
CA PRO H 102 -53.00 -71.74 -49.34
C PRO H 102 -53.01 -72.65 -50.55
N ASP H 103 -52.50 -72.13 -51.66
CA ASP H 103 -52.64 -72.84 -52.93
C ASP H 103 -51.90 -74.17 -52.90
N ALA H 104 -50.74 -74.22 -52.26
CA ALA H 104 -49.97 -75.45 -52.16
C ALA H 104 -50.36 -76.23 -50.90
N CYS H 105 -51.64 -76.61 -50.84
CA CYS H 105 -52.23 -77.21 -49.66
C CYS H 105 -52.75 -78.60 -49.98
N THR H 106 -52.52 -79.55 -49.07
CA THR H 106 -52.96 -80.92 -49.27
C THR H 106 -54.45 -81.05 -49.02
N ILE H 107 -55.09 -81.93 -49.80
CA ILE H 107 -56.45 -82.32 -49.50
C ILE H 107 -56.54 -82.88 -48.08
N GLN H 108 -55.48 -83.57 -47.64
CA GLN H 108 -55.46 -84.08 -46.28
C GLN H 108 -55.41 -82.95 -45.26
N ASN H 109 -54.69 -81.87 -45.58
CA ASN H 109 -54.68 -80.71 -44.68
C ASN H 109 -56.06 -80.06 -44.62
N ARG H 110 -56.77 -80.00 -45.76
CA ARG H 110 -58.13 -79.43 -45.75
C ARG H 110 -59.05 -80.28 -44.88
N LYS H 111 -58.99 -81.60 -45.05
CA LYS H 111 -59.78 -82.50 -44.21
C LYS H 111 -59.45 -82.28 -42.73
N ASP H 112 -58.15 -82.18 -42.41
CA ASP H 112 -57.71 -81.92 -41.05
C ASP H 112 -58.36 -80.67 -40.48
N ILE H 113 -58.26 -79.56 -41.19
CA ILE H 113 -58.70 -78.28 -40.64
C ILE H 113 -60.22 -78.27 -40.46
N LEU H 114 -60.95 -78.81 -41.43
CA LEU H 114 -62.41 -78.88 -41.28
C LEU H 114 -62.79 -79.77 -40.11
N ALA H 115 -62.06 -80.87 -39.92
CA ALA H 115 -62.34 -81.76 -38.80
C ALA H 115 -62.07 -81.08 -37.46
N TYR H 116 -60.97 -80.33 -37.37
CA TYR H 116 -60.67 -79.59 -36.14
C TYR H 116 -61.81 -78.62 -35.82
N ALA H 117 -62.28 -77.90 -36.83
CA ALA H 117 -63.39 -76.97 -36.62
C ALA H 117 -64.64 -77.68 -36.13
N LYS H 118 -65.06 -78.74 -36.83
CA LYS H 118 -66.34 -79.37 -36.50
C LYS H 118 -66.27 -80.08 -35.14
N ASN H 119 -65.16 -80.79 -34.87
CA ASN H 119 -65.04 -81.49 -33.59
C ASN H 119 -64.96 -80.49 -32.43
N PHE H 120 -64.28 -79.36 -32.64
CA PHE H 120 -64.26 -78.35 -31.59
C PHE H 120 -65.67 -77.81 -31.34
N LEU H 121 -66.39 -77.45 -32.39
CA LEU H 121 -67.73 -76.89 -32.18
C LEU H 121 -68.65 -77.89 -31.50
N ALA H 122 -68.46 -79.19 -31.76
CA ALA H 122 -69.19 -80.19 -30.99
C ALA H 122 -68.71 -80.24 -29.54
N SER H 123 -67.46 -79.85 -29.28
CA SER H 123 -66.87 -80.07 -27.97
C SER H 123 -67.57 -79.29 -26.84
N ALA H 124 -67.56 -79.89 -25.66
CA ALA H 124 -68.16 -79.28 -24.49
C ALA H 124 -67.42 -78.01 -24.06
N THR H 125 -66.16 -77.84 -24.44
CA THR H 125 -65.50 -76.56 -24.16
C THR H 125 -66.09 -75.45 -25.01
N ALA H 126 -66.38 -75.74 -26.28
CA ALA H 126 -67.12 -74.80 -27.11
C ALA H 126 -68.51 -74.53 -26.52
N THR H 127 -69.13 -75.56 -25.94
CA THR H 127 -70.43 -75.34 -25.32
C THR H 127 -70.32 -74.41 -24.11
N ASP H 128 -69.42 -74.71 -23.17
CA ASP H 128 -69.13 -73.81 -22.05
C ASP H 128 -68.84 -72.39 -22.56
N LEU H 129 -68.19 -72.30 -23.72
CA LEU H 129 -67.75 -71.01 -24.25
C LEU H 129 -68.92 -70.18 -24.76
N VAL H 130 -69.76 -70.75 -25.62
CA VAL H 130 -70.79 -69.99 -26.33
C VAL H 130 -72.15 -70.13 -25.68
N VAL H 131 -72.58 -71.36 -25.38
CA VAL H 131 -73.88 -71.56 -24.77
C VAL H 131 -73.90 -70.95 -23.38
N ASN H 132 -72.91 -71.30 -22.57
CA ASN H 132 -72.89 -70.88 -21.17
C ASN H 132 -72.47 -69.42 -21.01
N THR H 133 -71.83 -68.82 -22.05
CA THR H 133 -71.32 -67.45 -22.04
C THR H 133 -70.27 -67.27 -20.95
N ALA H 134 -69.26 -68.12 -20.98
CA ALA H 134 -68.27 -68.14 -19.93
C ALA H 134 -66.92 -68.42 -20.58
N PRO H 135 -65.92 -67.59 -20.37
CA PRO H 135 -64.61 -67.85 -20.95
C PRO H 135 -63.78 -68.80 -20.09
N GLN H 136 -62.64 -69.18 -20.65
CA GLN H 136 -61.75 -70.17 -20.06
C GLN H 136 -60.69 -69.44 -19.21
N TYR H 137 -60.86 -69.47 -17.89
CA TYR H 137 -59.99 -68.68 -17.02
C TYR H 137 -58.91 -69.52 -16.32
N GLN I 1 -77.25 -74.18 -67.70
CA GLN I 1 -76.79 -74.05 -66.31
C GLN I 1 -75.44 -74.72 -66.24
N ILE I 2 -74.71 -74.55 -65.15
CA ILE I 2 -73.31 -74.95 -65.09
C ILE I 2 -73.20 -76.29 -64.39
N ALA I 3 -72.49 -77.22 -65.03
CA ALA I 3 -72.11 -78.49 -64.45
C ALA I 3 -70.72 -78.82 -64.97
N ASN I 4 -70.07 -79.79 -64.33
CA ASN I 4 -68.71 -80.12 -64.72
C ASN I 4 -68.70 -80.69 -66.14
N VAL I 5 -67.57 -80.55 -66.82
CA VAL I 5 -67.42 -80.99 -68.20
C VAL I 5 -66.35 -82.07 -68.26
N VAL I 6 -66.58 -83.09 -69.09
CA VAL I 6 -65.70 -84.25 -69.13
C VAL I 6 -65.04 -84.31 -70.50
N LEU I 7 -63.71 -84.21 -70.53
CA LEU I 7 -62.94 -84.19 -71.77
C LEU I 7 -62.01 -85.38 -71.81
N ALA I 8 -62.02 -86.10 -72.92
CA ALA I 8 -61.18 -87.29 -73.06
C ALA I 8 -59.81 -86.89 -73.57
N ASP I 9 -58.77 -87.36 -72.89
CA ASP I 9 -57.41 -86.98 -73.24
C ASP I 9 -56.94 -87.74 -74.48
N GLY I 10 -55.75 -87.40 -74.93
CA GLY I 10 -55.18 -88.03 -76.10
C GLY I 10 -54.30 -89.19 -75.68
N GLN I 11 -54.77 -90.41 -75.93
CA GLN I 11 -54.04 -91.64 -75.70
C GLN I 11 -54.59 -92.67 -76.68
N ALA I 12 -54.05 -93.89 -76.59
CA ALA I 12 -54.69 -95.02 -77.26
C ALA I 12 -56.12 -95.16 -76.82
N ALA I 13 -56.31 -95.34 -75.55
CA ALA I 13 -57.60 -95.39 -74.93
C ALA I 13 -57.78 -94.10 -74.18
N PRO I 14 -58.80 -93.33 -74.53
CA PRO I 14 -59.02 -92.05 -73.86
C PRO I 14 -59.32 -92.28 -72.39
N ALA I 15 -58.83 -91.37 -71.57
CA ALA I 15 -59.09 -91.35 -70.14
C ALA I 15 -59.80 -90.05 -69.84
N ASP I 16 -61.03 -90.15 -69.37
CA ASP I 16 -61.86 -88.98 -69.14
C ASP I 16 -61.30 -88.16 -67.99
N LYS I 17 -61.03 -86.89 -68.25
CA LYS I 17 -60.66 -85.93 -67.22
C LYS I 17 -61.85 -85.03 -66.97
N THR I 18 -62.26 -84.94 -65.71
CA THR I 18 -63.44 -84.18 -65.31
C THR I 18 -63.04 -82.83 -64.77
N PHE I 19 -63.64 -81.77 -65.29
CA PHE I 19 -63.42 -80.39 -64.86
C PHE I 19 -64.64 -79.96 -64.07
N GLU I 20 -64.49 -79.87 -62.75
CA GLU I 20 -65.54 -79.42 -61.84
C GLU I 20 -65.57 -77.89 -61.78
N PRO I 21 -66.74 -77.28 -61.82
CA PRO I 21 -66.81 -75.81 -61.92
C PRO I 21 -66.35 -75.12 -60.64
N GLN I 22 -65.69 -73.98 -60.83
CA GLN I 22 -65.24 -73.13 -59.74
C GLN I 22 -65.84 -71.74 -59.76
N ARG I 23 -66.27 -71.25 -60.93
CA ARG I 23 -66.86 -69.93 -61.09
C ARG I 23 -67.99 -69.98 -62.09
N GLY I 24 -69.05 -69.24 -61.81
CA GLY I 24 -70.04 -68.92 -62.80
C GLY I 24 -69.70 -67.63 -63.51
N GLN I 25 -70.12 -67.52 -64.77
CA GLN I 25 -69.92 -66.28 -65.51
C GLN I 25 -70.82 -65.20 -64.93
N ASN I 26 -70.20 -64.09 -64.52
CA ASN I 26 -70.91 -62.97 -63.91
C ASN I 26 -70.71 -61.74 -64.80
N GLY I 27 -71.82 -61.19 -65.32
CA GLY I 27 -71.70 -60.06 -66.21
C GLY I 27 -71.03 -60.44 -67.51
N VAL I 28 -70.06 -59.64 -67.94
CA VAL I 28 -69.25 -59.98 -69.11
C VAL I 28 -67.77 -59.84 -68.77
N THR I 29 -67.48 -59.23 -67.62
CA THR I 29 -66.08 -59.09 -67.22
C THR I 29 -65.48 -60.44 -66.83
N ASP I 30 -66.25 -61.27 -66.13
CA ASP I 30 -65.73 -62.45 -65.46
C ASP I 30 -66.10 -63.71 -66.23
N PRO I 31 -65.16 -64.54 -66.66
CA PRO I 31 -65.52 -65.82 -67.29
C PRO I 31 -65.74 -66.93 -66.28
N ALA I 32 -66.51 -67.93 -66.69
CA ALA I 32 -66.74 -69.10 -65.86
C ALA I 32 -65.57 -70.07 -65.98
N GLU I 33 -65.18 -70.67 -64.84
CA GLU I 33 -63.96 -71.45 -64.76
C GLU I 33 -64.22 -72.84 -64.19
N TRP I 34 -63.47 -73.83 -64.72
CA TRP I 34 -63.54 -75.23 -64.33
C TRP I 34 -62.14 -75.74 -64.01
N TRP I 35 -62.02 -76.55 -62.96
CA TRP I 35 -60.75 -77.07 -62.46
C TRP I 35 -60.76 -78.59 -62.46
N GLU I 36 -59.64 -79.21 -62.87
CA GLU I 36 -59.62 -80.67 -62.97
C GLU I 36 -59.44 -81.36 -61.62
N LYS I 37 -58.56 -80.83 -60.78
CA LYS I 37 -58.31 -81.38 -59.45
C LYS I 37 -57.62 -82.75 -59.53
N SER I 38 -56.84 -82.99 -60.58
CA SER I 38 -56.21 -84.30 -60.69
C SER I 38 -54.98 -84.39 -59.78
N SER I 39 -54.06 -83.44 -59.88
CA SER I 39 -52.84 -83.43 -59.07
C SER I 39 -53.15 -82.99 -57.65
N PRO I 40 -52.24 -83.22 -56.68
CA PRO I 40 -52.54 -82.81 -55.30
C PRO I 40 -52.60 -81.30 -55.07
N THR I 41 -51.67 -80.51 -55.62
CA THR I 41 -51.66 -79.06 -55.42
C THR I 41 -52.40 -78.36 -56.55
N LEU I 42 -52.58 -77.03 -56.41
CA LEU I 42 -53.32 -76.30 -57.44
C LEU I 42 -52.57 -76.31 -58.77
N ASN I 43 -51.26 -76.16 -58.74
CA ASN I 43 -50.50 -76.00 -59.98
C ASN I 43 -50.78 -77.13 -60.96
N GLY I 44 -51.17 -78.32 -60.47
CA GLY I 44 -51.46 -79.45 -61.33
C GLY I 44 -52.86 -79.49 -61.91
N TYR I 45 -53.79 -78.71 -61.35
CA TYR I 45 -55.14 -78.61 -61.91
C TYR I 45 -55.09 -78.17 -63.37
N ARG I 46 -55.88 -78.83 -64.22
CA ARG I 46 -56.10 -78.35 -65.58
C ARG I 46 -57.29 -77.40 -65.57
N ARG I 47 -57.20 -76.34 -66.36
CA ARG I 47 -58.20 -75.27 -66.32
C ARG I 47 -59.00 -75.17 -67.61
N LEU I 48 -60.26 -74.76 -67.46
CA LEU I 48 -61.13 -74.44 -68.60
C LEU I 48 -61.90 -73.16 -68.30
N THR I 49 -61.72 -72.14 -69.14
CA THR I 49 -62.44 -70.87 -68.99
C THR I 49 -63.36 -70.65 -70.18
N ALA I 50 -64.55 -70.11 -69.92
CA ALA I 50 -65.51 -69.85 -70.98
C ALA I 50 -66.29 -68.58 -70.66
N LEU I 51 -66.35 -67.69 -71.65
CA LEU I 51 -66.97 -66.38 -71.48
C LEU I 51 -67.75 -66.04 -72.75
N VAL I 52 -69.04 -65.78 -72.59
CA VAL I 52 -69.89 -65.27 -73.67
C VAL I 52 -70.21 -63.81 -73.35
N ARG I 53 -69.67 -62.89 -74.14
CA ARG I 53 -69.87 -61.46 -73.92
C ARG I 53 -70.40 -60.82 -75.18
N ARG I 54 -71.45 -60.02 -75.05
CA ARG I 54 -71.93 -59.28 -76.21
C ARG I 54 -71.09 -58.03 -76.39
N ASN I 55 -70.57 -57.84 -77.61
CA ASN I 55 -69.87 -56.63 -78.01
C ASN I 55 -70.85 -55.78 -78.80
N ALA I 56 -71.20 -54.61 -78.25
CA ALA I 56 -72.21 -53.75 -78.84
C ALA I 56 -71.66 -52.93 -79.99
N ALA I 57 -70.34 -52.71 -80.01
CA ALA I 57 -69.72 -52.00 -81.12
C ALA I 57 -69.96 -52.73 -82.43
N SER I 58 -69.60 -54.01 -82.49
CA SER I 58 -69.77 -54.83 -83.68
C SER I 58 -71.18 -55.37 -83.82
N LYS I 59 -72.09 -55.06 -82.90
CA LYS I 59 -73.42 -55.65 -82.84
C LYS I 59 -73.32 -57.17 -82.99
N SER I 60 -72.60 -57.78 -82.06
CA SER I 60 -72.32 -59.20 -82.19
C SER I 60 -72.03 -59.79 -80.82
N VAL I 61 -71.95 -61.12 -80.79
CA VAL I 61 -71.66 -61.88 -79.58
C VAL I 61 -70.30 -62.56 -79.75
N LYS I 62 -69.45 -62.49 -78.73
CA LYS I 62 -68.17 -63.19 -78.74
C LYS I 62 -68.22 -64.34 -77.74
N VAL I 63 -67.57 -65.45 -78.10
CA VAL I 63 -67.47 -66.62 -77.25
C VAL I 63 -65.99 -67.00 -77.16
N LYS I 64 -65.42 -66.90 -75.97
CA LYS I 64 -64.02 -67.19 -75.73
C LYS I 64 -63.90 -68.41 -74.81
N VAL I 65 -63.11 -69.39 -75.24
CA VAL I 65 -62.85 -70.59 -74.47
C VAL I 65 -61.34 -70.78 -74.39
N ALA I 66 -60.86 -71.26 -73.24
CA ALA I 66 -59.46 -71.51 -73.04
C ALA I 66 -59.27 -72.81 -72.26
N ILE I 67 -58.31 -73.62 -72.69
CA ILE I 67 -57.96 -74.86 -72.00
C ILE I 67 -56.48 -74.81 -71.68
N TYR I 68 -56.15 -74.83 -70.38
CA TYR I 68 -54.77 -74.80 -69.91
C TYR I 68 -54.41 -76.18 -69.35
N ASP I 69 -53.43 -76.85 -69.97
CA ASP I 69 -52.91 -78.14 -69.52
C ASP I 69 -51.48 -77.96 -69.01
N PRO I 70 -51.24 -77.89 -67.69
CA PRO I 70 -49.88 -77.70 -67.20
C PRO I 70 -49.18 -79.02 -66.89
N THR I 71 -47.87 -79.10 -67.10
CA THR I 71 -47.08 -80.26 -66.69
C THR I 71 -46.09 -79.81 -65.63
N LEU I 72 -45.99 -80.56 -64.54
CA LEU I 72 -45.13 -80.17 -63.45
C LEU I 72 -43.68 -80.53 -63.75
N ALA I 73 -42.77 -79.86 -63.05
CA ALA I 73 -41.35 -80.12 -63.24
C ALA I 73 -40.87 -81.21 -62.29
N VAL I 74 -39.78 -81.86 -62.68
CA VAL I 74 -39.20 -82.95 -61.89
C VAL I 74 -38.40 -82.35 -60.74
N THR I 75 -38.80 -82.68 -59.52
CA THR I 75 -38.20 -82.10 -58.32
C THR I 75 -37.19 -83.05 -57.70
N ALA I 76 -36.43 -82.52 -56.76
CA ALA I 76 -35.39 -83.25 -56.03
C ALA I 76 -35.60 -83.07 -54.54
N PRO I 77 -35.28 -84.08 -53.74
CA PRO I 77 -35.52 -83.96 -52.28
C PRO I 77 -34.67 -82.89 -51.62
N SER I 78 -33.43 -82.71 -52.06
CA SER I 78 -32.52 -81.73 -51.46
C SER I 78 -32.48 -80.50 -52.34
N THR I 79 -33.07 -79.40 -51.86
CA THR I 79 -32.96 -78.10 -52.48
C THR I 79 -31.85 -77.32 -51.81
N ALA I 80 -31.14 -76.49 -52.58
CA ALA I 80 -30.06 -75.73 -51.99
C ALA I 80 -30.56 -74.77 -50.92
N SER I 81 -29.78 -74.66 -49.86
CA SER I 81 -30.01 -73.67 -48.82
C SER I 81 -31.46 -73.65 -48.39
N GLY I 82 -31.98 -74.83 -48.05
CA GLY I 82 -33.30 -74.77 -47.49
C GLY I 82 -34.09 -76.06 -47.71
N ILE I 83 -35.35 -75.85 -47.98
CA ILE I 83 -36.36 -76.87 -47.79
C ILE I 83 -36.63 -77.60 -49.10
N GLN I 84 -37.15 -78.82 -48.96
CA GLN I 84 -37.62 -79.58 -50.13
C GLN I 84 -38.68 -78.76 -50.88
N PRO I 85 -38.61 -78.68 -52.21
CA PRO I 85 -39.40 -77.68 -52.91
C PRO I 85 -40.84 -78.11 -53.10
N SER I 86 -41.74 -77.13 -53.08
CA SER I 86 -43.12 -77.38 -53.41
C SER I 86 -43.25 -77.61 -54.92
N PRO I 87 -44.26 -78.36 -55.36
CA PRO I 87 -44.34 -78.70 -56.78
C PRO I 87 -44.62 -77.45 -57.61
N THR I 88 -43.87 -77.30 -58.70
CA THR I 88 -43.94 -76.12 -59.54
C THR I 88 -44.23 -76.52 -60.98
N VAL I 89 -44.78 -75.56 -61.73
CA VAL I 89 -45.11 -75.79 -63.14
C VAL I 89 -43.86 -75.56 -63.97
N ALA I 90 -43.52 -76.54 -64.82
CA ALA I 90 -42.41 -76.35 -65.74
C ALA I 90 -42.86 -75.65 -67.01
N PHE I 91 -44.01 -76.05 -67.55
CA PHE I 91 -44.62 -75.36 -68.68
C PHE I 91 -46.08 -75.75 -68.74
N THR I 92 -46.80 -75.10 -69.66
CA THR I 92 -48.23 -75.31 -69.79
C THR I 92 -48.59 -75.15 -71.26
N CYS I 93 -49.51 -76.01 -71.73
CA CYS I 93 -49.99 -75.98 -73.12
C CYS I 93 -51.39 -75.41 -73.17
N PRO I 94 -51.58 -74.21 -73.70
CA PRO I 94 -52.93 -73.68 -73.88
C PRO I 94 -53.51 -73.83 -75.27
N VAL I 95 -54.84 -73.98 -75.29
CA VAL I 95 -55.69 -73.70 -76.43
C VAL I 95 -56.50 -72.45 -76.13
N PHE I 96 -56.63 -71.58 -77.12
CA PHE I 96 -57.62 -70.51 -77.13
C PHE I 96 -58.54 -70.70 -78.32
N ILE I 97 -59.84 -70.49 -78.10
CA ILE I 97 -60.85 -70.63 -79.14
C ILE I 97 -61.76 -69.42 -79.04
N GLU I 98 -61.98 -68.74 -80.17
CA GLU I 98 -62.86 -67.58 -80.21
C GLU I 98 -63.84 -67.71 -81.37
N PHE I 99 -65.12 -67.79 -81.06
CA PHE I 99 -66.20 -67.67 -82.04
C PHE I 99 -66.72 -66.25 -82.00
N THR I 100 -67.06 -65.70 -83.17
CA THR I 100 -67.87 -64.48 -83.16
C THR I 100 -69.10 -64.67 -84.02
N LEU I 101 -70.23 -64.19 -83.51
CA LEU I 101 -71.55 -64.44 -84.12
C LEU I 101 -72.31 -63.13 -84.22
N PRO I 102 -72.57 -62.63 -85.42
CA PRO I 102 -73.30 -61.35 -85.55
C PRO I 102 -74.75 -61.49 -85.09
N ASP I 103 -75.37 -60.34 -84.86
CA ASP I 103 -76.73 -60.34 -84.33
C ASP I 103 -77.73 -60.86 -85.36
N ALA I 104 -77.44 -60.70 -86.65
CA ALA I 104 -78.36 -61.09 -87.70
C ALA I 104 -78.17 -62.53 -88.15
N CYS I 105 -77.54 -63.38 -87.33
CA CYS I 105 -77.15 -64.71 -87.78
C CYS I 105 -78.21 -65.75 -87.41
N THR I 106 -78.16 -66.87 -88.13
CA THR I 106 -79.15 -67.95 -87.95
C THR I 106 -78.63 -68.99 -86.96
N ILE I 107 -79.59 -69.64 -86.30
CA ILE I 107 -79.27 -70.83 -85.51
C ILE I 107 -78.56 -71.86 -86.38
N GLN I 108 -78.94 -71.94 -87.66
CA GLN I 108 -78.25 -72.82 -88.58
C GLN I 108 -76.81 -72.40 -88.78
N ASN I 109 -76.55 -71.10 -88.87
CA ASN I 109 -75.17 -70.63 -89.04
C ASN I 109 -74.33 -70.96 -87.82
N ARG I 110 -74.89 -70.80 -86.61
CA ARG I 110 -74.14 -71.13 -85.41
C ARG I 110 -73.79 -72.61 -85.36
N LYS I 111 -74.77 -73.47 -85.67
CA LYS I 111 -74.50 -74.92 -85.68
C LYS I 111 -73.45 -75.24 -86.74
N ASP I 112 -73.55 -74.63 -87.92
CA ASP I 112 -72.55 -74.79 -88.96
C ASP I 112 -71.15 -74.50 -88.43
N ILE I 113 -70.97 -73.30 -87.84
CA ILE I 113 -69.62 -72.86 -87.49
C ILE I 113 -69.04 -73.77 -86.41
N LEU I 114 -69.86 -74.14 -85.41
CA LEU I 114 -69.35 -75.00 -84.36
C LEU I 114 -68.98 -76.37 -84.88
N ALA I 115 -69.80 -76.93 -85.78
CA ALA I 115 -69.49 -78.24 -86.34
C ALA I 115 -68.24 -78.19 -87.18
N TYR I 116 -68.04 -77.10 -87.94
CA TYR I 116 -66.80 -76.95 -88.70
C TYR I 116 -65.60 -77.00 -87.78
N ALA I 117 -65.68 -76.27 -86.66
CA ALA I 117 -64.58 -76.27 -85.70
C ALA I 117 -64.30 -77.67 -85.15
N LYS I 118 -65.35 -78.36 -84.64
CA LYS I 118 -65.10 -79.65 -84.00
C LYS I 118 -64.62 -80.69 -85.01
N ASN I 119 -65.19 -80.71 -86.22
CA ASN I 119 -64.79 -81.69 -87.21
C ASN I 119 -63.36 -81.43 -87.68
N PHE I 120 -62.97 -80.16 -87.84
CA PHE I 120 -61.59 -79.90 -88.18
C PHE I 120 -60.65 -80.37 -87.08
N LEU I 121 -60.95 -80.03 -85.82
CA LEU I 121 -60.07 -80.44 -84.73
C LEU I 121 -59.94 -81.95 -84.63
N ALA I 122 -60.99 -82.68 -84.99
CA ALA I 122 -60.85 -84.14 -85.10
C ALA I 122 -59.99 -84.53 -86.29
N SER I 123 -60.01 -83.73 -87.36
CA SER I 123 -59.40 -84.15 -88.63
C SER I 123 -57.92 -84.41 -88.51
N ALA I 124 -57.44 -85.33 -89.34
CA ALA I 124 -56.04 -85.71 -89.32
C ALA I 124 -55.12 -84.56 -89.70
N THR I 125 -55.61 -83.59 -90.49
CA THR I 125 -54.79 -82.42 -90.80
C THR I 125 -54.59 -81.55 -89.57
N ALA I 126 -55.62 -81.40 -88.72
CA ALA I 126 -55.39 -80.73 -87.44
C ALA I 126 -54.45 -81.55 -86.57
N THR I 127 -54.57 -82.89 -86.61
CA THR I 127 -53.65 -83.71 -85.83
C THR I 127 -52.20 -83.53 -86.30
N ASP I 128 -51.97 -83.61 -87.63
CA ASP I 128 -50.67 -83.30 -88.21
C ASP I 128 -50.22 -81.92 -87.75
N LEU I 129 -51.15 -80.96 -87.74
CA LEU I 129 -50.79 -79.56 -87.46
C LEU I 129 -50.29 -79.37 -86.05
N VAL I 130 -50.93 -79.99 -85.06
CA VAL I 130 -50.59 -79.71 -83.66
C VAL I 130 -49.65 -80.75 -83.07
N VAL I 131 -49.92 -82.03 -83.28
CA VAL I 131 -49.12 -83.09 -82.68
C VAL I 131 -47.73 -83.16 -83.33
N ASN I 132 -47.66 -83.03 -84.65
CA ASN I 132 -46.37 -83.06 -85.33
C ASN I 132 -45.76 -81.67 -85.51
N THR I 133 -46.50 -80.61 -85.16
CA THR I 133 -46.05 -79.23 -85.31
C THR I 133 -45.58 -78.95 -86.73
N ALA I 134 -46.27 -79.54 -87.70
CA ALA I 134 -45.80 -79.46 -89.07
C ALA I 134 -46.67 -78.53 -89.90
N PRO I 135 -46.07 -77.74 -90.81
CA PRO I 135 -46.85 -76.95 -91.76
C PRO I 135 -47.61 -77.80 -92.77
N GLN I 136 -48.26 -77.16 -93.73
CA GLN I 136 -48.94 -77.87 -94.82
C GLN I 136 -48.26 -77.51 -96.14
N TYR I 137 -47.41 -78.43 -96.62
CA TYR I 137 -46.43 -78.15 -97.68
C TYR I 137 -47.07 -78.28 -99.05
N GLN J 1 24.98 -85.87 -39.01
CA GLN J 1 24.55 -85.97 -40.42
C GLN J 1 23.05 -86.23 -40.52
N ILE J 2 22.41 -85.85 -41.64
CA ILE J 2 20.96 -85.95 -41.73
C ILE J 2 20.55 -87.36 -42.12
N ALA J 3 19.45 -87.81 -41.52
CA ALA J 3 18.85 -89.12 -41.75
C ALA J 3 17.43 -89.04 -41.21
N ASN J 4 16.54 -89.82 -41.80
CA ASN J 4 15.13 -89.71 -41.47
C ASN J 4 14.90 -90.01 -39.99
N VAL J 5 13.79 -89.49 -39.45
CA VAL J 5 13.46 -89.64 -38.04
C VAL J 5 12.09 -90.32 -37.94
N VAL J 6 11.94 -91.20 -36.96
CA VAL J 6 10.77 -92.06 -36.86
C VAL J 6 10.09 -91.77 -35.53
N LEU J 7 8.90 -91.19 -35.58
CA LEU J 7 8.16 -90.84 -34.37
C LEU J 7 6.85 -91.62 -34.32
N ALA J 8 6.44 -92.01 -33.12
CA ALA J 8 5.28 -92.87 -32.93
C ALA J 8 4.07 -92.02 -32.55
N ASP J 9 2.98 -92.16 -33.32
CA ASP J 9 1.77 -91.41 -33.00
C ASP J 9 1.07 -92.02 -31.79
N GLY J 10 0.20 -91.23 -31.19
CA GLY J 10 -0.54 -91.67 -30.01
C GLY J 10 -1.81 -92.41 -30.38
N GLN J 11 -1.89 -93.68 -30.00
CA GLN J 11 -3.07 -94.49 -30.27
C GLN J 11 -3.10 -95.67 -29.31
N ALA J 12 -4.09 -96.53 -29.53
CA ALA J 12 -4.08 -97.87 -28.97
C ALA J 12 -2.75 -98.57 -29.23
N ALA J 13 -2.43 -98.78 -30.49
CA ALA J 13 -1.16 -99.35 -30.92
C ALA J 13 -0.52 -98.26 -31.75
N PRO J 14 0.56 -97.66 -31.26
CA PRO J 14 1.13 -96.53 -31.98
C PRO J 14 1.80 -96.99 -33.26
N ALA J 15 1.72 -96.13 -34.27
CA ALA J 15 2.31 -96.36 -35.58
C ALA J 15 3.52 -95.46 -35.74
N ASP J 16 4.58 -96.04 -36.31
CA ASP J 16 5.78 -95.31 -36.66
C ASP J 16 5.51 -94.46 -37.92
N LYS J 17 5.52 -93.15 -37.76
CA LYS J 17 5.50 -92.22 -38.88
C LYS J 17 6.94 -91.81 -39.15
N THR J 18 7.40 -92.05 -40.39
CA THR J 18 8.79 -91.80 -40.76
C THR J 18 8.86 -90.50 -41.53
N PHE J 19 9.63 -89.54 -41.02
CA PHE J 19 9.95 -88.29 -41.69
C PHE J 19 11.24 -88.52 -42.47
N GLU J 20 11.12 -88.70 -43.79
CA GLU J 20 12.28 -88.76 -44.66
C GLU J 20 12.92 -87.38 -44.78
N PRO J 21 14.26 -87.28 -44.82
CA PRO J 21 14.87 -85.96 -44.99
C PRO J 21 14.56 -85.43 -46.38
N GLN J 22 14.04 -84.21 -46.42
CA GLN J 22 13.76 -83.56 -47.69
C GLN J 22 14.59 -82.30 -47.89
N ARG J 23 15.10 -81.70 -46.82
CA ARG J 23 16.11 -80.66 -46.96
C ARG J 23 17.02 -80.63 -45.73
N GLY J 24 18.33 -80.64 -45.95
CA GLY J 24 19.28 -80.56 -44.87
C GLY J 24 19.64 -79.12 -44.52
N GLN J 25 20.28 -78.95 -43.36
CA GLN J 25 20.80 -77.67 -42.91
C GLN J 25 22.31 -77.64 -43.08
N ASN J 26 22.81 -76.84 -44.02
CA ASN J 26 24.24 -76.61 -44.14
C ASN J 26 24.65 -75.20 -43.75
N GLY J 27 23.68 -74.33 -43.46
CA GLY J 27 23.96 -72.96 -43.11
C GLY J 27 23.19 -72.58 -41.85
N VAL J 28 23.51 -71.38 -41.33
CA VAL J 28 22.90 -70.91 -40.08
C VAL J 28 21.53 -70.28 -40.32
N THR J 29 21.29 -69.75 -41.51
CA THR J 29 20.05 -69.02 -41.72
C THR J 29 18.82 -69.94 -41.67
N ASP J 30 18.81 -71.02 -42.47
CA ASP J 30 17.61 -71.85 -42.74
C ASP J 30 17.67 -73.21 -42.09
N PRO J 31 16.64 -73.61 -41.34
CA PRO J 31 16.67 -74.89 -40.63
C PRO J 31 16.53 -76.08 -41.56
N ALA J 32 16.90 -77.25 -41.02
CA ALA J 32 16.72 -78.53 -41.71
C ALA J 32 15.27 -79.00 -41.58
N GLU J 33 14.83 -79.78 -42.57
CA GLU J 33 13.42 -80.11 -42.69
C GLU J 33 13.26 -81.57 -43.11
N TRP J 34 12.28 -82.24 -42.52
CA TRP J 34 11.91 -83.63 -42.78
C TRP J 34 10.44 -83.67 -43.15
N TRP J 35 10.11 -84.52 -44.13
CA TRP J 35 8.76 -84.63 -44.69
C TRP J 35 8.24 -86.05 -44.54
N GLU J 36 6.96 -86.20 -44.19
CA GLU J 36 6.45 -87.52 -43.85
C GLU J 36 6.01 -88.31 -45.07
N LYS J 37 5.30 -87.67 -46.00
CA LYS J 37 4.85 -88.29 -47.24
C LYS J 37 3.82 -89.41 -47.02
N SER J 38 3.07 -89.36 -45.92
CA SER J 38 1.97 -90.31 -45.75
C SER J 38 0.86 -90.04 -46.76
N SER J 39 0.28 -88.83 -46.73
CA SER J 39 -0.73 -88.43 -47.69
C SER J 39 -0.12 -88.39 -49.10
N PRO J 40 -0.96 -88.40 -50.17
CA PRO J 40 -0.42 -88.37 -51.53
C PRO J 40 0.05 -87.00 -52.02
N THR J 41 -0.50 -85.92 -51.48
CA THR J 41 -0.17 -84.57 -51.92
C THR J 41 0.72 -83.86 -50.91
N LEU J 42 1.41 -82.81 -51.38
CA LEU J 42 2.38 -82.11 -50.54
C LEU J 42 1.72 -81.51 -49.31
N ASN J 43 0.43 -81.12 -49.40
CA ASN J 43 -0.23 -80.48 -48.27
C ASN J 43 -0.39 -81.42 -47.08
N GLY J 44 -0.54 -82.71 -47.34
CA GLY J 44 -0.77 -83.69 -46.30
C GLY J 44 0.47 -84.23 -45.63
N TYR J 45 1.65 -83.74 -45.99
CA TYR J 45 2.87 -84.19 -45.35
C TYR J 45 2.94 -83.63 -43.94
N ARG J 46 3.45 -84.44 -43.02
CA ARG J 46 3.82 -83.94 -41.70
C ARG J 46 5.25 -83.43 -41.77
N ARG J 47 5.54 -82.34 -41.05
CA ARG J 47 6.83 -81.68 -41.17
C ARG J 47 7.58 -81.65 -39.85
N LEU J 48 8.91 -81.68 -39.96
CA LEU J 48 9.80 -81.53 -38.82
C LEU J 48 10.97 -80.61 -39.19
N THR J 49 11.10 -79.48 -38.52
CA THR J 49 12.19 -78.53 -38.75
C THR J 49 13.11 -78.47 -37.53
N ALA J 50 14.40 -78.29 -37.79
CA ALA J 50 15.42 -78.29 -36.73
C ALA J 50 16.60 -77.43 -37.14
N LEU J 51 16.88 -76.42 -36.33
CA LEU J 51 17.96 -75.45 -36.55
C LEU J 51 18.82 -75.37 -35.30
N VAL J 52 20.11 -75.64 -35.44
CA VAL J 52 21.09 -75.37 -34.41
C VAL J 52 21.95 -74.20 -34.91
N ARG J 53 22.01 -73.14 -34.11
CA ARG J 53 22.57 -71.86 -34.52
C ARG J 53 23.35 -71.24 -33.39
N ARG J 54 24.61 -70.91 -33.64
CA ARG J 54 25.41 -70.25 -32.61
C ARG J 54 25.07 -68.77 -32.60
N ASN J 55 24.61 -68.28 -31.46
CA ASN J 55 24.35 -66.86 -31.25
C ASN J 55 25.55 -66.27 -30.51
N ALA J 56 26.35 -65.48 -31.22
CA ALA J 56 27.55 -64.91 -30.63
C ALA J 56 27.24 -63.80 -29.62
N ALA J 57 26.05 -63.20 -29.72
CA ALA J 57 25.68 -62.12 -28.81
C ALA J 57 25.61 -62.61 -27.37
N SER J 58 24.81 -63.64 -27.13
CA SER J 58 24.68 -64.25 -25.82
C SER J 58 25.76 -65.27 -25.52
N LYS J 59 26.75 -65.41 -26.42
CA LYS J 59 27.75 -66.47 -26.35
C LYS J 59 27.07 -67.80 -26.04
N SER J 60 26.17 -68.19 -26.93
CA SER J 60 25.30 -69.33 -26.66
C SER J 60 25.00 -70.05 -27.97
N VAL J 61 24.21 -71.11 -27.86
CA VAL J 61 23.80 -71.91 -29.01
C VAL J 61 22.32 -72.22 -28.85
N LYS J 62 21.50 -71.77 -29.80
CA LYS J 62 20.08 -72.06 -29.79
C LYS J 62 19.77 -73.28 -30.65
N VAL J 63 18.76 -74.02 -30.23
CA VAL J 63 18.26 -75.19 -30.96
C VAL J 63 16.75 -75.04 -31.03
N LYS J 64 16.22 -74.84 -32.25
CA LYS J 64 14.80 -74.69 -32.49
C LYS J 64 14.27 -75.90 -33.27
N VAL J 65 13.26 -76.55 -32.72
CA VAL J 65 12.63 -77.70 -33.33
C VAL J 65 11.15 -77.42 -33.45
N ALA J 66 10.55 -77.82 -34.58
CA ALA J 66 9.13 -77.62 -34.81
C ALA J 66 8.55 -78.86 -35.47
N ILE J 67 7.37 -79.27 -35.02
CA ILE J 67 6.66 -80.42 -35.57
C ILE J 67 5.28 -79.96 -35.99
N TYR J 68 5.00 -80.00 -37.30
CA TYR J 68 3.71 -79.60 -37.85
C TYR J 68 2.93 -80.84 -38.27
N ASP J 69 1.79 -81.08 -37.61
CA ASP J 69 0.88 -82.17 -37.96
C ASP J 69 -0.38 -81.58 -38.56
N PRO J 70 -0.56 -81.62 -39.88
CA PRO J 70 -1.78 -81.07 -40.47
C PRO J 70 -2.88 -82.12 -40.54
N THR J 71 -4.11 -81.67 -40.36
CA THR J 71 -5.27 -82.53 -40.55
C THR J 71 -5.97 -82.06 -41.83
N LEU J 72 -5.84 -82.86 -42.90
CA LEU J 72 -6.42 -82.47 -44.17
C LEU J 72 -7.92 -82.34 -44.06
N ALA J 73 -8.47 -81.26 -44.61
CA ALA J 73 -9.92 -81.13 -44.64
C ALA J 73 -10.51 -82.23 -45.50
N VAL J 74 -11.61 -82.81 -45.02
CA VAL J 74 -12.41 -83.72 -45.82
C VAL J 74 -12.90 -83.00 -47.07
N THR J 75 -12.46 -83.44 -48.23
CA THR J 75 -12.79 -82.80 -49.50
C THR J 75 -13.76 -83.70 -50.26
N ALA J 76 -14.99 -83.23 -50.42
CA ALA J 76 -16.06 -83.86 -51.18
C ALA J 76 -16.23 -83.17 -52.54
N PRO J 77 -16.67 -83.90 -53.56
CA PRO J 77 -16.88 -83.28 -54.88
C PRO J 77 -17.88 -82.15 -54.78
N SER J 78 -17.56 -81.04 -55.44
CA SER J 78 -18.30 -79.80 -55.27
C SER J 78 -19.78 -80.03 -55.46
N THR J 79 -20.56 -79.41 -54.57
CA THR J 79 -22.00 -79.40 -54.74
C THR J 79 -22.41 -78.40 -55.81
N ALA J 80 -21.60 -77.37 -56.01
CA ALA J 80 -21.88 -76.37 -57.02
C ALA J 80 -21.14 -76.60 -58.33
N SER J 81 -19.81 -76.78 -58.28
CA SER J 81 -19.07 -77.01 -59.50
C SER J 81 -19.16 -78.45 -59.98
N GLY J 82 -19.59 -79.38 -59.12
CA GLY J 82 -19.47 -80.78 -59.44
C GLY J 82 -18.05 -81.28 -59.54
N ILE J 83 -17.08 -80.48 -59.11
CA ILE J 83 -15.66 -80.70 -59.36
C ILE J 83 -14.94 -80.68 -58.02
N GLN J 84 -14.51 -81.85 -57.55
CA GLN J 84 -13.85 -81.96 -56.25
C GLN J 84 -12.61 -81.08 -56.21
N PRO J 85 -12.46 -80.20 -55.22
CA PRO J 85 -11.30 -79.32 -55.19
C PRO J 85 -10.04 -80.10 -54.80
N SER J 86 -8.90 -79.58 -55.25
CA SER J 86 -7.60 -80.11 -54.85
C SER J 86 -7.53 -80.15 -53.33
N PRO J 87 -6.85 -81.11 -52.74
CA PRO J 87 -6.92 -81.29 -51.28
C PRO J 87 -6.28 -80.11 -50.57
N THR J 88 -6.96 -79.64 -49.51
CA THR J 88 -6.58 -78.48 -48.73
C THR J 88 -6.40 -78.87 -47.27
N VAL J 89 -5.82 -77.96 -46.49
CA VAL J 89 -5.55 -78.18 -45.07
C VAL J 89 -6.56 -77.36 -44.26
N ALA J 90 -7.33 -78.05 -43.41
CA ALA J 90 -8.33 -77.37 -42.59
C ALA J 90 -7.70 -76.71 -41.36
N PHE J 91 -6.72 -77.37 -40.75
CA PHE J 91 -5.95 -76.79 -39.67
C PHE J 91 -4.72 -77.64 -39.44
N THR J 92 -3.82 -77.12 -38.60
CA THR J 92 -2.55 -77.77 -38.34
C THR J 92 -2.21 -77.60 -36.86
N CYS J 93 -1.65 -78.65 -36.26
CA CYS J 93 -1.23 -78.63 -34.86
C CYS J 93 0.29 -78.56 -34.80
N PRO J 94 0.85 -77.44 -34.37
CA PRO J 94 2.31 -77.38 -34.18
C PRO J 94 2.77 -77.57 -32.75
N VAL J 95 3.99 -78.11 -32.65
CA VAL J 95 4.83 -78.00 -31.45
C VAL J 95 6.05 -77.19 -31.81
N PHE J 96 6.41 -76.26 -30.91
CA PHE J 96 7.67 -75.53 -30.98
C PHE J 96 8.47 -75.83 -29.72
N ILE J 97 9.73 -76.19 -29.89
CA ILE J 97 10.63 -76.45 -28.78
C ILE J 97 11.91 -75.67 -29.00
N GLU J 98 12.33 -74.94 -27.98
CA GLU J 98 13.57 -74.15 -28.03
C GLU J 98 14.44 -74.49 -26.83
N PHE J 99 15.64 -74.99 -27.11
CA PHE J 99 16.68 -75.13 -26.09
C PHE J 99 17.69 -74.01 -26.29
N THR J 100 18.21 -73.47 -25.18
CA THR J 100 19.38 -72.60 -25.32
C THR J 100 20.51 -73.13 -24.44
N LEU J 101 21.72 -73.16 -24.99
CA LEU J 101 22.87 -73.77 -24.33
C LEU J 101 24.03 -72.78 -24.31
N PRO J 102 24.38 -72.19 -23.16
CA PRO J 102 25.44 -71.19 -23.13
C PRO J 102 26.79 -71.78 -23.50
N ASP J 103 27.74 -70.88 -23.77
CA ASP J 103 29.06 -71.33 -24.21
C ASP J 103 29.80 -72.07 -23.09
N ALA J 104 29.47 -71.79 -21.83
CA ALA J 104 30.12 -72.42 -20.69
C ALA J 104 29.40 -73.68 -20.21
N CYS J 105 28.64 -74.34 -21.08
CA CYS J 105 27.66 -75.35 -20.69
C CYS J 105 28.27 -76.75 -20.68
N THR J 106 28.09 -77.46 -19.57
CA THR J 106 28.61 -78.81 -19.46
C THR J 106 27.82 -79.80 -20.33
N ILE J 107 28.52 -80.82 -20.81
CA ILE J 107 27.85 -81.92 -21.49
C ILE J 107 26.79 -82.52 -20.59
N GLN J 108 27.11 -82.62 -19.30
CA GLN J 108 26.16 -83.14 -18.33
C GLN J 108 24.93 -82.25 -18.20
N ASN J 109 25.12 -80.93 -18.26
CA ASN J 109 23.97 -80.03 -18.20
C ASN J 109 23.08 -80.18 -19.43
N ARG J 110 23.70 -80.37 -20.61
CA ARG J 110 22.90 -80.59 -21.82
C ARG J 110 22.07 -81.87 -21.72
N LYS J 111 22.71 -82.95 -21.29
CA LYS J 111 21.97 -84.20 -21.06
C LYS J 111 20.84 -83.97 -20.06
N ASP J 112 21.12 -83.24 -18.98
CA ASP J 112 20.11 -82.94 -17.97
C ASP J 112 18.89 -82.26 -18.59
N ILE J 113 19.12 -81.19 -19.35
CA ILE J 113 18.00 -80.38 -19.83
C ILE J 113 17.18 -81.15 -20.85
N LEU J 114 17.85 -81.90 -21.75
CA LEU J 114 17.08 -82.71 -22.70
C LEU J 114 16.29 -83.78 -21.97
N ALA J 115 16.85 -84.34 -20.89
CA ALA J 115 16.15 -85.36 -20.13
C ALA J 115 14.92 -84.78 -19.44
N TYR J 116 15.05 -83.61 -18.83
CA TYR J 116 13.90 -82.98 -18.19
C TYR J 116 12.79 -82.74 -19.21
N ALA J 117 13.15 -82.26 -20.40
CA ALA J 117 12.16 -82.03 -21.44
C ALA J 117 11.44 -83.33 -21.83
N LYS J 118 12.20 -84.37 -22.18
CA LYS J 118 11.56 -85.59 -22.68
C LYS J 118 10.73 -86.27 -21.60
N ASN J 119 11.26 -86.33 -20.36
CA ASN J 119 10.53 -87.01 -19.29
C ASN J 119 9.28 -86.23 -18.91
N PHE J 120 9.33 -84.89 -18.93
CA PHE J 120 8.11 -84.14 -18.68
C PHE J 120 7.08 -84.38 -19.77
N LEU J 121 7.50 -84.35 -21.03
CA LEU J 121 6.53 -84.56 -22.10
C LEU J 121 5.90 -85.95 -22.03
N ALA J 122 6.67 -86.95 -21.59
CA ALA J 122 6.07 -88.25 -21.32
C ALA J 122 5.14 -88.19 -20.12
N SER J 123 5.36 -87.26 -19.19
CA SER J 123 4.67 -87.28 -17.90
C SER J 123 3.17 -87.07 -18.02
N ALA J 124 2.45 -87.69 -17.08
CA ALA J 124 0.99 -87.64 -17.07
C ALA J 124 0.48 -86.23 -16.87
N THR J 125 1.26 -85.35 -16.23
CA THR J 125 0.84 -83.96 -16.12
C THR J 125 0.89 -83.26 -17.47
N ALA J 126 1.90 -83.57 -18.29
CA ALA J 126 1.90 -83.07 -19.67
C ALA J 126 0.71 -83.64 -20.45
N THR J 127 0.33 -84.89 -20.19
CA THR J 127 -0.85 -85.43 -20.86
C THR J 127 -2.12 -84.69 -20.44
N ASP J 128 -2.34 -84.53 -19.12
CA ASP J 128 -3.44 -83.71 -18.61
C ASP J 128 -3.42 -82.31 -19.20
N LEU J 129 -2.22 -81.80 -19.51
CA LEU J 129 -2.06 -80.42 -19.96
C LEU J 129 -2.47 -80.24 -21.41
N VAL J 130 -2.01 -81.12 -22.29
CA VAL J 130 -2.20 -80.94 -23.74
C VAL J 130 -3.36 -81.79 -24.27
N VAL J 131 -3.43 -83.06 -23.87
CA VAL J 131 -4.46 -83.94 -24.42
C VAL J 131 -5.84 -83.55 -23.90
N ASN J 132 -5.94 -83.24 -22.60
CA ASN J 132 -7.20 -82.79 -22.02
C ASN J 132 -7.33 -81.28 -22.01
N THR J 133 -6.34 -80.55 -22.53
CA THR J 133 -6.33 -79.09 -22.55
C THR J 133 -6.73 -78.52 -21.20
N ALA J 134 -6.15 -79.10 -20.14
CA ALA J 134 -6.53 -78.69 -18.80
C ALA J 134 -5.34 -78.05 -18.09
N PRO J 135 -5.58 -76.98 -17.36
CA PRO J 135 -4.51 -76.35 -16.57
C PRO J 135 -4.34 -77.04 -15.22
N GLN J 136 -3.46 -76.47 -14.40
CA GLN J 136 -3.15 -76.99 -13.07
C GLN J 136 -3.67 -75.99 -12.06
N TYR J 137 -4.85 -76.27 -11.51
CA TYR J 137 -5.65 -75.27 -10.79
C TYR J 137 -5.46 -75.23 -9.26
N GLN K 1 32.52 -86.73 -49.36
CA GLN K 1 31.85 -85.44 -49.38
C GLN K 1 32.58 -84.43 -48.49
N ILE K 2 32.18 -84.42 -47.21
CA ILE K 2 32.86 -83.75 -46.12
C ILE K 2 33.26 -84.81 -45.10
N ALA K 3 34.49 -84.73 -44.62
CA ALA K 3 35.00 -85.69 -43.67
C ALA K 3 35.75 -84.95 -42.57
N ASN K 4 35.68 -85.51 -41.37
CA ASN K 4 36.37 -84.91 -40.24
C ASN K 4 37.87 -84.84 -40.53
N VAL K 5 38.56 -83.96 -39.83
CA VAL K 5 39.97 -83.68 -40.13
C VAL K 5 40.78 -83.78 -38.84
N VAL K 6 41.91 -84.47 -38.89
CA VAL K 6 42.72 -84.70 -37.70
C VAL K 6 44.05 -83.98 -37.86
N LEU K 7 44.37 -83.12 -36.90
CA LEU K 7 45.59 -82.33 -36.92
C LEU K 7 46.46 -82.67 -35.71
N ALA K 8 47.77 -82.63 -35.89
CA ALA K 8 48.70 -82.97 -34.83
C ALA K 8 49.09 -81.70 -34.07
N ASP K 9 48.87 -81.71 -32.75
CA ASP K 9 49.23 -80.54 -31.96
C ASP K 9 50.75 -80.52 -31.71
N GLY K 10 51.21 -79.40 -31.19
CA GLY K 10 52.61 -79.25 -30.88
C GLY K 10 52.94 -79.74 -29.50
N GLN K 11 53.73 -80.80 -29.43
CA GLN K 11 54.17 -81.36 -28.16
C GLN K 11 55.42 -82.16 -28.47
N ALA K 12 55.96 -82.83 -27.45
CA ALA K 12 57.04 -83.77 -27.69
C ALA K 12 56.62 -84.82 -28.72
N ALA K 13 55.50 -85.49 -28.46
CA ALA K 13 54.87 -86.37 -29.43
C ALA K 13 53.54 -85.75 -29.76
N PRO K 14 53.27 -85.45 -31.04
CA PRO K 14 51.99 -84.83 -31.39
C PRO K 14 50.82 -85.73 -31.00
N ALA K 15 49.80 -85.10 -30.41
CA ALA K 15 48.57 -85.76 -30.02
C ALA K 15 47.50 -85.37 -31.05
N ASP K 16 47.08 -86.34 -31.83
CA ASP K 16 46.04 -86.15 -32.83
C ASP K 16 44.77 -85.55 -32.21
N LYS K 17 44.38 -84.39 -32.71
CA LYS K 17 43.13 -83.72 -32.36
C LYS K 17 42.20 -83.86 -33.54
N THR K 18 41.05 -84.50 -33.31
CA THR K 18 40.08 -84.78 -34.36
C THR K 18 38.99 -83.72 -34.36
N PHE K 19 38.75 -83.11 -35.51
CA PHE K 19 37.71 -82.12 -35.72
C PHE K 19 36.57 -82.81 -36.47
N GLU K 20 35.45 -83.05 -35.77
CA GLU K 20 34.26 -83.65 -36.36
C GLU K 20 33.54 -82.61 -37.23
N PRO K 21 32.95 -83.03 -38.35
CA PRO K 21 32.17 -82.10 -39.17
C PRO K 21 30.81 -81.85 -38.54
N GLN K 22 30.65 -80.67 -37.96
CA GLN K 22 29.36 -80.33 -37.37
C GLN K 22 28.46 -79.56 -38.33
N ARG K 23 29.02 -78.92 -39.37
CA ARG K 23 28.24 -78.33 -40.44
C ARG K 23 29.10 -78.26 -41.71
N GLY K 24 28.47 -78.59 -42.85
CA GLY K 24 29.16 -78.53 -44.12
C GLY K 24 28.98 -77.19 -44.79
N GLN K 25 29.74 -77.00 -45.87
CA GLN K 25 29.72 -75.72 -46.58
C GLN K 25 28.38 -75.51 -47.28
N ASN K 26 27.68 -74.44 -46.88
CA ASN K 26 26.32 -74.20 -47.35
C ASN K 26 26.23 -74.23 -48.86
N GLY K 27 27.12 -73.50 -49.50
CA GLY K 27 27.10 -73.27 -50.92
C GLY K 27 28.27 -72.34 -51.15
N VAL K 28 28.02 -71.14 -51.69
CA VAL K 28 29.06 -70.11 -51.74
C VAL K 28 28.93 -69.10 -50.61
N THR K 29 27.92 -69.24 -49.76
CA THR K 29 27.63 -68.23 -48.75
C THR K 29 28.28 -68.53 -47.40
N ASP K 30 28.04 -69.71 -46.83
CA ASP K 30 28.49 -70.05 -45.48
C ASP K 30 29.58 -71.11 -45.52
N PRO K 31 30.70 -70.89 -44.84
CA PRO K 31 31.80 -71.87 -44.89
C PRO K 31 31.48 -73.14 -44.13
N ALA K 32 32.20 -74.20 -44.47
CA ALA K 32 32.12 -75.44 -43.73
C ALA K 32 32.86 -75.30 -42.39
N GLU K 33 32.34 -75.97 -41.36
CA GLU K 33 32.86 -75.82 -40.02
C GLU K 33 33.03 -77.18 -39.34
N TRP K 34 34.12 -77.30 -38.59
CA TRP K 34 34.51 -78.51 -37.88
C TRP K 34 34.82 -78.15 -36.43
N TRP K 35 34.44 -79.05 -35.52
CA TRP K 35 34.50 -78.84 -34.08
C TRP K 35 35.30 -79.96 -33.42
N GLU K 36 36.28 -79.60 -32.58
CA GLU K 36 37.10 -80.62 -31.92
C GLU K 36 36.28 -81.39 -30.89
N LYS K 37 35.58 -80.66 -30.02
CA LYS K 37 34.70 -81.27 -29.02
C LYS K 37 35.49 -82.14 -28.03
N SER K 38 36.69 -81.68 -27.67
CA SER K 38 37.46 -82.41 -26.68
C SER K 38 37.12 -81.96 -25.25
N SER K 39 37.21 -80.67 -24.98
CA SER K 39 36.93 -80.12 -23.65
C SER K 39 35.49 -80.40 -23.23
N PRO K 40 35.21 -80.42 -21.92
CA PRO K 40 33.82 -80.65 -21.49
C PRO K 40 32.92 -79.46 -21.72
N THR K 41 33.44 -78.24 -21.68
CA THR K 41 32.65 -77.06 -21.96
C THR K 41 32.67 -76.77 -23.46
N LEU K 42 31.60 -76.12 -23.92
CA LEU K 42 31.58 -75.67 -25.31
C LEU K 42 32.66 -74.63 -25.58
N ASN K 43 33.21 -74.01 -24.54
CA ASN K 43 34.26 -73.01 -24.70
C ASN K 43 35.49 -73.61 -25.38
N GLY K 44 35.89 -74.80 -24.96
CA GLY K 44 37.13 -75.45 -25.36
C GLY K 44 37.06 -76.28 -26.62
N TYR K 45 35.99 -76.17 -27.38
CA TYR K 45 35.96 -76.77 -28.71
C TYR K 45 36.87 -75.96 -29.63
N ARG K 46 37.82 -76.64 -30.30
CA ARG K 46 38.62 -75.96 -31.31
C ARG K 46 37.87 -75.99 -32.64
N ARG K 47 38.10 -74.96 -33.46
CA ARG K 47 37.28 -74.77 -34.67
C ARG K 47 38.11 -74.71 -35.94
N LEU K 48 37.48 -75.17 -37.03
CA LEU K 48 38.08 -75.09 -38.36
C LEU K 48 37.01 -74.72 -39.39
N THR K 49 37.22 -73.62 -40.11
CA THR K 49 36.29 -73.19 -41.15
C THR K 49 37.00 -73.18 -42.50
N ALA K 50 36.30 -73.64 -43.54
CA ALA K 50 36.86 -73.64 -44.90
C ALA K 50 35.76 -73.34 -45.91
N LEU K 51 36.04 -72.37 -46.78
CA LEU K 51 35.11 -71.90 -47.80
C LEU K 51 35.82 -71.77 -49.14
N VAL K 52 35.18 -72.26 -50.20
CA VAL K 52 35.71 -72.19 -51.57
C VAL K 52 34.66 -71.54 -52.45
N ARG K 53 34.97 -70.33 -52.92
CA ARG K 53 33.97 -69.53 -53.64
C ARG K 53 34.61 -68.87 -54.85
N ARG K 54 33.90 -68.88 -55.97
CA ARG K 54 34.39 -68.25 -57.19
C ARG K 54 33.88 -66.82 -57.27
N ASN K 55 34.79 -65.86 -57.11
CA ASN K 55 34.46 -64.47 -57.41
C ASN K 55 34.43 -64.32 -58.92
N ALA K 56 33.21 -64.14 -59.45
CA ALA K 56 32.99 -64.14 -60.89
C ALA K 56 33.47 -62.85 -61.54
N ALA K 57 33.40 -61.75 -60.80
CA ALA K 57 33.96 -60.49 -61.30
C ALA K 57 35.45 -60.62 -61.54
N SER K 58 36.20 -60.95 -60.49
CA SER K 58 37.65 -61.08 -60.60
C SER K 58 38.09 -62.33 -61.34
N LYS K 59 37.15 -63.13 -61.82
CA LYS K 59 37.44 -64.40 -62.47
C LYS K 59 38.49 -65.17 -61.69
N SER K 60 38.15 -65.46 -60.43
CA SER K 60 39.10 -66.15 -59.58
C SER K 60 38.35 -66.98 -58.55
N VAL K 61 39.10 -67.81 -57.84
CA VAL K 61 38.58 -68.66 -56.80
C VAL K 61 39.30 -68.33 -55.50
N LYS K 62 38.55 -67.92 -54.50
CA LYS K 62 39.08 -67.68 -53.16
C LYS K 62 38.88 -68.94 -52.32
N VAL K 63 39.89 -69.25 -51.51
CA VAL K 63 39.84 -70.37 -50.57
C VAL K 63 40.26 -69.83 -49.21
N LYS K 64 39.32 -69.80 -48.28
CA LYS K 64 39.53 -69.24 -46.94
C LYS K 64 39.44 -70.34 -45.89
N VAL K 65 40.48 -70.44 -45.06
CA VAL K 65 40.54 -71.42 -43.97
C VAL K 65 40.91 -70.70 -42.69
N ALA K 66 40.27 -71.09 -41.59
CA ALA K 66 40.56 -70.51 -40.29
C ALA K 66 40.61 -71.62 -39.24
N ILE K 67 41.57 -71.50 -38.33
CA ILE K 67 41.75 -72.44 -37.22
C ILE K 67 41.73 -71.65 -35.93
N TYR K 68 40.75 -71.95 -35.07
CA TYR K 68 40.55 -71.25 -33.81
C TYR K 68 40.90 -72.17 -32.65
N ASP K 69 41.92 -71.82 -31.86
CA ASP K 69 42.30 -72.60 -30.69
C ASP K 69 42.04 -71.78 -29.42
N PRO K 70 41.04 -72.11 -28.62
CA PRO K 70 40.80 -71.34 -27.40
C PRO K 70 41.58 -71.87 -26.21
N THR K 71 41.97 -70.94 -25.33
CA THR K 71 42.53 -71.30 -24.04
C THR K 71 41.66 -70.68 -22.96
N LEU K 72 41.24 -71.53 -22.03
CA LEU K 72 40.28 -71.21 -20.99
C LEU K 72 40.99 -70.84 -19.70
N ALA K 73 40.23 -70.22 -18.79
CA ALA K 73 40.75 -69.85 -17.50
C ALA K 73 39.59 -69.75 -16.52
N VAL K 74 39.83 -70.17 -15.29
CA VAL K 74 38.85 -70.11 -14.24
C VAL K 74 39.24 -68.99 -13.28
N THR K 75 38.25 -68.46 -12.57
CA THR K 75 38.53 -67.46 -11.53
C THR K 75 39.55 -67.98 -10.52
N ALA K 76 39.43 -69.26 -10.16
CA ALA K 76 40.26 -69.88 -9.15
C ALA K 76 40.41 -71.35 -9.49
N PRO K 77 41.52 -71.99 -9.09
CA PRO K 77 41.75 -73.37 -9.49
C PRO K 77 40.68 -74.30 -8.97
N SER K 78 40.43 -75.37 -9.73
CA SER K 78 39.33 -76.29 -9.44
C SER K 78 39.60 -77.11 -8.17
N THR K 79 38.52 -77.43 -7.45
CA THR K 79 38.61 -78.21 -6.21
C THR K 79 38.11 -79.64 -6.31
N ALA K 80 37.15 -79.91 -7.20
CA ALA K 80 36.51 -81.21 -7.38
C ALA K 80 35.64 -81.62 -6.19
N SER K 81 35.26 -80.68 -5.31
CA SER K 81 34.46 -81.01 -4.15
C SER K 81 33.11 -80.32 -4.14
N GLY K 82 33.09 -78.98 -4.14
CA GLY K 82 31.86 -78.22 -4.10
C GLY K 82 31.60 -77.52 -5.42
N ILE K 83 30.58 -76.66 -5.41
CA ILE K 83 30.27 -75.88 -6.60
C ILE K 83 31.47 -74.99 -6.91
N GLN K 84 31.91 -75.04 -8.16
CA GLN K 84 33.14 -74.44 -8.60
C GLN K 84 32.88 -73.37 -9.64
N PRO K 85 33.83 -72.46 -9.86
CA PRO K 85 33.62 -71.39 -10.84
C PRO K 85 33.62 -71.95 -12.26
N SER K 86 32.59 -71.60 -13.02
CA SER K 86 32.55 -71.97 -14.43
C SER K 86 33.66 -71.22 -15.17
N PRO K 87 34.20 -71.82 -16.23
CA PRO K 87 35.39 -71.25 -16.87
C PRO K 87 35.05 -70.24 -17.95
N THR K 88 35.82 -69.16 -17.97
CA THR K 88 35.73 -68.15 -19.01
C THR K 88 36.74 -68.47 -20.11
N VAL K 89 36.52 -67.86 -21.27
CA VAL K 89 37.47 -67.97 -22.37
C VAL K 89 38.55 -66.93 -22.14
N ALA K 90 39.75 -67.39 -21.78
CA ALA K 90 40.85 -66.45 -21.55
C ALA K 90 41.26 -65.78 -22.85
N PHE K 91 41.59 -66.57 -23.87
CA PHE K 91 41.93 -65.98 -25.17
C PHE K 91 41.77 -67.02 -26.25
N THR K 92 42.01 -66.60 -27.49
CA THR K 92 41.92 -67.49 -28.65
C THR K 92 43.09 -67.20 -29.59
N CYS K 93 43.70 -68.27 -30.10
CA CYS K 93 44.77 -68.17 -31.09
C CYS K 93 44.22 -68.57 -32.45
N PRO K 94 43.98 -67.62 -33.34
CA PRO K 94 43.59 -67.98 -34.70
C PRO K 94 44.74 -67.97 -35.70
N VAL K 95 44.58 -68.87 -36.68
CA VAL K 95 45.24 -68.80 -37.98
C VAL K 95 44.20 -68.52 -39.05
N PHE K 96 44.52 -67.61 -39.95
CA PHE K 96 43.73 -67.37 -41.15
C PHE K 96 44.61 -67.64 -42.37
N ILE K 97 44.09 -68.40 -43.32
CA ILE K 97 44.80 -68.76 -44.54
C ILE K 97 43.90 -68.42 -45.71
N GLU K 98 44.44 -67.70 -46.69
CA GLU K 98 43.70 -67.35 -47.90
C GLU K 98 44.53 -67.64 -49.12
N PHE K 99 44.00 -68.45 -50.03
CA PHE K 99 44.54 -68.64 -51.36
C PHE K 99 43.65 -67.93 -52.36
N THR K 100 44.24 -67.31 -53.37
CA THR K 100 43.43 -66.87 -54.50
C THR K 100 44.03 -67.41 -55.79
N LEU K 101 43.18 -68.03 -56.60
CA LEU K 101 43.60 -68.74 -57.81
C LEU K 101 42.84 -68.19 -59.00
N PRO K 102 43.50 -67.44 -59.90
CA PRO K 102 42.80 -66.89 -61.07
C PRO K 102 42.20 -68.00 -61.92
N ASP K 103 41.19 -67.62 -62.71
CA ASP K 103 40.44 -68.64 -63.44
C ASP K 103 41.31 -69.38 -64.44
N ALA K 104 42.23 -68.67 -65.09
CA ALA K 104 43.12 -69.30 -66.07
C ALA K 104 44.40 -69.78 -65.38
N CYS K 105 44.23 -70.69 -64.43
CA CYS K 105 45.30 -71.15 -63.56
C CYS K 105 45.51 -72.65 -63.72
N THR K 106 46.78 -73.06 -63.77
CA THR K 106 47.11 -74.47 -63.93
C THR K 106 46.92 -75.23 -62.64
N ILE K 107 46.47 -76.48 -62.78
CA ILE K 107 46.48 -77.39 -61.64
C ILE K 107 47.89 -77.50 -61.06
N GLN K 108 48.91 -77.43 -61.92
CA GLN K 108 50.28 -77.47 -61.44
C GLN K 108 50.60 -76.21 -60.63
N ASN K 109 50.07 -75.05 -61.03
CA ASN K 109 50.27 -73.84 -60.24
C ASN K 109 49.60 -73.96 -58.88
N ARG K 110 48.40 -74.57 -58.83
CA ARG K 110 47.72 -74.75 -57.55
C ARG K 110 48.54 -75.66 -56.64
N LYS K 111 49.03 -76.77 -57.18
CA LYS K 111 49.90 -77.66 -56.40
C LYS K 111 51.13 -76.91 -55.90
N ASP K 112 51.75 -76.11 -56.78
CA ASP K 112 52.91 -75.30 -56.39
C ASP K 112 52.59 -74.42 -55.19
N ILE K 113 51.52 -73.64 -55.27
CA ILE K 113 51.25 -72.65 -54.24
C ILE K 113 50.91 -73.31 -52.91
N LEU K 114 50.13 -74.40 -52.95
CA LEU K 114 49.83 -75.11 -51.72
C LEU K 114 51.09 -75.71 -51.11
N ALA K 115 51.99 -76.22 -51.96
CA ALA K 115 53.24 -76.78 -51.47
C ALA K 115 54.12 -75.71 -50.83
N TYR K 116 54.20 -74.53 -51.45
CA TYR K 116 54.96 -73.43 -50.86
C TYR K 116 54.43 -73.09 -49.48
N ALA K 117 53.10 -73.00 -49.36
CA ALA K 117 52.50 -72.70 -48.06
C ALA K 117 52.84 -73.76 -47.02
N LYS K 118 52.62 -75.05 -47.35
CA LYS K 118 52.79 -76.09 -46.34
C LYS K 118 54.26 -76.26 -45.96
N ASN K 119 55.17 -76.24 -46.95
CA ASN K 119 56.59 -76.39 -46.65
C ASN K 119 57.11 -75.22 -45.86
N PHE K 120 56.63 -74.00 -46.15
CA PHE K 120 57.03 -72.87 -45.34
C PHE K 120 56.56 -73.02 -43.90
N LEU K 121 55.28 -73.37 -43.71
CA LEU K 121 54.79 -73.49 -42.34
C LEU K 121 55.53 -74.59 -41.57
N ALA K 122 55.97 -75.64 -42.26
CA ALA K 122 56.84 -76.60 -41.60
C ALA K 122 58.21 -76.02 -41.31
N SER K 123 58.64 -75.01 -42.07
CA SER K 123 60.03 -74.54 -41.99
C SER K 123 60.37 -73.92 -40.64
N ALA K 124 61.64 -74.08 -40.27
CA ALA K 124 62.13 -73.53 -39.01
C ALA K 124 62.13 -72.02 -39.00
N THR K 125 62.13 -71.35 -40.17
CA THR K 125 61.98 -69.90 -40.18
C THR K 125 60.57 -69.51 -39.75
N ALA K 126 59.56 -70.24 -40.23
CA ALA K 126 58.20 -70.05 -39.71
C ALA K 126 58.14 -70.35 -38.22
N THR K 127 58.90 -71.33 -37.75
CA THR K 127 58.91 -71.61 -36.33
C THR K 127 59.52 -70.45 -35.53
N ASP K 128 60.72 -69.99 -35.91
CA ASP K 128 61.31 -68.79 -35.31
C ASP K 128 60.33 -67.62 -35.37
N LEU K 129 59.53 -67.55 -36.42
CA LEU K 129 58.62 -66.42 -36.63
C LEU K 129 57.45 -66.44 -35.66
N VAL K 130 56.74 -67.56 -35.58
CA VAL K 130 55.48 -67.63 -34.85
C VAL K 130 55.66 -68.22 -33.46
N VAL K 131 56.34 -69.36 -33.35
CA VAL K 131 56.53 -69.99 -32.05
C VAL K 131 57.40 -69.10 -31.17
N ASN K 132 58.54 -68.69 -31.70
CA ASN K 132 59.51 -67.94 -30.90
C ASN K 132 59.10 -66.48 -30.71
N THR K 133 58.17 -65.97 -31.55
CA THR K 133 57.69 -64.57 -31.53
C THR K 133 58.84 -63.62 -31.80
N ALA K 134 59.53 -63.83 -32.91
CA ALA K 134 60.72 -63.08 -33.22
C ALA K 134 60.73 -62.84 -34.73
N PRO K 135 60.84 -61.61 -35.18
CA PRO K 135 60.88 -61.35 -36.62
C PRO K 135 62.29 -61.50 -37.17
N GLN K 136 62.37 -61.42 -38.49
CA GLN K 136 63.61 -61.64 -39.24
C GLN K 136 64.30 -60.29 -39.47
N TYR K 137 65.35 -60.02 -38.70
CA TYR K 137 65.98 -58.70 -38.74
C TYR K 137 67.28 -58.67 -39.55
N GLN L 1 21.10 -85.80 -50.91
CA GLN L 1 22.34 -85.08 -50.57
C GLN L 1 23.12 -84.96 -51.85
N ILE L 2 24.18 -84.16 -51.86
CA ILE L 2 24.85 -83.81 -53.11
C ILE L 2 26.10 -84.66 -53.28
N ALA L 3 26.21 -85.27 -54.45
CA ALA L 3 27.41 -85.97 -54.89
C ALA L 3 27.55 -85.72 -56.37
N ASN L 4 28.74 -86.02 -56.90
CA ASN L 4 28.99 -85.76 -58.30
C ASN L 4 28.08 -86.63 -59.18
N VAL L 5 27.81 -86.14 -60.39
CA VAL L 5 26.91 -86.83 -61.31
C VAL L 5 27.70 -87.22 -62.56
N VAL L 6 27.41 -88.40 -63.09
CA VAL L 6 28.19 -88.96 -64.19
C VAL L 6 27.29 -89.07 -65.41
N LEU L 7 27.64 -88.35 -66.48
CA LEU L 7 26.85 -88.29 -67.70
C LEU L 7 27.65 -88.85 -68.86
N ALA L 8 27.06 -89.77 -69.62
CA ALA L 8 27.75 -90.39 -70.74
C ALA L 8 27.59 -89.53 -71.99
N ASP L 9 28.70 -89.24 -72.66
CA ASP L 9 28.65 -88.36 -73.81
C ASP L 9 28.13 -89.11 -75.03
N GLY L 10 27.96 -88.37 -76.12
CA GLY L 10 27.47 -88.94 -77.35
C GLY L 10 28.63 -89.36 -78.22
N GLN L 11 28.83 -90.67 -78.33
CA GLN L 11 29.83 -91.27 -79.22
C GLN L 11 29.31 -92.66 -79.57
N ALA L 12 30.13 -93.39 -80.34
CA ALA L 12 29.89 -94.82 -80.50
C ALA L 12 29.87 -95.52 -79.17
N ALA L 13 30.95 -95.39 -78.44
CA ALA L 13 31.09 -95.89 -77.11
C ALA L 13 31.05 -94.70 -76.20
N PRO L 14 30.08 -94.65 -75.29
CA PRO L 14 29.98 -93.51 -74.39
C PRO L 14 31.22 -93.43 -73.50
N ALA L 15 31.62 -92.21 -73.22
CA ALA L 15 32.73 -91.92 -72.31
C ALA L 15 32.14 -91.10 -71.17
N ASP L 16 32.18 -91.66 -69.97
CA ASP L 16 31.58 -91.02 -68.81
C ASP L 16 32.34 -89.74 -68.45
N LYS L 17 31.61 -88.63 -68.40
CA LYS L 17 32.14 -87.36 -67.92
C LYS L 17 31.56 -87.13 -66.53
N THR L 18 32.43 -86.90 -65.56
CA THR L 18 32.03 -86.74 -64.17
C THR L 18 31.99 -85.26 -63.81
N PHE L 19 30.87 -84.83 -63.23
CA PHE L 19 30.67 -83.46 -62.77
C PHE L 19 30.73 -83.46 -61.25
N GLU L 20 31.84 -82.95 -60.71
CA GLU L 20 32.04 -82.84 -59.28
C GLU L 20 31.39 -81.57 -58.75
N PRO L 21 30.71 -81.63 -57.61
CA PRO L 21 29.91 -80.48 -57.15
C PRO L 21 30.80 -79.33 -56.69
N GLN L 22 30.31 -78.12 -56.95
CA GLN L 22 30.97 -76.89 -56.54
C GLN L 22 30.12 -76.03 -55.62
N ARG L 23 28.80 -76.16 -55.68
CA ARG L 23 27.87 -75.39 -54.85
C ARG L 23 26.70 -76.26 -54.43
N GLY L 24 26.26 -76.09 -53.20
CA GLY L 24 24.98 -76.59 -52.77
C GLY L 24 23.90 -75.54 -53.00
N GLN L 25 22.68 -76.01 -53.22
CA GLN L 25 21.56 -75.09 -53.36
C GLN L 25 21.25 -74.46 -52.00
N ASN L 26 21.28 -73.14 -51.96
CA ASN L 26 21.03 -72.38 -50.73
C ASN L 26 19.79 -71.52 -50.94
N GLY L 27 18.76 -71.73 -50.12
CA GLY L 27 17.53 -70.98 -50.28
C GLY L 27 16.84 -71.35 -51.58
N VAL L 28 16.42 -70.34 -52.33
CA VAL L 28 15.86 -70.55 -53.66
C VAL L 28 16.54 -69.62 -54.66
N THR L 29 17.30 -68.66 -54.16
CA THR L 29 18.01 -67.75 -55.05
C THR L 29 19.14 -68.47 -55.78
N ASP L 30 19.88 -69.33 -55.08
CA ASP L 30 21.14 -69.88 -55.55
C ASP L 30 20.96 -71.32 -56.01
N PRO L 31 21.29 -71.66 -57.26
CA PRO L 31 21.23 -73.07 -57.67
C PRO L 31 22.53 -73.82 -57.35
N ALA L 32 22.40 -75.14 -57.22
CA ALA L 32 23.57 -75.99 -57.00
C ALA L 32 24.29 -76.25 -58.31
N GLU L 33 25.62 -76.25 -58.28
CA GLU L 33 26.43 -76.28 -59.48
C GLU L 33 27.47 -77.40 -59.44
N TRP L 34 27.72 -78.01 -60.60
CA TRP L 34 28.68 -79.09 -60.81
C TRP L 34 29.61 -78.75 -61.95
N TRP L 35 30.89 -79.07 -61.80
CA TRP L 35 31.94 -78.74 -62.75
C TRP L 35 32.65 -80.01 -63.22
N GLU L 36 32.95 -80.09 -64.53
CA GLU L 36 33.55 -81.32 -65.06
C GLU L 36 35.04 -81.42 -64.77
N LYS L 37 35.77 -80.33 -64.90
CA LYS L 37 37.21 -80.29 -64.64
C LYS L 37 37.99 -81.12 -65.67
N SER L 38 37.47 -81.22 -66.89
CA SER L 38 38.19 -82.03 -67.88
C SER L 38 39.36 -81.26 -68.47
N SER L 39 39.13 -80.05 -68.97
CA SER L 39 40.19 -79.24 -69.57
C SER L 39 41.06 -78.62 -68.48
N PRO L 40 42.25 -78.11 -68.85
CA PRO L 40 43.12 -77.52 -67.79
C PRO L 40 42.59 -76.23 -67.16
N THR L 41 42.06 -75.29 -67.94
CA THR L 41 41.57 -74.02 -67.40
C THR L 41 40.07 -74.11 -67.11
N LEU L 42 39.51 -73.06 -66.49
CA LEU L 42 38.09 -73.09 -66.15
C LEU L 42 37.22 -73.11 -67.40
N ASN L 43 37.59 -72.34 -68.42
CA ASN L 43 36.73 -72.19 -69.59
C ASN L 43 36.35 -73.55 -70.18
N GLY L 44 37.18 -74.57 -70.00
CA GLY L 44 36.91 -75.90 -70.54
C GLY L 44 36.01 -76.77 -69.69
N TYR L 45 35.81 -76.42 -68.41
CA TYR L 45 34.88 -77.15 -67.55
C TYR L 45 33.48 -77.17 -68.17
N ARG L 46 32.83 -78.33 -68.14
CA ARG L 46 31.42 -78.42 -68.46
C ARG L 46 30.61 -78.22 -67.19
N ARG L 47 29.49 -77.51 -67.30
CA ARG L 47 28.72 -77.10 -66.14
C ARG L 47 27.35 -77.76 -66.08
N LEU L 48 26.88 -77.99 -64.85
CA LEU L 48 25.52 -78.46 -64.59
C LEU L 48 24.94 -77.69 -63.42
N THR L 49 23.82 -77.00 -63.64
CA THR L 49 23.14 -76.25 -62.59
C THR L 49 21.75 -76.84 -62.35
N ALA L 50 21.36 -76.90 -61.08
CA ALA L 50 20.06 -77.45 -60.71
C ALA L 50 19.49 -76.68 -59.53
N LEU L 51 18.23 -76.25 -59.68
CA LEU L 51 17.56 -75.42 -58.68
C LEU L 51 16.12 -75.87 -58.55
N VAL L 52 15.72 -76.23 -57.34
CA VAL L 52 14.33 -76.52 -57.01
C VAL L 52 13.83 -75.38 -56.13
N ARG L 53 12.91 -74.57 -56.67
CA ARG L 53 12.37 -73.43 -55.95
C ARG L 53 10.86 -73.49 -55.93
N ARG L 54 10.26 -73.30 -54.75
CA ARG L 54 8.81 -73.25 -54.69
C ARG L 54 8.34 -71.86 -55.08
N ASN L 55 7.41 -71.80 -56.03
CA ASN L 55 6.74 -70.57 -56.41
C ASN L 55 5.38 -70.56 -55.72
N ALA L 56 5.19 -69.60 -54.81
CA ALA L 56 3.98 -69.54 -54.00
C ALA L 56 2.82 -68.91 -54.76
N ALA L 57 3.11 -68.10 -55.77
CA ALA L 57 2.06 -67.52 -56.60
C ALA L 57 1.23 -68.62 -57.27
N SER L 58 1.90 -69.52 -57.98
CA SER L 58 1.23 -70.61 -58.67
C SER L 58 0.91 -71.79 -57.76
N LYS L 59 1.26 -71.70 -56.48
CA LYS L 59 1.16 -72.82 -55.55
C LYS L 59 1.77 -74.07 -56.17
N SER L 60 3.06 -73.97 -56.51
CA SER L 60 3.70 -75.05 -57.25
C SER L 60 5.20 -75.02 -57.01
N VAL L 61 5.86 -76.07 -57.47
CA VAL L 61 7.31 -76.21 -57.36
C VAL L 61 7.89 -76.18 -58.77
N LYS L 62 8.98 -75.42 -58.94
CA LYS L 62 9.71 -75.39 -60.21
C LYS L 62 11.04 -76.09 -60.06
N VAL L 63 11.47 -76.78 -61.11
CA VAL L 63 12.75 -77.47 -61.15
C VAL L 63 13.45 -77.04 -62.42
N LYS L 64 14.58 -76.35 -62.29
CA LYS L 64 15.36 -75.86 -63.42
C LYS L 64 16.72 -76.53 -63.45
N VAL L 65 17.06 -77.09 -64.59
CA VAL L 65 18.34 -77.75 -64.82
C VAL L 65 18.97 -77.15 -66.07
N ALA L 66 20.28 -77.00 -66.06
CA ALA L 66 21.02 -76.46 -67.19
C ALA L 66 22.32 -77.22 -67.36
N ILE L 67 22.64 -77.55 -68.61
CA ILE L 67 23.89 -78.22 -68.95
C ILE L 67 24.61 -77.38 -70.00
N TYR L 68 25.79 -76.87 -69.64
CA TYR L 68 26.60 -76.05 -70.53
C TYR L 68 27.82 -76.85 -70.99
N ASP L 69 27.91 -77.12 -72.30
CA ASP L 69 29.06 -77.80 -72.90
C ASP L 69 29.84 -76.82 -73.77
N PRO L 70 30.97 -76.28 -73.31
CA PRO L 70 31.72 -75.32 -74.13
C PRO L 70 32.81 -75.99 -74.96
N THR L 71 33.08 -75.48 -76.16
CA THR L 71 34.20 -75.95 -76.96
C THR L 71 35.18 -74.79 -77.13
N LEU L 72 36.47 -75.08 -76.90
CA LEU L 72 37.47 -74.02 -76.96
C LEU L 72 37.84 -73.71 -78.41
N ALA L 73 38.40 -72.51 -78.61
CA ALA L 73 38.80 -72.08 -79.93
C ALA L 73 40.24 -72.50 -80.21
N VAL L 74 40.56 -72.61 -81.49
CA VAL L 74 41.90 -73.01 -81.93
C VAL L 74 42.82 -71.81 -81.83
N THR L 75 43.87 -71.93 -81.02
CA THR L 75 44.77 -70.83 -80.75
C THR L 75 46.06 -70.96 -81.57
N ALA L 76 46.84 -69.88 -81.56
CA ALA L 76 48.09 -69.78 -82.29
C ALA L 76 49.18 -69.30 -81.34
N PRO L 77 50.42 -69.77 -81.53
CA PRO L 77 51.49 -69.39 -80.61
C PRO L 77 51.81 -67.90 -80.63
N SER L 78 51.75 -67.27 -81.80
CA SER L 78 52.08 -65.85 -81.94
C SER L 78 50.78 -65.06 -82.02
N THR L 79 50.50 -64.30 -80.96
CA THR L 79 49.40 -63.34 -80.95
C THR L 79 49.97 -61.96 -81.27
N ALA L 80 49.16 -61.15 -81.96
CA ALA L 80 49.62 -59.83 -82.33
C ALA L 80 49.91 -58.99 -81.10
N SER L 81 50.99 -58.22 -81.18
CA SER L 81 51.33 -57.21 -80.18
C SER L 81 51.22 -57.79 -78.79
N GLY L 82 51.87 -58.92 -78.57
CA GLY L 82 51.91 -59.35 -77.20
C GLY L 82 52.07 -60.86 -77.07
N ILE L 83 51.35 -61.39 -76.10
CA ILE L 83 51.66 -62.65 -75.50
C ILE L 83 50.83 -63.76 -76.15
N GLN L 84 51.35 -64.99 -76.05
CA GLN L 84 50.59 -66.16 -76.46
C GLN L 84 49.26 -66.21 -75.71
N PRO L 85 48.14 -66.48 -76.38
CA PRO L 85 46.84 -66.24 -75.76
C PRO L 85 46.43 -67.34 -74.82
N SER L 86 45.71 -66.95 -73.76
CA SER L 86 45.12 -67.93 -72.87
C SER L 86 43.93 -68.60 -73.56
N PRO L 87 43.61 -69.84 -73.19
CA PRO L 87 42.55 -70.56 -73.91
C PRO L 87 41.20 -69.88 -73.70
N THR L 88 40.47 -69.70 -74.79
CA THR L 88 39.20 -68.99 -74.75
C THR L 88 38.10 -69.86 -75.36
N VAL L 89 36.87 -69.56 -74.97
CA VAL L 89 35.70 -70.30 -75.45
C VAL L 89 35.29 -69.73 -76.80
N ALA L 90 35.15 -70.61 -77.80
CA ALA L 90 34.65 -70.17 -79.09
C ALA L 90 33.12 -70.17 -79.13
N PHE L 91 32.51 -71.20 -78.57
CA PHE L 91 31.06 -71.24 -78.41
C PHE L 91 30.73 -72.29 -77.36
N THR L 92 29.45 -72.36 -77.02
CA THR L 92 28.98 -73.27 -75.98
C THR L 92 27.57 -73.73 -76.34
N CYS L 93 27.29 -75.01 -76.08
CA CYS L 93 25.99 -75.61 -76.37
C CYS L 93 25.24 -75.83 -75.06
N PRO L 94 24.19 -75.07 -74.79
CA PRO L 94 23.37 -75.34 -73.60
C PRO L 94 22.10 -76.14 -73.85
N VAL L 95 21.74 -76.90 -72.82
CA VAL L 95 20.39 -77.40 -72.60
C VAL L 95 19.82 -76.68 -71.38
N PHE L 96 18.55 -76.28 -71.49
CA PHE L 96 17.74 -75.89 -70.35
C PHE L 96 16.55 -76.83 -70.23
N ILE L 97 16.23 -77.23 -69.01
CA ILE L 97 15.10 -78.11 -68.72
C ILE L 97 14.33 -77.53 -67.54
N GLU L 98 13.02 -77.38 -67.70
CA GLU L 98 12.17 -76.86 -66.64
C GLU L 98 10.96 -77.77 -66.45
N PHE L 99 10.87 -78.37 -65.27
CA PHE L 99 9.66 -79.07 -64.83
C PHE L 99 8.86 -78.12 -63.94
N THR L 100 7.53 -78.17 -64.05
CA THR L 100 6.73 -77.54 -63.01
C THR L 100 5.72 -78.54 -62.48
N LEU L 101 5.56 -78.55 -61.16
CA LEU L 101 4.76 -79.55 -60.46
C LEU L 101 3.83 -78.88 -59.46
N PRO L 102 2.52 -78.92 -59.67
CA PRO L 102 1.60 -78.25 -58.75
C PRO L 102 1.58 -78.94 -57.39
N ASP L 103 1.05 -78.22 -56.40
CA ASP L 103 1.06 -78.73 -55.04
C ASP L 103 0.13 -79.93 -54.89
N ALA L 104 -0.91 -80.02 -55.69
CA ALA L 104 -1.89 -81.08 -55.58
C ALA L 104 -1.53 -82.31 -56.39
N CYS L 105 -0.27 -82.48 -56.79
CA CYS L 105 0.10 -83.52 -57.73
C CYS L 105 0.55 -84.80 -57.02
N THR L 106 0.50 -85.91 -57.75
CA THR L 106 0.83 -87.22 -57.21
C THR L 106 2.30 -87.56 -57.47
N ILE L 107 2.85 -88.37 -56.58
CA ILE L 107 4.14 -89.00 -56.82
C ILE L 107 4.13 -89.73 -58.16
N GLN L 108 2.99 -90.35 -58.48
CA GLN L 108 2.84 -91.01 -59.77
C GLN L 108 2.93 -90.02 -60.92
N ASN L 109 2.33 -88.83 -60.76
CA ASN L 109 2.41 -87.82 -61.82
C ASN L 109 3.84 -87.35 -62.02
N ARG L 110 4.59 -87.15 -60.92
CA ARG L 110 5.98 -86.71 -61.06
C ARG L 110 6.81 -87.78 -61.79
N LYS L 111 6.66 -89.05 -61.40
CA LYS L 111 7.38 -90.10 -62.08
C LYS L 111 7.00 -90.17 -63.56
N ASP L 112 5.70 -90.04 -63.86
CA ASP L 112 5.22 -89.98 -65.23
C ASP L 112 5.96 -88.91 -66.03
N ILE L 113 5.96 -87.67 -65.52
CA ILE L 113 6.47 -86.56 -66.30
C ILE L 113 7.97 -86.71 -66.54
N LEU L 114 8.71 -87.14 -65.51
CA LEU L 114 10.14 -87.31 -65.67
C LEU L 114 10.46 -88.42 -66.67
N ALA L 115 9.71 -89.53 -66.60
CA ALA L 115 9.96 -90.63 -67.54
C ALA L 115 9.63 -90.21 -68.96
N TYR L 116 8.55 -89.43 -69.14
CA TYR L 116 8.25 -88.92 -70.47
C TYR L 116 9.41 -88.11 -71.03
N ALA L 117 9.98 -87.23 -70.19
CA ALA L 117 11.12 -86.43 -70.63
C ALA L 117 12.31 -87.31 -71.03
N LYS L 118 12.71 -88.23 -70.14
CA LYS L 118 13.91 -89.02 -70.43
C LYS L 118 13.72 -89.93 -71.64
N ASN L 119 12.55 -90.55 -71.76
CA ASN L 119 12.31 -91.45 -72.88
C ASN L 119 12.24 -90.67 -74.19
N PHE L 120 11.64 -89.47 -74.19
CA PHE L 120 11.67 -88.68 -75.41
C PHE L 120 13.10 -88.32 -75.79
N LEU L 121 13.89 -87.83 -74.82
CA LEU L 121 15.26 -87.43 -75.15
C LEU L 121 16.09 -88.60 -75.69
N ALA L 122 15.79 -89.81 -75.23
CA ALA L 122 16.42 -90.98 -75.84
C ALA L 122 15.89 -91.22 -77.25
N SER L 123 14.62 -90.86 -77.51
CA SER L 123 13.96 -91.28 -78.74
C SER L 123 14.65 -90.74 -79.99
N ALA L 124 14.53 -91.51 -81.07
CA ALA L 124 15.16 -91.13 -82.32
C ALA L 124 14.59 -89.84 -82.88
N THR L 125 13.34 -89.50 -82.57
CA THR L 125 12.80 -88.21 -83.01
C THR L 125 13.48 -87.05 -82.31
N ALA L 126 13.79 -87.20 -81.02
CA ALA L 126 14.61 -86.17 -80.38
C ALA L 126 16.02 -86.15 -80.98
N THR L 127 16.56 -87.33 -81.31
CA THR L 127 17.88 -87.35 -81.95
C THR L 127 17.85 -86.62 -83.30
N ASP L 128 16.87 -86.95 -84.16
CA ASP L 128 16.64 -86.23 -85.41
C ASP L 128 16.52 -84.74 -85.12
N LEU L 129 15.80 -84.39 -84.05
CA LEU L 129 15.50 -82.98 -83.78
C LEU L 129 16.74 -82.17 -83.43
N VAL L 130 17.65 -82.72 -82.62
CA VAL L 130 18.79 -81.94 -82.13
C VAL L 130 20.05 -82.17 -82.96
N VAL L 131 20.38 -83.43 -83.23
CA VAL L 131 21.61 -83.75 -83.94
C VAL L 131 21.55 -83.33 -85.40
N ASN L 132 20.42 -83.56 -86.07
CA ASN L 132 20.27 -83.14 -87.44
C ASN L 132 19.67 -81.75 -87.60
N THR L 133 19.25 -81.13 -86.50
CA THR L 133 18.62 -79.80 -86.50
C THR L 133 17.46 -79.74 -87.49
N ALA L 134 16.71 -80.84 -87.58
CA ALA L 134 15.69 -80.92 -88.60
C ALA L 134 14.29 -80.81 -88.00
N PRO L 135 13.36 -80.12 -88.69
CA PRO L 135 11.96 -80.10 -88.25
C PRO L 135 11.29 -81.46 -88.38
N GLN L 136 9.98 -81.51 -88.12
CA GLN L 136 9.19 -82.74 -88.31
C GLN L 136 8.15 -82.48 -89.40
N TYR L 137 8.45 -82.97 -90.61
CA TYR L 137 7.75 -82.56 -91.84
C TYR L 137 6.47 -83.36 -92.03
N GLN M 1 0.52 -74.84 0.33
CA GLN M 1 -0.92 -74.78 0.01
C GLN M 1 -1.70 -74.01 1.08
N ILE M 2 -2.85 -73.42 0.72
CA ILE M 2 -3.56 -72.55 1.66
C ILE M 2 -4.39 -73.38 2.62
N ALA M 3 -4.44 -72.92 3.86
CA ALA M 3 -5.19 -73.51 4.95
C ALA M 3 -5.28 -72.46 6.04
N ASN M 4 -6.36 -72.52 6.83
CA ASN M 4 -6.62 -71.47 7.80
C ASN M 4 -5.48 -71.37 8.82
N VAL M 5 -5.35 -70.19 9.42
CA VAL M 5 -4.27 -69.92 10.37
C VAL M 5 -4.90 -69.50 11.69
N VAL M 6 -4.32 -69.95 12.80
CA VAL M 6 -4.91 -69.80 14.12
C VAL M 6 -3.96 -68.99 14.98
N LEU M 7 -4.35 -67.77 15.35
CA LEU M 7 -3.52 -66.89 16.14
C LEU M 7 -4.19 -66.59 17.47
N ALA M 8 -3.39 -66.47 18.52
CA ALA M 8 -3.91 -66.32 19.88
C ALA M 8 -3.88 -64.84 20.28
N ASP M 9 -5.04 -64.32 20.69
CA ASP M 9 -5.09 -62.93 21.14
C ASP M 9 -4.46 -62.79 22.51
N GLY M 10 -4.11 -61.55 22.85
CA GLY M 10 -3.47 -61.26 24.11
C GLY M 10 -4.49 -61.01 25.21
N GLN M 11 -4.48 -61.86 26.23
CA GLN M 11 -5.39 -61.70 27.35
C GLN M 11 -4.84 -62.45 28.56
N ALA M 12 -5.65 -62.46 29.62
CA ALA M 12 -5.47 -63.40 30.72
C ALA M 12 -5.29 -64.82 30.20
N ALA M 13 -6.32 -65.34 29.55
CA ALA M 13 -6.30 -66.65 28.91
C ALA M 13 -6.52 -66.35 27.44
N PRO M 14 -5.50 -66.56 26.62
CA PRO M 14 -5.63 -66.20 25.21
C PRO M 14 -6.60 -67.12 24.50
N ALA M 15 -7.31 -66.55 23.54
CA ALA M 15 -8.28 -67.27 22.73
C ALA M 15 -7.72 -67.41 21.32
N ASP M 16 -7.91 -68.60 20.76
CA ASP M 16 -7.55 -68.89 19.38
C ASP M 16 -8.56 -68.24 18.44
N LYS M 17 -8.13 -67.24 17.68
CA LYS M 17 -8.91 -66.66 16.60
C LYS M 17 -8.45 -67.35 15.30
N THR M 18 -9.40 -67.98 14.61
CA THR M 18 -9.10 -68.75 13.41
C THR M 18 -9.45 -67.92 12.18
N PHE M 19 -8.46 -67.66 11.34
CA PHE M 19 -8.63 -67.02 10.03
C PHE M 19 -8.83 -68.14 9.02
N GLU M 20 -10.09 -68.33 8.60
CA GLU M 20 -10.39 -69.25 7.50
C GLU M 20 -9.91 -68.66 6.18
N PRO M 21 -9.37 -69.47 5.27
CA PRO M 21 -8.96 -68.93 3.97
C PRO M 21 -10.18 -68.48 3.19
N GLN M 22 -10.16 -67.24 2.74
CA GLN M 22 -11.24 -66.71 1.92
C GLN M 22 -10.78 -66.36 0.51
N ARG M 23 -9.49 -66.13 0.30
CA ARG M 23 -8.95 -66.03 -1.04
C ARG M 23 -7.49 -66.46 -1.05
N GLY M 24 -7.15 -67.37 -1.98
CA GLY M 24 -5.78 -67.81 -2.13
C GLY M 24 -4.99 -66.94 -3.10
N GLN M 25 -3.65 -67.11 -3.08
CA GLN M 25 -2.75 -66.44 -4.01
C GLN M 25 -2.28 -67.44 -5.04
N ASN M 26 -2.71 -67.27 -6.30
CA ASN M 26 -2.16 -68.07 -7.38
C ASN M 26 -1.32 -67.24 -8.34
N GLY M 27 -1.27 -65.93 -8.15
CA GLY M 27 -0.53 -65.05 -9.03
C GLY M 27 0.35 -64.12 -8.22
N VAL M 28 1.21 -63.38 -8.93
CA VAL M 28 2.17 -62.48 -8.26
C VAL M 28 1.54 -61.14 -7.91
N THR M 29 0.52 -60.73 -8.65
CA THR M 29 -0.02 -59.38 -8.43
C THR M 29 -0.69 -59.25 -7.05
N ASP M 30 -1.66 -60.14 -6.73
CA ASP M 30 -2.58 -59.99 -5.59
C ASP M 30 -2.29 -60.98 -4.47
N PRO M 31 -2.16 -60.50 -3.22
CA PRO M 31 -1.81 -61.39 -2.11
C PRO M 31 -2.96 -62.29 -1.70
N ALA M 32 -2.62 -63.34 -0.95
CA ALA M 32 -3.58 -64.24 -0.35
C ALA M 32 -4.17 -63.62 0.91
N GLU M 33 -5.41 -64.02 1.23
CA GLU M 33 -6.18 -63.36 2.27
C GLU M 33 -6.95 -64.39 3.09
N TRP M 34 -6.99 -64.17 4.40
CA TRP M 34 -7.69 -64.98 5.38
C TRP M 34 -8.64 -64.09 6.17
N TRP M 35 -9.84 -64.60 6.46
CA TRP M 35 -10.92 -63.86 7.10
C TRP M 35 -11.32 -64.56 8.39
N GLU M 36 -11.58 -63.78 9.45
CA GLU M 36 -11.80 -64.39 10.75
C GLU M 36 -13.24 -64.83 10.96
N LYS M 37 -14.20 -63.98 10.59
CA LYS M 37 -15.63 -64.30 10.69
C LYS M 37 -16.12 -64.42 12.13
N SER M 38 -15.45 -63.76 13.08
CA SER M 38 -15.97 -63.72 14.44
C SER M 38 -17.26 -62.91 14.50
N SER M 39 -17.19 -61.62 14.13
CA SER M 39 -18.38 -60.78 14.06
C SER M 39 -19.36 -61.30 13.01
N PRO M 40 -20.63 -60.88 13.06
CA PRO M 40 -21.60 -61.37 12.06
C PRO M 40 -21.52 -60.73 10.69
N THR M 41 -21.02 -59.49 10.60
CA THR M 41 -20.97 -58.76 9.34
C THR M 41 -19.54 -58.70 8.80
N LEU M 42 -19.43 -58.44 7.49
CA LEU M 42 -18.13 -58.45 6.83
C LEU M 42 -17.17 -57.44 7.43
N ASN M 43 -17.70 -56.32 7.95
CA ASN M 43 -16.84 -55.26 8.48
C ASN M 43 -16.08 -55.72 9.72
N GLY M 44 -16.66 -56.61 10.51
CA GLY M 44 -16.06 -57.07 11.75
C GLY M 44 -15.09 -58.21 11.62
N TYR M 45 -14.80 -58.65 10.40
CA TYR M 45 -13.83 -59.72 10.22
C TYR M 45 -12.43 -59.20 10.47
N ARG M 46 -11.59 -60.02 11.08
CA ARG M 46 -10.17 -59.75 11.14
C ARG M 46 -9.52 -60.33 9.89
N ARG M 47 -8.52 -59.62 9.36
CA ARG M 47 -7.94 -60.00 8.08
C ARG M 47 -6.46 -60.31 8.20
N LEU M 48 -6.01 -61.23 7.33
CA LEU M 48 -4.60 -61.56 7.20
C LEU M 48 -4.24 -61.71 5.73
N THR M 49 -3.32 -60.88 5.23
CA THR M 49 -2.86 -60.92 3.85
C THR M 49 -1.39 -61.33 3.79
N ALA M 50 -1.03 -62.10 2.76
CA ALA M 50 0.31 -62.65 2.61
C ALA M 50 0.64 -62.82 1.14
N LEU M 51 1.71 -62.16 0.70
CA LEU M 51 2.18 -62.19 -0.68
C LEU M 51 3.66 -62.54 -0.71
N VAL M 52 4.00 -63.61 -1.41
CA VAL M 52 5.38 -63.95 -1.72
C VAL M 52 5.57 -63.69 -3.22
N ARG M 53 6.54 -62.85 -3.55
CA ARG M 53 6.70 -62.33 -4.90
C ARG M 53 8.18 -62.26 -5.25
N ARG M 54 8.55 -62.87 -6.37
CA ARG M 54 9.94 -62.79 -6.81
C ARG M 54 10.15 -61.46 -7.53
N ASN M 55 11.08 -60.65 -7.02
CA ASN M 55 11.48 -59.41 -7.66
C ASN M 55 12.77 -59.69 -8.43
N ALA M 56 12.66 -59.70 -9.76
CA ALA M 56 13.81 -60.00 -10.61
C ALA M 56 14.81 -58.86 -10.64
N ALA M 57 14.38 -57.64 -10.33
CA ALA M 57 15.28 -56.49 -10.35
C ALA M 57 16.40 -56.64 -9.34
N SER M 58 16.04 -56.85 -8.08
CA SER M 58 17.01 -57.06 -7.00
C SER M 58 17.47 -58.50 -6.91
N LYS M 59 17.06 -59.35 -7.85
CA LYS M 59 17.29 -60.79 -7.78
C LYS M 59 16.98 -61.30 -6.38
N SER M 60 15.73 -61.09 -5.97
CA SER M 60 15.35 -61.35 -4.59
C SER M 60 13.90 -61.82 -4.55
N VAL M 61 13.42 -62.08 -3.34
CA VAL M 61 12.06 -62.54 -3.11
C VAL M 61 11.51 -61.77 -1.92
N LYS M 62 10.44 -61.01 -2.12
CA LYS M 62 9.80 -60.29 -1.04
C LYS M 62 8.63 -61.09 -0.48
N VAL M 63 8.40 -60.92 0.82
CA VAL M 63 7.29 -61.53 1.52
C VAL M 63 6.63 -60.45 2.35
N LYS M 64 5.39 -60.09 2.00
CA LYS M 64 4.62 -59.05 2.68
C LYS M 64 3.45 -59.70 3.41
N VAL M 65 3.36 -59.45 4.72
CA VAL M 65 2.29 -59.96 5.55
C VAL M 65 1.64 -58.78 6.25
N ALA M 66 0.30 -58.82 6.34
CA ALA M 66 -0.45 -57.77 7.00
C ALA M 66 -1.55 -58.39 7.85
N ILE M 67 -1.74 -57.85 9.05
CA ILE M 67 -2.79 -58.30 9.97
C ILE M 67 -3.62 -57.09 10.35
N TYR M 68 -4.89 -57.09 9.95
CA TYR M 68 -5.82 -56.01 10.25
C TYR M 68 -6.79 -56.47 11.33
N ASP M 69 -6.75 -55.81 12.50
CA ASP M 69 -7.68 -56.07 13.59
C ASP M 69 -8.60 -54.86 13.74
N PRO M 70 -9.85 -54.92 13.27
CA PRO M 70 -10.74 -53.78 13.41
C PRO M 70 -11.50 -53.84 14.73
N THR M 71 -11.76 -52.66 15.30
CA THR M 71 -12.60 -52.57 16.48
C THR M 71 -13.91 -51.91 16.04
N LEU M 72 -14.98 -52.70 15.97
CA LEU M 72 -16.25 -52.18 15.50
C LEU M 72 -16.75 -51.08 16.42
N ALA M 73 -17.20 -49.98 15.82
CA ALA M 73 -17.81 -48.93 16.63
C ALA M 73 -19.07 -49.46 17.30
N VAL M 74 -19.22 -49.11 18.58
CA VAL M 74 -20.47 -49.35 19.28
C VAL M 74 -21.60 -48.63 18.56
N THR M 75 -22.55 -49.39 18.03
CA THR M 75 -23.65 -48.84 17.24
C THR M 75 -24.93 -48.96 18.07
N ALA M 76 -25.47 -47.81 18.47
CA ALA M 76 -26.73 -47.66 19.19
C ALA M 76 -27.84 -47.20 18.25
N PRO M 77 -29.10 -47.58 18.51
CA PRO M 77 -30.19 -47.12 17.64
C PRO M 77 -30.26 -45.60 17.60
N SER M 78 -30.45 -45.08 16.40
CA SER M 78 -30.33 -43.65 16.15
C SER M 78 -31.15 -42.85 17.15
N THR M 79 -30.55 -41.78 17.64
CA THR M 79 -31.30 -40.85 18.47
C THR M 79 -32.17 -39.96 17.61
N ALA M 80 -31.78 -39.75 16.35
CA ALA M 80 -32.56 -38.93 15.44
C ALA M 80 -33.45 -39.75 14.51
N SER M 81 -32.89 -40.75 13.83
CA SER M 81 -33.72 -41.56 12.94
C SER M 81 -34.52 -42.63 13.68
N GLY M 82 -34.15 -42.93 14.93
CA GLY M 82 -34.71 -44.07 15.59
C GLY M 82 -34.32 -45.40 14.97
N ILE M 83 -33.35 -45.40 14.05
CA ILE M 83 -33.03 -46.53 13.19
C ILE M 83 -31.55 -46.83 13.34
N GLN M 84 -31.23 -47.93 14.02
CA GLN M 84 -29.84 -48.29 14.28
C GLN M 84 -29.09 -48.47 12.96
N PRO M 85 -27.96 -47.79 12.78
CA PRO M 85 -27.23 -47.91 11.51
C PRO M 85 -26.55 -49.26 11.39
N SER M 86 -26.36 -49.69 10.15
CA SER M 86 -25.60 -50.89 9.85
C SER M 86 -24.24 -50.78 10.52
N PRO M 87 -23.65 -51.89 10.97
CA PRO M 87 -22.44 -51.79 11.80
C PRO M 87 -21.28 -51.25 10.99
N THR M 88 -20.52 -50.34 11.60
CA THR M 88 -19.40 -49.64 10.98
C THR M 88 -18.14 -49.89 11.80
N VAL M 89 -17.00 -49.50 11.22
CA VAL M 89 -15.69 -49.67 11.84
C VAL M 89 -15.20 -48.31 12.33
N ALA M 90 -14.93 -48.21 13.64
CA ALA M 90 -14.46 -46.95 14.21
C ALA M 90 -12.98 -46.74 13.97
N PHE M 91 -12.19 -47.80 14.06
CA PHE M 91 -10.77 -47.75 13.70
C PHE M 91 -10.25 -49.17 13.57
N THR M 92 -9.03 -49.29 13.06
CA THR M 92 -8.42 -50.57 12.80
C THR M 92 -6.94 -50.50 13.16
N CYS M 93 -6.42 -51.59 13.74
CA CYS M 93 -5.01 -51.68 14.12
C CYS M 93 -4.32 -52.62 13.14
N PRO M 94 -3.44 -52.11 12.29
CA PRO M 94 -2.67 -53.01 11.42
C PRO M 94 -1.26 -53.29 11.91
N VAL M 95 -0.78 -54.48 11.53
CA VAL M 95 0.63 -54.82 11.49
C VAL M 95 1.02 -55.06 10.05
N PHE M 96 2.17 -54.51 9.65
CA PHE M 96 2.80 -54.80 8.38
C PHE M 96 4.18 -55.40 8.64
N ILE M 97 4.47 -56.52 8.00
CA ILE M 97 5.75 -57.20 8.11
C ILE M 97 6.28 -57.48 6.72
N GLU M 98 7.52 -57.10 6.45
CA GLU M 98 8.16 -57.33 5.17
C GLU M 98 9.50 -58.02 5.39
N PHE M 99 9.65 -59.22 4.82
CA PHE M 99 10.94 -59.89 4.72
C PHE M 99 11.44 -59.75 3.29
N THR M 100 12.75 -59.57 3.14
CA THR M 100 13.32 -59.72 1.80
C THR M 100 14.43 -60.74 1.83
N LEU M 101 14.45 -61.62 0.84
CA LEU M 101 15.37 -62.76 0.79
C LEU M 101 16.09 -62.78 -0.55
N PRO M 102 17.38 -62.46 -0.59
CA PRO M 102 18.08 -62.40 -1.89
C PRO M 102 18.18 -63.77 -2.53
N ASP M 103 18.54 -63.77 -3.82
CA ASP M 103 18.61 -65.02 -4.56
C ASP M 103 19.72 -65.93 -4.06
N ALA M 104 20.75 -65.36 -3.42
CA ALA M 104 21.88 -66.13 -2.93
C ALA M 104 21.72 -66.53 -1.46
N CYS M 105 20.49 -66.61 -0.97
CA CYS M 105 20.19 -66.68 0.46
C CYS M 105 20.12 -68.12 0.96
N THR M 106 20.86 -68.40 2.03
CA THR M 106 20.86 -69.74 2.62
C THR M 106 19.55 -70.04 3.33
N ILE M 107 19.17 -71.31 3.31
CA ILE M 107 18.04 -71.78 4.11
C ILE M 107 18.26 -71.41 5.57
N GLN M 108 19.50 -71.54 6.02
CA GLN M 108 19.84 -71.20 7.40
C GLN M 108 19.65 -69.70 7.66
N ASN M 109 19.99 -68.85 6.68
CA ASN M 109 19.77 -67.42 6.86
C ASN M 109 18.28 -67.10 6.95
N ARG M 110 17.46 -67.78 6.15
CA ARG M 110 16.01 -67.55 6.22
C ARG M 110 15.46 -67.94 7.59
N LYS M 111 15.85 -69.12 8.07
CA LYS M 111 15.46 -69.53 9.42
C LYS M 111 15.92 -68.50 10.45
N ASP M 112 17.16 -68.02 10.31
CA ASP M 112 17.70 -67.00 11.21
C ASP M 112 16.80 -65.77 11.28
N ILE M 113 16.47 -65.22 10.10
CA ILE M 113 15.78 -63.94 10.07
C ILE M 113 14.36 -64.08 10.60
N LEU M 114 13.67 -65.18 10.26
CA LEU M 114 12.34 -65.39 10.80
C LEU M 114 12.40 -65.57 12.31
N ALA M 115 13.46 -66.24 12.80
CA ALA M 115 13.59 -66.44 14.23
C ALA M 115 13.82 -65.13 14.96
N TYR M 116 14.69 -64.26 14.42
CA TYR M 116 14.92 -62.96 15.04
C TYR M 116 13.62 -62.17 15.12
N ALA M 117 12.84 -62.20 14.04
CA ALA M 117 11.55 -61.48 14.04
C ALA M 117 10.63 -62.02 15.13
N LYS M 118 10.38 -63.34 15.14
CA LYS M 118 9.40 -63.88 16.07
C LYS M 118 9.85 -63.71 17.52
N ASN M 119 11.14 -63.97 17.81
CA ASN M 119 11.62 -63.86 19.18
C ASN M 119 11.64 -62.41 19.65
N PHE M 120 11.94 -61.46 18.76
CA PHE M 120 11.84 -60.07 19.17
C PHE M 120 10.39 -59.68 19.47
N LEU M 121 9.45 -60.09 18.60
CA LEU M 121 8.06 -59.72 18.86
C LEU M 121 7.55 -60.33 20.16
N ALA M 122 8.01 -61.53 20.49
CA ALA M 122 7.71 -62.08 21.82
C ALA M 122 8.39 -61.28 22.92
N SER M 123 9.52 -60.62 22.62
CA SER M 123 10.37 -60.04 23.66
C SER M 123 9.67 -58.90 24.42
N ALA M 124 10.07 -58.77 25.69
CA ALA M 124 9.48 -57.77 26.57
C ALA M 124 9.78 -56.36 26.10
N THR M 125 10.87 -56.15 25.36
CA THR M 125 11.11 -54.83 24.78
C THR M 125 10.10 -54.50 23.70
N ALA M 126 9.73 -55.49 22.88
CA ALA M 126 8.63 -55.28 21.94
C ALA M 126 7.32 -55.00 22.68
N THR M 127 7.11 -55.66 23.82
CA THR M 127 5.89 -55.35 24.59
C THR M 127 5.91 -53.92 25.11
N ASP M 128 7.01 -53.51 25.76
CA ASP M 128 7.20 -52.11 26.17
C ASP M 128 7.02 -51.15 25.00
N LEU M 129 7.35 -51.60 23.79
CA LEU M 129 7.35 -50.75 22.62
C LEU M 129 5.95 -50.50 22.08
N VAL M 130 5.15 -51.57 21.95
CA VAL M 130 3.85 -51.48 21.29
C VAL M 130 2.70 -51.40 22.30
N VAL M 131 2.73 -52.24 23.33
CA VAL M 131 1.61 -52.28 24.28
C VAL M 131 1.60 -51.01 25.14
N ASN M 132 2.76 -50.58 25.61
CA ASN M 132 2.85 -49.34 26.38
C ASN M 132 3.16 -48.13 25.52
N THR M 133 3.29 -48.32 24.20
CA THR M 133 3.61 -47.24 23.26
C THR M 133 4.77 -46.39 23.78
N ALA M 134 5.81 -47.08 24.26
CA ALA M 134 6.91 -46.36 24.86
C ALA M 134 8.18 -46.58 24.05
N PRO M 135 8.98 -45.56 23.85
CA PRO M 135 10.26 -45.70 23.16
C PRO M 135 11.36 -46.18 24.10
N GLN M 136 12.56 -46.24 23.57
CA GLN M 136 13.74 -46.68 24.31
C GLN M 136 14.66 -45.47 24.47
N TYR M 137 14.59 -44.83 25.65
CA TYR M 137 15.12 -43.49 25.84
C TYR M 137 16.56 -43.40 26.40
N GLN N 1 -5.67 -81.65 -8.62
CA GLN N 1 -5.66 -80.25 -9.01
C GLN N 1 -4.35 -79.89 -9.69
N ILE N 2 -3.38 -79.46 -8.86
CA ILE N 2 -1.98 -79.28 -9.21
C ILE N 2 -1.17 -80.22 -8.32
N ALA N 3 -0.21 -80.92 -8.93
CA ALA N 3 0.61 -81.86 -8.20
C ALA N 3 2.05 -81.67 -8.63
N ASN N 4 2.95 -81.90 -7.68
CA ASN N 4 4.37 -81.78 -7.98
C ASN N 4 4.75 -82.76 -9.08
N VAL N 5 5.86 -82.48 -9.76
CA VAL N 5 6.24 -83.23 -10.94
C VAL N 5 7.69 -83.69 -10.80
N VAL N 6 7.95 -84.96 -11.10
CA VAL N 6 9.28 -85.53 -10.91
C VAL N 6 9.86 -85.88 -12.27
N LEU N 7 11.04 -85.35 -12.58
CA LEU N 7 11.71 -85.57 -13.84
C LEU N 7 13.06 -86.25 -13.61
N ALA N 8 13.45 -87.11 -14.55
CA ALA N 8 14.69 -87.86 -14.44
C ALA N 8 15.82 -87.08 -15.12
N ASP N 9 16.88 -86.79 -14.37
CA ASP N 9 18.00 -86.08 -14.98
C ASP N 9 18.85 -87.02 -15.82
N GLY N 10 19.76 -86.44 -16.57
CA GLY N 10 20.64 -87.22 -17.41
C GLY N 10 21.88 -87.64 -16.65
N GLN N 11 22.04 -88.93 -16.45
CA GLN N 11 23.21 -89.50 -15.79
C GLN N 11 23.26 -90.96 -16.23
N ALA N 12 24.23 -91.69 -15.68
CA ALA N 12 24.25 -93.14 -15.87
C ALA N 12 22.93 -93.74 -15.42
N ALA N 13 22.54 -93.48 -14.17
CA ALA N 13 21.22 -93.83 -13.68
C ALA N 13 20.51 -92.52 -13.38
N PRO N 14 19.36 -92.27 -14.00
CA PRO N 14 18.65 -91.01 -13.74
C PRO N 14 18.31 -90.86 -12.26
N ALA N 15 18.54 -89.65 -11.75
CA ALA N 15 18.23 -89.28 -10.38
C ALA N 15 16.98 -88.41 -10.43
N ASP N 16 15.88 -88.94 -9.90
CA ASP N 16 14.62 -88.23 -9.83
C ASP N 16 14.78 -86.88 -9.14
N LYS N 17 14.44 -85.82 -9.86
CA LYS N 17 14.38 -84.46 -9.33
C LYS N 17 12.93 -84.07 -9.20
N THR N 18 12.51 -83.77 -7.97
CA THR N 18 11.12 -83.46 -7.67
C THR N 18 10.91 -81.94 -7.65
N PHE N 19 9.93 -81.47 -8.42
CA PHE N 19 9.55 -80.08 -8.47
C PHE N 19 8.27 -79.92 -7.68
N GLU N 20 8.36 -79.28 -6.50
CA GLU N 20 7.20 -79.00 -5.66
C GLU N 20 6.38 -77.86 -6.25
N PRO N 21 5.06 -77.91 -6.14
CA PRO N 21 4.22 -76.81 -6.62
C PRO N 21 4.28 -75.65 -5.63
N GLN N 22 4.99 -74.59 -6.01
CA GLN N 22 5.05 -73.42 -5.14
C GLN N 22 4.01 -72.37 -5.51
N ARG N 23 3.49 -72.38 -6.74
CA ARG N 23 2.34 -71.56 -7.11
C ARG N 23 1.60 -72.22 -8.27
N GLY N 24 0.26 -72.18 -8.21
CA GLY N 24 -0.56 -72.74 -9.25
C GLY N 24 -0.91 -71.71 -10.29
N GLN N 25 -1.51 -72.19 -11.39
CA GLN N 25 -1.84 -71.30 -12.50
C GLN N 25 -2.96 -70.35 -12.11
N ASN N 26 -2.65 -69.05 -12.16
CA ASN N 26 -3.57 -68.02 -11.67
C ASN N 26 -4.95 -68.16 -12.29
N GLY N 27 -4.97 -68.29 -13.61
CA GLY N 27 -6.18 -68.25 -14.41
C GLY N 27 -5.68 -68.37 -15.82
N VAL N 28 -5.98 -67.39 -16.67
CA VAL N 28 -5.35 -67.30 -17.99
C VAL N 28 -4.18 -66.34 -18.02
N THR N 29 -3.89 -65.67 -16.91
CA THR N 29 -2.88 -64.63 -16.90
C THR N 29 -1.49 -65.12 -16.50
N ASP N 30 -1.36 -65.78 -15.34
CA ASP N 30 -0.08 -66.16 -14.79
C ASP N 30 0.10 -67.67 -14.83
N PRO N 31 1.22 -68.17 -15.35
CA PRO N 31 1.39 -69.62 -15.46
C PRO N 31 1.65 -70.26 -14.10
N ALA N 32 1.40 -71.57 -14.04
CA ALA N 32 1.73 -72.35 -12.87
C ALA N 32 3.24 -72.57 -12.80
N GLU N 33 3.78 -72.62 -11.58
CA GLU N 33 5.22 -72.70 -11.40
C GLU N 33 5.57 -73.73 -10.33
N TRP N 34 6.66 -74.46 -10.59
CA TRP N 34 7.16 -75.53 -9.75
C TRP N 34 8.65 -75.30 -9.50
N TRP N 35 9.07 -75.62 -8.27
CA TRP N 35 10.42 -75.33 -7.79
C TRP N 35 11.07 -76.61 -7.28
N GLU N 36 12.31 -76.89 -7.74
CA GLU N 36 12.99 -78.11 -7.30
C GLU N 36 13.38 -78.03 -5.84
N LYS N 37 14.02 -76.93 -5.45
CA LYS N 37 14.40 -76.68 -4.06
C LYS N 37 15.39 -77.72 -3.56
N SER N 38 16.32 -78.13 -4.42
CA SER N 38 17.35 -79.08 -3.99
C SER N 38 18.56 -78.36 -3.40
N SER N 39 19.14 -77.42 -4.15
CA SER N 39 20.32 -76.67 -3.71
C SER N 39 20.02 -75.88 -2.43
N PRO N 40 21.06 -75.56 -1.65
CA PRO N 40 20.81 -74.77 -0.43
C PRO N 40 20.51 -73.31 -0.71
N THR N 41 21.04 -72.76 -1.79
CA THR N 41 20.74 -71.39 -2.17
C THR N 41 19.49 -71.36 -3.05
N LEU N 42 18.79 -70.22 -3.01
CA LEU N 42 17.67 -70.03 -3.92
C LEU N 42 18.11 -70.00 -5.38
N ASN N 43 19.41 -69.78 -5.63
CA ASN N 43 19.92 -69.76 -6.99
C ASN N 43 19.70 -71.10 -7.70
N GLY N 44 19.98 -72.20 -7.00
CA GLY N 44 19.98 -73.54 -7.55
C GLY N 44 18.65 -74.26 -7.57
N TYR N 45 17.55 -73.56 -7.31
CA TYR N 45 16.23 -74.13 -7.53
C TYR N 45 15.98 -74.24 -9.04
N ARG N 46 15.65 -75.44 -9.51
CA ARG N 46 15.24 -75.60 -10.90
C ARG N 46 13.75 -75.27 -11.04
N ARG N 47 13.36 -74.76 -12.20
CA ARG N 47 12.00 -74.21 -12.36
C ARG N 47 11.23 -74.87 -13.50
N LEU N 48 9.90 -74.92 -13.33
CA LEU N 48 9.00 -75.41 -14.37
C LEU N 48 7.75 -74.55 -14.39
N THR N 49 7.45 -73.95 -15.55
CA THR N 49 6.25 -73.14 -15.72
C THR N 49 5.35 -73.75 -16.80
N ALA N 50 4.04 -73.75 -16.54
CA ALA N 50 3.08 -74.28 -17.50
C ALA N 50 1.80 -73.45 -17.47
N LEU N 51 1.38 -73.01 -18.66
CA LEU N 51 0.20 -72.16 -18.83
C LEU N 51 -0.65 -72.70 -19.99
N VAL N 52 -1.96 -72.76 -19.77
CA VAL N 52 -2.93 -73.22 -20.77
C VAL N 52 -3.99 -72.14 -20.93
N ARG N 53 -4.00 -71.50 -22.09
CA ARG N 53 -4.85 -70.34 -22.30
C ARG N 53 -5.51 -70.41 -23.68
N ARG N 54 -6.79 -70.07 -23.74
CA ARG N 54 -7.53 -70.08 -25.01
C ARG N 54 -7.46 -68.68 -25.63
N ASN N 55 -6.72 -68.55 -26.72
CA ASN N 55 -6.80 -67.34 -27.53
C ASN N 55 -8.11 -67.38 -28.30
N ALA N 56 -9.05 -66.51 -27.88
CA ALA N 56 -10.40 -66.53 -28.41
C ALA N 56 -10.47 -65.96 -29.82
N ALA N 57 -9.60 -65.01 -30.15
CA ALA N 57 -9.52 -64.50 -31.50
C ALA N 57 -9.15 -65.61 -32.47
N SER N 58 -7.99 -66.23 -32.25
CA SER N 58 -7.50 -67.29 -33.13
C SER N 58 -8.27 -68.59 -32.96
N LYS N 59 -9.27 -68.62 -32.08
CA LYS N 59 -10.02 -69.84 -31.77
C LYS N 59 -9.07 -71.01 -31.59
N SER N 60 -8.17 -70.85 -30.61
CA SER N 60 -7.18 -71.90 -30.38
C SER N 60 -6.78 -71.91 -28.92
N VAL N 61 -6.04 -72.93 -28.54
CA VAL N 61 -5.53 -73.10 -27.18
C VAL N 61 -4.02 -73.18 -27.26
N LYS N 62 -3.35 -72.25 -26.58
CA LYS N 62 -1.90 -72.28 -26.45
C LYS N 62 -1.53 -72.98 -25.15
N VAL N 63 -0.47 -73.78 -25.20
CA VAL N 63 0.08 -74.48 -24.05
C VAL N 63 1.58 -74.20 -24.03
N LYS N 64 2.02 -73.44 -23.01
CA LYS N 64 3.41 -73.02 -22.88
C LYS N 64 4.05 -73.66 -21.66
N VAL N 65 5.17 -74.31 -21.86
CA VAL N 65 5.93 -74.96 -20.79
C VAL N 65 7.38 -74.51 -20.89
N ALA N 66 7.99 -74.26 -19.73
CA ALA N 66 9.39 -73.88 -19.67
C ALA N 66 10.08 -74.61 -18.53
N ILE N 67 11.32 -75.04 -18.79
CA ILE N 67 12.14 -75.73 -17.80
C ILE N 67 13.46 -74.98 -17.68
N TYR N 68 13.74 -74.46 -16.49
CA TYR N 68 14.93 -73.66 -16.22
C TYR N 68 15.87 -74.44 -15.33
N ASP N 69 17.07 -74.75 -15.83
CA ASP N 69 18.09 -75.45 -15.04
C ASP N 69 19.27 -74.52 -14.80
N PRO N 70 19.49 -74.02 -13.60
CA PRO N 70 20.65 -73.14 -13.37
C PRO N 70 21.89 -73.92 -12.99
N THR N 71 23.04 -73.40 -13.41
CA THR N 71 24.34 -73.87 -12.95
C THR N 71 25.07 -72.72 -12.29
N LEU N 72 25.52 -72.96 -11.06
CA LEU N 72 26.11 -71.97 -10.18
C LEU N 72 27.63 -72.01 -10.27
N ALA N 73 28.24 -70.94 -9.76
CA ALA N 73 29.69 -70.86 -9.73
C ALA N 73 30.09 -69.92 -8.62
N VAL N 74 31.18 -70.25 -7.94
CA VAL N 74 31.71 -69.43 -6.88
C VAL N 74 32.98 -68.74 -7.38
N THR N 75 33.32 -67.61 -6.76
CA THR N 75 34.58 -66.93 -7.10
C THR N 75 35.77 -67.87 -6.94
N ALA N 76 35.73 -68.71 -5.90
CA ALA N 76 36.83 -69.59 -5.56
C ALA N 76 36.26 -70.83 -4.88
N PRO N 77 36.92 -71.98 -5.00
CA PRO N 77 36.34 -73.21 -4.47
C PRO N 77 36.14 -73.13 -2.96
N SER N 78 35.13 -73.85 -2.48
CA SER N 78 34.71 -73.78 -1.08
C SER N 78 35.75 -74.41 -0.15
N THR N 79 35.86 -73.86 1.07
CA THR N 79 36.81 -74.35 2.07
C THR N 79 36.18 -75.08 3.24
N ALA N 80 34.94 -74.76 3.60
CA ALA N 80 34.22 -75.32 4.74
C ALA N 80 34.82 -74.92 6.08
N SER N 81 35.64 -73.87 6.13
CA SER N 81 36.25 -73.45 7.38
C SER N 81 35.86 -72.04 7.78
N GLY N 82 36.16 -71.04 6.97
CA GLY N 82 35.86 -69.66 7.28
C GLY N 82 34.76 -69.13 6.39
N ILE N 83 34.55 -67.81 6.49
CA ILE N 83 33.56 -67.16 5.64
C ILE N 83 33.97 -67.32 4.19
N GLN N 84 33.04 -67.79 3.38
CA GLN N 84 33.32 -68.22 2.01
C GLN N 84 32.54 -67.37 1.03
N PRO N 85 32.95 -67.35 -0.23
CA PRO N 85 32.24 -66.53 -1.23
C PRO N 85 30.87 -67.11 -1.53
N SER N 86 29.84 -66.25 -1.45
CA SER N 86 28.50 -66.67 -1.85
C SER N 86 28.49 -66.93 -3.35
N PRO N 87 27.63 -67.85 -3.80
CA PRO N 87 27.70 -68.30 -5.20
C PRO N 87 26.85 -67.44 -6.12
N THR N 88 27.40 -67.15 -7.29
CA THR N 88 26.67 -66.47 -8.35
C THR N 88 26.05 -67.50 -9.28
N VAL N 89 25.07 -67.04 -10.06
CA VAL N 89 24.46 -67.87 -11.10
C VAL N 89 25.37 -67.78 -12.33
N ALA N 90 26.08 -68.87 -12.62
CA ALA N 90 26.95 -68.88 -13.79
C ALA N 90 26.13 -68.80 -15.06
N PHE N 91 25.19 -69.72 -15.25
CA PHE N 91 24.32 -69.66 -16.43
C PHE N 91 23.06 -70.45 -16.17
N THR N 92 22.17 -70.45 -17.16
CA THR N 92 20.90 -71.18 -17.07
C THR N 92 20.62 -71.83 -18.42
N CYS N 93 20.19 -73.09 -18.36
CA CYS N 93 19.78 -73.84 -19.55
C CYS N 93 18.27 -73.93 -19.58
N PRO N 94 17.60 -73.17 -20.44
CA PRO N 94 16.15 -73.35 -20.60
C PRO N 94 15.76 -74.21 -21.78
N VAL N 95 14.62 -74.89 -21.57
CA VAL N 95 13.76 -75.42 -22.62
C VAL N 95 12.46 -74.65 -22.63
N PHE N 96 12.00 -74.29 -23.83
CA PHE N 96 10.67 -73.74 -24.04
C PHE N 96 9.91 -74.66 -24.98
N ILE N 97 8.68 -74.98 -24.62
CA ILE N 97 7.81 -75.86 -25.39
C ILE N 97 6.48 -75.14 -25.58
N GLU N 98 6.01 -75.08 -26.82
CA GLU N 98 4.73 -74.47 -27.13
C GLU N 98 3.93 -75.38 -28.04
N PHE N 99 2.72 -75.73 -27.61
CA PHE N 99 1.74 -76.39 -28.45
C PHE N 99 0.64 -75.39 -28.78
N THR N 100 0.14 -75.44 -30.01
CA THR N 100 -1.09 -74.70 -30.31
C THR N 100 -2.10 -75.66 -30.93
N LEU N 101 -3.31 -75.64 -30.38
CA LEU N 101 -4.36 -76.59 -30.76
C LEU N 101 -5.60 -75.81 -31.18
N PRO N 102 -5.94 -75.80 -32.47
CA PRO N 102 -7.13 -75.06 -32.91
C PRO N 102 -8.39 -75.59 -32.24
N ASP N 103 -9.41 -74.74 -32.21
CA ASP N 103 -10.60 -75.07 -31.43
C ASP N 103 -11.30 -76.32 -31.97
N ALA N 104 -11.32 -76.47 -33.28
CA ALA N 104 -11.95 -77.64 -33.91
C ALA N 104 -10.93 -78.77 -34.09
N CYS N 105 -10.38 -79.22 -32.97
CA CYS N 105 -9.27 -80.17 -32.95
C CYS N 105 -9.67 -81.44 -32.21
N THR N 106 -9.29 -82.58 -32.77
CA THR N 106 -9.63 -83.86 -32.17
C THR N 106 -8.73 -84.16 -30.97
N ILE N 107 -9.33 -84.80 -29.97
CA ILE N 107 -8.54 -85.35 -28.88
C ILE N 107 -7.47 -86.28 -29.43
N GLN N 108 -7.79 -87.01 -30.50
CA GLN N 108 -6.80 -87.89 -31.13
C GLN N 108 -5.66 -87.08 -31.74
N ASN N 109 -5.97 -85.92 -32.33
CA ASN N 109 -4.92 -85.06 -32.85
C ASN N 109 -4.03 -84.54 -31.73
N ARG N 110 -4.62 -84.20 -30.57
CA ARG N 110 -3.82 -83.75 -29.44
C ARG N 110 -2.88 -84.84 -28.96
N LYS N 111 -3.41 -86.06 -28.82
CA LYS N 111 -2.57 -87.20 -28.45
C LYS N 111 -1.45 -87.40 -29.45
N ASP N 112 -1.78 -87.32 -30.75
CA ASP N 112 -0.77 -87.44 -31.80
C ASP N 112 0.36 -86.44 -31.61
N ILE N 113 0.02 -85.16 -31.46
CA ILE N 113 1.05 -84.12 -31.46
C ILE N 113 1.92 -84.24 -30.20
N LEU N 114 1.31 -84.54 -29.04
CA LEU N 114 2.11 -84.73 -27.84
C LEU N 114 3.03 -85.93 -27.98
N ALA N 115 2.53 -87.00 -28.62
CA ALA N 115 3.36 -88.19 -28.83
C ALA N 115 4.53 -87.90 -29.75
N TYR N 116 4.30 -87.14 -30.83
CA TYR N 116 5.38 -86.76 -31.72
C TYR N 116 6.45 -86.00 -30.98
N ALA N 117 6.04 -85.04 -30.14
CA ALA N 117 7.00 -84.27 -29.35
C ALA N 117 7.81 -85.17 -28.42
N LYS N 118 7.13 -86.00 -27.63
CA LYS N 118 7.85 -86.78 -26.62
C LYS N 118 8.75 -87.83 -27.25
N ASN N 119 8.26 -88.53 -28.29
CA ASN N 119 9.07 -89.55 -28.95
C ASN N 119 10.26 -88.93 -29.65
N PHE N 120 10.09 -87.74 -30.25
CA PHE N 120 11.23 -87.07 -30.84
C PHE N 120 12.26 -86.71 -29.78
N LEU N 121 11.83 -86.10 -28.68
CA LEU N 121 12.79 -85.71 -27.65
C LEU N 121 13.52 -86.92 -27.08
N ALA N 122 12.86 -88.07 -27.02
CA ALA N 122 13.57 -89.29 -26.65
C ALA N 122 14.54 -89.72 -27.74
N SER N 123 14.28 -89.36 -29.00
CA SER N 123 15.03 -89.90 -30.12
C SER N 123 16.50 -89.50 -30.11
N ALA N 124 17.32 -90.42 -30.63
CA ALA N 124 18.76 -90.20 -30.71
C ALA N 124 19.12 -89.06 -31.66
N THR N 125 18.24 -88.73 -32.62
CA THR N 125 18.51 -87.54 -33.43
C THR N 125 18.39 -86.27 -32.60
N ALA N 126 17.38 -86.20 -31.73
CA ALA N 126 17.31 -85.11 -30.76
C ALA N 126 18.54 -85.10 -29.85
N THR N 127 19.03 -86.28 -29.49
CA THR N 127 20.24 -86.33 -28.66
C THR N 127 21.45 -85.78 -29.40
N ASP N 128 21.72 -86.28 -30.62
CA ASP N 128 22.77 -85.71 -31.47
C ASP N 128 22.59 -84.20 -31.62
N LEU N 129 21.33 -83.74 -31.64
CA LEU N 129 21.05 -82.33 -31.88
C LEU N 129 21.41 -81.46 -30.70
N VAL N 130 20.92 -81.81 -29.51
CA VAL N 130 21.03 -80.95 -28.34
C VAL N 130 22.19 -81.34 -27.43
N VAL N 131 22.31 -82.63 -27.10
CA VAL N 131 23.39 -83.07 -26.23
C VAL N 131 24.72 -82.87 -26.92
N ASN N 132 24.83 -83.39 -28.14
CA ASN N 132 26.09 -83.38 -28.86
C ASN N 132 26.43 -81.99 -29.42
N THR N 133 25.43 -81.11 -29.55
CA THR N 133 25.58 -79.75 -30.12
C THR N 133 26.03 -79.83 -31.57
N ALA N 134 25.29 -80.58 -32.37
CA ALA N 134 25.69 -80.84 -33.73
C ALA N 134 24.42 -80.85 -34.58
N PRO N 135 24.35 -80.06 -35.63
CA PRO N 135 23.16 -80.06 -36.49
C PRO N 135 23.23 -81.16 -37.53
N GLN N 136 22.11 -81.31 -38.23
CA GLN N 136 21.92 -82.36 -39.22
C GLN N 136 22.31 -81.85 -40.61
N TYR N 137 23.49 -82.25 -41.08
CA TYR N 137 24.01 -81.70 -42.33
C TYR N 137 23.84 -82.64 -43.52
N GLN O 1 -11.54 -73.59 -2.75
CA GLN O 1 -10.57 -73.85 -3.82
C GLN O 1 -11.35 -74.41 -4.97
N ILE O 2 -10.73 -74.52 -6.14
CA ILE O 2 -11.46 -74.85 -7.36
C ILE O 2 -11.30 -76.32 -7.69
N ALA O 3 -12.43 -76.99 -7.91
CA ALA O 3 -12.48 -78.35 -8.43
C ALA O 3 -13.68 -78.43 -9.36
N ASN O 4 -13.71 -79.50 -10.15
CA ASN O 4 -14.78 -79.63 -11.13
C ASN O 4 -16.12 -79.79 -10.42
N VAL O 5 -17.20 -79.38 -11.10
CA VAL O 5 -18.54 -79.40 -10.53
C VAL O 5 -19.40 -80.35 -11.35
N VAL O 6 -20.26 -81.11 -10.67
CA VAL O 6 -21.04 -82.16 -11.32
C VAL O 6 -22.51 -81.79 -11.24
N LEU O 7 -23.14 -81.61 -12.41
CA LEU O 7 -24.53 -81.18 -12.50
C LEU O 7 -25.34 -82.27 -13.19
N ALA O 8 -26.47 -82.64 -12.59
CA ALA O 8 -27.30 -83.69 -13.15
C ALA O 8 -28.28 -83.09 -14.16
N ASP O 9 -28.33 -83.68 -15.35
CA ASP O 9 -29.17 -83.13 -16.41
C ASP O 9 -30.63 -83.47 -16.17
N GLY O 10 -31.49 -82.95 -17.04
CA GLY O 10 -32.91 -83.20 -16.93
C GLY O 10 -33.30 -84.38 -17.80
N GLN O 11 -33.62 -85.49 -17.15
CA GLN O 11 -34.12 -86.70 -17.80
C GLN O 11 -34.97 -87.44 -16.77
N ALA O 12 -35.48 -88.59 -17.17
CA ALA O 12 -36.04 -89.52 -16.20
C ALA O 12 -35.04 -89.87 -15.13
N ALA O 13 -33.92 -90.41 -15.56
CA ALA O 13 -32.82 -90.72 -14.72
C ALA O 13 -31.74 -89.70 -15.02
N PRO O 14 -31.34 -88.92 -14.03
CA PRO O 14 -30.33 -87.90 -14.26
C PRO O 14 -29.02 -88.56 -14.68
N ALA O 15 -28.31 -87.89 -15.57
CA ALA O 15 -26.99 -88.29 -16.02
C ALA O 15 -26.04 -87.17 -15.66
N ASP O 16 -25.09 -87.47 -14.78
CA ASP O 16 -24.18 -86.46 -14.27
C ASP O 16 -23.25 -85.98 -15.38
N LYS O 17 -23.25 -84.66 -15.60
CA LYS O 17 -22.31 -84.02 -16.50
C LYS O 17 -21.28 -83.30 -15.66
N THR O 18 -20.01 -83.59 -15.90
CA THR O 18 -18.91 -83.05 -15.11
C THR O 18 -18.27 -81.88 -15.84
N PHE O 19 -18.12 -80.76 -15.15
CA PHE O 19 -17.49 -79.55 -15.68
C PHE O 19 -16.13 -79.42 -15.02
N GLU O 20 -15.06 -79.71 -15.78
CA GLU O 20 -13.70 -79.60 -15.32
C GLU O 20 -13.21 -78.16 -15.46
N PRO O 21 -12.51 -77.62 -14.47
CA PRO O 21 -12.16 -76.20 -14.50
C PRO O 21 -11.13 -75.87 -15.56
N GLN O 22 -11.27 -74.69 -16.14
CA GLN O 22 -10.36 -74.15 -17.14
C GLN O 22 -9.70 -72.85 -16.72
N ARG O 23 -10.33 -72.07 -15.84
CA ARG O 23 -9.81 -70.80 -15.36
C ARG O 23 -10.13 -70.63 -13.89
N GLY O 24 -9.18 -70.06 -13.15
CA GLY O 24 -9.45 -69.54 -11.84
C GLY O 24 -9.86 -68.08 -11.92
N GLN O 25 -10.66 -67.64 -10.96
CA GLN O 25 -11.04 -66.24 -10.90
C GLN O 25 -9.83 -65.41 -10.48
N ASN O 26 -9.47 -64.43 -11.30
CA ASN O 26 -8.33 -63.57 -11.06
C ASN O 26 -8.82 -62.14 -10.93
N GLY O 27 -8.57 -61.53 -9.77
CA GLY O 27 -9.05 -60.18 -9.55
C GLY O 27 -10.57 -60.14 -9.48
N VAL O 28 -11.17 -59.20 -10.20
CA VAL O 28 -12.62 -59.15 -10.33
C VAL O 28 -13.00 -59.02 -11.79
N THR O 29 -12.02 -58.74 -12.65
CA THR O 29 -12.31 -58.64 -14.07
C THR O 29 -12.65 -60.01 -14.67
N ASP O 30 -11.93 -61.05 -14.25
CA ASP O 30 -11.94 -62.35 -14.92
C ASP O 30 -12.75 -63.34 -14.11
N PRO O 31 -13.79 -63.97 -14.68
CA PRO O 31 -14.50 -65.02 -13.96
C PRO O 31 -13.86 -66.39 -14.14
N ALA O 32 -14.11 -67.27 -13.18
CA ALA O 32 -13.62 -68.65 -13.27
C ALA O 32 -14.54 -69.48 -14.17
N GLU O 33 -13.96 -70.36 -14.98
CA GLU O 33 -14.69 -71.05 -16.03
C GLU O 33 -14.47 -72.56 -15.95
N TRP O 34 -15.54 -73.31 -16.26
CA TRP O 34 -15.56 -74.77 -16.27
C TRP O 34 -16.12 -75.26 -17.60
N TRP O 35 -15.52 -76.32 -18.13
CA TRP O 35 -15.85 -76.89 -19.43
C TRP O 35 -16.27 -78.35 -19.30
N GLU O 36 -17.32 -78.76 -20.04
CA GLU O 36 -17.81 -80.13 -19.88
C GLU O 36 -16.96 -81.16 -20.61
N LYS O 37 -16.52 -80.84 -21.82
CA LYS O 37 -15.69 -81.74 -22.63
C LYS O 37 -16.46 -82.98 -23.07
N SER O 38 -17.78 -82.86 -23.24
CA SER O 38 -18.54 -84.05 -23.63
C SER O 38 -18.39 -84.32 -25.13
N SER O 39 -18.66 -83.33 -25.97
CA SER O 39 -18.55 -83.49 -27.42
C SER O 39 -17.09 -83.48 -27.87
N PRO O 40 -16.79 -83.93 -29.10
CA PRO O 40 -15.38 -83.94 -29.53
C PRO O 40 -14.74 -82.56 -29.71
N THR O 41 -15.43 -81.60 -30.33
CA THR O 41 -14.86 -80.27 -30.58
C THR O 41 -15.26 -79.32 -29.45
N LEU O 42 -14.69 -78.10 -29.47
CA LEU O 42 -14.99 -77.15 -28.40
C LEU O 42 -16.45 -76.73 -28.42
N ASN O 43 -17.02 -76.52 -29.60
CA ASN O 43 -18.37 -75.98 -29.70
C ASN O 43 -19.37 -76.80 -28.89
N GLY O 44 -19.09 -78.09 -28.67
CA GLY O 44 -19.99 -78.95 -27.92
C GLY O 44 -19.82 -78.91 -26.41
N TYR O 45 -18.70 -78.37 -25.93
CA TYR O 45 -18.50 -78.21 -24.48
C TYR O 45 -19.61 -77.36 -23.88
N ARG O 46 -20.13 -77.80 -22.73
CA ARG O 46 -21.03 -76.96 -21.94
C ARG O 46 -20.19 -76.13 -20.97
N ARG O 47 -20.59 -74.88 -20.76
CA ARG O 47 -19.78 -73.93 -20.01
C ARG O 47 -20.46 -73.51 -18.70
N LEU O 48 -19.62 -73.23 -17.71
CA LEU O 48 -20.06 -72.66 -16.44
C LEU O 48 -19.09 -71.57 -16.01
N THR O 49 -19.60 -70.34 -15.85
CA THR O 49 -18.78 -69.21 -15.41
C THR O 49 -19.28 -68.70 -14.06
N ALA O 50 -18.33 -68.34 -13.19
CA ALA O 50 -18.68 -67.84 -11.86
C ALA O 50 -17.70 -66.77 -11.45
N LEU O 51 -18.25 -65.64 -11.00
CA LEU O 51 -17.45 -64.46 -10.64
C LEU O 51 -18.04 -63.83 -9.40
N VAL O 52 -17.22 -63.70 -8.35
CA VAL O 52 -17.59 -62.95 -7.15
C VAL O 52 -16.75 -61.67 -7.15
N ARG O 53 -17.42 -60.53 -7.32
CA ARG O 53 -16.75 -59.24 -7.38
C ARG O 53 -17.37 -58.29 -6.38
N ARG O 54 -16.54 -57.62 -5.59
CA ARG O 54 -17.07 -56.62 -4.69
C ARG O 54 -17.28 -55.32 -5.44
N ASN O 55 -18.50 -54.77 -5.34
CA ASN O 55 -18.82 -53.45 -5.87
C ASN O 55 -18.78 -52.47 -4.71
N ALA O 56 -17.82 -51.53 -4.77
CA ALA O 56 -17.61 -50.59 -3.67
C ALA O 56 -18.61 -49.44 -3.69
N ALA O 57 -19.19 -49.15 -4.85
CA ALA O 57 -20.22 -48.13 -4.93
C ALA O 57 -21.40 -48.47 -4.04
N SER O 58 -21.97 -49.66 -4.22
CA SER O 58 -23.10 -50.11 -3.43
C SER O 58 -22.70 -50.67 -2.07
N LYS O 59 -21.41 -50.69 -1.75
CA LYS O 59 -20.90 -51.34 -0.56
C LYS O 59 -21.48 -52.75 -0.44
N SER O 60 -21.22 -53.56 -1.46
CA SER O 60 -21.86 -54.86 -1.52
C SER O 60 -21.02 -55.81 -2.37
N VAL O 61 -21.39 -57.08 -2.34
CA VAL O 61 -20.73 -58.12 -3.11
C VAL O 61 -21.71 -58.65 -4.14
N LYS O 62 -21.24 -58.82 -5.37
CA LYS O 62 -22.05 -59.43 -6.44
C LYS O 62 -21.52 -60.81 -6.76
N VAL O 63 -22.43 -61.73 -7.07
CA VAL O 63 -22.09 -63.09 -7.47
C VAL O 63 -22.83 -63.39 -8.77
N LYS O 64 -22.08 -63.60 -9.85
CA LYS O 64 -22.64 -63.88 -11.16
C LYS O 64 -22.25 -65.28 -11.60
N VAL O 65 -23.26 -66.05 -12.00
CA VAL O 65 -23.08 -67.41 -12.48
C VAL O 65 -23.77 -67.52 -13.83
N ALA O 66 -23.18 -68.28 -14.74
CA ALA O 66 -23.76 -68.50 -16.06
C ALA O 66 -23.55 -69.95 -16.48
N ILE O 67 -24.59 -70.55 -17.04
CA ILE O 67 -24.53 -71.91 -17.57
C ILE O 67 -24.95 -71.88 -19.03
N TYR O 68 -24.04 -72.24 -19.92
CA TYR O 68 -24.29 -72.27 -21.36
C TYR O 68 -24.38 -73.71 -21.82
N ASP O 69 -25.55 -74.14 -22.32
CA ASP O 69 -25.77 -75.46 -22.89
C ASP O 69 -25.98 -75.35 -24.40
N PRO O 70 -24.98 -75.65 -25.22
CA PRO O 70 -25.17 -75.52 -26.68
C PRO O 70 -25.60 -76.83 -27.32
N THR O 71 -26.43 -76.77 -28.36
CA THR O 71 -26.78 -77.95 -29.14
C THR O 71 -26.25 -77.77 -30.56
N LEU O 72 -25.58 -78.79 -31.09
CA LEU O 72 -24.98 -78.68 -32.40
C LEU O 72 -26.02 -78.86 -33.50
N ALA O 73 -25.70 -78.36 -34.69
CA ALA O 73 -26.60 -78.46 -35.82
C ALA O 73 -26.34 -79.76 -36.59
N VAL O 74 -27.36 -80.20 -37.31
CA VAL O 74 -27.29 -81.42 -38.09
C VAL O 74 -26.53 -81.14 -39.38
N THR O 75 -25.41 -81.82 -39.60
CA THR O 75 -24.54 -81.57 -40.73
C THR O 75 -24.77 -82.60 -41.83
N ALA O 76 -24.20 -82.32 -42.99
CA ALA O 76 -24.29 -83.15 -44.18
C ALA O 76 -22.90 -83.41 -44.72
N PRO O 77 -22.66 -84.60 -45.29
CA PRO O 77 -21.30 -84.91 -45.78
C PRO O 77 -20.85 -84.02 -46.93
N SER O 78 -21.76 -83.65 -47.82
CA SER O 78 -21.43 -82.84 -48.99
C SER O 78 -21.84 -81.40 -48.71
N THR O 79 -20.85 -80.53 -48.52
CA THR O 79 -21.08 -79.10 -48.44
C THR O 79 -20.82 -78.47 -49.80
N ALA O 80 -21.57 -77.42 -50.13
CA ALA O 80 -21.39 -76.79 -51.42
C ALA O 80 -20.00 -76.21 -51.56
N SER O 81 -19.45 -76.36 -52.76
CA SER O 81 -18.19 -75.71 -53.15
C SER O 81 -17.14 -75.91 -52.07
N GLY O 82 -16.94 -77.16 -51.67
CA GLY O 82 -15.82 -77.35 -50.79
C GLY O 82 -15.98 -78.55 -49.89
N ILE O 83 -15.56 -78.36 -48.66
CA ILE O 83 -15.19 -79.45 -47.77
C ILE O 83 -16.35 -79.79 -46.87
N GLN O 84 -16.34 -81.02 -46.36
CA GLN O 84 -17.29 -81.45 -45.34
C GLN O 84 -17.18 -80.52 -44.13
N PRO O 85 -18.30 -80.06 -43.56
CA PRO O 85 -18.24 -78.94 -42.62
C PRO O 85 -17.83 -79.39 -41.23
N SER O 86 -17.11 -78.50 -40.55
CA SER O 86 -16.80 -78.74 -39.15
C SER O 86 -18.06 -78.53 -38.31
N PRO O 87 -18.15 -79.19 -37.14
CA PRO O 87 -19.39 -79.11 -36.36
C PRO O 87 -19.61 -77.70 -35.85
N THR O 88 -20.83 -77.20 -36.01
CA THR O 88 -21.17 -75.83 -35.64
C THR O 88 -22.35 -75.83 -34.67
N VAL O 89 -22.45 -74.74 -33.92
CA VAL O 89 -23.53 -74.57 -32.95
C VAL O 89 -24.75 -74.04 -33.67
N ALA O 90 -25.89 -74.72 -33.48
CA ALA O 90 -27.14 -74.21 -34.04
C ALA O 90 -27.79 -73.20 -33.10
N PHE O 91 -27.80 -73.50 -31.80
CA PHE O 91 -28.27 -72.55 -30.80
C PHE O 91 -27.72 -73.00 -29.45
N THR O 92 -27.97 -72.16 -28.45
CA THR O 92 -27.46 -72.41 -27.11
C THR O 92 -28.47 -71.86 -26.10
N CYS O 93 -28.66 -72.60 -24.99
CA CYS O 93 -29.58 -72.20 -23.93
C CYS O 93 -28.78 -71.72 -22.72
N PRO O 94 -28.81 -70.44 -22.42
CA PRO O 94 -28.16 -69.97 -21.20
C PRO O 94 -29.10 -69.74 -20.02
N VAL O 95 -28.52 -69.96 -18.82
CA VAL O 95 -28.99 -69.41 -17.57
C VAL O 95 -28.00 -68.35 -17.10
N PHE O 96 -28.53 -67.24 -16.60
CA PHE O 96 -27.76 -66.27 -15.82
C PHE O 96 -28.38 -66.17 -14.42
N ILE O 97 -27.52 -66.12 -13.42
CA ILE O 97 -27.94 -66.00 -12.02
C ILE O 97 -27.08 -64.92 -11.37
N GLU O 98 -27.73 -63.97 -10.71
CA GLU O 98 -27.02 -62.90 -10.01
C GLU O 98 -27.57 -62.74 -8.60
N PHE O 99 -26.72 -62.99 -7.62
CA PHE O 99 -26.99 -62.66 -6.23
C PHE O 99 -26.32 -61.34 -5.90
N THR O 100 -26.98 -60.51 -5.10
CA THR O 100 -26.25 -59.39 -4.51
C THR O 100 -26.43 -59.40 -2.99
N LEU O 101 -25.34 -59.15 -2.29
CA LEU O 101 -25.28 -59.28 -0.84
C LEU O 101 -24.63 -58.05 -0.23
N PRO O 102 -25.37 -57.24 0.53
CA PRO O 102 -24.78 -56.03 1.11
C PRO O 102 -23.76 -56.37 2.18
N ASP O 103 -22.94 -55.37 2.52
CA ASP O 103 -21.86 -55.61 3.46
C ASP O 103 -22.37 -55.87 4.87
N ALA O 104 -23.54 -55.33 5.20
CA ALA O 104 -24.09 -55.46 6.54
C ALA O 104 -24.95 -56.72 6.72
N CYS O 105 -24.81 -57.71 5.85
CA CYS O 105 -25.73 -58.84 5.84
C CYS O 105 -25.21 -60.00 6.69
N THR O 106 -26.14 -60.87 7.09
CA THR O 106 -25.82 -62.00 7.95
C THR O 106 -25.53 -63.25 7.12
N ILE O 107 -24.70 -64.12 7.70
CA ILE O 107 -24.52 -65.46 7.16
C ILE O 107 -25.87 -66.15 7.03
N GLN O 108 -26.77 -65.90 7.97
CA GLN O 108 -28.11 -66.44 7.88
C GLN O 108 -28.86 -65.89 6.68
N ASN O 109 -28.70 -64.60 6.38
CA ASN O 109 -29.36 -64.03 5.21
C ASN O 109 -28.84 -64.65 3.92
N ARG O 110 -27.52 -64.86 3.84
CA ARG O 110 -26.96 -65.48 2.63
C ARG O 110 -27.50 -66.89 2.43
N LYS O 111 -27.51 -67.68 3.51
CA LYS O 111 -28.07 -69.04 3.41
C LYS O 111 -29.53 -69.00 3.01
N ASP O 112 -30.30 -68.08 3.62
CA ASP O 112 -31.70 -67.88 3.24
C ASP O 112 -31.84 -67.67 1.73
N ILE O 113 -31.12 -66.68 1.20
CA ILE O 113 -31.34 -66.29 -0.19
C ILE O 113 -30.97 -67.42 -1.14
N LEU O 114 -29.85 -68.10 -0.85
CA LEU O 114 -29.44 -69.20 -1.72
C LEU O 114 -30.44 -70.35 -1.67
N ALA O 115 -30.95 -70.67 -0.48
CA ALA O 115 -31.92 -71.75 -0.38
C ALA O 115 -33.21 -71.39 -1.09
N TYR O 116 -33.64 -70.12 -1.00
CA TYR O 116 -34.82 -69.69 -1.73
C TYR O 116 -34.64 -69.93 -3.22
N ALA O 117 -33.46 -69.55 -3.75
CA ALA O 117 -33.19 -69.76 -5.16
C ALA O 117 -33.24 -71.24 -5.55
N LYS O 118 -32.52 -72.10 -4.81
CA LYS O 118 -32.44 -73.50 -5.21
C LYS O 118 -33.81 -74.19 -5.07
N ASN O 119 -34.55 -73.90 -4.00
CA ASN O 119 -35.85 -74.53 -3.79
C ASN O 119 -36.85 -74.07 -4.84
N PHE O 120 -36.81 -72.78 -5.22
CA PHE O 120 -37.69 -72.35 -6.30
C PHE O 120 -37.35 -73.07 -7.60
N LEU O 121 -36.06 -73.13 -7.96
CA LEU O 121 -35.68 -73.76 -9.22
C LEU O 121 -36.08 -75.23 -9.25
N ALA O 122 -36.08 -75.90 -8.08
CA ALA O 122 -36.63 -77.24 -8.04
C ALA O 122 -38.15 -77.24 -8.19
N SER O 123 -38.82 -76.16 -7.74
CA SER O 123 -40.28 -76.17 -7.63
C SER O 123 -40.96 -76.37 -8.97
N ALA O 124 -42.14 -76.99 -8.92
CA ALA O 124 -42.89 -77.28 -10.12
C ALA O 124 -43.33 -76.01 -10.83
N THR O 125 -43.49 -74.88 -10.12
CA THR O 125 -43.81 -73.64 -10.81
C THR O 125 -42.63 -73.14 -11.63
N ALA O 126 -41.40 -73.29 -11.15
CA ALA O 126 -40.26 -73.00 -12.00
C ALA O 126 -40.20 -73.99 -13.17
N THR O 127 -40.55 -75.26 -12.94
CA THR O 127 -40.56 -76.22 -14.05
C THR O 127 -41.60 -75.81 -15.09
N ASP O 128 -42.84 -75.51 -14.66
CA ASP O 128 -43.86 -74.97 -15.56
C ASP O 128 -43.31 -73.76 -16.29
N LEU O 129 -42.59 -72.89 -15.57
CA LEU O 129 -42.15 -71.62 -16.13
C LEU O 129 -41.14 -71.80 -17.26
N VAL O 130 -40.19 -72.71 -17.11
CA VAL O 130 -39.10 -72.82 -18.09
C VAL O 130 -39.36 -73.92 -19.11
N VAL O 131 -39.76 -75.11 -18.66
CA VAL O 131 -39.94 -76.24 -19.55
C VAL O 131 -41.15 -76.06 -20.45
N ASN O 132 -42.25 -75.56 -19.91
CA ASN O 132 -43.45 -75.31 -20.71
C ASN O 132 -43.51 -73.90 -21.28
N THR O 133 -42.57 -73.02 -20.90
CA THR O 133 -42.52 -71.63 -21.34
C THR O 133 -43.85 -70.93 -21.11
N ALA O 134 -44.50 -71.26 -19.99
CA ALA O 134 -45.84 -70.76 -19.76
C ALA O 134 -45.87 -69.69 -18.68
N PRO O 135 -46.70 -68.65 -18.86
CA PRO O 135 -46.89 -67.66 -17.78
C PRO O 135 -47.61 -68.24 -16.57
N GLN O 136 -47.93 -67.39 -15.60
CA GLN O 136 -48.70 -67.80 -14.42
C GLN O 136 -50.03 -67.05 -14.43
N TYR O 137 -51.09 -67.73 -14.87
CA TYR O 137 -52.36 -67.12 -15.26
C TYR O 137 -53.24 -66.89 -14.02
N GLN P 1 -59.18 5.92 52.37
CA GLN P 1 -59.79 4.92 51.47
C GLN P 1 -61.11 5.44 50.89
N ILE P 2 -61.53 4.95 49.72
CA ILE P 2 -62.71 5.49 49.05
C ILE P 2 -63.96 4.89 49.64
N ALA P 3 -64.99 5.73 49.76
CA ALA P 3 -66.31 5.38 50.26
C ALA P 3 -67.24 6.50 49.82
N ASN P 4 -68.51 6.17 49.62
CA ASN P 4 -69.45 7.12 49.06
C ASN P 4 -69.58 8.35 49.97
N VAL P 5 -69.99 9.47 49.37
CA VAL P 5 -70.11 10.74 50.08
C VAL P 5 -71.55 11.22 49.95
N VAL P 6 -72.07 11.81 51.03
CA VAL P 6 -73.48 12.14 51.13
C VAL P 6 -73.60 13.64 51.33
N LEU P 7 -74.14 14.34 50.34
CA LEU P 7 -74.27 15.79 50.40
C LEU P 7 -75.75 16.17 50.35
N ALA P 8 -76.11 17.21 51.08
CA ALA P 8 -77.51 17.62 51.23
C ALA P 8 -77.83 18.77 50.27
N ASP P 9 -78.85 18.59 49.43
CA ASP P 9 -79.24 19.65 48.52
C ASP P 9 -79.95 20.77 49.27
N GLY P 10 -80.02 21.93 48.63
CA GLY P 10 -80.66 23.09 49.22
C GLY P 10 -82.14 23.12 48.94
N GLN P 11 -82.95 23.05 49.99
CA GLN P 11 -84.40 23.09 49.84
C GLN P 11 -85.02 23.52 51.18
N ALA P 12 -86.35 23.49 51.19
CA ALA P 12 -87.11 23.50 52.43
C ALA P 12 -86.60 22.47 53.41
N ALA P 13 -86.69 21.20 53.02
CA ALA P 13 -86.16 20.08 53.78
C ALA P 13 -85.11 19.46 52.88
N PRO P 14 -83.84 19.57 53.22
CA PRO P 14 -82.80 19.09 52.33
C PRO P 14 -82.81 17.57 52.27
N ALA P 15 -82.48 17.06 51.10
CA ALA P 15 -82.40 15.63 50.83
C ALA P 15 -80.94 15.24 50.68
N ASP P 16 -80.60 14.11 51.27
CA ASP P 16 -79.29 13.50 51.13
C ASP P 16 -79.14 12.87 49.75
N LYS P 17 -78.28 13.43 48.92
CA LYS P 17 -77.89 12.83 47.66
C LYS P 17 -76.59 12.08 47.90
N THR P 18 -76.59 10.78 47.63
CA THR P 18 -75.45 9.90 47.91
C THR P 18 -74.68 9.68 46.61
N PHE P 19 -73.41 10.07 46.59
CA PHE P 19 -72.48 9.76 45.50
C PHE P 19 -71.78 8.46 45.86
N GLU P 20 -72.20 7.37 45.22
CA GLU P 20 -71.50 6.09 45.33
C GLU P 20 -70.16 6.16 44.60
N PRO P 21 -69.10 5.55 45.15
CA PRO P 21 -67.82 5.56 44.43
C PRO P 21 -67.94 4.74 43.16
N GLN P 22 -67.57 5.34 42.04
CA GLN P 22 -67.57 4.65 40.77
C GLN P 22 -66.17 4.52 40.17
N ARG P 23 -65.23 5.36 40.58
CA ARG P 23 -63.82 5.14 40.26
C ARG P 23 -62.93 5.75 41.33
N GLY P 24 -61.99 4.95 41.83
CA GLY P 24 -61.04 5.45 42.81
C GLY P 24 -59.80 6.05 42.17
N GLN P 25 -59.02 6.76 42.98
CA GLN P 25 -57.73 7.33 42.57
C GLN P 25 -56.61 6.50 43.18
N ASN P 26 -55.87 5.77 42.34
CA ASN P 26 -54.66 5.10 42.81
C ASN P 26 -53.40 5.70 42.23
N GLY P 27 -53.53 6.66 41.31
CA GLY P 27 -52.39 7.29 40.69
C GLY P 27 -52.53 8.80 40.73
N VAL P 28 -51.44 9.48 40.33
CA VAL P 28 -51.40 10.94 40.40
C VAL P 28 -52.07 11.59 39.18
N THR P 29 -52.10 10.88 38.06
CA THR P 29 -52.61 11.51 36.85
C THR P 29 -54.11 11.82 36.93
N ASP P 30 -54.93 10.80 37.25
CA ASP P 30 -56.40 10.86 37.11
C ASP P 30 -57.12 10.92 38.44
N PRO P 31 -58.03 11.87 38.64
CA PRO P 31 -58.71 12.02 39.92
C PRO P 31 -59.73 10.91 40.19
N ALA P 32 -60.11 10.81 41.46
CA ALA P 32 -61.16 9.89 41.90
C ALA P 32 -62.53 10.51 41.61
N GLU P 33 -63.52 9.65 41.41
CA GLU P 33 -64.82 10.07 40.91
C GLU P 33 -65.93 9.31 41.63
N TRP P 34 -67.01 10.03 41.95
CA TRP P 34 -68.20 9.52 42.60
C TRP P 34 -69.41 9.88 41.74
N TRP P 35 -70.35 8.94 41.64
CA TRP P 35 -71.53 9.05 40.78
C TRP P 35 -72.80 8.94 41.61
N GLU P 36 -73.81 9.77 41.29
CA GLU P 36 -74.98 9.85 42.15
C GLU P 36 -76.01 8.77 41.84
N LYS P 37 -76.29 8.55 40.55
CA LYS P 37 -77.23 7.51 40.09
C LYS P 37 -78.68 7.80 40.50
N SER P 38 -79.04 9.07 40.71
CA SER P 38 -80.44 9.39 40.95
C SER P 38 -81.28 9.16 39.69
N SER P 39 -80.93 9.85 38.60
CA SER P 39 -81.60 9.64 37.32
C SER P 39 -81.34 8.21 36.81
N PRO P 40 -82.15 7.73 35.86
CA PRO P 40 -81.94 6.36 35.35
C PRO P 40 -80.79 6.20 34.36
N THR P 41 -80.43 7.25 33.63
CA THR P 41 -79.39 7.18 32.61
C THR P 41 -78.10 7.85 33.08
N LEU P 42 -77.00 7.49 32.42
CA LEU P 42 -75.69 7.97 32.84
C LEU P 42 -75.60 9.49 32.78
N ASN P 43 -76.34 10.12 31.86
CA ASN P 43 -76.25 11.58 31.70
C ASN P 43 -76.78 12.32 32.92
N GLY P 44 -77.75 11.74 33.62
CA GLY P 44 -78.38 12.38 34.75
C GLY P 44 -77.69 12.19 36.08
N TYR P 45 -76.54 11.52 36.09
CA TYR P 45 -75.80 11.34 37.34
C TYR P 45 -75.16 12.65 37.74
N ARG P 46 -75.14 12.92 39.04
CA ARG P 46 -74.34 14.00 39.59
C ARG P 46 -72.94 13.46 39.87
N ARG P 47 -71.91 14.28 39.62
CA ARG P 47 -70.54 13.81 39.71
C ARG P 47 -69.75 14.57 40.77
N LEU P 48 -68.78 13.86 41.35
CA LEU P 48 -67.82 14.45 42.28
C LEU P 48 -66.43 13.91 41.99
N THR P 49 -65.49 14.78 41.64
CA THR P 49 -64.10 14.40 41.37
C THR P 49 -63.17 15.01 42.41
N ALA P 50 -62.12 14.26 42.76
CA ALA P 50 -61.20 14.67 43.82
C ALA P 50 -59.82 14.09 43.55
N LEU P 51 -58.83 14.97 43.42
CA LEU P 51 -57.44 14.62 43.14
C LEU P 51 -56.53 15.28 44.15
N VAL P 52 -55.76 14.48 44.88
CA VAL P 52 -54.67 14.97 45.71
C VAL P 52 -53.37 14.56 45.03
N ARG P 53 -52.52 15.55 44.75
CA ARG P 53 -51.35 15.37 43.90
C ARG P 53 -50.19 16.15 44.46
N ARG P 54 -49.06 15.48 44.68
CA ARG P 54 -47.88 16.18 45.16
C ARG P 54 -47.19 16.84 43.97
N ASN P 55 -47.03 18.16 44.03
CA ASN P 55 -46.29 18.92 43.03
C ASN P 55 -44.90 19.17 43.59
N ALA P 56 -43.90 18.48 43.03
CA ALA P 56 -42.53 18.62 43.53
C ALA P 56 -41.90 19.95 43.14
N ALA P 57 -42.43 20.61 42.11
CA ALA P 57 -41.87 21.89 41.67
C ALA P 57 -42.01 22.95 42.76
N SER P 58 -43.23 23.17 43.24
CA SER P 58 -43.50 24.12 44.31
C SER P 58 -43.29 23.52 45.69
N LYS P 59 -42.79 22.29 45.76
CA LYS P 59 -42.69 21.54 47.01
C LYS P 59 -44.00 21.66 47.79
N SER P 60 -45.08 21.21 47.15
CA SER P 60 -46.40 21.44 47.68
C SER P 60 -47.31 20.28 47.33
N VAL P 61 -48.55 20.37 47.76
CA VAL P 61 -49.56 19.35 47.49
C VAL P 61 -50.85 20.04 47.10
N LYS P 62 -51.33 19.78 45.89
CA LYS P 62 -52.59 20.35 45.43
C LYS P 62 -53.73 19.38 45.66
N VAL P 63 -54.91 19.94 45.93
CA VAL P 63 -56.14 19.18 46.10
C VAL P 63 -57.20 19.85 45.25
N LYS P 64 -57.66 19.16 44.21
CA LYS P 64 -58.68 19.66 43.30
C LYS P 64 -59.97 18.86 43.47
N VAL P 65 -61.06 19.57 43.75
CA VAL P 65 -62.37 18.96 43.93
C VAL P 65 -63.33 19.63 42.95
N ALA P 66 -64.20 18.84 42.34
CA ALA P 66 -65.20 19.36 41.41
C ALA P 66 -66.53 18.66 41.65
N ILE P 67 -67.60 19.44 41.61
CA ILE P 67 -68.96 18.94 41.79
C ILE P 67 -69.78 19.38 40.58
N TYR P 68 -70.23 18.41 39.77
CA TYR P 68 -71.03 18.67 38.59
C TYR P 68 -72.48 18.28 38.86
N ASP P 69 -73.39 19.26 38.84
CA ASP P 69 -74.82 19.02 38.99
C ASP P 69 -75.50 19.30 37.65
N PRO P 70 -75.87 18.27 36.88
CA PRO P 70 -76.53 18.53 35.60
C PRO P 70 -78.04 18.62 35.78
N THR P 71 -78.66 19.49 34.97
CA THR P 71 -80.11 19.57 34.92
C THR P 71 -80.54 18.99 33.59
N LEU P 72 -81.13 17.79 33.62
CA LEU P 72 -81.52 17.12 32.38
C LEU P 72 -82.56 17.96 31.65
N ALA P 73 -82.37 18.10 30.34
CA ALA P 73 -83.38 18.78 29.54
C ALA P 73 -84.67 17.97 29.57
N VAL P 74 -85.79 18.69 29.72
CA VAL P 74 -87.11 18.09 29.54
C VAL P 74 -87.22 17.52 28.13
N THR P 75 -87.35 16.22 28.02
CA THR P 75 -87.39 15.53 26.73
C THR P 75 -88.82 15.05 26.48
N ALA P 76 -89.48 15.64 25.48
CA ALA P 76 -90.81 15.29 25.01
C ALA P 76 -90.71 14.47 23.72
N PRO P 77 -91.68 13.57 23.47
CA PRO P 77 -91.65 12.80 22.23
C PRO P 77 -91.67 13.72 21.01
N SER P 78 -90.83 13.38 20.04
CA SER P 78 -90.57 14.27 18.91
C SER P 78 -91.86 14.73 18.28
N THR P 79 -91.90 16.02 17.96
CA THR P 79 -93.02 16.53 17.18
C THR P 79 -92.86 16.17 15.72
N ALA P 80 -91.63 15.98 15.26
CA ALA P 80 -91.36 15.61 13.88
C ALA P 80 -91.17 14.10 13.70
N SER P 81 -90.28 13.49 14.48
CA SER P 81 -90.06 12.06 14.33
C SER P 81 -91.12 11.22 15.03
N GLY P 82 -91.89 11.82 15.93
CA GLY P 82 -92.76 11.04 16.79
C GLY P 82 -92.01 10.15 17.76
N ILE P 83 -90.70 10.33 17.89
CA ILE P 83 -89.82 9.40 18.58
C ILE P 83 -89.04 10.18 19.63
N GLN P 84 -89.39 9.98 20.90
CA GLN P 84 -88.75 10.71 21.99
C GLN P 84 -87.25 10.47 21.99
N PRO P 85 -86.42 11.51 21.98
CA PRO P 85 -84.97 11.30 21.95
C PRO P 85 -84.46 10.80 23.27
N SER P 86 -83.34 10.07 23.22
CA SER P 86 -82.64 9.62 24.41
C SER P 86 -82.36 10.84 25.29
N PRO P 87 -82.36 10.70 26.62
CA PRO P 87 -82.29 11.88 27.48
C PRO P 87 -80.95 12.57 27.35
N THR P 88 -80.99 13.90 27.27
CA THR P 88 -79.83 14.76 27.07
C THR P 88 -79.71 15.75 28.22
N VAL P 89 -78.57 16.43 28.28
CA VAL P 89 -78.27 17.42 29.32
C VAL P 89 -78.39 18.81 28.72
N ALA P 90 -79.26 19.64 29.30
CA ALA P 90 -79.46 21.00 28.79
C ALA P 90 -78.36 21.94 29.29
N PHE P 91 -77.95 21.78 30.54
CA PHE P 91 -76.81 22.51 31.08
C PHE P 91 -76.39 21.86 32.38
N THR P 92 -75.25 22.31 32.90
CA THR P 92 -74.67 21.74 34.10
C THR P 92 -74.06 22.85 34.93
N CYS P 93 -74.21 22.75 36.26
CA CYS P 93 -73.66 23.72 37.20
C CYS P 93 -72.45 23.10 37.89
N PRO P 94 -71.25 23.57 37.61
CA PRO P 94 -70.08 23.08 38.35
C PRO P 94 -69.62 23.98 39.48
N VAL P 95 -69.02 23.33 40.49
CA VAL P 95 -68.14 23.97 41.46
C VAL P 95 -66.75 23.39 41.28
N PHE P 96 -65.75 24.26 41.29
CA PHE P 96 -64.36 23.88 41.34
C PHE P 96 -63.73 24.47 42.60
N ILE P 97 -63.03 23.62 43.35
CA ILE P 97 -62.35 24.04 44.57
C ILE P 97 -60.91 23.54 44.51
N GLU P 98 -59.96 24.43 44.75
CA GLU P 98 -58.55 24.08 44.76
C GLU P 98 -57.91 24.56 46.05
N PHE P 99 -57.36 23.63 46.82
CA PHE P 99 -56.51 23.94 47.96
C PHE P 99 -55.06 23.69 47.55
N THR P 100 -54.16 24.54 48.02
CA THR P 100 -52.74 24.17 47.89
C THR P 100 -52.09 24.22 49.27
N LEU P 101 -51.28 23.20 49.57
CA LEU P 101 -50.68 23.02 50.89
C LEU P 101 -49.18 22.83 50.74
N PRO P 102 -48.36 23.80 51.13
CA PRO P 102 -46.92 23.69 50.95
C PRO P 102 -46.33 22.58 51.79
N ASP P 103 -45.09 22.21 51.48
CA ASP P 103 -44.45 21.10 52.18
C ASP P 103 -44.17 21.43 53.64
N ALA P 104 -44.06 22.72 53.97
CA ALA P 104 -43.77 23.15 55.34
C ALA P 104 -45.04 23.47 56.13
N CYS P 105 -46.18 22.87 55.76
CA CYS P 105 -47.49 23.31 56.22
C CYS P 105 -47.93 22.58 57.48
N THR P 106 -48.34 23.33 58.49
CA THR P 106 -48.79 22.74 59.74
C THR P 106 -50.15 22.06 59.58
N ILE P 107 -50.35 21.00 60.36
CA ILE P 107 -51.67 20.39 60.45
C ILE P 107 -52.70 21.42 60.85
N GLN P 108 -52.31 22.31 61.76
CA GLN P 108 -53.21 23.37 62.21
C GLN P 108 -53.55 24.32 61.06
N ASN P 109 -52.57 24.64 60.22
CA ASN P 109 -52.86 25.51 59.07
C ASN P 109 -53.82 24.84 58.10
N ARG P 110 -53.67 23.53 57.89
CA ARG P 110 -54.61 22.82 57.00
C ARG P 110 -56.03 22.86 57.55
N LYS P 111 -56.17 22.56 58.85
CA LYS P 111 -57.48 22.67 59.49
C LYS P 111 -58.03 24.09 59.33
N ASP P 112 -57.17 25.10 59.54
CA ASP P 112 -57.58 26.49 59.40
C ASP P 112 -58.17 26.75 58.02
N ILE P 113 -57.44 26.38 56.97
CA ILE P 113 -57.83 26.77 55.62
C ILE P 113 -59.12 26.04 55.20
N LEU P 114 -59.25 24.75 55.56
CA LEU P 114 -60.49 24.04 55.26
C LEU P 114 -61.65 24.66 56.03
N ALA P 115 -61.41 25.10 57.26
CA ALA P 115 -62.46 25.71 58.05
C ALA P 115 -62.92 27.04 57.44
N TYR P 116 -61.96 27.88 57.01
CA TYR P 116 -62.33 29.13 56.37
C TYR P 116 -63.18 28.87 55.14
N ALA P 117 -62.78 27.88 54.33
CA ALA P 117 -63.56 27.56 53.14
C ALA P 117 -64.99 27.14 53.49
N LYS P 118 -65.13 26.15 54.39
CA LYS P 118 -66.47 25.63 54.65
C LYS P 118 -67.36 26.67 55.34
N ASN P 119 -66.81 27.43 56.29
CA ASN P 119 -67.62 28.42 57.00
C ASN P 119 -67.99 29.58 56.08
N PHE P 120 -67.11 29.97 55.16
CA PHE P 120 -67.51 30.99 54.19
C PHE P 120 -68.61 30.48 53.28
N LEU P 121 -68.48 29.25 52.78
CA LEU P 121 -69.53 28.75 51.88
C LEU P 121 -70.87 28.64 52.60
N ALA P 122 -70.85 28.31 53.89
CA ALA P 122 -72.09 28.38 54.66
C ALA P 122 -72.57 29.82 54.83
N SER P 123 -71.65 30.79 54.79
CA SER P 123 -71.97 32.16 55.18
C SER P 123 -73.00 32.82 54.25
N ALA P 124 -73.78 33.71 54.85
CA ALA P 124 -74.84 34.40 54.13
C ALA P 124 -74.30 35.28 53.01
N THR P 125 -73.05 35.75 53.12
CA THR P 125 -72.46 36.48 52.02
C THR P 125 -72.21 35.57 50.82
N ALA P 126 -71.76 34.33 51.07
CA ALA P 126 -71.68 33.37 49.98
C ALA P 126 -73.06 33.08 49.38
N THR P 127 -74.09 33.05 50.22
CA THR P 127 -75.43 32.84 49.67
C THR P 127 -75.85 34.02 48.79
N ASP P 128 -75.71 35.26 49.28
CA ASP P 128 -75.94 36.46 48.47
C ASP P 128 -75.12 36.42 47.18
N LEU P 129 -73.94 35.79 47.23
CA LEU P 129 -73.01 35.80 46.11
C LEU P 129 -73.43 34.85 45.00
N VAL P 130 -73.79 33.63 45.35
CA VAL P 130 -74.06 32.58 44.37
C VAL P 130 -75.56 32.39 44.12
N VAL P 131 -76.35 32.33 45.18
CA VAL P 131 -77.78 32.06 45.01
C VAL P 131 -78.48 33.25 44.37
N ASN P 132 -78.17 34.46 44.81
CA ASN P 132 -78.74 35.67 44.21
C ASN P 132 -77.86 36.24 43.10
N THR P 133 -76.74 35.59 42.79
CA THR P 133 -75.80 36.06 41.77
C THR P 133 -75.53 37.55 41.91
N ALA P 134 -75.29 37.96 43.16
CA ALA P 134 -75.09 39.37 43.41
C ALA P 134 -73.68 39.64 43.91
N PRO P 135 -73.05 40.71 43.45
CA PRO P 135 -71.72 41.07 43.94
C PRO P 135 -71.82 41.88 45.24
N GLN P 136 -70.66 42.34 45.70
CA GLN P 136 -70.54 43.12 46.92
C GLN P 136 -70.13 44.54 46.53
N TYR P 137 -71.11 45.44 46.47
CA TYR P 137 -70.96 46.72 45.78
C TYR P 137 -70.53 47.91 46.66
N GLN Q 1 -55.71 -6.35 50.94
CA GLN Q 1 -55.40 -5.63 49.71
C GLN Q 1 -54.07 -4.90 49.84
N ILE Q 2 -54.15 -3.66 50.32
CA ILE Q 2 -53.02 -2.84 50.78
C ILE Q 2 -53.24 -2.54 52.25
N ALA Q 3 -52.18 -2.68 53.03
CA ALA Q 3 -52.26 -2.44 54.46
C ALA Q 3 -51.05 -1.64 54.88
N ASN Q 4 -51.27 -0.79 55.89
CA ASN Q 4 -50.18 0.02 56.41
C ASN Q 4 -49.06 -0.88 56.92
N VAL Q 5 -47.86 -0.32 57.01
CA VAL Q 5 -46.66 -1.12 57.32
C VAL Q 5 -45.91 -0.46 58.46
N VAL Q 6 -45.50 -1.25 59.45
CA VAL Q 6 -44.85 -0.71 60.64
C VAL Q 6 -43.42 -1.21 60.69
N LEU Q 7 -42.47 -0.28 60.75
CA LEU Q 7 -41.04 -0.59 60.77
C LEU Q 7 -40.42 -0.10 62.06
N ALA Q 8 -39.43 -0.84 62.56
CA ALA Q 8 -38.77 -0.50 63.81
C ALA Q 8 -37.54 0.38 63.53
N ASP Q 9 -37.50 1.56 64.13
CA ASP Q 9 -36.36 2.43 63.92
C ASP Q 9 -35.17 1.96 64.75
N GLY Q 10 -34.02 2.55 64.48
CA GLY Q 10 -32.81 2.20 65.19
C GLY Q 10 -32.67 3.04 66.45
N GLN Q 11 -32.73 2.40 67.60
CA GLN Q 11 -32.55 3.05 68.89
C GLN Q 11 -32.16 1.95 69.86
N ALA Q 12 -32.01 2.32 71.13
CA ALA Q 12 -31.83 1.32 72.17
C ALA Q 12 -32.99 0.32 72.15
N ALA Q 13 -34.22 0.82 72.23
CA ALA Q 13 -35.41 0.01 72.01
C ALA Q 13 -36.07 0.56 70.77
N PRO Q 14 -36.29 -0.27 69.75
CA PRO Q 14 -36.92 0.22 68.53
C PRO Q 14 -38.30 0.78 68.80
N ALA Q 15 -38.59 1.94 68.20
CA ALA Q 15 -39.88 2.61 68.29
C ALA Q 15 -40.59 2.38 66.97
N ASP Q 16 -41.66 1.60 67.02
CA ASP Q 16 -42.49 1.32 65.85
C ASP Q 16 -42.95 2.61 65.18
N LYS Q 17 -42.58 2.75 63.90
CA LYS Q 17 -43.05 3.83 63.05
C LYS Q 17 -44.04 3.24 62.06
N THR Q 18 -45.27 3.74 62.08
CA THR Q 18 -46.35 3.23 61.26
C THR Q 18 -46.50 4.08 60.01
N PHE Q 19 -46.47 3.43 58.85
CA PHE Q 19 -46.67 4.07 57.55
C PHE Q 19 -48.08 3.75 57.09
N GLU Q 20 -48.97 4.75 57.11
CA GLU Q 20 -50.34 4.61 56.63
C GLU Q 20 -50.37 4.56 55.11
N PRO Q 21 -51.25 3.77 54.52
CA PRO Q 21 -51.38 3.76 53.06
C PRO Q 21 -52.15 4.98 52.59
N GLN Q 22 -51.42 5.93 51.99
CA GLN Q 22 -52.09 7.11 51.47
C GLN Q 22 -52.43 6.98 49.98
N ARG Q 23 -51.76 6.09 49.25
CA ARG Q 23 -52.14 5.75 47.88
C ARG Q 23 -51.67 4.34 47.56
N GLY Q 24 -52.53 3.57 46.87
CA GLY Q 24 -52.18 2.22 46.48
C GLY Q 24 -51.56 2.19 45.09
N GLN Q 25 -51.05 1.02 44.73
CA GLN Q 25 -50.36 0.87 43.45
C GLN Q 25 -51.35 0.97 42.29
N ASN Q 26 -51.14 1.97 41.44
CA ASN Q 26 -52.09 2.30 40.37
C ASN Q 26 -52.42 1.07 39.53
N GLY Q 27 -51.39 0.38 39.10
CA GLY Q 27 -51.47 -0.70 38.15
C GLY Q 27 -50.04 -1.12 37.94
N VAL Q 28 -49.55 -1.06 36.70
CA VAL Q 28 -48.12 -1.23 36.45
C VAL Q 28 -47.40 0.10 36.29
N THR Q 29 -48.12 1.21 36.37
CA THR Q 29 -47.52 2.51 36.08
C THR Q 29 -47.00 3.23 37.33
N ASP Q 30 -47.85 3.41 38.34
CA ASP Q 30 -47.51 4.21 39.51
C ASP Q 30 -47.37 3.33 40.74
N PRO Q 31 -46.27 3.45 41.49
CA PRO Q 31 -46.07 2.58 42.66
C PRO Q 31 -47.00 2.95 43.81
N ALA Q 32 -47.18 1.98 44.70
CA ALA Q 32 -47.92 2.22 45.94
C ALA Q 32 -47.05 3.03 46.90
N GLU Q 33 -47.70 3.90 47.68
CA GLU Q 33 -46.98 4.82 48.55
C GLU Q 33 -47.61 4.86 49.93
N TRP Q 34 -46.75 4.94 50.95
CA TRP Q 34 -47.12 4.94 52.35
C TRP Q 34 -46.42 6.11 53.03
N TRP Q 35 -47.15 6.74 53.97
CA TRP Q 35 -46.72 7.97 54.63
C TRP Q 35 -46.73 7.78 56.15
N GLU Q 36 -45.63 8.15 56.81
CA GLU Q 36 -45.56 7.98 58.26
C GLU Q 36 -46.49 8.95 58.98
N LYS Q 37 -46.42 10.22 58.61
CA LYS Q 37 -47.31 11.25 59.16
C LYS Q 37 -47.10 11.42 60.66
N SER Q 38 -45.84 11.34 61.11
CA SER Q 38 -45.57 11.55 62.52
C SER Q 38 -45.31 13.03 62.82
N SER Q 39 -44.37 13.64 62.10
CA SER Q 39 -44.02 15.04 62.31
C SER Q 39 -45.23 15.96 62.05
N PRO Q 40 -45.24 17.17 62.64
CA PRO Q 40 -46.35 18.09 62.38
C PRO Q 40 -46.32 18.70 61.00
N THR Q 41 -45.14 18.90 60.43
CA THR Q 41 -45.02 19.42 59.08
C THR Q 41 -45.08 18.27 58.07
N LEU Q 42 -45.54 18.58 56.86
CA LEU Q 42 -45.50 17.60 55.78
C LEU Q 42 -44.06 17.23 55.43
N ASN Q 43 -43.08 18.05 55.82
CA ASN Q 43 -41.68 17.75 55.53
C ASN Q 43 -41.24 16.43 56.16
N GLY Q 44 -41.62 16.21 57.42
CA GLY Q 44 -41.17 15.10 58.24
C GLY Q 44 -41.96 13.81 58.10
N TYR Q 45 -42.83 13.71 57.10
CA TYR Q 45 -43.44 12.42 56.78
C TYR Q 45 -42.39 11.52 56.15
N ARG Q 46 -42.21 10.32 56.71
CA ARG Q 46 -41.34 9.33 56.08
C ARG Q 46 -42.14 8.57 55.02
N ARG Q 47 -41.44 8.12 53.96
CA ARG Q 47 -42.13 7.57 52.80
C ARG Q 47 -41.68 6.15 52.46
N LEU Q 48 -42.61 5.38 51.89
CA LEU Q 48 -42.33 4.04 51.40
C LEU Q 48 -43.06 3.81 50.09
N THR Q 49 -42.33 3.48 49.02
CA THR Q 49 -42.92 3.18 47.72
C THR Q 49 -42.60 1.76 47.32
N ALA Q 50 -43.58 1.06 46.75
CA ALA Q 50 -43.39 -0.31 46.28
C ALA Q 50 -44.19 -0.55 45.00
N LEU Q 51 -43.50 -1.07 43.99
CA LEU Q 51 -44.07 -1.32 42.67
C LEU Q 51 -43.67 -2.72 42.20
N VAL Q 52 -44.63 -3.46 41.66
CA VAL Q 52 -44.41 -4.82 41.14
C VAL Q 52 -44.92 -4.85 39.69
N ARG Q 53 -44.00 -4.97 38.74
CA ARG Q 53 -44.35 -4.84 37.33
C ARG Q 53 -43.65 -5.92 36.52
N ARG Q 54 -44.38 -6.53 35.58
CA ARG Q 54 -43.80 -7.55 34.71
C ARG Q 54 -43.28 -6.90 33.44
N ASN Q 55 -41.96 -6.87 33.29
CA ASN Q 55 -41.37 -6.50 32.00
C ASN Q 55 -41.55 -7.69 31.06
N ALA Q 56 -42.44 -7.52 30.08
CA ALA Q 56 -42.84 -8.61 29.20
C ALA Q 56 -41.76 -8.93 28.18
N ALA Q 57 -40.98 -7.92 27.77
CA ALA Q 57 -39.85 -8.17 26.88
C ALA Q 57 -38.85 -9.10 27.55
N SER Q 58 -38.33 -8.68 28.71
CA SER Q 58 -37.33 -9.48 29.42
C SER Q 58 -37.91 -10.71 30.09
N LYS Q 59 -39.21 -10.94 29.95
CA LYS Q 59 -39.90 -12.04 30.62
C LYS Q 59 -39.48 -12.11 32.08
N SER Q 60 -39.71 -11.02 32.80
CA SER Q 60 -39.29 -10.98 34.19
C SER Q 60 -40.23 -10.06 34.96
N VAL Q 61 -40.07 -10.09 36.28
CA VAL Q 61 -40.84 -9.27 37.20
C VAL Q 61 -39.88 -8.43 38.00
N LYS Q 62 -40.02 -7.11 37.90
CA LYS Q 62 -39.26 -6.18 38.72
C LYS Q 62 -40.07 -5.80 39.95
N VAL Q 63 -39.37 -5.70 41.08
CA VAL Q 63 -39.97 -5.29 42.34
C VAL Q 63 -39.09 -4.17 42.90
N LYS Q 64 -39.64 -2.95 42.94
CA LYS Q 64 -38.90 -1.76 43.38
C LYS Q 64 -39.50 -1.21 44.67
N VAL Q 65 -38.65 -1.04 45.68
CA VAL Q 65 -39.04 -0.50 46.98
C VAL Q 65 -38.11 0.64 47.33
N ALA Q 66 -38.66 1.70 47.90
CA ALA Q 66 -37.86 2.84 48.35
C ALA Q 66 -38.35 3.32 49.70
N ILE Q 67 -37.41 3.67 50.57
CA ILE Q 67 -37.70 4.19 51.91
C ILE Q 67 -37.00 5.53 52.04
N TYR Q 68 -37.79 6.58 52.26
CA TYR Q 68 -37.28 7.95 52.35
C TYR Q 68 -37.43 8.44 53.79
N ASP Q 69 -36.30 8.74 54.45
CA ASP Q 69 -36.32 9.28 55.81
C ASP Q 69 -35.80 10.71 55.79
N PRO Q 70 -36.63 11.73 55.99
CA PRO Q 70 -36.12 13.11 56.00
C PRO Q 70 -35.68 13.55 57.38
N THR Q 71 -34.65 14.40 57.39
CA THR Q 71 -34.25 15.09 58.60
C THR Q 71 -34.34 16.59 58.35
N LEU Q 72 -35.05 17.27 59.25
CA LEU Q 72 -35.39 18.67 59.12
C LEU Q 72 -34.41 19.53 59.90
N ALA Q 73 -34.45 20.84 59.60
CA ALA Q 73 -33.60 21.79 60.29
C ALA Q 73 -34.27 23.16 60.21
N VAL Q 74 -34.16 23.92 61.28
CA VAL Q 74 -34.69 25.26 61.33
C VAL Q 74 -33.52 26.25 61.27
N THR Q 75 -33.81 27.47 60.81
CA THR Q 75 -32.79 28.52 60.80
C THR Q 75 -32.21 28.72 62.20
N ALA Q 76 -33.04 28.64 63.22
CA ALA Q 76 -32.65 28.90 64.59
C ALA Q 76 -33.53 28.07 65.51
N PRO Q 77 -33.03 27.67 66.68
CA PRO Q 77 -33.80 26.77 67.54
C PRO Q 77 -35.12 27.39 67.96
N SER Q 78 -36.11 26.52 68.19
CA SER Q 78 -37.47 26.96 68.47
C SER Q 78 -37.59 27.62 69.85
N THR Q 79 -38.50 28.59 69.95
CA THR Q 79 -38.72 29.33 71.21
C THR Q 79 -40.03 29.00 71.90
N ALA Q 80 -41.07 28.61 71.16
CA ALA Q 80 -42.41 28.33 71.67
C ALA Q 80 -43.13 29.57 72.19
N SER Q 81 -42.68 30.76 71.82
CA SER Q 81 -43.30 31.99 72.31
C SER Q 81 -43.88 32.85 71.19
N GLY Q 82 -43.05 33.30 70.25
CA GLY Q 82 -43.49 34.15 69.17
C GLY Q 82 -43.44 33.40 67.84
N ILE Q 83 -43.66 34.16 66.76
CA ILE Q 83 -43.58 33.58 65.43
C ILE Q 83 -42.17 33.06 65.21
N GLN Q 84 -42.08 31.82 64.78
CA GLN Q 84 -40.83 31.09 64.71
C GLN Q 84 -40.51 30.70 63.27
N PRO Q 85 -39.26 30.39 62.98
CA PRO Q 85 -38.90 30.04 61.60
C PRO Q 85 -39.48 28.67 61.22
N SER Q 86 -40.16 28.64 60.07
CA SER Q 86 -40.64 27.37 59.55
C SER Q 86 -39.45 26.49 59.15
N PRO Q 87 -39.60 25.17 59.25
CA PRO Q 87 -38.44 24.29 59.07
C PRO Q 87 -38.23 23.89 57.62
N THR Q 88 -36.96 23.88 57.23
CA THR Q 88 -36.55 23.39 55.92
C THR Q 88 -36.18 21.92 56.02
N VAL Q 89 -36.14 21.26 54.87
CA VAL Q 89 -35.68 19.88 54.80
C VAL Q 89 -34.16 19.92 54.71
N ALA Q 90 -33.49 19.53 55.79
CA ALA Q 90 -32.03 19.52 55.79
C ALA Q 90 -31.50 18.48 54.81
N PHE Q 91 -31.91 17.23 54.96
CA PHE Q 91 -31.49 16.20 54.01
C PHE Q 91 -32.46 15.03 54.07
N THR Q 92 -32.21 14.03 53.23
CA THR Q 92 -33.03 12.83 53.17
C THR Q 92 -32.12 11.61 53.01
N CYS Q 93 -32.41 10.56 53.77
CA CYS Q 93 -31.71 9.29 53.67
C CYS Q 93 -32.59 8.29 52.96
N PRO Q 94 -32.32 7.97 51.70
CA PRO Q 94 -33.06 6.91 51.04
C PRO Q 94 -32.35 5.56 51.02
N VAL Q 95 -33.20 4.52 51.05
CA VAL Q 95 -32.86 3.17 50.61
C VAL Q 95 -33.65 2.86 49.34
N PHE Q 96 -32.97 2.28 48.36
CA PHE Q 96 -33.61 1.71 47.18
C PHE Q 96 -33.31 0.22 47.14
N ILE Q 97 -34.34 -0.58 46.90
CA ILE Q 97 -34.24 -2.03 46.83
C ILE Q 97 -34.89 -2.47 45.52
N GLU Q 98 -34.18 -3.29 44.76
CA GLU Q 98 -34.72 -3.83 43.51
C GLU Q 98 -34.46 -5.32 43.45
N PHE Q 99 -35.52 -6.09 43.26
CA PHE Q 99 -35.44 -7.51 42.94
C PHE Q 99 -35.84 -7.68 41.49
N THR Q 100 -35.16 -8.58 40.78
CA THR Q 100 -35.67 -9.00 39.48
C THR Q 100 -35.78 -10.52 39.44
N LEU Q 101 -36.94 -11.01 39.04
CA LEU Q 101 -37.26 -12.43 39.07
C LEU Q 101 -37.68 -12.89 37.68
N PRO Q 102 -36.85 -13.67 37.00
CA PRO Q 102 -37.22 -14.14 35.65
C PRO Q 102 -38.51 -14.93 35.68
N ASP Q 103 -39.16 -15.00 34.52
CA ASP Q 103 -40.50 -15.59 34.47
C ASP Q 103 -40.47 -17.07 34.86
N ALA Q 104 -39.43 -17.79 34.44
CA ALA Q 104 -39.32 -19.21 34.77
C ALA Q 104 -38.55 -19.39 36.08
N CYS Q 105 -39.11 -18.82 37.15
CA CYS Q 105 -38.45 -18.75 38.45
C CYS Q 105 -39.26 -19.48 39.51
N THR Q 106 -38.59 -20.24 40.36
CA THR Q 106 -39.26 -20.99 41.41
C THR Q 106 -39.68 -20.08 42.56
N ILE Q 107 -40.84 -20.41 43.14
CA ILE Q 107 -41.23 -19.77 44.38
C ILE Q 107 -40.14 -19.97 45.43
N GLN Q 108 -39.47 -21.12 45.40
CA GLN Q 108 -38.38 -21.36 46.34
C GLN Q 108 -37.20 -20.43 46.07
N ASN Q 109 -36.93 -20.14 44.79
CA ASN Q 109 -35.88 -19.17 44.46
C ASN Q 109 -36.24 -17.78 44.96
N ARG Q 110 -37.52 -17.40 44.84
CA ARG Q 110 -37.95 -16.09 45.35
C ARG Q 110 -37.76 -16.01 46.86
N LYS Q 111 -38.19 -17.04 47.58
CA LYS Q 111 -37.97 -17.11 49.02
C LYS Q 111 -36.49 -17.00 49.35
N ASP Q 112 -35.65 -17.74 48.61
CA ASP Q 112 -34.21 -17.69 48.80
C ASP Q 112 -33.68 -16.25 48.69
N ILE Q 113 -34.02 -15.57 47.60
CA ILE Q 113 -33.41 -14.27 47.34
C ILE Q 113 -33.89 -13.24 48.36
N LEU Q 114 -35.17 -13.27 48.73
CA LEU Q 114 -35.65 -12.35 49.75
C LEU Q 114 -34.97 -12.63 51.09
N ALA Q 115 -34.75 -13.92 51.40
CA ALA Q 115 -34.10 -14.26 52.65
C ALA Q 115 -32.65 -13.78 52.67
N TYR Q 116 -31.94 -13.93 51.55
CA TYR Q 116 -30.57 -13.43 51.46
C TYR Q 116 -30.53 -11.94 51.72
N ALA Q 117 -31.45 -11.20 51.10
CA ALA Q 117 -31.51 -9.76 51.31
C ALA Q 117 -31.76 -9.40 52.77
N LYS Q 118 -32.80 -9.99 53.38
CA LYS Q 118 -33.16 -9.59 54.73
C LYS Q 118 -32.11 -10.01 55.75
N ASN Q 119 -31.57 -11.23 55.62
CA ASN Q 119 -30.55 -11.69 56.57
C ASN Q 119 -29.27 -10.87 56.42
N PHE Q 120 -28.91 -10.49 55.19
CA PHE Q 120 -27.76 -9.64 55.03
C PHE Q 120 -27.98 -8.28 55.70
N LEU Q 121 -29.12 -7.66 55.44
CA LEU Q 121 -29.37 -6.34 56.03
C LEU Q 121 -29.38 -6.41 57.56
N ALA Q 122 -29.83 -7.52 58.12
CA ALA Q 122 -29.68 -7.70 59.57
C ALA Q 122 -28.22 -7.89 59.96
N SER Q 123 -27.38 -8.39 59.05
CA SER Q 123 -26.02 -8.79 59.41
C SER Q 123 -25.15 -7.62 59.87
N ALA Q 124 -24.23 -7.95 60.79
CA ALA Q 124 -23.31 -6.96 61.32
C ALA Q 124 -22.34 -6.45 60.27
N THR Q 125 -22.11 -7.20 59.19
CA THR Q 125 -21.30 -6.65 58.09
C THR Q 125 -22.04 -5.53 57.38
N ALA Q 126 -23.35 -5.70 57.15
CA ALA Q 126 -24.17 -4.59 56.66
C ALA Q 126 -24.16 -3.43 57.64
N THR Q 127 -24.14 -3.72 58.94
CA THR Q 127 -24.08 -2.63 59.91
C THR Q 127 -22.75 -1.87 59.83
N ASP Q 128 -21.62 -2.58 59.87
CA ASP Q 128 -20.32 -1.97 59.63
C ASP Q 128 -20.31 -1.17 58.33
N LEU Q 129 -21.05 -1.65 57.32
CA LEU Q 129 -21.05 -1.04 56.00
C LEU Q 129 -21.77 0.30 55.99
N VAL Q 130 -23.02 0.32 56.47
CA VAL Q 130 -23.89 1.48 56.32
C VAL Q 130 -23.91 2.35 57.57
N VAL Q 131 -24.11 1.74 58.75
CA VAL Q 131 -24.15 2.53 59.97
C VAL Q 131 -22.79 3.15 60.23
N ASN Q 132 -21.75 2.32 60.22
CA ASN Q 132 -20.41 2.78 60.57
C ASN Q 132 -19.77 3.62 59.46
N THR Q 133 -20.28 3.52 58.22
CA THR Q 133 -19.74 4.22 57.03
C THR Q 133 -18.31 3.78 56.76
N ALA Q 134 -18.12 2.48 56.64
CA ALA Q 134 -16.78 1.93 56.51
C ALA Q 134 -16.87 0.76 55.54
N PRO Q 135 -16.07 0.75 54.48
CA PRO Q 135 -16.11 -0.38 53.55
C PRO Q 135 -15.23 -1.53 54.01
N GLN Q 136 -15.34 -2.63 53.28
CA GLN Q 136 -14.67 -3.88 53.61
C GLN Q 136 -13.32 -3.94 52.88
N TYR Q 137 -12.24 -3.69 53.60
CA TYR Q 137 -10.92 -3.58 52.95
C TYR Q 137 -10.06 -4.83 53.12
N GLN R 1 -63.98 -2.10 44.06
CA GLN R 1 -62.53 -2.15 44.33
C GLN R 1 -62.08 -3.53 43.92
N ILE R 2 -60.77 -3.75 43.86
CA ILE R 2 -60.24 -4.96 43.25
C ILE R 2 -59.87 -5.96 44.34
N ALA R 3 -60.37 -7.19 44.19
CA ALA R 3 -59.98 -8.33 45.01
C ALA R 3 -59.94 -9.54 44.09
N ASN R 4 -59.33 -10.61 44.58
CA ASN R 4 -59.20 -11.80 43.75
C ASN R 4 -60.57 -12.40 43.46
N VAL R 5 -60.67 -13.12 42.34
CA VAL R 5 -61.94 -13.69 41.90
C VAL R 5 -61.80 -15.20 41.87
N VAL R 6 -62.84 -15.91 42.27
CA VAL R 6 -62.79 -17.36 42.42
C VAL R 6 -63.74 -17.99 41.42
N LEU R 7 -63.19 -18.80 40.50
CA LEU R 7 -63.96 -19.42 39.43
C LEU R 7 -63.89 -20.93 39.58
N ALA R 8 -65.05 -21.59 39.52
CA ALA R 8 -65.09 -23.04 39.68
C ALA R 8 -64.88 -23.71 38.32
N ASP R 9 -63.95 -24.67 38.29
CA ASP R 9 -63.61 -25.31 37.02
C ASP R 9 -64.69 -26.33 36.64
N GLY R 10 -64.51 -26.90 35.46
CA GLY R 10 -65.45 -27.89 34.96
C GLY R 10 -64.98 -29.28 35.33
N GLN R 11 -65.68 -29.89 36.28
CA GLN R 11 -65.46 -31.27 36.69
C GLN R 11 -66.79 -31.79 37.23
N ALA R 12 -66.77 -33.04 37.69
CA ALA R 12 -67.88 -33.55 38.49
C ALA R 12 -68.13 -32.65 39.69
N ALA R 13 -67.11 -32.52 40.51
CA ALA R 13 -67.11 -31.65 41.64
C ALA R 13 -66.23 -30.48 41.28
N PRO R 14 -66.79 -29.27 41.28
CA PRO R 14 -65.99 -28.10 40.93
C PRO R 14 -64.87 -27.91 41.94
N ALA R 15 -63.73 -27.45 41.43
CA ALA R 15 -62.57 -27.11 42.24
C ALA R 15 -62.31 -25.64 42.01
N ASP R 16 -62.44 -24.85 43.06
CA ASP R 16 -62.29 -23.40 42.96
C ASP R 16 -60.86 -23.03 42.63
N LYS R 17 -60.68 -22.29 41.53
CA LYS R 17 -59.41 -21.70 41.17
C LYS R 17 -59.47 -20.22 41.47
N THR R 18 -58.51 -19.74 42.25
CA THR R 18 -58.48 -18.36 42.71
C THR R 18 -57.52 -17.55 41.85
N PHE R 19 -57.99 -16.42 41.33
CA PHE R 19 -57.19 -15.50 40.53
C PHE R 19 -56.90 -14.27 41.39
N GLU R 20 -55.65 -14.16 41.85
CA GLU R 20 -55.21 -13.03 42.64
C GLU R 20 -54.79 -11.87 41.73
N PRO R 21 -55.17 -10.65 42.08
CA PRO R 21 -54.95 -9.53 41.14
C PRO R 21 -53.49 -9.17 41.01
N GLN R 22 -53.11 -8.76 39.80
CA GLN R 22 -51.77 -8.31 39.47
C GLN R 22 -51.72 -6.89 38.97
N ARG R 23 -52.81 -6.37 38.40
CA ARG R 23 -52.89 -5.01 37.87
C ARG R 23 -54.26 -4.42 38.15
N GLY R 24 -54.27 -3.13 38.49
CA GLY R 24 -55.49 -2.37 38.47
C GLY R 24 -55.67 -1.72 37.11
N GLN R 25 -56.93 -1.49 36.74
CA GLN R 25 -57.21 -0.79 35.50
C GLN R 25 -56.82 0.68 35.65
N ASN R 26 -55.96 1.15 34.75
CA ASN R 26 -55.46 2.51 34.77
C ASN R 26 -55.88 3.19 33.48
N GLY R 27 -56.66 4.27 33.59
CA GLY R 27 -57.13 4.95 32.40
C GLY R 27 -58.10 4.07 31.62
N VAL R 28 -57.89 3.97 30.31
CA VAL R 28 -58.67 3.06 29.48
C VAL R 28 -57.72 2.24 28.61
N THR R 29 -56.45 2.62 28.58
CA THR R 29 -55.48 1.86 27.79
C THR R 29 -55.21 0.50 28.43
N ASP R 30 -55.09 0.47 29.76
CA ASP R 30 -54.57 -0.69 30.49
C ASP R 30 -55.69 -1.46 31.15
N PRO R 31 -55.86 -2.75 30.88
CA PRO R 31 -56.87 -3.53 31.60
C PRO R 31 -56.32 -4.10 32.91
N ALA R 32 -57.23 -4.38 33.83
CA ALA R 32 -56.86 -5.01 35.10
C ALA R 32 -56.70 -6.52 34.91
N GLU R 33 -55.68 -7.09 35.57
CA GLU R 33 -55.28 -8.47 35.30
C GLU R 33 -55.21 -9.27 36.61
N TRP R 34 -55.59 -10.56 36.51
CA TRP R 34 -55.59 -11.51 37.61
C TRP R 34 -54.85 -12.77 37.19
N TRP R 35 -54.07 -13.33 38.11
CA TRP R 35 -53.22 -14.50 37.85
C TRP R 35 -53.57 -15.63 38.83
N GLU R 36 -53.61 -16.87 38.32
CA GLU R 36 -54.03 -18.00 39.17
C GLU R 36 -52.93 -18.46 40.10
N LYS R 37 -51.69 -18.54 39.61
CA LYS R 37 -50.55 -18.98 40.41
C LYS R 37 -50.65 -20.45 40.79
N SER R 38 -51.31 -21.27 39.97
CA SER R 38 -51.43 -22.67 40.33
C SER R 38 -50.16 -23.44 40.04
N SER R 39 -49.65 -23.35 38.81
CA SER R 39 -48.43 -24.06 38.42
C SER R 39 -47.19 -23.35 38.98
N PRO R 40 -46.03 -24.02 38.99
CA PRO R 40 -44.84 -23.36 39.56
C PRO R 40 -44.32 -22.16 38.76
N THR R 41 -44.23 -22.25 37.44
CA THR R 41 -43.71 -21.16 36.61
C THR R 41 -44.85 -20.27 36.11
N LEU R 42 -44.50 -19.16 35.46
CA LEU R 42 -45.55 -18.24 34.99
C LEU R 42 -46.42 -18.88 33.92
N ASN R 43 -45.81 -19.64 33.00
CA ASN R 43 -46.55 -20.16 31.87
C ASN R 43 -47.80 -20.93 32.30
N GLY R 44 -47.79 -21.50 33.51
CA GLY R 44 -48.93 -22.25 34.01
C GLY R 44 -50.03 -21.43 34.66
N TYR R 45 -49.75 -20.17 35.01
CA TYR R 45 -50.77 -19.28 35.54
C TYR R 45 -51.93 -19.15 34.57
N ARG R 46 -53.16 -19.21 35.09
CA ARG R 46 -54.34 -18.87 34.30
C ARG R 46 -54.61 -17.38 34.47
N ARG R 47 -55.03 -16.73 33.38
CA ARG R 47 -55.16 -15.28 33.36
C ARG R 47 -56.60 -14.82 33.21
N LEU R 48 -56.89 -13.67 33.81
CA LEU R 48 -58.18 -13.00 33.64
C LEU R 48 -57.95 -11.50 33.46
N THR R 49 -58.38 -10.94 32.34
CA THR R 49 -58.25 -9.52 32.06
C THR R 49 -59.63 -8.89 31.94
N ALA R 50 -59.76 -7.67 32.48
CA ALA R 50 -61.03 -6.96 32.45
C ALA R 50 -60.79 -5.47 32.28
N LEU R 51 -61.47 -4.88 31.31
CA LEU R 51 -61.30 -3.47 30.96
C LEU R 51 -62.65 -2.85 30.67
N VAL R 52 -62.99 -1.79 31.38
CA VAL R 52 -64.17 -0.98 31.10
C VAL R 52 -63.67 0.35 30.54
N ARG R 53 -63.94 0.59 29.26
CA ARG R 53 -63.50 1.81 28.59
C ARG R 53 -64.68 2.50 27.94
N ARG R 54 -64.82 3.81 28.16
CA ARG R 54 -65.87 4.54 27.48
C ARG R 54 -65.40 4.90 26.08
N ASN R 55 -66.22 4.55 25.08
CA ASN R 55 -66.00 4.95 23.69
C ASN R 55 -66.91 6.15 23.41
N ALA R 56 -66.29 7.30 23.16
CA ALA R 56 -67.03 8.55 22.98
C ALA R 56 -67.63 8.66 21.59
N ALA R 57 -67.05 7.95 20.61
CA ALA R 57 -67.62 7.95 19.26
C ALA R 57 -69.04 7.41 19.27
N SER R 58 -69.23 6.21 19.84
CA SER R 58 -70.54 5.59 19.90
C SER R 58 -71.39 6.09 21.06
N LYS R 59 -70.86 7.02 21.86
CA LYS R 59 -71.50 7.46 23.10
C LYS R 59 -71.94 6.26 23.93
N SER R 60 -70.96 5.43 24.27
CA SER R 60 -71.29 4.16 24.93
C SER R 60 -70.10 3.69 25.74
N VAL R 61 -70.33 2.66 26.55
CA VAL R 61 -69.32 2.04 27.38
C VAL R 61 -69.08 0.62 26.88
N LYS R 62 -67.81 0.23 26.76
CA LYS R 62 -67.44 -1.13 26.40
C LYS R 62 -66.86 -1.84 27.60
N VAL R 63 -67.16 -3.14 27.72
CA VAL R 63 -66.62 -3.99 28.78
C VAL R 63 -66.03 -5.22 28.13
N LYS R 64 -64.72 -5.39 28.25
CA LYS R 64 -64.00 -6.51 27.67
C LYS R 64 -63.41 -7.38 28.76
N VAL R 65 -63.69 -8.68 28.69
CA VAL R 65 -63.18 -9.67 29.63
C VAL R 65 -62.53 -10.78 28.83
N ALA R 66 -61.43 -11.32 29.36
CA ALA R 66 -60.73 -12.42 28.72
C ALA R 66 -60.26 -13.41 29.77
N ILE R 67 -60.43 -14.69 29.48
CA ILE R 67 -59.97 -15.77 30.35
C ILE R 67 -59.06 -16.68 29.53
N TYR R 68 -57.79 -16.76 29.93
CA TYR R 68 -56.80 -17.60 29.26
C TYR R 68 -56.46 -18.79 30.15
N ASP R 69 -56.77 -20.01 29.67
CA ASP R 69 -56.44 -21.26 30.36
C ASP R 69 -55.36 -22.00 29.57
N PRO R 70 -54.10 -21.96 29.98
CA PRO R 70 -53.05 -22.66 29.23
C PRO R 70 -52.79 -24.06 29.75
N THR R 71 -52.46 -25.01 28.88
CA THR R 71 -52.04 -26.34 29.30
C THR R 71 -50.59 -26.54 28.88
N LEU R 72 -49.76 -27.03 29.80
CA LEU R 72 -48.34 -27.19 29.50
C LEU R 72 -48.09 -28.45 28.68
N ALA R 73 -46.95 -28.47 28.00
CA ALA R 73 -46.59 -29.61 27.18
C ALA R 73 -45.82 -30.64 28.00
N VAL R 74 -45.85 -31.89 27.53
CA VAL R 74 -45.17 -32.97 28.21
C VAL R 74 -43.68 -32.93 27.86
N THR R 75 -42.85 -32.77 28.88
CA THR R 75 -41.42 -32.60 28.69
C THR R 75 -40.67 -33.90 28.94
N ALA R 76 -39.40 -33.90 28.56
CA ALA R 76 -38.50 -35.04 28.69
C ALA R 76 -37.23 -34.60 29.38
N PRO R 77 -36.62 -35.48 30.19
CA PRO R 77 -35.41 -35.06 30.94
C PRO R 77 -34.24 -34.74 30.03
N SER R 78 -34.06 -35.48 28.93
CA SER R 78 -32.94 -35.27 28.02
C SER R 78 -33.42 -34.48 26.82
N THR R 79 -32.98 -33.22 26.73
CA THR R 79 -33.19 -32.40 25.55
C THR R 79 -31.95 -32.47 24.68
N ALA R 80 -32.15 -32.40 23.36
CA ALA R 80 -31.01 -32.48 22.46
C ALA R 80 -30.06 -31.32 22.67
N SER R 81 -28.77 -31.62 22.61
CA SER R 81 -27.72 -30.61 22.60
C SER R 81 -27.95 -29.60 23.70
N GLY R 82 -28.14 -30.09 24.92
CA GLY R 82 -28.16 -29.12 25.98
C GLY R 82 -28.98 -29.58 27.17
N ILE R 83 -29.70 -28.64 27.72
CA ILE R 83 -30.17 -28.70 29.08
C ILE R 83 -31.61 -29.23 29.12
N GLN R 84 -31.98 -29.78 30.26
CA GLN R 84 -33.37 -30.16 30.50
C GLN R 84 -34.28 -28.95 30.32
N PRO R 85 -35.40 -29.09 29.61
CA PRO R 85 -36.14 -27.90 29.16
C PRO R 85 -36.99 -27.30 30.25
N SER R 86 -37.11 -25.97 30.21
CA SER R 86 -38.04 -25.29 31.09
C SER R 86 -39.47 -25.54 30.63
N PRO R 87 -40.45 -25.50 31.53
CA PRO R 87 -41.82 -25.85 31.15
C PRO R 87 -42.37 -24.84 30.15
N THR R 88 -42.98 -25.34 29.08
CA THR R 88 -43.49 -24.50 28.01
C THR R 88 -44.96 -24.78 27.78
N VAL R 89 -45.64 -23.80 27.18
CA VAL R 89 -47.06 -23.91 26.89
C VAL R 89 -47.23 -24.64 25.57
N ALA R 90 -48.06 -25.70 25.58
CA ALA R 90 -48.37 -26.39 24.33
C ALA R 90 -49.52 -25.72 23.60
N PHE R 91 -50.56 -25.32 24.34
CA PHE R 91 -51.65 -24.54 23.77
C PHE R 91 -52.39 -23.87 24.91
N THR R 92 -53.35 -23.03 24.53
CA THR R 92 -54.11 -22.26 25.50
C THR R 92 -55.53 -22.06 24.97
N CYS R 93 -56.51 -22.15 25.86
CA CYS R 93 -57.92 -21.98 25.51
C CYS R 93 -58.41 -20.63 26.01
N PRO R 94 -58.69 -19.68 25.14
CA PRO R 94 -59.28 -18.41 25.58
C PRO R 94 -60.78 -18.31 25.40
N VAL R 95 -61.37 -17.54 26.33
CA VAL R 95 -62.67 -16.90 26.15
C VAL R 95 -62.45 -15.40 26.03
N PHE R 96 -63.17 -14.79 25.11
CA PHE R 96 -63.35 -13.34 25.06
C PHE R 96 -64.82 -13.01 25.21
N ILE R 97 -65.12 -11.98 26.00
CA ILE R 97 -66.48 -11.53 26.24
C ILE R 97 -66.50 -10.02 26.11
N GLU R 98 -67.43 -9.50 25.31
CA GLU R 98 -67.55 -8.05 25.12
C GLU R 98 -69.02 -7.65 25.28
N PHE R 99 -69.29 -6.83 26.29
CA PHE R 99 -70.56 -6.15 26.44
C PHE R 99 -70.43 -4.74 25.89
N THR R 100 -71.47 -4.25 25.23
CA THR R 100 -71.51 -2.81 24.99
C THR R 100 -72.83 -2.23 25.49
N LEU R 101 -72.74 -1.08 26.13
CA LEU R 101 -73.86 -0.46 26.83
C LEU R 101 -73.97 1.01 26.46
N PRO R 102 -75.02 1.42 25.75
CA PRO R 102 -75.14 2.83 25.36
C PRO R 102 -75.37 3.72 26.56
N ASP R 103 -75.16 5.03 26.34
CA ASP R 103 -75.26 5.97 27.45
C ASP R 103 -76.69 6.13 27.93
N ALA R 104 -77.67 5.92 27.05
CA ALA R 104 -79.06 6.10 27.39
C ALA R 104 -79.72 4.85 27.98
N CYS R 105 -78.93 3.90 28.48
CA CYS R 105 -79.47 2.60 28.87
C CYS R 105 -79.83 2.56 30.35
N THR R 106 -80.70 1.61 30.70
CA THR R 106 -81.19 1.48 32.06
C THR R 106 -80.35 0.48 32.86
N ILE R 107 -80.30 0.70 34.16
CA ILE R 107 -79.75 -0.31 35.08
C ILE R 107 -80.46 -1.64 34.87
N GLN R 108 -81.75 -1.60 34.58
CA GLN R 108 -82.50 -2.81 34.27
C GLN R 108 -81.98 -3.47 33.00
N ASN R 109 -81.64 -2.68 31.98
CA ASN R 109 -81.12 -3.25 30.75
C ASN R 109 -79.78 -3.92 30.98
N ARG R 110 -78.91 -3.28 31.78
CA ARG R 110 -77.60 -3.88 32.07
C ARG R 110 -77.77 -5.22 32.81
N LYS R 111 -78.63 -5.24 33.82
CA LYS R 111 -78.86 -6.50 34.54
C LYS R 111 -79.44 -7.56 33.61
N ASP R 112 -80.39 -7.16 32.74
CA ASP R 112 -80.92 -8.07 31.73
C ASP R 112 -79.81 -8.70 30.91
N ILE R 113 -78.95 -7.87 30.31
CA ILE R 113 -77.98 -8.38 29.36
C ILE R 113 -76.99 -9.32 30.04
N LEU R 114 -76.54 -8.95 31.25
CA LEU R 114 -75.59 -9.80 31.95
C LEU R 114 -76.23 -11.12 32.34
N ALA R 115 -77.48 -11.09 32.80
CA ALA R 115 -78.14 -12.34 33.17
C ALA R 115 -78.36 -13.23 31.95
N TYR R 116 -78.69 -12.63 30.80
CA TYR R 116 -78.82 -13.42 29.58
C TYR R 116 -77.52 -14.14 29.28
N ALA R 117 -76.40 -13.42 29.38
CA ALA R 117 -75.09 -14.04 29.12
C ALA R 117 -74.82 -15.20 30.09
N LYS R 118 -74.96 -14.96 31.39
CA LYS R 118 -74.60 -16.00 32.35
C LYS R 118 -75.52 -17.22 32.24
N ASN R 119 -76.83 -16.99 32.06
CA ASN R 119 -77.76 -18.10 31.96
C ASN R 119 -77.53 -18.90 30.68
N PHE R 120 -77.22 -18.23 29.57
CA PHE R 120 -76.88 -18.98 28.37
C PHE R 120 -75.64 -19.83 28.58
N LEU R 121 -74.57 -19.23 29.14
CA LEU R 121 -73.34 -20.00 29.33
C LEU R 121 -73.55 -21.20 30.24
N ALA R 122 -74.46 -21.09 31.20
CA ALA R 122 -74.83 -22.27 31.98
C ALA R 122 -75.62 -23.26 31.13
N SER R 123 -76.39 -22.79 30.15
CA SER R 123 -77.35 -23.64 29.46
C SER R 123 -76.69 -24.80 28.73
N ALA R 124 -77.44 -25.89 28.63
CA ALA R 124 -76.93 -27.09 27.99
C ALA R 124 -76.63 -26.87 26.51
N THR R 125 -77.30 -25.92 25.86
CA THR R 125 -76.96 -25.63 24.46
C THR R 125 -75.60 -24.96 24.35
N ALA R 126 -75.24 -24.08 25.30
CA ALA R 126 -73.86 -23.60 25.33
C ALA R 126 -72.89 -24.72 25.65
N THR R 127 -73.29 -25.64 26.55
CA THR R 127 -72.40 -26.77 26.84
C THR R 127 -72.19 -27.64 25.59
N ASP R 128 -73.29 -28.01 24.89
CA ASP R 128 -73.18 -28.70 23.60
C ASP R 128 -72.28 -27.91 22.67
N LEU R 129 -72.42 -26.58 22.66
CA LEU R 129 -71.72 -25.75 21.68
C LEU R 129 -70.21 -25.76 21.89
N VAL R 130 -69.75 -25.70 23.14
CA VAL R 130 -68.32 -25.55 23.40
C VAL R 130 -67.64 -26.89 23.71
N VAL R 131 -68.25 -27.68 24.59
CA VAL R 131 -67.63 -28.93 25.03
C VAL R 131 -67.64 -29.97 23.91
N ASN R 132 -68.74 -30.08 23.17
CA ASN R 132 -68.82 -31.01 22.07
C ASN R 132 -68.41 -30.40 20.73
N THR R 133 -68.16 -29.09 20.69
CA THR R 133 -67.78 -28.36 19.47
C THR R 133 -68.78 -28.64 18.35
N ALA R 134 -70.05 -28.73 18.71
CA ALA R 134 -71.05 -29.13 17.73
C ALA R 134 -71.93 -27.97 17.31
N PRO R 135 -72.30 -27.88 16.03
CA PRO R 135 -73.28 -26.88 15.59
C PRO R 135 -74.68 -27.13 16.14
N GLN R 136 -75.65 -26.33 15.71
CA GLN R 136 -77.05 -26.53 16.09
C GLN R 136 -77.85 -26.88 14.83
N TYR R 137 -78.13 -28.17 14.65
CA TYR R 137 -78.59 -28.73 13.37
C TYR R 137 -80.11 -28.56 13.23
N GLN S 1 67.65 59.71 38.62
CA GLN S 1 66.39 59.25 39.22
C GLN S 1 65.45 60.44 39.47
N ILE S 2 64.13 60.20 39.51
CA ILE S 2 63.18 61.31 39.61
C ILE S 2 63.04 61.75 41.05
N ALA S 3 62.90 63.07 41.21
CA ALA S 3 62.72 63.73 42.49
C ALA S 3 62.21 65.13 42.18
N ASN S 4 61.42 65.69 43.10
CA ASN S 4 60.76 66.95 42.85
C ASN S 4 61.78 68.05 42.56
N VAL S 5 61.33 69.08 41.84
CA VAL S 5 62.18 70.19 41.44
C VAL S 5 61.59 71.48 41.98
N VAL S 6 62.46 72.39 42.43
CA VAL S 6 62.03 73.58 43.17
C VAL S 6 62.49 74.80 42.38
N LEU S 7 61.55 75.56 41.83
CA LEU S 7 61.87 76.73 41.03
C LEU S 7 61.30 77.97 41.70
N ALA S 8 62.02 79.08 41.60
CA ALA S 8 61.67 80.31 42.29
C ALA S 8 60.95 81.27 41.33
N ASP S 9 59.75 81.70 41.71
CA ASP S 9 59.02 82.64 40.87
C ASP S 9 59.63 84.03 40.96
N GLY S 10 59.30 84.86 39.98
CA GLY S 10 59.82 86.21 39.93
C GLY S 10 58.97 87.18 40.72
N GLN S 11 59.54 87.78 41.75
CA GLN S 11 58.83 88.75 42.56
C GLN S 11 59.84 89.63 43.29
N ALA S 12 59.28 90.49 44.16
CA ALA S 12 60.07 91.16 45.19
C ALA S 12 60.92 90.15 45.96
N ALA S 13 60.26 89.22 46.64
CA ALA S 13 60.90 88.14 47.36
C ALA S 13 60.40 86.88 46.67
N PRO S 14 61.25 86.17 45.96
CA PRO S 14 60.78 85.01 45.21
C PRO S 14 60.39 83.89 46.14
N ALA S 15 59.38 83.14 45.71
CA ALA S 15 58.86 82.00 46.45
C ALA S 15 59.24 80.74 45.71
N ASP S 16 59.66 79.74 46.47
CA ASP S 16 59.94 78.41 45.97
C ASP S 16 58.64 77.68 45.65
N LYS S 17 58.39 77.43 44.37
CA LYS S 17 57.29 76.57 43.93
C LYS S 17 57.89 75.18 43.69
N THR S 18 57.35 74.18 44.39
CA THR S 18 57.88 72.82 44.34
C THR S 18 57.00 71.99 43.42
N PHE S 19 57.59 71.44 42.36
CA PHE S 19 56.95 70.48 41.47
C PHE S 19 57.27 69.09 42.02
N GLU S 20 56.27 68.48 42.67
CA GLU S 20 56.38 67.08 43.09
C GLU S 20 56.32 66.16 41.86
N PRO S 21 57.11 65.09 41.82
CA PRO S 21 56.99 64.17 40.69
C PRO S 21 55.64 63.48 40.71
N GLN S 22 54.94 63.55 39.58
CA GLN S 22 53.67 62.88 39.44
C GLN S 22 53.69 61.79 38.38
N ARG S 23 54.63 61.85 37.44
CA ARG S 23 54.87 60.72 36.54
C ARG S 23 56.31 60.72 36.08
N GLY S 24 56.98 59.56 36.22
CA GLY S 24 58.34 59.42 35.75
C GLY S 24 58.42 58.98 34.29
N GLN S 25 59.63 59.10 33.73
CA GLN S 25 59.92 58.62 32.37
C GLN S 25 60.74 57.34 32.46
N ASN S 26 60.14 56.22 32.08
CA ASN S 26 60.89 54.97 31.95
C ASN S 26 61.04 54.52 30.51
N GLY S 27 60.40 55.22 29.57
CA GLY S 27 60.45 54.86 28.17
C GLY S 27 60.77 56.08 27.32
N VAL S 28 61.02 55.82 26.03
CA VAL S 28 61.42 56.89 25.11
C VAL S 28 60.21 57.66 24.58
N THR S 29 59.05 57.03 24.53
CA THR S 29 57.91 57.69 23.90
C THR S 29 57.43 58.91 24.70
N ASP S 30 57.15 58.73 26.00
CA ASP S 30 56.42 59.73 26.83
C ASP S 30 57.32 60.39 27.86
N PRO S 31 57.33 61.73 27.91
CA PRO S 31 58.22 62.44 28.83
C PRO S 31 57.78 62.32 30.29
N ALA S 32 58.73 62.65 31.18
CA ALA S 32 58.48 62.71 32.61
C ALA S 32 57.80 64.02 32.96
N GLU S 33 57.01 64.01 34.05
CA GLU S 33 56.13 65.13 34.36
C GLU S 33 56.14 65.38 35.87
N TRP S 34 56.13 66.66 36.24
CA TRP S 34 56.10 67.14 37.61
C TRP S 34 54.92 68.09 37.75
N TRP S 35 54.23 68.00 38.89
CA TRP S 35 53.01 68.76 39.18
C TRP S 35 53.20 69.60 40.42
N GLU S 36 52.68 70.85 40.39
CA GLU S 36 52.98 71.77 41.48
C GLU S 36 52.03 71.62 42.65
N LYS S 37 50.72 71.49 42.39
CA LYS S 37 49.72 71.27 43.43
C LYS S 37 49.54 72.49 44.35
N SER S 38 49.86 73.70 43.87
CA SER S 38 49.56 74.88 44.66
C SER S 38 48.04 75.10 44.76
N SER S 39 47.38 75.27 43.61
CA SER S 39 45.93 75.39 43.59
C SER S 39 45.27 74.10 44.09
N PRO S 40 43.98 74.15 44.47
CA PRO S 40 43.32 72.93 44.97
C PRO S 40 42.87 71.94 43.89
N THR S 41 42.62 72.40 42.68
CA THR S 41 42.13 71.54 41.61
C THR S 41 43.23 71.25 40.59
N LEU S 42 43.03 70.18 39.82
CA LEU S 42 44.04 69.73 38.88
C LEU S 42 44.37 70.80 37.84
N ASN S 43 43.39 71.64 37.48
CA ASN S 43 43.60 72.65 36.44
C ASN S 43 44.64 73.69 36.87
N GLY S 44 44.72 73.99 38.16
CA GLY S 44 45.60 75.01 38.66
C GLY S 44 47.02 74.57 38.95
N TYR S 45 47.36 73.32 38.65
CA TYR S 45 48.71 72.85 38.86
C TYR S 45 49.64 73.46 37.82
N ARG S 46 50.85 73.80 38.23
CA ARG S 46 51.90 74.14 37.28
C ARG S 46 52.61 72.85 36.88
N ARG S 47 52.99 72.77 35.60
CA ARG S 47 53.54 71.52 35.07
C ARG S 47 54.97 71.70 34.56
N LEU S 48 55.72 70.60 34.67
CA LEU S 48 57.07 70.52 34.12
C LEU S 48 57.28 69.17 33.45
N THR S 49 57.55 69.16 32.14
CA THR S 49 57.79 67.94 31.39
C THR S 49 59.24 67.90 30.88
N ALA S 50 59.82 66.70 30.85
CA ALA S 50 61.22 66.52 30.50
C ALA S 50 61.42 65.15 29.87
N LEU S 51 61.91 65.14 28.64
CA LEU S 51 62.15 63.93 27.87
C LEU S 51 63.58 63.95 27.32
N VAL S 52 64.36 62.93 27.67
CA VAL S 52 65.66 62.68 27.07
C VAL S 52 65.50 61.44 26.18
N ARG S 53 65.84 61.59 24.91
CA ARG S 53 65.52 60.58 23.89
C ARG S 53 66.67 60.47 22.92
N ARG S 54 67.18 59.25 22.73
CA ARG S 54 68.25 59.05 21.76
C ARG S 54 67.63 58.95 20.37
N ASN S 55 68.04 59.84 19.47
CA ASN S 55 67.63 59.80 18.07
C ASN S 55 68.76 59.13 17.29
N ALA S 56 68.53 57.91 16.83
CA ALA S 56 69.56 57.16 16.11
C ALA S 56 69.77 57.70 14.70
N ALA S 57 68.79 58.42 14.15
CA ALA S 57 68.92 58.95 12.79
C ALA S 57 70.06 59.95 12.71
N SER S 58 70.02 60.98 13.55
CA SER S 58 71.06 61.99 13.62
C SER S 58 72.24 61.57 14.49
N LYS S 59 72.24 60.33 14.98
CA LYS S 59 73.21 59.86 15.96
C LYS S 59 73.39 60.90 17.06
N SER S 60 72.28 61.20 17.73
CA SER S 60 72.25 62.31 18.65
C SER S 60 71.30 61.98 19.81
N VAL S 61 71.19 62.93 20.73
CA VAL S 61 70.31 62.79 21.89
C VAL S 61 69.59 64.12 22.08
N LYS S 62 68.26 64.10 22.00
CA LYS S 62 67.46 65.28 22.23
C LYS S 62 66.98 65.34 23.67
N VAL S 63 66.86 66.56 24.18
CA VAL S 63 66.33 66.82 25.51
C VAL S 63 65.29 67.92 25.37
N LYS S 64 64.02 67.58 25.62
CA LYS S 64 62.90 68.52 25.54
C LYS S 64 62.35 68.79 26.93
N VAL S 65 62.30 70.07 27.31
CA VAL S 65 61.78 70.50 28.59
C VAL S 65 60.68 71.51 28.33
N ALA S 66 59.60 71.42 29.11
CA ALA S 66 58.48 72.34 28.98
C ALA S 66 57.99 72.73 30.37
N ILE S 67 57.69 74.02 30.54
CA ILE S 67 57.16 74.54 31.80
C ILE S 67 55.86 75.27 31.48
N TYR S 68 54.75 74.74 32.01
CA TYR S 68 53.42 75.32 31.81
C TYR S 68 52.98 76.01 33.10
N ASP S 69 52.80 77.34 33.04
CA ASP S 69 52.28 78.13 34.16
C ASP S 69 50.89 78.61 33.81
N PRO S 70 49.83 78.00 34.33
CA PRO S 70 48.48 78.48 34.02
C PRO S 70 48.03 79.56 34.99
N THR S 71 47.26 80.50 34.46
CA THR S 71 46.64 81.52 35.30
C THR S 71 45.14 81.21 35.34
N LEU S 72 44.66 80.71 36.48
CA LEU S 72 43.26 80.32 36.58
C LEU S 72 42.37 81.53 36.39
N ALA S 73 41.33 81.36 35.58
CA ALA S 73 40.35 82.43 35.42
C ALA S 73 39.66 82.69 36.76
N VAL S 74 39.50 83.97 37.08
CA VAL S 74 38.66 84.36 38.21
C VAL S 74 37.25 83.84 37.99
N THR S 75 36.80 82.95 38.85
CA THR S 75 35.49 82.30 38.73
C THR S 75 34.57 82.86 39.82
N ALA S 76 33.56 83.61 39.41
CA ALA S 76 32.51 84.17 40.24
C ALA S 76 31.23 83.34 40.12
N PRO S 77 30.41 83.28 41.18
CA PRO S 77 29.14 82.53 41.08
C PRO S 77 28.27 83.08 39.97
N SER S 78 27.68 82.16 39.21
CA SER S 78 27.00 82.52 37.98
C SER S 78 26.00 83.63 38.21
N THR S 79 25.98 84.58 37.28
CA THR S 79 24.96 85.61 37.30
C THR S 79 23.64 85.06 36.78
N ALA S 80 23.72 84.04 35.91
CA ALA S 80 22.52 83.43 35.35
C ALA S 80 22.11 82.17 36.09
N SER S 81 23.02 81.21 36.26
CA SER S 81 22.67 79.98 36.97
C SER S 81 22.67 80.14 38.48
N GLY S 82 23.27 81.21 38.99
CA GLY S 82 23.50 81.29 40.42
C GLY S 82 24.46 80.26 40.96
N ILE S 83 25.16 79.55 40.08
CA ILE S 83 25.93 78.36 40.42
C ILE S 83 27.35 78.55 39.91
N GLN S 84 28.29 78.79 40.83
CA GLN S 84 29.67 79.05 40.45
C GLN S 84 30.24 77.87 39.67
N PRO S 85 30.81 78.11 38.48
CA PRO S 85 31.32 76.99 37.68
C PRO S 85 32.60 76.45 38.29
N SER S 86 32.85 75.17 38.01
CA SER S 86 34.10 74.51 38.39
C SER S 86 35.26 75.34 37.85
N PRO S 87 36.39 75.40 38.54
CA PRO S 87 37.45 76.33 38.14
C PRO S 87 38.04 75.94 36.80
N THR S 88 38.25 76.96 35.96
CA THR S 88 38.75 76.80 34.60
C THR S 88 40.03 77.61 34.42
N VAL S 89 40.71 77.37 33.29
CA VAL S 89 41.97 78.03 32.97
C VAL S 89 41.69 79.08 31.88
N ALA S 90 42.03 80.34 32.18
CA ALA S 90 41.80 81.41 31.21
C ALA S 90 42.90 81.46 30.16
N PHE S 91 44.15 81.22 30.56
CA PHE S 91 45.26 81.09 29.63
C PHE S 91 46.44 80.47 30.38
N THR S 92 47.46 80.12 29.60
CA THR S 92 48.64 79.46 30.14
C THR S 92 49.88 79.99 29.43
N CYS S 93 50.96 80.17 30.20
CA CYS S 93 52.23 80.64 29.66
C CYS S 93 53.21 79.47 29.60
N PRO S 94 53.57 79.00 28.42
CA PRO S 94 54.59 77.96 28.34
C PRO S 94 55.99 78.47 27.99
N VAL S 95 56.97 77.71 28.47
CA VAL S 95 58.32 77.71 27.95
C VAL S 95 58.62 76.35 27.36
N PHE S 96 59.23 76.35 26.19
CA PHE S 96 59.77 75.15 25.56
C PHE S 96 61.27 75.32 25.37
N ILE S 97 62.04 74.34 25.81
CA ILE S 97 63.49 74.35 25.67
C ILE S 97 63.92 73.02 25.05
N GLU S 98 64.73 73.08 24.00
CA GLU S 98 65.23 71.90 23.32
C GLU S 98 66.75 71.99 23.21
N PHE S 99 67.45 71.02 23.81
CA PHE S 99 68.87 70.83 23.58
C PHE S 99 69.05 69.65 22.65
N THR S 100 70.03 69.74 21.75
CA THR S 100 70.43 68.52 21.03
C THR S 100 71.92 68.30 21.22
N LEU S 101 72.29 67.05 21.48
CA LEU S 101 73.67 66.68 21.82
C LEU S 101 74.12 65.53 20.93
N PRO S 102 75.02 65.78 19.97
CA PRO S 102 75.42 64.72 19.05
C PRO S 102 76.17 63.59 19.77
N ASP S 103 76.31 62.47 19.08
CA ASP S 103 76.96 61.30 19.69
C ASP S 103 78.43 61.55 19.96
N ALA S 104 79.06 62.47 19.23
CA ALA S 104 80.47 62.77 19.40
C ALA S 104 80.73 63.93 20.37
N CYS S 105 79.79 64.20 21.28
CA CYS S 105 79.75 65.43 22.05
C CYS S 105 80.53 65.32 23.35
N THR S 106 81.42 66.28 23.60
CA THR S 106 82.20 66.29 24.82
C THR S 106 81.34 66.66 26.03
N ILE S 107 81.72 66.09 27.18
CA ILE S 107 81.11 66.51 28.44
C ILE S 107 81.27 68.01 28.64
N GLN S 108 82.42 68.52 28.24
CA GLN S 108 82.69 69.95 28.34
C GLN S 108 81.76 70.75 27.43
N ASN S 109 81.48 70.24 26.23
CA ASN S 109 80.55 70.93 25.34
C ASN S 109 79.14 70.96 25.93
N ARG S 110 78.72 69.86 26.57
CA ARG S 110 77.39 69.84 27.19
C ARG S 110 77.30 70.86 28.31
N LYS S 111 78.32 70.89 29.19
CA LYS S 111 78.37 71.91 30.23
C LYS S 111 78.32 73.31 29.62
N ASP S 112 79.09 73.52 28.54
CA ASP S 112 79.09 74.82 27.85
C ASP S 112 77.69 75.23 27.43
N ILE S 113 76.99 74.34 26.73
CA ILE S 113 75.72 74.73 26.13
C ILE S 113 74.66 74.98 27.21
N LEU S 114 74.63 74.15 28.25
CA LEU S 114 73.70 74.40 29.34
C LEU S 114 74.03 75.72 30.04
N ALA S 115 75.32 76.04 30.16
CA ALA S 115 75.71 77.28 30.81
C ALA S 115 75.28 78.48 29.98
N TYR S 116 75.49 78.44 28.66
CA TYR S 116 75.05 79.54 27.80
C TYR S 116 73.56 79.75 27.95
N ALA S 117 72.78 78.66 27.95
CA ALA S 117 71.33 78.78 28.12
C ALA S 117 70.97 79.45 29.43
N LYS S 118 71.48 78.92 30.55
CA LYS S 118 71.05 79.45 31.85
C LYS S 118 71.52 80.88 32.06
N ASN S 119 72.75 81.20 31.67
CA ASN S 119 73.25 82.55 31.87
C ASN S 119 72.55 83.55 30.96
N PHE S 120 72.19 83.15 29.74
CA PHE S 120 71.40 84.05 28.91
C PHE S 120 70.02 84.30 29.52
N LEU S 121 69.35 83.24 29.99
CA LEU S 121 68.02 83.44 30.55
C LEU S 121 68.07 84.32 31.79
N ALA S 122 69.15 84.22 32.58
CA ALA S 122 69.34 85.18 33.66
C ALA S 122 69.61 86.58 33.12
N SER S 123 70.17 86.70 31.92
CA SER S 123 70.68 87.98 31.44
C SER S 123 69.59 89.03 31.26
N ALA S 124 69.99 90.29 31.46
CA ALA S 124 69.07 91.41 31.36
C ALA S 124 68.50 91.57 29.96
N THR S 125 69.22 91.11 28.93
CA THR S 125 68.65 91.14 27.58
C THR S 125 67.50 90.15 27.46
N ALA S 126 67.62 88.97 28.07
CA ALA S 126 66.48 88.06 28.13
C ALA S 126 65.33 88.68 28.92
N THR S 127 65.63 89.44 29.97
CA THR S 127 64.54 90.10 30.69
C THR S 127 63.85 91.15 29.82
N ASP S 128 64.63 92.03 29.17
CA ASP S 128 64.07 92.97 28.19
C ASP S 128 63.27 92.26 27.11
N LEU S 129 63.66 91.02 26.80
CA LEU S 129 63.06 90.29 25.69
C LEU S 129 61.69 89.72 26.05
N VAL S 130 61.58 89.09 27.22
CA VAL S 130 60.36 88.36 27.59
C VAL S 130 59.48 89.18 28.54
N VAL S 131 60.08 89.78 29.56
CA VAL S 131 59.28 90.50 30.55
C VAL S 131 58.68 91.77 29.95
N ASN S 132 59.48 92.52 29.19
CA ASN S 132 58.99 93.71 28.52
C ASN S 132 58.50 93.43 27.11
N THR S 133 58.54 92.17 26.66
CA THR S 133 58.12 91.78 25.32
C THR S 133 58.70 92.73 24.27
N ALA S 134 59.99 93.04 24.41
CA ALA S 134 60.61 93.99 23.52
C ALA S 134 61.69 93.32 22.70
N PRO S 135 61.78 93.64 21.42
CA PRO S 135 62.85 93.10 20.57
C PRO S 135 64.13 93.92 20.72
N GLN S 136 65.12 93.56 19.90
CA GLN S 136 66.43 94.21 19.89
C GLN S 136 66.56 94.94 18.56
N TYR S 137 66.29 96.25 18.59
CA TYR S 137 66.04 97.02 17.36
C TYR S 137 67.26 97.74 16.76
N GLN T 1 65.10 48.11 43.51
CA GLN T 1 64.31 48.31 42.30
C GLN T 1 65.13 47.98 41.06
N ILE T 2 65.80 49.03 40.55
CA ILE T 2 66.85 48.95 39.53
C ILE T 2 68.13 49.49 40.14
N ALA T 3 69.23 48.79 39.92
CA ALA T 3 70.51 49.18 40.47
C ALA T 3 71.56 49.05 39.39
N ASN T 4 72.55 49.93 39.45
CA ASN T 4 73.64 49.88 38.49
C ASN T 4 74.35 48.54 38.58
N VAL T 5 75.05 48.17 37.51
CA VAL T 5 75.64 46.84 37.41
C VAL T 5 77.11 46.97 37.04
N VAL T 6 77.98 46.24 37.72
CA VAL T 6 79.41 46.35 37.52
C VAL T 6 79.92 45.04 36.94
N LEU T 7 80.59 45.13 35.79
CA LEU T 7 81.13 43.95 35.10
C LEU T 7 82.65 44.07 34.98
N ALA T 8 83.31 42.93 35.05
CA ALA T 8 84.76 42.89 34.98
C ALA T 8 85.22 42.70 33.53
N ASP T 9 86.04 43.64 33.04
CA ASP T 9 86.52 43.50 31.68
C ASP T 9 87.64 42.47 31.60
N GLY T 10 88.00 42.12 30.37
CA GLY T 10 89.06 41.16 30.15
C GLY T 10 90.41 41.84 30.10
N GLN T 11 91.25 41.53 31.07
CA GLN T 11 92.61 42.07 31.13
C GLN T 11 93.39 41.10 32.02
N ALA T 12 94.66 41.44 32.26
CA ALA T 12 95.43 40.70 33.26
C ALA T 12 94.70 40.71 34.60
N ALA T 13 94.38 41.91 35.10
CA ALA T 13 93.52 42.05 36.26
C ALA T 13 92.26 42.74 35.78
N PRO T 14 91.09 42.15 35.97
CA PRO T 14 89.86 42.78 35.50
C PRO T 14 89.66 44.14 36.15
N ALA T 15 89.27 45.11 35.32
CA ALA T 15 88.96 46.47 35.75
C ALA T 15 87.45 46.61 35.75
N ASP T 16 86.87 46.75 36.94
CA ASP T 16 85.44 46.94 37.11
C ASP T 16 84.93 48.12 36.29
N LYS T 17 84.00 47.84 35.38
CA LYS T 17 83.29 48.84 34.61
C LYS T 17 81.87 48.93 35.15
N THR T 18 81.51 50.11 35.63
CA THR T 18 80.21 50.34 36.26
C THR T 18 79.24 50.92 35.25
N PHE T 19 78.07 50.28 35.11
CA PHE T 19 77.00 50.74 34.25
C PHE T 19 75.93 51.36 35.13
N GLU T 20 75.80 52.70 35.07
CA GLU T 20 74.79 53.43 35.81
C GLU T 20 73.42 53.24 35.16
N PRO T 21 72.35 53.15 35.95
CA PRO T 21 71.01 53.04 35.37
C PRO T 21 70.55 54.41 34.87
N GLN T 22 70.53 54.57 33.55
CA GLN T 22 70.06 55.82 32.98
C GLN T 22 68.58 55.77 32.61
N ARG T 23 68.01 54.58 32.42
CA ARG T 23 66.57 54.42 32.26
C ARG T 23 66.16 53.01 32.69
N GLY T 24 65.03 52.93 33.41
CA GLY T 24 64.52 51.64 33.86
C GLY T 24 63.55 51.06 32.86
N GLN T 25 63.18 49.80 33.11
CA GLN T 25 62.30 49.08 32.19
C GLN T 25 60.90 49.67 32.22
N ASN T 26 60.45 50.18 31.07
CA ASN T 26 59.19 50.91 30.98
C ASN T 26 58.04 50.12 31.58
N GLY T 27 57.94 48.87 31.17
CA GLY T 27 56.82 48.01 31.48
C GLY T 27 57.12 46.73 30.74
N VAL T 28 56.25 46.31 29.83
CA VAL T 28 56.58 45.21 28.93
C VAL T 28 57.05 45.70 27.56
N THR T 29 57.06 47.01 27.34
CA THR T 29 57.34 47.56 26.02
C THR T 29 58.82 47.90 25.81
N ASP T 30 59.40 48.72 26.68
CA ASP T 30 60.76 49.23 26.49
C ASP T 30 61.71 48.62 27.52
N PRO T 31 62.84 48.08 27.10
CA PRO T 31 63.76 47.45 28.04
C PRO T 31 64.47 48.47 28.92
N ALA T 32 64.97 47.97 30.05
CA ALA T 32 65.81 48.78 30.93
C ALA T 32 67.19 48.94 30.31
N GLU T 33 67.81 50.11 30.53
CA GLU T 33 69.08 50.42 29.89
C GLU T 33 70.05 51.03 30.90
N TRP T 34 71.32 50.64 30.76
CA TRP T 34 72.41 51.06 31.62
C TRP T 34 73.56 51.55 30.75
N TRP T 35 74.23 52.60 31.24
CA TRP T 35 75.26 53.32 30.49
C TRP T 35 76.55 53.37 31.30
N GLU T 36 77.68 52.99 30.68
CA GLU T 36 78.95 53.00 31.40
C GLU T 36 79.41 54.42 31.70
N LYS T 37 79.39 55.28 30.69
CA LYS T 37 79.75 56.69 30.85
C LYS T 37 81.20 56.87 31.30
N SER T 38 82.09 56.03 30.77
CA SER T 38 83.50 56.18 31.09
C SER T 38 84.20 57.15 30.15
N SER T 39 84.09 56.90 28.83
CA SER T 39 84.73 57.74 27.83
C SER T 39 84.21 59.18 27.90
N PRO T 40 84.99 60.15 27.41
CA PRO T 40 84.50 61.54 27.42
C PRO T 40 83.44 61.81 26.37
N THR T 41 83.46 61.10 25.26
CA THR T 41 82.43 61.26 24.25
C THR T 41 81.28 60.32 24.54
N LEU T 42 80.08 60.71 24.08
CA LEU T 42 78.93 59.82 24.18
C LEU T 42 79.11 58.56 23.35
N ASN T 43 80.06 58.57 22.40
CA ASN T 43 80.32 57.40 21.57
C ASN T 43 80.77 56.21 22.41
N GLY T 44 81.66 56.44 23.36
CA GLY T 44 82.32 55.42 24.15
C GLY T 44 81.59 54.96 25.39
N TYR T 45 80.33 55.33 25.55
CA TYR T 45 79.51 54.74 26.60
C TYR T 45 79.19 53.29 26.22
N ARG T 46 79.49 52.35 27.11
CA ARG T 46 79.07 50.97 26.90
C ARG T 46 77.64 50.80 27.41
N ARG T 47 76.89 49.88 26.78
CA ARG T 47 75.45 49.79 27.03
C ARG T 47 75.02 48.40 27.48
N LEU T 48 73.97 48.37 28.29
CA LEU T 48 73.35 47.12 28.74
C LEU T 48 71.83 47.28 28.74
N THR T 49 71.13 46.42 28.01
CA THR T 49 69.67 46.43 27.98
C THR T 49 69.13 45.11 28.49
N ALA T 50 68.06 45.17 29.29
CA ALA T 50 67.43 43.97 29.82
C ALA T 50 65.92 44.16 29.90
N LEU T 51 65.19 43.20 29.32
CA LEU T 51 63.73 43.22 29.25
C LEU T 51 63.17 41.86 29.66
N VAL T 52 62.12 41.88 30.49
CA VAL T 52 61.45 40.66 30.97
C VAL T 52 59.97 40.80 30.65
N ARG T 53 59.48 39.99 29.72
CA ARG T 53 58.11 40.15 29.22
C ARG T 53 57.45 38.79 29.09
N ARG T 54 56.19 38.70 29.49
CA ARG T 54 55.43 37.46 29.40
C ARG T 54 54.67 37.44 28.08
N ASN T 55 55.09 36.58 27.16
CA ASN T 55 54.27 36.32 25.97
C ASN T 55 53.11 35.44 26.39
N ALA T 56 51.91 36.04 26.41
CA ALA T 56 50.72 35.38 26.94
C ALA T 56 50.20 34.31 26.01
N ALA T 57 50.38 34.49 24.69
CA ALA T 57 50.02 33.46 23.74
C ALA T 57 50.82 32.19 23.99
N SER T 58 52.14 32.30 23.92
CA SER T 58 53.01 31.13 24.11
C SER T 58 53.09 30.69 25.56
N LYS T 59 52.37 31.35 26.46
CA LYS T 59 52.43 31.07 27.89
C LYS T 59 53.88 30.90 28.34
N SER T 60 54.67 31.96 28.12
CA SER T 60 56.07 31.88 28.46
C SER T 60 56.58 33.27 28.83
N VAL T 61 57.80 33.30 29.35
CA VAL T 61 58.46 34.54 29.73
C VAL T 61 59.76 34.62 28.96
N LYS T 62 59.90 35.68 28.17
CA LYS T 62 61.15 35.97 27.47
C LYS T 62 61.99 36.93 28.31
N VAL T 63 63.29 36.70 28.32
CA VAL T 63 64.27 37.54 29.01
C VAL T 63 65.36 37.86 28.01
N LYS T 64 65.45 39.13 27.60
CA LYS T 64 66.40 39.59 26.59
C LYS T 64 67.41 40.54 27.21
N VAL T 65 68.69 40.23 27.02
CA VAL T 65 69.79 41.05 27.52
C VAL T 65 70.75 41.32 26.37
N ALA T 66 71.26 42.55 26.31
CA ALA T 66 72.23 42.92 25.29
C ALA T 66 73.33 43.77 25.92
N ILE T 67 74.57 43.52 25.49
CA ILE T 67 75.74 44.25 25.95
C ILE T 67 76.45 44.81 24.72
N TYR T 68 76.55 46.14 24.66
CA TYR T 68 77.15 46.84 23.53
C TYR T 68 78.46 47.47 23.96
N ASP T 69 79.58 47.03 23.35
CA ASP T 69 80.89 47.61 23.64
C ASP T 69 81.41 48.33 22.41
N PRO T 70 81.46 49.66 22.38
CA PRO T 70 81.99 50.35 21.21
C PRO T 70 83.49 50.54 21.27
N THR T 71 84.12 50.51 20.09
CA THR T 71 85.51 50.90 19.96
C THR T 71 85.58 52.05 18.95
N LEU T 72 86.23 53.13 19.37
CA LEU T 72 86.29 54.39 18.66
C LEU T 72 87.58 54.48 17.85
N ALA T 73 87.58 55.44 16.92
CA ALA T 73 88.75 55.68 16.10
C ALA T 73 88.71 57.11 15.61
N VAL T 74 89.87 57.74 15.55
CA VAL T 74 90.00 59.10 15.07
C VAL T 74 90.65 59.05 13.68
N THR T 75 90.39 60.09 12.88
CA THR T 75 91.05 60.21 11.58
C THR T 75 92.56 60.14 11.71
N ALA T 76 93.10 60.76 12.76
CA ALA T 76 94.53 60.85 12.97
C ALA T 76 94.78 60.92 14.47
N PRO T 77 95.95 60.45 14.93
CA PRO T 77 96.18 60.38 16.37
C PRO T 77 96.15 61.76 17.01
N SER T 78 95.74 61.79 18.27
CA SER T 78 95.52 63.04 18.99
C SER T 78 96.83 63.78 19.28
N THR T 79 96.78 65.11 19.28
CA THR T 79 97.96 65.95 19.53
C THR T 79 97.95 66.66 20.88
N ALA T 80 96.78 66.95 21.44
CA ALA T 80 96.62 67.69 22.70
C ALA T 80 97.06 69.15 22.60
N SER T 81 97.19 69.70 21.40
CA SER T 81 97.62 71.08 21.25
C SER T 81 96.58 71.96 20.56
N GLY T 82 96.20 71.64 19.32
CA GLY T 82 95.26 72.42 18.58
C GLY T 82 93.93 71.69 18.42
N ILE T 83 93.06 72.27 17.59
CA ILE T 83 91.79 71.63 17.30
C ILE T 83 92.06 70.28 16.64
N GLN T 84 91.44 69.24 17.16
CA GLN T 84 91.74 67.87 16.80
C GLN T 84 90.51 67.21 16.20
N PRO T 85 90.70 66.11 15.46
CA PRO T 85 89.55 65.44 14.84
C PRO T 85 88.68 64.77 15.88
N SER T 86 87.38 65.05 15.82
CA SER T 86 86.43 64.36 16.69
C SER T 86 86.38 62.89 16.31
N PRO T 87 86.11 62.00 17.27
CA PRO T 87 86.23 60.57 17.02
C PRO T 87 84.95 59.95 16.48
N THR T 88 85.13 59.07 15.50
CA THR T 88 84.03 58.29 14.96
C THR T 88 83.96 56.95 15.70
N VAL T 89 82.80 56.30 15.57
CA VAL T 89 82.62 54.95 16.11
C VAL T 89 83.18 53.98 15.09
N ALA T 90 84.32 53.38 15.40
CA ALA T 90 84.92 52.41 14.49
C ALA T 90 84.04 51.17 14.36
N PHE T 91 83.73 50.53 15.49
CA PHE T 91 82.84 49.37 15.43
C PHE T 91 82.23 49.14 16.80
N THR T 92 81.37 48.13 16.89
CA THR T 92 80.72 47.77 18.14
C THR T 92 80.68 46.25 18.26
N CYS T 93 80.99 45.75 19.45
CA CYS T 93 80.91 44.32 19.77
C CYS T 93 79.70 44.09 20.63
N PRO T 94 78.64 43.51 20.08
CA PRO T 94 77.50 43.12 20.91
C PRO T 94 77.48 41.65 21.32
N VAL T 95 76.93 41.44 22.51
CA VAL T 95 76.37 40.17 22.96
C VAL T 95 74.87 40.30 23.07
N PHE T 96 74.15 39.30 22.57
CA PHE T 96 72.72 39.16 22.80
C PHE T 96 72.46 37.85 23.52
N ILE T 97 71.66 37.89 24.56
CA ILE T 97 71.31 36.74 25.38
C ILE T 97 69.79 36.69 25.48
N GLU T 98 69.22 35.52 25.19
CA GLU T 98 67.78 35.31 25.30
C GLU T 98 67.50 34.03 26.05
N PHE T 99 66.73 34.14 27.13
CA PHE T 99 66.16 32.99 27.82
C PHE T 99 64.67 32.94 27.52
N THR T 100 64.13 31.74 27.33
CA THR T 100 62.68 31.61 27.33
C THR T 100 62.27 30.55 28.34
N LEU T 101 61.31 30.90 29.20
CA LEU T 101 60.90 30.06 30.32
C LEU T 101 59.40 29.82 30.24
N PRO T 102 58.96 28.60 29.89
CA PRO T 102 57.52 28.35 29.81
C PRO T 102 56.83 28.60 31.14
N ASP T 103 55.51 28.83 31.07
CA ASP T 103 54.79 29.28 32.26
C ASP T 103 54.81 28.21 33.35
N ALA T 104 54.73 26.93 32.96
CA ALA T 104 54.74 25.84 33.93
C ALA T 104 56.18 25.36 34.15
N CYS T 105 57.02 26.27 34.63
CA CYS T 105 58.46 26.05 34.76
C CYS T 105 58.88 26.18 36.21
N THR T 106 59.75 25.27 36.65
CA THR T 106 60.23 25.27 38.03
C THR T 106 61.27 26.37 38.23
N ILE T 107 61.24 26.95 39.44
CA ILE T 107 62.32 27.83 39.84
C ILE T 107 63.65 27.10 39.76
N GLN T 108 63.65 25.79 40.06
CA GLN T 108 64.87 25.01 39.93
C GLN T 108 65.32 24.90 38.49
N ASN T 109 64.37 24.78 37.55
CA ASN T 109 64.73 24.77 36.14
C ASN T 109 65.33 26.11 35.71
N ARG T 110 64.79 27.22 36.22
CA ARG T 110 65.34 28.53 35.90
C ARG T 110 66.78 28.65 36.42
N LYS T 111 66.99 28.24 37.66
CA LYS T 111 68.35 28.24 38.22
C LYS T 111 69.28 27.38 37.36
N ASP T 112 68.81 26.19 36.98
CA ASP T 112 69.59 25.30 36.10
C ASP T 112 70.03 26.01 34.83
N ILE T 113 69.07 26.61 34.12
CA ILE T 113 69.38 27.15 32.79
C ILE T 113 70.32 28.35 32.91
N LEU T 114 70.10 29.21 33.91
CA LEU T 114 71.01 30.34 34.09
C LEU T 114 72.41 29.85 34.46
N ALA T 115 72.49 28.79 35.26
CA ALA T 115 73.79 28.24 35.63
C ALA T 115 74.51 27.65 34.42
N TYR T 116 73.78 26.94 33.57
CA TYR T 116 74.39 26.40 32.35
C TYR T 116 74.97 27.51 31.50
N ALA T 117 74.19 28.60 31.33
CA ALA T 117 74.68 29.74 30.56
C ALA T 117 75.94 30.34 31.16
N LYS T 118 75.92 30.65 32.46
CA LYS T 118 77.05 31.36 33.04
C LYS T 118 78.30 30.47 33.11
N ASN T 119 78.14 29.20 33.48
CA ASN T 119 79.29 28.30 33.56
C ASN T 119 79.87 28.05 32.17
N PHE T 120 79.01 27.95 31.15
CA PHE T 120 79.54 27.81 29.80
C PHE T 120 80.34 29.04 29.40
N LEU T 121 79.78 30.23 29.61
CA LEU T 121 80.49 31.43 29.20
C LEU T 121 81.82 31.58 29.94
N ALA T 122 81.89 31.10 31.18
CA ALA T 122 83.19 31.06 31.86
C ALA T 122 84.09 30.00 31.23
N SER T 123 83.53 28.97 30.60
CA SER T 123 84.32 27.82 30.17
C SER T 123 85.34 28.17 29.09
N ALA T 124 86.46 27.44 29.14
CA ALA T 124 87.53 27.63 28.17
C ALA T 124 87.11 27.25 26.76
N THR T 125 86.09 26.41 26.59
CA THR T 125 85.58 26.16 25.25
C THR T 125 84.90 27.39 24.68
N ALA T 126 84.12 28.10 25.51
CA ALA T 126 83.59 29.40 25.11
C ALA T 126 84.71 30.38 24.81
N THR T 127 85.80 30.31 25.57
CA THR T 127 86.93 31.20 25.29
C THR T 127 87.57 30.89 23.93
N ASP T 128 87.92 29.61 23.68
CA ASP T 128 88.38 29.18 22.37
C ASP T 128 87.41 29.62 21.27
N LEU T 129 86.12 29.62 21.59
CA LEU T 129 85.09 29.92 20.60
C LEU T 129 85.07 31.39 20.21
N VAL T 130 84.99 32.27 21.20
CA VAL T 130 84.75 33.69 20.96
C VAL T 130 86.04 34.50 20.99
N VAL T 131 86.86 34.33 22.02
CA VAL T 131 88.10 35.08 22.12
C VAL T 131 89.03 34.69 20.99
N ASN T 132 89.26 33.39 20.84
CA ASN T 132 90.23 32.90 19.87
C ASN T 132 89.70 32.95 18.43
N THR T 133 88.37 33.06 18.25
CA THR T 133 87.70 33.09 16.94
C THR T 133 87.96 31.80 16.19
N ALA T 134 87.64 30.69 16.83
CA ALA T 134 87.95 29.38 16.27
C ALA T 134 86.80 28.46 16.62
N PRO T 135 86.20 27.80 15.65
CA PRO T 135 85.11 26.87 15.95
C PRO T 135 85.63 25.50 16.34
N GLN T 136 84.69 24.66 16.76
CA GLN T 136 84.98 23.32 17.28
C GLN T 136 84.87 22.31 16.14
N TYR T 137 86.02 21.87 15.63
CA TYR T 137 86.02 21.00 14.43
C TYR T 137 86.24 19.52 14.75
N GLN U 1 56.55 55.88 42.92
CA GLN U 1 57.38 54.92 42.17
C GLN U 1 56.90 53.57 42.56
N ILE U 2 57.33 52.52 41.85
CA ILE U 2 56.75 51.20 42.01
C ILE U 2 57.65 50.35 42.90
N ALA U 3 57.03 49.74 43.90
CA ALA U 3 57.66 48.74 44.74
C ALA U 3 56.60 47.71 45.08
N ASN U 4 57.04 46.56 45.59
CA ASN U 4 56.10 45.49 45.88
C ASN U 4 55.15 45.91 46.99
N VAL U 5 53.95 45.32 46.99
CA VAL U 5 52.91 45.66 47.95
C VAL U 5 52.61 44.43 48.80
N VAL U 6 52.37 44.65 50.09
CA VAL U 6 52.21 43.56 51.04
C VAL U 6 50.78 43.58 51.58
N LEU U 7 50.03 42.51 51.32
CA LEU U 7 48.63 42.43 51.71
C LEU U 7 48.45 41.27 52.69
N ALA U 8 47.77 41.53 53.81
CA ALA U 8 47.57 40.50 54.82
C ALA U 8 46.32 39.70 54.49
N ASP U 9 46.44 38.38 54.49
CA ASP U 9 45.33 37.53 54.11
C ASP U 9 44.33 37.43 55.25
N GLY U 10 43.23 36.74 54.98
CA GLY U 10 42.19 36.57 55.95
C GLY U 10 42.39 35.27 56.70
N GLN U 11 42.79 35.39 57.97
CA GLN U 11 42.95 34.26 58.87
C GLN U 11 42.76 34.80 60.29
N ALA U 12 42.90 33.92 61.27
CA ALA U 12 43.04 34.37 62.65
C ALA U 12 44.18 35.34 62.79
N ALA U 13 45.35 34.87 62.43
CA ALA U 13 46.55 35.65 62.40
C ALA U 13 46.86 35.91 60.95
N PRO U 14 46.90 37.17 60.54
CA PRO U 14 47.18 37.48 59.14
C PRO U 14 48.57 37.00 58.77
N ALA U 15 48.70 36.54 57.53
CA ALA U 15 49.96 36.13 56.96
C ALA U 15 50.20 37.02 55.75
N ASP U 16 51.26 37.82 55.82
CA ASP U 16 51.54 38.79 54.78
C ASP U 16 51.92 38.08 53.48
N LYS U 17 51.20 38.40 52.41
CA LYS U 17 51.53 37.94 51.08
C LYS U 17 52.11 39.13 50.32
N THR U 18 53.30 38.94 49.75
CA THR U 18 54.01 40.01 49.08
C THR U 18 53.84 39.87 47.57
N PHE U 19 53.44 40.97 46.93
CA PHE U 19 53.26 41.04 45.48
C PHE U 19 54.42 41.85 44.91
N GLU U 20 55.36 41.17 44.26
CA GLU U 20 56.51 41.81 43.62
C GLU U 20 56.13 42.30 42.23
N PRO U 21 56.54 43.50 41.85
CA PRO U 21 56.07 44.08 40.58
C PRO U 21 56.63 43.37 39.37
N GLN U 22 55.80 43.29 38.33
CA GLN U 22 56.17 42.70 37.05
C GLN U 22 56.07 43.67 35.89
N ARG U 23 55.22 44.69 36.00
CA ARG U 23 55.03 45.69 34.95
C ARG U 23 54.84 47.07 35.57
N GLY U 24 55.42 48.08 34.92
CA GLY U 24 55.06 49.44 35.20
C GLY U 24 53.94 49.89 34.28
N GLN U 25 53.14 50.83 34.77
CA GLN U 25 52.08 51.39 33.95
C GLN U 25 52.70 52.24 32.85
N ASN U 26 52.37 51.92 31.60
CA ASN U 26 52.90 52.62 30.43
C ASN U 26 51.74 53.24 29.67
N GLY U 27 51.75 54.56 29.55
CA GLY U 27 50.65 55.24 28.87
C GLY U 27 49.38 55.13 29.69
N VAL U 28 48.28 54.77 29.01
CA VAL U 28 47.02 54.49 29.71
C VAL U 28 46.46 53.15 29.23
N THR U 29 47.04 52.60 28.18
CA THR U 29 46.58 51.31 27.69
C THR U 29 46.95 50.19 28.66
N ASP U 30 48.17 50.25 29.22
CA ASP U 30 48.77 49.13 29.93
C ASP U 30 48.72 49.37 31.44
N PRO U 31 48.13 48.49 32.23
CA PRO U 31 48.18 48.65 33.69
C PRO U 31 49.43 48.03 34.29
N ALA U 32 49.81 48.54 35.46
CA ALA U 32 50.94 47.97 36.20
C ALA U 32 50.50 46.72 36.96
N GLU U 33 51.37 45.70 36.98
CA GLU U 33 51.00 44.38 37.48
C GLU U 33 52.01 43.89 38.52
N TRP U 34 51.49 43.18 39.53
CA TRP U 34 52.24 42.59 40.64
C TRP U 34 51.89 41.13 40.78
N TRP U 35 52.91 40.30 41.05
CA TRP U 35 52.77 38.84 41.13
C TRP U 35 53.23 38.35 42.50
N GLU U 36 52.49 37.39 43.08
CA GLU U 36 52.82 36.93 44.43
C GLU U 36 53.99 35.97 44.46
N LYS U 37 54.05 35.04 43.50
CA LYS U 37 55.13 34.06 43.42
C LYS U 37 55.10 33.07 44.59
N SER U 38 53.91 32.81 45.13
CA SER U 38 53.87 31.89 46.27
C SER U 38 53.96 30.44 45.82
N SER U 39 53.12 30.03 44.89
CA SER U 39 53.12 28.66 44.38
C SER U 39 54.29 28.44 43.42
N PRO U 40 54.63 27.17 43.11
CA PRO U 40 55.77 26.95 42.20
C PRO U 40 55.54 27.40 40.75
N THR U 41 54.39 27.12 40.15
CA THR U 41 54.12 27.49 38.76
C THR U 41 53.41 28.84 38.70
N LEU U 42 53.22 29.36 37.47
CA LEU U 42 52.57 30.68 37.34
C LEU U 42 51.13 30.64 37.81
N ASN U 43 50.41 29.57 37.49
CA ASN U 43 48.98 29.53 37.77
C ASN U 43 48.68 29.83 39.24
N GLY U 44 49.63 29.55 40.14
CA GLY U 44 49.42 29.80 41.56
C GLY U 44 49.73 31.20 42.02
N TYR U 45 50.43 32.00 41.21
CA TYR U 45 50.68 33.40 41.55
C TYR U 45 49.36 34.15 41.75
N ARG U 46 49.30 34.96 42.80
CA ARG U 46 48.20 35.90 42.97
C ARG U 46 48.56 37.21 42.28
N ARG U 47 47.57 37.84 41.64
CA ARG U 47 47.83 39.00 40.80
C ARG U 47 47.19 40.27 41.36
N LEU U 48 47.86 41.40 41.09
CA LEU U 48 47.32 42.72 41.40
C LEU U 48 47.60 43.66 40.23
N THR U 49 46.54 44.22 39.64
CA THR U 49 46.67 45.16 38.54
C THR U 49 46.14 46.53 38.95
N ALA U 50 46.84 47.58 38.52
CA ALA U 50 46.43 48.94 38.86
C ALA U 50 46.72 49.87 37.69
N LEU U 51 45.72 50.65 37.31
CA LEU U 51 45.79 51.52 36.15
C LEU U 51 45.11 52.84 36.47
N VAL U 52 45.84 53.95 36.35
CA VAL U 52 45.28 55.28 36.45
C VAL U 52 45.29 55.89 35.05
N ARG U 53 44.10 56.10 34.49
CA ARG U 53 43.96 56.63 33.13
C ARG U 53 43.05 57.84 33.16
N ARG U 54 43.48 58.92 32.52
CA ARG U 54 42.60 60.08 32.42
C ARG U 54 41.65 59.87 31.25
N ASN U 55 40.35 60.03 31.53
CA ASN U 55 39.30 60.02 30.52
C ASN U 55 38.95 61.47 30.21
N ALA U 56 39.24 61.89 28.97
CA ALA U 56 39.04 63.29 28.58
C ALA U 56 37.60 63.60 28.25
N ALA U 57 36.81 62.58 27.89
CA ALA U 57 35.39 62.78 27.64
C ALA U 57 34.68 63.32 28.88
N SER U 58 34.84 62.62 30.00
CA SER U 58 34.22 63.02 31.26
C SER U 58 35.01 64.08 32.00
N LYS U 59 36.13 64.53 31.44
CA LYS U 59 37.06 65.44 32.13
C LYS U 59 37.34 64.92 33.54
N SER U 60 37.87 63.70 33.61
CA SER U 60 38.03 63.06 34.90
C SER U 60 39.14 62.02 34.82
N VAL U 61 39.52 61.50 35.99
CA VAL U 61 40.55 60.47 36.11
C VAL U 61 39.88 59.20 36.62
N LYS U 62 40.22 58.06 36.02
CA LYS U 62 39.74 56.76 36.49
C LYS U 62 40.89 55.99 37.11
N VAL U 63 40.59 55.24 38.15
CA VAL U 63 41.55 54.39 38.85
C VAL U 63 40.94 53.00 38.95
N LYS U 64 41.55 52.02 38.28
CA LYS U 64 41.09 50.64 38.27
C LYS U 64 42.11 49.75 38.95
N VAL U 65 41.64 48.96 39.90
CA VAL U 65 42.46 48.00 40.64
C VAL U 65 41.77 46.65 40.56
N ALA U 66 42.57 45.59 40.46
CA ALA U 66 42.06 44.22 40.41
C ALA U 66 42.96 43.31 41.21
N ILE U 67 42.34 42.43 42.00
CA ILE U 67 43.07 41.42 42.78
C ILE U 67 42.52 40.06 42.41
N TYR U 68 43.38 39.22 41.84
CA TYR U 68 43.02 37.86 41.43
C TYR U 68 43.67 36.86 42.38
N ASP U 69 42.84 36.09 43.12
CA ASP U 69 43.31 35.03 44.02
C ASP U 69 42.89 33.67 43.44
N PRO U 70 43.80 32.93 42.80
CA PRO U 70 43.40 31.62 42.25
C PRO U 70 43.67 30.47 43.20
N THR U 71 42.82 29.45 43.19
CA THR U 71 43.07 28.23 43.96
C THR U 71 43.25 27.08 42.98
N LEU U 72 44.29 26.27 43.18
CA LEU U 72 44.59 25.20 42.25
C LEU U 72 43.69 23.99 42.51
N ALA U 73 43.55 23.15 41.50
CA ALA U 73 42.72 21.97 41.61
C ALA U 73 43.54 20.79 42.14
N VAL U 74 42.84 19.83 42.74
CA VAL U 74 43.46 18.64 43.31
C VAL U 74 43.79 17.67 42.18
N THR U 75 45.07 17.35 42.01
CA THR U 75 45.53 16.52 40.92
C THR U 75 45.77 15.09 41.38
N ALA U 76 45.96 14.20 40.40
CA ALA U 76 46.19 12.79 40.61
C ALA U 76 47.43 12.37 39.85
N PRO U 77 48.20 11.41 40.39
CA PRO U 77 49.45 11.01 39.70
C PRO U 77 49.21 10.37 38.34
N SER U 78 48.14 9.58 38.20
CA SER U 78 47.85 8.88 36.96
C SER U 78 46.77 9.64 36.21
N THR U 79 47.15 10.28 35.10
CA THR U 79 46.21 10.89 34.19
C THR U 79 45.93 9.92 33.05
N ALA U 80 44.71 9.94 32.53
CA ALA U 80 44.36 9.03 31.46
C ALA U 80 45.20 9.30 30.22
N SER U 81 45.60 8.21 29.56
CA SER U 81 46.26 8.27 28.26
C SER U 81 47.37 9.31 28.27
N GLY U 82 48.25 9.21 29.25
CA GLY U 82 49.39 10.08 29.15
C GLY U 82 50.00 10.41 30.49
N ILE U 83 50.40 11.66 30.59
CA ILE U 83 51.39 12.08 31.56
C ILE U 83 50.71 12.63 32.80
N GLN U 84 51.45 12.62 33.91
CA GLN U 84 51.00 13.26 35.14
C GLN U 84 50.73 14.74 34.86
N PRO U 85 49.61 15.30 35.33
CA PRO U 85 49.17 16.60 34.84
C PRO U 85 49.92 17.75 35.50
N SER U 86 50.11 18.81 34.72
CA SER U 86 50.67 20.03 35.28
C SER U 86 49.61 20.73 36.13
N PRO U 87 50.02 21.51 37.13
CA PRO U 87 49.03 22.10 38.03
C PRO U 87 48.15 23.09 37.29
N THR U 88 46.85 23.00 37.52
CA THR U 88 45.87 23.83 36.82
C THR U 88 45.00 24.56 37.82
N VAL U 89 44.41 25.66 37.36
CA VAL U 89 43.54 26.48 38.20
C VAL U 89 42.14 25.89 38.17
N ALA U 90 41.57 25.65 39.35
CA ALA U 90 40.20 25.19 39.42
C ALA U 90 39.21 26.35 39.39
N PHE U 91 39.52 27.42 40.12
CA PHE U 91 38.75 28.65 40.06
C PHE U 91 39.59 29.77 40.64
N THR U 92 39.05 30.98 40.53
CA THR U 92 39.77 32.17 40.97
C THR U 92 38.75 33.18 41.49
N CYS U 93 39.11 33.88 42.58
CA CYS U 93 38.26 34.88 43.20
C CYS U 93 38.81 36.27 42.89
N PRO U 94 38.13 37.06 42.06
CA PRO U 94 38.55 38.44 41.84
C PRO U 94 37.80 39.48 42.64
N VAL U 95 38.54 40.55 42.95
CA VAL U 95 37.99 41.85 43.29
C VAL U 95 38.31 42.81 42.16
N PHE U 96 37.33 43.64 41.80
CA PHE U 96 37.54 44.82 40.98
C PHE U 96 37.14 46.06 41.77
N ILE U 97 37.94 47.11 41.67
CA ILE U 97 37.69 48.37 42.35
C ILE U 97 37.90 49.49 41.36
N GLU U 98 36.92 50.39 41.24
CA GLU U 98 37.02 51.54 40.34
C GLU U 98 36.66 52.80 41.07
N PHE U 99 37.62 53.72 41.19
CA PHE U 99 37.37 55.09 41.63
C PHE U 99 37.26 55.98 40.41
N THR U 100 36.35 56.96 40.46
CA THR U 100 36.44 58.02 39.46
C THR U 100 36.47 59.37 40.16
N LEU U 101 37.33 60.25 39.66
CA LEU U 101 37.62 61.53 40.31
C LEU U 101 37.57 62.66 39.28
N PRO U 102 36.60 63.56 39.36
CA PRO U 102 36.52 64.64 38.37
C PRO U 102 37.68 65.61 38.50
N ASP U 103 37.87 66.41 37.45
CA ASP U 103 39.01 67.31 37.41
C ASP U 103 38.88 68.43 38.44
N ALA U 104 37.66 68.80 38.79
CA ALA U 104 37.42 69.90 39.71
C ALA U 104 37.40 69.47 41.17
N CYS U 105 37.95 68.30 41.50
CA CYS U 105 37.78 67.75 42.83
C CYS U 105 38.93 68.12 43.75
N THR U 106 38.67 68.03 45.06
CA THR U 106 39.65 68.41 46.08
C THR U 106 40.46 67.22 46.53
N ILE U 107 41.69 67.50 46.96
CA ILE U 107 42.49 66.51 47.66
C ILE U 107 41.72 65.95 48.85
N GLN U 108 40.94 66.81 49.51
CA GLN U 108 40.10 66.34 50.60
C GLN U 108 39.04 65.36 50.11
N ASN U 109 38.45 65.62 48.95
CA ASN U 109 37.45 64.70 48.41
C ASN U 109 38.07 63.34 48.09
N ARG U 110 39.28 63.33 47.51
CA ARG U 110 39.93 62.06 47.19
C ARG U 110 40.22 61.27 48.47
N LYS U 111 40.76 61.94 49.50
CA LYS U 111 41.01 61.24 50.76
C LYS U 111 39.72 60.72 51.37
N ASP U 112 38.65 61.54 51.32
CA ASP U 112 37.33 61.10 51.76
C ASP U 112 36.93 59.79 51.10
N ILE U 113 36.94 59.77 49.76
CA ILE U 113 36.38 58.64 49.03
C ILE U 113 37.19 57.38 49.31
N LEU U 114 38.53 57.50 49.34
CA LEU U 114 39.35 56.33 49.60
C LEU U 114 39.14 55.80 51.01
N ALA U 115 39.02 56.71 51.99
CA ALA U 115 38.80 56.26 53.36
C ALA U 115 37.44 55.59 53.51
N TYR U 116 36.42 56.11 52.82
CA TYR U 116 35.11 55.46 52.84
C TYR U 116 35.22 54.04 52.34
N ALA U 117 35.94 53.85 51.22
CA ALA U 117 36.12 52.52 50.67
C ALA U 117 36.82 51.58 51.66
N LYS U 118 37.97 52.01 52.20
CA LYS U 118 38.73 51.10 53.06
C LYS U 118 37.98 50.79 54.35
N ASN U 119 37.33 51.80 54.95
CA ASN U 119 36.61 51.57 56.20
C ASN U 119 35.41 50.68 55.97
N PHE U 120 34.70 50.84 54.85
CA PHE U 120 33.61 49.91 54.57
C PHE U 120 34.13 48.48 54.41
N LEU U 121 35.20 48.29 53.62
CA LEU U 121 35.70 46.94 53.40
C LEU U 121 36.16 46.30 54.70
N ALA U 122 36.65 47.10 55.65
CA ALA U 122 36.92 46.55 56.98
C ALA U 122 35.62 46.23 57.73
N SER U 123 34.54 46.96 57.46
CA SER U 123 33.34 46.89 58.29
C SER U 123 32.72 45.50 58.28
N ALA U 124 32.07 45.17 59.39
CA ALA U 124 31.45 43.86 59.53
C ALA U 124 30.33 43.65 58.53
N THR U 125 29.67 44.72 58.07
CA THR U 125 28.66 44.54 57.03
C THR U 125 29.27 44.13 55.70
N ALA U 126 30.45 44.66 55.35
CA ALA U 126 31.14 44.13 54.19
C ALA U 126 31.58 42.69 54.44
N THR U 127 32.00 42.37 55.67
CA THR U 127 32.38 40.98 55.95
C THR U 127 31.17 40.05 55.80
N ASP U 128 30.03 40.41 56.40
CA ASP U 128 28.77 39.68 56.19
C ASP U 128 28.50 39.55 54.70
N LEU U 129 28.72 40.64 53.94
CA LEU U 129 28.34 40.68 52.54
C LEU U 129 29.14 39.69 51.69
N VAL U 130 30.45 39.60 51.92
CA VAL U 130 31.30 38.79 51.05
C VAL U 130 31.56 37.40 51.61
N VAL U 131 31.92 37.31 52.88
CA VAL U 131 32.28 36.02 53.48
C VAL U 131 31.05 35.12 53.63
N ASN U 132 29.92 35.68 54.06
CA ASN U 132 28.70 34.90 54.19
C ASN U 132 27.83 34.93 52.95
N THR U 133 28.20 35.73 51.94
CA THR U 133 27.43 35.88 50.70
C THR U 133 25.97 36.20 50.99
N ALA U 134 25.73 37.01 52.02
CA ALA U 134 24.37 37.24 52.45
C ALA U 134 23.90 38.65 52.08
N PRO U 135 22.63 38.79 51.69
CA PRO U 135 22.06 40.13 51.46
C PRO U 135 21.92 40.93 52.76
N GLN U 136 21.30 42.11 52.67
CA GLN U 136 21.01 42.92 53.85
C GLN U 136 19.50 43.04 54.00
N TYR U 137 18.94 42.24 54.91
CA TYR U 137 17.49 41.98 54.97
C TYR U 137 16.77 43.08 55.76
N GLN V 1 89.65 22.51 18.40
CA GLN V 1 89.17 21.14 18.15
C GLN V 1 88.04 20.76 19.11
N ILE V 2 87.18 19.81 18.71
CA ILE V 2 86.01 19.50 19.53
C ILE V 2 86.38 18.55 20.65
N ALA V 3 85.76 18.78 21.80
CA ALA V 3 85.93 17.99 23.01
C ALA V 3 84.76 18.33 23.91
N ASN V 4 84.36 17.38 24.75
CA ASN V 4 83.16 17.54 25.55
C ASN V 4 83.29 18.75 26.48
N VAL V 5 82.14 19.30 26.88
CA VAL V 5 82.10 20.49 27.73
C VAL V 5 81.33 20.15 28.99
N VAL V 6 81.78 20.68 30.12
CA VAL V 6 81.28 20.30 31.43
C VAL V 6 80.70 21.53 32.09
N LEU V 7 79.39 21.57 32.28
CA LEU V 7 78.71 22.71 32.88
C LEU V 7 78.04 22.29 34.18
N ALA V 8 78.04 23.18 35.16
CA ALA V 8 77.54 22.88 36.50
C ALA V 8 76.11 23.40 36.65
N ASP V 9 75.19 22.51 37.02
CA ASP V 9 73.82 22.94 37.24
C ASP V 9 73.70 23.72 38.54
N GLY V 10 72.60 24.46 38.65
CA GLY V 10 72.35 25.28 39.82
C GLY V 10 71.64 24.50 40.91
N GLN V 11 72.29 24.34 42.06
CA GLN V 11 71.71 23.62 43.18
C GLN V 11 72.41 24.05 44.46
N ALA V 12 72.02 23.38 45.55
CA ALA V 12 72.80 23.36 46.78
C ALA V 12 74.27 23.04 46.49
N ALA V 13 74.51 21.84 45.98
CA ALA V 13 75.82 21.39 45.57
C ALA V 13 75.68 21.14 44.08
N PRO V 14 76.32 21.94 43.25
CA PRO V 14 76.13 21.80 41.81
C PRO V 14 76.78 20.54 41.31
N ALA V 15 76.15 19.95 40.30
CA ALA V 15 76.62 18.73 39.66
C ALA V 15 77.14 19.08 38.27
N ASP V 16 78.26 18.47 37.92
CA ASP V 16 78.84 18.58 36.59
C ASP V 16 78.03 17.74 35.61
N LYS V 17 77.35 18.39 34.68
CA LYS V 17 76.71 17.72 33.55
C LYS V 17 77.67 17.82 32.37
N THR V 18 78.05 16.66 31.82
CA THR V 18 79.03 16.58 30.76
C THR V 18 78.31 16.40 29.43
N PHE V 19 78.51 17.34 28.51
CA PHE V 19 78.03 17.24 27.13
C PHE V 19 79.16 16.60 26.32
N GLU V 20 78.99 15.32 26.00
CA GLU V 20 79.90 14.64 25.09
C GLU V 20 79.69 15.15 23.66
N PRO V 21 80.75 15.32 22.87
CA PRO V 21 80.55 15.76 21.48
C PRO V 21 79.85 14.66 20.70
N GLN V 22 78.75 15.03 20.04
CA GLN V 22 78.04 14.09 19.20
C GLN V 22 78.04 14.50 17.74
N ARG V 23 78.27 15.77 17.43
CA ARG V 23 78.54 16.18 16.07
C ARG V 23 79.41 17.43 16.06
N GLY V 24 80.50 17.37 15.27
CA GLY V 24 81.37 18.52 15.12
C GLY V 24 80.95 19.44 14.00
N GLN V 25 81.53 20.64 13.99
CA GLN V 25 81.33 21.62 12.92
C GLN V 25 82.56 21.66 12.03
N ASN V 26 82.44 21.19 10.79
CA ASN V 26 83.51 21.35 9.82
C ASN V 26 83.14 22.31 8.70
N GLY V 27 81.90 22.78 8.68
CA GLY V 27 81.44 23.68 7.63
C GLY V 27 80.73 24.87 8.25
N VAL V 28 80.43 25.84 7.38
CA VAL V 28 79.80 27.09 7.85
C VAL V 28 78.29 26.96 8.01
N THR V 29 77.68 26.04 7.26
CA THR V 29 76.22 25.97 7.29
C THR V 29 75.69 25.51 8.65
N ASP V 30 76.16 24.36 9.16
CA ASP V 30 75.57 23.65 10.30
C ASP V 30 76.42 23.71 11.56
N PRO V 31 75.85 24.12 12.70
CA PRO V 31 76.64 24.27 13.92
C PRO V 31 77.05 22.93 14.53
N ALA V 32 78.04 23.02 15.42
CA ALA V 32 78.50 21.88 16.20
C ALA V 32 77.56 21.63 17.37
N GLU V 33 77.48 20.37 17.81
CA GLU V 33 76.47 19.94 18.77
C GLU V 33 77.08 18.98 19.77
N TRP V 34 76.67 19.14 21.03
CA TRP V 34 77.07 18.32 22.16
C TRP V 34 75.82 17.77 22.84
N TRP V 35 75.88 16.51 23.26
CA TRP V 35 74.75 15.78 23.84
C TRP V 35 75.09 15.30 25.24
N GLU V 36 74.13 15.41 26.17
CA GLU V 36 74.45 15.14 27.57
C GLU V 36 74.36 13.66 27.91
N LYS V 37 73.31 12.97 27.44
CA LYS V 37 73.13 11.53 27.66
C LYS V 37 72.89 11.18 29.13
N SER V 38 72.36 12.11 29.93
CA SER V 38 71.97 11.76 31.29
C SER V 38 70.77 10.80 31.28
N SER V 39 69.65 11.23 30.69
CA SER V 39 68.49 10.36 30.55
C SER V 39 68.81 9.18 29.64
N PRO V 40 67.99 8.10 29.68
CA PRO V 40 68.28 6.94 28.83
C PRO V 40 67.89 7.08 27.37
N THR V 41 66.90 7.92 27.05
CA THR V 41 66.42 8.09 25.69
C THR V 41 66.90 9.40 25.08
N LEU V 42 66.86 9.46 23.74
CA LEU V 42 67.39 10.63 23.03
C LEU V 42 66.66 11.90 23.42
N ASN V 43 65.37 11.81 23.77
CA ASN V 43 64.59 12.99 24.09
C ASN V 43 65.09 13.70 25.34
N GLY V 44 65.63 12.93 26.29
CA GLY V 44 66.08 13.48 27.55
C GLY V 44 67.48 14.04 27.57
N TYR V 45 68.16 14.05 26.43
CA TYR V 45 69.50 14.61 26.38
C TYR V 45 69.42 16.13 26.47
N ARG V 46 70.39 16.72 27.17
CA ARG V 46 70.58 18.16 27.12
C ARG V 46 71.50 18.48 25.95
N ARG V 47 71.23 19.59 25.25
CA ARG V 47 71.95 19.90 24.03
C ARG V 47 72.71 21.21 24.14
N LEU V 48 73.83 21.27 23.41
CA LEU V 48 74.62 22.48 23.26
C LEU V 48 75.08 22.63 21.81
N THR V 49 74.66 23.72 21.16
CA THR V 49 75.04 24.00 19.77
C THR V 49 75.90 25.26 19.71
N ALA V 50 76.88 25.25 18.79
CA ALA V 50 77.85 26.34 18.68
C ALA V 50 78.33 26.45 17.24
N LEU V 51 78.12 27.63 16.65
CA LEU V 51 78.47 27.93 15.27
C LEU V 51 79.29 29.22 15.23
N VAL V 52 80.50 29.14 14.70
CA VAL V 52 81.31 30.31 14.37
C VAL V 52 81.33 30.42 12.86
N ARG V 53 80.92 31.57 12.35
CA ARG V 53 80.65 31.75 10.92
C ARG V 53 81.10 33.13 10.49
N ARG V 54 81.96 33.19 9.47
CA ARG V 54 82.40 34.48 8.96
C ARG V 54 81.31 35.03 8.03
N ASN V 55 80.79 36.20 8.35
CA ASN V 55 79.84 36.92 7.51
C ASN V 55 80.63 37.97 6.71
N ALA V 56 80.79 37.73 5.42
CA ALA V 56 81.56 38.65 4.58
C ALA V 56 80.82 39.94 4.30
N ALA V 57 79.49 39.95 4.45
CA ALA V 57 78.70 41.15 4.19
C ALA V 57 79.07 42.26 5.16
N SER V 58 78.97 41.98 6.46
CA SER V 58 79.34 42.93 7.50
C SER V 58 80.83 42.94 7.81
N LYS V 59 81.62 42.18 7.04
CA LYS V 59 83.03 41.97 7.33
C LYS V 59 83.22 41.65 8.81
N SER V 60 82.56 40.56 9.23
CA SER V 60 82.48 40.26 10.65
C SER V 60 82.44 38.75 10.84
N VAL V 61 82.38 38.33 12.10
CA VAL V 61 82.32 36.92 12.46
C VAL V 61 81.27 36.77 13.55
N LYS V 62 80.24 35.97 13.27
CA LYS V 62 79.20 35.69 14.24
C LYS V 62 79.50 34.39 14.99
N VAL V 63 79.08 34.36 16.25
CA VAL V 63 79.21 33.18 17.09
C VAL V 63 77.86 32.97 17.76
N LYS V 64 77.18 31.89 17.42
CA LYS V 64 75.87 31.53 17.97
C LYS V 64 75.99 30.30 18.84
N VAL V 65 75.55 30.42 20.09
CA VAL V 65 75.56 29.33 21.05
C VAL V 65 74.15 29.15 21.57
N ALA V 66 73.75 27.89 21.74
CA ALA V 66 72.42 27.57 22.25
C ALA V 66 72.54 26.41 23.24
N ILE V 67 71.81 26.52 24.35
CA ILE V 67 71.76 25.48 25.37
C ILE V 67 70.31 25.10 25.60
N TYR V 68 69.95 23.86 25.26
CA TYR V 68 68.60 23.35 25.42
C TYR V 68 68.56 22.39 26.61
N ASP V 69 67.80 22.75 27.65
CA ASP V 69 67.59 21.89 28.82
C ASP V 69 66.14 21.41 28.81
N PRO V 70 65.86 20.18 28.41
CA PRO V 70 64.48 19.69 28.41
C PRO V 70 64.11 19.09 29.76
N THR V 71 62.86 19.27 30.14
CA THR V 71 62.32 18.61 31.33
C THR V 71 61.35 17.55 30.85
N LEU V 72 61.76 16.27 30.97
CA LEU V 72 60.93 15.19 30.47
C LEU V 72 59.61 15.15 31.23
N ALA V 73 58.51 15.00 30.48
CA ALA V 73 57.22 14.84 31.13
C ALA V 73 57.23 13.55 31.94
N VAL V 74 56.67 13.64 33.15
CA VAL V 74 56.39 12.45 33.94
C VAL V 74 55.45 11.53 33.17
N THR V 75 55.93 10.35 32.82
CA THR V 75 55.17 9.40 32.01
C THR V 75 54.75 8.24 32.90
N ALA V 76 53.44 8.12 33.14
CA ALA V 76 52.80 7.05 33.88
C ALA V 76 52.15 6.05 32.92
N PRO V 77 52.05 4.78 33.30
CA PRO V 77 51.39 3.81 32.43
C PRO V 77 49.96 4.20 32.15
N SER V 78 49.57 4.06 30.88
CA SER V 78 48.30 4.62 30.40
C SER V 78 47.16 4.17 31.29
N THR V 79 46.28 5.13 31.59
CA THR V 79 45.05 4.79 32.28
C THR V 79 44.05 4.15 31.33
N ALA V 80 44.16 4.47 30.04
CA ALA V 80 43.27 3.90 29.04
C ALA V 80 43.88 2.70 28.31
N SER V 81 45.08 2.86 27.77
CA SER V 81 45.69 1.74 27.06
C SER V 81 46.34 0.73 28.01
N GLY V 82 46.56 1.10 29.26
CA GLY V 82 47.37 0.28 30.13
C GLY V 82 48.81 0.17 29.71
N ILE V 83 49.25 1.00 28.77
CA ILE V 83 50.53 0.86 28.08
C ILE V 83 51.28 2.17 28.21
N GLN V 84 52.31 2.21 29.04
CA GLN V 84 53.06 3.43 29.29
C GLN V 84 53.65 3.96 27.98
N PRO V 85 53.41 5.23 27.64
CA PRO V 85 53.94 5.75 26.37
C PRO V 85 55.44 5.96 26.44
N SER V 86 56.07 5.89 25.27
CA SER V 86 57.48 6.21 25.13
C SER V 86 57.73 7.59 25.72
N PRO V 87 58.89 7.85 26.32
CA PRO V 87 59.07 9.10 27.05
C PRO V 87 59.05 10.29 26.11
N THR V 88 58.37 11.35 26.54
CA THR V 88 58.16 12.56 25.76
C THR V 88 58.68 13.77 26.54
N VAL V 89 58.77 14.90 25.85
CA VAL V 89 59.26 16.15 26.42
C VAL V 89 58.08 17.07 26.68
N ALA V 90 57.89 17.50 27.93
CA ALA V 90 56.78 18.38 28.27
C ALA V 90 57.09 19.83 27.93
N PHE V 91 58.33 20.26 28.14
CA PHE V 91 58.80 21.58 27.72
C PHE V 91 60.31 21.61 27.80
N THR V 92 60.87 22.68 27.26
CA THR V 92 62.32 22.83 27.19
C THR V 92 62.68 24.29 27.45
N CYS V 93 63.78 24.50 28.19
CA CYS V 93 64.28 25.84 28.50
C CYS V 93 65.51 26.11 27.66
N PRO V 94 65.44 27.01 26.68
CA PRO V 94 66.65 27.39 25.94
C PRO V 94 67.30 28.68 26.40
N VAL V 95 68.61 28.72 26.19
CA VAL V 95 69.40 29.94 26.14
C VAL V 95 69.95 30.09 24.74
N PHE V 96 69.86 31.32 24.21
CA PHE V 96 70.51 31.69 22.97
C PHE V 96 71.48 32.83 23.26
N ILE V 97 72.72 32.70 22.80
CA ILE V 97 73.74 33.72 22.96
C ILE V 97 74.37 33.99 21.60
N GLU V 98 74.45 35.26 21.23
CA GLU V 98 75.06 35.67 19.97
C GLU V 98 76.10 36.74 20.23
N PHE V 99 77.34 36.45 19.85
CA PHE V 99 78.40 37.45 19.81
C PHE V 99 78.64 37.83 18.36
N THR V 100 78.91 39.11 18.11
CA THR V 100 79.41 39.47 16.78
C THR V 100 80.73 40.21 16.93
N LEU V 101 81.71 39.85 16.09
CA LEU V 101 83.07 40.37 16.19
C LEU V 101 83.51 40.91 14.83
N PRO V 102 83.62 42.22 14.67
CA PRO V 102 83.97 42.79 13.36
C PRO V 102 85.37 42.39 12.94
N ASP V 103 85.67 42.60 11.66
CA ASP V 103 86.97 42.20 11.13
C ASP V 103 88.11 43.02 11.72
N ALA V 104 87.83 44.24 12.19
CA ALA V 104 88.83 45.11 12.76
C ALA V 104 88.95 44.97 14.28
N CYS V 105 88.57 43.83 14.83
CA CYS V 105 88.34 43.66 16.27
C CYS V 105 89.59 43.21 17.00
N THR V 106 89.95 43.92 18.06
CA THR V 106 91.12 43.56 18.85
C THR V 106 90.88 42.29 19.67
N ILE V 107 91.96 41.54 19.87
CA ILE V 107 91.90 40.40 20.79
C ILE V 107 91.44 40.86 22.16
N GLN V 108 91.90 42.04 22.56
CA GLN V 108 91.49 42.61 23.85
C GLN V 108 89.99 42.91 23.88
N ASN V 109 89.45 43.40 22.76
CA ASN V 109 88.00 43.66 22.71
C ASN V 109 87.22 42.36 22.82
N ARG V 110 87.70 41.30 22.18
CA ARG V 110 87.00 40.00 22.28
C ARG V 110 87.00 39.50 23.73
N LYS V 111 88.17 39.54 24.38
CA LYS V 111 88.24 39.18 25.79
C LYS V 111 87.28 40.03 26.60
N ASP V 112 87.25 41.34 26.34
CA ASP V 112 86.35 42.25 27.04
C ASP V 112 84.91 41.79 26.94
N ILE V 113 84.44 41.54 25.72
CA ILE V 113 83.02 41.29 25.51
C ILE V 113 82.62 39.95 26.12
N LEU V 114 83.48 38.92 25.98
CA LEU V 114 83.16 37.64 26.63
C LEU V 114 83.15 37.80 28.14
N ALA V 115 84.04 38.63 28.68
CA ALA V 115 84.08 38.84 30.12
C ALA V 115 82.82 39.54 30.61
N TYR V 116 82.37 40.58 29.90
CA TYR V 116 81.14 41.26 30.29
C TYR V 116 79.97 40.28 30.29
N ALA V 117 79.88 39.43 29.27
CA ALA V 117 78.81 38.44 29.22
C ALA V 117 78.86 37.50 30.43
N LYS V 118 80.02 36.86 30.66
CA LYS V 118 80.07 35.85 31.71
C LYS V 118 79.87 36.47 33.09
N ASN V 119 80.48 37.64 33.35
CA ASN V 119 80.35 38.25 34.66
C ASN V 119 78.93 38.77 34.90
N PHE V 120 78.26 39.27 33.86
CA PHE V 120 76.85 39.64 34.04
C PHE V 120 75.99 38.42 34.33
N LEU V 121 76.19 37.32 33.60
CA LEU V 121 75.37 36.14 33.85
C LEU V 121 75.59 35.60 35.25
N ALA V 122 76.82 35.70 35.76
CA ALA V 122 77.04 35.38 37.17
C ALA V 122 76.36 36.38 38.09
N SER V 123 76.16 37.61 37.63
CA SER V 123 75.74 38.69 38.53
C SER V 123 74.35 38.47 39.12
N ALA V 124 74.18 39.01 40.33
CA ALA V 124 72.94 38.85 41.07
C ALA V 124 71.77 39.52 40.36
N THR V 125 72.03 40.54 39.54
CA THR V 125 70.95 41.14 38.76
C THR V 125 70.47 40.17 37.68
N ALA V 126 71.38 39.44 37.05
CA ALA V 126 70.96 38.37 36.14
C ALA V 126 70.18 37.29 36.88
N THR V 127 70.57 36.99 38.13
CA THR V 127 69.79 36.02 38.89
C THR V 127 68.38 36.53 39.18
N ASP V 128 68.25 37.76 39.69
CA ASP V 128 66.95 38.41 39.87
C ASP V 128 66.16 38.41 38.56
N LEU V 129 66.86 38.49 37.43
CA LEU V 129 66.21 38.64 36.13
C LEU V 129 65.60 37.33 35.63
N VAL V 130 66.36 36.24 35.71
CA VAL V 130 65.94 34.97 35.12
C VAL V 130 65.36 34.01 36.15
N VAL V 131 66.02 33.87 37.30
CA VAL V 131 65.57 32.90 38.30
C VAL V 131 64.26 33.35 38.93
N ASN V 132 64.16 34.64 39.27
CA ASN V 132 62.92 35.19 39.83
C ASN V 132 62.01 35.77 38.76
N THR V 133 62.41 35.70 37.49
CA THR V 133 61.63 36.26 36.38
C THR V 133 61.14 37.65 36.69
N ALA V 134 62.05 38.47 37.23
CA ALA V 134 61.66 39.80 37.65
C ALA V 134 62.39 40.85 36.83
N PRO V 135 61.70 41.91 36.43
CA PRO V 135 62.35 43.01 35.70
C PRO V 135 63.02 43.98 36.67
N GLN V 136 63.54 45.06 36.09
CA GLN V 136 64.23 46.12 36.84
C GLN V 136 63.36 47.38 36.76
N TYR V 137 62.59 47.62 37.81
CA TYR V 137 61.47 48.56 37.77
C TYR V 137 61.78 49.99 38.24
N GLN W 1 95.27 13.68 10.98
CA GLN W 1 94.01 14.09 10.36
C GLN W 1 94.20 15.37 9.57
N ILE W 2 93.98 16.50 10.27
CA ILE W 2 94.33 17.85 9.83
C ILE W 2 95.33 18.42 10.82
N ALA W 3 96.39 19.04 10.29
CA ALA W 3 97.44 19.59 11.12
C ALA W 3 97.78 20.97 10.60
N ASN W 4 98.15 21.85 11.52
CA ASN W 4 98.54 23.20 11.15
C ASN W 4 99.73 23.15 10.20
N VAL W 5 99.92 24.21 9.43
CA VAL W 5 100.92 24.22 8.37
C VAL W 5 101.79 25.46 8.52
N VAL W 6 103.11 25.29 8.41
CA VAL W 6 104.04 26.39 8.63
C VAL W 6 104.76 26.68 7.32
N LEU W 7 104.66 27.94 6.87
CA LEU W 7 105.27 28.38 5.63
C LEU W 7 106.31 29.47 5.90
N ALA W 8 107.38 29.48 5.10
CA ALA W 8 108.45 30.44 5.28
C ALA W 8 108.19 31.67 4.42
N ASP W 9 108.15 32.84 5.06
CA ASP W 9 107.93 34.06 4.29
C ASP W 9 109.21 34.49 3.58
N GLY W 10 109.05 35.46 2.70
CA GLY W 10 110.19 35.97 1.94
C GLY W 10 110.88 37.09 2.71
N GLN W 11 112.11 36.84 3.11
CA GLN W 11 112.93 37.84 3.80
C GLN W 11 114.37 37.39 3.61
N ALA W 12 115.29 38.13 4.21
CA ALA W 12 116.67 37.69 4.26
C ALA W 12 116.76 36.29 4.86
N ALA W 13 116.22 36.12 6.07
CA ALA W 13 116.05 34.81 6.68
C ALA W 13 114.55 34.58 6.79
N PRO W 14 114.03 33.51 6.21
CA PRO W 14 112.59 33.26 6.28
C PRO W 14 112.14 33.13 7.72
N ALA W 15 111.01 33.77 8.03
CA ALA W 15 110.36 33.72 9.33
C ALA W 15 109.15 32.81 9.20
N ASP W 16 109.23 31.66 9.86
CA ASP W 16 108.13 30.69 9.88
C ASP W 16 106.83 31.33 10.33
N LYS W 17 105.83 31.28 9.47
CA LYS W 17 104.47 31.70 9.77
C LYS W 17 103.61 30.46 9.91
N THR W 18 103.02 30.27 11.08
CA THR W 18 102.25 29.08 11.40
C THR W 18 100.76 29.35 11.19
N PHE W 19 100.12 28.50 10.40
CA PHE W 19 98.68 28.57 10.14
C PHE W 19 98.01 27.48 10.95
N GLU W 20 97.28 27.88 12.01
CA GLU W 20 96.54 26.96 12.84
C GLU W 20 95.28 26.48 12.12
N PRO W 21 94.88 25.23 12.29
CA PRO W 21 93.64 24.74 11.69
C PRO W 21 92.44 25.24 12.47
N GLN W 22 91.73 26.21 11.90
CA GLN W 22 90.55 26.72 12.56
C GLN W 22 89.27 26.02 12.08
N ARG W 23 89.28 25.41 10.89
CA ARG W 23 88.20 24.55 10.44
C ARG W 23 88.73 23.53 9.45
N GLY W 24 88.26 22.28 9.57
CA GLY W 24 88.66 21.23 8.67
C GLY W 24 87.73 21.11 7.48
N GLN W 25 88.13 20.29 6.51
CA GLN W 25 87.35 20.15 5.29
C GLN W 25 86.04 19.43 5.57
N ASN W 26 84.94 20.11 5.30
CA ASN W 26 83.60 19.62 5.66
C ASN W 26 83.38 18.21 5.13
N GLY W 27 83.67 18.02 3.85
CA GLY W 27 83.36 16.81 3.12
C GLY W 27 83.82 17.11 1.72
N VAL W 28 82.92 17.05 0.75
CA VAL W 28 83.24 17.54 -0.60
C VAL W 28 82.71 18.95 -0.84
N THR W 29 82.03 19.55 0.13
CA THR W 29 81.37 20.81 -0.08
C THR W 29 82.22 22.01 0.33
N ASP W 30 82.72 22.04 1.57
CA ASP W 30 83.42 23.20 2.12
C ASP W 30 84.90 22.89 2.32
N PRO W 31 85.80 23.74 1.82
CA PRO W 31 87.23 23.44 1.95
C PRO W 31 87.72 23.61 3.38
N ALA W 32 88.86 22.98 3.65
CA ALA W 32 89.54 23.16 4.93
C ALA W 32 90.23 24.52 4.95
N GLU W 33 90.27 25.14 6.13
CA GLU W 33 90.79 26.49 6.26
C GLU W 33 91.72 26.61 7.46
N TRP W 34 92.78 27.38 7.28
CA TRP W 34 93.83 27.61 8.25
C TRP W 34 94.06 29.10 8.39
N TRP W 35 94.33 29.54 9.62
CA TRP W 35 94.43 30.94 10.00
C TRP W 35 95.77 31.20 10.68
N GLU W 36 96.49 32.24 10.22
CA GLU W 36 97.79 32.55 10.81
C GLU W 36 97.64 33.09 12.22
N LYS W 37 96.75 34.07 12.40
CA LYS W 37 96.46 34.64 13.70
C LYS W 37 97.69 35.30 14.32
N SER W 38 98.49 35.97 13.49
CA SER W 38 99.65 36.68 14.02
C SER W 38 99.29 38.12 14.43
N SER W 39 98.68 38.88 13.50
CA SER W 39 98.32 40.28 13.77
C SER W 39 97.31 40.36 14.92
N PRO W 40 97.22 41.52 15.59
CA PRO W 40 96.23 41.65 16.67
C PRO W 40 94.81 41.78 16.16
N THR W 41 94.62 42.37 14.99
CA THR W 41 93.29 42.47 14.40
C THR W 41 92.98 41.22 13.60
N LEU W 42 91.68 40.91 13.48
CA LEU W 42 91.26 39.82 12.61
C LEU W 42 91.58 40.10 11.15
N ASN W 43 91.84 41.38 10.81
CA ASN W 43 92.17 41.74 9.43
C ASN W 43 93.44 41.05 8.96
N GLY W 44 94.46 41.02 9.81
CA GLY W 44 95.81 40.56 9.49
C GLY W 44 96.04 39.07 9.65
N TYR W 45 95.00 38.27 9.85
CA TYR W 45 95.15 36.83 9.78
C TYR W 45 95.38 36.42 8.33
N ARG W 46 96.46 35.68 8.07
CA ARG W 46 96.66 35.11 6.75
C ARG W 46 95.90 33.79 6.63
N ARG W 47 95.44 33.46 5.43
CA ARG W 47 94.52 32.34 5.24
C ARG W 47 95.05 31.30 4.26
N LEU W 48 94.64 30.05 4.50
CA LEU W 48 94.95 28.94 3.60
C LEU W 48 93.75 28.02 3.49
N THR W 49 93.25 27.80 2.27
CA THR W 49 92.13 26.91 2.03
C THR W 49 92.56 25.78 1.12
N ALA W 50 92.10 24.56 1.43
CA ALA W 50 92.42 23.39 0.61
C ALA W 50 91.23 22.44 0.56
N LEU W 51 90.83 22.07 -0.66
CA LEU W 51 89.69 21.20 -0.92
C LEU W 51 90.08 20.11 -1.92
N VAL W 52 89.68 18.87 -1.63
CA VAL W 52 89.94 17.72 -2.50
C VAL W 52 88.61 17.03 -2.79
N ARG W 53 88.17 17.12 -4.04
CA ARG W 53 86.83 16.65 -4.39
C ARG W 53 86.87 15.89 -5.70
N ARG W 54 86.16 14.76 -5.76
CA ARG W 54 86.10 13.94 -6.97
C ARG W 54 84.90 14.38 -7.81
N ASN W 55 85.17 15.01 -8.94
CA ASN W 55 84.12 15.24 -9.93
C ASN W 55 83.84 13.91 -10.62
N ALA W 56 82.66 13.34 -10.31
CA ALA W 56 82.32 12.00 -10.77
C ALA W 56 81.96 11.97 -12.24
N ALA W 57 81.40 13.06 -12.75
CA ALA W 57 81.14 13.17 -14.18
C ALA W 57 82.43 13.08 -14.97
N SER W 58 83.35 14.01 -14.71
CA SER W 58 84.62 14.04 -15.42
C SER W 58 85.57 12.92 -15.02
N LYS W 59 85.15 12.06 -14.09
CA LYS W 59 86.01 11.01 -13.56
C LYS W 59 87.38 11.56 -13.22
N SER W 60 87.40 12.56 -12.34
CA SER W 60 88.66 13.18 -11.99
C SER W 60 88.59 13.70 -10.57
N VAL W 61 89.74 14.12 -10.06
CA VAL W 61 89.86 14.68 -8.72
C VAL W 61 90.44 16.08 -8.86
N LYS W 62 89.70 17.07 -8.37
CA LYS W 62 90.18 18.44 -8.30
C LYS W 62 90.77 18.70 -6.93
N VAL W 63 91.87 19.45 -6.90
CA VAL W 63 92.54 19.85 -5.68
C VAL W 63 92.76 21.35 -5.76
N LYS W 64 92.05 22.11 -4.91
CA LYS W 64 92.09 23.57 -4.92
C LYS W 64 92.72 24.09 -3.64
N VAL W 65 93.73 24.94 -3.78
CA VAL W 65 94.43 25.55 -2.66
C VAL W 65 94.48 27.05 -2.90
N ALA W 66 94.29 27.82 -1.83
CA ALA W 66 94.37 29.28 -1.90
C ALA W 66 95.13 29.81 -0.69
N ILE W 67 95.96 30.81 -0.93
CA ILE W 67 96.74 31.47 0.12
C ILE W 67 96.44 32.96 0.04
N TYR W 68 95.88 33.50 1.12
CA TYR W 68 95.48 34.90 1.20
C TYR W 68 96.39 35.64 2.17
N ASP W 69 97.15 36.63 1.67
CA ASP W 69 98.01 37.45 2.51
C ASP W 69 97.50 38.88 2.53
N PRO W 70 96.93 39.37 3.62
CA PRO W 70 96.45 40.75 3.65
C PRO W 70 97.53 41.72 4.10
N THR W 71 97.46 42.92 3.54
CA THR W 71 98.26 44.04 4.01
C THR W 71 97.33 45.17 4.45
N LEU W 72 97.53 45.64 5.68
CA LEU W 72 96.66 46.59 6.34
C LEU W 72 97.21 48.00 6.20
N ALA W 73 96.35 48.97 6.50
CA ALA W 73 96.73 50.36 6.45
C ALA W 73 95.82 51.14 7.38
N VAL W 74 96.38 52.13 8.04
CA VAL W 74 95.63 52.99 8.94
C VAL W 74 95.48 54.36 8.27
N THR W 75 94.44 55.10 8.67
CA THR W 75 94.27 56.45 8.17
C THR W 75 95.51 57.30 8.43
N ALA W 76 96.13 57.12 9.58
CA ALA W 76 97.27 57.91 10.01
C ALA W 76 98.15 57.05 10.91
N PRO W 77 99.45 57.30 10.95
CA PRO W 77 100.34 56.42 11.70
C PRO W 77 100.00 56.40 13.19
N SER W 78 100.29 55.27 13.82
CA SER W 78 99.89 55.04 15.21
C SER W 78 100.68 55.92 16.17
N THR W 79 100.03 56.30 17.29
CA THR W 79 100.65 57.14 18.30
C THR W 79 100.98 56.44 19.60
N ALA W 80 100.23 55.39 19.96
CA ALA W 80 100.37 54.65 21.21
C ALA W 80 99.99 55.48 22.45
N SER W 81 99.27 56.58 22.28
CA SER W 81 98.90 57.42 23.41
C SER W 81 97.41 57.52 23.62
N GLY W 82 96.67 58.05 22.63
CA GLY W 82 95.24 58.22 22.72
C GLY W 82 94.50 57.25 21.81
N ILE W 83 93.19 57.48 21.71
CA ILE W 83 92.39 56.66 20.81
C ILE W 83 92.88 56.86 19.39
N GLN W 84 93.12 55.75 18.71
CA GLN W 84 93.80 55.74 17.43
C GLN W 84 92.89 55.17 16.35
N PRO W 85 93.18 55.45 15.08
CA PRO W 85 92.32 54.94 14.00
C PRO W 85 92.46 53.44 13.87
N SER W 86 91.32 52.74 13.85
CA SER W 86 91.33 51.31 13.60
C SER W 86 91.77 51.07 12.16
N PRO W 87 92.42 49.93 11.90
CA PRO W 87 93.05 49.71 10.59
C PRO W 87 92.11 49.08 9.58
N THR W 88 92.18 49.58 8.36
CA THR W 88 91.45 49.01 7.24
C THR W 88 92.33 48.01 6.51
N VAL W 89 91.70 47.15 5.72
CA VAL W 89 92.43 46.22 4.87
C VAL W 89 92.81 46.98 3.59
N ALA W 90 94.10 47.28 3.45
CA ALA W 90 94.55 47.99 2.25
C ALA W 90 94.39 47.11 1.02
N PHE W 91 94.97 45.92 1.03
CA PHE W 91 94.79 45.02 -0.10
C PHE W 91 95.10 43.59 0.35
N THR W 92 94.94 42.66 -0.58
CA THR W 92 95.20 41.25 -0.32
C THR W 92 95.91 40.65 -1.52
N CYS W 93 96.95 39.84 -1.26
CA CYS W 93 97.68 39.11 -2.28
C CYS W 93 97.28 37.65 -2.22
N PRO W 94 96.47 37.17 -3.15
CA PRO W 94 96.19 35.74 -3.22
C PRO W 94 97.03 34.97 -4.23
N VAL W 95 97.28 33.71 -3.86
CA VAL W 95 97.64 32.63 -4.76
C VAL W 95 96.49 31.64 -4.84
N PHE W 96 96.17 31.21 -6.05
CA PHE W 96 95.25 30.10 -6.28
C PHE W 96 96.01 29.00 -7.03
N ILE W 97 95.87 27.76 -6.56
CA ILE W 97 96.52 26.60 -7.14
C ILE W 97 95.44 25.55 -7.38
N GLU W 98 95.40 25.00 -8.58
CA GLU W 98 94.45 23.95 -8.93
C GLU W 98 95.19 22.83 -9.64
N PHE W 99 95.05 21.61 -9.10
CA PHE W 99 95.47 20.40 -9.78
C PHE W 99 94.23 19.64 -10.22
N THR W 100 94.28 19.04 -11.41
CA THR W 100 93.24 18.08 -11.75
C THR W 100 93.88 16.77 -12.16
N LEU W 101 93.42 15.68 -11.56
CA LEU W 101 94.02 14.36 -11.73
C LEU W 101 92.95 13.39 -12.22
N PRO W 102 93.00 12.94 -13.47
CA PRO W 102 91.99 12.00 -13.98
C PRO W 102 91.98 10.72 -13.17
N ASP W 103 90.85 10.02 -13.22
CA ASP W 103 90.68 8.86 -12.34
C ASP W 103 91.69 7.76 -12.64
N ALA W 104 92.01 7.56 -13.92
CA ALA W 104 92.98 6.54 -14.30
C ALA W 104 94.39 7.14 -14.35
N CYS W 105 94.84 7.63 -13.19
CA CYS W 105 96.08 8.38 -13.08
C CYS W 105 97.04 7.68 -12.13
N THR W 106 98.31 7.63 -12.51
CA THR W 106 99.32 6.97 -11.70
C THR W 106 99.72 7.84 -10.51
N ILE W 107 99.99 7.17 -9.38
CA ILE W 107 100.61 7.86 -8.26
C ILE W 107 101.90 8.52 -8.70
N GLN W 108 102.63 7.89 -9.63
CA GLN W 108 103.85 8.48 -10.14
C GLN W 108 103.55 9.75 -10.94
N ASN W 109 102.45 9.77 -11.69
CA ASN W 109 102.05 10.99 -12.39
C ASN W 109 101.70 12.10 -11.41
N ARG W 110 101.03 11.75 -10.31
CA ARG W 110 100.70 12.76 -9.29
C ARG W 110 101.98 13.36 -8.70
N LYS W 111 102.92 12.49 -8.33
CA LYS W 111 104.21 12.95 -7.83
C LYS W 111 104.89 13.86 -8.84
N ASP W 112 104.89 13.45 -10.11
CA ASP W 112 105.46 14.26 -11.18
C ASP W 112 104.87 15.66 -11.21
N ILE W 113 103.54 15.76 -11.25
CA ILE W 113 102.91 17.05 -11.45
C ILE W 113 103.13 17.96 -10.25
N LEU W 114 103.05 17.40 -9.03
CA LEU W 114 103.32 18.22 -7.85
C LEU W 114 104.76 18.70 -7.83
N ALA W 115 105.69 17.83 -8.27
CA ALA W 115 107.09 18.21 -8.31
C ALA W 115 107.33 19.33 -9.33
N TYR W 116 106.69 19.23 -10.50
CA TYR W 116 106.82 20.29 -11.50
C TYR W 116 106.35 21.62 -10.93
N ALA W 117 105.20 21.60 -10.25
CA ALA W 117 104.68 22.83 -9.65
C ALA W 117 105.65 23.41 -8.61
N LYS W 118 106.10 22.58 -7.67
CA LYS W 118 106.92 23.12 -6.58
C LYS W 118 108.29 23.57 -7.08
N ASN W 119 108.92 22.80 -7.97
CA ASN W 119 110.23 23.18 -8.49
C ASN W 119 110.13 24.44 -9.34
N PHE W 120 109.05 24.58 -10.11
CA PHE W 120 108.87 25.82 -10.86
C PHE W 120 108.71 27.01 -9.92
N LEU W 121 107.86 26.89 -8.91
CA LEU W 121 107.66 28.03 -8.01
C LEU W 121 108.95 28.40 -7.28
N ALA W 122 109.81 27.41 -7.00
CA ALA W 122 111.12 27.75 -6.48
C ALA W 122 112.00 28.42 -7.53
N SER W 123 111.73 28.16 -8.82
CA SER W 123 112.64 28.59 -9.87
C SER W 123 112.76 30.11 -9.99
N ALA W 124 113.94 30.55 -10.40
CA ALA W 124 114.20 31.97 -10.58
C ALA W 124 113.39 32.57 -11.71
N THR W 125 112.92 31.76 -12.67
CA THR W 125 112.02 32.30 -13.68
C THR W 125 110.67 32.66 -13.06
N ALA W 126 110.16 31.81 -12.17
CA ALA W 126 108.98 32.19 -11.38
C ALA W 126 109.24 33.43 -10.54
N THR W 127 110.47 33.57 -10.03
CA THR W 127 110.78 34.77 -9.26
C THR W 127 110.76 36.02 -10.14
N ASP W 128 111.49 36.01 -11.27
CA ASP W 128 111.40 37.09 -12.25
C ASP W 128 109.95 37.38 -12.63
N LEU W 129 109.13 36.33 -12.67
CA LEU W 129 107.74 36.47 -13.12
C LEU W 129 106.89 37.20 -12.11
N VAL W 130 106.89 36.75 -10.86
CA VAL W 130 105.95 37.23 -9.85
C VAL W 130 106.57 38.30 -8.95
N VAL W 131 107.76 38.03 -8.42
CA VAL W 131 108.40 39.00 -7.53
C VAL W 131 108.75 40.26 -8.31
N ASN W 132 109.43 40.08 -9.44
CA ASN W 132 109.93 41.21 -10.20
C ASN W 132 108.83 41.91 -11.01
N THR W 133 107.69 41.22 -11.23
CA THR W 133 106.55 41.73 -12.01
C THR W 133 106.97 41.99 -13.45
N ALA W 134 107.54 40.98 -14.09
CA ALA W 134 108.10 41.15 -15.41
C ALA W 134 107.81 39.86 -16.18
N PRO W 135 107.19 39.95 -17.34
CA PRO W 135 106.94 38.74 -18.12
C PRO W 135 108.14 38.35 -18.98
N GLN W 136 108.00 37.18 -19.60
CA GLN W 136 109.07 36.57 -20.38
C GLN W 136 108.91 36.97 -21.85
N TYR W 137 109.73 37.91 -22.31
CA TYR W 137 109.56 38.46 -23.65
C TYR W 137 110.54 37.90 -24.68
N GLN X 1 85.02 11.21 15.73
CA GLN X 1 85.72 11.95 14.66
C GLN X 1 86.16 10.93 13.66
N ILE X 2 86.61 11.35 12.49
CA ILE X 2 86.86 10.44 11.38
C ILE X 2 88.34 10.10 11.30
N ALA X 3 88.62 8.81 11.23
CA ALA X 3 89.95 8.28 10.96
C ALA X 3 89.77 7.05 10.10
N ASN X 4 90.88 6.60 9.50
CA ASN X 4 90.78 5.45 8.61
C ASN X 4 90.40 4.21 9.39
N VAL X 5 89.77 3.25 8.71
CA VAL X 5 89.28 2.03 9.34
C VAL X 5 90.00 0.84 8.72
N VAL X 6 90.34 -0.14 9.56
CA VAL X 6 91.16 -1.27 9.13
C VAL X 6 90.32 -2.54 9.21
N LEU X 7 90.12 -3.18 8.06
CA LEU X 7 89.28 -4.38 7.96
C LEU X 7 90.14 -5.56 7.50
N ALA X 8 90.03 -6.68 8.21
CA ALA X 8 90.82 -7.84 7.86
C ALA X 8 90.09 -8.68 6.82
N ASP X 9 90.78 -9.03 5.74
CA ASP X 9 90.15 -9.75 4.65
C ASP X 9 89.97 -11.22 5.01
N GLY X 10 89.32 -11.95 4.12
CA GLY X 10 89.08 -13.36 4.32
C GLY X 10 90.18 -14.17 3.68
N GLN X 11 91.02 -14.76 4.52
CA GLN X 11 92.08 -15.67 4.09
C GLN X 11 92.36 -16.60 5.27
N ALA X 12 93.33 -17.49 5.08
CA ALA X 12 93.88 -18.22 6.22
C ALA X 12 94.39 -17.27 7.28
N ALA X 13 95.32 -16.43 6.89
CA ALA X 13 95.84 -15.39 7.71
C ALA X 13 95.27 -14.10 7.21
N PRO X 14 94.54 -13.38 8.04
CA PRO X 14 93.94 -12.12 7.60
C PRO X 14 95.04 -11.13 7.22
N ALA X 15 94.76 -10.34 6.20
CA ALA X 15 95.63 -9.26 5.76
C ALA X 15 94.83 -7.98 5.90
N ASP X 16 95.30 -7.09 6.77
CA ASP X 16 94.58 -5.87 7.06
C ASP X 16 94.58 -4.94 5.84
N LYS X 17 93.39 -4.55 5.41
CA LYS X 17 93.20 -3.55 4.37
C LYS X 17 92.74 -2.27 5.04
N THR X 18 93.46 -1.18 4.80
CA THR X 18 93.20 0.10 5.43
C THR X 18 92.42 1.00 4.48
N PHE X 19 91.31 1.55 4.98
CA PHE X 19 90.47 2.47 4.24
C PHE X 19 90.70 3.86 4.80
N GLU X 20 91.41 4.71 4.05
CA GLU X 20 91.68 6.08 4.42
C GLU X 20 90.51 6.97 4.01
N PRO X 21 90.10 7.91 4.88
CA PRO X 21 88.88 8.68 4.61
C PRO X 21 89.06 9.66 3.46
N GLN X 22 87.98 9.83 2.69
CA GLN X 22 87.91 10.76 1.59
C GLN X 22 86.84 11.83 1.75
N ARG X 23 85.79 11.55 2.53
CA ARG X 23 84.70 12.49 2.77
C ARG X 23 84.24 12.39 4.21
N GLY X 24 83.90 13.54 4.79
CA GLY X 24 83.15 13.56 6.02
C GLY X 24 81.66 13.64 5.72
N GLN X 25 80.86 13.10 6.63
CA GLN X 25 79.42 13.18 6.49
C GLN X 25 78.98 14.63 6.71
N ASN X 26 78.29 15.18 5.72
CA ASN X 26 77.82 16.56 5.76
C ASN X 26 76.30 16.56 5.68
N GLY X 27 75.64 17.09 6.71
CA GLY X 27 74.20 17.08 6.74
C GLY X 27 73.67 15.66 6.87
N VAL X 28 72.69 15.32 6.04
CA VAL X 28 72.18 13.95 5.97
C VAL X 28 72.14 13.49 4.52
N THR X 29 72.33 14.42 3.58
CA THR X 29 72.34 14.04 2.18
C THR X 29 73.58 13.24 1.83
N ASP X 30 74.74 13.65 2.38
CA ASP X 30 76.04 13.16 1.93
C ASP X 30 76.60 12.15 2.92
N PRO X 31 76.92 10.93 2.52
CA PRO X 31 77.58 9.99 3.44
C PRO X 31 79.10 10.15 3.45
N ALA X 32 79.72 9.75 4.55
CA ALA X 32 81.17 9.76 4.66
C ALA X 32 81.77 8.55 3.96
N GLU X 33 82.90 8.76 3.27
CA GLU X 33 83.45 7.74 2.38
C GLU X 33 84.92 7.48 2.69
N TRP X 34 85.33 6.22 2.55
CA TRP X 34 86.68 5.73 2.79
C TRP X 34 87.15 4.92 1.58
N TRP X 35 88.42 5.11 1.20
CA TRP X 35 89.02 4.49 0.03
C TRP X 35 90.24 3.67 0.41
N GLU X 36 90.39 2.47 -0.20
CA GLU X 36 91.48 1.58 0.20
C GLU X 36 92.82 2.00 -0.39
N LYS X 37 92.83 2.39 -1.66
CA LYS X 37 94.06 2.83 -2.35
C LYS X 37 95.03 1.67 -2.55
N SER X 38 94.51 0.44 -2.67
CA SER X 38 95.44 -0.68 -2.83
C SER X 38 95.95 -0.77 -4.26
N SER X 39 95.05 -0.79 -5.24
CA SER X 39 95.43 -0.89 -6.65
C SER X 39 95.96 0.45 -7.16
N PRO X 40 96.64 0.47 -8.32
CA PRO X 40 97.17 1.77 -8.81
C PRO X 40 96.11 2.78 -9.23
N THR X 41 95.08 2.37 -9.98
CA THR X 41 94.04 3.30 -10.45
C THR X 41 92.87 3.33 -9.48
N LEU X 42 91.91 4.24 -9.73
CA LEU X 42 90.77 4.35 -8.82
C LEU X 42 89.93 3.10 -8.82
N ASN X 43 89.70 2.51 -10.00
CA ASN X 43 88.78 1.40 -10.12
C ASN X 43 89.11 0.27 -9.13
N GLY X 44 90.38 0.16 -8.73
CA GLY X 44 90.78 -0.89 -7.80
C GLY X 44 90.59 -0.57 -6.33
N TYR X 45 90.39 0.71 -5.99
CA TYR X 45 90.09 1.09 -4.61
C TYR X 45 88.86 0.36 -4.10
N ARG X 46 88.94 -0.15 -2.88
CA ARG X 46 87.77 -0.65 -2.19
C ARG X 46 87.12 0.48 -1.40
N ARG X 47 85.79 0.50 -1.39
CA ARG X 47 85.06 1.64 -0.83
C ARG X 47 84.27 1.26 0.41
N LEU X 48 84.14 2.23 1.32
CA LEU X 48 83.28 2.11 2.50
C LEU X 48 82.51 3.42 2.69
N THR X 49 81.18 3.34 2.67
CA THR X 49 80.33 4.51 2.89
C THR X 49 79.51 4.32 4.17
N ALA X 50 79.34 5.41 4.91
CA ALA X 50 78.59 5.36 6.16
C ALA X 50 77.83 6.66 6.35
N LEU X 51 76.54 6.55 6.63
CA LEU X 51 75.65 7.70 6.75
C LEU X 51 74.69 7.46 7.91
N VAL X 52 74.68 8.38 8.87
CA VAL X 52 73.71 8.38 9.96
C VAL X 52 72.78 9.57 9.71
N ARG X 53 71.52 9.27 9.38
CA ARG X 53 70.54 10.31 9.08
C ARG X 53 69.30 10.11 9.95
N ARG X 54 68.84 11.18 10.58
CA ARG X 54 67.60 11.07 11.34
C ARG X 54 66.43 11.21 10.39
N ASN X 55 65.51 10.25 10.46
CA ASN X 55 64.24 10.29 9.74
C ASN X 55 63.17 10.75 10.73
N ALA X 56 62.61 11.94 10.47
CA ALA X 56 61.64 12.55 11.38
C ALA X 56 60.26 11.95 11.23
N ALA X 57 59.95 11.38 10.06
CA ALA X 57 58.67 10.73 9.86
C ALA X 57 58.48 9.58 10.87
N SER X 58 59.45 8.67 10.91
CA SER X 58 59.39 7.52 11.81
C SER X 58 59.86 7.86 13.22
N LYS X 59 60.25 9.11 13.48
CA LYS X 59 60.86 9.50 14.74
C LYS X 59 61.97 8.54 15.11
N SER X 60 62.96 8.42 14.22
CA SER X 60 63.98 7.41 14.40
C SER X 60 65.26 7.82 13.68
N VAL X 61 66.32 7.08 13.93
CA VAL X 61 67.62 7.31 13.31
C VAL X 61 67.94 6.12 12.42
N LYS X 62 68.42 6.38 11.21
CA LYS X 62 68.86 5.33 10.30
C LYS X 62 70.39 5.37 10.18
N VAL X 63 70.99 4.19 10.06
CA VAL X 63 72.43 4.04 9.87
C VAL X 63 72.65 3.13 8.68
N LYS X 64 73.24 3.67 7.62
CA LYS X 64 73.50 2.93 6.39
C LYS X 64 74.99 2.82 6.17
N VAL X 65 75.45 1.59 5.95
CA VAL X 65 76.86 1.28 5.68
C VAL X 65 76.92 0.46 4.41
N ALA X 66 77.94 0.69 3.61
CA ALA X 66 78.15 -0.05 2.37
C ALA X 66 79.63 -0.33 2.18
N ILE X 67 79.93 -1.56 1.76
CA ILE X 67 81.30 -1.98 1.47
C ILE X 67 81.32 -2.51 0.04
N TYR X 68 82.09 -1.85 -0.82
CA TYR X 68 82.24 -2.24 -2.22
C TYR X 68 83.63 -2.81 -2.44
N ASP X 69 83.70 -4.10 -2.81
CA ASP X 69 84.97 -4.78 -3.14
C ASP X 69 84.99 -5.09 -4.63
N PRO X 70 85.71 -4.31 -5.45
CA PRO X 70 85.73 -4.59 -6.89
C PRO X 70 86.91 -5.47 -7.30
N THR X 71 86.73 -6.34 -8.29
CA THR X 71 87.83 -7.11 -8.85
C THR X 71 88.03 -6.69 -10.30
N LEU X 72 89.27 -6.43 -10.69
CA LEU X 72 89.53 -5.94 -12.03
C LEU X 72 89.53 -7.10 -13.04
N ALA X 73 89.34 -6.75 -14.31
CA ALA X 73 89.29 -7.75 -15.36
C ALA X 73 90.69 -7.97 -15.92
N VAL X 74 90.87 -9.15 -16.51
CA VAL X 74 92.16 -9.54 -17.09
C VAL X 74 92.31 -8.86 -18.45
N THR X 75 93.34 -8.03 -18.59
CA THR X 75 93.54 -7.25 -19.80
C THR X 75 94.59 -7.89 -20.70
N ALA X 76 94.67 -7.37 -21.92
CA ALA X 76 95.59 -7.83 -22.95
C ALA X 76 96.36 -6.66 -23.51
N PRO X 77 97.62 -6.85 -23.88
CA PRO X 77 98.41 -5.70 -24.38
C PRO X 77 97.88 -5.11 -25.68
N SER X 78 97.38 -5.95 -26.59
CA SER X 78 96.87 -5.49 -27.88
C SER X 78 95.35 -5.41 -27.82
N THR X 79 94.84 -4.19 -27.82
CA THR X 79 93.42 -3.94 -27.96
C THR X 79 93.10 -3.63 -29.41
N ALA X 80 91.92 -4.05 -29.86
CA ALA X 80 91.57 -3.81 -31.25
C ALA X 80 91.49 -2.32 -31.55
N SER X 81 91.98 -1.97 -32.75
CA SER X 81 91.83 -0.62 -33.27
C SER X 81 92.20 0.42 -32.24
N GLY X 82 93.38 0.25 -31.65
CA GLY X 82 93.79 1.35 -30.81
C GLY X 82 94.74 0.90 -29.71
N ILE X 83 94.53 1.49 -28.56
CA ILE X 83 95.55 1.58 -27.53
C ILE X 83 95.36 0.46 -26.51
N GLN X 84 96.46 0.14 -25.83
CA GLN X 84 96.40 -0.79 -24.70
C GLN X 84 95.40 -0.29 -23.66
N PRO X 85 94.53 -1.15 -23.14
CA PRO X 85 93.38 -0.65 -22.39
C PRO X 85 93.74 -0.27 -20.96
N SER X 86 93.04 0.75 -20.46
CA SER X 86 93.17 1.12 -19.06
C SER X 86 92.45 0.07 -18.20
N PRO X 87 92.88 -0.12 -16.95
CA PRO X 87 92.30 -1.18 -16.14
C PRO X 87 90.84 -0.89 -15.85
N THR X 88 90.00 -1.91 -16.02
CA THR X 88 88.56 -1.77 -15.86
C THR X 88 88.03 -2.79 -14.87
N VAL X 89 86.88 -2.47 -14.28
CA VAL X 89 86.25 -3.35 -13.30
C VAL X 89 85.44 -4.41 -14.04
N ALA X 90 85.68 -5.68 -13.69
CA ALA X 90 84.88 -6.76 -14.26
C ALA X 90 83.60 -6.97 -13.47
N PHE X 91 83.70 -6.94 -12.15
CA PHE X 91 82.53 -7.00 -11.29
C PHE X 91 82.93 -6.49 -9.91
N THR X 92 81.93 -6.36 -9.05
CA THR X 92 82.14 -5.83 -7.71
C THR X 92 81.16 -6.51 -6.76
N CYS X 93 81.63 -6.82 -5.55
CA CYS X 93 80.83 -7.46 -4.52
C CYS X 93 80.46 -6.45 -3.44
N PRO X 94 79.21 -6.04 -3.34
CA PRO X 94 78.80 -5.16 -2.25
C PRO X 94 78.13 -5.86 -1.07
N VAL X 95 78.36 -5.27 0.10
CA VAL X 95 77.51 -5.42 1.28
C VAL X 95 76.78 -4.11 1.52
N PHE X 96 75.49 -4.21 1.86
CA PHE X 96 74.74 -3.11 2.43
C PHE X 96 74.24 -3.53 3.81
N ILE X 97 74.33 -2.60 4.77
CA ILE X 97 73.90 -2.82 6.13
C ILE X 97 73.07 -1.62 6.57
N GLU X 98 71.88 -1.87 7.09
CA GLU X 98 71.01 -0.80 7.57
C GLU X 98 70.50 -1.13 8.96
N PHE X 99 70.88 -0.30 9.94
CA PHE X 99 70.28 -0.32 11.27
C PHE X 99 69.21 0.75 11.34
N THR X 100 68.11 0.46 12.03
CA THR X 100 67.21 1.56 12.40
C THR X 100 66.96 1.53 13.89
N LEU X 101 66.98 2.71 14.50
CA LEU X 101 66.92 2.87 15.95
C LEU X 101 65.89 3.92 16.33
N PRO X 102 64.79 3.55 16.98
CA PRO X 102 63.76 4.54 17.32
C PRO X 102 64.27 5.51 18.38
N ASP X 103 63.55 6.62 18.51
CA ASP X 103 63.99 7.66 19.43
C ASP X 103 63.87 7.22 20.89
N ALA X 104 62.94 6.32 21.18
CA ALA X 104 62.70 5.89 22.55
C ALA X 104 63.57 4.71 22.97
N CYS X 105 64.67 4.45 22.27
CA CYS X 105 65.43 3.22 22.48
C CYS X 105 66.57 3.43 23.48
N THR X 106 67.03 2.32 24.06
CA THR X 106 68.08 2.35 25.07
C THR X 106 69.46 2.16 24.45
N ILE X 107 70.46 2.74 25.12
CA ILE X 107 71.84 2.43 24.80
C ILE X 107 72.08 0.92 24.84
N GLN X 108 71.41 0.25 25.78
CA GLN X 108 71.50 -1.20 25.85
C GLN X 108 70.91 -1.86 24.60
N ASN X 109 69.80 -1.32 24.09
CA ASN X 109 69.21 -1.88 22.88
C ASN X 109 70.13 -1.71 21.68
N ARG X 110 70.78 -0.54 21.57
CA ARG X 110 71.69 -0.32 20.44
C ARG X 110 72.88 -1.29 20.52
N LYS X 111 73.46 -1.45 21.71
CA LYS X 111 74.57 -2.40 21.85
C LYS X 111 74.11 -3.82 21.52
N ASP X 112 72.92 -4.19 22.00
CA ASP X 112 72.33 -5.49 21.66
C ASP X 112 72.29 -5.70 20.16
N ILE X 113 71.69 -4.76 19.43
CA ILE X 113 71.43 -4.98 18.01
C ILE X 113 72.74 -5.07 17.24
N LEU X 114 73.71 -4.21 17.58
CA LEU X 114 74.99 -4.24 16.88
C LEU X 114 75.73 -5.54 17.15
N ALA X 115 75.71 -6.00 18.41
CA ALA X 115 76.38 -7.25 18.73
C ALA X 115 75.73 -8.44 18.04
N TYR X 116 74.40 -8.42 17.94
CA TYR X 116 73.71 -9.48 17.21
C TYR X 116 74.21 -9.53 15.77
N ALA X 117 74.30 -8.36 15.13
CA ALA X 117 74.78 -8.30 13.75
C ALA X 117 76.20 -8.85 13.62
N LYS X 118 77.13 -8.36 14.45
CA LYS X 118 78.52 -8.77 14.29
C LYS X 118 78.72 -10.25 14.60
N ASN X 119 78.04 -10.76 15.64
CA ASN X 119 78.19 -12.16 16.01
C ASN X 119 77.58 -13.07 14.94
N PHE X 120 76.45 -12.67 14.36
CA PHE X 120 75.90 -13.46 13.27
C PHE X 120 76.87 -13.49 12.09
N LEU X 121 77.38 -12.33 11.68
CA LEU X 121 78.27 -12.30 10.53
C LEU X 121 79.53 -13.12 10.76
N ALA X 122 79.99 -13.22 12.00
CA ALA X 122 81.06 -14.16 12.31
C ALA X 122 80.59 -15.61 12.23
N SER X 123 79.31 -15.86 12.52
CA SER X 123 78.84 -17.23 12.71
C SER X 123 78.99 -18.07 11.44
N ALA X 124 79.17 -19.37 11.66
CA ALA X 124 79.37 -20.28 10.54
C ALA X 124 78.14 -20.37 9.66
N THR X 125 76.94 -20.10 10.19
CA THR X 125 75.75 -20.09 9.33
C THR X 125 75.78 -18.90 8.38
N ALA X 126 76.26 -17.73 8.83
CA ALA X 126 76.48 -16.65 7.87
C ALA X 126 77.58 -17.02 6.88
N THR X 127 78.62 -17.72 7.34
CA THR X 127 79.67 -18.14 6.41
C THR X 127 79.11 -19.09 5.35
N ASP X 128 78.36 -20.13 5.79
CA ASP X 128 77.64 -21.01 4.86
C ASP X 128 76.79 -20.19 3.92
N LEU X 129 76.11 -19.16 4.45
CA LEU X 129 75.14 -18.41 3.68
C LEU X 129 75.78 -17.62 2.54
N VAL X 130 76.93 -16.99 2.78
CA VAL X 130 77.52 -16.09 1.80
C VAL X 130 78.61 -16.77 0.98
N VAL X 131 79.53 -17.48 1.64
CA VAL X 131 80.67 -18.09 0.95
C VAL X 131 80.21 -19.27 0.08
N ASN X 132 79.31 -20.10 0.60
CA ASN X 132 78.81 -21.23 -0.18
C ASN X 132 77.54 -20.90 -0.96
N THR X 133 76.99 -19.70 -0.77
CA THR X 133 75.75 -19.27 -1.44
C THR X 133 74.64 -20.29 -1.26
N ALA X 134 74.58 -20.89 -0.07
CA ALA X 134 73.65 -21.98 0.13
C ALA X 134 72.48 -21.57 1.03
N PRO X 135 71.27 -22.05 0.73
CA PRO X 135 70.13 -21.82 1.63
C PRO X 135 70.27 -22.55 2.96
N GLN X 136 69.24 -22.50 3.80
CA GLN X 136 69.22 -23.24 5.05
C GLN X 136 68.08 -24.27 4.99
N TYR X 137 68.45 -25.53 4.72
CA TYR X 137 67.51 -26.57 4.30
C TYR X 137 66.85 -27.21 5.51
N GLN Y 1 24.87 138.48 15.45
CA GLN Y 1 26.05 137.58 15.45
C GLN Y 1 25.90 136.48 16.51
N ILE Y 2 26.56 135.33 16.32
CA ILE Y 2 26.35 134.19 17.21
C ILE Y 2 27.18 134.36 18.47
N ALA Y 3 26.61 133.94 19.59
CA ALA Y 3 27.21 133.96 20.91
C ALA Y 3 26.37 133.04 21.78
N ASN Y 4 27.01 132.44 22.78
CA ASN Y 4 26.34 131.42 23.58
C ASN Y 4 25.11 132.00 24.28
N VAL Y 5 24.17 131.12 24.61
CA VAL Y 5 22.91 131.53 25.25
C VAL Y 5 22.78 130.81 26.58
N VAL Y 6 22.26 131.50 27.58
CA VAL Y 6 22.26 131.02 28.96
C VAL Y 6 20.81 130.92 29.42
N LEU Y 7 20.33 129.70 29.63
CA LEU Y 7 18.95 129.47 30.05
C LEU Y 7 18.94 128.82 31.42
N ALA Y 8 17.95 129.18 32.23
CA ALA Y 8 17.87 128.73 33.62
C ALA Y 8 16.89 127.56 33.73
N ASP Y 9 17.37 126.45 34.29
CA ASP Y 9 16.50 125.30 34.47
C ASP Y 9 15.53 125.54 35.62
N GLY Y 10 14.46 124.74 35.63
CA GLY Y 10 13.44 124.87 36.66
C GLY Y 10 13.78 124.05 37.88
N GLN Y 11 13.97 124.72 39.02
CA GLN Y 11 14.27 124.04 40.27
C GLN Y 11 13.90 124.95 41.44
N ALA Y 12 14.23 124.47 42.63
CA ALA Y 12 14.31 125.31 43.82
C ALA Y 12 15.12 126.56 43.54
N ALA Y 13 16.41 126.38 43.24
CA ALA Y 13 17.32 127.45 42.86
C ALA Y 13 17.74 127.10 41.45
N PRO Y 14 17.31 127.88 40.47
CA PRO Y 14 17.60 127.53 39.09
C PRO Y 14 19.07 127.71 38.79
N ALA Y 15 19.58 126.85 37.92
CA ALA Y 15 20.97 126.85 37.48
C ALA Y 15 21.02 127.31 36.04
N ASP Y 16 21.99 128.17 35.76
CA ASP Y 16 22.29 128.63 34.42
C ASP Y 16 22.96 127.52 33.62
N LYS Y 17 22.27 126.99 32.62
CA LYS Y 17 22.86 126.08 31.64
C LYS Y 17 23.27 126.92 30.43
N THR Y 18 24.56 126.87 30.09
CA THR Y 18 25.11 127.68 29.01
C THR Y 18 25.24 126.82 27.76
N PHE Y 19 24.58 127.22 26.69
CA PHE Y 19 24.73 126.62 25.37
C PHE Y 19 25.80 127.41 24.63
N GLU Y 20 27.01 126.83 24.55
CA GLU Y 20 28.08 127.40 23.74
C GLU Y 20 27.75 127.24 22.25
N PRO Y 21 28.04 128.23 21.40
CA PRO Y 21 27.80 128.04 19.97
C PRO Y 21 28.72 126.96 19.42
N GLN Y 22 28.12 125.99 18.74
CA GLN Y 22 28.89 124.94 18.11
C GLN Y 22 28.73 124.94 16.60
N ARG Y 23 27.67 125.53 16.06
CA ARG Y 23 27.58 125.79 14.64
C ARG Y 23 26.70 127.01 14.39
N GLY Y 24 27.22 127.95 13.58
CA GLY Y 24 26.46 129.13 13.21
C GLY Y 24 25.63 128.90 11.95
N GLN Y 25 24.69 129.84 11.71
CA GLN Y 25 23.87 129.85 10.49
C GLN Y 25 24.37 130.95 9.58
N ASN Y 26 24.97 130.58 8.45
CA ASN Y 26 25.31 131.56 7.43
C ASN Y 26 24.47 131.40 6.17
N GLY Y 27 23.63 130.38 6.10
CA GLY Y 27 22.80 130.13 4.94
C GLY Y 27 21.37 129.88 5.36
N VAL Y 28 20.49 129.82 4.35
CA VAL Y 28 19.05 129.66 4.61
C VAL Y 28 18.67 128.20 4.85
N THR Y 29 19.44 127.27 4.30
CA THR Y 29 19.03 125.87 4.38
C THR Y 29 19.08 125.35 5.82
N ASP Y 30 20.24 125.48 6.51
CA ASP Y 30 20.54 124.79 7.78
C ASP Y 30 20.55 125.73 8.97
N PRO Y 31 19.81 125.42 10.04
CA PRO Y 31 19.75 126.33 11.19
C PRO Y 31 21.03 126.36 12.00
N ALA Y 32 21.13 127.40 12.83
CA ALA Y 32 22.23 127.54 13.79
C ALA Y 32 21.97 126.68 15.01
N GLU Y 33 23.06 126.26 15.67
CA GLU Y 33 22.98 125.24 16.71
C GLU Y 33 23.93 125.61 17.85
N TRP Y 34 23.45 125.38 19.08
CA TRP Y 34 24.18 125.60 20.32
C TRP Y 34 24.17 124.31 21.12
N TRP Y 35 25.31 124.01 21.76
CA TRP Y 35 25.55 122.77 22.49
C TRP Y 35 25.88 123.07 23.94
N GLU Y 36 25.34 122.27 24.86
CA GLU Y 36 25.47 122.62 26.28
C GLU Y 36 26.78 122.10 26.88
N LYS Y 37 27.15 120.86 26.58
CA LYS Y 37 28.40 120.26 27.05
C LYS Y 37 28.43 120.04 28.57
N SER Y 38 27.28 119.90 29.21
CA SER Y 38 27.27 119.54 30.62
C SER Y 38 27.78 118.11 30.82
N SER Y 39 27.11 117.14 30.20
CA SER Y 39 27.55 115.75 30.26
C SER Y 39 28.91 115.60 29.56
N PRO Y 40 29.65 114.50 29.81
CA PRO Y 40 30.96 114.33 29.16
C PRO Y 40 30.92 113.88 27.71
N THR Y 41 29.87 113.18 27.28
CA THR Y 41 29.77 112.65 25.93
C THR Y 41 28.78 113.46 25.10
N LEU Y 42 28.93 113.34 23.77
CA LEU Y 42 28.12 114.13 22.84
C LEU Y 42 26.64 113.87 23.03
N ASN Y 43 26.25 112.65 23.43
CA ASN Y 43 24.84 112.31 23.56
C ASN Y 43 24.15 113.11 24.67
N GLY Y 44 24.88 113.48 25.71
CA GLY Y 44 24.33 114.18 26.84
C GLY Y 44 24.26 115.67 26.72
N TYR Y 45 24.64 116.23 25.57
CA TYR Y 45 24.56 117.66 25.37
C TYR Y 45 23.10 118.07 25.21
N ARG Y 46 22.75 119.23 25.76
CA ARG Y 46 21.47 119.86 25.45
C ARG Y 46 21.65 120.72 24.21
N ARG Y 47 20.64 120.75 23.34
CA ARG Y 47 20.77 121.41 22.06
C ARG Y 47 19.77 122.55 21.90
N LEU Y 48 20.19 123.57 21.14
CA LEU Y 48 19.32 124.68 20.76
C LEU Y 48 19.56 125.03 19.30
N THR Y 49 18.50 124.91 18.47
CA THR Y 49 18.58 125.24 17.05
C THR Y 49 17.70 126.45 16.74
N ALA Y 50 18.15 127.29 15.81
CA ALA Y 50 17.46 128.54 15.47
C ALA Y 50 17.73 128.90 14.02
N LEU Y 51 16.65 129.01 13.24
CA LEU Y 51 16.70 129.32 11.82
C LEU Y 51 15.77 130.49 11.53
N VAL Y 52 16.32 131.57 10.98
CA VAL Y 52 15.53 132.66 10.42
C VAL Y 52 15.67 132.59 8.91
N ARG Y 53 14.53 132.51 8.22
CA ARG Y 53 14.50 132.19 6.80
C ARG Y 53 13.42 133.01 6.12
N ARG Y 54 13.80 133.75 5.07
CA ARG Y 54 12.82 134.51 4.33
C ARG Y 54 12.10 133.58 3.36
N ASN Y 55 10.78 133.49 3.50
CA ASN Y 55 9.94 132.73 2.56
C ASN Y 55 9.33 133.72 1.59
N ALA Y 56 9.80 133.69 0.34
CA ALA Y 56 9.32 134.63 -0.67
C ALA Y 56 7.91 134.31 -1.13
N ALA Y 57 7.46 133.06 -0.95
CA ALA Y 57 6.12 132.68 -1.39
C ALA Y 57 5.06 133.46 -0.64
N SER Y 58 5.09 133.38 0.69
CA SER Y 58 4.15 134.12 1.54
C SER Y 58 4.58 135.56 1.79
N LYS Y 59 5.66 136.01 1.14
CA LYS Y 59 6.27 137.30 1.41
C LYS Y 59 6.40 137.50 2.91
N SER Y 60 7.14 136.59 3.55
CA SER Y 60 7.18 136.53 4.99
C SER Y 60 8.56 136.06 5.44
N VAL Y 61 8.72 135.97 6.76
CA VAL Y 61 9.96 135.52 7.36
C VAL Y 61 9.61 134.57 8.50
N LYS Y 62 10.07 133.32 8.39
CA LYS Y 62 9.84 132.34 9.44
C LYS Y 62 11.04 132.27 10.38
N VAL Y 63 10.75 131.99 11.65
CA VAL Y 63 11.76 131.81 12.68
C VAL Y 63 11.41 130.52 13.43
N LYS Y 64 12.27 129.52 13.29
CA LYS Y 64 12.08 128.21 13.93
C LYS Y 64 13.14 128.02 15.01
N VAL Y 65 12.69 127.75 16.23
CA VAL Y 65 13.57 127.52 17.36
C VAL Y 65 13.21 126.16 17.96
N ALA Y 66 14.23 125.41 18.35
CA ALA Y 66 14.02 124.11 18.97
C ALA Y 66 14.98 123.93 20.13
N ILE Y 67 14.48 123.37 21.23
CA ILE Y 67 15.29 123.09 22.42
C ILE Y 67 15.13 121.62 22.75
N TYR Y 68 16.24 120.88 22.65
CA TYR Y 68 16.25 119.44 22.95
C TYR Y 68 16.96 119.22 24.29
N ASP Y 69 16.22 118.70 25.28
CA ASP Y 69 16.76 118.33 26.58
C ASP Y 69 16.75 116.82 26.70
N PRO Y 70 17.88 116.13 26.54
CA PRO Y 70 17.88 114.67 26.67
C PRO Y 70 18.12 114.26 28.11
N THR Y 71 17.49 113.16 28.50
CA THR Y 71 17.75 112.55 29.80
C THR Y 71 18.51 111.26 29.55
N LEU Y 72 19.81 111.26 29.86
CA LEU Y 72 20.63 110.09 29.60
C LEU Y 72 20.12 108.90 30.39
N ALA Y 73 20.02 107.75 29.73
CA ALA Y 73 19.66 106.54 30.44
C ALA Y 73 20.74 106.21 31.46
N VAL Y 74 20.29 105.81 32.65
CA VAL Y 74 21.20 105.24 33.64
C VAL Y 74 21.87 104.01 33.09
N THR Y 75 23.18 104.06 32.92
CA THR Y 75 23.95 102.97 32.31
C THR Y 75 24.77 102.30 33.41
N ALA Y 76 24.42 101.04 33.70
CA ALA Y 76 25.10 100.17 34.64
C ALA Y 76 25.96 99.15 33.90
N PRO Y 77 27.06 98.70 34.50
CA PRO Y 77 27.91 97.70 33.83
C PRO Y 77 27.12 96.44 33.53
N SER Y 78 27.31 95.92 32.32
CA SER Y 78 26.46 94.85 31.81
C SER Y 78 26.37 93.70 32.80
N THR Y 79 25.15 93.19 32.95
CA THR Y 79 24.96 91.98 33.74
C THR Y 79 25.38 90.76 32.94
N ALA Y 80 25.31 90.85 31.61
CA ALA Y 80 25.72 89.74 30.76
C ALA Y 80 27.14 89.88 30.23
N SER Y 81 27.47 91.02 29.62
CA SER Y 81 28.82 91.19 29.10
C SER Y 81 29.83 91.57 30.18
N GLY Y 82 29.36 92.00 31.35
CA GLY Y 82 30.26 92.58 32.32
C GLY Y 82 30.88 93.89 31.87
N ILE Y 83 30.39 94.48 30.79
CA ILE Y 83 31.04 95.58 30.09
C ILE Y 83 30.03 96.72 29.96
N GLN Y 84 30.21 97.77 30.75
CA GLN Y 84 29.27 98.89 30.74
C GLN Y 84 29.16 99.50 29.34
N PRO Y 85 27.96 99.63 28.79
CA PRO Y 85 27.83 100.17 27.44
C PRO Y 85 28.10 101.66 27.42
N SER Y 86 28.55 102.14 26.27
CA SER Y 86 28.73 103.57 26.02
C SER Y 86 27.43 104.28 26.35
N PRO Y 87 27.47 105.51 26.86
CA PRO Y 87 26.24 106.14 27.36
C PRO Y 87 25.27 106.41 26.22
N THR Y 88 24.00 106.13 26.48
CA THR Y 88 22.92 106.24 25.51
C THR Y 88 21.84 107.18 26.06
N VAL Y 89 20.91 107.54 25.18
CA VAL Y 89 19.82 108.46 25.51
C VAL Y 89 18.53 107.64 25.63
N ALA Y 90 17.89 107.72 26.81
CA ALA Y 90 16.65 106.97 27.03
C ALA Y 90 15.45 107.69 26.42
N PHE Y 91 15.42 109.01 26.52
CA PHE Y 91 14.40 109.82 25.86
C PHE Y 91 14.85 111.27 25.88
N THR Y 92 14.11 112.09 25.14
CA THR Y 92 14.44 113.49 24.99
C THR Y 92 13.16 114.31 24.99
N CYS Y 93 13.20 115.48 25.63
CA CYS Y 93 12.07 116.40 25.69
C CYS Y 93 12.34 117.58 24.78
N PRO Y 94 11.62 117.71 23.67
CA PRO Y 94 11.77 118.89 22.83
C PRO Y 94 10.70 119.95 23.03
N VAL Y 95 11.13 121.20 22.78
CA VAL Y 95 10.24 122.31 22.49
C VAL Y 95 10.49 122.76 21.06
N PHE Y 96 9.40 123.01 20.34
CA PHE Y 96 9.45 123.63 19.02
C PHE Y 96 8.64 124.93 19.08
N ILE Y 97 9.24 126.02 18.60
CA ILE Y 97 8.60 127.32 18.54
C ILE Y 97 8.75 127.88 17.14
N GLU Y 98 7.65 128.32 16.55
CA GLU Y 98 7.66 128.90 15.21
C GLU Y 98 6.95 130.26 15.25
N PHE Y 99 7.68 131.31 14.89
CA PHE Y 99 7.09 132.62 14.64
C PHE Y 99 7.03 132.83 13.13
N THR Y 100 5.96 133.46 12.66
CA THR Y 100 5.99 133.93 11.27
C THR Y 100 5.70 135.43 11.25
N LEU Y 101 6.48 136.16 10.45
CA LEU Y 101 6.43 137.62 10.41
C LEU Y 101 6.26 138.08 8.97
N PRO Y 102 5.10 138.58 8.57
CA PRO Y 102 4.88 138.98 7.17
C PRO Y 102 5.78 140.15 6.78
N ASP Y 103 5.87 140.38 5.47
CA ASP Y 103 6.75 141.44 4.97
C ASP Y 103 6.25 142.83 5.38
N ALA Y 104 4.96 142.97 5.64
CA ALA Y 104 4.37 144.26 6.01
C ALA Y 104 4.30 144.46 7.52
N CYS Y 105 5.16 143.77 8.29
CA CYS Y 105 5.02 143.64 9.73
C CYS Y 105 5.74 144.76 10.48
N THR Y 106 5.03 145.40 11.40
CA THR Y 106 5.62 146.47 12.20
C THR Y 106 6.60 145.91 13.22
N ILE Y 107 7.62 146.72 13.53
CA ILE Y 107 8.53 146.40 14.62
C ILE Y 107 7.74 146.22 15.91
N GLN Y 108 6.71 147.06 16.10
CA GLN Y 108 5.87 146.96 17.27
C GLN Y 108 5.09 145.64 17.30
N ASN Y 109 4.62 145.18 16.13
CA ASN Y 109 3.93 143.89 16.09
C ASN Y 109 4.87 142.75 16.45
N ARG Y 110 6.13 142.81 15.99
CA ARG Y 110 7.09 141.77 16.34
C ARG Y 110 7.34 141.73 17.84
N LYS Y 111 7.58 142.91 18.43
CA LYS Y 111 7.72 143.00 19.88
C LYS Y 111 6.49 142.42 20.58
N ASP Y 112 5.30 142.77 20.08
CA ASP Y 112 4.05 142.26 20.65
C ASP Y 112 4.02 140.75 20.67
N ILE Y 113 4.30 140.12 19.53
CA ILE Y 113 4.11 138.68 19.42
C ILE Y 113 5.15 137.94 20.27
N LEU Y 114 6.40 138.42 20.28
CA LEU Y 114 7.39 137.78 21.14
C LEU Y 114 7.01 137.95 22.61
N ALA Y 115 6.44 139.11 22.97
CA ALA Y 115 6.04 139.33 24.35
C ALA Y 115 4.91 138.40 24.75
N TYR Y 116 3.90 138.24 23.88
CA TYR Y 116 2.80 137.31 24.19
C TYR Y 116 3.34 135.91 24.41
N ALA Y 117 4.27 135.46 23.55
CA ALA Y 117 4.85 134.14 23.72
C ALA Y 117 5.57 134.00 25.06
N LYS Y 118 6.49 134.91 25.36
CA LYS Y 118 7.29 134.75 26.58
C LYS Y 118 6.43 134.87 27.83
N ASN Y 119 5.50 135.83 27.87
CA ASN Y 119 4.68 136.02 29.05
C ASN Y 119 3.71 134.86 29.24
N PHE Y 120 3.19 134.28 28.15
CA PHE Y 120 2.37 133.09 28.31
C PHE Y 120 3.18 131.92 28.85
N LEU Y 121 4.38 131.70 28.30
CA LEU Y 121 5.18 130.57 28.79
C LEU Y 121 5.54 130.74 30.25
N ALA Y 122 5.76 131.98 30.70
CA ALA Y 122 5.93 132.21 32.13
C ALA Y 122 4.63 131.96 32.89
N SER Y 123 3.48 132.11 32.23
CA SER Y 123 2.20 132.12 32.93
C SER Y 123 1.87 130.80 33.60
N ALA Y 124 1.13 130.91 34.72
CA ALA Y 124 0.76 129.76 35.51
C ALA Y 124 -0.13 128.79 34.74
N THR Y 125 -0.88 129.29 33.74
CA THR Y 125 -1.66 128.38 32.90
C THR Y 125 -0.74 127.53 32.03
N ALA Y 126 0.34 128.11 31.51
CA ALA Y 126 1.33 127.30 30.81
C ALA Y 126 1.98 126.29 31.76
N THR Y 127 2.18 126.67 33.02
CA THR Y 127 2.72 125.70 33.97
C THR Y 127 1.75 124.54 34.20
N ASP Y 128 0.48 124.86 34.50
CA ASP Y 128 -0.57 123.84 34.61
C ASP Y 128 -0.63 122.98 33.36
N LEU Y 129 -0.30 123.56 32.20
CA LEU Y 129 -0.45 122.88 30.92
C LEU Y 129 0.66 121.86 30.67
N VAL Y 130 1.90 122.24 30.91
CA VAL Y 130 3.05 121.41 30.56
C VAL Y 130 3.59 120.64 31.77
N VAL Y 131 3.77 121.33 32.90
CA VAL Y 131 4.37 120.68 34.07
C VAL Y 131 3.43 119.64 34.66
N ASN Y 132 2.15 119.98 34.78
CA ASN Y 132 1.15 119.04 35.27
C ASN Y 132 0.48 118.26 34.15
N THR Y 133 0.87 118.49 32.89
CA THR Y 133 0.27 117.83 31.73
C THR Y 133 -1.25 117.83 31.82
N ALA Y 134 -1.80 118.99 32.18
CA ALA Y 134 -3.23 119.08 32.36
C ALA Y 134 -3.85 120.03 31.35
N PRO Y 135 -5.00 119.67 30.80
CA PRO Y 135 -5.71 120.56 29.87
C PRO Y 135 -6.55 121.58 30.63
N GLN Y 136 -7.30 122.36 29.86
CA GLN Y 136 -8.18 123.40 30.38
C GLN Y 136 -9.62 122.97 30.12
N TYR Y 137 -10.26 122.40 31.14
CA TYR Y 137 -11.49 121.63 30.97
C TYR Y 137 -12.80 122.40 31.17
N GLN Z 1 36.08 140.40 9.49
CA GLN Z 1 35.39 139.29 8.85
C GLN Z 1 34.38 139.78 7.84
N ILE Z 2 33.14 139.99 8.34
CA ILE Z 2 32.05 140.71 7.67
C ILE Z 2 31.70 141.92 8.51
N ALA Z 3 31.53 143.06 7.84
CA ALA Z 3 31.23 144.30 8.53
C ALA Z 3 30.13 145.02 7.76
N ASN Z 4 29.29 145.72 8.51
CA ASN Z 4 28.22 146.47 7.90
C ASN Z 4 28.80 147.50 6.92
N VAL Z 5 27.97 147.94 5.97
CA VAL Z 5 28.44 148.80 4.89
C VAL Z 5 27.54 150.02 4.79
N VAL Z 6 28.15 151.20 4.69
CA VAL Z 6 27.39 152.44 4.66
C VAL Z 6 27.54 153.10 3.30
N LEU Z 7 26.41 153.37 2.65
CA LEU Z 7 26.38 153.97 1.33
C LEU Z 7 25.66 155.31 1.37
N ALA Z 8 26.12 156.25 0.54
CA ALA Z 8 25.53 157.58 0.51
C ALA Z 8 24.42 157.65 -0.53
N ASP Z 9 23.23 158.03 -0.11
CA ASP Z 9 22.13 158.13 -1.06
C ASP Z 9 22.26 159.41 -1.88
N GLY Z 10 21.43 159.50 -2.91
CA GLY Z 10 21.44 160.66 -3.78
C GLY Z 10 20.50 161.73 -3.25
N GLN Z 11 21.06 162.85 -2.86
CA GLN Z 11 20.29 164.00 -2.39
C GLN Z 11 21.20 165.20 -2.54
N ALA Z 12 20.71 166.36 -2.10
CA ALA Z 12 21.56 167.54 -2.03
C ALA Z 12 22.81 167.23 -1.19
N ALA Z 13 22.60 166.77 0.03
CA ALA Z 13 23.68 166.26 0.87
C ALA Z 13 23.39 164.78 1.07
N PRO Z 14 24.31 163.90 0.70
CA PRO Z 14 24.07 162.48 0.87
C PRO Z 14 23.83 162.13 2.33
N ALA Z 15 22.82 161.29 2.56
CA ALA Z 15 22.45 160.78 3.87
C ALA Z 15 22.95 159.34 3.94
N ASP Z 16 23.94 159.10 4.78
CA ASP Z 16 24.49 157.77 5.00
C ASP Z 16 23.40 156.77 5.38
N LYS Z 17 23.26 155.73 4.58
CA LYS Z 17 22.38 154.60 4.86
C LYS Z 17 23.26 153.42 5.24
N THR Z 18 23.06 152.91 6.45
CA THR Z 18 23.87 151.83 6.99
C THR Z 18 23.17 150.49 6.78
N PHE Z 19 23.88 149.54 6.17
CA PHE Z 19 23.39 148.20 5.95
C PHE Z 19 24.07 147.29 6.97
N GLU Z 20 23.29 146.81 7.97
CA GLU Z 20 23.80 145.90 8.98
C GLU Z 20 23.95 144.49 8.39
N PRO Z 21 24.96 143.75 8.80
CA PRO Z 21 25.11 142.36 8.33
C PRO Z 21 24.13 141.46 9.05
N GLN Z 22 23.10 141.03 8.34
CA GLN Z 22 22.13 140.12 8.94
C GLN Z 22 22.45 138.66 8.63
N ARG Z 23 23.21 138.39 7.57
CA ARG Z 23 23.73 137.04 7.32
C ARG Z 23 25.01 137.14 6.49
N GLY Z 24 26.01 136.32 6.85
CA GLY Z 24 27.26 136.29 6.13
C GLY Z 24 27.24 135.26 5.02
N GLN Z 25 28.28 135.31 4.19
CA GLN Z 25 28.36 134.42 3.04
C GLN Z 25 28.58 132.98 3.49
N ASN Z 26 27.62 132.11 3.14
CA ASN Z 26 27.60 130.74 3.62
C ASN Z 26 28.92 130.04 3.35
N GLY Z 27 29.39 130.14 2.13
CA GLY Z 27 30.52 129.42 1.62
C GLY Z 27 30.62 129.82 0.18
N VAL Z 28 30.52 128.86 -0.74
CA VAL Z 28 30.38 129.19 -2.16
C VAL Z 28 28.93 129.12 -2.63
N THR Z 29 28.01 128.73 -1.75
CA THR Z 29 26.63 128.49 -2.15
C THR Z 29 25.73 129.71 -1.98
N ASP Z 30 25.67 130.30 -0.79
CA ASP Z 30 24.73 131.37 -0.48
C ASP Z 30 25.46 132.68 -0.28
N PRO Z 31 25.04 133.76 -0.95
CA PRO Z 31 25.76 135.04 -0.81
C PRO Z 31 25.54 135.68 0.55
N ALA Z 32 26.45 136.58 0.89
CA ALA Z 32 26.30 137.39 2.09
C ALA Z 32 25.25 138.47 1.85
N GLU Z 33 24.51 138.80 2.91
CA GLU Z 33 23.38 139.73 2.78
C GLU Z 33 23.39 140.75 3.90
N TRP Z 34 23.04 141.98 3.56
CA TRP Z 34 23.02 143.13 4.44
C TRP Z 34 21.67 143.83 4.31
N TRP Z 35 21.17 144.32 5.44
CA TRP Z 35 19.83 144.89 5.55
C TRP Z 35 19.91 146.30 6.13
N GLU Z 36 19.25 147.26 5.47
CA GLU Z 36 19.29 148.64 5.96
C GLU Z 36 18.51 148.79 7.26
N LYS Z 37 17.29 148.28 7.29
CA LYS Z 37 16.45 148.29 8.50
C LYS Z 37 16.13 149.71 8.95
N SER Z 38 15.90 150.61 7.98
CA SER Z 38 15.52 151.97 8.34
C SER Z 38 14.01 152.10 8.50
N SER Z 39 13.24 151.71 7.48
CA SER Z 39 11.78 151.80 7.52
C SER Z 39 11.21 150.98 8.66
N PRO Z 40 9.99 151.33 9.13
CA PRO Z 40 9.38 150.52 10.20
C PRO Z 40 8.87 149.17 9.74
N THR Z 41 8.46 149.07 8.48
CA THR Z 41 8.02 147.79 7.93
C THR Z 41 9.21 147.04 7.37
N LEU Z 42 9.10 145.70 7.35
CA LEU Z 42 10.12 144.89 6.70
C LEU Z 42 10.18 145.15 5.21
N ASN Z 43 9.13 145.75 4.63
CA ASN Z 43 9.10 146.07 3.21
C ASN Z 43 10.24 147.01 2.82
N GLY Z 44 10.45 148.05 3.62
CA GLY Z 44 11.37 149.13 3.34
C GLY Z 44 12.81 148.92 3.75
N TYR Z 45 13.19 147.71 4.11
CA TYR Z 45 14.59 147.38 4.29
C TYR Z 45 15.28 147.35 2.93
N ARG Z 46 16.35 148.11 2.77
CA ARG Z 46 17.15 148.01 1.56
C ARG Z 46 18.15 146.87 1.70
N ARG Z 47 18.51 146.24 0.58
CA ARG Z 47 19.28 145.00 0.63
C ARG Z 47 20.58 145.08 -0.17
N LEU Z 48 21.58 144.33 0.30
CA LEU Z 48 22.85 144.20 -0.41
C LEU Z 48 23.34 142.76 -0.32
N THR Z 49 23.56 142.11 -1.46
CA THR Z 49 24.08 140.75 -1.50
C THR Z 49 25.42 140.73 -2.22
N ALA Z 50 26.36 139.94 -1.70
CA ALA Z 50 27.68 139.81 -2.31
C ALA Z 50 28.19 138.38 -2.14
N LEU Z 51 28.60 137.78 -3.27
CA LEU Z 51 29.08 136.42 -3.33
C LEU Z 51 30.38 136.36 -4.14
N VAL Z 52 31.37 135.62 -3.63
CA VAL Z 52 32.66 135.42 -4.29
C VAL Z 52 32.92 133.93 -4.41
N ARG Z 53 32.89 133.42 -5.64
CA ARG Z 53 32.95 131.98 -5.86
C ARG Z 53 33.88 131.67 -7.02
N ARG Z 54 34.71 130.63 -6.86
CA ARG Z 54 35.63 130.22 -7.91
C ARG Z 54 34.97 129.15 -8.76
N ASN Z 55 34.64 129.50 -10.00
CA ASN Z 55 34.24 128.49 -10.97
C ASN Z 55 35.50 127.74 -11.41
N ALA Z 56 35.61 126.49 -10.98
CA ALA Z 56 36.82 125.71 -11.18
C ALA Z 56 36.96 125.23 -12.61
N ALA Z 57 35.84 124.99 -13.28
CA ALA Z 57 35.87 124.65 -14.69
C ALA Z 57 36.49 125.77 -15.51
N SER Z 58 35.88 126.96 -15.44
CA SER Z 58 36.36 128.11 -16.18
C SER Z 58 37.65 128.70 -15.63
N LYS Z 59 38.19 128.11 -14.56
CA LYS Z 59 39.36 128.64 -13.87
C LYS Z 59 39.24 130.15 -13.69
N SER Z 60 38.18 130.55 -12.99
CA SER Z 60 37.95 131.96 -12.80
C SER Z 60 37.22 132.19 -11.48
N VAL Z 61 37.12 133.45 -11.10
CA VAL Z 61 36.44 133.87 -9.89
C VAL Z 61 35.33 134.83 -10.28
N LYS Z 62 34.09 134.48 -9.95
CA LYS Z 62 32.95 135.37 -10.14
C LYS Z 62 32.70 136.13 -8.85
N VAL Z 63 32.35 137.40 -8.99
CA VAL Z 63 31.99 138.28 -7.88
C VAL Z 63 30.66 138.93 -8.23
N LYS Z 64 29.60 138.58 -7.51
CA LYS Z 64 28.25 139.07 -7.77
C LYS Z 64 27.78 139.93 -6.62
N VAL Z 65 27.33 141.15 -6.94
CA VAL Z 65 26.81 142.10 -5.97
C VAL Z 65 25.46 142.59 -6.46
N ALA Z 66 24.51 142.75 -5.53
CA ALA Z 66 23.20 143.27 -5.87
C ALA Z 66 22.75 144.25 -4.79
N ILE Z 67 22.12 145.34 -5.22
CA ILE Z 67 21.59 146.38 -4.34
C ILE Z 67 20.12 146.55 -4.66
N TYR Z 68 19.27 146.29 -3.67
CA TYR Z 68 17.82 146.35 -3.82
C TYR Z 68 17.27 147.52 -3.04
N ASP Z 69 16.68 148.50 -3.72
CA ASP Z 69 16.06 149.65 -3.07
C ASP Z 69 14.55 149.61 -3.28
N PRO Z 70 13.74 149.32 -2.26
CA PRO Z 70 12.29 149.30 -2.46
C PRO Z 70 11.66 150.66 -2.23
N THR Z 71 10.60 150.92 -2.97
CA THR Z 71 9.73 152.07 -2.74
C THR Z 71 8.33 151.56 -2.48
N LEU Z 72 7.76 152.01 -1.35
CA LEU Z 72 6.49 151.55 -0.83
C LEU Z 72 5.38 152.50 -1.24
N ALA Z 73 4.14 152.00 -1.08
CA ALA Z 73 2.97 152.80 -1.39
C ALA Z 73 1.81 152.27 -0.58
N VAL Z 74 0.96 153.17 -0.10
CA VAL Z 74 -0.22 152.80 0.64
C VAL Z 74 -1.44 153.03 -0.24
N THR Z 75 -2.52 152.31 0.06
CA THR Z 75 -3.78 152.52 -0.66
C THR Z 75 -4.22 153.98 -0.60
N ALA Z 76 -4.01 154.61 0.54
CA ALA Z 76 -4.45 155.97 0.79
C ALA Z 76 -3.50 156.61 1.79
N PRO Z 77 -3.33 157.93 1.74
CA PRO Z 77 -2.34 158.56 2.61
C PRO Z 77 -2.66 158.36 4.08
N SER Z 78 -1.61 158.34 4.89
CA SER Z 78 -1.73 158.01 6.32
C SER Z 78 -2.43 159.13 7.09
N THR Z 79 -3.18 158.72 8.13
CA THR Z 79 -3.92 159.67 8.97
C THR Z 79 -3.36 159.87 10.36
N ALA Z 80 -2.69 158.87 10.92
CA ALA Z 80 -2.14 158.88 12.28
C ALA Z 80 -3.21 158.89 13.36
N SER Z 81 -4.45 158.54 13.03
CA SER Z 81 -5.53 158.55 14.01
C SER Z 81 -6.14 157.18 14.24
N GLY Z 82 -6.71 156.56 13.21
CA GLY Z 82 -7.35 155.27 13.32
C GLY Z 82 -6.54 154.20 12.62
N ILE Z 83 -7.16 153.00 12.53
CA ILE Z 83 -6.51 151.91 11.82
C ILE Z 83 -6.33 152.31 10.36
N GLN Z 84 -5.11 152.15 9.87
CA GLN Z 84 -4.69 152.67 8.58
C GLN Z 84 -4.28 151.54 7.66
N PRO Z 85 -4.24 151.79 6.35
CA PRO Z 85 -3.89 150.72 5.40
C PRO Z 85 -2.41 150.37 5.53
N SER Z 86 -2.13 149.08 5.68
CA SER Z 86 -0.75 148.62 5.67
C SER Z 86 -0.16 148.83 4.28
N PRO Z 87 1.16 149.07 4.20
CA PRO Z 87 1.76 149.49 2.93
C PRO Z 87 2.20 148.31 2.08
N THR Z 88 1.94 148.42 0.79
CA THR Z 88 2.41 147.45 -0.19
C THR Z 88 3.75 147.91 -0.76
N VAL Z 89 4.47 146.98 -1.38
CA VAL Z 89 5.70 147.30 -2.08
C VAL Z 89 5.31 147.79 -3.47
N ALA Z 90 5.47 149.09 -3.71
CA ALA Z 90 5.13 149.63 -5.02
C ALA Z 90 6.08 149.10 -6.09
N PHE Z 91 7.38 149.27 -5.88
CA PHE Z 91 8.35 148.73 -6.84
C PHE Z 91 9.71 148.61 -6.16
N THR Z 92 10.67 148.09 -6.91
CA THR Z 92 12.03 147.93 -6.42
C THR Z 92 13.01 148.31 -7.52
N CYS Z 93 14.05 149.04 -7.15
CA CYS Z 93 15.13 149.42 -8.06
C CYS Z 93 16.36 148.60 -7.73
N PRO Z 94 16.69 147.61 -8.54
CA PRO Z 94 17.94 146.89 -8.34
C PRO Z 94 19.08 147.36 -9.23
N VAL Z 95 20.28 147.21 -8.66
CA VAL Z 95 21.55 147.16 -9.38
C VAL Z 95 22.12 145.76 -9.24
N PHE Z 96 22.60 145.20 -10.35
CA PHE Z 96 23.39 143.98 -10.35
C PHE Z 96 24.76 144.28 -10.92
N ILE Z 97 25.80 143.81 -10.24
CA ILE Z 97 27.18 144.00 -10.63
C ILE Z 97 27.86 142.64 -10.64
N GLU Z 98 28.54 142.33 -11.74
CA GLU Z 98 29.27 141.07 -11.86
C GLU Z 98 30.67 141.35 -12.39
N PHE Z 99 31.68 140.90 -11.65
CA PHE Z 99 33.05 140.85 -12.12
C PHE Z 99 33.43 139.41 -12.37
N THR Z 100 34.19 139.15 -13.44
CA THR Z 100 34.80 137.84 -13.58
C THR Z 100 36.30 138.02 -13.78
N LEU Z 101 37.07 137.28 -12.98
CA LEU Z 101 38.53 137.42 -12.94
C LEU Z 101 39.17 136.06 -13.21
N PRO Z 102 39.79 135.86 -14.37
CA PRO Z 102 40.42 134.57 -14.66
C PRO Z 102 41.49 134.24 -13.64
N ASP Z 103 41.80 132.94 -13.54
CA ASP Z 103 42.68 132.50 -12.47
C ASP Z 103 44.08 133.09 -12.60
N ALA Z 104 44.56 133.22 -13.83
CA ALA Z 104 45.89 133.78 -14.07
C ALA Z 104 45.80 135.30 -14.28
N CYS Z 105 45.30 135.98 -13.24
CA CYS Z 105 44.98 137.40 -13.30
C CYS Z 105 45.81 138.17 -12.28
N THR Z 106 46.32 139.33 -12.69
CA THR Z 106 47.13 140.15 -11.80
C THR Z 106 46.26 140.89 -10.80
N ILE Z 107 46.81 141.04 -9.58
CA ILE Z 107 46.19 141.95 -8.63
C ILE Z 107 46.05 143.34 -9.22
N GLN Z 108 47.02 143.74 -10.05
CA GLN Z 108 46.93 145.05 -10.70
C GLN Z 108 45.78 145.08 -11.69
N ASN Z 109 45.52 143.98 -12.38
CA ASN Z 109 44.37 143.92 -13.28
C ASN Z 109 43.06 144.02 -12.50
N ARG Z 110 42.99 143.38 -11.33
CA ARG Z 110 41.80 143.47 -10.49
C ARG Z 110 41.56 144.91 -10.05
N LYS Z 111 42.62 145.57 -9.57
CA LYS Z 111 42.52 146.98 -9.20
C LYS Z 111 42.05 147.81 -10.38
N ASP Z 112 42.63 147.57 -11.57
CA ASP Z 112 42.21 148.28 -12.77
C ASP Z 112 40.72 148.15 -13.03
N ILE Z 113 40.21 146.92 -13.04
CA ILE Z 113 38.83 146.70 -13.44
C ILE Z 113 37.87 147.30 -12.41
N LEU Z 114 38.17 147.16 -11.12
CA LEU Z 114 37.31 147.77 -10.11
C LEU Z 114 37.34 149.28 -10.23
N ALA Z 115 38.51 149.86 -10.53
CA ALA Z 115 38.61 151.30 -10.70
C ALA Z 115 37.80 151.79 -11.90
N TYR Z 116 37.86 151.04 -13.01
CA TYR Z 116 37.06 151.41 -14.19
C TYR Z 116 35.59 151.42 -13.84
N ALA Z 117 35.12 150.39 -13.12
CA ALA Z 117 33.72 150.34 -12.72
C ALA Z 117 33.33 151.52 -11.85
N LYS Z 118 34.11 151.78 -10.78
CA LYS Z 118 33.70 152.82 -9.84
C LYS Z 118 33.79 154.21 -10.46
N ASN Z 119 34.86 154.49 -11.21
CA ASN Z 119 35.00 155.81 -11.84
C ASN Z 119 33.93 156.02 -12.89
N PHE Z 120 33.56 154.97 -13.64
CA PHE Z 120 32.46 155.12 -14.58
C PHE Z 120 31.16 155.43 -13.86
N LEU Z 121 30.83 154.67 -12.81
CA LEU Z 121 29.58 154.91 -12.12
C LEU Z 121 29.53 156.31 -11.52
N ALA Z 122 30.68 156.84 -11.09
CA ALA Z 122 30.71 158.24 -10.68
C ALA Z 122 30.53 159.18 -11.87
N SER Z 123 30.88 158.74 -13.08
CA SER Z 123 30.94 159.65 -14.22
C SER Z 123 29.56 160.20 -14.60
N ALA Z 124 29.60 161.44 -15.13
CA ALA Z 124 28.39 162.11 -15.55
C ALA Z 124 27.74 161.43 -16.75
N THR Z 125 28.50 160.65 -17.53
CA THR Z 125 27.85 159.87 -18.60
C THR Z 125 26.99 158.77 -18.00
N ALA Z 126 27.47 158.09 -16.95
CA ALA Z 126 26.62 157.17 -16.21
C ALA Z 126 25.42 157.88 -15.61
N THR Z 127 25.60 159.12 -15.17
CA THR Z 127 24.46 159.86 -14.62
C THR Z 127 23.43 160.15 -15.71
N ASP Z 128 23.85 160.73 -16.84
CA ASP Z 128 22.97 160.90 -18.00
C ASP Z 128 22.29 159.59 -18.37
N LEU Z 129 23.00 158.47 -18.19
CA LEU Z 129 22.50 157.17 -18.62
C LEU Z 129 21.37 156.68 -17.72
N VAL Z 130 21.61 156.65 -16.42
CA VAL Z 130 20.70 156.00 -15.47
C VAL Z 130 19.77 157.00 -14.79
N VAL Z 131 20.32 158.09 -14.26
CA VAL Z 131 19.48 159.08 -13.58
C VAL Z 131 18.54 159.73 -14.58
N ASN Z 132 19.10 160.23 -15.68
CA ASN Z 132 18.32 160.98 -16.65
C ASN Z 132 17.44 160.08 -17.52
N THR Z 133 17.74 158.77 -17.58
CA THR Z 133 17.03 157.77 -18.40
C THR Z 133 17.14 158.13 -19.87
N ALA Z 134 18.36 158.29 -20.34
CA ALA Z 134 18.59 158.76 -21.70
C ALA Z 134 19.82 158.02 -22.22
N PRO Z 135 19.73 157.36 -23.35
CA PRO Z 135 20.89 156.67 -23.91
C PRO Z 135 21.76 157.62 -24.71
N GLN Z 136 22.91 157.07 -25.13
CA GLN Z 136 23.94 157.82 -25.83
C GLN Z 136 23.74 157.66 -27.34
N TYR Z 137 23.20 158.69 -27.98
CA TYR Z 137 22.83 158.58 -29.40
C TYR Z 137 23.83 159.24 -30.34
N GLN AA 1 34.37 130.34 14.95
CA GLN AA 1 34.06 131.14 13.75
C GLN AA 1 35.32 131.15 12.93
N ILE AA 2 35.24 131.63 11.69
CA ILE AA 2 36.34 131.46 10.74
C ILE AA 2 37.14 132.75 10.66
N ALA AA 3 38.45 132.61 10.82
CA ALA AA 3 39.40 133.69 10.58
C ALA AA 3 40.64 133.06 9.96
N ASN AA 4 41.50 133.91 9.41
CA ASN AA 4 42.68 133.38 8.74
C ASN AA 4 43.60 132.70 9.75
N VAL AA 5 44.40 131.74 9.25
CA VAL AA 5 45.29 130.96 10.11
C VAL AA 5 46.72 131.22 9.67
N VAL AA 6 47.63 131.31 10.65
CA VAL AA 6 49.01 131.69 10.40
C VAL AA 6 49.92 130.52 10.73
N LEU AA 7 50.63 130.02 9.72
CA LEU AA 7 51.48 128.85 9.87
C LEU AA 7 52.93 129.24 9.58
N ALA AA 8 53.84 128.87 10.48
CA ALA AA 8 55.24 129.21 10.31
C ALA AA 8 55.94 128.17 9.45
N ASP AA 9 56.66 128.62 8.43
CA ASP AA 9 57.29 127.70 7.50
C ASP AA 9 58.55 127.10 8.12
N GLY AA 10 59.17 126.19 7.39
CA GLY AA 10 60.37 125.54 7.85
C GLY AA 10 61.59 126.27 7.32
N GLN AA 11 62.28 126.96 8.21
CA GLN AA 11 63.54 127.64 7.92
C GLN AA 11 64.32 127.72 9.23
N ALA AA 12 65.48 128.34 9.17
CA ALA AA 12 66.17 128.74 10.39
C ALA AA 12 65.28 129.60 11.25
N ALA AA 13 64.85 130.71 10.69
CA ALA AA 13 63.93 131.60 11.31
C ALA AA 13 62.61 131.42 10.59
N PRO AA 14 61.57 131.02 11.32
CA PRO AA 14 60.27 130.82 10.68
C PRO AA 14 59.76 132.12 10.10
N ALA AA 15 59.09 132.02 8.97
CA ALA AA 15 58.43 133.14 8.33
C ALA AA 15 56.95 132.80 8.26
N ASP AA 16 56.14 133.59 8.95
CA ASP AA 16 54.72 133.32 9.04
C ASP AA 16 54.04 133.50 7.69
N LYS AA 17 53.36 132.45 7.24
CA LYS AA 17 52.53 132.50 6.05
C LYS AA 17 51.07 132.52 6.50
N THR AA 18 50.33 133.51 6.04
CA THR AA 18 48.96 133.73 6.46
C THR AA 18 48.00 133.18 5.39
N PHE AA 19 47.06 132.35 5.83
CA PHE AA 19 46.04 131.77 4.97
C PHE AA 19 44.73 132.47 5.27
N GLU AA 20 44.29 133.34 4.36
CA GLU AA 20 43.02 134.06 4.47
C GLU AA 20 41.88 133.20 3.96
N PRO AA 21 40.75 133.17 4.67
CA PRO AA 21 39.68 132.23 4.30
C PRO AA 21 39.00 132.60 3.00
N GLN AA 22 38.60 131.57 2.26
CA GLN AA 22 37.88 131.70 1.01
C GLN AA 22 36.52 131.04 1.02
N ARG AA 23 36.31 130.03 1.88
CA ARG AA 23 35.05 129.31 1.98
C ARG AA 23 34.77 128.96 3.43
N GLY AA 24 33.50 129.05 3.82
CA GLY AA 24 33.05 128.46 5.05
C GLY AA 24 32.55 127.04 4.79
N GLN AA 25 32.66 126.20 5.80
CA GLN AA 25 32.13 124.85 5.70
C GLN AA 25 30.61 124.90 5.68
N ASN AA 26 30.02 124.34 4.64
CA ASN AA 26 28.57 124.33 4.45
C ASN AA 26 28.10 122.88 4.43
N GLY AA 27 27.24 122.52 5.38
CA GLY AA 27 26.77 121.14 5.45
C GLY AA 27 27.90 120.22 5.86
N VAL AA 28 28.04 119.11 5.12
CA VAL AA 28 29.17 118.20 5.31
C VAL AA 28 29.81 117.89 3.96
N THR AA 29 29.14 118.27 2.88
CA THR AA 29 29.71 118.04 1.56
C THR AA 29 30.92 118.94 1.31
N ASP AA 30 30.83 120.21 1.74
CA ASP AA 30 31.77 121.24 1.34
C ASP AA 30 32.74 121.56 2.47
N PRO AA 31 34.05 121.44 2.27
CA PRO AA 31 34.99 121.86 3.32
C PRO AA 31 35.32 123.34 3.24
N ALA AA 32 35.74 123.89 4.38
CA ALA AA 32 36.17 125.29 4.43
C ALA AA 32 37.60 125.41 3.93
N GLU AA 33 37.88 126.48 3.19
CA GLU AA 33 39.15 126.61 2.47
C GLU AA 33 39.81 127.96 2.77
N TRP AA 34 41.16 127.93 2.83
CA TRP AA 34 42.01 129.08 3.10
C TRP AA 34 43.09 129.17 2.04
N TRP AA 35 43.39 130.39 1.59
CA TRP AA 35 44.33 130.66 0.52
C TRP AA 35 45.45 131.59 1.00
N GLU AA 36 46.70 131.30 0.60
CA GLU AA 36 47.82 132.10 1.12
C GLU AA 36 47.95 133.44 0.41
N LYS AA 37 47.78 133.47 -0.91
CA LYS AA 37 47.88 134.69 -1.70
C LYS AA 37 49.30 135.24 -1.73
N SER AA 38 50.30 134.36 -1.62
CA SER AA 38 51.67 134.87 -1.62
C SER AA 38 52.14 135.20 -3.03
N SER AA 39 52.02 134.26 -3.96
CA SER AA 39 52.45 134.46 -5.34
C SER AA 39 51.44 135.34 -6.09
N PRO AA 40 51.82 135.88 -7.26
CA PRO AA 40 50.86 136.75 -7.98
C PRO AA 40 49.64 136.02 -8.55
N THR AA 41 49.79 134.85 -9.16
CA THR AA 41 48.67 134.13 -9.76
C THR AA 41 48.11 133.11 -8.77
N LEU AA 42 47.00 132.46 -9.14
CA LEU AA 42 46.39 131.49 -8.22
C LEU AA 42 47.28 130.29 -7.98
N ASN AA 43 47.94 129.80 -9.04
CA ASN AA 43 48.70 128.57 -8.92
C ASN AA 43 49.71 128.62 -7.77
N GLY AA 44 50.17 129.82 -7.39
CA GLY AA 44 51.13 129.97 -6.31
C GLY AA 44 50.54 130.02 -4.92
N TYR AA 45 49.23 130.24 -4.79
CA TYR AA 45 48.56 130.21 -3.50
C TYR AA 45 48.78 128.86 -2.82
N ARG AA 46 49.09 128.89 -1.53
CA ARG AA 46 49.09 127.67 -0.72
C ARG AA 46 47.69 127.49 -0.13
N ARG AA 47 47.24 126.24 -0.07
CA ARG AA 47 45.86 125.95 0.31
C ARG AA 47 45.77 125.19 1.63
N LEU AA 48 44.67 125.45 2.35
CA LEU AA 48 44.33 124.71 3.56
C LEU AA 48 42.84 124.40 3.56
N THR AA 49 42.49 123.12 3.60
CA THR AA 49 41.09 122.69 3.64
C THR AA 49 40.80 121.98 4.94
N ALA AA 50 39.61 122.22 5.51
CA ALA AA 50 39.22 121.60 6.77
C ALA AA 50 37.74 121.31 6.75
N LEU AA 51 37.39 120.08 7.09
CA LEU AA 51 36.00 119.60 7.05
C LEU AA 51 35.75 118.72 8.26
N VAL AA 52 34.74 119.08 9.05
CA VAL AA 52 34.25 118.26 10.14
C VAL AA 52 32.88 117.72 9.73
N ARG AA 53 32.80 116.41 9.50
CA ARG AA 53 31.56 115.78 9.07
C ARG AA 53 31.22 114.63 9.99
N ARG AA 54 29.98 114.57 10.44
CA ARG AA 54 29.56 113.44 11.25
C ARG AA 54 29.20 112.28 10.33
N ASN AA 55 29.79 111.13 10.61
CA ASN AA 55 29.45 109.87 9.93
C ASN AA 55 28.52 109.09 10.85
N ALA AA 56 27.28 108.91 10.41
CA ALA AA 56 26.26 108.26 11.24
C ALA AA 56 26.39 106.75 11.24
N ALA AA 57 27.01 106.19 10.21
CA ALA AA 57 27.24 104.75 10.18
C ALA AA 57 28.09 104.31 11.35
N SER AA 58 29.26 104.93 11.52
CA SER AA 58 30.16 104.61 12.61
C SER AA 58 29.78 105.27 13.93
N LYS AA 59 28.70 106.06 13.94
CA LYS AA 59 28.33 106.87 15.10
C LYS AA 59 29.55 107.66 15.60
N SER AA 60 30.11 108.47 14.70
CA SER AA 60 31.35 109.15 15.03
C SER AA 60 31.48 110.41 14.20
N VAL AA 61 32.48 111.22 14.53
CA VAL AA 61 32.79 112.46 13.84
C VAL AA 61 34.14 112.32 13.16
N LYS AA 62 34.23 112.75 11.91
CA LYS AA 62 35.49 112.76 11.19
C LYS AA 62 35.97 114.19 11.00
N VAL AA 63 37.28 114.39 11.07
CA VAL AA 63 37.90 115.69 10.87
C VAL AA 63 39.01 115.51 9.84
N LYS AA 64 38.86 116.15 8.68
CA LYS AA 64 39.83 116.05 7.59
C LYS AA 64 40.45 117.41 7.35
N VAL AA 65 41.78 117.44 7.33
CA VAL AA 65 42.55 118.64 7.07
C VAL AA 65 43.54 118.33 5.95
N ALA AA 66 43.77 119.32 5.08
CA ALA AA 66 44.72 119.17 3.99
C ALA AA 66 45.49 120.46 3.80
N ILE AA 67 46.80 120.33 3.60
CA ILE AA 67 47.67 121.47 3.33
C ILE AA 67 48.40 121.21 2.02
N TYR AA 68 48.16 122.06 1.03
CA TYR AA 68 48.78 121.95 -0.29
C TYR AA 68 49.81 123.07 -0.45
N ASP AA 69 51.09 122.70 -0.60
CA ASP AA 69 52.18 123.66 -0.85
C ASP AA 69 52.71 123.45 -2.27
N PRO AA 70 52.34 124.30 -3.23
CA PRO AA 70 52.83 124.12 -4.60
C PRO AA 70 54.08 124.92 -4.89
N THR AA 71 54.99 124.39 -5.70
CA THR AA 71 56.16 125.15 -6.17
C THR AA 71 56.05 125.32 -7.67
N LEU AA 72 56.27 126.55 -8.14
CA LEU AA 72 56.10 126.84 -9.56
C LEU AA 72 57.33 126.38 -10.35
N ALA AA 73 57.14 126.19 -11.65
CA ALA AA 73 58.21 125.75 -12.52
C ALA AA 73 58.96 126.95 -13.08
N VAL AA 74 60.22 126.70 -13.45
CA VAL AA 74 61.08 127.75 -14.00
C VAL AA 74 60.70 127.99 -15.46
N THR AA 75 60.28 129.21 -15.78
CA THR AA 75 59.81 129.54 -17.11
C THR AA 75 60.87 130.26 -17.92
N ALA AA 76 60.60 130.37 -19.22
CA ALA AA 76 61.48 131.01 -20.18
C ALA AA 76 60.71 132.06 -20.97
N PRO AA 77 61.37 133.17 -21.35
CA PRO AA 77 60.64 134.22 -22.06
C PRO AA 77 60.11 133.79 -23.42
N SER AA 78 60.86 132.97 -24.15
CA SER AA 78 60.47 132.53 -25.48
C SER AA 78 59.89 131.12 -25.39
N THR AA 79 58.58 131.01 -25.59
CA THR AA 79 57.91 129.72 -25.71
C THR AA 79 57.76 129.40 -27.18
N ALA AA 80 57.83 128.11 -27.51
CA ALA AA 80 57.71 127.72 -28.92
C ALA AA 80 56.34 128.09 -29.46
N SER AA 81 56.35 128.56 -30.71
CA SER AA 81 55.13 128.79 -31.47
C SER AA 81 54.11 129.56 -30.64
N GLY AA 82 54.55 130.67 -30.08
CA GLY AA 82 53.54 131.48 -29.45
C GLY AA 82 54.09 132.33 -28.32
N ILE AA 83 53.29 132.42 -27.28
CA ILE AA 83 53.38 133.50 -26.32
C ILE AA 83 54.22 133.07 -25.12
N GLN AA 84 54.76 134.07 -24.42
CA GLN AA 84 55.44 133.83 -23.15
C GLN AA 84 54.49 133.12 -22.19
N PRO AA 85 54.94 132.08 -21.48
CA PRO AA 85 53.98 131.21 -20.79
C PRO AA 85 53.52 131.79 -19.47
N SER AA 86 52.27 131.49 -19.14
CA SER AA 86 51.76 131.85 -17.83
C SER AA 86 52.37 130.93 -16.78
N PRO AA 87 52.48 131.38 -15.53
CA PRO AA 87 53.17 130.57 -14.51
C PRO AA 87 52.39 129.30 -14.23
N THR AA 88 53.10 128.17 -14.19
CA THR AA 88 52.47 126.87 -14.02
C THR AA 88 53.11 126.16 -12.83
N VAL AA 89 52.35 125.20 -12.29
CA VAL AA 89 52.81 124.42 -11.14
C VAL AA 89 53.67 123.26 -11.66
N ALA AA 90 54.87 123.13 -11.11
CA ALA AA 90 55.71 121.99 -11.45
C ALA AA 90 55.38 120.77 -10.59
N PHE AA 91 55.17 120.99 -9.30
CA PHE AA 91 54.71 119.95 -8.40
C PHE AA 91 54.17 120.60 -7.14
N THR AA 92 53.59 119.78 -6.28
CA THR AA 92 52.95 120.25 -5.07
C THR AA 92 53.13 119.21 -3.98
N CYS AA 93 53.38 119.66 -2.75
CA CYS AA 93 53.56 118.79 -1.59
C CYS AA 93 52.33 118.86 -0.71
N PRO AA 94 51.53 117.80 -0.63
CA PRO AA 94 50.42 117.79 0.31
C PRO AA 94 50.67 117.04 1.61
N VAL AA 95 50.01 117.54 2.65
CA VAL AA 95 49.71 116.79 3.87
C VAL AA 95 48.21 116.54 3.90
N PHE AA 96 47.83 115.32 4.30
CA PHE AA 96 46.48 114.99 4.70
C PHE AA 96 46.49 114.52 6.15
N ILE AA 97 45.51 114.97 6.92
CA ILE AA 97 45.37 114.61 8.33
C ILE AA 97 43.91 114.24 8.57
N GLU AA 98 43.68 113.08 9.18
CA GLU AA 98 42.33 112.64 9.49
C GLU AA 98 42.26 112.17 10.94
N PHE AA 99 41.46 112.87 11.73
CA PHE AA 99 41.08 112.42 13.07
C PHE AA 99 39.72 111.74 12.99
N THR AA 100 39.54 110.67 13.75
CA THR AA 100 38.16 110.21 13.95
C THR AA 100 37.88 110.08 15.45
N LEU AA 101 36.69 110.53 15.84
CA LEU AA 101 36.30 110.64 17.25
C LEU AA 101 34.93 110.03 17.46
N PRO AA 102 34.82 108.92 18.20
CA PRO AA 102 33.52 108.30 18.41
C PRO AA 102 32.61 109.17 19.26
N ASP AA 103 31.32 108.85 19.23
CA ASP AA 103 30.34 109.67 19.93
C ASP AA 103 30.49 109.55 21.44
N ALA AA 104 30.99 108.42 21.93
CA ALA AA 104 31.11 108.18 23.35
C ALA AA 104 32.43 108.67 23.94
N CYS AA 105 33.14 109.57 23.25
CA CYS AA 105 34.49 109.93 23.66
C CYS AA 105 34.50 111.16 24.56
N THR AA 106 35.60 111.30 25.31
CA THR AA 106 35.76 112.39 26.26
C THR AA 106 36.47 113.58 25.64
N ILE AA 107 36.15 114.76 26.16
CA ILE AA 107 36.93 115.95 25.85
C ILE AA 107 38.41 115.70 26.15
N GLN AA 108 38.68 114.95 27.21
CA GLN AA 108 40.06 114.58 27.53
C GLN AA 108 40.67 113.71 26.43
N ASN AA 109 39.89 112.78 25.88
CA ASN AA 109 40.41 111.94 24.81
C ASN AA 109 40.74 112.76 23.56
N ARG AA 110 39.87 113.72 23.23
CA ARG AA 110 40.13 114.57 22.06
C ARG AA 110 41.39 115.40 22.25
N LYS AA 111 41.55 116.01 23.43
CA LYS AA 111 42.78 116.76 23.69
C LYS AA 111 44.00 115.86 23.63
N ASP AA 112 43.90 114.65 24.21
CA ASP AA 112 44.97 113.67 24.13
C ASP AA 112 45.39 113.44 22.68
N ILE AA 113 44.43 113.09 21.82
CA ILE AA 113 44.76 112.65 20.47
C ILE AA 113 45.40 113.80 19.69
N LEU AA 114 44.85 115.01 19.83
CA LEU AA 114 45.40 116.15 19.10
C LEU AA 114 46.80 116.47 19.58
N ALA AA 115 47.04 116.41 20.90
CA ALA AA 115 48.37 116.70 21.41
C ALA AA 115 49.37 115.65 20.95
N TYR AA 116 48.96 114.38 20.90
CA TYR AA 116 49.83 113.33 20.38
C TYR AA 116 50.26 113.66 18.96
N ALA AA 117 49.28 114.07 18.13
CA ALA AA 117 49.59 114.41 16.74
C ALA AA 117 50.59 115.58 16.66
N LYS AA 118 50.30 116.69 17.35
CA LYS AA 118 51.16 117.86 17.21
C LYS AA 118 52.56 117.60 17.78
N ASN AA 119 52.65 116.91 18.92
CA ASN AA 119 53.96 116.64 19.52
C ASN AA 119 54.77 115.68 18.64
N PHE AA 120 54.12 114.68 18.04
CA PHE AA 120 54.86 113.83 17.13
C PHE AA 120 55.38 114.63 15.93
N LEU AA 121 54.52 115.44 15.32
CA LEU AA 121 54.95 116.20 14.15
C LEU AA 121 56.10 117.14 14.47
N ALA AA 122 56.14 117.66 15.69
CA ALA AA 122 57.32 118.41 16.12
C ALA AA 122 58.52 117.50 16.30
N SER AA 123 58.31 116.24 16.69
CA SER AA 123 59.41 115.38 17.11
C SER AA 123 60.43 115.15 16.02
N ALA AA 124 61.67 114.95 16.45
CA ALA AA 124 62.77 114.74 15.51
C ALA AA 124 62.59 113.47 14.69
N THR AA 125 61.87 112.47 15.21
CA THR AA 125 61.61 111.28 14.40
C THR AA 125 60.65 111.59 13.25
N ALA AA 126 59.65 112.45 13.48
CA ALA AA 126 58.86 112.90 12.35
C ALA AA 126 59.70 113.74 11.40
N THR AA 127 60.62 114.56 11.94
CA THR AA 127 61.49 115.34 11.05
C THR AA 127 62.37 114.41 10.19
N ASP AA 128 63.03 113.42 10.83
CA ASP AA 128 63.77 112.39 10.10
C ASP AA 128 62.86 111.75 9.06
N LEU AA 129 61.60 111.47 9.43
CA LEU AA 129 60.70 110.71 8.57
C LEU AA 129 60.36 111.47 7.29
N VAL AA 130 60.10 112.78 7.38
CA VAL AA 130 59.60 113.53 6.23
C VAL AA 130 60.71 114.27 5.51
N VAL AA 131 61.56 114.98 6.25
CA VAL AA 131 62.60 115.80 5.63
C VAL AA 131 63.69 114.94 5.00
N ASN AA 132 64.10 113.87 5.69
CA ASN AA 132 65.11 112.97 5.13
C ASN AA 132 64.51 111.81 4.35
N THR AA 133 63.19 111.67 4.35
CA THR AA 133 62.48 110.58 3.66
C THR AA 133 63.06 109.22 4.05
N ALA AA 134 63.42 109.09 5.32
CA ALA AA 134 64.11 107.89 5.76
C ALA AA 134 63.21 106.99 6.60
N PRO AA 135 63.31 105.67 6.43
CA PRO AA 135 62.60 104.74 7.32
C PRO AA 135 63.12 104.76 8.75
N GLN AA 136 62.61 103.87 9.59
CA GLN AA 136 63.12 103.73 10.96
C GLN AA 136 63.71 102.33 11.11
N TYR AA 137 65.05 102.27 11.05
CA TYR AA 137 65.78 101.02 10.86
C TYR AA 137 65.98 100.29 12.19
N GLN BA 1 -19.92 131.08 29.90
CA GLN BA 1 -20.00 129.80 30.62
C GLN BA 1 -21.44 129.30 30.72
N ILE BA 2 -21.65 127.98 30.85
CA ILE BA 2 -23.00 127.44 30.80
C ILE BA 2 -23.68 127.59 32.16
N ALA BA 3 -24.98 127.88 32.10
CA ALA BA 3 -25.85 128.04 33.26
C ALA BA 3 -27.28 127.96 32.73
N ASN BA 4 -28.17 127.49 33.59
CA ASN BA 4 -29.54 127.22 33.15
C ASN BA 4 -30.20 128.50 32.63
N VAL BA 5 -31.20 128.33 31.78
CA VAL BA 5 -31.91 129.44 31.15
C VAL BA 5 -33.38 129.35 31.50
N VAL BA 6 -34.01 130.49 31.75
CA VAL BA 6 -35.37 130.53 32.29
C VAL BA 6 -36.24 131.27 31.29
N LEU BA 7 -37.18 130.56 30.67
CA LEU BA 7 -38.06 131.15 29.66
C LEU BA 7 -39.50 131.07 30.13
N ALA BA 8 -40.29 132.09 29.82
CA ALA BA 8 -41.66 132.21 30.31
C ALA BA 8 -42.64 131.74 29.24
N ASP BA 9 -43.49 130.77 29.60
CA ASP BA 9 -44.48 130.29 28.65
C ASP BA 9 -45.60 131.31 28.47
N GLY BA 10 -46.34 131.16 27.38
CA GLY BA 10 -47.42 132.07 27.07
C GLY BA 10 -48.72 131.63 27.73
N GLN BA 11 -49.25 132.47 28.62
CA GLN BA 11 -50.51 132.18 29.29
C GLN BA 11 -51.11 133.48 29.82
N ALA BA 12 -52.22 133.31 30.54
CA ALA BA 12 -52.73 134.36 31.41
C ALA BA 12 -51.63 134.92 32.30
N ALA BA 13 -51.08 134.07 33.17
CA ALA BA 13 -49.95 134.41 34.02
C ALA BA 13 -48.84 133.47 33.58
N PRO BA 14 -47.81 133.99 32.97
CA PRO BA 14 -46.77 133.12 32.44
C PRO BA 14 -45.97 132.48 33.55
N ALA BA 15 -45.55 131.25 33.32
CA ALA BA 15 -44.75 130.47 34.25
C ALA BA 15 -43.34 130.36 33.72
N ASP BA 16 -42.38 130.52 34.62
CA ASP BA 16 -40.97 130.33 34.32
C ASP BA 16 -40.67 128.84 34.20
N LYS BA 17 -40.33 128.40 32.99
CA LYS BA 17 -39.81 127.06 32.76
C LYS BA 17 -38.28 127.17 32.73
N THR BA 18 -37.62 126.41 33.60
CA THR BA 18 -36.18 126.48 33.76
C THR BA 18 -35.55 125.30 33.04
N PHE BA 19 -34.69 125.59 32.06
CA PHE BA 19 -33.87 124.59 31.37
C PHE BA 19 -32.55 124.52 32.13
N GLU BA 20 -32.40 123.45 32.92
CA GLU BA 20 -31.12 123.15 33.56
C GLU BA 20 -30.10 122.68 32.52
N PRO BA 21 -28.83 123.09 32.62
CA PRO BA 21 -27.84 122.59 31.66
C PRO BA 21 -27.64 121.09 31.86
N GLN BA 22 -27.77 120.35 30.76
CA GLN BA 22 -27.54 118.92 30.80
C GLN BA 22 -26.36 118.50 29.94
N ARG BA 23 -25.97 119.32 28.96
CA ARG BA 23 -24.71 119.10 28.26
C ARG BA 23 -24.17 120.43 27.74
N GLY BA 24 -22.89 120.71 28.03
CA GLY BA 24 -22.25 121.91 27.54
C GLY BA 24 -21.60 121.70 26.17
N GLN BA 25 -21.24 122.83 25.54
CA GLN BA 25 -20.51 122.82 24.28
C GLN BA 25 -19.06 123.20 24.54
N ASN BA 26 -18.14 122.25 24.38
CA ASN BA 26 -16.72 122.56 24.44
C ASN BA 26 -16.04 122.42 23.08
N GLY BA 27 -16.77 121.95 22.07
CA GLY BA 27 -16.20 121.75 20.75
C GLY BA 27 -17.11 122.35 19.70
N VAL BA 28 -16.61 122.38 18.46
CA VAL BA 28 -17.35 123.00 17.35
C VAL BA 28 -18.38 122.05 16.75
N THR BA 29 -18.16 120.76 16.86
CA THR BA 29 -19.05 119.82 16.18
C THR BA 29 -20.46 119.83 16.78
N ASP BA 30 -20.58 119.62 18.11
CA ASP BA 30 -21.86 119.34 18.79
C ASP BA 30 -22.35 120.49 19.65
N PRO BA 31 -23.60 120.91 19.48
CA PRO BA 31 -24.11 122.07 20.23
C PRO BA 31 -24.35 121.76 21.69
N ALA BA 32 -24.47 122.84 22.48
CA ALA BA 32 -24.84 122.76 23.89
C ALA BA 32 -26.34 122.56 24.04
N GLU BA 33 -26.73 121.92 25.15
CA GLU BA 33 -28.10 121.46 25.31
C GLU BA 33 -28.56 121.69 26.75
N TRP BA 34 -29.80 122.12 26.90
CA TRP BA 34 -30.47 122.37 28.17
C TRP BA 34 -31.76 121.58 28.20
N TRP BA 35 -32.06 121.00 29.38
CA TRP BA 35 -33.20 120.11 29.58
C TRP BA 35 -34.12 120.67 30.65
N GLU BA 36 -35.44 120.58 30.44
CA GLU BA 36 -36.37 121.24 31.33
C GLU BA 36 -36.70 120.42 32.57
N LYS BA 37 -36.96 119.12 32.39
CA LYS BA 37 -37.24 118.20 33.49
C LYS BA 37 -38.57 118.49 34.20
N SER BA 38 -39.52 119.13 33.51
CA SER BA 38 -40.84 119.29 34.10
C SER BA 38 -41.55 117.94 34.23
N SER BA 39 -41.75 117.25 33.10
CA SER BA 39 -42.34 115.91 33.12
C SER BA 39 -41.42 114.94 33.86
N PRO BA 40 -41.94 113.77 34.29
CA PRO BA 40 -41.09 112.81 35.01
C PRO BA 40 -40.15 111.98 34.14
N THR BA 41 -40.49 111.77 32.87
CA THR BA 41 -39.69 110.93 31.99
C THR BA 41 -38.92 111.78 30.99
N LEU BA 42 -37.86 111.18 30.42
CA LEU BA 42 -36.97 111.91 29.51
C LEU BA 42 -37.72 112.46 28.31
N ASN BA 43 -38.77 111.76 27.86
CA ASN BA 43 -39.49 112.18 26.65
C ASN BA 43 -40.20 113.51 26.84
N GLY BA 44 -40.63 113.80 28.06
CA GLY BA 44 -41.38 115.01 28.35
C GLY BA 44 -40.55 116.24 28.64
N TYR BA 45 -39.23 116.14 28.55
CA TYR BA 45 -38.38 117.30 28.77
C TYR BA 45 -38.50 118.26 27.59
N ARG BA 46 -38.48 119.55 27.90
CA ARG BA 46 -38.33 120.56 26.86
C ARG BA 46 -36.83 120.79 26.64
N ARG BA 47 -36.44 121.01 25.38
CA ARG BA 47 -35.03 121.08 25.05
C ARG BA 47 -34.65 122.44 24.46
N LEU BA 48 -33.40 122.82 24.70
CA LEU BA 48 -32.81 124.01 24.12
C LEU BA 48 -31.38 123.72 23.68
N THR BA 49 -31.09 123.85 22.38
CA THR BA 49 -29.76 123.62 21.83
C THR BA 49 -29.19 124.93 21.29
N ALA BA 50 -27.87 125.10 21.43
CA ALA BA 50 -27.19 126.34 21.04
C ALA BA 50 -25.75 126.04 20.66
N LEU BA 51 -25.41 126.38 19.41
CA LEU BA 51 -24.08 126.16 18.84
C LEU BA 51 -23.57 127.46 18.25
N VAL BA 52 -22.41 127.91 18.73
CA VAL BA 52 -21.67 129.00 18.10
C VAL BA 52 -20.44 128.38 17.46
N ARG BA 53 -20.28 128.61 16.16
CA ARG BA 53 -19.30 127.90 15.35
C ARG BA 53 -18.68 128.86 14.35
N ARG BA 54 -17.35 128.96 14.35
CA ARG BA 54 -16.68 129.81 13.38
C ARG BA 54 -16.58 129.06 12.06
N ASN BA 55 -17.14 129.63 11.00
CA ASN BA 55 -17.03 129.10 9.65
C ASN BA 55 -15.94 129.89 8.94
N ALA BA 56 -14.79 129.24 8.71
CA ALA BA 56 -13.66 129.91 8.09
C ALA BA 56 -13.88 130.14 6.59
N ALA BA 57 -14.79 129.39 5.97
CA ALA BA 57 -15.05 129.54 4.54
C ALA BA 57 -15.61 130.93 4.24
N SER BA 58 -16.71 131.29 4.90
CA SER BA 58 -17.32 132.61 4.75
C SER BA 58 -16.67 133.67 5.62
N LYS BA 59 -15.59 133.32 6.31
CA LYS BA 59 -14.98 134.20 7.31
C LYS BA 59 -16.05 134.79 8.21
N SER BA 60 -16.79 133.91 8.88
CA SER BA 60 -17.97 134.31 9.60
C SER BA 60 -18.14 133.43 10.83
N VAL BA 61 -19.19 133.70 11.58
CA VAL BA 61 -19.52 132.94 12.78
C VAL BA 61 -21.02 132.69 12.78
N LYS BA 62 -21.41 131.42 12.77
CA LYS BA 62 -22.82 131.05 12.83
C LYS BA 62 -23.23 130.75 14.26
N VAL BA 63 -24.50 131.06 14.56
CA VAL BA 63 -25.11 130.78 15.86
C VAL BA 63 -26.45 130.13 15.58
N LYS BA 64 -26.57 128.85 15.94
CA LYS BA 64 -27.80 128.08 15.75
C LYS BA 64 -28.43 127.77 17.10
N VAL BA 65 -29.69 128.16 17.26
CA VAL BA 65 -30.46 127.92 18.47
C VAL BA 65 -31.72 127.17 18.10
N ALA BA 66 -32.10 126.20 18.92
CA ALA BA 66 -33.30 125.42 18.69
C ALA BA 66 -34.03 125.21 20.01
N ILE BA 67 -35.35 125.35 19.98
CA ILE BA 67 -36.20 125.13 21.15
C ILE BA 67 -37.25 124.10 20.78
N TYR BA 68 -37.20 122.93 21.43
CA TYR BA 68 -38.15 121.85 21.20
C TYR BA 68 -39.12 121.77 22.38
N ASP BA 69 -40.40 122.01 22.10
CA ASP BA 69 -41.47 121.87 23.10
C ASP BA 69 -42.33 120.67 22.73
N PRO BA 70 -42.18 119.53 23.39
CA PRO BA 70 -43.01 118.37 23.06
C PRO BA 70 -44.30 118.38 23.86
N THR BA 71 -45.36 117.90 23.22
CA THR BA 71 -46.64 117.70 23.91
C THR BA 71 -46.84 116.20 24.06
N LEU BA 72 -46.68 115.70 25.28
CA LEU BA 72 -46.79 114.26 25.51
C LEU BA 72 -48.19 113.78 25.16
N ALA BA 73 -48.24 112.66 24.43
CA ALA BA 73 -49.53 112.06 24.15
C ALA BA 73 -50.19 111.62 25.45
N VAL BA 74 -51.49 111.89 25.55
CA VAL BA 74 -52.30 111.33 26.64
C VAL BA 74 -52.24 109.81 26.57
N THR BA 75 -51.68 109.19 27.60
CA THR BA 75 -51.48 107.74 27.64
C THR BA 75 -52.45 107.16 28.66
N ALA BA 76 -53.42 106.38 28.17
CA ALA BA 76 -54.40 105.65 28.96
C ALA BA 76 -54.03 104.17 29.03
N PRO BA 77 -54.39 103.48 30.11
CA PRO BA 77 -54.09 102.05 30.21
C PRO BA 77 -54.72 101.28 29.06
N SER BA 78 -53.93 100.37 28.48
CA SER BA 78 -54.32 99.72 27.24
C SER BA 78 -55.71 99.14 27.33
N THR BA 79 -56.48 99.33 26.26
CA THR BA 79 -57.77 98.68 26.15
C THR BA 79 -57.61 97.22 25.78
N ALA BA 80 -56.51 96.89 25.10
CA ALA BA 80 -56.24 95.51 24.71
C ALA BA 80 -55.30 94.79 25.66
N SER BA 81 -54.14 95.38 25.95
CA SER BA 81 -53.20 94.72 26.87
C SER BA 81 -53.58 94.92 28.32
N GLY BA 82 -54.45 95.88 28.63
CA GLY BA 82 -54.66 96.26 30.01
C GLY BA 82 -53.46 96.89 30.67
N ILE BA 83 -52.44 97.25 29.89
CA ILE BA 83 -51.14 97.64 30.39
C ILE BA 83 -50.78 98.99 29.80
N GLN BA 84 -50.83 100.04 30.62
CA GLN BA 84 -50.57 101.39 30.15
C GLN BA 84 -49.17 101.49 29.54
N PRO BA 85 -49.03 101.98 28.31
CA PRO BA 85 -47.71 102.05 27.70
C PRO BA 85 -46.87 103.15 28.32
N SER BA 86 -45.56 102.95 28.26
CA SER BA 86 -44.60 103.96 28.67
C SER BA 86 -44.91 105.27 27.95
N PRO BA 87 -44.70 106.42 28.58
CA PRO BA 87 -45.17 107.67 27.98
C PRO BA 87 -44.43 107.98 26.70
N THR BA 88 -45.19 108.42 25.69
CA THR BA 88 -44.68 108.70 24.35
C THR BA 88 -44.99 110.15 23.98
N VAL BA 89 -44.39 110.61 22.88
CA VAL BA 89 -44.55 111.98 22.39
C VAL BA 89 -45.45 111.94 21.17
N ALA BA 90 -46.57 112.67 21.22
CA ALA BA 90 -47.51 112.71 20.10
C ALA BA 90 -47.04 113.66 19.01
N PHE BA 91 -46.47 114.80 19.40
CA PHE BA 91 -45.86 115.72 18.45
C PHE BA 91 -45.00 116.72 19.23
N THR BA 92 -44.24 117.50 18.48
CA THR BA 92 -43.32 118.45 19.07
C THR BA 92 -43.31 119.72 18.23
N CYS BA 93 -43.24 120.87 18.90
CA CYS BA 93 -43.19 122.18 18.24
C CYS BA 93 -41.78 122.72 18.34
N PRO BA 94 -41.04 122.80 17.24
CA PRO BA 94 -39.72 123.44 17.28
C PRO BA 94 -39.69 124.87 16.79
N VAL BA 95 -38.74 125.62 17.35
CA VAL BA 95 -38.24 126.86 16.79
C VAL BA 95 -36.78 126.64 16.42
N PHE BA 96 -36.40 127.12 15.23
CA PHE BA 96 -35.02 127.19 14.80
C PHE BA 96 -34.67 128.64 14.52
N ILE BA 97 -33.56 129.11 15.07
CA ILE BA 97 -33.07 130.46 14.87
C ILE BA 97 -31.61 130.40 14.47
N GLU BA 98 -31.25 131.08 13.38
CA GLU BA 98 -29.88 131.12 12.90
C GLU BA 98 -29.47 132.57 12.70
N PHE BA 99 -28.42 132.98 13.42
CA PHE BA 99 -27.74 134.25 13.17
C PHE BA 99 -26.45 133.96 12.45
N THR BA 100 -26.08 134.83 11.50
CA THR BA 100 -24.72 134.76 10.98
C THR BA 100 -24.05 136.11 11.13
N LEU BA 101 -22.79 136.10 11.58
CA LEU BA 101 -22.05 137.32 11.92
C LEU BA 101 -20.71 137.29 11.21
N PRO BA 102 -20.50 138.13 10.20
CA PRO BA 102 -19.25 138.10 9.44
C PRO BA 102 -18.06 138.52 10.30
N ASP BA 103 -16.86 138.24 9.80
CA ASP BA 103 -15.66 138.54 10.57
C ASP BA 103 -15.45 140.04 10.74
N ALA BA 104 -16.00 140.86 9.84
CA ALA BA 104 -15.85 142.30 9.89
C ALA BA 104 -16.99 142.99 10.62
N CYS BA 105 -17.67 142.28 11.53
CA CYS BA 105 -18.96 142.70 12.08
C CYS BA 105 -18.78 143.52 13.35
N THR BA 106 -19.43 144.69 13.39
CA THR BA 106 -19.36 145.55 14.56
C THR BA 106 -20.15 144.97 15.72
N ILE BA 107 -19.68 145.26 16.93
CA ILE BA 107 -20.44 144.93 18.13
C ILE BA 107 -21.82 145.57 18.06
N GLN BA 108 -21.88 146.79 17.53
CA GLN BA 108 -23.14 147.49 17.38
C GLN BA 108 -24.06 146.77 16.39
N ASN BA 109 -23.50 146.23 15.31
CA ASN BA 109 -24.32 145.49 14.36
C ASN BA 109 -24.89 144.22 15.00
N ARG BA 110 -24.08 143.54 15.83
CA ARG BA 110 -24.59 142.34 16.51
C ARG BA 110 -25.74 142.69 17.45
N LYS BA 111 -25.56 143.73 18.25
CA LYS BA 111 -26.65 144.21 19.10
C LYS BA 111 -27.88 144.54 18.27
N ASP BA 112 -27.68 145.22 17.13
CA ASP BA 112 -28.78 145.57 16.24
C ASP BA 112 -29.56 144.34 15.81
N ILE BA 113 -28.86 143.32 15.31
CA ILE BA 113 -29.54 142.19 14.70
C ILE BA 113 -30.28 141.37 15.77
N LEU BA 114 -29.66 141.18 16.95
CA LEU BA 114 -30.37 140.48 18.02
C LEU BA 114 -31.58 141.27 18.48
N ALA BA 115 -31.47 142.60 18.48
CA ALA BA 115 -32.61 143.43 18.89
C ALA BA 115 -33.76 143.32 17.90
N TYR BA 116 -33.45 143.38 16.59
CA TYR BA 116 -34.49 143.21 15.58
C TYR BA 116 -35.21 141.88 15.75
N ALA BA 117 -34.43 140.81 15.98
CA ALA BA 117 -35.04 139.50 16.17
C ALA BA 117 -35.98 139.48 17.38
N LYS BA 118 -35.48 139.91 18.55
CA LYS BA 118 -36.29 139.79 19.76
C LYS BA 118 -37.52 140.70 19.70
N ASN BA 119 -37.35 141.94 19.21
CA ASN BA 119 -38.48 142.86 19.16
C ASN BA 119 -39.52 142.41 18.13
N PHE BA 120 -39.08 141.83 17.01
CA PHE BA 120 -40.07 141.28 16.08
C PHE BA 120 -40.82 140.11 16.69
N LEU BA 121 -40.12 139.19 17.36
CA LEU BA 121 -40.82 138.06 17.95
C LEU BA 121 -41.81 138.50 19.01
N ALA BA 122 -41.48 139.56 19.76
CA ALA BA 122 -42.47 140.14 20.66
C ALA BA 122 -43.62 140.79 19.89
N SER BA 123 -43.37 141.23 18.64
CA SER BA 123 -44.33 142.08 17.93
C SER BA 123 -45.64 141.34 17.63
N ALA BA 124 -46.72 142.14 17.59
CA ALA BA 124 -48.05 141.61 17.36
C ALA BA 124 -48.18 141.00 15.98
N THR BA 125 -47.37 141.42 15.00
CA THR BA 125 -47.38 140.76 13.70
C THR BA 125 -46.82 139.36 13.80
N ALA BA 126 -45.75 139.17 14.59
CA ALA BA 126 -45.29 137.81 14.85
C ALA BA 126 -46.35 136.98 15.58
N THR BA 127 -47.12 137.61 16.47
CA THR BA 127 -48.20 136.86 17.12
C THR BA 127 -49.27 136.45 16.11
N ASP BA 128 -49.75 137.40 15.29
CA ASP BA 128 -50.67 137.07 14.19
C ASP BA 128 -50.10 135.98 13.29
N LEU BA 129 -48.78 135.94 13.16
CA LEU BA 129 -48.12 135.03 12.22
C LEU BA 129 -48.09 133.60 12.74
N VAL BA 130 -47.70 133.41 13.99
CA VAL BA 130 -47.47 132.07 14.54
C VAL BA 130 -48.66 131.58 15.38
N VAL BA 131 -49.18 132.44 16.26
CA VAL BA 131 -50.26 131.99 17.15
C VAL BA 131 -51.54 131.77 16.37
N ASN BA 132 -51.87 132.69 15.46
CA ASN BA 132 -53.06 132.53 14.62
C ASN BA 132 -52.75 131.84 13.29
N THR BA 133 -51.49 131.45 13.07
CA THR BA 133 -51.06 130.80 11.82
C THR BA 133 -51.61 131.54 10.61
N ALA BA 134 -51.50 132.86 10.65
CA ALA BA 134 -52.07 133.67 9.58
C ALA BA 134 -50.96 134.40 8.83
N PRO BA 135 -51.05 134.46 7.51
CA PRO BA 135 -50.08 135.22 6.72
C PRO BA 135 -50.46 136.70 6.67
N GLN BA 136 -49.68 137.45 5.89
CA GLN BA 136 -49.86 138.88 5.71
C GLN BA 136 -50.31 139.11 4.27
N TYR BA 137 -51.62 139.28 4.08
CA TYR BA 137 -52.25 139.16 2.76
C TYR BA 137 -52.44 140.47 1.98
N GLN CA 1 -10.63 125.50 36.78
CA GLN CA 1 -10.88 124.70 35.60
C GLN CA 1 -10.13 125.25 34.39
N ILE CA 2 -10.81 126.16 33.68
CA ILE CA 2 -10.26 127.04 32.65
C ILE CA 2 -10.44 128.48 33.10
N ALA CA 3 -9.39 129.28 32.95
CA ALA CA 3 -9.43 130.66 33.37
C ALA CA 3 -8.81 131.51 32.28
N ASN CA 4 -9.32 132.73 32.15
CA ASN CA 4 -8.79 133.65 31.16
C ASN CA 4 -7.31 133.91 31.44
N VAL CA 5 -6.58 134.36 30.43
CA VAL CA 5 -5.13 134.48 30.53
C VAL CA 5 -4.73 135.87 30.06
N VAL CA 6 -3.86 136.53 30.82
CA VAL CA 6 -3.47 137.90 30.53
C VAL CA 6 -1.98 137.93 30.17
N LEU CA 7 -1.69 138.47 28.99
CA LEU CA 7 -0.32 138.55 28.49
C LEU CA 7 0.08 140.00 28.27
N ALA CA 8 1.36 140.29 28.50
CA ALA CA 8 1.87 141.64 28.38
C ALA CA 8 2.40 141.88 26.97
N ASP CA 9 1.86 142.89 26.29
CA ASP CA 9 2.35 143.17 24.94
C ASP CA 9 3.68 143.90 25.00
N GLY CA 10 4.30 144.02 23.83
CA GLY CA 10 5.58 144.70 23.73
C GLY CA 10 5.39 146.18 23.51
N GLN CA 11 5.80 146.98 24.48
CA GLN CA 11 5.75 148.43 24.38
C GLN CA 11 6.76 148.95 25.39
N ALA CA 12 6.82 150.27 25.51
CA ALA CA 12 7.62 150.87 26.59
C ALA CA 12 7.18 150.31 27.93
N ALA CA 13 5.89 150.43 28.24
CA ALA CA 13 5.29 149.78 29.40
C ALA CA 13 4.31 148.75 28.85
N PRO CA 14 4.47 147.48 29.20
CA PRO CA 14 3.54 146.47 28.69
C PRO CA 14 2.12 146.78 29.11
N ALA CA 15 1.19 146.63 28.14
CA ALA CA 15 -0.23 146.80 28.35
C ALA CA 15 -0.86 145.42 28.39
N ASP CA 16 -1.33 145.03 29.57
CA ASP CA 16 -2.01 143.75 29.76
C ASP CA 16 -3.15 143.56 28.78
N LYS CA 17 -3.06 142.50 27.98
CA LYS CA 17 -4.12 142.07 27.08
C LYS CA 17 -4.73 140.81 27.66
N THR CA 18 -6.04 140.88 27.95
CA THR CA 18 -6.75 139.79 28.59
C THR CA 18 -7.47 138.95 27.54
N PHE CA 19 -7.23 137.64 27.57
CA PHE CA 19 -7.87 136.67 26.69
C PHE CA 19 -8.94 135.95 27.50
N GLU CA 20 -10.22 136.24 27.21
CA GLU CA 20 -11.34 135.58 27.87
C GLU CA 20 -11.51 134.16 27.32
N PRO CA 21 -11.89 133.20 28.16
CA PRO CA 21 -12.14 131.85 27.67
C PRO CA 21 -13.49 131.79 26.97
N GLN CA 22 -13.45 131.70 25.65
CA GLN CA 22 -14.69 131.60 24.90
C GLN CA 22 -15.07 130.14 24.61
N ARG CA 23 -14.11 129.21 24.63
CA ARG CA 23 -14.41 127.78 24.57
C ARG CA 23 -13.29 127.01 25.26
N GLY CA 24 -13.68 125.98 26.03
CA GLY CA 24 -12.72 125.14 26.71
C GLY CA 24 -12.33 123.94 25.87
N GLN CA 25 -11.31 123.23 26.34
CA GLN CA 25 -10.79 122.08 25.60
C GLN CA 25 -11.81 120.94 25.60
N ASN CA 26 -12.25 120.56 24.39
CA ASN CA 26 -13.33 119.59 24.24
C ASN CA 26 -13.05 118.32 25.01
N GLY CA 27 -11.86 117.78 24.83
CA GLY CA 27 -11.45 116.50 25.32
C GLY CA 27 -10.05 116.31 24.80
N VAL CA 28 -9.81 115.26 24.01
CA VAL CA 28 -8.54 115.14 23.29
C VAL CA 28 -8.66 115.60 21.84
N THR CA 29 -9.85 116.01 21.40
CA THR CA 29 -10.07 116.32 20.00
C THR CA 29 -9.88 117.80 19.67
N ASP CA 30 -10.59 118.69 20.37
CA ASP CA 30 -10.60 120.11 20.03
C ASP CA 30 -9.87 120.92 21.10
N PRO CA 31 -8.94 121.78 20.72
CA PRO CA 31 -8.18 122.54 21.73
C PRO CA 31 -9.04 123.62 22.39
N ALA CA 32 -8.58 124.05 23.56
CA ALA CA 32 -9.19 125.18 24.24
C ALA CA 32 -8.80 126.48 23.55
N GLU CA 33 -9.72 127.44 23.54
CA GLU CA 33 -9.51 128.68 22.81
C GLU CA 33 -9.91 129.89 23.65
N TRP CA 34 -9.12 130.95 23.52
CA TRP CA 34 -9.29 132.19 24.25
C TRP CA 34 -9.24 133.35 23.26
N TRP CA 35 -10.08 134.36 23.54
CA TRP CA 35 -10.32 135.49 22.64
C TRP CA 35 -10.05 136.80 23.37
N GLU CA 36 -9.25 137.68 22.77
CA GLU CA 36 -8.95 138.96 23.41
C GLU CA 36 -10.17 139.87 23.46
N LYS CA 37 -10.83 140.02 22.32
CA LYS CA 37 -12.06 140.81 22.22
C LYS CA 37 -11.82 142.28 22.56
N SER CA 38 -10.67 142.81 22.15
CA SER CA 38 -10.40 144.22 22.38
C SER CA 38 -10.94 145.10 21.24
N SER CA 39 -10.55 144.79 20.00
CA SER CA 39 -10.98 145.56 18.84
C SER CA 39 -12.51 145.52 18.69
N PRO CA 40 -13.10 146.52 18.01
CA PRO CA 40 -14.56 146.49 17.81
C PRO CA 40 -15.00 145.46 16.79
N THR CA 41 -14.18 145.16 15.80
CA THR CA 41 -14.50 144.14 14.82
C THR CA 41 -14.05 142.78 15.32
N LEU CA 42 -14.73 141.73 14.86
CA LEU CA 42 -14.28 140.37 15.16
C LEU CA 42 -12.92 140.08 14.55
N ASN CA 43 -12.49 140.88 13.57
CA ASN CA 43 -11.19 140.68 12.93
C ASN CA 43 -10.06 140.81 13.94
N GLY CA 44 -10.12 141.82 14.80
CA GLY CA 44 -9.07 142.20 15.72
C GLY CA 44 -9.05 141.49 17.05
N TYR CA 45 -9.83 140.42 17.21
CA TYR CA 45 -9.70 139.56 18.37
C TYR CA 45 -8.39 138.77 18.26
N ARG CA 46 -7.55 138.86 19.28
CA ARG CA 46 -6.36 138.00 19.33
C ARG CA 46 -6.73 136.64 19.91
N ARG CA 47 -6.03 135.59 19.48
CA ARG CA 47 -6.44 134.23 19.80
C ARG CA 47 -5.34 133.44 20.51
N LEU CA 48 -5.78 132.50 21.36
CA LEU CA 48 -4.88 131.57 22.04
C LEU CA 48 -5.51 130.19 22.08
N THR CA 49 -4.83 129.19 21.53
CA THR CA 49 -5.32 127.81 21.57
C THR CA 49 -4.33 126.93 22.32
N ALA CA 50 -4.84 126.02 23.14
CA ALA CA 50 -4.01 125.09 23.90
C ALA CA 50 -4.69 123.74 24.01
N LEU CA 51 -3.94 122.69 23.63
CA LEU CA 51 -4.41 121.31 23.63
C LEU CA 51 -3.39 120.40 24.28
N VAL CA 52 -3.86 119.51 25.15
CA VAL CA 52 -3.01 118.53 25.85
C VAL CA 52 -3.58 117.15 25.58
N ARG CA 53 -2.84 116.33 24.83
CA ARG CA 53 -3.36 115.05 24.37
C ARG CA 53 -2.29 113.98 24.49
N ARG CA 54 -2.67 112.79 24.97
CA ARG CA 54 -1.73 111.68 25.11
C ARG CA 54 -1.78 110.83 23.85
N ASN CA 55 -0.71 110.87 23.06
CA ASN CA 55 -0.55 109.91 21.98
C ASN CA 55 -0.17 108.57 22.60
N ALA CA 56 -1.12 107.62 22.57
CA ALA CA 56 -0.96 106.35 23.25
C ALA CA 56 0.01 105.42 22.54
N ALA CA 57 0.08 105.54 21.21
CA ALA CA 57 1.06 104.78 20.45
C ALA CA 57 2.48 105.16 20.88
N SER CA 58 2.82 106.44 20.73
CA SER CA 58 4.16 106.92 21.09
C SER CA 58 4.39 106.98 22.58
N LYS CA 59 3.40 106.59 23.39
CA LYS CA 59 3.49 106.71 24.84
C LYS CA 59 4.04 108.07 25.24
N SER CA 60 3.34 109.12 24.81
CA SER CA 60 3.81 110.46 25.11
C SER CA 60 2.63 111.41 25.20
N VAL CA 61 2.92 112.62 25.66
CA VAL CA 61 1.93 113.67 25.80
C VAL CA 61 2.38 114.84 24.96
N LYS CA 62 1.55 115.24 24.00
CA LYS CA 62 1.78 116.44 23.22
C LYS CA 62 1.03 117.61 23.84
N VAL CA 63 1.68 118.77 23.83
CA VAL CA 63 1.09 120.01 24.33
C VAL CA 63 1.30 121.07 23.23
N LYS CA 64 0.20 121.50 22.61
CA LYS CA 64 0.23 122.44 21.50
C LYS CA 64 -0.42 123.76 21.90
N VAL CA 65 0.30 124.86 21.71
CA VAL CA 65 -0.17 126.20 22.01
C VAL CA 65 0.04 127.08 20.79
N ALA CA 66 -0.93 127.94 20.50
CA ALA CA 66 -0.81 128.88 19.40
C ALA CA 66 -1.34 130.24 19.82
N ILE CA 67 -0.64 131.29 19.39
CA ILE CA 67 -1.02 132.67 19.66
C ILE CA 67 -1.12 133.40 18.34
N TYR CA 68 -2.32 133.90 18.04
CA TYR CA 68 -2.62 134.58 16.78
C TYR CA 68 -2.86 136.06 17.05
N ASP CA 69 -1.99 136.92 16.48
CA ASP CA 69 -2.15 138.36 16.60
C ASP CA 69 -2.47 138.96 15.24
N PRO CA 70 -3.69 139.43 14.99
CA PRO CA 70 -4.00 140.02 13.69
C PRO CA 70 -3.71 141.51 13.65
N THR CA 71 -3.31 141.98 12.48
CA THR CA 71 -3.20 143.40 12.20
C THR CA 71 -4.10 143.72 11.02
N LEU CA 72 -4.97 144.72 11.23
CA LEU CA 72 -6.02 145.10 10.31
C LEU CA 72 -5.57 146.27 9.43
N ALA CA 73 -6.32 146.48 8.36
CA ALA CA 73 -6.05 147.59 7.46
C ALA CA 73 -7.34 147.95 6.74
N VAL CA 74 -7.54 149.23 6.52
CA VAL CA 74 -8.70 149.73 5.81
C VAL CA 74 -8.25 150.19 4.43
N THR CA 75 -9.18 150.20 3.48
CA THR CA 75 -8.90 150.73 2.15
C THR CA 75 -8.36 152.15 2.22
N ALA CA 76 -8.91 152.95 3.12
CA ALA CA 76 -8.57 154.37 3.25
C ALA CA 76 -8.77 154.77 4.70
N PRO CA 77 -8.01 155.76 5.19
CA PRO CA 77 -8.09 156.11 6.61
C PRO CA 77 -9.48 156.57 7.00
N SER CA 78 -9.82 156.32 8.27
CA SER CA 78 -11.17 156.57 8.77
C SER CA 78 -11.47 158.06 8.87
N THR CA 79 -12.74 158.42 8.65
CA THR CA 79 -13.18 159.82 8.70
C THR CA 79 -14.04 160.16 9.91
N ALA CA 80 -14.78 159.21 10.46
CA ALA CA 80 -15.69 159.41 11.59
C ALA CA 80 -16.90 160.27 11.23
N SER CA 81 -17.20 160.45 9.95
CA SER CA 81 -18.33 161.28 9.54
C SER CA 81 -19.39 160.51 8.77
N GLY CA 82 -19.03 159.93 7.61
CA GLY CA 82 -19.97 159.20 6.80
C GLY CA 82 -19.68 157.71 6.81
N ILE CA 83 -20.38 156.99 5.94
CA ILE CA 83 -20.15 155.55 5.82
C ILE CA 83 -18.72 155.33 5.38
N GLN CA 84 -18.02 154.47 6.11
CA GLN CA 84 -16.59 154.27 5.96
C GLN CA 84 -16.27 152.86 5.54
N PRO CA 85 -15.09 152.62 4.99
CA PRO CA 85 -14.74 151.27 4.54
C PRO CA 85 -14.55 150.33 5.72
N SER CA 86 -15.21 149.19 5.67
CA SER CA 86 -15.01 148.17 6.68
C SER CA 86 -13.59 147.61 6.56
N PRO CA 87 -13.00 147.17 7.67
CA PRO CA 87 -11.58 146.82 7.66
C PRO CA 87 -11.33 145.36 7.28
N THR CA 88 -10.31 145.16 6.47
CA THR CA 88 -9.85 143.83 6.12
C THR CA 88 -8.74 143.41 7.06
N VAL CA 89 -8.49 142.11 7.10
CA VAL CA 89 -7.36 141.57 7.87
C VAL CA 89 -6.12 141.69 7.00
N ALA CA 90 -5.23 142.62 7.37
CA ALA CA 90 -4.01 142.79 6.59
C ALA CA 90 -3.11 141.56 6.72
N PHE CA 91 -2.78 141.17 7.95
CA PHE CA 91 -1.98 139.97 8.12
C PHE CA 91 -2.15 139.45 9.55
N THR CA 92 -1.51 138.33 9.84
CA THR CA 92 -1.56 137.72 11.16
C THR CA 92 -0.18 137.22 11.54
N CYS CA 93 0.22 137.47 12.78
CA CYS CA 93 1.49 136.99 13.33
C CYS CA 93 1.20 135.84 14.28
N PRO CA 94 1.47 134.61 13.88
CA PRO CA 94 1.34 133.50 14.82
C PRO CA 94 2.66 133.06 15.47
N VAL CA 95 2.49 132.58 16.70
CA VAL CA 95 3.44 131.70 17.38
C VAL CA 95 2.81 130.33 17.54
N PHE CA 96 3.59 129.29 17.24
CA PHE CA 96 3.23 127.91 17.55
C PHE CA 96 4.27 127.34 18.49
N ILE CA 97 3.81 126.69 19.55
CA ILE CA 97 4.65 126.08 20.56
C ILE CA 97 4.20 124.64 20.75
N GLU CA 98 5.15 123.71 20.69
CA GLU CA 98 4.85 122.30 20.89
C GLU CA 98 5.86 121.70 21.86
N PHE CA 99 5.35 121.11 22.93
CA PHE CA 99 6.14 120.27 23.84
C PHE CA 99 5.75 118.82 23.61
N THR CA 100 6.72 117.92 23.66
CA THR CA 100 6.38 116.50 23.75
C THR CA 100 7.09 115.89 24.94
N LEU CA 101 6.32 115.18 25.75
CA LEU CA 101 6.82 114.64 27.02
C LEU CA 101 6.57 113.13 27.05
N PRO CA 102 7.60 112.30 26.94
CA PRO CA 102 7.40 110.85 26.96
C PRO CA 102 6.74 110.40 28.26
N ASP CA 103 6.11 109.23 28.21
CA ASP CA 103 5.29 108.80 29.33
C ASP CA 103 6.14 108.59 30.59
N ALA CA 104 7.35 108.07 30.43
CA ALA CA 104 8.25 107.84 31.56
C ALA CA 104 9.13 109.07 31.79
N CYS CA 105 8.47 110.19 32.08
CA CYS CA 105 9.13 111.49 32.18
C CYS CA 105 8.93 112.08 33.57
N THR CA 106 10.00 112.66 34.11
CA THR CA 106 9.95 113.24 35.44
C THR CA 106 9.25 114.59 35.43
N ILE CA 107 8.51 114.86 36.51
CA ILE CA 107 7.98 116.20 36.71
C ILE CA 107 9.11 117.21 36.70
N GLN CA 108 10.29 116.83 37.21
CA GLN CA 108 11.43 117.73 37.17
C GLN CA 108 11.89 117.98 35.74
N ASN CA 109 11.82 116.95 34.88
CA ASN CA 109 12.15 117.16 33.47
C ASN CA 109 11.16 118.10 32.79
N ARG CA 110 9.87 117.98 33.13
CA ARG CA 110 8.87 118.89 32.58
C ARG CA 110 9.15 120.33 32.99
N LYS CA 111 9.42 120.53 34.29
CA LYS CA 111 9.79 121.86 34.78
C LYS CA 111 11.01 122.39 34.04
N ASP CA 112 12.04 121.54 33.87
CA ASP CA 112 13.23 121.92 33.14
C ASP CA 112 12.90 122.42 31.74
N ILE CA 113 12.14 121.64 30.98
CA ILE CA 113 11.92 121.97 29.57
C ILE CA 113 11.09 123.25 29.44
N LEU CA 114 10.07 123.41 30.29
CA LEU CA 114 9.29 124.64 30.25
C LEU CA 114 10.15 125.84 30.61
N ALA CA 115 11.04 125.67 31.58
CA ALA CA 115 11.92 126.75 31.99
C ALA CA 115 12.88 127.13 30.86
N TYR CA 116 13.43 126.14 30.17
CA TYR CA 116 14.31 126.43 29.03
C TYR CA 116 13.57 127.24 27.99
N ALA CA 117 12.34 126.84 27.67
CA ALA CA 117 11.55 127.57 26.69
C ALA CA 117 11.31 129.02 27.12
N LYS CA 118 10.81 129.21 28.35
CA LYS CA 118 10.43 130.56 28.77
C LYS CA 118 11.66 131.47 28.92
N ASN CA 119 12.75 130.96 29.52
CA ASN CA 119 13.95 131.77 29.68
C ASN CA 119 14.57 132.11 28.33
N PHE CA 120 14.54 131.16 27.38
CA PHE CA 120 15.03 131.50 26.06
C PHE CA 120 14.20 132.60 25.42
N LEU CA 121 12.87 132.46 25.45
CA LEU CA 121 12.03 133.46 24.81
C LEU CA 121 12.22 134.84 25.45
N ALA CA 122 12.50 134.88 26.75
CA ALA CA 122 12.88 136.14 27.37
C ALA CA 122 14.25 136.62 26.89
N SER CA 123 15.12 135.70 26.47
CA SER CA 123 16.51 136.06 26.20
C SER CA 123 16.67 137.03 25.04
N ALA CA 124 17.71 137.86 25.16
CA ALA CA 124 18.02 138.84 24.13
C ALA CA 124 18.44 138.19 22.82
N THR CA 125 18.92 136.93 22.84
CA THR CA 125 19.19 136.25 21.58
C THR CA 125 17.89 135.93 20.85
N ALA CA 126 16.86 135.50 21.58
CA ALA CA 126 15.53 135.36 20.99
C ALA CA 126 15.01 136.71 20.48
N THR CA 127 15.34 137.78 21.19
CA THR CA 127 14.91 139.11 20.72
C THR CA 127 15.61 139.48 19.40
N ASP CA 128 16.95 139.39 19.36
CA ASP CA 128 17.69 139.57 18.11
C ASP CA 128 17.13 138.68 17.01
N LEU CA 129 16.66 137.48 17.37
CA LEU CA 129 16.19 136.51 16.39
C LEU CA 129 14.86 136.92 15.77
N VAL CA 130 13.87 137.21 16.60
CA VAL CA 130 12.50 137.40 16.13
C VAL CA 130 12.16 138.87 15.96
N VAL CA 131 12.43 139.69 16.97
CA VAL CA 131 12.11 141.12 16.88
C VAL CA 131 12.95 141.77 15.79
N ASN CA 132 14.26 141.56 15.86
CA ASN CA 132 15.17 142.23 14.94
C ASN CA 132 15.15 141.62 13.54
N THR CA 133 14.65 140.37 13.41
CA THR CA 133 14.60 139.62 12.13
C THR CA 133 16.00 139.39 11.60
N ALA CA 134 16.85 138.80 12.44
CA ALA CA 134 18.25 138.64 12.09
C ALA CA 134 18.68 137.29 12.64
N PRO CA 135 19.25 136.42 11.83
CA PRO CA 135 19.72 135.13 12.33
C PRO CA 135 21.12 135.23 12.92
N GLN CA 136 21.54 134.12 13.51
CA GLN CA 136 22.79 134.03 14.24
C GLN CA 136 23.88 133.50 13.30
N TYR CA 137 24.74 134.39 12.81
CA TYR CA 137 25.71 134.01 11.78
C TYR CA 137 27.13 133.79 12.33
N GLN DA 1 -20.57 119.81 35.28
CA GLN DA 1 -19.30 120.21 34.65
C GLN DA 1 -18.23 119.36 35.29
N ILE DA 2 -17.02 119.39 34.74
CA ILE DA 2 -15.99 118.43 35.16
C ILE DA 2 -15.04 119.10 36.13
N ALA DA 3 -14.82 118.42 37.26
CA ALA DA 3 -13.80 118.79 38.23
C ALA DA 3 -13.22 117.50 38.78
N ASN DA 4 -12.08 117.61 39.45
CA ASN DA 4 -11.43 116.41 39.96
C ASN DA 4 -12.30 115.75 41.03
N VAL DA 5 -12.11 114.43 41.18
CA VAL DA 5 -12.92 113.65 42.11
C VAL DA 5 -11.99 113.06 43.17
N VAL DA 6 -12.45 113.02 44.41
CA VAL DA 6 -11.63 112.62 45.55
C VAL DA 6 -12.19 111.34 46.13
N LEU DA 7 -11.40 110.27 46.10
CA LEU DA 7 -11.82 108.95 46.55
C LEU DA 7 -10.95 108.52 47.71
N ALA DA 8 -11.57 108.07 48.80
CA ALA DA 8 -10.83 107.66 49.97
C ALA DA 8 -10.43 106.19 49.85
N ASP DA 9 -9.15 105.89 50.06
CA ASP DA 9 -8.66 104.54 49.89
C ASP DA 9 -9.06 103.67 51.07
N GLY DA 10 -8.73 102.39 50.96
CA GLY DA 10 -9.04 101.43 52.01
C GLY DA 10 -7.88 101.30 52.95
N GLN DA 11 -8.03 101.84 54.15
CA GLN DA 11 -7.07 101.71 55.24
C GLN DA 11 -7.84 101.85 56.54
N ALA DA 12 -7.12 101.80 57.66
CA ALA DA 12 -7.70 102.20 58.93
C ALA DA 12 -8.25 103.61 58.86
N ALA DA 13 -7.38 104.53 58.53
CA ALA DA 13 -7.72 105.90 58.31
C ALA DA 13 -7.65 106.14 56.83
N PRO DA 14 -8.75 106.52 56.21
CA PRO DA 14 -8.76 106.75 54.77
C PRO DA 14 -7.81 107.88 54.42
N ALA DA 15 -7.14 107.73 53.28
CA ALA DA 15 -6.27 108.75 52.72
C ALA DA 15 -6.85 109.14 51.37
N ASP DA 16 -7.26 110.39 51.26
CA ASP DA 16 -7.93 110.87 50.05
C ASP DA 16 -6.95 110.88 48.87
N LYS DA 17 -7.33 110.19 47.81
CA LYS DA 17 -6.61 110.23 46.55
C LYS DA 17 -7.41 111.07 45.58
N THR DA 18 -6.77 112.09 45.00
CA THR DA 18 -7.45 113.04 44.12
C THR DA 18 -7.15 112.68 42.67
N PHE DA 19 -8.21 112.59 41.87
CA PHE DA 19 -8.12 112.30 40.44
C PHE DA 19 -8.43 113.59 39.69
N GLU DA 20 -7.39 114.21 39.13
CA GLU DA 20 -7.53 115.42 38.34
C GLU DA 20 -7.90 115.08 36.90
N PRO DA 21 -8.84 115.82 36.30
CA PRO DA 21 -9.35 115.43 34.98
C PRO DA 21 -8.33 115.62 33.88
N GLN DA 22 -8.36 114.72 32.91
CA GLN DA 22 -7.51 114.75 31.74
C GLN DA 22 -8.28 114.84 30.43
N ARG DA 23 -9.53 114.38 30.40
CA ARG DA 23 -10.37 114.41 29.21
C ARG DA 23 -11.81 114.72 29.60
N GLY DA 24 -12.47 115.52 28.77
CA GLY DA 24 -13.91 115.64 28.82
C GLY DA 24 -14.55 114.62 27.90
N GLN DA 25 -15.76 114.21 28.25
CA GLN DA 25 -16.51 113.31 27.39
C GLN DA 25 -16.95 114.05 26.14
N ASN DA 26 -16.57 113.52 24.98
CA ASN DA 26 -16.88 114.13 23.69
C ASN DA 26 -17.73 113.15 22.89
N GLY DA 27 -18.95 113.56 22.54
CA GLY DA 27 -19.84 112.67 21.82
C GLY DA 27 -20.26 111.51 22.70
N VAL DA 28 -20.18 110.30 22.14
CA VAL DA 28 -20.43 109.08 22.92
C VAL DA 28 -19.29 108.09 22.71
N THR DA 29 -18.44 108.37 21.73
CA THR DA 29 -17.31 107.48 21.49
C THR DA 29 -16.28 107.58 22.62
N ASP DA 30 -16.02 108.80 23.10
CA ASP DA 30 -14.89 109.09 23.97
C ASP DA 30 -15.34 109.26 25.41
N PRO DA 31 -14.83 108.50 26.37
CA PRO DA 31 -15.18 108.75 27.77
C PRO DA 31 -14.27 109.78 28.42
N ALA DA 32 -14.79 110.41 29.47
CA ALA DA 32 -14.01 111.37 30.24
C ALA DA 32 -13.10 110.65 31.21
N GLU DA 33 -11.86 111.16 31.37
CA GLU DA 33 -10.82 110.44 32.10
C GLU DA 33 -10.18 111.33 33.17
N TRP DA 34 -9.83 110.72 34.30
CA TRP DA 34 -9.21 111.35 35.46
C TRP DA 34 -7.97 110.57 35.85
N TRP DA 35 -6.90 111.30 36.22
CA TRP DA 35 -5.60 110.73 36.55
C TRP DA 35 -5.19 111.14 37.97
N GLU DA 36 -4.61 110.20 38.74
CA GLU DA 36 -4.28 110.50 40.13
C GLU DA 36 -3.00 111.32 40.26
N LYS DA 37 -1.98 110.98 39.47
CA LYS DA 37 -0.70 111.69 39.50
C LYS DA 37 0.04 111.46 40.82
N SER DA 38 -0.16 110.32 41.46
CA SER DA 38 0.51 110.10 42.74
C SER DA 38 1.97 109.69 42.53
N SER DA 39 2.21 108.67 41.71
CA SER DA 39 3.57 108.19 41.45
C SER DA 39 4.29 109.14 40.48
N PRO DA 40 5.63 109.03 40.38
CA PRO DA 40 6.34 109.95 39.47
C PRO DA 40 6.05 109.74 37.99
N THR DA 41 6.03 108.49 37.49
CA THR DA 41 5.79 108.23 36.07
C THR DA 41 4.31 107.97 35.82
N LEU DA 42 3.94 107.85 34.53
CA LEU DA 42 2.52 107.63 34.20
C LEU DA 42 2.02 106.31 34.74
N ASN DA 43 2.83 105.25 34.63
CA ASN DA 43 2.37 103.91 34.98
C ASN DA 43 1.78 103.87 36.39
N GLY DA 44 2.21 104.76 37.28
CA GLY DA 44 1.71 104.78 38.65
C GLY DA 44 0.42 105.56 38.85
N TYR DA 45 0.02 106.39 37.89
CA TYR DA 45 -1.25 107.10 37.97
C TYR DA 45 -2.40 106.10 38.11
N ARG DA 46 -3.34 106.39 39.01
CA ARG DA 46 -4.60 105.67 39.07
C ARG DA 46 -5.60 106.35 38.15
N ARG DA 47 -6.42 105.56 37.45
CA ARG DA 47 -7.30 106.08 36.42
C ARG DA 47 -8.77 105.92 36.78
N LEU DA 48 -9.57 106.88 36.30
CA LEU DA 48 -11.02 106.83 36.41
C LEU DA 48 -11.65 107.26 35.09
N THR DA 49 -12.42 106.39 34.45
CA THR DA 49 -13.10 106.69 33.21
C THR DA 49 -14.61 106.67 33.41
N ALA DA 50 -15.31 107.60 32.77
CA ALA DA 50 -16.76 107.68 32.90
C ALA DA 50 -17.36 108.13 31.58
N LEU DA 51 -18.37 107.39 31.12
CA LEU DA 51 -18.99 107.62 29.83
C LEU DA 51 -20.49 107.42 29.95
N VAL DA 52 -21.27 108.44 29.61
CA VAL DA 52 -22.72 108.34 29.51
C VAL DA 52 -23.07 108.40 28.03
N ARG DA 53 -23.57 107.28 27.49
CA ARG DA 53 -23.92 107.20 26.08
C ARG DA 53 -25.35 106.71 25.93
N ARG DA 54 -26.13 107.39 25.11
CA ARG DA 54 -27.48 106.91 24.84
C ARG DA 54 -27.43 105.83 23.78
N ASN DA 55 -28.03 104.68 24.08
CA ASN DA 55 -28.21 103.60 23.13
C ASN DA 55 -29.64 103.68 22.60
N ALA DA 56 -29.77 103.96 21.30
CA ALA DA 56 -31.07 104.18 20.69
C ALA DA 56 -31.78 102.88 20.38
N ALA DA 57 -31.03 101.79 20.23
CA ALA DA 57 -31.65 100.48 20.01
C ALA DA 57 -32.55 100.11 21.17
N SER DA 58 -32.02 100.13 22.40
CA SER DA 58 -32.77 99.80 23.59
C SER DA 58 -33.62 100.96 24.10
N LYS DA 59 -33.59 102.11 23.43
CA LYS DA 59 -34.24 103.33 23.91
C LYS DA 59 -33.87 103.57 25.37
N SER DA 60 -32.57 103.68 25.62
CA SER DA 60 -32.10 103.77 27.00
C SER DA 60 -30.76 104.48 27.05
N VAL DA 61 -30.32 104.78 28.26
CA VAL DA 61 -29.05 105.45 28.52
C VAL DA 61 -28.15 104.47 29.26
N LYS DA 62 -26.89 104.38 28.84
CA LYS DA 62 -25.90 103.57 29.54
C LYS DA 62 -24.90 104.48 30.23
N VAL DA 63 -24.44 104.05 31.40
CA VAL DA 63 -23.44 104.77 32.19
C VAL DA 63 -22.35 103.76 32.55
N LYS DA 64 -21.14 103.98 32.03
CA LYS DA 64 -20.00 103.10 32.27
C LYS DA 64 -18.93 103.85 33.05
N VAL DA 65 -18.48 103.25 34.13
CA VAL DA 65 -17.43 103.80 34.98
C VAL DA 65 -16.38 102.72 35.17
N ALA DA 66 -15.11 103.13 35.20
CA ALA DA 66 -14.00 102.22 35.41
C ALA DA 66 -12.96 102.86 36.32
N ILE DA 67 -12.45 102.08 37.26
CA ILE DA 67 -11.40 102.52 38.17
C ILE DA 67 -10.24 101.54 38.06
N TYR DA 68 -9.09 102.04 37.61
CA TYR DA 68 -7.88 101.23 37.45
C TYR DA 68 -6.87 101.63 38.52
N ASP DA 69 -6.54 100.69 39.41
CA ASP DA 69 -5.51 100.88 40.45
C ASP DA 69 -4.30 100.01 40.14
N PRO DA 70 -3.21 100.57 39.59
CA PRO DA 70 -2.05 99.73 39.28
C PRO DA 70 -1.02 99.72 40.40
N THR DA 71 -0.34 98.59 40.61
CA THR DA 71 0.77 98.53 41.56
C THR DA 71 2.05 98.23 40.78
N LEU DA 72 3.11 98.99 41.07
CA LEU DA 72 4.35 98.84 40.32
C LEU DA 72 5.14 97.63 40.82
N ALA DA 73 6.04 97.15 39.98
CA ALA DA 73 6.86 96.01 40.31
C ALA DA 73 8.15 96.46 41.00
N VAL DA 74 8.72 95.56 41.78
CA VAL DA 74 9.96 95.84 42.51
C VAL DA 74 11.14 95.73 41.55
N THR DA 75 11.87 96.82 41.38
CA THR DA 75 12.95 96.89 40.43
C THR DA 75 14.31 96.72 41.11
N ALA DA 76 15.33 96.53 40.29
CA ALA DA 76 16.70 96.32 40.72
C ALA DA 76 17.62 97.30 39.98
N PRO DA 77 18.68 97.78 40.64
CA PRO DA 77 19.56 98.76 39.98
C PRO DA 77 20.27 98.21 38.76
N SER DA 78 20.69 96.94 38.80
CA SER DA 78 21.43 96.32 37.70
C SER DA 78 20.47 95.46 36.89
N THR DA 79 20.16 95.92 35.68
CA THR DA 79 19.42 95.13 34.71
C THR DA 79 20.40 94.46 33.77
N ALA DA 80 20.06 93.26 33.31
CA ALA DA 80 20.96 92.55 32.42
C ALA DA 80 21.15 93.29 31.12
N SER DA 81 22.40 93.28 30.64
CA SER DA 81 22.74 93.79 29.32
C SER DA 81 22.14 95.17 29.11
N GLY DA 82 22.37 96.05 30.05
CA GLY DA 82 21.95 97.40 29.74
C GLY DA 82 21.64 98.21 30.98
N ILE DA 83 20.58 98.99 30.86
CA ILE DA 83 20.36 100.15 31.69
C ILE DA 83 19.44 99.80 32.85
N GLN DA 84 19.54 100.59 33.92
CA GLN DA 84 18.61 100.48 35.03
C GLN DA 84 17.18 100.67 34.52
N PRO DA 85 16.23 99.83 34.95
CA PRO DA 85 14.94 99.77 34.26
C PRO DA 85 14.02 100.90 34.69
N SER DA 86 13.21 101.36 33.73
CA SER DA 86 12.16 102.31 34.05
C SER DA 86 11.05 101.61 34.82
N PRO DA 87 10.29 102.33 35.65
CA PRO DA 87 9.29 101.67 36.49
C PRO DA 87 8.18 101.08 35.64
N THR DA 88 7.81 99.83 35.93
CA THR DA 88 6.84 99.11 35.14
C THR DA 88 5.72 98.60 36.04
N VAL DA 89 4.57 98.35 35.43
CA VAL DA 89 3.40 97.86 36.14
C VAL DA 89 3.50 96.35 36.29
N ALA DA 90 3.37 95.86 37.52
CA ALA DA 90 3.34 94.42 37.73
C ALA DA 90 1.94 93.86 37.54
N PHE DA 91 0.93 94.54 38.07
CA PHE DA 91 -0.45 94.20 37.84
C PHE DA 91 -1.31 95.40 38.18
N THR DA 92 -2.61 95.26 37.89
CA THR DA 92 -3.55 96.35 38.09
C THR DA 92 -4.90 95.75 38.48
N CYS DA 93 -5.58 96.41 39.43
CA CYS DA 93 -6.89 95.98 39.90
C CYS DA 93 -7.97 96.90 39.34
N PRO DA 94 -8.80 96.43 38.43
CA PRO DA 94 -9.92 97.23 37.95
C PRO DA 94 -11.27 96.93 38.59
N VAL DA 95 -12.07 97.98 38.69
CA VAL DA 95 -13.52 97.91 38.83
C VAL DA 95 -14.14 98.41 37.54
N PHE DA 96 -15.18 97.70 37.09
CA PHE DA 96 -16.10 98.19 36.07
C PHE DA 96 -17.50 98.27 36.67
N ILE DA 97 -18.21 99.35 36.36
CA ILE DA 97 -19.57 99.58 36.82
C ILE DA 97 -20.41 100.03 35.63
N GLU DA 98 -21.55 99.37 35.43
CA GLU DA 98 -22.45 99.74 34.33
C GLU DA 98 -23.87 99.86 34.86
N PHE DA 99 -24.42 101.06 34.77
CA PHE DA 99 -25.85 101.30 34.99
C PHE DA 99 -26.53 101.35 33.65
N THR DA 100 -27.75 100.81 33.57
CA THR DA 100 -28.57 101.12 32.40
C THR DA 100 -29.93 101.64 32.87
N LEU DA 101 -30.40 102.68 32.19
CA LEU DA 101 -31.60 103.42 32.59
C LEU DA 101 -32.52 103.62 31.39
N PRO DA 102 -33.69 103.01 31.37
CA PRO DA 102 -34.58 103.16 30.21
C PRO DA 102 -35.12 104.58 30.12
N ASP DA 103 -35.66 104.90 28.94
CA ASP DA 103 -36.12 106.27 28.71
C ASP DA 103 -37.36 106.59 29.54
N ALA DA 104 -38.16 105.58 29.88
CA ALA DA 104 -39.40 105.79 30.60
C ALA DA 104 -39.22 105.77 32.12
N CYS DA 105 -38.00 105.96 32.61
CA CYS DA 105 -37.72 105.75 34.04
C CYS DA 105 -37.83 107.06 34.83
N THR DA 106 -38.03 106.91 36.14
CA THR DA 106 -38.21 108.04 37.03
C THR DA 106 -36.89 108.49 37.64
N ILE DA 107 -36.83 109.78 37.96
CA ILE DA 107 -35.74 110.29 38.79
C ILE DA 107 -35.63 109.50 40.08
N GLN DA 108 -36.79 109.09 40.62
CA GLN DA 108 -36.78 108.26 41.82
C GLN DA 108 -36.14 106.90 41.55
N ASN DA 109 -36.40 106.31 40.38
CA ASN DA 109 -35.79 105.03 40.06
C ASN DA 109 -34.28 105.16 39.94
N ARG DA 110 -33.79 106.24 39.31
CA ARG DA 110 -32.35 106.43 39.19
C ARG DA 110 -31.70 106.59 40.56
N LYS DA 111 -32.29 107.40 41.44
CA LYS DA 111 -31.75 107.54 42.79
C LYS DA 111 -31.77 106.21 43.53
N ASP DA 112 -32.86 105.45 43.40
CA ASP DA 112 -32.95 104.11 43.97
C ASP DA 112 -31.76 103.26 43.54
N ILE DA 113 -31.54 103.14 42.24
CA ILE DA 113 -30.56 102.19 41.74
C ILE DA 113 -29.16 102.58 42.18
N LEU DA 114 -28.85 103.88 42.12
CA LEU DA 114 -27.52 104.32 42.55
C LEU DA 114 -27.31 104.10 44.04
N ALA DA 115 -28.33 104.36 44.85
CA ALA DA 115 -28.18 104.14 46.29
C ALA DA 115 -28.02 102.66 46.60
N TYR DA 116 -28.74 101.80 45.88
CA TYR DA 116 -28.55 100.36 46.07
C TYR DA 116 -27.11 99.98 45.81
N ALA DA 117 -26.55 100.49 44.71
CA ALA DA 117 -25.16 100.18 44.39
C ALA DA 117 -24.20 100.65 45.49
N LYS DA 118 -24.30 101.91 45.89
CA LYS DA 118 -23.34 102.44 46.87
C LYS DA 118 -23.48 101.76 48.22
N ASN DA 119 -24.72 101.52 48.67
CA ASN DA 119 -24.92 100.89 49.97
C ASN DA 119 -24.44 99.44 49.95
N PHE DA 120 -24.65 98.72 48.84
CA PHE DA 120 -24.10 97.37 48.77
C PHE DA 120 -22.58 97.40 48.84
N LEU DA 121 -21.95 98.28 48.05
CA LEU DA 121 -20.48 98.31 48.04
C LEU DA 121 -19.92 98.66 49.41
N ALA DA 122 -20.64 99.47 50.18
CA ALA DA 122 -20.24 99.68 51.57
C ALA DA 122 -20.47 98.43 52.41
N SER DA 123 -21.47 97.61 52.07
CA SER DA 123 -21.90 96.53 52.96
C SER DA 123 -20.80 95.51 53.21
N ALA DA 124 -20.86 94.90 54.39
CA ALA DA 124 -19.86 93.92 54.78
C ALA DA 124 -19.89 92.69 53.89
N THR DA 125 -21.03 92.37 53.27
CA THR DA 125 -21.05 91.25 52.32
C THR DA 125 -20.26 91.58 51.06
N ALA DA 126 -20.34 92.82 50.57
CA ALA DA 126 -19.44 93.20 49.48
C ALA DA 126 -17.98 93.19 49.95
N THR DA 127 -17.73 93.61 51.19
CA THR DA 127 -16.36 93.55 51.70
C THR DA 127 -15.85 92.11 51.76
N ASP DA 128 -16.65 91.20 52.34
CA ASP DA 128 -16.34 89.76 52.31
C ASP DA 128 -16.10 89.32 50.88
N LEU DA 129 -16.93 89.80 49.95
CA LEU DA 129 -16.88 89.31 48.57
C LEU DA 129 -15.58 89.69 47.86
N VAL DA 130 -15.10 90.91 48.05
CA VAL DA 130 -13.95 91.39 47.28
C VAL DA 130 -12.64 91.25 48.06
N VAL DA 131 -12.62 91.68 49.31
CA VAL DA 131 -11.39 91.67 50.10
C VAL DA 131 -10.97 90.24 50.45
N ASN DA 132 -11.91 89.39 50.83
CA ASN DA 132 -11.60 88.01 51.16
C ASN DA 132 -11.73 87.08 49.96
N THR DA 133 -12.22 87.57 48.82
CA THR DA 133 -12.42 86.78 47.60
C THR DA 133 -13.23 85.52 47.90
N ALA DA 134 -14.22 85.66 48.79
CA ALA DA 134 -14.94 84.49 49.24
C ALA DA 134 -16.36 84.44 48.66
N PRO DA 135 -16.84 83.25 48.30
CA PRO DA 135 -18.24 83.11 47.88
C PRO DA 135 -19.23 83.34 49.03
N GLN DA 136 -20.52 83.12 48.77
CA GLN DA 136 -21.54 83.22 49.81
C GLN DA 136 -22.16 81.84 50.01
N TYR DA 137 -21.73 81.15 51.06
CA TYR DA 137 -21.96 79.70 51.23
C TYR DA 137 -23.33 79.44 51.85
N GLN EA 1 -64.30 53.31 54.46
CA GLN EA 1 -65.39 53.72 53.56
C GLN EA 1 -65.31 55.21 53.23
N ILE EA 2 -65.85 55.64 52.08
CA ILE EA 2 -65.68 57.03 51.64
C ILE EA 2 -66.69 57.92 52.33
N ALA EA 3 -66.23 59.13 52.68
CA ALA EA 3 -67.01 60.18 53.32
C ALA EA 3 -66.23 61.46 53.14
N ASN EA 4 -66.95 62.57 53.10
CA ASN EA 4 -66.32 63.85 52.78
C ASN EA 4 -65.25 64.20 53.81
N VAL EA 5 -64.29 65.04 53.39
CA VAL EA 5 -63.17 65.42 54.24
C VAL EA 5 -63.17 66.94 54.37
N VAL EA 6 -62.84 67.42 55.56
CA VAL EA 6 -62.99 68.84 55.89
C VAL EA 6 -61.62 69.38 56.27
N LEU EA 7 -61.08 70.27 55.43
CA LEU EA 7 -59.76 70.83 55.65
C LEU EA 7 -59.87 72.34 55.86
N ALA EA 8 -59.03 72.89 56.74
CA ALA EA 8 -59.11 74.29 57.11
C ALA EA 8 -58.07 75.10 56.34
N ASP EA 9 -58.54 76.14 55.64
CA ASP EA 9 -57.61 76.98 54.90
C ASP EA 9 -56.83 77.88 55.85
N GLY EA 10 -55.72 78.41 55.35
CA GLY EA 10 -54.86 79.27 56.15
C GLY EA 10 -55.30 80.72 56.08
N GLN EA 11 -55.68 81.28 57.23
CA GLN EA 11 -56.10 82.67 57.29
C GLN EA 11 -55.96 83.17 58.73
N ALA EA 12 -56.43 84.40 58.93
CA ALA EA 12 -56.72 84.91 60.26
C ALA EA 12 -57.59 83.93 61.04
N ALA EA 13 -58.80 83.70 60.54
CA ALA EA 13 -59.73 82.73 61.11
C ALA EA 13 -59.91 81.70 60.00
N PRO EA 14 -59.43 80.50 60.18
CA PRO EA 14 -59.49 79.52 59.10
C PRO EA 14 -60.93 79.07 58.88
N ALA EA 15 -61.24 78.79 57.63
CA ALA EA 15 -62.55 78.31 57.21
C ALA EA 15 -62.44 76.86 56.81
N ASP EA 16 -63.43 76.09 57.23
CA ASP EA 16 -63.57 74.69 56.86
C ASP EA 16 -64.05 74.59 55.40
N LYS EA 17 -63.20 74.09 54.52
CA LYS EA 17 -63.58 73.75 53.17
C LYS EA 17 -63.88 72.26 53.14
N THR EA 18 -65.10 71.90 52.73
CA THR EA 18 -65.56 70.52 52.76
C THR EA 18 -65.47 69.95 51.36
N PHE EA 19 -64.69 68.87 51.20
CA PHE EA 19 -64.61 68.10 49.96
C PHE EA 19 -65.64 66.98 50.09
N GLU EA 20 -66.76 67.14 49.39
CA GLU EA 20 -67.76 66.07 49.28
C GLU EA 20 -67.22 64.95 48.38
N PRO EA 21 -67.48 63.68 48.71
CA PRO EA 21 -67.01 62.61 47.82
C PRO EA 21 -67.77 62.68 46.50
N GLN EA 22 -67.01 62.70 45.42
CA GLN EA 22 -67.61 62.69 44.09
C GLN EA 22 -67.25 61.45 43.29
N ARG EA 23 -66.17 60.76 43.64
CA ARG EA 23 -65.91 59.43 43.10
C ARG EA 23 -65.10 58.61 44.10
N GLY EA 24 -65.57 57.39 44.38
CA GLY EA 24 -64.86 56.50 45.26
C GLY EA 24 -63.85 55.63 44.51
N GLN EA 25 -62.97 54.98 45.29
CA GLN EA 25 -61.99 54.02 44.75
C GLN EA 25 -62.44 52.61 45.11
N ASN EA 26 -62.85 51.83 44.11
CA ASN EA 26 -63.13 50.42 44.32
C ASN EA 26 -62.11 49.52 43.63
N GLY EA 27 -61.19 50.10 42.86
CA GLY EA 27 -60.21 49.32 42.14
C GLY EA 27 -58.83 49.91 42.36
N VAL EA 28 -57.81 49.17 41.89
CA VAL EA 28 -56.42 49.58 42.10
C VAL EA 28 -55.96 50.60 41.05
N THR EA 29 -56.58 50.60 39.88
CA THR EA 29 -56.08 51.48 38.82
C THR EA 29 -56.29 52.96 39.15
N ASP EA 30 -57.53 53.37 39.48
CA ASP EA 30 -57.94 54.79 39.55
C ASP EA 30 -58.20 55.26 40.97
N PRO EA 31 -57.59 56.37 41.39
CA PRO EA 31 -57.74 56.84 42.77
C PRO EA 31 -59.13 57.40 43.05
N ALA EA 32 -59.42 57.51 44.35
CA ALA EA 32 -60.63 58.14 44.84
C ALA EA 32 -60.49 59.66 44.81
N GLU EA 33 -61.62 60.36 44.66
CA GLU EA 33 -61.60 61.79 44.40
C GLU EA 33 -62.72 62.47 45.19
N TRP EA 34 -62.41 63.65 45.73
CA TRP EA 34 -63.31 64.51 46.48
C TRP EA 34 -63.31 65.89 45.84
N TRP EA 35 -64.50 66.49 45.77
CA TRP EA 35 -64.74 67.77 45.10
C TRP EA 35 -65.30 68.79 46.09
N GLU EA 36 -64.81 70.04 46.00
CA GLU EA 36 -65.17 71.02 47.02
C GLU EA 36 -66.50 71.70 46.75
N LYS EA 37 -66.73 72.11 45.50
CA LYS EA 37 -67.99 72.74 45.08
C LYS EA 37 -68.21 74.11 45.72
N SER EA 38 -67.14 74.81 46.10
CA SER EA 38 -67.29 76.19 46.57
C SER EA 38 -67.72 77.10 45.42
N SER EA 39 -66.90 77.18 44.36
CA SER EA 39 -67.24 77.95 43.18
C SER EA 39 -68.49 77.36 42.50
N PRO EA 40 -69.16 78.13 41.62
CA PRO EA 40 -70.35 77.58 40.95
C PRO EA 40 -70.08 76.62 39.79
N THR EA 41 -68.94 76.73 39.13
CA THR EA 41 -68.61 75.91 37.98
C THR EA 41 -67.58 74.83 38.33
N LEU EA 42 -67.54 73.79 37.49
CA LEU EA 42 -66.67 72.65 37.76
C LEU EA 42 -65.21 73.05 37.85
N ASN EA 43 -64.81 74.08 37.11
CA ASN EA 43 -63.40 74.48 37.08
C ASN EA 43 -62.93 75.00 38.44
N GLY EA 44 -63.82 75.62 39.21
CA GLY EA 44 -63.48 76.22 40.48
C GLY EA 44 -63.51 75.29 41.66
N TYR EA 45 -63.77 74.00 41.45
CA TYR EA 45 -63.76 73.06 42.54
C TYR EA 45 -62.33 72.80 43.00
N ARG EA 46 -62.16 72.64 44.30
CA ARG EA 46 -60.89 72.14 44.83
C ARG EA 46 -60.98 70.61 44.86
N ARG EA 47 -59.85 69.95 44.56
CA ARG EA 47 -59.86 68.51 44.41
C ARG EA 47 -58.94 67.83 45.40
N LEU EA 48 -59.33 66.60 45.78
CA LEU EA 48 -58.51 65.73 46.62
C LEU EA 48 -58.56 64.30 46.08
N THR EA 49 -57.41 63.76 45.68
CA THR EA 49 -57.30 62.39 45.18
C THR EA 49 -56.49 61.53 46.15
N ALA EA 50 -56.87 60.26 46.27
CA ALA EA 50 -56.24 59.35 47.22
C ALA EA 50 -56.33 57.92 46.71
N LEU EA 51 -55.18 57.28 46.53
CA LEU EA 51 -55.05 55.93 46.01
C LEU EA 51 -54.17 55.12 46.95
N VAL EA 52 -54.72 54.02 47.48
CA VAL EA 52 -53.95 53.02 48.20
C VAL EA 52 -53.88 51.78 47.30
N ARG EA 53 -52.66 51.34 47.03
CA ARG EA 53 -52.41 50.34 45.99
C ARG EA 53 -51.32 49.39 46.46
N ARG EA 54 -51.60 48.09 46.45
CA ARG EA 54 -50.58 47.13 46.82
C ARG EA 54 -49.68 46.88 45.63
N ASN EA 55 -48.38 47.14 45.79
CA ASN EA 55 -47.38 46.85 44.78
C ASN EA 55 -46.71 45.52 45.17
N ALA EA 56 -47.00 44.47 44.41
CA ALA EA 56 -46.46 43.15 44.71
C ALA EA 56 -44.98 43.04 44.38
N ALA EA 57 -44.47 43.92 43.51
CA ALA EA 57 -43.06 43.86 43.13
C ALA EA 57 -42.16 44.13 44.33
N SER EA 58 -42.38 45.27 44.99
CA SER EA 58 -41.62 45.65 46.18
C SER EA 58 -42.19 45.02 47.45
N LYS EA 59 -43.20 44.15 47.32
CA LYS EA 59 -43.94 43.64 48.47
C LYS EA 59 -44.29 44.76 49.43
N SER EA 60 -45.03 45.74 48.91
CA SER EA 60 -45.26 46.97 49.64
C SER EA 60 -46.64 47.50 49.30
N VAL EA 61 -46.98 48.64 49.91
CA VAL EA 61 -48.26 49.29 49.69
C VAL EA 61 -47.99 50.78 49.55
N LYS EA 62 -48.34 51.35 48.40
CA LYS EA 62 -48.18 52.78 48.18
C LYS EA 62 -49.48 53.51 48.47
N VAL EA 63 -49.34 54.75 48.95
CA VAL EA 63 -50.47 55.63 49.23
C VAL EA 63 -50.13 56.98 48.61
N LYS EA 64 -50.89 57.37 47.57
CA LYS EA 64 -50.69 58.64 46.87
C LYS EA 64 -51.87 59.56 47.14
N VAL EA 65 -51.57 60.75 47.64
CA VAL EA 65 -52.58 61.77 47.93
C VAL EA 65 -52.20 63.02 47.18
N ALA EA 66 -53.20 63.69 46.62
CA ALA EA 66 -52.98 64.94 45.90
C ALA EA 66 -54.08 65.93 46.24
N ILE EA 67 -53.69 67.19 46.45
CA ILE EA 67 -54.62 68.27 46.75
C ILE EA 67 -54.40 69.38 45.73
N TYR EA 68 -55.42 69.63 44.90
CA TYR EA 68 -55.37 70.66 43.87
C TYR EA 68 -56.23 71.84 44.30
N ASP EA 69 -55.59 73.01 44.51
CA ASP EA 69 -56.29 74.24 44.83
C ASP EA 69 -56.17 75.19 43.63
N PRO EA 70 -57.22 75.35 42.83
CA PRO EA 70 -57.12 76.27 41.69
C PRO EA 70 -57.53 77.66 42.08
N THR EA 71 -56.87 78.64 41.47
CA THR EA 71 -57.26 80.04 41.63
C THR EA 71 -57.88 80.49 40.32
N LEU EA 72 -59.20 80.66 40.30
CA LEU EA 72 -59.89 81.03 39.07
C LEU EA 72 -59.41 82.38 38.58
N ALA EA 73 -59.13 82.46 37.29
CA ALA EA 73 -58.78 83.75 36.71
C ALA EA 73 -59.96 84.71 36.84
N VAL EA 74 -59.65 85.95 37.21
CA VAL EA 74 -60.64 87.02 37.16
C VAL EA 74 -61.14 87.19 35.73
N THR EA 75 -62.41 86.92 35.50
CA THR EA 75 -63.01 86.96 34.17
C THR EA 75 -63.91 88.20 34.08
N ALA EA 76 -63.51 89.15 33.25
CA ALA EA 76 -64.24 90.37 32.94
C ALA EA 76 -64.92 90.24 31.57
N PRO EA 77 -66.06 90.91 31.37
CA PRO EA 77 -66.72 90.85 30.05
C PRO EA 77 -65.80 91.36 28.96
N SER EA 78 -65.79 90.62 27.85
CA SER EA 78 -64.80 90.84 26.79
C SER EA 78 -64.76 92.30 26.39
N THR EA 79 -63.54 92.80 26.22
CA THR EA 79 -63.36 94.12 25.66
C THR EA 79 -63.59 94.12 24.16
N ALA EA 80 -63.35 92.97 23.52
CA ALA EA 80 -63.55 92.84 22.09
C ALA EA 80 -64.89 92.22 21.72
N SER EA 81 -65.22 91.06 22.29
CA SER EA 81 -66.49 90.44 21.98
C SER EA 81 -67.66 91.06 22.74
N GLY EA 82 -67.39 91.82 23.79
CA GLY EA 82 -68.45 92.24 24.67
C GLY EA 82 -69.10 91.11 25.43
N ILE EA 83 -68.52 89.92 25.40
CA ILE EA 83 -69.15 88.69 25.86
C ILE EA 83 -68.22 88.02 26.86
N GLN EA 84 -68.58 88.07 28.14
CA GLN EA 84 -67.74 87.52 29.20
C GLN EA 84 -67.48 86.04 28.96
N PRO EA 85 -66.24 85.59 28.94
CA PRO EA 85 -65.96 84.18 28.69
C PRO EA 85 -66.34 83.32 29.87
N SER EA 86 -66.68 82.06 29.58
CA SER EA 86 -66.91 81.06 30.61
C SER EA 86 -65.72 81.03 31.56
N PRO EA 87 -65.94 80.78 32.85
CA PRO EA 87 -64.83 80.93 33.81
C PRO EA 87 -63.75 79.91 33.57
N THR EA 88 -62.51 80.38 33.64
CA THR EA 88 -61.31 79.59 33.35
C THR EA 88 -60.39 79.59 34.58
N VAL EA 89 -59.37 78.73 34.54
CA VAL EA 89 -58.41 78.58 35.63
C VAL EA 89 -57.10 79.23 35.19
N ALA EA 90 -56.63 80.20 35.97
CA ALA EA 90 -55.38 80.89 35.64
C ALA EA 90 -54.16 80.08 36.08
N PHE EA 91 -54.24 79.43 37.23
CA PHE EA 91 -53.21 78.51 37.69
C PHE EA 91 -53.76 77.70 38.85
N THR EA 92 -53.00 76.68 39.23
CA THR EA 92 -53.41 75.76 40.27
C THR EA 92 -52.20 75.40 41.13
N CYS EA 93 -52.42 75.29 42.44
CA CYS EA 93 -51.38 74.91 43.39
C CYS EA 93 -51.60 73.48 43.84
N PRO EA 94 -50.76 72.54 43.45
CA PRO EA 94 -50.89 71.18 43.96
C PRO EA 94 -49.94 70.84 45.09
N VAL EA 95 -50.41 69.92 45.93
CA VAL EA 95 -49.58 69.12 46.83
C VAL EA 95 -49.66 67.68 46.39
N PHE EA 96 -48.51 67.01 46.36
CA PHE EA 96 -48.43 65.57 46.16
C PHE EA 96 -47.74 64.96 47.38
N ILE EA 97 -48.35 63.93 47.95
CA ILE EA 97 -47.80 63.21 49.09
C ILE EA 97 -47.82 61.72 48.77
N GLU EA 98 -46.67 61.07 48.97
CA GLU EA 98 -46.54 59.63 48.74
C GLU EA 98 -45.95 58.97 49.98
N PHE EA 99 -46.70 58.04 50.56
CA PHE EA 99 -46.18 57.15 51.59
C PHE EA 99 -45.94 55.79 50.96
N THR EA 100 -44.87 55.13 51.38
CA THR EA 100 -44.75 53.71 51.02
C THR EA 100 -44.57 52.88 52.29
N LEU EA 101 -45.27 51.76 52.36
CA LEU EA 101 -45.33 50.92 53.56
C LEU EA 101 -45.01 49.48 53.19
N PRO EA 102 -43.84 48.96 53.56
CA PRO EA 102 -43.48 47.59 53.16
C PRO EA 102 -44.38 46.56 53.80
N ASP EA 103 -44.32 45.33 53.27
CA ASP EA 103 -45.20 44.28 53.76
C ASP EA 103 -44.87 43.88 55.20
N ALA EA 104 -43.64 44.12 55.64
CA ALA EA 104 -43.20 43.77 56.98
C ALA EA 104 -43.35 44.91 57.98
N CYS EA 105 -44.26 45.85 57.71
CA CYS EA 105 -44.30 47.14 58.39
C CYS EA 105 -45.20 47.11 59.62
N THR EA 106 -44.67 47.56 60.75
CA THR EA 106 -45.44 47.60 61.99
C THR EA 106 -46.51 48.68 61.95
N ILE EA 107 -47.62 48.41 62.64
CA ILE EA 107 -48.64 49.44 62.83
C ILE EA 107 -48.02 50.66 63.49
N GLN EA 108 -47.09 50.43 64.42
CA GLN EA 108 -46.41 51.52 65.10
C GLN EA 108 -45.55 52.32 64.13
N ASN EA 109 -44.90 51.65 63.18
CA ASN EA 109 -44.11 52.36 62.18
C ASN EA 109 -45.00 53.23 61.30
N ARG EA 110 -46.18 52.72 60.93
CA ARG EA 110 -47.10 53.52 60.12
C ARG EA 110 -47.55 54.77 60.86
N LYS EA 111 -47.95 54.59 62.12
CA LYS EA 111 -48.30 55.74 62.95
C LYS EA 111 -47.14 56.73 63.02
N ASP EA 112 -45.92 56.21 63.21
CA ASP EA 112 -44.72 57.04 63.27
C ASP EA 112 -44.58 57.91 62.02
N ILE EA 113 -44.66 57.28 60.84
CA ILE EA 113 -44.35 58.00 59.62
C ILE EA 113 -45.43 59.04 59.32
N LEU EA 114 -46.70 58.70 59.55
CA LEU EA 114 -47.75 59.70 59.35
C LEU EA 114 -47.59 60.85 60.33
N ALA EA 115 -47.15 60.54 61.56
CA ALA EA 115 -46.96 61.60 62.55
C ALA EA 115 -45.83 62.53 62.15
N TYR EA 116 -44.71 61.97 61.69
CA TYR EA 116 -43.60 62.81 61.23
C TYR EA 116 -44.06 63.73 60.11
N ALA EA 117 -44.81 63.19 59.15
CA ALA EA 117 -45.32 64.02 58.05
C ALA EA 117 -46.20 65.16 58.56
N LYS EA 118 -47.22 64.84 59.36
CA LYS EA 118 -48.17 65.89 59.77
C LYS EA 118 -47.50 66.92 60.66
N ASN EA 119 -46.65 66.49 61.61
CA ASN EA 119 -46.01 67.43 62.52
C ASN EA 119 -45.00 68.30 61.78
N PHE EA 120 -44.29 67.75 60.79
CA PHE EA 120 -43.40 68.59 60.00
C PHE EA 120 -44.20 69.63 59.21
N LEU EA 121 -45.29 69.21 58.56
CA LEU EA 121 -46.06 70.17 57.78
C LEU EA 121 -46.63 71.28 58.66
N ALA EA 122 -47.01 70.94 59.90
CA ALA EA 122 -47.37 72.00 60.84
C ALA EA 122 -46.18 72.86 61.22
N SER EA 123 -44.96 72.31 61.15
CA SER EA 123 -43.80 72.98 61.72
C SER EA 123 -43.46 74.30 61.02
N ALA EA 124 -42.88 75.21 61.82
CA ALA EA 124 -42.55 76.53 61.33
C ALA EA 124 -41.48 76.49 60.24
N THR EA 125 -40.65 75.44 60.22
CA THR EA 125 -39.70 75.30 59.12
C THR EA 125 -40.42 74.98 57.81
N ALA EA 126 -41.45 74.14 57.87
CA ALA EA 126 -42.29 73.93 56.68
C ALA EA 126 -42.97 75.23 56.26
N THR EA 127 -43.38 76.06 57.23
CA THR EA 127 -43.98 77.34 56.86
C THR EA 127 -42.95 78.25 56.16
N ASP EA 128 -41.76 78.42 56.76
CA ASP EA 128 -40.66 79.13 56.11
C ASP EA 128 -40.36 78.58 54.73
N LEU EA 129 -40.59 77.27 54.55
CA LEU EA 129 -40.21 76.59 53.31
C LEU EA 129 -41.20 76.87 52.18
N VAL EA 130 -42.48 76.77 52.46
CA VAL EA 130 -43.51 76.85 51.41
C VAL EA 130 -44.15 78.24 51.36
N VAL EA 131 -44.53 78.79 52.51
CA VAL EA 131 -45.24 80.08 52.51
C VAL EA 131 -44.31 81.20 52.11
N ASN EA 132 -43.08 81.22 52.62
CA ASN EA 132 -42.10 82.21 52.24
C ASN EA 132 -41.21 81.77 51.08
N THR EA 133 -41.44 80.56 50.55
CA THR EA 133 -40.65 80.00 49.46
C THR EA 133 -39.16 80.18 49.72
N ALA EA 134 -38.75 79.87 50.94
CA ALA EA 134 -37.37 80.09 51.31
C ALA EA 134 -36.68 78.77 51.64
N PRO EA 135 -35.45 78.59 51.20
CA PRO EA 135 -34.70 77.38 51.54
C PRO EA 135 -34.04 77.51 52.91
N GLN EA 136 -33.26 76.49 53.25
CA GLN EA 136 -32.54 76.42 54.51
C GLN EA 136 -31.05 76.55 54.22
N TYR EA 137 -30.52 77.75 54.39
CA TYR EA 137 -29.21 78.12 53.82
C TYR EA 137 -28.00 77.95 54.75
N GLN FA 1 -74.72 46.49 51.30
CA GLN FA 1 -73.86 46.63 50.12
C GLN FA 1 -72.75 45.58 50.14
N ILE FA 2 -71.63 45.97 50.75
CA ILE FA 2 -70.51 45.09 51.12
C ILE FA 2 -70.37 45.15 52.63
N ALA FA 3 -70.21 43.98 53.25
CA ALA FA 3 -70.08 43.89 54.69
C ALA FA 3 -68.95 42.95 55.02
N ASN FA 4 -68.28 43.23 56.13
CA ASN FA 4 -67.18 42.38 56.57
C ASN FA 4 -67.71 40.97 56.82
N VAL FA 5 -66.79 40.00 56.79
CA VAL FA 5 -67.18 38.59 56.85
C VAL FA 5 -66.36 37.90 57.94
N VAL FA 6 -67.04 37.11 58.78
CA VAL FA 6 -66.38 36.47 59.91
C VAL FA 6 -66.39 34.96 59.69
N LEU FA 7 -65.21 34.35 59.72
CA LEU FA 7 -65.04 32.93 59.51
C LEU FA 7 -64.44 32.27 60.75
N ALA FA 8 -64.85 31.04 61.02
CA ALA FA 8 -64.38 30.31 62.18
C ALA FA 8 -63.14 29.49 61.84
N ASP FA 9 -62.04 29.72 62.55
CA ASP FA 9 -60.84 28.96 62.27
C ASP FA 9 -60.95 27.55 62.87
N GLY FA 10 -60.00 26.71 62.50
CA GLY FA 10 -59.97 25.35 63.00
C GLY FA 10 -59.20 25.27 64.30
N GLN FA 11 -59.89 24.94 65.38
CA GLN FA 11 -59.28 24.75 66.68
C GLN FA 11 -60.25 23.89 67.48
N ALA FA 12 -59.91 23.65 68.74
CA ALA FA 12 -60.86 23.00 69.64
C ALA FA 12 -62.17 23.78 69.67
N ALA FA 13 -62.10 25.07 69.98
CA ALA FA 13 -63.24 25.97 69.85
C ALA FA 13 -62.88 26.97 68.77
N PRO FA 14 -63.67 27.08 67.72
CA PRO FA 14 -63.34 28.03 66.65
C PRO FA 14 -63.28 29.45 67.18
N ALA FA 15 -62.25 30.17 66.75
CA ALA FA 15 -62.03 31.57 67.07
C ALA FA 15 -62.41 32.39 65.85
N ASP FA 16 -63.49 33.15 65.98
CA ASP FA 16 -63.97 34.03 64.91
C ASP FA 16 -62.87 34.97 64.44
N LYS FA 17 -62.54 34.89 63.16
CA LYS FA 17 -61.63 35.80 62.48
C LYS FA 17 -62.45 36.71 61.59
N THR FA 18 -62.37 38.00 61.84
CA THR FA 18 -63.18 38.99 61.13
C THR FA 18 -62.35 39.60 60.01
N PHE FA 19 -62.90 39.58 58.80
CA PHE FA 19 -62.29 40.17 57.61
C PHE FA 19 -63.03 41.47 57.33
N GLU FA 20 -62.37 42.62 57.57
CA GLU FA 20 -62.92 43.92 57.28
C GLU FA 20 -62.89 44.19 55.78
N PRO FA 21 -63.89 44.87 55.23
CA PRO FA 21 -63.87 45.23 53.81
C PRO FA 21 -62.93 46.40 53.59
N GLN FA 22 -61.77 46.11 53.00
CA GLN FA 22 -60.84 47.19 52.69
C GLN FA 22 -61.00 47.72 51.26
N ARG FA 23 -61.58 46.94 50.36
CA ARG FA 23 -61.96 47.42 49.04
C ARG FA 23 -63.12 46.60 48.50
N GLY FA 24 -64.09 47.27 47.87
CA GLY FA 24 -65.23 46.60 47.29
C GLY FA 24 -64.99 46.24 45.84
N GLN FA 25 -65.91 45.45 45.29
CA GLN FA 25 -65.77 44.98 43.92
C GLN FA 25 -65.93 46.13 42.93
N ASN FA 26 -64.87 46.38 42.15
CA ASN FA 26 -64.81 47.55 41.27
C ASN FA 26 -66.03 47.61 40.37
N GLY FA 27 -66.33 46.50 39.73
CA GLY FA 27 -67.33 46.41 38.70
C GLY FA 27 -67.25 44.98 38.24
N VAL FA 28 -66.97 44.74 36.95
CA VAL FA 28 -66.66 43.40 36.49
C VAL FA 28 -65.16 43.15 36.38
N THR FA 29 -64.34 44.16 36.66
CA THR FA 29 -62.90 44.05 36.44
C THR FA 29 -62.13 43.58 37.66
N ASP FA 30 -62.28 44.27 38.80
CA ASP FA 30 -61.47 43.99 39.98
C ASP FA 30 -62.33 43.39 41.08
N PRO FA 31 -61.90 42.27 41.67
CA PRO FA 31 -62.71 41.63 42.71
C PRO FA 31 -62.73 42.41 44.01
N ALA FA 32 -63.75 42.14 44.82
CA ALA FA 32 -63.82 42.69 46.16
C ALA FA 32 -62.83 41.98 47.07
N GLU FA 33 -62.27 42.74 48.02
CA GLU FA 33 -61.21 42.20 48.86
C GLU FA 33 -61.45 42.56 50.33
N TRP FA 34 -61.14 41.62 51.21
CA TRP FA 34 -61.33 41.73 52.65
C TRP FA 34 -60.04 41.33 53.33
N TRP FA 35 -59.72 42.04 54.43
CA TRP FA 35 -58.46 41.92 55.15
C TRP FA 35 -58.73 41.61 56.61
N GLU FA 36 -58.05 40.59 57.16
CA GLU FA 36 -58.26 40.22 58.55
C GLU FA 36 -57.69 41.28 59.49
N LYS FA 37 -56.44 41.68 59.25
CA LYS FA 37 -55.78 42.73 60.02
C LYS FA 37 -55.64 42.34 61.48
N SER FA 38 -55.34 41.07 61.74
CA SER FA 38 -55.12 40.64 63.12
C SER FA 38 -53.66 40.81 63.53
N SER FA 39 -52.73 40.24 62.75
CA SER FA 39 -51.30 40.31 63.05
C SER FA 39 -50.82 41.77 63.06
N PRO FA 40 -49.71 42.05 63.76
CA PRO FA 40 -49.20 43.43 63.76
C PRO FA 40 -48.53 43.81 62.46
N THR FA 41 -47.93 42.87 61.75
CA THR FA 41 -47.34 43.15 60.46
C THR FA 41 -48.38 43.01 59.36
N LEU FA 42 -48.17 43.74 58.27
CA LEU FA 42 -49.02 43.57 57.10
C LEU FA 42 -48.90 42.17 56.50
N ASN FA 43 -47.84 41.44 56.84
CA ASN FA 43 -47.64 40.09 56.33
C ASN FA 43 -48.78 39.17 56.75
N GLY FA 44 -49.17 39.24 58.02
CA GLY FA 44 -50.12 38.34 58.64
C GLY FA 44 -51.59 38.70 58.49
N TYR FA 45 -51.92 39.64 57.62
CA TYR FA 45 -53.30 39.88 57.25
C TYR FA 45 -53.80 38.71 56.39
N ARG FA 46 -54.89 38.08 56.80
CA ARG FA 46 -55.52 37.06 55.95
C ARG FA 46 -56.43 37.74 54.94
N ARG FA 47 -56.58 37.14 53.76
CA ARG FA 47 -57.26 37.80 52.66
C ARG FA 47 -58.44 37.00 52.11
N LEU FA 48 -59.43 37.73 51.60
CA LEU FA 48 -60.59 37.12 50.94
C LEU FA 48 -60.97 37.95 49.73
N THR FA 49 -60.99 37.34 48.54
CA THR FA 49 -61.39 38.02 47.31
C THR FA 49 -62.62 37.34 46.73
N ALA FA 50 -63.56 38.15 46.24
CA ALA FA 50 -64.77 37.61 45.61
C ALA FA 50 -65.19 38.49 44.44
N LEU FA 51 -65.40 37.86 43.29
CA LEU FA 51 -65.77 38.53 42.04
C LEU FA 51 -66.93 37.80 41.38
N VAL FA 52 -67.92 38.57 40.90
CA VAL FA 52 -69.09 38.02 40.21
C VAL FA 52 -69.21 38.73 38.87
N ARG FA 53 -68.98 37.98 37.79
CA ARG FA 53 -68.90 38.59 36.46
C ARG FA 53 -69.65 37.73 35.45
N ARG FA 54 -70.40 38.38 34.56
CA ARG FA 54 -71.15 37.67 33.53
C ARG FA 54 -70.29 37.60 32.27
N ASN FA 55 -69.83 36.40 31.93
CA ASN FA 55 -69.23 36.17 30.63
C ASN FA 55 -70.35 36.13 29.60
N ALA FA 56 -70.43 37.18 28.78
CA ALA FA 56 -71.54 37.36 27.85
C ALA FA 56 -71.44 36.42 26.66
N ALA FA 57 -70.23 36.07 26.26
CA ALA FA 57 -70.04 35.08 25.20
C ALA FA 57 -70.63 33.74 25.62
N SER FA 58 -70.13 33.18 26.73
CA SER FA 58 -70.59 31.89 27.22
C SER FA 58 -71.98 31.95 27.82
N LYS FA 59 -72.61 33.11 27.84
CA LYS FA 59 -73.90 33.32 28.48
C LYS FA 59 -73.92 32.65 29.85
N SER FA 60 -73.00 33.08 30.71
CA SER FA 60 -72.89 32.48 32.03
C SER FA 60 -72.37 33.50 33.02
N VAL FA 61 -72.42 33.13 34.29
CA VAL FA 61 -71.94 33.95 35.38
C VAL FA 61 -70.88 33.18 36.12
N LYS FA 62 -69.67 33.74 36.18
CA LYS FA 62 -68.59 33.17 36.97
C LYS FA 62 -68.55 33.85 38.34
N VAL FA 63 -68.29 33.05 39.36
CA VAL FA 63 -68.16 33.52 40.74
C VAL FA 63 -66.85 32.95 41.27
N LYS FA 64 -65.88 33.83 41.52
CA LYS FA 64 -64.54 33.44 41.97
C LYS FA 64 -64.29 33.96 43.38
N VAL FA 65 -63.90 33.05 44.26
CA VAL FA 65 -63.59 33.37 45.65
C VAL FA 65 -62.22 32.79 45.99
N ALA FA 66 -61.43 33.55 46.74
CA ALA FA 66 -60.12 33.08 47.19
C ALA FA 66 -59.90 33.46 48.63
N ILE FA 67 -59.30 32.54 49.40
CA ILE FA 67 -58.98 32.75 50.80
C ILE FA 67 -57.49 32.49 50.98
N TYR FA 68 -56.77 33.52 51.41
CA TYR FA 68 -55.31 33.46 51.58
C TYR FA 68 -54.97 33.51 53.06
N ASP FA 69 -54.36 32.43 53.57
CA ASP FA 69 -53.92 32.40 54.97
C ASP FA 69 -52.40 32.35 55.03
N PRO FA 70 -51.72 33.42 55.45
CA PRO FA 70 -50.26 33.37 55.52
C PRO FA 70 -49.77 32.86 56.87
N THR FA 71 -48.64 32.16 56.82
CA THR FA 71 -47.91 31.80 58.03
C THR FA 71 -46.52 32.39 57.94
N LEU FA 72 -46.14 33.12 59.00
CA LEU FA 72 -44.92 33.90 59.08
C LEU FA 72 -43.83 33.12 59.79
N ALA FA 73 -42.60 33.60 59.63
CA ALA FA 73 -41.46 33.00 60.29
C ALA FA 73 -40.38 34.05 60.44
N VAL FA 74 -39.69 34.01 61.55
CA VAL FA 74 -38.59 34.92 61.82
C VAL FA 74 -37.28 34.14 61.70
N THR FA 75 -36.20 34.87 61.41
CA THR FA 75 -34.87 34.25 61.38
C THR FA 75 -34.56 33.52 62.68
N ALA FA 76 -34.97 34.12 63.80
CA ALA FA 76 -34.66 33.59 65.12
C ALA FA 76 -35.79 34.01 66.07
N PRO FA 77 -36.05 33.23 67.11
CA PRO FA 77 -37.20 33.52 67.97
C PRO FA 77 -37.07 34.89 68.64
N SER FA 78 -38.21 35.50 68.91
CA SER FA 78 -38.26 36.86 69.41
C SER FA 78 -37.75 36.96 70.86
N THR FA 79 -37.12 38.09 71.19
CA THR FA 79 -36.58 38.32 72.53
C THR FA 79 -37.34 39.32 73.37
N ALA FA 80 -38.00 40.30 72.74
CA ALA FA 80 -38.73 41.38 73.41
C ALA FA 80 -37.82 42.35 74.15
N SER FA 81 -36.52 42.36 73.85
CA SER FA 81 -35.59 43.25 74.54
C SER FA 81 -34.91 44.24 73.61
N GLY FA 82 -34.17 43.75 72.61
CA GLY FA 82 -33.45 44.61 71.70
C GLY FA 82 -34.06 44.56 70.31
N ILE FA 83 -33.36 45.18 69.35
CA ILE FA 83 -33.82 45.15 67.96
C ILE FA 83 -33.84 43.70 67.50
N GLN FA 84 -34.96 43.30 66.93
CA GLN FA 84 -35.24 41.92 66.61
C GLN FA 84 -35.43 41.74 65.11
N PRO FA 85 -35.30 40.51 64.61
CA PRO FA 85 -35.45 40.29 63.16
C PRO FA 85 -36.90 40.48 62.74
N SER FA 86 -37.10 41.29 61.70
CA SER FA 86 -38.43 41.44 61.14
C SER FA 86 -38.84 40.12 60.48
N PRO FA 87 -40.15 39.84 60.46
CA PRO FA 87 -40.60 38.51 60.03
C PRO FA 87 -40.83 38.42 58.53
N THR FA 88 -40.41 37.30 57.96
CA THR FA 88 -40.68 36.99 56.57
C THR FA 88 -41.95 36.15 56.46
N VAL FA 89 -42.50 36.11 55.26
CA VAL FA 89 -43.65 35.26 54.97
C VAL FA 89 -43.11 33.86 54.68
N ALA FA 90 -43.33 32.93 55.61
CA ALA FA 90 -42.86 31.57 55.40
C ALA FA 90 -43.62 30.91 54.26
N PHE FA 91 -44.95 30.89 54.34
CA PHE FA 91 -45.73 30.33 53.24
C PHE FA 91 -47.16 30.86 53.31
N THR FA 92 -47.97 30.45 52.34
CA THR FA 92 -49.37 30.85 52.28
C THR FA 92 -50.21 29.66 51.87
N CYS FA 93 -51.34 29.48 52.55
CA CYS FA 93 -52.31 28.44 52.22
C CYS FA 93 -53.51 29.07 51.54
N PRO FA 94 -53.65 28.92 50.23
CA PRO FA 94 -54.87 29.39 49.57
C PRO FA 94 -55.91 28.32 49.32
N VAL FA 95 -57.16 28.78 49.36
CA VAL FA 95 -58.31 28.12 48.74
C VAL FA 95 -58.79 28.97 47.58
N PHE FA 96 -59.08 28.32 46.46
CA PHE FA 96 -59.75 28.94 45.32
C PHE FA 96 -61.05 28.20 45.08
N ILE FA 97 -62.14 28.96 44.91
CA ILE FA 97 -63.47 28.42 44.68
C ILE FA 97 -64.03 29.11 43.44
N GLU FA 98 -64.53 28.32 42.50
CA GLU FA 98 -65.15 28.86 41.29
C GLU FA 98 -66.47 28.16 41.04
N PHE FA 99 -67.54 28.96 40.93
CA PHE FA 99 -68.83 28.50 40.45
C PHE FA 99 -69.06 29.05 39.06
N THR FA 100 -69.64 28.25 38.17
CA THR FA 100 -70.14 28.82 36.93
C THR FA 100 -71.60 28.46 36.75
N LEU FA 101 -72.42 29.46 36.47
CA LEU FA 101 -73.87 29.31 36.41
C LEU FA 101 -74.35 29.79 35.04
N PRO FA 102 -74.80 28.89 34.17
CA PRO FA 102 -75.28 29.31 32.85
C PRO FA 102 -76.46 30.27 32.97
N ASP FA 103 -76.68 31.04 31.91
CA ASP FA 103 -77.66 32.12 32.00
C ASP FA 103 -79.07 31.58 32.22
N ALA FA 104 -79.39 30.45 31.60
CA ALA FA 104 -80.71 29.85 31.75
C ALA FA 104 -80.71 28.84 32.92
N CYS FA 105 -80.41 29.37 34.11
CA CYS FA 105 -80.19 28.56 35.31
C CYS FA 105 -81.20 28.93 36.38
N THR FA 106 -81.74 27.90 37.05
CA THR FA 106 -82.72 28.14 38.09
C THR FA 106 -82.06 28.62 39.38
N ILE FA 107 -82.78 29.50 40.08
CA ILE FA 107 -82.36 29.86 41.43
C ILE FA 107 -82.26 28.60 42.29
N GLN FA 108 -83.13 27.62 42.05
CA GLN FA 108 -83.05 26.37 42.79
C GLN FA 108 -81.77 25.61 42.45
N ASN FA 109 -81.35 25.66 41.19
CA ASN FA 109 -80.08 25.02 40.82
C ASN FA 109 -78.90 25.71 41.50
N ARG FA 110 -78.95 27.05 41.61
CA ARG FA 110 -77.87 27.78 42.30
C ARG FA 110 -77.81 27.37 43.77
N LYS FA 111 -78.97 27.33 44.42
CA LYS FA 111 -79.03 26.86 45.81
C LYS FA 111 -78.48 25.46 45.94
N ASP FA 112 -78.86 24.57 45.02
CA ASP FA 112 -78.35 23.20 45.01
C ASP FA 112 -76.83 23.17 44.97
N ILE FA 113 -76.23 23.88 44.01
CA ILE FA 113 -74.79 23.76 43.80
C ILE FA 113 -74.03 24.34 44.99
N LEU FA 114 -74.50 25.48 45.52
CA LEU FA 114 -73.84 26.06 46.69
C LEU FA 114 -73.95 25.12 47.89
N ALA FA 115 -75.10 24.46 48.04
CA ALA FA 115 -75.29 23.52 49.14
C ALA FA 115 -74.37 22.32 49.00
N TYR FA 116 -74.22 21.79 47.78
CA TYR FA 116 -73.31 20.67 47.55
C TYR FA 116 -71.89 21.06 47.95
N ALA FA 117 -71.45 22.25 47.55
CA ALA FA 117 -70.12 22.73 47.91
C ALA FA 117 -69.95 22.82 49.42
N LYS FA 118 -70.86 23.51 50.10
CA LYS FA 118 -70.68 23.75 51.53
C LYS FA 118 -70.79 22.47 52.35
N ASN FA 119 -71.77 21.60 52.02
CA ASN FA 119 -71.91 20.35 52.75
C ASN FA 119 -70.72 19.44 52.51
N PHE FA 120 -70.19 19.42 51.30
CA PHE FA 120 -68.99 18.63 51.06
C PHE FA 120 -67.82 19.15 51.88
N LEU FA 121 -67.58 20.46 51.86
CA LEU FA 121 -66.45 20.99 52.61
C LEU FA 121 -66.59 20.74 54.11
N ALA FA 122 -67.83 20.71 54.62
CA ALA FA 122 -68.02 20.27 55.99
C ALA FA 122 -67.75 18.79 56.16
N SER FA 123 -67.90 18.00 55.10
CA SER FA 123 -67.87 16.54 55.22
C SER FA 123 -66.50 16.01 55.66
N ALA FA 124 -66.56 14.90 56.41
CA ALA FA 124 -65.35 14.26 56.91
C ALA FA 124 -64.50 13.69 55.78
N THR FA 125 -65.09 13.41 54.61
CA THR FA 125 -64.25 13.01 53.48
C THR FA 125 -63.38 14.18 52.99
N ALA FA 126 -63.96 15.38 52.94
CA ALA FA 126 -63.15 16.57 52.68
C ALA FA 126 -62.10 16.77 53.76
N THR FA 127 -62.43 16.43 55.01
CA THR FA 127 -61.44 16.56 56.07
C THR FA 127 -60.29 15.56 55.88
N ASP FA 128 -60.59 14.27 55.69
CA ASP FA 128 -59.57 13.29 55.33
C ASP FA 128 -58.76 13.75 54.13
N LEU FA 129 -59.40 14.45 53.20
CA LEU FA 129 -58.74 14.86 51.96
C LEU FA 129 -57.72 15.97 52.18
N VAL FA 130 -58.13 17.04 52.84
CA VAL FA 130 -57.32 18.25 52.93
C VAL FA 130 -56.56 18.33 54.25
N VAL FA 131 -57.26 18.13 55.37
CA VAL FA 131 -56.60 18.21 56.67
C VAL FA 131 -55.58 17.09 56.80
N ASN FA 132 -56.02 15.86 56.54
CA ASN FA 132 -55.18 14.70 56.76
C ASN FA 132 -54.12 14.54 55.66
N THR FA 133 -54.31 15.19 54.50
CA THR FA 133 -53.42 15.10 53.32
C THR FA 133 -53.36 13.67 52.82
N ALA FA 134 -54.51 13.11 52.54
CA ALA FA 134 -54.59 11.71 52.15
C ALA FA 134 -55.68 11.59 51.09
N PRO FA 135 -55.37 11.01 49.94
CA PRO FA 135 -56.40 10.86 48.92
C PRO FA 135 -57.22 9.60 49.13
N GLN FA 136 -58.27 9.47 48.31
CA GLN FA 136 -59.24 8.41 48.41
C GLN FA 136 -58.83 7.25 47.50
N TYR FA 137 -58.28 6.19 48.08
CA TYR FA 137 -57.72 5.11 47.27
C TYR FA 137 -58.64 3.88 47.18
N GLN GA 1 -73.00 56.70 46.12
CA GLN GA 1 -72.60 55.28 46.19
C GLN GA 1 -73.72 54.50 45.58
N ILE GA 2 -73.52 53.21 45.31
CA ILE GA 2 -74.46 52.44 44.51
C ILE GA 2 -75.34 51.61 45.43
N ALA GA 3 -76.65 51.71 45.22
CA ALA GA 3 -77.64 50.87 45.85
C ALA GA 3 -78.74 50.60 44.83
N ASN GA 4 -79.58 49.62 45.11
CA ASN GA 4 -80.61 49.25 44.16
C ASN GA 4 -81.60 50.40 44.01
N VAL GA 5 -82.25 50.46 42.84
CA VAL GA 5 -83.19 51.54 42.52
C VAL GA 5 -84.57 50.94 42.31
N VAL GA 6 -85.59 51.64 42.79
CA VAL GA 6 -86.95 51.11 42.78
C VAL GA 6 -87.80 51.97 41.86
N LEU GA 7 -88.33 51.36 40.80
CA LEU GA 7 -89.12 52.06 39.79
C LEU GA 7 -90.53 51.50 39.77
N ALA GA 8 -91.52 52.39 39.81
CA ALA GA 8 -92.91 51.95 39.81
C ALA GA 8 -93.41 51.77 38.39
N ASP GA 9 -94.01 50.61 38.12
CA ASP GA 9 -94.44 50.31 36.77
C ASP GA 9 -95.73 51.06 36.43
N GLY GA 10 -96.16 50.91 35.19
CA GLY GA 10 -97.37 51.57 34.73
C GLY GA 10 -98.55 50.64 34.88
N GLN GA 11 -99.41 50.95 35.85
CA GLN GA 11 -100.66 50.23 36.08
C GLN GA 11 -101.61 51.23 36.74
N ALA GA 12 -102.81 50.75 37.08
CA ALA GA 12 -103.68 51.49 37.97
C ALA GA 12 -102.99 51.80 39.27
N ALA GA 13 -102.57 50.76 39.95
CA ALA GA 13 -101.81 50.84 41.15
C ALA GA 13 -100.40 50.44 40.79
N PRO GA 14 -99.44 51.34 41.00
CA PRO GA 14 -98.05 51.02 40.66
C PRO GA 14 -97.56 49.86 41.51
N ALA GA 15 -96.74 49.02 40.90
CA ALA GA 15 -96.08 47.91 41.57
C ALA GA 15 -94.60 48.15 41.46
N ASP GA 16 -93.95 48.35 42.60
CA ASP GA 16 -92.53 48.68 42.62
C ASP GA 16 -91.69 47.51 42.12
N LYS GA 17 -90.88 47.76 41.10
CA LYS GA 17 -89.90 46.80 40.62
C LYS GA 17 -88.53 47.27 41.08
N THR GA 18 -87.81 46.39 41.76
CA THR GA 18 -86.51 46.72 42.35
C THR GA 18 -85.40 46.21 41.46
N PHE GA 19 -84.46 47.09 41.13
CA PHE GA 19 -83.29 46.76 40.32
C PHE GA 19 -82.08 46.72 41.25
N GLU GA 20 -81.59 45.51 41.54
CA GLU GA 20 -80.42 45.32 42.38
C GLU GA 20 -79.15 45.44 41.54
N PRO GA 21 -78.13 46.12 42.05
CA PRO GA 21 -76.95 46.42 41.23
C PRO GA 21 -76.12 45.18 40.92
N GLN GA 22 -75.56 45.16 39.72
CA GLN GA 22 -74.69 44.10 39.24
C GLN GA 22 -73.29 44.58 38.90
N ARG GA 23 -73.12 45.86 38.54
CA ARG GA 23 -71.85 46.44 38.18
C ARG GA 23 -71.74 47.85 38.71
N GLY GA 24 -70.55 48.21 39.16
CA GLY GA 24 -70.22 49.60 39.40
C GLY GA 24 -69.58 50.20 38.16
N GLN GA 25 -69.77 51.50 37.99
CA GLN GA 25 -69.13 52.20 36.88
C GLN GA 25 -67.63 52.26 37.13
N ASN GA 26 -66.85 51.74 36.17
CA ASN GA 26 -65.40 51.70 36.26
C ASN GA 26 -64.82 52.52 35.11
N GLY GA 27 -64.07 53.57 35.44
CA GLY GA 27 -63.52 54.42 34.40
C GLY GA 27 -64.62 55.18 33.69
N VAL GA 28 -64.57 55.17 32.36
CA VAL GA 28 -65.64 55.74 31.55
C VAL GA 28 -66.08 54.75 30.48
N THR GA 29 -65.30 53.69 30.30
CA THR GA 29 -65.66 52.69 29.32
C THR GA 29 -66.89 51.89 29.77
N ASP GA 30 -66.96 51.56 31.06
CA ASP GA 30 -67.91 50.58 31.58
C ASP GA 30 -69.04 51.28 32.32
N PRO GA 31 -70.30 51.08 31.94
CA PRO GA 31 -71.41 51.66 32.72
C PRO GA 31 -71.84 50.75 33.86
N ALA GA 32 -72.43 51.37 34.88
CA ALA GA 32 -72.98 50.61 36.00
C ALA GA 32 -74.34 50.02 35.64
N GLU GA 33 -74.59 48.79 36.09
CA GLU GA 33 -75.75 48.03 35.63
C GLU GA 33 -76.55 47.50 36.82
N TRP GA 34 -77.88 47.46 36.65
CA TRP GA 34 -78.85 46.99 37.64
C TRP GA 34 -79.79 45.98 36.98
N TRP GA 35 -80.11 44.92 37.72
CA TRP GA 35 -80.92 43.80 37.23
C TRP GA 35 -82.15 43.62 38.12
N GLU GA 36 -83.31 43.36 37.51
CA GLU GA 36 -84.55 43.25 38.29
C GLU GA 36 -84.68 41.92 39.00
N LYS GA 37 -84.33 40.82 38.32
CA LYS GA 37 -84.42 39.48 38.91
C LYS GA 37 -85.87 39.06 39.15
N SER GA 38 -86.80 39.55 38.34
CA SER GA 38 -88.19 39.18 38.58
C SER GA 38 -88.49 37.80 38.02
N SER GA 39 -88.18 37.55 36.76
CA SER GA 39 -88.43 36.26 36.13
C SER GA 39 -87.39 35.22 36.59
N PRO GA 40 -87.66 33.92 36.36
CA PRO GA 40 -86.66 32.91 36.82
C PRO GA 40 -85.32 32.94 36.08
N THR GA 41 -85.31 33.05 34.75
CA THR GA 41 -84.07 33.04 33.98
C THR GA 41 -83.58 34.47 33.74
N LEU GA 42 -82.37 34.60 33.17
CA LEU GA 42 -81.82 35.94 32.95
C LEU GA 42 -82.65 36.72 31.95
N ASN GA 43 -83.12 36.07 30.89
CA ASN GA 43 -83.80 36.80 29.81
C ASN GA 43 -84.95 37.65 30.34
N GLY GA 44 -85.55 37.27 31.48
CA GLY GA 44 -86.65 38.02 32.05
C GLY GA 44 -86.26 39.19 32.93
N TYR GA 45 -85.00 39.27 33.35
CA TYR GA 45 -84.52 40.41 34.12
C TYR GA 45 -84.72 41.70 33.34
N ARG GA 46 -85.21 42.74 34.01
CA ARG GA 46 -85.22 44.08 33.44
C ARG GA 46 -83.90 44.77 33.80
N ARG GA 47 -83.38 45.55 32.85
CA ARG GA 47 -82.04 46.12 32.99
C ARG GA 47 -82.07 47.64 33.10
N LEU GA 48 -81.11 48.18 33.85
CA LEU GA 48 -80.88 49.61 33.93
C LEU GA 48 -79.38 49.89 33.88
N THR GA 49 -78.94 50.65 32.89
CA THR GA 49 -77.53 51.02 32.74
C THR GA 49 -77.37 52.53 32.89
N ALA GA 50 -76.30 52.94 33.56
CA ALA GA 50 -76.04 54.36 33.78
C ALA GA 50 -74.54 54.62 33.74
N LEU GA 51 -74.15 55.60 32.94
CA LEU GA 51 -72.74 55.93 32.71
C LEU GA 51 -72.58 57.44 32.67
N VAL GA 52 -71.72 57.97 33.54
CA VAL GA 52 -71.33 59.36 33.51
C VAL GA 52 -69.88 59.42 33.03
N ARG GA 53 -69.67 59.96 31.83
CA ARG GA 53 -68.34 60.03 31.24
C ARG GA 53 -68.04 61.46 30.82
N ARG GA 54 -66.86 61.95 31.20
CA ARG GA 54 -66.48 63.29 30.75
C ARG GA 54 -65.91 63.18 29.34
N ASN GA 55 -66.44 64.01 28.43
CA ASN GA 55 -65.93 64.16 27.08
C ASN GA 55 -65.08 65.43 27.06
N ALA GA 56 -63.77 65.25 26.83
CA ALA GA 56 -62.83 66.37 26.89
C ALA GA 56 -62.84 67.20 25.62
N ALA GA 57 -63.27 66.60 24.51
CA ALA GA 57 -63.38 67.34 23.26
C ALA GA 57 -64.36 68.50 23.42
N SER GA 58 -65.57 68.22 23.86
CA SER GA 58 -66.59 69.24 24.05
C SER GA 58 -66.45 69.99 25.37
N LYS GA 59 -65.44 69.65 26.18
CA LYS GA 59 -65.29 70.19 27.53
C LYS GA 59 -66.62 70.08 28.29
N SER GA 60 -67.10 68.85 28.40
CA SER GA 60 -68.44 68.66 28.97
C SER GA 60 -68.54 67.26 29.55
N VAL GA 61 -69.64 67.03 30.27
CA VAL GA 61 -69.94 65.75 30.88
C VAL GA 61 -71.17 65.16 30.20
N LYS GA 62 -71.13 63.88 29.87
CA LYS GA 62 -72.28 63.17 29.33
C LYS GA 62 -72.83 62.20 30.35
N VAL GA 63 -74.15 62.05 30.38
CA VAL GA 63 -74.84 61.12 31.26
C VAL GA 63 -75.78 60.29 30.41
N LYS GA 64 -75.51 58.99 30.33
CA LYS GA 64 -76.32 58.07 29.53
C LYS GA 64 -77.01 57.06 30.45
N VAL GA 65 -78.32 56.93 30.28
CA VAL GA 65 -79.14 56.00 31.02
C VAL GA 65 -79.93 55.17 30.03
N ALA GA 66 -80.12 53.89 30.34
CA ALA GA 66 -80.90 53.00 29.50
C ALA GA 66 -81.74 52.07 30.38
N ILE GA 67 -83.00 51.88 29.97
CA ILE GA 67 -83.90 50.97 30.65
C ILE GA 67 -84.42 49.97 29.63
N TYR GA 68 -84.12 48.69 29.84
CA TYR GA 68 -84.54 47.61 28.96
C TYR GA 68 -85.61 46.78 29.66
N ASP GA 69 -86.84 46.77 29.10
CA ASP GA 69 -87.95 45.96 29.61
C ASP GA 69 -88.26 44.85 28.60
N PRO GA 70 -87.83 43.62 28.84
CA PRO GA 70 -88.12 42.54 27.87
C PRO GA 70 -89.38 41.77 28.22
N THR GA 71 -90.13 41.32 27.21
CA THR GA 71 -91.27 40.44 27.42
C THR GA 71 -90.98 39.09 26.78
N LEU GA 72 -91.22 38.01 27.52
CA LEU GA 72 -90.89 36.69 27.01
C LEU GA 72 -91.96 36.20 26.04
N ALA GA 73 -91.58 35.23 25.21
CA ALA GA 73 -92.49 34.68 24.24
C ALA GA 73 -93.26 33.49 24.82
N VAL GA 74 -94.42 33.23 24.25
CA VAL GA 74 -95.27 32.13 24.71
C VAL GA 74 -94.72 30.81 24.16
N THR GA 75 -94.36 29.91 25.06
CA THR GA 75 -93.72 28.66 24.68
C THR GA 75 -94.72 27.51 24.69
N ALA GA 76 -94.29 26.38 24.13
CA ALA GA 76 -95.08 25.17 24.02
C ALA GA 76 -94.29 24.00 24.57
N PRO GA 77 -94.97 23.03 25.20
CA PRO GA 77 -94.22 21.90 25.79
C PRO GA 77 -93.50 21.04 24.78
N SER GA 78 -94.08 20.83 23.59
CA SER GA 78 -93.48 20.00 22.56
C SER GA 78 -92.82 20.90 21.52
N THR GA 79 -91.48 20.89 21.51
CA THR GA 79 -90.71 21.54 20.47
C THR GA 79 -90.33 20.50 19.42
N ALA GA 80 -90.26 20.93 18.16
CA ALA GA 80 -89.92 19.99 17.10
C ALA GA 80 -88.52 19.43 17.30
N SER GA 81 -88.40 18.13 17.01
CA SER GA 81 -87.10 17.46 16.97
C SER GA 81 -86.27 17.80 18.20
N GLY GA 82 -86.87 17.63 19.35
CA GLY GA 82 -86.01 17.78 20.51
C GLY GA 82 -86.78 18.20 21.75
N ILE GA 83 -86.13 19.08 22.49
CA ILE GA 83 -86.43 19.28 23.89
C ILE GA 83 -87.39 20.45 24.07
N GLN GA 84 -88.09 20.45 25.19
CA GLN GA 84 -88.92 21.58 25.59
C GLN GA 84 -88.06 22.85 25.66
N PRO GA 85 -88.51 23.97 25.11
CA PRO GA 85 -87.60 25.09 24.88
C PRO GA 85 -87.37 25.90 26.14
N SER GA 86 -86.15 26.44 26.25
CA SER GA 86 -85.86 27.36 27.33
C SER GA 86 -86.53 28.70 27.04
N PRO GA 87 -86.84 29.48 28.07
CA PRO GA 87 -87.60 30.72 27.85
C PRO GA 87 -86.77 31.72 27.05
N THR GA 88 -87.39 32.31 26.04
CA THR GA 88 -86.70 33.22 25.14
C THR GA 88 -87.43 34.55 25.09
N VAL GA 89 -86.69 35.58 24.71
CA VAL GA 89 -87.24 36.94 24.60
C VAL GA 89 -87.92 37.09 23.25
N ALA GA 90 -89.18 37.53 23.27
CA ALA GA 90 -89.88 37.81 22.02
C ALA GA 90 -89.57 39.22 21.52
N PHE GA 91 -89.56 40.19 22.43
CA PHE GA 91 -89.16 41.56 22.11
C PHE GA 91 -88.83 42.27 23.41
N THR GA 92 -88.31 43.49 23.26
CA THR GA 92 -87.88 44.27 24.40
C THR GA 92 -88.13 45.75 24.09
N CYS GA 93 -88.57 46.50 25.10
CA CYS GA 93 -88.85 47.94 24.97
C CYS GA 93 -87.77 48.72 25.68
N PRO GA 94 -86.91 49.42 24.94
CA PRO GA 94 -85.93 50.29 25.59
C PRO GA 94 -86.30 51.76 25.64
N VAL GA 95 -85.82 52.40 26.71
CA VAL GA 95 -85.63 53.84 26.79
C VAL GA 95 -84.14 54.13 26.80
N PHE GA 96 -83.73 55.15 26.05
CA PHE GA 96 -82.42 55.77 26.18
C PHE GA 96 -82.60 57.22 26.56
N ILE GA 97 -81.76 57.69 27.49
CA ILE GA 97 -81.78 59.07 27.97
C ILE GA 97 -80.36 59.58 27.99
N GLU GA 98 -80.12 60.74 27.39
CA GLU GA 98 -78.80 61.34 27.37
C GLU GA 98 -78.89 62.80 27.77
N PHE GA 99 -78.26 63.15 28.89
CA PHE GA 99 -78.03 64.52 29.30
C PHE GA 99 -76.62 64.93 28.88
N THR GA 100 -76.46 66.17 28.42
CA THR GA 100 -75.10 66.69 28.33
C THR GA 100 -75.01 68.02 29.07
N LEU GA 101 -73.92 68.18 29.82
CA LEU GA 101 -73.75 69.31 30.73
C LEU GA 101 -72.36 69.94 30.52
N PRO GA 102 -72.27 71.17 30.02
CA PRO GA 102 -70.97 71.78 29.79
C PRO GA 102 -70.26 72.08 31.10
N ASP GA 103 -68.95 72.31 30.99
CA ASP GA 103 -68.14 72.52 32.18
C ASP GA 103 -68.49 73.83 32.88
N ALA GA 104 -68.96 74.83 32.13
CA ALA GA 104 -69.25 76.13 32.68
C ALA GA 104 -70.67 76.25 33.23
N CYS GA 105 -71.34 75.14 33.50
CA CYS GA 105 -72.77 75.18 33.83
C CYS GA 105 -72.99 75.25 35.34
N THR GA 106 -74.19 75.71 35.71
CA THR GA 106 -74.55 75.90 37.11
C THR GA 106 -75.26 74.68 37.67
N ILE GA 107 -75.11 74.48 38.97
CA ILE GA 107 -75.94 73.50 39.69
C ILE GA 107 -77.41 73.78 39.44
N GLN GA 108 -77.77 75.06 39.34
CA GLN GA 108 -79.15 75.42 39.02
C GLN GA 108 -79.54 74.95 37.63
N ASN GA 109 -78.62 75.06 36.66
CA ASN GA 109 -78.93 74.59 35.31
C ASN GA 109 -79.13 73.08 35.28
N ARG GA 110 -78.30 72.34 36.02
CA ARG GA 110 -78.47 70.88 36.06
C ARG GA 110 -79.81 70.50 36.67
N LYS GA 111 -80.17 71.13 37.79
CA LYS GA 111 -81.47 70.85 38.40
C LYS GA 111 -82.61 71.21 37.45
N ASP GA 112 -82.50 72.35 36.77
CA ASP GA 112 -83.47 72.74 35.76
C ASP GA 112 -83.67 71.64 34.72
N ILE GA 113 -82.58 71.19 34.11
CA ILE GA 113 -82.69 70.28 32.97
C ILE GA 113 -83.29 68.95 33.41
N LEU GA 114 -82.86 68.45 34.58
CA LEU GA 114 -83.39 67.18 35.04
C LEU GA 114 -84.87 67.29 35.39
N ALA GA 115 -85.28 68.41 36.01
CA ALA GA 115 -86.68 68.58 36.34
C ALA GA 115 -87.53 68.70 35.09
N TYR GA 116 -87.01 69.39 34.06
CA TYR GA 116 -87.74 69.47 32.79
C TYR GA 116 -87.98 68.07 32.24
N ALA GA 117 -86.95 67.24 32.26
CA ALA GA 117 -87.09 65.87 31.76
C ALA GA 117 -88.15 65.09 32.54
N LYS GA 118 -88.04 65.08 33.88
CA LYS GA 118 -88.96 64.26 34.67
C LYS GA 118 -90.40 64.76 34.56
N ASN GA 119 -90.60 66.08 34.58
CA ASN GA 119 -91.94 66.63 34.50
C ASN GA 119 -92.55 66.38 33.14
N PHE GA 120 -91.76 66.47 32.07
CA PHE GA 120 -92.30 66.12 30.76
C PHE GA 120 -92.71 64.66 30.72
N LEU GA 121 -91.83 63.76 31.17
CA LEU GA 121 -92.16 62.34 31.11
C LEU GA 121 -93.41 62.01 31.91
N ALA GA 122 -93.66 62.74 33.00
CA ALA GA 122 -94.94 62.59 33.69
C ALA GA 122 -96.09 63.16 32.87
N SER GA 123 -95.82 64.19 32.05
CA SER GA 123 -96.91 64.94 31.41
C SER GA 123 -97.75 64.08 30.50
N ALA GA 124 -99.03 64.46 30.38
CA ALA GA 124 -99.96 63.72 29.56
C ALA GA 124 -99.58 63.75 28.09
N THR GA 125 -98.86 64.78 27.63
CA THR GA 125 -98.40 64.79 26.24
C THR GA 125 -97.32 63.73 26.01
N ALA GA 126 -96.43 63.51 26.98
CA ALA GA 126 -95.53 62.38 26.86
C ALA GA 126 -96.30 61.07 26.93
N THR GA 127 -97.34 61.00 27.77
CA THR GA 127 -98.14 59.77 27.82
C THR GA 127 -98.82 59.51 26.47
N ASP GA 128 -99.48 60.54 25.90
CA ASP GA 128 -100.04 60.44 24.55
C ASP GA 128 -98.95 59.99 23.58
N LEU GA 129 -97.74 60.54 23.73
CA LEU GA 129 -96.68 60.31 22.76
C LEU GA 129 -96.22 58.85 22.75
N VAL GA 130 -96.07 58.24 23.92
CA VAL GA 130 -95.47 56.89 23.99
C VAL GA 130 -96.54 55.80 24.06
N VAL GA 131 -97.53 55.96 24.94
CA VAL GA 131 -98.54 54.93 25.14
C VAL GA 131 -99.46 54.80 23.93
N ASN GA 132 -99.88 55.93 23.36
CA ASN GA 132 -100.74 55.89 22.18
C ASN GA 132 -99.95 55.92 20.87
N THR GA 133 -98.64 56.10 20.93
CA THR GA 133 -97.76 56.17 19.75
C THR GA 133 -98.28 57.21 18.76
N ALA GA 134 -98.80 58.32 19.28
CA ALA GA 134 -99.45 59.29 18.42
C ALA GA 134 -98.60 60.54 18.26
N PRO GA 135 -98.58 61.13 17.05
CA PRO GA 135 -97.92 62.43 16.86
C PRO GA 135 -98.64 63.57 17.57
N GLN GA 136 -98.19 64.80 17.37
CA GLN GA 136 -98.85 65.98 17.91
C GLN GA 136 -99.37 66.82 16.75
N TYR GA 137 -100.66 66.72 16.48
CA TYR GA 137 -101.27 67.19 15.23
C TYR GA 137 -101.60 68.69 15.32
N GLN HA 1 27.55 -45.92 27.07
CA GLN HA 1 26.69 -44.96 27.79
C GLN HA 1 27.50 -43.75 28.28
N ILE HA 2 26.84 -42.59 28.47
CA ILE HA 2 27.58 -41.38 28.81
C ILE HA 2 27.88 -41.35 30.30
N ALA HA 3 29.07 -40.84 30.62
CA ALA HA 3 29.57 -40.66 31.97
C ALA HA 3 30.74 -39.71 31.87
N ASN HA 4 30.97 -38.95 32.96
CA ASN HA 4 31.96 -37.90 32.92
C ASN HA 4 33.35 -38.47 32.61
N VAL HA 5 34.22 -37.62 32.08
CA VAL HA 5 35.57 -38.01 31.68
C VAL HA 5 36.57 -37.15 32.43
N VAL HA 6 37.68 -37.76 32.86
CA VAL HA 6 38.62 -37.11 33.76
C VAL HA 6 39.97 -37.05 33.05
N LEU HA 7 40.42 -35.84 32.72
CA LEU HA 7 41.68 -35.64 32.01
C LEU HA 7 42.63 -34.84 32.87
N ALA HA 8 43.92 -35.16 32.79
CA ALA HA 8 44.94 -34.57 33.65
C ALA HA 8 45.65 -33.45 32.90
N ASP HA 9 45.66 -32.25 33.48
CA ASP HA 9 46.37 -31.14 32.85
C ASP HA 9 47.87 -31.30 33.01
N GLY HA 10 48.61 -30.58 32.17
CA GLY HA 10 50.06 -30.65 32.19
C GLY HA 10 50.65 -29.67 33.18
N GLN HA 11 51.35 -30.19 34.19
CA GLN HA 11 51.99 -29.36 35.19
C GLN HA 11 53.10 -30.15 35.87
N ALA HA 12 53.70 -29.50 36.87
CA ALA HA 12 54.51 -30.21 37.86
C ALA HA 12 53.78 -31.43 38.40
N ALA HA 13 52.66 -31.20 39.06
CA ALA HA 13 51.79 -32.26 39.57
C ALA HA 13 50.48 -32.05 38.83
N PRO HA 14 50.12 -32.97 37.95
CA PRO HA 14 48.93 -32.76 37.14
C PRO HA 14 47.69 -32.88 37.99
N ALA HA 15 46.68 -32.10 37.63
CA ALA HA 15 45.39 -32.08 38.30
C ALA HA 15 44.36 -32.70 37.38
N ASP HA 16 43.51 -33.52 37.98
CA ASP HA 16 42.37 -34.12 37.31
C ASP HA 16 41.28 -33.06 37.09
N LYS HA 17 41.04 -32.69 35.83
CA LYS HA 17 39.89 -31.87 35.46
C LYS HA 17 38.79 -32.82 35.00
N THR HA 18 37.64 -32.73 35.65
CA THR HA 18 36.52 -33.64 35.39
C THR HA 18 35.50 -32.91 34.52
N PHE HA 19 35.22 -33.48 33.34
CA PHE HA 19 34.17 -33.02 32.44
C PHE HA 19 32.93 -33.83 32.80
N GLU HA 20 31.99 -33.20 33.51
CA GLU HA 20 30.68 -33.79 33.76
C GLU HA 20 29.86 -33.82 32.46
N PRO HA 21 29.09 -34.88 32.20
CA PRO HA 21 28.26 -34.87 31.00
C PRO HA 21 27.17 -33.82 31.13
N GLN HA 22 27.08 -32.96 30.13
CA GLN HA 22 26.05 -31.95 30.09
C GLN HA 22 25.09 -32.13 28.92
N ARG HA 23 25.49 -32.84 27.87
CA ARG HA 23 24.55 -33.27 26.84
C ARG HA 23 25.04 -34.56 26.20
N GLY HA 24 24.16 -35.56 26.12
CA GLY HA 24 24.48 -36.81 25.46
C GLY HA 24 24.17 -36.78 23.97
N GLN HA 25 24.71 -37.79 23.26
CA GLN HA 25 24.42 -37.99 21.84
C GLN HA 25 23.47 -39.16 21.69
N ASN HA 26 22.23 -38.89 21.26
CA ASN HA 26 21.31 -39.95 20.91
C ASN HA 26 21.01 -40.00 19.42
N GLY HA 27 21.52 -39.04 18.66
CA GLY HA 27 21.27 -38.98 17.23
C GLY HA 27 22.57 -38.76 16.48
N VAL HA 28 22.48 -38.87 15.16
CA VAL HA 28 23.67 -38.77 14.31
C VAL HA 28 24.05 -37.31 14.02
N THR HA 29 23.09 -36.41 14.06
CA THR HA 29 23.38 -35.04 13.67
C THR HA 29 24.34 -34.35 14.63
N ASP HA 30 24.00 -34.33 15.95
CA ASP HA 30 24.66 -33.49 16.96
C ASP HA 30 25.54 -34.29 17.92
N PRO HA 31 26.79 -33.89 18.11
CA PRO HA 31 27.70 -34.66 18.98
C PRO HA 31 27.36 -34.52 20.46
N ALA HA 32 27.91 -35.44 21.24
CA ALA HA 32 27.81 -35.42 22.70
C ALA HA 32 28.82 -34.43 23.27
N GLU HA 33 28.50 -33.87 24.44
CA GLU HA 33 29.25 -32.76 25.00
C GLU HA 33 29.40 -32.93 26.49
N TRP HA 34 30.59 -32.59 27.00
CA TRP HA 34 30.96 -32.63 28.40
C TRP HA 34 31.48 -31.25 28.81
N TRP HA 35 31.10 -30.82 30.00
CA TRP HA 35 31.41 -29.49 30.53
C TRP HA 35 32.21 -29.59 31.82
N GLU HA 36 33.22 -28.74 31.98
CA GLU HA 36 34.12 -28.90 33.11
C GLU HA 36 33.61 -28.24 34.40
N LYS HA 37 33.09 -27.03 34.29
CA LYS HA 37 32.50 -26.30 35.42
C LYS HA 37 33.54 -25.92 36.48
N SER HA 38 34.81 -25.77 36.09
CA SER HA 38 35.80 -25.25 37.03
C SER HA 38 35.51 -23.78 37.36
N SER HA 39 35.52 -22.92 36.34
CA SER HA 39 35.18 -21.51 36.52
C SER HA 39 33.72 -21.38 36.97
N PRO HA 40 33.33 -20.21 37.52
CA PRO HA 40 31.95 -20.03 37.97
C PRO HA 40 30.93 -19.76 36.87
N THR HA 41 31.35 -19.18 35.76
CA THR HA 41 30.45 -18.81 34.67
C THR HA 41 30.58 -19.77 33.49
N LEU HA 42 29.54 -19.79 32.65
CA LEU HA 42 29.49 -20.73 31.53
C LEU HA 42 30.66 -20.54 30.58
N ASN HA 43 31.17 -19.31 30.45
CA ASN HA 43 32.25 -19.03 29.50
C ASN HA 43 33.54 -19.74 29.89
N GLY HA 44 33.77 -19.94 31.18
CA GLY HA 44 35.00 -20.54 31.67
C GLY HA 44 35.02 -22.04 31.71
N TYR HA 45 33.96 -22.69 31.25
CA TYR HA 45 33.94 -24.15 31.22
C TYR HA 45 34.87 -24.66 30.13
N ARG HA 46 35.55 -25.76 30.41
CA ARG HA 46 36.26 -26.49 29.38
C ARG HA 46 35.29 -27.49 28.75
N ARG HA 47 35.41 -27.67 27.43
CA ARG HA 47 34.43 -28.47 26.70
C ARG HA 47 35.08 -29.68 26.04
N LEU HA 48 34.28 -30.75 25.92
CA LEU HA 48 34.67 -31.94 25.18
C LEU HA 48 33.49 -32.45 24.37
N THR HA 49 33.64 -32.49 23.03
CA THR HA 49 32.61 -32.97 22.13
C THR HA 49 33.06 -34.27 21.44
N ALA HA 50 32.11 -35.17 21.21
CA ALA HA 50 32.41 -36.48 20.64
C ALA HA 50 31.21 -37.00 19.86
N LEU HA 51 31.43 -37.26 18.58
CA LEU HA 51 30.41 -37.73 17.65
C LEU HA 51 30.91 -38.99 16.93
N VAL HA 52 30.18 -40.08 17.07
CA VAL HA 52 30.39 -41.27 16.26
C VAL HA 52 29.22 -41.37 15.29
N ARG HA 53 29.53 -41.43 14.00
CA ARG HA 53 28.54 -41.28 12.94
C ARG HA 53 28.86 -42.24 11.81
N ARG HA 54 27.89 -43.07 11.44
CA ARG HA 54 28.09 -43.98 10.31
C ARG HA 54 27.87 -43.20 9.02
N ASN HA 55 28.90 -43.17 8.17
CA ASN HA 55 28.81 -42.58 6.83
C ASN HA 55 28.59 -43.72 5.84
N ALA HA 56 27.37 -43.80 5.30
CA ALA HA 56 27.04 -44.87 4.38
C ALA HA 56 27.70 -44.69 3.02
N ALA HA 57 28.10 -43.46 2.67
CA ALA HA 57 28.72 -43.21 1.38
C ALA HA 57 30.03 -43.95 1.25
N SER HA 58 30.95 -43.73 2.19
CA SER HA 58 32.24 -44.41 2.22
C SER HA 58 32.16 -45.78 2.87
N LYS HA 59 30.96 -46.24 3.23
CA LYS HA 59 30.77 -47.46 4.02
C LYS HA 59 31.76 -47.47 5.19
N SER HA 60 31.64 -46.45 6.02
CA SER HA 60 32.63 -46.23 7.06
C SER HA 60 31.95 -45.63 8.28
N VAL HA 61 32.75 -45.38 9.32
CA VAL HA 61 32.28 -44.79 10.56
C VAL HA 61 33.29 -43.74 10.98
N LYS HA 62 32.84 -42.48 11.08
CA LYS HA 62 33.71 -41.40 11.53
C LYS HA 62 33.52 -41.16 13.02
N VAL HA 63 34.61 -40.75 13.67
CA VAL HA 63 34.61 -40.40 15.08
C VAL HA 63 35.33 -39.05 15.19
N LYS HA 64 34.60 -38.02 15.58
CA LYS HA 64 35.13 -36.66 15.74
C LYS HA 64 35.13 -36.28 17.22
N VAL HA 65 36.29 -35.90 17.72
CA VAL HA 65 36.47 -35.49 19.10
C VAL HA 65 37.08 -34.10 19.10
N ALA HA 66 36.61 -33.24 20.00
CA ALA HA 66 37.13 -31.89 20.12
C ALA HA 66 37.27 -31.53 21.60
N ILE HA 67 38.38 -30.88 21.94
CA ILE HA 67 38.64 -30.42 23.31
C ILE HA 67 38.92 -28.93 23.25
N TYR HA 68 38.04 -28.14 23.86
CA TYR HA 68 38.18 -26.69 23.91
C TYR HA 68 38.61 -26.27 25.31
N ASP HA 69 39.82 -25.68 25.41
CA ASP HA 69 40.33 -25.13 26.66
C ASP HA 69 40.37 -23.61 26.55
N PRO HA 70 39.42 -22.89 27.15
CA PRO HA 70 39.46 -21.43 27.06
C PRO HA 70 40.28 -20.83 28.20
N THR HA 71 40.96 -19.74 27.88
CA THR HA 71 41.67 -18.98 28.91
C THR HA 71 40.90 -17.67 29.11
N LEU HA 72 40.21 -17.56 30.24
CA LEU HA 72 39.39 -16.38 30.49
C LEU HA 72 40.26 -15.14 30.54
N ALA HA 73 39.83 -14.08 29.86
CA ALA HA 73 40.52 -12.82 29.95
C ALA HA 73 40.47 -12.31 31.40
N VAL HA 74 41.62 -11.80 31.86
CA VAL HA 74 41.65 -11.08 33.13
C VAL HA 74 40.72 -9.88 33.04
N THR HA 75 39.68 -9.87 33.86
CA THR HA 75 38.67 -8.82 33.86
C THR HA 75 38.84 -7.97 35.10
N ALA HA 76 39.25 -6.71 34.92
CA ALA HA 76 39.38 -5.70 35.94
C ALA HA 76 38.21 -4.73 35.91
N PRO HA 77 37.83 -4.14 37.04
CA PRO HA 77 36.73 -3.17 37.05
C PRO HA 77 37.02 -2.01 36.13
N SER HA 78 36.01 -1.62 35.35
CA SER HA 78 36.20 -0.67 34.26
C SER HA 78 36.93 0.58 34.75
N THR HA 79 37.87 1.03 33.93
CA THR HA 79 38.51 2.30 34.20
C THR HA 79 37.60 3.45 33.80
N ALA HA 80 36.72 3.21 32.83
CA ALA HA 80 35.79 4.23 32.38
C ALA HA 80 34.41 4.11 33.02
N SER HA 81 33.80 2.93 32.98
CA SER HA 81 32.48 2.78 33.59
C SER HA 81 32.55 2.59 35.09
N GLY HA 82 33.72 2.26 35.63
CA GLY HA 82 33.79 1.85 37.02
C GLY HA 82 33.09 0.55 37.30
N ILE HA 83 32.69 -0.19 36.27
CA ILE HA 83 31.79 -1.33 36.38
C ILE HA 83 32.45 -2.52 35.71
N GLN HA 84 32.93 -3.48 36.52
CA GLN HA 84 33.63 -4.64 35.99
C GLN HA 84 32.75 -5.41 35.01
N PRO HA 85 33.21 -5.68 33.80
CA PRO HA 85 32.37 -6.38 32.82
C PRO HA 85 32.23 -7.84 33.19
N SER HA 86 31.11 -8.42 32.76
CA SER HA 86 30.87 -9.85 32.88
C SER HA 86 32.06 -10.60 32.28
N PRO HA 87 32.43 -11.76 32.83
CA PRO HA 87 33.68 -12.40 32.39
C PRO HA 87 33.58 -12.86 30.94
N THR HA 88 34.65 -12.62 30.20
CA THR HA 88 34.75 -12.90 28.77
C THR HA 88 35.92 -13.83 28.50
N VAL HA 89 35.97 -14.35 27.28
CA VAL HA 89 37.02 -15.29 26.85
C VAL HA 89 37.98 -14.54 25.93
N ALA HA 90 39.27 -14.51 26.32
CA ALA HA 90 40.27 -13.82 25.51
C ALA HA 90 40.72 -14.67 24.32
N PHE HA 91 40.86 -15.98 24.53
CA PHE HA 91 41.15 -16.91 23.46
C PHE HA 91 40.91 -18.32 23.97
N THR HA 92 40.95 -19.26 23.03
CA THR HA 92 40.65 -20.65 23.32
C THR HA 92 41.60 -21.54 22.52
N CYS HA 93 42.07 -22.62 23.14
CA CYS HA 93 42.95 -23.59 22.50
C CYS HA 93 42.16 -24.85 22.19
N PRO HA 94 41.89 -25.15 20.93
CA PRO HA 94 41.24 -26.42 20.60
C PRO HA 94 42.19 -27.50 20.12
N VAL HA 95 41.76 -28.74 20.39
CA VAL HA 95 42.23 -29.93 19.70
C VAL HA 95 41.07 -30.53 18.93
N PHE HA 96 41.33 -30.93 17.68
CA PHE HA 96 40.39 -31.69 16.88
C PHE HA 96 41.05 -33.01 16.52
N ILE HA 97 40.33 -34.12 16.73
CA ILE HA 97 40.82 -35.45 16.40
C ILE HA 97 39.73 -36.15 15.60
N GLU HA 98 40.12 -36.72 14.46
CA GLU HA 98 39.20 -37.46 13.61
C GLU HA 98 39.77 -38.83 13.31
N PHE HA 99 39.04 -39.88 13.69
CA PHE HA 99 39.33 -41.24 13.26
C PHE HA 99 38.32 -41.63 12.19
N THR HA 100 38.77 -42.37 11.19
CA THR HA 100 37.79 -43.00 10.30
C THR HA 100 38.04 -44.50 10.25
N LEU HA 101 36.96 -45.28 10.33
CA LEU HA 101 37.02 -46.73 10.45
C LEU HA 101 36.14 -47.37 9.39
N PRO HA 102 36.71 -47.98 8.35
CA PRO HA 102 35.89 -48.54 7.27
C PRO HA 102 35.03 -49.69 7.77
N ASP HA 103 34.04 -50.07 6.95
CA ASP HA 103 33.11 -51.13 7.34
C ASP HA 103 33.81 -52.48 7.45
N ALA HA 104 34.92 -52.67 6.74
CA ALA HA 104 35.64 -53.93 6.75
C ALA HA 104 36.77 -53.96 7.78
N CYS HA 105 36.67 -53.16 8.84
CA CYS HA 105 37.78 -52.86 9.72
C CYS HA 105 37.85 -53.82 10.90
N THR HA 106 39.02 -54.41 11.12
CA THR HA 106 39.21 -55.35 12.22
C THR HA 106 39.22 -54.61 13.56
N ILE HA 107 38.75 -55.32 14.59
CA ILE HA 107 38.86 -54.82 15.95
C ILE HA 107 40.32 -54.55 16.28
N GLN HA 108 41.20 -55.41 15.79
CA GLN HA 108 42.63 -55.23 16.01
C GLN HA 108 43.15 -53.97 15.31
N ASN HA 109 42.63 -53.67 14.12
CA ASN HA 109 43.05 -52.44 13.44
C ASN HA 109 42.59 -51.21 14.22
N ARG HA 110 41.38 -51.25 14.78
CA ARG HA 110 40.90 -50.12 15.58
C ARG HA 110 41.78 -49.90 16.80
N LYS HA 111 42.07 -50.98 17.52
CA LYS HA 111 43.00 -50.89 18.65
C LYS HA 111 44.33 -50.31 18.20
N ASP HA 112 44.86 -50.79 17.06
CA ASP HA 112 46.11 -50.29 16.51
C ASP HA 112 46.09 -48.79 16.33
N ILE HA 113 45.06 -48.28 15.65
CA ILE HA 113 45.06 -46.88 15.25
C ILE HA 113 44.90 -45.97 16.49
N LEU HA 114 44.04 -46.38 17.44
CA LEU HA 114 43.92 -45.59 18.66
C LEU HA 114 45.23 -45.61 19.45
N ALA HA 115 45.93 -46.75 19.42
CA ALA HA 115 47.20 -46.84 20.13
C ALA HA 115 48.25 -45.94 19.50
N TYR HA 116 48.35 -45.94 18.17
CA TYR HA 116 49.29 -45.04 17.51
C TYR HA 116 49.01 -43.59 17.87
N ALA HA 117 47.73 -43.21 17.86
CA ALA HA 117 47.38 -41.83 18.23
C ALA HA 117 47.82 -41.50 19.65
N LYS HA 118 47.41 -42.31 20.63
CA LYS HA 118 47.69 -41.96 22.02
C LYS HA 118 49.19 -41.99 22.31
N ASN HA 119 49.91 -42.99 21.80
CA ASN HA 119 51.34 -43.09 22.07
C ASN HA 119 52.11 -41.97 21.37
N PHE HA 120 51.69 -41.56 20.17
CA PHE HA 120 52.34 -40.41 19.57
C PHE HA 120 52.09 -39.14 20.36
N LEU HA 121 50.85 -38.91 20.81
CA LEU HA 121 50.59 -37.70 21.56
C LEU HA 121 51.37 -37.67 22.87
N ALA HA 122 51.57 -38.83 23.49
CA ALA HA 122 52.48 -38.89 24.63
C ALA HA 122 53.92 -38.63 24.22
N SER HA 123 54.28 -38.92 22.97
CA SER HA 123 55.68 -38.93 22.56
C SER HA 123 56.34 -37.55 22.63
N ALA HA 124 57.64 -37.58 22.90
CA ALA HA 124 58.42 -36.36 23.06
C ALA HA 124 58.47 -35.56 21.76
N THR HA 125 58.31 -36.20 20.61
CA THR HA 125 58.24 -35.45 19.37
C THR HA 125 56.94 -34.65 19.29
N ALA HA 126 55.83 -35.22 19.74
CA ALA HA 126 54.60 -34.44 19.87
C ALA HA 126 54.77 -33.29 20.86
N THR HA 127 55.53 -33.51 21.93
CA THR HA 127 55.78 -32.40 22.86
C THR HA 127 56.59 -31.29 22.19
N ASP HA 128 57.70 -31.65 21.55
CA ASP HA 128 58.49 -30.68 20.76
C ASP HA 128 57.61 -29.98 19.73
N LEU HA 129 56.58 -30.67 19.23
CA LEU HA 129 55.76 -30.15 18.14
C LEU HA 129 54.77 -29.10 18.63
N VAL HA 130 54.07 -29.38 19.72
CA VAL HA 130 52.97 -28.52 20.18
C VAL HA 130 53.41 -27.60 21.31
N VAL HA 131 54.12 -28.13 22.31
CA VAL HA 131 54.48 -27.32 23.47
C VAL HA 131 55.52 -26.28 23.10
N ASN HA 132 56.53 -26.67 22.31
CA ASN HA 132 57.53 -25.73 21.85
C ASN HA 132 57.20 -25.13 20.49
N THR HA 133 56.05 -25.49 19.91
CA THR HA 133 55.62 -25.00 18.61
C THR HA 133 56.76 -25.09 17.59
N ALA HA 134 57.45 -26.22 17.60
CA ALA HA 134 58.60 -26.37 16.73
C ALA HA 134 58.36 -27.46 15.70
N PRO HA 135 58.77 -27.24 14.46
CA PRO HA 135 58.65 -28.27 13.42
C PRO HA 135 59.82 -29.25 13.48
N GLN HA 136 59.84 -30.15 12.51
CA GLN HA 136 60.88 -31.18 12.39
C GLN HA 136 61.69 -30.87 11.15
N TYR HA 137 62.84 -30.23 11.34
CA TYR HA 137 63.56 -29.55 10.26
C TYR HA 137 64.66 -30.38 9.57
N GLN IA 1 15.50 -47.85 31.03
CA GLN IA 1 15.49 -46.86 29.95
C GLN IA 1 15.52 -47.53 28.59
N ILE IA 2 16.75 -47.76 28.10
CA ILE IA 2 17.06 -48.60 26.95
C ILE IA 2 17.96 -49.73 27.44
N ALA IA 3 17.66 -50.94 27.00
CA ALA IA 3 18.41 -52.11 27.41
C ALA IA 3 18.67 -52.98 26.20
N ASN IA 4 19.83 -53.64 26.21
CA ASN IA 4 20.18 -54.52 25.12
C ASN IA 4 19.13 -55.62 24.98
N VAL IA 5 19.07 -56.21 23.78
CA VAL IA 5 18.00 -57.17 23.47
C VAL IA 5 18.61 -58.43 22.91
N VAL IA 6 18.16 -59.58 23.41
CA VAL IA 6 18.73 -60.87 23.01
C VAL IA 6 17.69 -61.66 22.24
N LEU IA 7 18.04 -62.07 21.03
CA LEU IA 7 17.16 -62.82 20.15
C LEU IA 7 17.75 -64.19 19.84
N ALA IA 8 16.88 -65.19 19.70
CA ALA IA 8 17.32 -66.54 19.44
C ALA IA 8 17.37 -66.80 17.93
N ASP IA 9 18.54 -67.19 17.43
CA ASP IA 9 18.65 -67.47 16.00
C ASP IA 9 18.03 -68.83 15.67
N GLY IA 10 17.88 -69.08 14.38
CA GLY IA 10 17.32 -70.33 13.92
C GLY IA 10 18.40 -71.38 13.76
N GLN IA 11 18.33 -72.42 14.58
CA GLN IA 11 19.25 -73.54 14.50
C GLN IA 11 18.55 -74.70 15.18
N ALA IA 12 19.25 -75.84 15.28
CA ALA IA 12 18.74 -76.95 16.08
C ALA IA 12 18.44 -76.47 17.51
N ALA IA 13 19.43 -75.88 18.16
CA ALA IA 13 19.24 -75.21 19.45
C ALA IA 13 19.52 -73.75 19.21
N PRO IA 14 18.57 -72.87 19.48
CA PRO IA 14 18.80 -71.44 19.26
C PRO IA 14 19.99 -70.94 20.07
N ALA IA 15 20.83 -70.15 19.41
CA ALA IA 15 21.99 -69.51 20.01
C ALA IA 15 21.65 -68.04 20.23
N ASP IA 16 21.52 -67.65 21.49
CA ASP IA 16 21.24 -66.28 21.87
C ASP IA 16 22.24 -65.31 21.25
N LYS IA 17 21.72 -64.37 20.46
CA LYS IA 17 22.49 -63.28 19.89
C LYS IA 17 22.09 -62.01 20.63
N THR IA 18 23.08 -61.37 21.26
CA THR IA 18 22.83 -60.19 22.09
C THR IA 18 23.13 -58.94 21.28
N PHE IA 19 22.17 -58.02 21.24
CA PHE IA 19 22.30 -56.73 20.57
C PHE IA 19 22.51 -55.68 21.66
N GLU IA 20 23.74 -55.14 21.75
CA GLU IA 20 24.06 -54.08 22.69
C GLU IA 20 23.47 -52.75 22.21
N PRO IA 21 23.01 -51.90 23.13
CA PRO IA 21 22.51 -50.58 22.73
C PRO IA 21 23.68 -49.65 22.44
N GLN IA 22 23.91 -49.38 21.16
CA GLN IA 22 24.97 -48.46 20.79
C GLN IA 22 24.47 -47.03 20.61
N ARG IA 23 23.17 -46.82 20.38
CA ARG IA 23 22.57 -45.50 20.40
C ARG IA 23 21.09 -45.61 20.74
N GLY IA 24 20.61 -44.70 21.58
CA GLY IA 24 19.21 -44.68 21.96
C GLY IA 24 18.39 -43.80 21.04
N GLN IA 25 17.08 -43.88 21.20
CA GLN IA 25 16.16 -43.13 20.34
C GLN IA 25 16.27 -41.63 20.63
N ASN IA 26 16.67 -40.87 19.60
CA ASN IA 26 16.98 -39.45 19.76
C ASN IA 26 15.82 -38.71 20.41
N GLY IA 27 14.63 -38.93 19.90
CA GLY IA 27 13.45 -38.20 20.26
C GLY IA 27 12.37 -38.75 19.36
N VAL IA 28 11.75 -37.92 18.54
CA VAL IA 28 10.87 -38.42 17.47
C VAL IA 28 11.55 -38.48 16.12
N THR IA 29 12.81 -38.06 16.05
CA THR IA 29 13.49 -37.95 14.77
C THR IA 29 14.30 -39.19 14.39
N ASP IA 30 15.22 -39.63 15.27
CA ASP IA 30 16.13 -40.71 14.95
C ASP IA 30 15.81 -41.95 15.77
N PRO IA 31 15.68 -43.13 15.14
CA PRO IA 31 15.32 -44.33 15.89
C PRO IA 31 16.46 -44.82 16.77
N ALA IA 32 16.09 -45.62 17.76
CA ALA IA 32 17.08 -46.30 18.60
C ALA IA 32 17.70 -47.45 17.81
N GLU IA 33 18.99 -47.71 18.08
CA GLU IA 33 19.72 -48.70 17.31
C GLU IA 33 20.55 -49.59 18.23
N TRP IA 34 20.60 -50.87 17.88
CA TRP IA 34 21.29 -51.91 18.64
C TRP IA 34 22.17 -52.70 17.68
N TRP IA 35 23.36 -53.08 18.18
CA TRP IA 35 24.41 -53.71 17.38
C TRP IA 35 24.81 -55.04 18.01
N GLU IA 36 24.85 -56.10 17.21
CA GLU IA 36 25.23 -57.41 17.75
C GLU IA 36 26.70 -57.46 18.13
N LYS IA 37 27.56 -57.02 17.23
CA LYS IA 37 29.01 -56.94 17.49
C LYS IA 37 29.61 -58.32 17.75
N SER IA 38 29.13 -59.33 17.02
CA SER IA 38 29.70 -60.66 17.17
C SER IA 38 30.89 -60.86 16.24
N SER IA 39 30.71 -60.63 14.93
CA SER IA 39 31.76 -60.81 13.95
C SER IA 39 32.96 -59.89 14.24
N PRO IA 40 34.14 -60.25 13.75
CA PRO IA 40 35.31 -59.36 13.98
C PRO IA 40 35.28 -58.12 13.12
N THR IA 41 34.69 -58.18 11.94
CA THR IA 41 34.56 -57.00 11.09
C THR IA 41 33.29 -56.25 11.44
N LEU IA 42 33.30 -54.94 11.19
CA LEU IA 42 32.09 -54.15 11.35
C LEU IA 42 31.00 -54.58 10.38
N ASN IA 43 31.37 -55.31 9.32
CA ASN IA 43 30.39 -55.78 8.34
C ASN IA 43 29.36 -56.69 8.98
N GLY IA 44 29.81 -57.61 9.82
CA GLY IA 44 29.01 -58.67 10.40
C GLY IA 44 28.27 -58.33 11.67
N TYR IA 45 28.20 -57.06 12.05
CA TYR IA 45 27.32 -56.63 13.12
C TYR IA 45 25.88 -56.72 12.65
N ARG IA 46 25.03 -57.44 13.39
CA ARG IA 46 23.61 -57.43 13.09
C ARG IA 46 22.95 -56.22 13.75
N ARG IA 47 21.89 -55.69 13.14
CA ARG IA 47 21.32 -54.42 13.56
C ARG IA 47 19.84 -54.51 13.93
N LEU IA 48 19.44 -53.66 14.87
CA LEU IA 48 18.03 -53.53 15.25
C LEU IA 48 17.70 -52.08 15.48
N THR IA 49 16.70 -51.56 14.76
CA THR IA 49 16.26 -50.17 14.92
C THR IA 49 14.80 -50.15 15.36
N ALA IA 50 14.46 -49.26 16.30
CA ALA IA 50 13.10 -49.12 16.79
C ALA IA 50 12.79 -47.66 17.08
N LEU IA 51 11.69 -47.17 16.52
CA LEU IA 51 11.24 -45.79 16.64
C LEU IA 51 9.75 -45.75 16.98
N VAL IA 52 9.39 -44.90 17.93
CA VAL IA 52 8.00 -44.72 18.36
C VAL IA 52 7.67 -43.23 18.27
N ARG IA 53 6.80 -42.87 17.34
CA ARG IA 53 6.55 -41.45 17.04
C ARG IA 53 5.06 -41.23 16.85
N ARG IA 54 4.55 -40.14 17.42
CA ARG IA 54 3.13 -39.79 17.28
C ARG IA 54 2.95 -38.87 16.09
N ASN IA 55 2.33 -39.38 15.04
CA ASN IA 55 1.88 -38.52 13.95
C ASN IA 55 0.65 -37.75 14.44
N ALA IA 56 0.84 -36.45 14.67
CA ALA IA 56 -0.19 -35.62 15.29
C ALA IA 56 -1.32 -35.31 14.32
N ALA IA 57 -1.01 -35.22 13.02
CA ALA IA 57 -2.05 -35.03 12.03
C ALA IA 57 -3.01 -36.21 12.02
N SER IA 58 -2.49 -37.41 11.80
CA SER IA 58 -3.31 -38.61 11.75
C SER IA 58 -3.80 -39.06 13.12
N LYS IA 59 -3.45 -38.32 14.17
CA LYS IA 59 -3.78 -38.70 15.54
C LYS IA 59 -3.50 -40.18 15.78
N SER IA 60 -2.24 -40.55 15.55
CA SER IA 60 -1.87 -41.95 15.70
C SER IA 60 -0.42 -42.06 16.13
N VAL IA 61 -0.04 -43.28 16.49
CA VAL IA 61 1.32 -43.59 16.91
C VAL IA 61 1.86 -44.66 15.98
N LYS IA 62 2.95 -44.34 15.30
CA LYS IA 62 3.66 -45.31 14.47
C LYS IA 62 4.79 -45.93 15.29
N VAL IA 63 4.99 -47.23 15.10
CA VAL IA 63 6.05 -47.99 15.74
C VAL IA 63 6.77 -48.76 14.64
N LYS IA 64 8.02 -48.39 14.36
CA LYS IA 64 8.81 -48.98 13.28
C LYS IA 64 10.00 -49.74 13.85
N VAL IA 65 10.13 -51.00 13.46
CA VAL IA 65 11.23 -51.86 13.89
C VAL IA 65 11.85 -52.50 12.67
N ALA IA 66 13.18 -52.59 12.66
CA ALA IA 66 13.90 -53.23 11.56
C ALA IA 66 15.01 -54.10 12.13
N ILE IA 67 15.20 -55.27 11.51
CA ILE IA 67 16.24 -56.22 11.89
C ILE IA 67 17.06 -56.52 10.64
N TYR IA 68 18.35 -56.19 10.71
CA TYR IA 68 19.27 -56.35 9.58
C TYR IA 68 20.26 -57.46 9.90
N ASP IA 69 20.23 -58.55 9.11
CA ASP IA 69 21.19 -59.65 9.28
C ASP IA 69 22.11 -59.72 8.07
N PRO IA 70 23.38 -59.36 8.17
CA PRO IA 70 24.27 -59.44 7.01
C PRO IA 70 24.94 -60.81 6.90
N THR IA 71 25.17 -61.21 5.66
CA THR IA 71 25.99 -62.38 5.36
C THR IA 71 27.15 -61.93 4.50
N LEU IA 72 28.36 -62.28 4.94
CA LEU IA 72 29.61 -61.84 4.35
C LEU IA 72 30.16 -62.89 3.39
N ALA IA 73 31.12 -62.45 2.58
CA ALA IA 73 31.76 -63.34 1.64
C ALA IA 73 33.14 -62.78 1.32
N VAL IA 74 34.10 -63.68 1.17
CA VAL IA 74 35.45 -63.30 0.81
C VAL IA 74 35.69 -63.69 -0.64
N THR IA 75 36.65 -63.01 -1.29
CA THR IA 75 37.05 -63.38 -2.65
C THR IA 75 37.45 -64.84 -2.73
N ALA IA 76 38.14 -65.33 -1.70
CA ALA IA 76 38.69 -66.68 -1.68
C ALA IA 76 38.74 -67.13 -0.23
N PRO IA 77 38.64 -68.44 0.03
CA PRO IA 77 38.57 -68.91 1.41
C PRO IA 77 39.82 -68.57 2.18
N SER IA 78 39.65 -68.38 3.49
CA SER IA 78 40.72 -67.90 4.35
C SER IA 78 41.83 -68.95 4.53
N THR IA 79 43.06 -68.48 4.69
CA THR IA 79 44.21 -69.37 4.87
C THR IA 79 44.81 -69.37 6.27
N ALA IA 80 44.69 -68.27 7.02
CA ALA IA 80 45.26 -68.10 8.35
C ALA IA 80 46.78 -68.04 8.35
N SER IA 81 47.42 -67.80 7.20
CA SER IA 81 48.87 -67.77 7.13
C SER IA 81 49.41 -66.42 6.69
N GLY IA 82 49.05 -65.96 5.50
CA GLY IA 82 49.54 -64.70 4.96
C GLY IA 82 48.42 -63.66 4.90
N ILE IA 83 48.75 -62.54 4.27
CA ILE IA 83 47.75 -61.49 4.09
C ILE IA 83 46.61 -62.05 3.25
N GLN IA 84 45.39 -61.88 3.75
CA GLN IA 84 44.21 -62.51 3.20
C GLN IA 84 43.23 -61.47 2.71
N PRO IA 85 42.29 -61.87 1.84
CA PRO IA 85 41.32 -60.90 1.30
C PRO IA 85 40.35 -60.45 2.39
N SER IA 86 40.20 -59.13 2.52
CA SER IA 86 39.21 -58.60 3.44
C SER IA 86 37.81 -58.93 2.91
N PRO IA 87 36.84 -59.10 3.81
CA PRO IA 87 35.53 -59.63 3.40
C PRO IA 87 34.57 -58.53 2.96
N THR IA 88 33.84 -58.81 1.89
CA THR IA 88 32.79 -57.93 1.42
C THR IA 88 31.46 -58.39 2.02
N VAL IA 89 30.48 -57.48 1.98
CA VAL IA 89 29.12 -57.81 2.39
C VAL IA 89 28.44 -58.47 1.21
N ALA IA 90 28.21 -59.79 1.30
CA ALA IA 90 27.54 -60.49 0.22
C ALA IA 90 26.10 -60.03 0.08
N PHE IA 91 25.32 -60.12 1.16
CA PHE IA 91 23.95 -59.62 1.10
C PHE IA 91 23.46 -59.34 2.52
N THR IA 92 22.23 -58.86 2.61
CA THR IA 92 21.60 -58.56 3.89
C THR IA 92 20.15 -59.01 3.86
N CYS IA 93 19.71 -59.64 4.94
CA CYS IA 93 18.32 -60.06 5.11
C CYS IA 93 17.64 -59.13 6.10
N PRO IA 94 16.80 -58.22 5.64
CA PRO IA 94 16.02 -57.40 6.58
C PRO IA 94 14.61 -57.91 6.81
N VAL IA 95 14.15 -57.63 8.05
CA VAL IA 95 12.75 -57.59 8.43
C VAL IA 95 12.39 -56.14 8.76
N PHE IA 96 11.24 -55.70 8.26
CA PHE IA 96 10.64 -54.43 8.65
C PHE IA 96 9.27 -54.72 9.25
N ILE IA 97 9.00 -54.10 10.41
CA ILE IA 97 7.75 -54.27 11.13
C ILE IA 97 7.21 -52.88 11.43
N GLU IA 98 5.94 -52.66 11.10
CA GLU IA 98 5.29 -51.38 11.38
C GLU IA 98 3.93 -51.64 12.03
N PHE IA 99 3.73 -51.05 13.20
CA PHE IA 99 2.42 -50.97 13.84
C PHE IA 99 1.92 -49.55 13.74
N THR IA 100 0.62 -49.38 13.50
CA THR IA 100 0.03 -48.06 13.67
C THR IA 100 -1.16 -48.16 14.61
N LEU IA 101 -1.18 -47.30 15.63
CA LEU IA 101 -2.17 -47.35 16.69
C LEU IA 101 -2.87 -46.00 16.79
N PRO IA 102 -4.14 -45.90 16.38
CA PRO IA 102 -4.84 -44.61 16.47
C PRO IA 102 -4.90 -44.10 17.89
N ASP IA 103 -5.09 -42.79 18.02
CA ASP IA 103 -4.97 -42.17 19.34
C ASP IA 103 -6.04 -42.68 20.29
N ALA IA 104 -7.25 -42.93 19.80
CA ALA IA 104 -8.33 -43.44 20.63
C ALA IA 104 -8.35 -44.96 20.61
N CYS IA 105 -7.24 -45.55 21.07
CA CYS IA 105 -6.99 -46.99 20.98
C CYS IA 105 -6.82 -47.58 22.36
N THR IA 106 -7.44 -48.75 22.58
CA THR IA 106 -7.35 -49.42 23.88
C THR IA 106 -6.00 -50.09 24.06
N ILE IA 107 -5.52 -50.07 25.31
CA ILE IA 107 -4.37 -50.88 25.66
C ILE IA 107 -4.64 -52.34 25.32
N GLN IA 108 -5.89 -52.78 25.47
CA GLN IA 108 -6.23 -54.15 25.12
C GLN IA 108 -6.12 -54.38 23.61
N ASN IA 109 -6.47 -53.38 22.80
CA ASN IA 109 -6.28 -53.49 21.36
C ASN IA 109 -4.81 -53.57 21.00
N ARG IA 110 -3.96 -52.80 21.69
CA ARG IA 110 -2.51 -52.87 21.44
C ARG IA 110 -1.98 -54.26 21.77
N LYS IA 111 -2.36 -54.80 22.93
CA LYS IA 111 -1.97 -56.15 23.29
C LYS IA 111 -2.44 -57.15 22.24
N ASP IA 112 -3.69 -57.02 21.78
CA ASP IA 112 -4.23 -57.88 20.74
C ASP IA 112 -3.35 -57.86 19.50
N ILE IA 113 -3.05 -56.67 18.98
CA ILE IA 113 -2.36 -56.58 17.69
C ILE IA 113 -0.94 -57.12 17.81
N LEU IA 114 -0.24 -56.81 18.91
CA LEU IA 114 1.10 -57.34 19.09
C LEU IA 114 1.06 -58.86 19.21
N ALA IA 115 0.04 -59.41 19.88
CA ALA IA 115 -0.08 -60.85 20.02
C ALA IA 115 -0.34 -61.50 18.67
N TYR IA 116 -1.20 -60.90 17.84
CA TYR IA 116 -1.45 -61.44 16.51
C TYR IA 116 -0.15 -61.51 15.71
N ALA IA 117 0.63 -60.42 15.76
CA ALA IA 117 1.91 -60.40 15.05
C ALA IA 117 2.84 -61.51 15.53
N LYS IA 118 3.06 -61.59 16.85
CA LYS IA 118 4.05 -62.54 17.36
C LYS IA 118 3.60 -63.99 17.16
N ASN IA 119 2.33 -64.28 17.42
CA ASN IA 119 1.84 -65.65 17.24
C ASN IA 119 1.87 -66.06 15.77
N PHE IA 120 1.56 -65.12 14.87
CA PHE IA 120 1.68 -65.44 13.45
C PHE IA 120 3.11 -65.74 13.07
N LEU IA 121 4.05 -64.88 13.49
CA LEU IA 121 5.45 -65.12 13.11
C LEU IA 121 5.97 -66.44 13.68
N ALA IA 122 5.47 -66.85 14.85
CA ALA IA 122 5.79 -68.19 15.33
C ALA IA 122 5.12 -69.26 14.48
N SER IA 123 4.00 -68.95 13.84
CA SER IA 123 3.19 -69.98 13.18
C SER IA 123 3.91 -70.66 12.02
N ALA IA 124 3.57 -71.94 11.83
CA ALA IA 124 4.15 -72.73 10.76
C ALA IA 124 3.74 -72.22 9.39
N THR IA 125 2.62 -71.50 9.27
CA THR IA 125 2.30 -70.88 7.98
C THR IA 125 3.29 -69.78 7.65
N ALA IA 126 3.65 -68.95 8.64
CA ALA IA 126 4.74 -68.00 8.45
C ALA IA 126 6.04 -68.70 8.12
N THR IA 127 6.28 -69.87 8.71
CA THR IA 127 7.49 -70.61 8.38
C THR IA 127 7.48 -71.09 6.92
N ASP IA 128 6.41 -71.77 6.49
CA ASP IA 128 6.22 -72.13 5.08
C ASP IA 128 6.39 -70.91 4.18
N LEU IA 129 5.96 -69.74 4.67
CA LEU IA 129 5.97 -68.52 3.87
C LEU IA 129 7.38 -67.99 3.64
N VAL IA 130 8.13 -67.81 4.72
CA VAL IA 130 9.41 -67.10 4.66
C VAL IA 130 10.58 -68.07 4.60
N VAL IA 131 10.62 -69.06 5.49
CA VAL IA 131 11.73 -70.01 5.50
C VAL IA 131 11.71 -70.82 4.22
N ASN IA 132 10.56 -71.41 3.90
CA ASN IA 132 10.47 -72.32 2.77
C ASN IA 132 10.44 -71.57 1.42
N THR IA 133 10.13 -70.26 1.44
CA THR IA 133 10.02 -69.42 0.24
C THR IA 133 8.92 -69.93 -0.67
N ALA IA 134 7.72 -70.09 -0.12
CA ALA IA 134 6.63 -70.69 -0.84
C ALA IA 134 5.36 -69.94 -0.44
N PRO IA 135 4.60 -69.42 -1.38
CA PRO IA 135 3.36 -68.73 -1.03
C PRO IA 135 2.19 -69.71 -0.87
N GLN IA 136 1.08 -69.15 -0.41
CA GLN IA 136 -0.12 -69.92 -0.09
C GLN IA 136 -1.05 -69.94 -1.30
N TYR IA 137 -1.07 -71.07 -2.01
CA TYR IA 137 -1.81 -71.14 -3.27
C TYR IA 137 -3.16 -71.86 -3.14
N GLN JA 1 20.16 -37.36 32.40
CA GLN JA 1 19.56 -38.30 31.44
C GLN JA 1 18.09 -38.34 31.75
N ILE JA 2 17.29 -38.95 30.88
CA ILE JA 2 15.83 -38.83 30.98
C ILE JA 2 15.27 -40.07 31.65
N ALA JA 3 14.43 -39.84 32.66
CA ALA JA 3 13.64 -40.87 33.31
C ALA JA 3 12.30 -40.25 33.66
N ASN JA 4 11.34 -41.10 33.99
CA ASN JA 4 10.00 -40.60 34.28
C ASN JA 4 10.04 -39.75 35.55
N VAL JA 5 9.09 -38.81 35.65
CA VAL JA 5 9.03 -37.88 36.77
C VAL JA 5 7.72 -38.11 37.51
N VAL JA 6 7.77 -38.03 38.85
CA VAL JA 6 6.64 -38.37 39.69
C VAL JA 6 6.18 -37.10 40.41
N LEU JA 7 4.93 -36.68 40.15
CA LEU JA 7 4.39 -35.46 40.71
C LEU JA 7 3.19 -35.80 41.57
N ALA JA 8 3.15 -35.26 42.80
CA ALA JA 8 2.06 -35.55 43.71
C ALA JA 8 0.91 -34.57 43.48
N ASP JA 9 -0.30 -35.09 43.32
CA ASP JA 9 -1.43 -34.26 43.00
C ASP JA 9 -1.91 -33.52 44.25
N GLY JA 10 -2.90 -32.65 44.05
CA GLY JA 10 -3.45 -31.88 45.15
C GLY JA 10 -4.66 -32.60 45.72
N GLN JA 11 -4.49 -33.14 46.91
CA GLN JA 11 -5.56 -33.77 47.68
C GLN JA 11 -5.19 -33.65 49.15
N ALA JA 12 -6.03 -34.22 50.01
CA ALA JA 12 -5.64 -34.42 51.39
C ALA JA 12 -4.37 -35.23 51.48
N ALA JA 13 -4.42 -36.42 50.92
CA ALA JA 13 -3.29 -37.29 50.82
C ALA JA 13 -2.87 -37.27 49.37
N PRO JA 14 -1.65 -36.85 49.09
CA PRO JA 14 -1.18 -36.80 47.71
C PRO JA 14 -1.16 -38.19 47.10
N ALA JA 15 -1.50 -38.26 45.83
CA ALA JA 15 -1.44 -39.49 45.04
C ALA JA 15 -0.45 -39.23 43.92
N ASP JA 16 0.63 -39.99 43.93
CA ASP JA 16 1.71 -39.80 42.96
C ASP JA 16 1.24 -40.17 41.55
N LYS JA 17 1.36 -39.21 40.63
CA LYS JA 17 1.11 -39.45 39.23
C LYS JA 17 2.45 -39.51 38.53
N THR JA 18 2.70 -40.59 37.79
CA THR JA 18 3.98 -40.83 37.14
C THR JA 18 3.88 -40.47 35.67
N PHE JA 19 4.81 -39.65 35.20
CA PHE JA 19 4.91 -39.23 33.80
C PHE JA 19 6.08 -39.97 33.17
N GLU JA 20 5.77 -40.97 32.34
CA GLU JA 20 6.78 -41.73 31.63
C GLU JA 20 7.19 -41.01 30.35
N PRO JA 21 8.50 -40.97 30.04
CA PRO JA 21 8.97 -40.14 28.92
C PRO JA 21 8.54 -40.70 27.58
N GLN JA 22 8.25 -39.78 26.66
CA GLN JA 22 7.89 -40.10 25.28
C GLN JA 22 8.84 -39.53 24.26
N ARG JA 23 9.54 -38.43 24.58
CA ARG JA 23 10.49 -37.78 23.68
C ARG JA 23 11.69 -37.28 24.46
N GLY JA 24 12.86 -37.41 23.85
CA GLY JA 24 14.02 -36.70 24.31
C GLY JA 24 14.14 -35.36 23.61
N GLN JA 25 14.75 -34.40 24.29
CA GLN JA 25 14.99 -33.11 23.68
C GLN JA 25 16.06 -33.24 22.60
N ASN JA 26 15.72 -32.84 21.39
CA ASN JA 26 16.62 -32.94 20.24
C ASN JA 26 16.87 -31.54 19.71
N GLY JA 27 18.14 -31.11 19.72
CA GLY JA 27 18.46 -29.77 19.28
C GLY JA 27 17.91 -28.74 20.24
N VAL JA 28 17.25 -27.71 19.69
CA VAL JA 28 16.55 -26.72 20.50
C VAL JA 28 15.13 -26.54 19.97
N THR JA 29 14.86 -27.08 18.79
CA THR JA 29 13.52 -26.97 18.25
C THR JA 29 12.52 -27.82 19.03
N ASP JA 30 12.94 -29.03 19.42
CA ASP JA 30 12.02 -30.05 19.94
C ASP JA 30 12.15 -30.17 21.44
N PRO JA 31 11.08 -30.01 22.22
CA PRO JA 31 11.17 -30.24 23.66
C PRO JA 31 10.94 -31.70 24.02
N ALA JA 32 11.48 -32.09 25.18
CA ALA JA 32 11.26 -33.44 25.69
C ALA JA 32 9.89 -33.54 26.37
N GLU JA 33 9.21 -34.67 26.17
CA GLU JA 33 7.81 -34.82 26.57
C GLU JA 33 7.61 -36.07 27.42
N TRP JA 34 6.71 -35.96 28.40
CA TRP JA 34 6.34 -37.01 29.33
C TRP JA 34 4.83 -37.16 29.36
N TRP JA 35 4.35 -38.41 29.41
CA TRP JA 35 2.93 -38.75 29.36
C TRP JA 35 2.52 -39.55 30.59
N GLU JA 36 1.34 -39.24 31.16
CA GLU JA 36 0.95 -39.90 32.40
C GLU JA 36 0.41 -41.31 32.17
N LYS JA 37 -0.39 -41.50 31.12
CA LYS JA 37 -0.98 -42.80 30.80
C LYS JA 37 -1.98 -43.26 31.85
N SER JA 38 -2.65 -42.31 32.52
CA SER JA 38 -3.60 -42.74 33.55
C SER JA 38 -4.91 -43.20 32.93
N SER JA 39 -5.51 -42.38 32.08
CA SER JA 39 -6.79 -42.71 31.44
C SER JA 39 -6.58 -43.73 30.31
N PRO JA 40 -7.64 -44.39 29.84
CA PRO JA 40 -7.43 -45.38 28.75
C PRO JA 40 -6.99 -44.80 27.42
N THR JA 41 -7.59 -43.70 26.95
CA THR JA 41 -7.25 -43.11 25.65
C THR JA 41 -6.19 -42.03 25.82
N LEU JA 42 -5.69 -41.49 24.70
CA LEU JA 42 -4.64 -40.47 24.80
C LEU JA 42 -5.17 -39.20 25.44
N ASN JA 43 -6.39 -38.79 25.11
CA ASN JA 43 -6.89 -37.51 25.57
C ASN JA 43 -6.80 -37.37 27.09
N GLY JA 44 -6.81 -38.49 27.83
CA GLY JA 44 -6.72 -38.45 29.28
C GLY JA 44 -5.31 -38.38 29.85
N TYR JA 45 -4.30 -38.67 29.03
CA TYR JA 45 -2.91 -38.52 29.48
C TYR JA 45 -2.64 -37.10 29.93
N ARG JA 46 -1.95 -36.95 31.06
CA ARG JA 46 -1.42 -35.65 31.47
C ARG JA 46 -0.03 -35.49 30.88
N ARG JA 47 0.29 -34.26 30.45
CA ARG JA 47 1.52 -34.01 29.71
C ARG JA 47 2.48 -33.11 30.47
N LEU JA 48 3.78 -33.35 30.25
CA LEU JA 48 4.84 -32.50 30.75
C LEU JA 48 5.88 -32.28 29.66
N THR JA 49 6.11 -31.03 29.28
CA THR JA 49 7.11 -30.67 28.28
C THR JA 49 8.21 -29.82 28.90
N ALA JA 50 9.45 -30.08 28.49
CA ALA JA 50 10.59 -29.35 29.02
C ALA JA 50 11.63 -29.14 27.92
N LEU JA 51 12.06 -27.90 27.77
CA LEU JA 51 12.98 -27.51 26.70
C LEU JA 51 13.99 -26.52 27.26
N VAL JA 52 15.27 -26.85 27.15
CA VAL JA 52 16.36 -25.93 27.47
C VAL JA 52 17.01 -25.53 26.15
N ARG JA 53 16.86 -24.26 25.78
CA ARG JA 53 17.40 -23.76 24.52
C ARG JA 53 18.25 -22.52 24.79
N ARG JA 54 19.45 -22.49 24.21
CA ARG JA 54 20.28 -21.30 24.35
C ARG JA 54 19.83 -20.27 23.31
N ASN JA 55 19.56 -19.06 23.77
CA ASN JA 55 19.27 -17.93 22.91
C ASN JA 55 20.55 -17.09 22.81
N ALA JA 56 21.11 -17.03 21.60
CA ALA JA 56 22.39 -16.36 21.39
C ALA JA 56 22.24 -14.86 21.29
N ALA JA 57 21.05 -14.38 20.94
CA ALA JA 57 20.80 -12.94 20.89
C ALA JA 57 21.01 -12.32 22.26
N SER JA 58 20.33 -12.85 23.28
CA SER JA 58 20.44 -12.35 24.64
C SER JA 58 21.67 -12.89 25.37
N LYS JA 59 22.48 -13.71 24.72
CA LYS JA 59 23.58 -14.41 25.37
C LYS JA 59 23.12 -15.07 26.67
N SER JA 60 22.12 -15.95 26.54
CA SER JA 60 21.49 -16.50 27.73
C SER JA 60 20.86 -17.85 27.38
N VAL JA 61 20.43 -18.54 28.43
CA VAL JA 61 19.78 -19.84 28.31
C VAL JA 61 18.33 -19.69 28.77
N LYS JA 62 17.39 -20.26 28.01
CA LYS JA 62 15.99 -20.28 28.40
C LYS JA 62 15.59 -21.70 28.77
N VAL JA 63 14.72 -21.81 29.77
CA VAL JA 63 14.18 -23.09 30.23
C VAL JA 63 12.67 -22.96 30.27
N LYS JA 64 11.99 -23.73 29.43
CA LYS JA 64 10.53 -23.71 29.34
C LYS JA 64 9.96 -25.05 29.77
N VAL JA 65 9.01 -25.00 30.70
CA VAL JA 65 8.34 -26.18 31.21
C VAL JA 65 6.83 -25.95 31.08
N ALA JA 66 6.09 -27.01 30.76
CA ALA JA 66 4.64 -26.92 30.64
C ALA JA 66 4.02 -28.18 31.22
N ILE JA 67 2.94 -28.01 31.97
CA ILE JA 67 2.18 -29.11 32.55
C ILE JA 67 0.73 -28.96 32.10
N TYR JA 68 0.24 -29.94 31.34
CA TYR JA 68 -1.14 -29.94 30.85
C TYR JA 68 -1.92 -31.01 31.60
N ASP JA 69 -2.95 -30.59 32.35
CA ASP JA 69 -3.86 -31.51 33.06
C ASP JA 69 -5.24 -31.43 32.42
N PRO JA 70 -5.64 -32.41 31.58
CA PRO JA 70 -6.95 -32.35 30.95
C PRO JA 70 -8.02 -33.12 31.73
N THR JA 71 -9.26 -32.62 31.73
CA THR JA 71 -10.37 -33.36 32.32
C THR JA 71 -11.34 -33.72 31.22
N LEU JA 72 -11.78 -34.97 31.20
CA LEU JA 72 -12.66 -35.43 30.13
C LEU JA 72 -14.10 -35.00 30.38
N ALA JA 73 -14.88 -34.97 29.31
CA ALA JA 73 -16.28 -34.58 29.41
C ALA JA 73 -17.16 -35.79 29.70
N VAL JA 74 -18.32 -35.51 30.28
CA VAL JA 74 -19.27 -36.57 30.63
C VAL JA 74 -20.03 -36.99 29.38
N THR JA 75 -19.91 -38.26 29.01
CA THR JA 75 -20.49 -38.76 27.78
C THR JA 75 -21.79 -39.50 28.05
N ALA JA 76 -22.51 -39.79 26.96
CA ALA JA 76 -23.79 -40.49 27.00
C ALA JA 76 -23.76 -41.66 26.04
N PRO JA 77 -24.44 -42.75 26.36
CA PRO JA 77 -24.38 -43.93 25.48
C PRO JA 77 -24.99 -43.70 24.10
N SER JA 78 -26.07 -42.92 24.02
CA SER JA 78 -26.75 -42.66 22.76
C SER JA 78 -26.33 -41.29 22.25
N THR JA 79 -25.54 -41.27 21.18
CA THR JA 79 -25.22 -40.05 20.46
C THR JA 79 -26.16 -39.91 19.28
N ALA JA 80 -26.50 -38.67 18.94
CA ALA JA 80 -27.41 -38.46 17.83
C ALA JA 80 -26.82 -38.96 16.52
N SER JA 81 -27.68 -39.57 15.71
CA SER JA 81 -27.34 -39.96 14.35
C SER JA 81 -26.00 -40.69 14.31
N GLY JA 82 -25.87 -41.70 15.15
CA GLY JA 82 -24.68 -42.49 14.97
C GLY JA 82 -24.25 -43.17 16.26
N ILE JA 83 -22.95 -43.18 16.44
CA ILE JA 83 -22.28 -44.13 17.30
C ILE JA 83 -22.05 -43.52 18.68
N GLN JA 84 -21.90 -44.40 19.67
CA GLN JA 84 -21.49 -43.97 21.01
C GLN JA 84 -20.17 -43.21 20.93
N PRO JA 85 -20.03 -42.08 21.60
CA PRO JA 85 -18.90 -41.19 21.31
C PRO JA 85 -17.62 -41.64 21.98
N SER JA 86 -16.50 -41.38 21.30
CA SER JA 86 -15.21 -41.61 21.90
C SER JA 86 -14.93 -40.54 22.95
N PRO JA 87 -14.12 -40.84 23.96
CA PRO JA 87 -13.92 -39.88 25.05
C PRO JA 87 -13.22 -38.64 24.54
N THR JA 88 -13.75 -37.46 24.93
CA THR JA 88 -13.23 -36.20 24.45
C THR JA 88 -12.87 -35.31 25.64
N VAL JA 89 -11.99 -34.35 25.38
CA VAL JA 89 -11.54 -33.41 26.40
C VAL JA 89 -12.55 -32.27 26.50
N ALA JA 90 -13.03 -32.00 27.72
CA ALA JA 90 -13.91 -30.86 27.93
C ALA JA 90 -13.12 -29.59 28.14
N PHE JA 91 -12.05 -29.66 28.94
CA PHE JA 91 -11.13 -28.55 29.11
C PHE JA 91 -9.83 -29.09 29.67
N THR JA 92 -8.85 -28.20 29.77
CA THR JA 92 -7.52 -28.57 30.24
C THR JA 92 -6.92 -27.39 30.99
N CYS JA 93 -6.22 -27.69 32.09
CA CYS JA 93 -5.57 -26.67 32.92
C CYS JA 93 -4.06 -26.72 32.68
N PRO JA 94 -3.49 -25.70 32.04
CA PRO JA 94 -2.03 -25.65 31.91
C PRO JA 94 -1.33 -24.74 32.91
N VAL JA 95 -0.10 -25.16 33.24
CA VAL JA 95 0.94 -24.30 33.78
C VAL JA 95 2.01 -24.13 32.72
N PHE JA 96 2.51 -22.89 32.58
CA PHE JA 96 3.73 -22.60 31.86
C PHE JA 96 4.73 -21.97 32.84
N ILE JA 97 5.99 -22.39 32.74
CA ILE JA 97 7.06 -21.88 33.58
C ILE JA 97 8.25 -21.57 32.68
N GLU JA 98 8.79 -20.36 32.79
CA GLU JA 98 9.95 -19.95 32.00
C GLU JA 98 11.00 -19.34 32.91
N PHE JA 99 12.17 -19.98 33.00
CA PHE JA 99 13.35 -19.40 33.61
C PHE JA 99 14.23 -18.83 32.51
N THR JA 100 14.86 -17.68 32.78
CA THR JA 100 15.95 -17.28 31.90
C THR JA 100 17.20 -17.00 32.73
N LEU JA 101 18.34 -17.46 32.22
CA LEU JA 101 19.60 -17.44 32.94
C LEU JA 101 20.70 -16.89 32.05
N PRO JA 102 21.27 -15.71 32.36
CA PRO JA 102 22.30 -15.15 31.51
C PRO JA 102 23.58 -15.96 31.58
N ASP JA 103 24.46 -15.72 30.61
CA ASP JA 103 25.68 -16.52 30.51
C ASP JA 103 26.65 -16.21 31.66
N ALA JA 104 26.58 -15.01 32.21
CA ALA JA 104 27.50 -14.59 33.26
C ALA JA 104 26.99 -14.94 34.65
N CYS JA 105 26.05 -15.86 34.79
CA CYS JA 105 25.39 -16.09 36.06
C CYS JA 105 26.06 -17.21 36.86
N THR JA 106 25.82 -17.20 38.18
CA THR JA 106 26.43 -18.16 39.08
C THR JA 106 25.53 -19.36 39.29
N ILE JA 107 26.17 -20.50 39.58
CA ILE JA 107 25.45 -21.67 40.06
C ILE JA 107 24.60 -21.31 41.28
N GLN JA 108 25.13 -20.41 42.12
CA GLN JA 108 24.36 -19.94 43.26
C GLN JA 108 23.12 -19.17 42.83
N ASN JA 109 23.24 -18.35 41.77
CA ASN JA 109 22.08 -17.62 41.28
C ASN JA 109 21.02 -18.56 40.74
N ARG JA 110 21.43 -19.60 40.02
CA ARG JA 110 20.46 -20.56 39.48
C ARG JA 110 19.72 -21.27 40.61
N LYS JA 111 20.47 -21.73 41.63
CA LYS JA 111 19.83 -22.39 42.77
C LYS JA 111 18.88 -21.43 43.48
N ASP JA 112 19.31 -20.17 43.66
CA ASP JA 112 18.45 -19.14 44.23
C ASP JA 112 17.12 -19.05 43.48
N ILE JA 113 17.18 -18.86 42.17
CA ILE JA 113 15.98 -18.57 41.41
C ILE JA 113 15.02 -19.76 41.44
N LEU JA 114 15.57 -20.97 41.30
CA LEU JA 114 14.70 -22.15 41.32
C LEU JA 114 14.06 -22.34 42.69
N ALA JA 115 14.81 -22.11 43.77
CA ALA JA 115 14.25 -22.26 45.10
C ALA JA 115 13.17 -21.21 45.35
N TYR JA 116 13.38 -19.98 44.87
CA TYR JA 116 12.35 -18.96 45.00
C TYR JA 116 11.07 -19.42 44.34
N ALA JA 117 11.18 -19.97 43.13
CA ALA JA 117 10.00 -20.46 42.42
C ALA JA 117 9.28 -21.55 43.20
N LYS JA 118 10.02 -22.59 43.62
CA LYS JA 118 9.36 -23.73 44.27
C LYS JA 118 8.76 -23.33 45.62
N ASN JA 119 9.47 -22.50 46.40
CA ASN JA 119 8.95 -22.09 47.70
C ASN JA 119 7.73 -21.20 47.54
N PHE JA 120 7.73 -20.31 46.54
CA PHE JA 120 6.52 -19.52 46.32
C PHE JA 120 5.35 -20.43 45.95
N LEU JA 121 5.55 -21.35 45.01
CA LEU JA 121 4.44 -22.21 44.59
C LEU JA 121 3.90 -23.05 45.73
N ALA JA 122 4.76 -23.41 46.69
CA ALA JA 122 4.25 -24.04 47.91
C ALA JA 122 3.49 -23.05 48.77
N SER JA 123 3.86 -21.77 48.73
CA SER JA 123 3.35 -20.80 49.70
C SER JA 123 1.84 -20.64 49.63
N ALA JA 124 1.26 -20.31 50.78
CA ALA JA 124 -0.18 -20.15 50.86
C ALA JA 124 -0.68 -19.00 50.01
N THR JA 125 0.15 -17.99 49.75
CA THR JA 125 -0.28 -16.92 48.84
C THR JA 125 -0.40 -17.41 47.42
N ALA JA 126 0.50 -18.29 46.97
CA ALA JA 126 0.28 -18.92 45.67
C ALA JA 126 -0.96 -19.82 45.71
N THR JA 127 -1.19 -20.52 46.82
CA THR JA 127 -2.41 -21.33 46.92
C THR JA 127 -3.66 -20.46 46.82
N ASP JA 128 -3.73 -19.37 47.61
CA ASP JA 128 -4.80 -18.38 47.49
C ASP JA 128 -4.92 -17.92 46.05
N LEU JA 129 -3.78 -17.68 45.39
CA LEU JA 129 -3.79 -17.08 44.06
C LEU JA 129 -4.41 -18.01 43.02
N VAL JA 130 -4.10 -19.30 43.06
CA VAL JA 130 -4.53 -20.21 41.99
C VAL JA 130 -5.80 -20.97 42.36
N VAL JA 131 -5.85 -21.53 43.56
CA VAL JA 131 -6.99 -22.36 43.98
C VAL JA 131 -8.24 -21.51 44.19
N ASN JA 132 -8.09 -20.34 44.82
CA ASN JA 132 -9.23 -19.46 45.04
C ASN JA 132 -9.41 -18.44 43.93
N THR JA 133 -8.48 -18.37 42.97
CA THR JA 133 -8.51 -17.41 41.87
C THR JA 133 -8.69 -15.99 42.38
N ALA JA 134 -8.05 -15.69 43.51
CA ALA JA 134 -8.30 -14.40 44.14
C ALA JA 134 -7.09 -13.47 44.00
N PRO JA 135 -7.34 -12.17 43.78
CA PRO JA 135 -6.24 -11.19 43.78
C PRO JA 135 -5.61 -11.02 45.16
N GLN JA 136 -4.68 -10.07 45.29
CA GLN JA 136 -4.07 -9.73 46.56
C GLN JA 136 -4.45 -8.30 46.93
N TYR JA 137 -5.44 -8.16 47.82
CA TYR JA 137 -6.15 -6.91 48.05
C TYR JA 137 -5.38 -6.01 49.03
N GLN KA 1 -40.22 -86.27 -104.88
CA GLN KA 1 -41.22 -86.00 -103.83
C GLN KA 1 -40.65 -86.32 -102.45
N ILE KA 2 -41.17 -85.67 -101.39
CA ILE KA 2 -40.59 -85.83 -100.06
C ILE KA 2 -41.10 -87.11 -99.41
N ALA KA 3 -40.19 -87.76 -98.68
CA ALA KA 3 -40.44 -88.98 -97.95
C ALA KA 3 -39.28 -89.14 -96.97
N ASN KA 4 -39.57 -89.78 -95.83
CA ASN KA 4 -38.58 -89.86 -94.77
C ASN KA 4 -37.31 -90.56 -95.24
N VAL KA 5 -36.20 -90.26 -94.57
CA VAL KA 5 -34.90 -90.81 -94.94
C VAL KA 5 -34.33 -91.56 -93.74
N VAL KA 6 -33.68 -92.69 -94.00
CA VAL KA 6 -33.26 -93.61 -92.95
C VAL KA 6 -31.75 -93.74 -93.01
N LEU KA 7 -31.06 -93.24 -91.99
CA LEU KA 7 -29.61 -93.27 -91.94
C LEU KA 7 -29.15 -94.10 -90.75
N ALA KA 8 -28.06 -94.83 -90.93
CA ALA KA 8 -27.56 -95.78 -89.93
C ALA KA 8 -26.43 -95.13 -89.11
N ASP KA 9 -26.60 -95.11 -87.79
CA ASP KA 9 -25.56 -94.56 -86.94
C ASP KA 9 -24.37 -95.52 -86.86
N GLY KA 10 -23.23 -94.97 -86.43
CA GLY KA 10 -22.02 -95.75 -86.32
C GLY KA 10 -21.92 -96.43 -84.97
N GLN KA 11 -21.90 -97.76 -84.97
CA GLN KA 11 -21.78 -98.53 -83.75
C GLN KA 11 -21.26 -99.93 -84.07
N ALA KA 12 -21.21 -100.74 -83.03
CA ALA KA 12 -21.10 -102.20 -83.18
C ALA KA 12 -22.13 -102.71 -84.18
N ALA KA 13 -23.40 -102.55 -83.84
CA ALA KA 13 -24.52 -102.91 -84.70
C ALA KA 13 -25.23 -101.59 -84.96
N PRO KA 14 -25.18 -101.10 -86.18
CA PRO KA 14 -25.76 -99.78 -86.45
C PRO KA 14 -27.27 -99.84 -86.37
N ALA KA 15 -27.85 -98.73 -85.91
CA ALA KA 15 -29.29 -98.57 -85.78
C ALA KA 15 -29.77 -97.60 -86.83
N ASP KA 16 -30.89 -97.93 -87.44
CA ASP KA 16 -31.58 -97.07 -88.39
C ASP KA 16 -32.27 -95.93 -87.64
N LYS KA 17 -31.79 -94.70 -87.83
CA LYS KA 17 -32.47 -93.51 -87.35
C LYS KA 17 -33.28 -92.96 -88.51
N THR KA 18 -34.59 -92.82 -88.32
CA THR KA 18 -35.51 -92.41 -89.38
C THR KA 18 -35.84 -90.93 -89.18
N PHE KA 19 -35.53 -90.12 -90.18
CA PHE KA 19 -35.91 -88.71 -90.25
C PHE KA 19 -37.23 -88.66 -90.99
N GLU KA 20 -38.32 -88.47 -90.24
CA GLU KA 20 -39.64 -88.22 -90.83
C GLU KA 20 -39.68 -86.83 -91.46
N PRO KA 21 -40.32 -86.65 -92.61
CA PRO KA 21 -40.40 -85.30 -93.18
C PRO KA 21 -41.28 -84.43 -92.29
N GLN KA 22 -40.74 -83.28 -91.92
CA GLN KA 22 -41.49 -82.32 -91.13
C GLN KA 22 -41.72 -81.00 -91.86
N ARG KA 23 -40.92 -80.69 -92.88
CA ARG KA 23 -41.23 -79.60 -93.78
C ARG KA 23 -40.63 -79.86 -95.15
N GLY KA 24 -41.45 -79.73 -96.19
CA GLY KA 24 -40.98 -79.89 -97.55
C GLY KA 24 -40.47 -78.58 -98.16
N GLN KA 25 -39.77 -78.71 -99.28
CA GLN KA 25 -39.29 -77.56 -100.06
C GLN KA 25 -40.16 -77.41 -101.30
N ASN KA 26 -40.96 -76.35 -101.36
CA ASN KA 26 -41.69 -76.02 -102.58
C ASN KA 26 -41.18 -74.75 -103.24
N GLY KA 27 -40.24 -74.06 -102.60
CA GLY KA 27 -39.71 -72.82 -103.13
C GLY KA 27 -38.19 -72.82 -103.08
N VAL KA 28 -37.60 -71.81 -103.70
CA VAL KA 28 -36.13 -71.73 -103.80
C VAL KA 28 -35.51 -71.14 -102.54
N THR KA 29 -36.25 -70.32 -101.81
CA THR KA 29 -35.64 -69.63 -100.68
C THR KA 29 -35.25 -70.60 -99.56
N ASP KA 30 -36.20 -71.42 -99.07
CA ASP KA 30 -36.07 -72.20 -97.83
C ASP KA 30 -35.92 -73.69 -98.08
N PRO KA 31 -34.91 -74.34 -97.49
CA PRO KA 31 -34.67 -75.76 -97.75
C PRO KA 31 -35.70 -76.65 -97.09
N ALA KA 32 -35.74 -77.90 -97.57
CA ALA KA 32 -36.56 -78.95 -96.98
C ALA KA 32 -35.89 -79.53 -95.74
N GLU KA 33 -36.71 -80.03 -94.81
CA GLU KA 33 -36.23 -80.40 -93.50
C GLU KA 33 -36.90 -81.69 -93.04
N TRP KA 34 -36.11 -82.55 -92.39
CA TRP KA 34 -36.52 -83.83 -91.84
C TRP KA 34 -36.13 -83.86 -90.36
N TRP KA 35 -37.01 -84.42 -89.53
CA TRP KA 35 -36.88 -84.44 -88.09
C TRP KA 35 -36.88 -85.89 -87.59
N GLU KA 36 -36.01 -86.20 -86.62
CA GLU KA 36 -35.83 -87.59 -86.23
C GLU KA 36 -36.86 -88.04 -85.19
N LYS KA 37 -37.11 -87.21 -84.17
CA LYS KA 37 -38.11 -87.49 -83.14
C LYS KA 37 -37.73 -88.68 -82.25
N SER KA 38 -36.44 -88.98 -82.11
CA SER KA 38 -36.02 -90.00 -81.16
C SER KA 38 -36.26 -89.53 -79.72
N SER KA 39 -35.64 -88.41 -79.33
CA SER KA 39 -35.86 -87.82 -78.03
C SER KA 39 -37.32 -87.36 -77.89
N PRO KA 40 -37.80 -87.13 -76.65
CA PRO KA 40 -39.20 -86.69 -76.48
C PRO KA 40 -39.46 -85.22 -76.78
N THR KA 41 -38.46 -84.35 -76.64
CA THR KA 41 -38.63 -82.92 -76.84
C THR KA 41 -38.02 -82.47 -78.15
N LEU KA 42 -38.47 -81.30 -78.61
CA LEU KA 42 -38.04 -80.79 -79.92
C LEU KA 42 -36.53 -80.60 -79.98
N ASN KA 43 -35.90 -80.27 -78.85
CA ASN KA 43 -34.46 -79.99 -78.85
C ASN KA 43 -33.64 -81.23 -79.20
N GLY KA 44 -34.13 -82.41 -78.84
CA GLY KA 44 -33.41 -83.65 -79.05
C GLY KA 44 -33.59 -84.29 -80.41
N TYR KA 45 -34.32 -83.64 -81.31
CA TYR KA 45 -34.49 -84.18 -82.64
C TYR KA 45 -33.19 -84.03 -83.43
N ARG KA 46 -32.88 -85.03 -84.25
CA ARG KA 46 -31.82 -84.89 -85.23
C ARG KA 46 -32.43 -84.30 -86.50
N ARG KA 47 -31.68 -83.43 -87.17
CA ARG KA 47 -32.22 -82.69 -88.31
C ARG KA 47 -31.46 -82.98 -89.59
N LEU KA 48 -32.20 -82.90 -90.71
CA LEU KA 48 -31.63 -83.01 -92.05
C LEU KA 48 -32.27 -81.97 -92.96
N THR KA 49 -31.46 -81.06 -93.50
CA THR KA 49 -31.93 -80.03 -94.42
C THR KA 49 -31.33 -80.24 -95.81
N ALA KA 50 -32.12 -79.93 -96.84
CA ALA KA 50 -31.71 -80.17 -98.22
C ALA KA 50 -32.39 -79.16 -99.14
N LEU KA 51 -31.57 -78.39 -99.86
CA LEU KA 51 -32.02 -77.35 -100.77
C LEU KA 51 -31.36 -77.55 -102.13
N VAL KA 52 -32.18 -77.70 -103.16
CA VAL KA 52 -31.71 -77.66 -104.54
C VAL KA 52 -32.22 -76.36 -105.15
N ARG KA 53 -31.30 -75.57 -105.67
CA ARG KA 53 -31.58 -74.18 -106.07
C ARG KA 53 -30.83 -73.86 -107.35
N ARG KA 54 -31.56 -73.40 -108.36
CA ARG KA 54 -30.92 -73.00 -109.60
C ARG KA 54 -30.34 -71.60 -109.44
N ASN KA 55 -29.03 -71.47 -109.61
CA ASN KA 55 -28.36 -70.17 -109.60
C ASN KA 55 -28.16 -69.75 -111.05
N ALA KA 56 -28.92 -68.74 -111.49
CA ALA KA 56 -28.85 -68.29 -112.87
C ALA KA 56 -27.57 -67.51 -113.16
N ALA KA 57 -26.92 -66.97 -112.12
CA ALA KA 57 -25.70 -66.21 -112.32
C ALA KA 57 -24.59 -67.08 -112.90
N SER KA 58 -24.27 -68.18 -112.22
CA SER KA 58 -23.27 -69.14 -112.69
C SER KA 58 -23.83 -70.13 -113.70
N LYS KA 59 -25.08 -69.96 -114.11
CA LYS KA 59 -25.78 -70.94 -114.94
C LYS KA 59 -25.56 -72.35 -114.39
N SER KA 60 -25.97 -72.53 -113.14
CA SER KA 60 -25.63 -73.74 -112.41
C SER KA 60 -26.77 -74.09 -111.46
N VAL KA 61 -26.59 -75.19 -110.74
CA VAL KA 61 -27.57 -75.66 -109.77
C VAL KA 61 -26.81 -76.09 -108.52
N LYS KA 62 -27.10 -75.45 -107.39
CA LYS KA 62 -26.48 -75.80 -106.13
C LYS KA 62 -27.37 -76.77 -105.35
N VAL KA 63 -26.74 -77.65 -104.59
CA VAL KA 63 -27.42 -78.59 -103.72
C VAL KA 63 -26.73 -78.52 -102.36
N LYS KA 64 -27.43 -78.03 -101.35
CA LYS KA 64 -26.91 -77.90 -99.99
C LYS KA 64 -27.63 -78.87 -99.06
N VAL KA 65 -26.85 -79.71 -98.38
CA VAL KA 65 -27.37 -80.69 -97.44
C VAL KA 65 -26.69 -80.46 -96.10
N ALA KA 66 -27.45 -80.57 -95.03
CA ALA KA 66 -26.92 -80.39 -93.67
C ALA KA 66 -27.53 -81.44 -92.76
N ILE KA 67 -26.69 -82.02 -91.91
CA ILE KA 67 -27.12 -83.01 -90.92
C ILE KA 67 -26.69 -82.53 -89.55
N TYR KA 68 -27.66 -82.24 -88.69
CA TYR KA 68 -27.40 -81.77 -87.32
C TYR KA 68 -27.70 -82.90 -86.35
N ASP KA 69 -26.67 -83.37 -85.64
CA ASP KA 69 -26.82 -84.38 -84.58
C ASP KA 69 -26.55 -83.72 -83.24
N PRO KA 70 -27.59 -83.40 -82.45
CA PRO KA 70 -27.35 -82.78 -81.14
C PRO KA 70 -27.17 -83.83 -80.07
N THR KA 71 -26.30 -83.52 -79.11
CA THR KA 71 -26.14 -84.36 -77.93
C THR KA 71 -26.75 -83.61 -76.74
N LEU KA 72 -27.91 -84.07 -76.29
CA LEU KA 72 -28.60 -83.37 -75.20
C LEU KA 72 -27.75 -83.38 -73.95
N ALA KA 73 -27.66 -82.22 -73.30
CA ALA KA 73 -26.97 -82.16 -72.03
C ALA KA 73 -27.69 -83.02 -71.01
N VAL KA 74 -26.91 -83.77 -70.23
CA VAL KA 74 -27.45 -84.47 -69.07
C VAL KA 74 -28.06 -83.46 -68.11
N THR KA 75 -29.36 -83.56 -67.92
CA THR KA 75 -30.11 -82.61 -67.07
C THR KA 75 -30.50 -83.32 -65.78
N ALA KA 76 -29.92 -82.89 -64.67
CA ALA KA 76 -30.21 -83.34 -63.32
C ALA KA 76 -31.09 -82.33 -62.59
N PRO KA 77 -31.93 -82.78 -61.65
CA PRO KA 77 -32.76 -81.83 -60.90
C PRO KA 77 -31.90 -80.83 -60.15
N SER KA 78 -32.32 -79.56 -60.22
CA SER KA 78 -31.49 -78.46 -59.76
C SER KA 78 -30.99 -78.71 -58.35
N THR KA 79 -29.71 -78.40 -58.14
CA THR KA 79 -29.16 -78.43 -56.80
C THR KA 79 -29.60 -77.21 -56.01
N ALA KA 80 -29.88 -76.11 -56.71
CA ALA KA 80 -30.32 -74.89 -56.07
C ALA KA 80 -31.84 -74.72 -56.09
N SER KA 81 -32.47 -74.82 -57.25
CA SER KA 81 -33.91 -74.67 -57.30
C SER KA 81 -34.65 -75.93 -56.88
N GLY KA 82 -33.98 -77.08 -56.84
CA GLY KA 82 -34.68 -78.33 -56.66
C GLY KA 82 -35.57 -78.70 -57.82
N ILE KA 83 -35.46 -77.99 -58.95
CA ILE KA 83 -36.41 -78.06 -60.04
C ILE KA 83 -35.63 -78.36 -61.32
N GLN KA 84 -35.75 -79.59 -61.82
CA GLN KA 84 -35.02 -80.01 -63.00
C GLN KA 84 -35.35 -79.11 -64.19
N PRO KA 85 -34.35 -78.53 -64.86
CA PRO KA 85 -34.64 -77.63 -65.97
C PRO KA 85 -35.12 -78.40 -67.19
N SER KA 86 -35.91 -77.72 -68.02
CA SER KA 86 -36.34 -78.27 -69.30
C SER KA 86 -35.12 -78.71 -70.08
N PRO KA 87 -35.20 -79.77 -70.88
CA PRO KA 87 -33.99 -80.33 -71.50
C PRO KA 87 -33.38 -79.36 -72.49
N THR KA 88 -32.06 -79.24 -72.44
CA THR KA 88 -31.27 -78.31 -73.24
C THR KA 88 -30.24 -79.08 -74.06
N VAL KA 89 -29.63 -78.38 -75.01
CA VAL KA 89 -28.62 -78.96 -75.90
C VAL KA 89 -27.25 -78.46 -75.47
N ALA KA 90 -26.34 -79.39 -75.15
CA ALA KA 90 -25.00 -79.02 -74.71
C ALA KA 90 -24.10 -78.69 -75.90
N PHE KA 91 -24.23 -79.43 -77.00
CA PHE KA 91 -23.54 -79.12 -78.24
C PHE KA 91 -24.17 -79.94 -79.36
N THR KA 92 -23.76 -79.62 -80.58
CA THR KA 92 -24.31 -80.24 -81.76
C THR KA 92 -23.20 -80.46 -82.78
N CYS KA 93 -23.24 -81.61 -83.47
CA CYS KA 93 -22.27 -81.95 -84.50
C CYS KA 93 -22.93 -81.80 -85.87
N PRO KA 94 -22.54 -80.81 -86.66
CA PRO KA 94 -23.06 -80.72 -88.02
C PRO KA 94 -22.13 -81.27 -89.09
N VAL KA 95 -22.78 -81.74 -90.16
CA VAL KA 95 -22.16 -81.92 -91.46
C VAL KA 95 -22.82 -80.97 -92.45
N PHE KA 96 -22.00 -80.32 -93.27
CA PHE KA 96 -22.45 -79.52 -94.39
C PHE KA 96 -21.86 -80.10 -95.67
N ILE KA 97 -22.71 -80.33 -96.67
CA ILE KA 97 -22.28 -80.84 -97.95
C ILE KA 97 -22.87 -79.96 -99.04
N GLU KA 98 -22.02 -79.50 -99.96
CA GLU KA 98 -22.45 -78.66 -101.08
C GLU KA 98 -21.95 -79.27 -102.38
N PHE KA 99 -22.88 -79.61 -103.27
CA PHE KA 99 -22.58 -79.96 -104.64
C PHE KA 99 -22.93 -78.77 -105.53
N THR KA 100 -22.11 -78.54 -106.55
CA THR KA 100 -22.55 -77.60 -107.59
C THR KA 100 -22.49 -78.27 -108.95
N LEU KA 101 -23.53 -78.09 -109.75
CA LEU KA 101 -23.70 -78.78 -111.03
C LEU KA 101 -23.97 -77.76 -112.13
N PRO KA 102 -23.03 -77.51 -113.02
CA PRO KA 102 -23.23 -76.48 -114.06
C PRO KA 102 -24.35 -76.87 -115.01
N ASP KA 103 -24.80 -75.88 -115.79
CA ASP KA 103 -25.91 -76.12 -116.71
C ASP KA 103 -25.53 -77.09 -117.83
N ALA KA 104 -24.24 -77.19 -118.14
CA ALA KA 104 -23.77 -78.07 -119.21
C ALA KA 104 -23.36 -79.44 -118.70
N CYS KA 105 -23.90 -79.88 -117.57
CA CYS KA 105 -23.37 -81.02 -116.82
C CYS KA 105 -24.03 -82.33 -117.24
N THR KA 106 -23.21 -83.33 -117.54
CA THR KA 106 -23.72 -84.64 -117.94
C THR KA 106 -24.32 -85.38 -116.76
N ILE KA 107 -25.34 -86.18 -117.05
CA ILE KA 107 -25.88 -87.10 -116.05
C ILE KA 107 -24.78 -87.99 -115.51
N GLN KA 108 -23.87 -88.42 -116.38
CA GLN KA 108 -22.75 -89.24 -115.96
C GLN KA 108 -21.82 -88.48 -115.02
N ASN KA 109 -21.60 -87.18 -115.27
CA ASN KA 109 -20.76 -86.40 -114.37
C ASN KA 109 -21.41 -86.27 -113.00
N ARG KA 110 -22.74 -86.10 -112.96
CA ARG KA 110 -23.43 -86.02 -111.67
C ARG KA 110 -23.29 -87.31 -110.88
N LYS KA 111 -23.52 -88.44 -111.55
CA LYS KA 111 -23.31 -89.74 -110.92
C LYS KA 111 -21.88 -89.85 -110.41
N ASP KA 112 -20.91 -89.44 -111.24
CA ASP KA 112 -19.50 -89.47 -110.86
C ASP KA 112 -19.26 -88.73 -109.55
N ILE KA 113 -19.72 -87.49 -109.48
CA ILE KA 113 -19.37 -86.64 -108.35
C ILE KA 113 -20.03 -87.14 -107.06
N LEU KA 114 -21.30 -87.58 -107.16
CA LEU KA 114 -21.95 -88.14 -105.98
C LEU KA 114 -21.24 -89.42 -105.53
N ALA KA 115 -20.76 -90.21 -106.49
CA ALA KA 115 -20.05 -91.45 -106.15
C ALA KA 115 -18.74 -91.15 -105.45
N TYR KA 116 -17.97 -90.18 -105.96
CA TYR KA 116 -16.72 -89.81 -105.30
C TYR KA 116 -16.98 -89.37 -103.86
N ALA KA 117 -18.01 -88.56 -103.66
CA ALA KA 117 -18.36 -88.11 -102.31
C ALA KA 117 -18.68 -89.29 -101.39
N LYS KA 118 -19.62 -90.15 -101.80
CA LYS KA 118 -20.05 -91.22 -100.90
C LYS KA 118 -18.94 -92.22 -100.64
N ASN KA 119 -18.17 -92.59 -101.68
CA ASN KA 119 -17.11 -93.57 -101.49
C ASN KA 119 -15.97 -93.00 -100.65
N PHE KA 120 -15.66 -91.71 -100.80
CA PHE KA 120 -14.67 -91.12 -99.91
C PHE KA 120 -15.15 -91.11 -98.47
N LEU KA 121 -16.41 -90.72 -98.23
CA LEU KA 121 -16.89 -90.68 -96.86
C LEU KA 121 -16.89 -92.07 -96.23
N ALA KA 122 -17.17 -93.11 -97.03
CA ALA KA 122 -16.99 -94.46 -96.52
C ALA KA 122 -15.53 -94.78 -96.28
N SER KA 123 -14.61 -94.13 -96.99
CA SER KA 123 -13.21 -94.55 -97.00
C SER KA 123 -12.54 -94.40 -95.63
N ALA KA 124 -11.57 -95.30 -95.41
CA ALA KA 124 -10.85 -95.32 -94.14
C ALA KA 124 -10.06 -94.05 -93.90
N THR KA 125 -9.66 -93.35 -94.97
CA THR KA 125 -9.00 -92.06 -94.76
C THR KA 125 -9.97 -91.02 -94.22
N ALA KA 126 -11.22 -91.03 -94.70
CA ALA KA 126 -12.24 -90.18 -94.08
C ALA KA 126 -12.47 -90.57 -92.61
N THR KA 127 -12.40 -91.87 -92.31
CA THR KA 127 -12.56 -92.27 -90.91
C THR KA 127 -11.39 -91.75 -90.06
N ASP KA 128 -10.15 -91.97 -90.51
CA ASP KA 128 -8.98 -91.39 -89.85
C ASP KA 128 -9.10 -89.87 -89.71
N LEU KA 129 -9.81 -89.23 -90.65
CA LEU KA 129 -9.88 -87.78 -90.71
C LEU KA 129 -10.86 -87.23 -89.67
N VAL KA 130 -12.04 -87.81 -89.57
CA VAL KA 130 -13.12 -87.26 -88.74
C VAL KA 130 -13.23 -87.99 -87.40
N VAL KA 131 -13.20 -89.32 -87.41
CA VAL KA 131 -13.40 -90.07 -86.18
C VAL KA 131 -12.19 -89.91 -85.26
N ASN KA 132 -10.99 -89.99 -85.80
CA ASN KA 132 -9.78 -89.78 -85.01
C ASN KA 132 -9.30 -88.34 -85.03
N THR KA 133 -10.02 -87.45 -85.73
CA THR KA 133 -9.66 -86.03 -85.84
C THR KA 133 -8.18 -85.88 -86.18
N ALA KA 134 -7.73 -86.68 -87.13
CA ALA KA 134 -6.32 -86.68 -87.47
C ALA KA 134 -6.11 -86.19 -88.90
N PRO KA 135 -5.10 -85.38 -89.14
CA PRO KA 135 -4.78 -84.93 -90.49
C PRO KA 135 -3.93 -85.96 -91.22
N GLN KA 136 -3.51 -85.58 -92.43
CA GLN KA 136 -2.68 -86.43 -93.30
C GLN KA 136 -1.32 -85.77 -93.40
N TYR KA 137 -0.36 -86.26 -92.60
CA TYR KA 137 0.87 -85.54 -92.33
C TYR KA 137 2.08 -85.90 -93.22
N GLN LA 1 -52.72 -83.84 -106.51
CA GLN LA 1 -52.05 -82.64 -106.02
C GLN LA 1 -51.41 -81.87 -107.17
N ILE LA 2 -50.14 -82.23 -107.42
CA ILE LA 2 -49.37 -81.84 -108.60
C ILE LA 2 -48.99 -83.12 -109.35
N ALA LA 3 -49.16 -83.10 -110.66
CA ALA LA 3 -48.87 -84.26 -111.48
C ALA LA 3 -48.10 -83.81 -112.70
N ASN LA 4 -47.20 -84.68 -113.17
CA ASN LA 4 -46.44 -84.36 -114.36
C ASN LA 4 -47.38 -84.15 -115.54
N VAL LA 5 -46.90 -83.44 -116.56
CA VAL LA 5 -47.74 -83.02 -117.67
C VAL LA 5 -47.08 -83.42 -118.98
N VAL LA 6 -47.85 -84.00 -119.89
CA VAL LA 6 -47.31 -84.51 -121.14
C VAL LA 6 -47.88 -83.69 -122.29
N LEU LA 7 -47.00 -83.11 -123.10
CA LEU LA 7 -47.39 -82.28 -124.23
C LEU LA 7 -46.88 -82.88 -125.54
N ALA LA 8 -47.65 -82.72 -126.60
CA ALA LA 8 -47.30 -83.28 -127.90
C ALA LA 8 -46.50 -82.25 -128.71
N ASP LA 9 -45.30 -82.63 -129.13
CA ASP LA 9 -44.51 -81.71 -129.93
C ASP LA 9 -45.02 -81.67 -131.37
N GLY LA 10 -44.50 -80.71 -132.12
CA GLY LA 10 -44.89 -80.56 -133.51
C GLY LA 10 -44.01 -81.41 -134.41
N GLN LA 11 -44.61 -82.39 -135.05
CA GLN LA 11 -43.91 -83.26 -135.99
C GLN LA 11 -44.99 -83.86 -136.87
N ALA LA 12 -44.56 -84.74 -137.78
CA ALA LA 12 -45.53 -85.54 -138.53
C ALA LA 12 -46.46 -86.28 -137.58
N ALA LA 13 -45.90 -87.06 -136.68
CA ALA LA 13 -46.64 -87.67 -135.58
C ALA LA 13 -46.12 -87.05 -134.30
N PRO LA 14 -46.97 -86.44 -133.50
CA PRO LA 14 -46.49 -85.83 -132.26
C PRO LA 14 -45.84 -86.85 -131.35
N ALA LA 15 -44.70 -86.47 -130.78
CA ALA LA 15 -43.95 -87.28 -129.83
C ALA LA 15 -44.20 -86.69 -128.44
N ASP LA 16 -44.91 -87.44 -127.61
CA ASP LA 16 -45.19 -87.04 -126.25
C ASP LA 16 -43.91 -86.70 -125.49
N LYS LA 17 -43.84 -85.47 -125.00
CA LYS LA 17 -42.77 -85.00 -124.13
C LYS LA 17 -43.34 -84.86 -122.73
N THR LA 18 -42.77 -85.60 -121.79
CA THR LA 18 -43.26 -85.64 -120.41
C THR LA 18 -42.45 -84.69 -119.55
N PHE LA 19 -43.15 -83.80 -118.84
CA PHE LA 19 -42.55 -82.86 -117.91
C PHE LA 19 -42.82 -83.38 -116.50
N GLU LA 20 -41.76 -83.87 -115.83
CA GLU LA 20 -41.86 -84.33 -114.46
C GLU LA 20 -41.95 -83.15 -113.50
N PRO LA 21 -42.73 -83.27 -112.42
CA PRO LA 21 -42.79 -82.20 -111.43
C PRO LA 21 -41.54 -82.21 -110.55
N GLN LA 22 -40.66 -81.23 -110.79
CA GLN LA 22 -39.46 -81.15 -109.96
C GLN LA 22 -39.64 -80.20 -108.78
N ARG LA 23 -40.60 -79.27 -108.84
CA ARG LA 23 -40.97 -78.45 -107.69
C ARG LA 23 -42.42 -78.00 -107.84
N GLY LA 24 -43.16 -78.03 -106.73
CA GLY LA 24 -44.54 -77.60 -106.73
C GLY LA 24 -44.66 -76.13 -106.38
N GLN LA 25 -45.87 -75.61 -106.54
CA GLN LA 25 -46.11 -74.19 -106.30
C GLN LA 25 -46.00 -73.87 -104.80
N ASN LA 26 -45.05 -73.01 -104.46
CA ASN LA 26 -44.72 -72.72 -103.07
C ASN LA 26 -45.95 -72.33 -102.27
N GLY LA 27 -46.73 -71.42 -102.82
CA GLY LA 27 -47.84 -70.79 -102.15
C GLY LA 27 -48.34 -69.77 -103.13
N VAL LA 28 -48.35 -68.49 -102.76
CA VAL LA 28 -48.62 -67.44 -103.73
C VAL LA 28 -47.34 -66.79 -104.24
N THR LA 29 -46.18 -67.21 -103.74
CA THR LA 29 -44.93 -66.53 -104.05
C THR LA 29 -44.20 -67.15 -105.24
N ASP LA 30 -43.92 -68.45 -105.20
CA ASP LA 30 -43.10 -69.11 -106.20
C ASP LA 30 -43.94 -70.06 -107.06
N PRO LA 31 -43.85 -69.97 -108.38
CA PRO LA 31 -44.68 -70.83 -109.24
C PRO LA 31 -44.21 -72.28 -109.22
N ALA LA 32 -45.13 -73.16 -109.59
CA ALA LA 32 -44.80 -74.57 -109.78
C ALA LA 32 -44.00 -74.75 -111.06
N GLU LA 33 -43.07 -75.71 -111.04
CA GLU LA 33 -42.16 -75.90 -112.16
C GLU LA 33 -42.02 -77.37 -112.51
N TRP LA 34 -41.95 -77.64 -113.81
CA TRP LA 34 -41.88 -78.97 -114.39
C TRP LA 34 -40.72 -79.00 -115.37
N TRP LA 35 -40.01 -80.14 -115.39
CA TRP LA 35 -38.77 -80.32 -116.15
C TRP LA 35 -38.91 -81.54 -117.07
N GLU LA 36 -38.57 -81.36 -118.35
CA GLU LA 36 -38.68 -82.47 -119.30
C GLU LA 36 -37.64 -83.54 -119.02
N LYS LA 37 -36.39 -83.13 -118.87
CA LYS LA 37 -35.28 -84.03 -118.53
C LYS LA 37 -35.07 -85.09 -119.61
N SER LA 38 -35.21 -84.67 -120.87
CA SER LA 38 -34.95 -85.61 -121.97
C SER LA 38 -33.48 -85.59 -122.38
N SER LA 39 -32.95 -84.41 -122.70
CA SER LA 39 -31.55 -84.26 -123.13
C SER LA 39 -30.59 -84.74 -122.04
N PRO LA 40 -29.36 -85.12 -122.41
CA PRO LA 40 -28.40 -85.55 -121.39
C PRO LA 40 -27.84 -84.38 -120.58
N THR LA 41 -27.74 -83.20 -121.16
CA THR LA 41 -27.28 -82.03 -120.44
C THR LA 41 -28.46 -81.35 -119.77
N LEU LA 42 -28.16 -80.65 -118.66
CA LEU LA 42 -29.19 -79.84 -118.02
C LEU LA 42 -29.67 -78.70 -118.92
N ASN LA 43 -28.88 -78.37 -119.96
CA ASN LA 43 -29.27 -77.31 -120.88
C ASN LA 43 -30.58 -77.63 -121.59
N GLY LA 44 -30.73 -78.86 -122.05
CA GLY LA 44 -31.83 -79.31 -122.88
C GLY LA 44 -33.07 -79.77 -122.16
N TYR LA 45 -33.18 -79.52 -120.85
CA TYR LA 45 -34.43 -79.72 -120.15
C TYR LA 45 -35.42 -78.64 -120.58
N ARG LA 46 -36.61 -79.06 -121.05
CA ARG LA 46 -37.67 -78.09 -121.33
C ARG LA 46 -38.43 -77.79 -120.03
N ARG LA 47 -38.96 -76.57 -119.92
CA ARG LA 47 -39.51 -76.10 -118.65
C ARG LA 47 -40.97 -75.65 -118.78
N LEU LA 48 -41.70 -75.83 -117.67
CA LEU LA 48 -43.09 -75.35 -117.57
C LEU LA 48 -43.32 -74.78 -116.18
N THR LA 49 -43.73 -73.51 -116.11
CA THR LA 49 -44.05 -72.87 -114.83
C THR LA 49 -45.51 -72.45 -114.82
N ALA LA 50 -46.16 -72.65 -113.68
CA ALA LA 50 -47.57 -72.25 -113.51
C ALA LA 50 -47.81 -71.75 -112.10
N LEU LA 51 -48.41 -70.55 -112.01
CA LEU LA 51 -48.69 -69.88 -110.75
C LEU LA 51 -50.13 -69.36 -110.75
N VAL LA 52 -50.84 -69.57 -109.65
CA VAL LA 52 -52.21 -69.11 -109.46
C VAL LA 52 -52.27 -68.28 -108.19
N ARG LA 53 -52.49 -66.98 -108.33
CA ARG LA 53 -52.40 -66.07 -107.18
C ARG LA 53 -53.55 -65.08 -107.22
N ARG LA 54 -54.15 -64.82 -106.06
CA ARG LA 54 -55.25 -63.85 -105.96
C ARG LA 54 -54.68 -62.48 -105.61
N ASN LA 55 -54.72 -61.56 -106.56
CA ASN LA 55 -54.45 -60.17 -106.25
C ASN LA 55 -55.65 -59.60 -105.50
N ALA LA 56 -55.46 -59.36 -104.20
CA ALA LA 56 -56.57 -58.97 -103.33
C ALA LA 56 -56.99 -57.53 -103.55
N ALA LA 57 -56.05 -56.67 -103.94
CA ALA LA 57 -56.40 -55.31 -104.28
C ALA LA 57 -57.35 -55.28 -105.47
N SER LA 58 -56.92 -55.84 -106.59
CA SER LA 58 -57.73 -55.85 -107.81
C SER LA 58 -58.91 -56.81 -107.73
N LYS LA 59 -59.07 -57.51 -106.60
CA LYS LA 59 -60.09 -58.53 -106.45
C LYS LA 59 -60.14 -59.44 -107.67
N SER LA 60 -59.00 -60.07 -107.96
CA SER LA 60 -58.93 -60.92 -109.14
C SER LA 60 -57.94 -62.04 -108.90
N VAL LA 61 -57.92 -62.99 -109.83
CA VAL LA 61 -57.02 -64.13 -109.79
C VAL LA 61 -56.20 -64.11 -111.06
N LYS LA 62 -54.88 -64.02 -110.91
CA LYS LA 62 -53.96 -64.14 -112.04
C LYS LA 62 -53.49 -65.59 -112.15
N VAL LA 63 -53.38 -66.05 -113.40
CA VAL LA 63 -52.88 -67.38 -113.70
C VAL LA 63 -51.79 -67.21 -114.77
N LYS LA 64 -50.55 -67.50 -114.39
CA LYS LA 64 -49.39 -67.32 -115.26
C LYS LA 64 -48.76 -68.66 -115.59
N VAL LA 65 -48.59 -68.93 -116.88
CA VAL LA 65 -47.98 -70.16 -117.37
C VAL LA 65 -46.88 -69.79 -118.36
N ALA LA 66 -45.76 -70.50 -118.28
CA ALA LA 66 -44.65 -70.29 -119.21
C ALA LA 66 -44.10 -71.63 -119.66
N ILE LA 67 -43.76 -71.72 -120.94
CA ILE LA 67 -43.17 -72.91 -121.54
C ILE LA 67 -41.86 -72.51 -122.21
N TYR LA 68 -40.76 -73.09 -121.73
CA TYR LA 68 -39.42 -72.77 -122.22
C TYR LA 68 -38.87 -73.96 -122.98
N ASP LA 69 -38.60 -73.76 -124.29
CA ASP LA 69 -38.01 -74.81 -125.12
C ASP LA 69 -36.61 -74.39 -125.55
N PRO LA 70 -35.54 -74.99 -125.03
CA PRO LA 70 -34.20 -74.59 -125.46
C PRO LA 70 -33.73 -75.38 -126.68
N THR LA 71 -32.94 -74.71 -127.51
CA THR LA 71 -32.21 -75.37 -128.59
C THR LA 71 -30.73 -75.13 -128.39
N LEU LA 72 -29.97 -76.22 -128.39
CA LEU LA 72 -28.56 -76.24 -128.07
C LEU LA 72 -27.71 -76.20 -129.34
N ALA LA 73 -26.43 -75.90 -129.15
CA ALA LA 73 -25.49 -75.87 -130.25
C ALA LA 73 -24.10 -76.11 -129.71
N VAL LA 74 -23.30 -76.84 -130.47
CA VAL LA 74 -21.94 -77.12 -130.11
C VAL LA 74 -21.02 -76.29 -131.01
N THR LA 75 -19.80 -76.02 -130.52
CA THR LA 75 -18.81 -75.33 -131.35
C THR LA 75 -18.58 -76.05 -132.66
N ALA LA 76 -18.58 -77.38 -132.62
CA ALA LA 76 -18.28 -78.20 -133.79
C ALA LA 76 -19.03 -79.52 -133.63
N PRO LA 77 -19.40 -80.17 -134.74
CA PRO LA 77 -20.22 -81.38 -134.63
C PRO LA 77 -19.51 -82.48 -133.88
N SER LA 78 -20.31 -83.31 -133.21
CA SER LA 78 -19.79 -84.34 -132.30
C SER LA 78 -19.08 -85.45 -133.07
N THR LA 79 -18.04 -86.02 -132.43
CA THR LA 79 -17.25 -87.10 -133.04
C THR LA 79 -17.47 -88.47 -132.42
N ALA LA 80 -17.84 -88.55 -131.15
CA ALA LA 80 -18.02 -89.79 -130.40
C ALA LA 80 -16.73 -90.55 -130.18
N SER LA 81 -15.57 -89.91 -130.33
CA SER LA 81 -14.29 -90.59 -130.15
C SER LA 81 -13.45 -90.01 -129.02
N GLY LA 82 -13.08 -88.72 -129.12
CA GLY LA 82 -12.26 -88.08 -128.12
C GLY LA 82 -13.06 -87.06 -127.34
N ILE LA 83 -12.33 -86.29 -126.52
CA ILE LA 83 -12.97 -85.23 -125.75
C ILE LA 83 -13.57 -84.23 -126.72
N GLN LA 84 -14.84 -83.91 -126.50
CA GLN LA 84 -15.64 -83.14 -127.44
C GLN LA 84 -16.10 -81.84 -126.79
N PRO LA 85 -16.49 -80.86 -127.60
CA PRO LA 85 -16.93 -79.58 -127.03
C PRO LA 85 -18.26 -79.72 -126.31
N SER LA 86 -18.31 -79.24 -125.07
CA SER LA 86 -19.57 -79.21 -124.35
C SER LA 86 -20.52 -78.23 -125.03
N PRO LA 87 -21.83 -78.47 -124.95
CA PRO LA 87 -22.79 -77.69 -125.74
C PRO LA 87 -23.25 -76.43 -125.01
N THR LA 88 -23.35 -75.35 -125.77
CA THR LA 88 -23.91 -74.11 -125.27
C THR LA 88 -25.40 -74.06 -125.62
N VAL LA 89 -26.10 -73.17 -124.92
CA VAL LA 89 -27.51 -72.92 -125.22
C VAL LA 89 -27.56 -71.92 -126.36
N ALA LA 90 -27.95 -72.40 -127.55
CA ALA LA 90 -28.04 -71.50 -128.70
C ALA LA 90 -29.14 -70.47 -128.50
N PHE LA 91 -30.36 -70.93 -128.24
CA PHE LA 91 -31.45 -69.99 -127.97
C PHE LA 91 -32.56 -70.70 -127.22
N THR LA 92 -33.61 -69.95 -126.88
CA THR LA 92 -34.76 -70.49 -126.18
C THR LA 92 -36.02 -69.89 -126.77
N CYS LA 93 -37.03 -70.74 -126.98
CA CYS LA 93 -38.34 -70.31 -127.46
C CYS LA 93 -39.31 -70.36 -126.30
N PRO LA 94 -39.70 -69.23 -125.75
CA PRO LA 94 -40.76 -69.22 -124.73
C PRO LA 94 -42.14 -68.87 -125.26
N VAL LA 95 -43.12 -69.47 -124.59
CA VAL LA 95 -44.51 -69.02 -124.55
C VAL LA 95 -44.82 -68.52 -123.15
N PHE LA 96 -45.49 -67.37 -123.07
CA PHE LA 96 -46.06 -66.86 -121.83
C PHE LA 96 -47.57 -66.74 -122.01
N ILE LA 97 -48.32 -67.23 -121.04
CA ILE LA 97 -49.78 -67.21 -121.04
C ILE LA 97 -50.23 -66.61 -119.73
N GLU LA 98 -51.12 -65.62 -119.80
CA GLU LA 98 -51.67 -65.00 -118.60
C GLU LA 98 -53.18 -64.89 -118.74
N PHE LA 99 -53.90 -65.45 -117.77
CA PHE LA 99 -55.33 -65.24 -117.61
C PHE LA 99 -55.54 -64.34 -116.40
N THR LA 100 -56.50 -63.43 -116.49
CA THR LA 100 -56.94 -62.74 -115.28
C THR LA 100 -58.45 -62.88 -115.15
N LEU LA 101 -58.90 -63.31 -113.97
CA LEU LA 101 -60.30 -63.63 -113.71
C LEU LA 101 -60.79 -62.81 -112.52
N PRO LA 102 -61.65 -61.82 -112.73
CA PRO LA 102 -62.14 -61.01 -111.61
C PRO LA 102 -62.86 -61.87 -110.58
N ASP LA 103 -62.95 -61.36 -109.36
CA ASP LA 103 -63.46 -62.18 -108.27
C ASP LA 103 -64.92 -62.56 -108.49
N ALA LA 104 -65.71 -61.66 -109.05
CA ALA LA 104 -67.13 -61.94 -109.32
C ALA LA 104 -67.29 -62.51 -110.73
N CYS LA 105 -66.65 -63.67 -110.95
CA CYS LA 105 -66.56 -64.28 -112.26
C CYS LA 105 -67.19 -65.66 -112.25
N THR LA 106 -67.96 -65.97 -113.30
CA THR LA 106 -68.63 -67.26 -113.39
C THR LA 106 -67.65 -68.36 -113.77
N ILE LA 107 -67.89 -69.55 -113.22
CA ILE LA 107 -67.18 -70.72 -113.68
C ILE LA 107 -67.40 -70.90 -115.18
N GLN LA 108 -68.59 -70.55 -115.67
CA GLN LA 108 -68.84 -70.64 -117.10
C GLN LA 108 -67.99 -69.64 -117.88
N ASN LA 109 -67.77 -68.45 -117.31
CA ASN LA 109 -66.88 -67.49 -117.97
C ASN LA 109 -65.45 -68.01 -118.02
N ARG LA 110 -65.00 -68.67 -116.94
CA ARG LA 110 -63.66 -69.24 -116.94
C ARG LA 110 -63.52 -70.32 -118.02
N LYS LA 111 -64.51 -71.21 -118.10
CA LYS LA 111 -64.51 -72.22 -119.14
C LYS LA 111 -64.48 -71.57 -120.53
N ASP LA 112 -65.30 -70.52 -120.72
CA ASP LA 112 -65.31 -69.79 -121.98
C ASP LA 112 -63.92 -69.29 -122.35
N ILE LA 113 -63.26 -68.58 -121.43
CA ILE LA 113 -62.01 -67.92 -121.77
C ILE LA 113 -60.92 -68.95 -122.05
N LEU LA 114 -60.86 -70.03 -121.25
CA LEU LA 114 -59.88 -71.07 -121.52
C LEU LA 114 -60.14 -71.73 -122.86
N ALA LA 115 -61.41 -71.93 -123.21
CA ALA LA 115 -61.75 -72.53 -124.49
C ALA LA 115 -61.35 -71.63 -125.65
N TYR LA 116 -61.59 -70.33 -125.53
CA TYR LA 116 -61.17 -69.39 -126.56
C TYR LA 116 -59.67 -69.47 -126.78
N ALA LA 117 -58.90 -69.49 -125.69
CA ALA LA 117 -57.44 -69.60 -125.80
C ALA LA 117 -57.02 -70.88 -126.51
N LYS LA 118 -57.53 -72.03 -126.05
CA LYS LA 118 -57.05 -73.30 -126.59
C LYS LA 118 -57.49 -73.48 -128.05
N ASN LA 119 -58.75 -73.14 -128.36
CA ASN LA 119 -59.22 -73.29 -129.74
C ASN LA 119 -58.48 -72.34 -130.68
N PHE LA 120 -58.18 -71.13 -130.22
CA PHE LA 120 -57.38 -70.23 -131.05
C PHE LA 120 -56.00 -70.80 -131.30
N LEU LA 121 -55.32 -71.27 -130.25
CA LEU LA 121 -53.97 -71.79 -130.45
C LEU LA 121 -53.97 -73.00 -131.37
N ALA LA 122 -55.04 -73.80 -131.35
CA ALA LA 122 -55.17 -74.85 -132.34
C ALA LA 122 -55.43 -74.30 -133.74
N SER LA 123 -56.00 -73.10 -133.83
CA SER LA 123 -56.47 -72.59 -135.12
C SER LA 123 -55.33 -72.34 -136.12
N ALA LA 124 -55.67 -72.52 -137.39
CA ALA LA 124 -54.71 -72.31 -138.46
C ALA LA 124 -54.30 -70.86 -138.60
N THR LA 125 -55.11 -69.91 -138.10
CA THR LA 125 -54.65 -68.52 -138.08
C THR LA 125 -53.52 -68.33 -137.08
N ALA LA 126 -53.62 -68.96 -135.91
CA ALA LA 126 -52.50 -69.00 -134.99
C ALA LA 126 -51.29 -69.69 -135.60
N THR LA 127 -51.54 -70.72 -136.42
CA THR LA 127 -50.40 -71.39 -137.08
C THR LA 127 -49.73 -70.45 -138.09
N ASP LA 128 -50.50 -69.84 -139.00
CA ASP LA 128 -49.97 -68.82 -139.90
C ASP LA 128 -49.23 -67.74 -139.11
N LEU LA 129 -49.71 -67.43 -137.91
CA LEU LA 129 -49.15 -66.34 -137.12
C LEU LA 129 -47.78 -66.68 -136.55
N VAL LA 130 -47.67 -67.82 -135.87
CA VAL LA 130 -46.47 -68.16 -135.10
C VAL LA 130 -45.55 -69.09 -135.87
N VAL LA 131 -46.10 -70.19 -136.42
CA VAL LA 131 -45.26 -71.13 -137.16
C VAL LA 131 -44.71 -70.47 -138.41
N ASN LA 132 -45.58 -69.87 -139.20
CA ASN LA 132 -45.18 -69.30 -140.48
C ASN LA 132 -44.44 -67.98 -140.33
N THR LA 133 -44.56 -67.32 -139.17
CA THR LA 133 -43.94 -66.01 -138.87
C THR LA 133 -44.47 -64.94 -139.84
N ALA LA 134 -45.78 -64.82 -139.89
CA ALA LA 134 -46.41 -63.93 -140.85
C ALA LA 134 -47.61 -63.30 -140.16
N PRO LA 135 -47.71 -61.98 -140.14
CA PRO LA 135 -48.87 -61.35 -139.52
C PRO LA 135 -50.04 -61.26 -140.48
N GLN LA 136 -51.17 -60.81 -139.93
CA GLN LA 136 -52.44 -60.75 -140.64
C GLN LA 136 -52.61 -59.35 -141.25
N TYR LA 137 -52.39 -59.24 -142.55
CA TYR LA 137 -52.38 -57.93 -143.20
C TYR LA 137 -53.67 -57.61 -143.96
N GLN MA 1 -48.29 -83.18 -95.85
CA GLN MA 1 -48.41 -82.50 -97.15
C GLN MA 1 -49.82 -82.00 -97.23
N ILE MA 2 -50.12 -81.16 -98.23
CA ILE MA 2 -51.39 -80.45 -98.25
C ILE MA 2 -52.36 -81.15 -99.19
N ALA MA 3 -53.56 -81.41 -98.68
CA ALA MA 3 -54.68 -81.89 -99.46
C ALA MA 3 -55.94 -81.24 -98.91
N ASN MA 4 -57.02 -81.32 -99.67
CA ASN MA 4 -58.25 -80.67 -99.25
C ASN MA 4 -58.78 -81.32 -97.97
N VAL MA 5 -59.52 -80.53 -97.19
CA VAL MA 5 -60.06 -81.00 -95.91
C VAL MA 5 -61.57 -80.99 -95.98
N VAL MA 6 -62.20 -81.99 -95.38
CA VAL MA 6 -63.65 -82.18 -95.49
C VAL MA 6 -64.26 -82.00 -94.11
N LEU MA 7 -65.13 -81.00 -93.97
CA LEU MA 7 -65.75 -80.66 -92.70
C LEU MA 7 -67.27 -80.83 -92.81
N ALA MA 8 -67.85 -81.54 -91.85
CA ALA MA 8 -69.29 -81.78 -91.88
C ALA MA 8 -70.03 -80.64 -91.20
N ASP MA 9 -71.04 -80.10 -91.89
CA ASP MA 9 -71.75 -78.94 -91.38
C ASP MA 9 -72.72 -79.36 -90.27
N GLY MA 10 -73.35 -78.37 -89.68
CA GLY MA 10 -74.30 -78.60 -88.62
C GLY MA 10 -75.70 -78.71 -89.18
N GLN MA 11 -76.24 -79.92 -89.19
CA GLN MA 11 -77.61 -80.20 -89.60
C GLN MA 11 -78.03 -81.47 -88.87
N ALA MA 12 -79.26 -81.91 -89.14
CA ALA MA 12 -79.67 -83.25 -88.74
C ALA MA 12 -78.72 -84.29 -89.30
N ALA MA 13 -78.61 -84.31 -90.61
CA ALA MA 13 -77.69 -85.14 -91.32
C ALA MA 13 -76.59 -84.25 -91.82
N PRO MA 14 -75.35 -84.50 -91.39
CA PRO MA 14 -74.24 -83.67 -91.84
C PRO MA 14 -74.07 -83.76 -93.34
N ALA MA 15 -73.71 -82.64 -93.94
CA ALA MA 15 -73.39 -82.55 -95.36
C ALA MA 15 -71.95 -82.10 -95.46
N ASP MA 16 -71.11 -82.96 -96.01
CA ASP MA 16 -69.69 -82.70 -96.09
C ASP MA 16 -69.40 -81.54 -97.03
N LYS MA 17 -68.72 -80.52 -96.51
CA LYS MA 17 -68.22 -79.40 -97.31
C LYS MA 17 -66.72 -79.59 -97.47
N THR MA 18 -66.27 -79.58 -98.72
CA THR MA 18 -64.87 -79.83 -99.05
C THR MA 18 -64.16 -78.51 -99.30
N PHE MA 19 -63.02 -78.32 -98.64
CA PHE MA 19 -62.18 -77.14 -98.78
C PHE MA 19 -60.94 -77.56 -99.57
N GLU MA 20 -60.88 -77.15 -100.84
CA GLU MA 20 -59.75 -77.43 -101.70
C GLU MA 20 -58.65 -76.39 -101.49
N PRO MA 21 -57.39 -76.80 -101.42
CA PRO MA 21 -56.32 -75.87 -101.05
C PRO MA 21 -56.05 -74.83 -102.14
N GLN MA 22 -55.72 -73.63 -101.69
CA GLN MA 22 -55.35 -72.51 -102.56
C GLN MA 22 -53.95 -71.99 -102.33
N ARG MA 23 -53.40 -72.18 -101.12
CA ARG MA 23 -52.07 -71.72 -100.77
C ARG MA 23 -51.39 -72.73 -99.87
N GLY MA 24 -50.09 -72.92 -100.09
CA GLY MA 24 -49.26 -73.60 -99.13
C GLY MA 24 -48.64 -72.59 -98.16
N GLN MA 25 -48.37 -73.05 -96.95
CA GLN MA 25 -47.71 -72.20 -95.97
C GLN MA 25 -46.27 -71.98 -96.40
N ASN MA 26 -45.89 -70.72 -96.55
CA ASN MA 26 -44.54 -70.34 -96.99
C ASN MA 26 -43.89 -69.53 -95.87
N GLY MA 27 -42.77 -70.02 -95.35
CA GLY MA 27 -42.12 -69.32 -94.25
C GLY MA 27 -42.97 -69.36 -93.00
N VAL MA 28 -43.13 -68.21 -92.35
CA VAL MA 28 -44.04 -68.08 -91.22
C VAL MA 28 -44.94 -66.87 -91.41
N THR MA 29 -44.63 -66.04 -92.41
CA THR MA 29 -45.48 -64.89 -92.67
C THR MA 29 -46.82 -65.31 -93.26
N ASP MA 30 -46.81 -66.30 -94.16
CA ASP MA 30 -47.95 -66.62 -95.00
C ASP MA 30 -48.64 -67.89 -94.50
N PRO MA 31 -49.93 -67.85 -94.18
CA PRO MA 31 -50.62 -69.10 -93.82
C PRO MA 31 -51.17 -69.83 -95.03
N ALA MA 32 -51.36 -71.14 -94.88
CA ALA MA 32 -51.96 -71.95 -95.93
C ALA MA 32 -53.47 -71.80 -95.91
N GLU MA 33 -54.08 -71.74 -97.11
CA GLU MA 33 -55.49 -71.38 -97.24
C GLU MA 33 -56.23 -72.42 -98.08
N TRP MA 34 -57.50 -72.67 -97.70
CA TRP MA 34 -58.41 -73.60 -98.34
C TRP MA 34 -59.74 -72.90 -98.64
N TRP MA 35 -60.30 -73.18 -99.82
CA TRP MA 35 -61.51 -72.54 -100.31
C TRP MA 35 -62.59 -73.59 -100.61
N GLU MA 36 -63.84 -73.30 -100.24
CA GLU MA 36 -64.90 -74.30 -100.40
C GLU MA 36 -65.39 -74.40 -101.85
N LYS MA 37 -65.57 -73.26 -102.52
CA LYS MA 37 -66.03 -73.21 -103.90
C LYS MA 37 -67.48 -73.68 -104.02
N SER MA 38 -68.29 -73.49 -102.98
CA SER MA 38 -69.67 -73.95 -103.08
C SER MA 38 -70.52 -72.99 -103.90
N SER MA 39 -70.50 -71.70 -103.55
CA SER MA 39 -71.30 -70.70 -104.26
C SER MA 39 -70.64 -70.34 -105.59
N PRO MA 40 -71.38 -69.69 -106.50
CA PRO MA 40 -70.75 -69.36 -107.80
C PRO MA 40 -69.63 -68.33 -107.75
N THR MA 41 -69.78 -67.23 -107.00
CA THR MA 41 -68.74 -66.19 -106.92
C THR MA 41 -67.82 -66.45 -105.74
N LEU MA 42 -66.74 -65.64 -105.64
CA LEU MA 42 -65.80 -65.85 -104.55
C LEU MA 42 -66.43 -65.57 -103.20
N ASN MA 43 -67.26 -64.54 -103.10
CA ASN MA 43 -67.78 -64.12 -101.80
C ASN MA 43 -68.46 -65.27 -101.07
N GLY MA 44 -68.97 -66.27 -101.81
CA GLY MA 44 -69.64 -67.41 -101.19
C GLY MA 44 -68.73 -68.53 -100.74
N TYR MA 45 -67.48 -68.55 -101.20
CA TYR MA 45 -66.51 -69.54 -100.74
C TYR MA 45 -66.35 -69.46 -99.23
N ARG MA 46 -66.33 -70.63 -98.58
CA ARG MA 46 -65.95 -70.71 -97.17
C ARG MA 46 -64.44 -70.91 -97.08
N ARG MA 47 -63.82 -70.26 -96.10
CA ARG MA 47 -62.36 -70.22 -96.01
C ARG MA 47 -61.83 -70.95 -94.78
N LEU MA 48 -60.65 -71.53 -94.94
CA LEU MA 48 -59.91 -72.14 -93.84
C LEU MA 48 -58.43 -71.76 -93.95
N THR MA 49 -57.91 -71.09 -92.92
CA THR MA 49 -56.50 -70.70 -92.88
C THR MA 49 -55.79 -71.41 -91.73
N ALA MA 50 -54.56 -71.84 -91.97
CA ALA MA 50 -53.77 -72.53 -90.97
C ALA MA 50 -52.31 -72.15 -91.10
N LEU MA 51 -51.72 -71.77 -89.97
CA LEU MA 51 -50.34 -71.28 -89.92
C LEU MA 51 -49.66 -71.83 -88.68
N VAL MA 52 -48.55 -72.54 -88.88
CA VAL MA 52 -47.68 -72.98 -87.78
C VAL MA 52 -46.41 -72.15 -87.86
N ARG MA 53 -46.20 -71.29 -86.87
CA ARG MA 53 -45.04 -70.42 -86.83
C ARG MA 53 -44.31 -70.57 -85.51
N ARG MA 54 -43.00 -70.74 -85.57
CA ARG MA 54 -42.24 -70.79 -84.33
C ARG MA 54 -41.97 -69.38 -83.84
N ASN MA 55 -42.30 -69.11 -82.59
CA ASN MA 55 -41.97 -67.86 -81.91
C ASN MA 55 -40.75 -68.11 -81.05
N ALA MA 56 -39.63 -67.45 -81.41
CA ALA MA 56 -38.36 -67.68 -80.73
C ALA MA 56 -38.27 -66.94 -79.41
N ALA MA 57 -39.04 -65.87 -79.26
CA ALA MA 57 -39.07 -65.15 -77.98
C ALA MA 57 -39.53 -66.06 -76.85
N SER MA 58 -40.68 -66.69 -77.02
CA SER MA 58 -41.24 -67.59 -76.01
C SER MA 58 -40.64 -68.99 -76.07
N LYS MA 59 -39.70 -69.24 -76.99
CA LYS MA 59 -39.18 -70.58 -77.25
C LYS MA 59 -40.32 -71.58 -77.39
N SER MA 60 -41.20 -71.32 -78.36
CA SER MA 60 -42.41 -72.11 -78.48
C SER MA 60 -42.92 -72.06 -79.91
N VAL MA 61 -43.89 -72.91 -80.19
CA VAL MA 61 -44.54 -72.99 -81.50
C VAL MA 61 -45.98 -72.54 -81.35
N LYS MA 62 -46.45 -71.70 -82.28
CA LYS MA 62 -47.85 -71.28 -82.31
C LYS MA 62 -48.54 -71.92 -83.50
N VAL MA 63 -49.81 -72.28 -83.31
CA VAL MA 63 -50.64 -72.85 -84.37
C VAL MA 63 -51.94 -72.05 -84.41
N LYS MA 64 -52.17 -71.36 -85.52
CA LYS MA 64 -53.36 -70.54 -85.70
C LYS MA 64 -54.21 -71.10 -86.83
N VAL MA 65 -55.49 -71.30 -86.53
CA VAL MA 65 -56.47 -71.80 -87.49
C VAL MA 65 -57.65 -70.85 -87.49
N ALA MA 66 -58.24 -70.63 -88.67
CA ALA MA 66 -59.39 -69.76 -88.82
C ALA MA 66 -60.36 -70.38 -89.81
N ILE MA 67 -61.65 -70.33 -89.47
CA ILE MA 67 -62.71 -70.81 -90.35
C ILE MA 67 -63.69 -69.67 -90.56
N TYR MA 68 -63.84 -69.22 -91.81
CA TYR MA 68 -64.76 -68.14 -92.16
C TYR MA 68 -65.93 -68.72 -92.94
N ASP MA 69 -67.15 -68.61 -92.38
CA ASP MA 69 -68.39 -69.03 -93.04
C ASP MA 69 -69.22 -67.80 -93.40
N PRO MA 70 -69.23 -67.35 -94.66
CA PRO MA 70 -70.02 -66.17 -95.01
C PRO MA 70 -71.41 -66.52 -95.50
N THR MA 71 -72.41 -65.70 -95.20
CA THR MA 71 -73.74 -65.86 -95.77
C THR MA 71 -74.04 -64.65 -96.65
N LEU MA 72 -74.54 -64.91 -97.86
CA LEU MA 72 -74.79 -63.82 -98.80
C LEU MA 72 -76.09 -63.10 -98.47
N ALA MA 73 -76.21 -61.87 -98.95
CA ALA MA 73 -77.40 -61.07 -98.72
C ALA MA 73 -78.43 -61.31 -99.81
N VAL MA 74 -79.69 -61.05 -99.47
CA VAL MA 74 -80.79 -61.24 -100.40
C VAL MA 74 -80.84 -60.07 -101.37
N THR MA 75 -80.69 -60.34 -102.66
CA THR MA 75 -80.61 -59.31 -103.67
C THR MA 75 -81.94 -59.13 -104.39
N ALA MA 76 -82.02 -58.05 -105.16
CA ALA MA 76 -83.20 -57.69 -105.93
C ALA MA 76 -82.81 -57.44 -107.37
N PRO MA 77 -83.68 -57.75 -108.33
CA PRO MA 77 -83.31 -57.58 -109.74
C PRO MA 77 -83.09 -56.12 -110.13
N SER MA 78 -83.88 -55.21 -109.58
CA SER MA 78 -83.78 -53.79 -109.91
C SER MA 78 -83.00 -53.07 -108.81
N THR MA 79 -81.79 -52.66 -109.13
CA THR MA 79 -81.00 -51.80 -108.26
C THR MA 79 -81.17 -50.35 -108.70
N ALA MA 80 -81.14 -49.43 -107.74
CA ALA MA 80 -81.32 -48.03 -108.08
C ALA MA 80 -80.21 -47.55 -108.99
N SER MA 81 -80.59 -46.72 -109.96
CA SER MA 81 -79.64 -46.01 -110.81
C SER MA 81 -78.58 -46.95 -111.33
N GLY MA 82 -79.01 -48.06 -111.91
CA GLY MA 82 -77.99 -48.85 -112.56
C GLY MA 82 -78.36 -50.31 -112.63
N ILE MA 83 -77.35 -51.13 -112.42
CA ILE MA 83 -77.34 -52.49 -112.88
C ILE MA 83 -77.78 -53.43 -111.75
N GLN MA 84 -78.26 -54.60 -112.14
CA GLN MA 84 -78.56 -55.67 -111.19
C GLN MA 84 -77.30 -55.99 -110.38
N PRO MA 85 -77.41 -56.13 -109.05
CA PRO MA 85 -76.20 -56.13 -108.22
C PRO MA 85 -75.50 -57.49 -108.23
N SER MA 86 -74.17 -57.44 -108.13
CA SER MA 86 -73.41 -58.65 -107.96
C SER MA 86 -73.60 -59.17 -106.53
N PRO MA 87 -73.45 -60.49 -106.32
CA PRO MA 87 -73.74 -61.04 -104.99
C PRO MA 87 -72.75 -60.52 -103.97
N THR MA 88 -73.26 -60.09 -102.82
CA THR MA 88 -72.44 -59.50 -101.78
C THR MA 88 -72.64 -60.23 -100.47
N VAL MA 89 -71.65 -60.11 -99.59
CA VAL MA 89 -71.69 -60.75 -98.28
C VAL MA 89 -72.48 -59.86 -97.32
N ALA MA 90 -73.47 -60.44 -96.65
CA ALA MA 90 -74.20 -59.70 -95.63
C ALA MA 90 -73.50 -59.78 -94.29
N PHE MA 91 -73.01 -60.96 -93.93
CA PHE MA 91 -72.19 -61.13 -92.73
C PHE MA 91 -71.44 -62.44 -92.85
N THR MA 92 -70.56 -62.67 -91.88
CA THR MA 92 -69.71 -63.85 -91.90
C THR MA 92 -69.46 -64.27 -90.45
N CYS MA 93 -69.45 -65.59 -90.21
CA CYS MA 93 -69.22 -66.16 -88.89
C CYS MA 93 -67.82 -66.77 -88.84
N PRO MA 94 -66.90 -66.17 -88.10
CA PRO MA 94 -65.58 -66.81 -87.93
C PRO MA 94 -65.39 -67.57 -86.63
N VAL MA 95 -64.56 -68.61 -86.74
CA VAL MA 95 -63.86 -69.22 -85.62
C VAL MA 95 -62.38 -68.90 -85.75
N PHE MA 96 -61.76 -68.57 -84.63
CA PHE MA 96 -60.31 -68.54 -84.49
C PHE MA 96 -59.90 -69.54 -83.42
N ILE MA 97 -58.82 -70.28 -83.69
CA ILE MA 97 -58.28 -71.27 -82.77
C ILE MA 97 -56.78 -71.07 -82.71
N GLU MA 98 -56.24 -70.97 -81.49
CA GLU MA 98 -54.81 -70.80 -81.30
C GLU MA 98 -54.31 -71.80 -80.26
N PHE MA 99 -53.43 -72.70 -80.68
CA PHE MA 99 -52.67 -73.55 -79.77
C PHE MA 99 -51.30 -72.94 -79.57
N THR MA 100 -50.77 -73.03 -78.35
CA THR MA 100 -49.35 -72.76 -78.20
C THR MA 100 -48.68 -73.92 -77.48
N LEU MA 101 -47.50 -74.30 -77.97
CA LEU MA 101 -46.79 -75.49 -77.52
C LEU MA 101 -45.35 -75.17 -77.23
N PRO MA 102 -44.90 -75.23 -75.97
CA PRO MA 102 -43.50 -74.89 -75.67
C PRO MA 102 -42.55 -75.92 -76.24
N ASP MA 103 -41.28 -75.53 -76.30
CA ASP MA 103 -40.28 -76.40 -76.91
C ASP MA 103 -40.03 -77.65 -76.08
N ALA MA 104 -40.22 -77.56 -74.77
CA ALA MA 104 -39.94 -78.67 -73.88
C ALA MA 104 -41.12 -79.62 -73.70
N CYS MA 105 -42.10 -79.59 -74.61
CA CYS MA 105 -43.35 -80.32 -74.39
C CYS MA 105 -43.31 -81.71 -75.02
N THR MA 106 -44.18 -82.58 -74.53
CA THR MA 106 -44.24 -83.97 -74.98
C THR MA 106 -45.25 -84.14 -76.10
N ILE MA 107 -44.98 -85.14 -76.94
CA ILE MA 107 -45.98 -85.59 -77.91
C ILE MA 107 -47.28 -85.94 -77.21
N GLN MA 108 -47.17 -86.49 -76.00
CA GLN MA 108 -48.36 -86.79 -75.21
C GLN MA 108 -49.10 -85.52 -74.82
N ASN MA 109 -48.36 -84.45 -74.47
CA ASN MA 109 -49.02 -83.20 -74.12
C ASN MA 109 -49.74 -82.61 -75.32
N ARG MA 110 -49.13 -82.67 -76.51
CA ARG MA 110 -49.80 -82.14 -77.71
C ARG MA 110 -51.09 -82.90 -78.00
N LYS MA 111 -51.02 -84.25 -77.94
CA LYS MA 111 -52.23 -85.03 -78.16
C LYS MA 111 -53.29 -84.71 -77.12
N ASP MA 112 -52.88 -84.58 -75.85
CA ASP MA 112 -53.79 -84.18 -74.78
C ASP MA 112 -54.52 -82.89 -75.15
N ILE MA 113 -53.77 -81.85 -75.49
CA ILE MA 113 -54.37 -80.52 -75.66
C ILE MA 113 -55.33 -80.53 -76.84
N LEU MA 114 -54.94 -81.18 -77.94
CA LEU MA 114 -55.81 -81.22 -79.10
C LEU MA 114 -57.09 -82.00 -78.82
N ALA MA 115 -56.97 -83.12 -78.11
CA ALA MA 115 -58.15 -83.90 -77.79
C ALA MA 115 -59.08 -83.12 -76.85
N TYR MA 116 -58.52 -82.39 -75.89
CA TYR MA 116 -59.34 -81.55 -75.03
C TYR MA 116 -60.15 -80.56 -75.86
N ALA MA 117 -59.49 -79.92 -76.82
CA ALA MA 117 -60.18 -78.96 -77.69
C ALA MA 117 -61.31 -79.63 -78.47
N LYS MA 118 -61.02 -80.73 -79.16
CA LYS MA 118 -62.04 -81.34 -80.02
C LYS MA 118 -63.21 -81.89 -79.19
N ASN MA 119 -62.91 -82.52 -78.05
CA ASN MA 119 -63.97 -83.10 -77.23
C ASN MA 119 -64.84 -82.00 -76.62
N PHE MA 120 -64.23 -80.89 -76.20
CA PHE MA 120 -65.05 -79.79 -75.71
C PHE MA 120 -65.96 -79.25 -76.81
N LEU MA 121 -65.39 -79.00 -78.00
CA LEU MA 121 -66.21 -78.45 -79.08
C LEU MA 121 -67.36 -79.37 -79.46
N ALA MA 122 -67.17 -80.69 -79.32
CA ALA MA 122 -68.29 -81.60 -79.48
C ALA MA 122 -69.28 -81.49 -78.32
N SER MA 123 -68.80 -81.14 -77.12
CA SER MA 123 -69.62 -81.24 -75.92
C SER MA 123 -70.85 -80.34 -75.97
N ALA MA 124 -71.90 -80.80 -75.29
CA ALA MA 124 -73.14 -80.05 -75.29
C ALA MA 124 -73.01 -78.70 -74.62
N THR MA 125 -72.05 -78.52 -73.71
CA THR MA 125 -71.83 -77.20 -73.13
C THR MA 125 -71.25 -76.23 -74.16
N ALA MA 126 -70.35 -76.70 -75.03
CA ALA MA 126 -69.94 -75.85 -76.14
C ALA MA 126 -71.11 -75.59 -77.09
N THR MA 127 -71.97 -76.59 -77.31
CA THR MA 127 -73.13 -76.36 -78.16
C THR MA 127 -74.06 -75.31 -77.55
N ASP MA 128 -74.39 -75.45 -76.26
CA ASP MA 128 -75.13 -74.41 -75.53
C ASP MA 128 -74.44 -73.07 -75.69
N LEU MA 129 -73.11 -73.06 -75.59
CA LEU MA 129 -72.35 -71.81 -75.57
C LEU MA 129 -72.46 -71.06 -76.89
N VAL MA 130 -72.36 -71.75 -78.02
CA VAL MA 130 -72.29 -71.07 -79.31
C VAL MA 130 -73.64 -71.00 -80.01
N VAL MA 131 -74.36 -72.11 -80.07
CA VAL MA 131 -75.63 -72.16 -80.79
C VAL MA 131 -76.71 -71.35 -80.07
N ASN MA 132 -76.78 -71.46 -78.74
CA ASN MA 132 -77.76 -70.68 -77.99
C ASN MA 132 -77.23 -69.35 -77.50
N THR MA 133 -75.93 -69.08 -77.72
CA THR MA 133 -75.28 -67.84 -77.27
C THR MA 133 -75.53 -67.57 -75.79
N ALA MA 134 -75.54 -68.64 -75.00
CA ALA MA 134 -75.94 -68.50 -73.61
C ALA MA 134 -74.73 -68.64 -72.68
N PRO MA 135 -74.68 -67.84 -71.60
CA PRO MA 135 -73.64 -68.02 -70.58
C PRO MA 135 -73.79 -69.33 -69.81
N GLN MA 136 -72.96 -69.53 -68.79
CA GLN MA 136 -73.07 -70.69 -67.91
C GLN MA 136 -73.42 -70.20 -66.51
N TYR MA 137 -74.70 -70.32 -66.15
CA TYR MA 137 -75.28 -69.64 -64.98
C TYR MA 137 -75.04 -70.43 -63.71
N GLN NA 1 7.32 -88.32 -103.07
CA GLN NA 1 7.75 -88.28 -101.66
C GLN NA 1 9.23 -87.90 -101.55
N ILE NA 2 9.66 -87.32 -100.42
CA ILE NA 2 11.02 -86.82 -100.32
C ILE NA 2 11.99 -87.94 -99.99
N ALA NA 3 13.17 -87.86 -100.58
CA ALA NA 3 14.27 -88.79 -100.40
C ALA NA 3 15.51 -88.10 -100.92
N ASN NA 4 16.66 -88.46 -100.36
CA ASN NA 4 17.90 -87.77 -100.68
C ASN NA 4 18.21 -87.87 -102.16
N VAL NA 5 18.99 -86.92 -102.67
CA VAL NA 5 19.35 -86.85 -104.08
C VAL NA 5 20.87 -86.89 -104.20
N VAL NA 6 21.36 -87.58 -105.21
CA VAL NA 6 22.79 -87.87 -105.33
C VAL NA 6 23.27 -87.27 -106.64
N LEU NA 7 24.11 -86.24 -106.56
CA LEU NA 7 24.63 -85.56 -107.75
C LEU NA 7 26.14 -85.72 -107.81
N ALA NA 8 26.66 -85.85 -109.02
CA ALA NA 8 28.08 -86.13 -109.25
C ALA NA 8 28.82 -84.83 -109.57
N ASP NA 9 29.87 -84.54 -108.80
CA ASP NA 9 30.65 -83.34 -109.08
C ASP NA 9 31.53 -83.54 -110.31
N GLY NA 10 31.99 -82.44 -110.87
CA GLY NA 10 32.82 -82.48 -112.05
C GLY NA 10 34.29 -82.63 -111.70
N GLN NA 11 34.90 -83.74 -112.13
CA GLN NA 11 36.31 -83.97 -111.89
C GLN NA 11 36.82 -84.99 -112.90
N ALA NA 12 38.09 -85.37 -112.69
CA ALA NA 12 38.64 -86.57 -113.31
C ALA NA 12 37.73 -87.77 -113.10
N ALA NA 13 37.53 -88.15 -111.85
CA ALA NA 13 36.62 -89.21 -111.46
C ALA NA 13 35.59 -88.52 -110.60
N PRO NA 14 34.36 -88.42 -111.05
CA PRO NA 14 33.37 -87.67 -110.30
C PRO NA 14 32.97 -88.41 -109.05
N ALA NA 15 32.68 -87.64 -108.01
CA ALA NA 15 32.27 -88.17 -106.71
C ALA NA 15 30.79 -87.86 -106.52
N ASP NA 16 30.08 -88.84 -105.99
CA ASP NA 16 28.68 -88.70 -105.61
C ASP NA 16 28.58 -87.88 -104.33
N LYS NA 17 28.02 -86.68 -104.42
CA LYS NA 17 27.66 -85.88 -103.27
C LYS NA 17 26.18 -86.12 -102.99
N THR NA 18 25.88 -86.58 -101.78
CA THR NA 18 24.52 -86.96 -101.40
C THR NA 18 23.91 -85.84 -100.59
N PHE NA 19 22.80 -85.27 -101.07
CA PHE NA 19 21.98 -84.30 -100.34
C PHE NA 19 20.92 -85.10 -99.59
N GLU NA 20 21.12 -85.25 -98.28
CA GLU NA 20 20.10 -85.83 -97.41
C GLU NA 20 18.93 -84.86 -97.25
N PRO NA 21 17.69 -85.33 -97.22
CA PRO NA 21 16.57 -84.40 -97.00
C PRO NA 21 16.65 -83.85 -95.59
N GLN NA 22 16.61 -82.52 -95.49
CA GLN NA 22 16.59 -81.86 -94.19
C GLN NA 22 15.32 -81.09 -93.95
N ARG NA 23 14.59 -80.71 -94.99
CA ARG NA 23 13.23 -80.19 -94.83
C ARG NA 23 12.40 -80.50 -96.06
N GLY NA 24 11.21 -81.07 -95.84
CA GLY NA 24 10.30 -81.35 -96.94
C GLY NA 24 9.37 -80.18 -97.24
N GLN NA 25 8.70 -80.26 -98.39
CA GLN NA 25 7.69 -79.29 -98.79
C GLN NA 25 6.31 -79.91 -98.63
N ASN NA 26 5.53 -79.43 -97.67
CA ASN NA 26 4.13 -79.82 -97.56
C ASN NA 26 3.17 -78.71 -97.89
N GLY NA 27 3.68 -77.50 -98.14
CA GLY NA 27 2.85 -76.36 -98.43
C GLY NA 27 3.38 -75.63 -99.66
N VAL NA 28 2.58 -74.67 -100.14
CA VAL NA 28 2.92 -73.93 -101.35
C VAL NA 28 3.91 -72.79 -101.09
N THR NA 29 3.91 -72.26 -99.87
CA THR NA 29 4.72 -71.08 -99.61
C THR NA 29 6.23 -71.40 -99.69
N ASP NA 30 6.70 -72.41 -98.94
CA ASP NA 30 8.14 -72.65 -98.69
C ASP NA 30 8.65 -73.90 -99.40
N PRO NA 31 9.75 -73.79 -100.15
CA PRO NA 31 10.25 -74.95 -100.91
C PRO NA 31 10.89 -76.00 -100.03
N ALA NA 32 11.04 -77.19 -100.62
CA ALA NA 32 11.73 -78.30 -99.99
C ALA NA 32 13.25 -78.12 -100.12
N GLU NA 33 13.99 -78.68 -99.16
CA GLU NA 33 15.42 -78.40 -99.04
C GLU NA 33 16.17 -79.68 -98.68
N TRP NA 34 17.34 -79.84 -99.29
CA TRP NA 34 18.25 -80.95 -99.08
C TRP NA 34 19.62 -80.39 -98.71
N TRP NA 35 20.28 -81.05 -97.75
CA TRP NA 35 21.56 -80.62 -97.18
C TRP NA 35 22.62 -81.68 -97.39
N GLU NA 36 23.84 -81.26 -97.74
CA GLU NA 36 24.86 -82.23 -98.12
C GLU NA 36 25.60 -82.81 -96.93
N LYS NA 37 26.00 -81.97 -95.97
CA LYS NA 37 26.67 -82.40 -94.75
C LYS NA 37 28.07 -82.96 -95.01
N SER NA 38 28.72 -82.56 -96.10
CA SER NA 38 30.12 -82.95 -96.29
C SER NA 38 31.02 -82.29 -95.26
N SER NA 39 31.04 -80.95 -95.24
CA SER NA 39 31.80 -80.20 -94.24
C SER NA 39 31.24 -80.47 -92.83
N PRO NA 40 32.02 -80.17 -91.78
CA PRO NA 40 31.52 -80.43 -90.41
C PRO NA 40 30.52 -79.40 -89.88
N THR NA 41 30.56 -78.17 -90.37
CA THR NA 41 29.70 -77.11 -89.87
C THR NA 41 28.59 -76.79 -90.87
N LEU NA 42 27.52 -76.16 -90.36
CA LEU NA 42 26.34 -75.88 -91.18
C LEU NA 42 26.68 -75.02 -92.38
N ASN NA 43 27.68 -74.14 -92.26
CA ASN NA 43 28.00 -73.22 -93.34
C ASN NA 43 28.53 -73.95 -94.57
N GLY NA 44 29.21 -75.08 -94.36
CA GLY NA 44 29.82 -75.83 -95.44
C GLY NA 44 28.92 -76.81 -96.15
N TYR NA 45 27.64 -76.87 -95.78
CA TYR NA 45 26.73 -77.77 -96.46
C TYR NA 45 26.41 -77.24 -97.84
N ARG NA 46 26.28 -78.14 -98.80
CA ARG NA 46 25.72 -77.79 -100.10
C ARG NA 46 24.20 -77.93 -100.02
N ARG NA 47 23.49 -77.03 -100.69
CA ARG NA 47 22.04 -76.98 -100.56
C ARG NA 47 21.34 -77.22 -101.88
N LEU NA 48 20.14 -77.80 -101.79
CA LEU NA 48 19.26 -77.99 -102.94
C LEU NA 48 17.82 -77.67 -102.52
N THR NA 49 17.22 -76.68 -103.16
CA THR NA 49 15.83 -76.28 -102.90
C THR NA 49 14.95 -76.55 -104.12
N ALA NA 50 13.71 -76.95 -103.87
CA ALA NA 50 12.78 -77.35 -104.94
C ALA NA 50 11.35 -77.08 -104.50
N LEU NA 51 10.67 -76.23 -105.29
CA LEU NA 51 9.29 -75.83 -105.03
C LEU NA 51 8.46 -76.05 -106.28
N VAL NA 52 7.40 -76.85 -106.15
CA VAL NA 52 6.37 -76.98 -107.19
C VAL NA 52 5.13 -76.30 -106.66
N ARG NA 53 4.62 -75.33 -107.41
CA ARG NA 53 3.58 -74.42 -106.94
C ARG NA 53 2.59 -74.15 -108.07
N ARG NA 54 1.31 -74.39 -107.81
CA ARG NA 54 0.31 -74.08 -108.82
C ARG NA 54 -0.01 -72.59 -108.76
N ASN NA 55 0.19 -71.90 -109.89
CA ASN NA 55 -0.17 -70.50 -110.03
C ASN NA 55 -1.52 -70.45 -110.76
N ALA NA 56 -2.57 -70.09 -110.02
CA ALA NA 56 -3.90 -70.05 -110.61
C ALA NA 56 -4.09 -68.87 -111.55
N ALA NA 57 -3.27 -67.82 -111.42
CA ALA NA 57 -3.40 -66.66 -112.28
C ALA NA 57 -3.14 -67.01 -113.74
N SER NA 58 -1.98 -67.60 -114.02
CA SER NA 58 -1.61 -68.05 -115.36
C SER NA 58 -2.17 -69.41 -115.70
N LYS NA 59 -2.99 -69.99 -114.81
CA LYS NA 59 -3.46 -71.37 -114.93
C LYS NA 59 -2.29 -72.28 -115.30
N SER NA 60 -1.30 -72.29 -114.41
CA SER NA 60 -0.04 -72.95 -114.72
C SER NA 60 0.56 -73.52 -113.44
N VAL NA 61 1.72 -74.16 -113.59
CA VAL NA 61 2.43 -74.75 -112.47
C VAL NA 61 3.90 -74.41 -112.63
N LYS NA 62 4.46 -73.70 -111.65
CA LYS NA 62 5.88 -73.36 -111.66
C LYS NA 62 6.67 -74.37 -110.85
N VAL NA 63 7.91 -74.59 -111.29
CA VAL NA 63 8.85 -75.47 -110.60
C VAL NA 63 10.17 -74.71 -110.51
N LYS NA 64 10.56 -74.36 -109.28
CA LYS NA 64 11.80 -73.63 -109.02
C LYS NA 64 12.79 -74.53 -108.29
N VAL NA 65 13.98 -74.68 -108.85
CA VAL NA 65 15.04 -75.49 -108.29
C VAL NA 65 16.27 -74.60 -108.14
N ALA NA 66 16.98 -74.77 -107.02
CA ALA NA 66 18.19 -74.00 -106.76
C ALA NA 66 19.24 -74.92 -106.15
N ILE NA 67 20.48 -74.77 -106.61
CA ILE NA 67 21.62 -75.54 -106.10
C ILE NA 67 22.68 -74.55 -105.64
N TYR NA 68 22.96 -74.53 -104.34
CA TYR NA 68 23.96 -73.65 -103.75
C TYR NA 68 25.19 -74.47 -103.39
N ASP NA 69 26.33 -74.17 -104.05
CA ASP NA 69 27.62 -74.80 -103.73
C ASP NA 69 28.53 -73.75 -103.09
N PRO NA 70 28.71 -73.77 -101.77
CA PRO NA 70 29.59 -72.78 -101.15
C PRO NA 70 31.02 -73.28 -101.11
N THR NA 71 31.96 -72.33 -101.26
CA THR NA 71 33.37 -72.64 -101.09
C THR NA 71 33.82 -71.98 -99.79
N LEU NA 72 34.05 -72.79 -98.76
CA LEU NA 72 34.42 -72.26 -97.46
C LEU NA 72 35.74 -71.50 -97.56
N ALA NA 73 35.78 -70.32 -96.96
CA ALA NA 73 37.04 -69.59 -96.90
C ALA NA 73 38.04 -70.38 -96.08
N VAL NA 74 39.28 -70.42 -96.58
CA VAL NA 74 40.40 -70.94 -95.81
C VAL NA 74 40.55 -70.13 -94.53
N THR NA 75 40.35 -70.77 -93.39
CA THR NA 75 40.38 -70.10 -92.09
C THR NA 75 41.65 -70.54 -91.37
N ALA NA 76 42.57 -69.59 -91.17
CA ALA NA 76 43.81 -69.76 -90.43
C ALA NA 76 43.69 -69.12 -89.04
N PRO NA 77 44.40 -69.64 -88.05
CA PRO NA 77 44.34 -69.04 -86.70
C PRO NA 77 44.78 -67.59 -86.74
N SER NA 78 44.01 -66.75 -86.03
CA SER NA 78 44.16 -65.31 -86.15
C SER NA 78 45.61 -64.89 -85.97
N THR NA 79 46.04 -63.97 -86.82
CA THR NA 79 47.35 -63.37 -86.63
C THR NA 79 47.31 -62.34 -85.51
N ALA NA 80 46.15 -61.74 -85.28
CA ALA NA 80 45.99 -60.76 -84.23
C ALA NA 80 45.42 -61.34 -82.93
N SER NA 81 44.30 -62.05 -83.02
CA SER NA 81 43.73 -62.64 -81.80
C SER NA 81 44.42 -63.93 -81.38
N GLY NA 82 45.19 -64.54 -82.27
CA GLY NA 82 45.69 -65.87 -82.01
C GLY NA 82 44.60 -66.93 -81.95
N ILE NA 83 43.38 -66.59 -82.36
CA ILE NA 83 42.19 -67.40 -82.13
C ILE NA 83 41.51 -67.62 -83.47
N GLN NA 84 41.61 -68.85 -83.99
CA GLN NA 84 41.05 -69.17 -85.31
C GLN NA 84 39.55 -68.90 -85.31
N PRO NA 85 39.04 -68.12 -86.27
CA PRO NA 85 37.61 -67.82 -86.29
C PRO NA 85 36.81 -69.02 -86.72
N SER NA 86 35.55 -69.06 -86.25
CA SER NA 86 34.59 -70.07 -86.68
C SER NA 86 34.53 -70.06 -88.21
N PRO NA 87 34.31 -71.21 -88.85
CA PRO NA 87 34.44 -71.26 -90.31
C PRO NA 87 33.36 -70.43 -90.98
N THR NA 88 33.77 -69.68 -92.01
CA THR NA 88 32.92 -68.76 -92.74
C THR NA 88 32.92 -69.13 -94.22
N VAL NA 89 32.00 -68.51 -94.96
CA VAL NA 89 31.83 -68.76 -96.40
C VAL NA 89 32.40 -67.57 -97.16
N ALA NA 90 33.37 -67.84 -98.04
CA ALA NA 90 33.99 -66.76 -98.82
C ALA NA 90 33.14 -66.38 -100.02
N PHE NA 91 32.52 -67.36 -100.68
CA PHE NA 91 31.56 -67.11 -101.73
C PHE NA 91 30.80 -68.40 -102.02
N THR NA 92 29.76 -68.26 -102.84
CA THR NA 92 28.88 -69.38 -103.14
C THR NA 92 28.49 -69.31 -104.61
N CYS NA 93 28.41 -70.47 -105.26
CA CYS NA 93 28.02 -70.57 -106.66
C CYS NA 93 26.61 -71.14 -106.74
N PRO NA 94 25.62 -70.35 -107.12
CA PRO NA 94 24.28 -70.88 -107.32
C PRO NA 94 23.93 -71.20 -108.76
N VAL NA 95 23.05 -72.19 -108.90
CA VAL NA 95 22.23 -72.40 -110.09
C VAL NA 95 20.78 -72.19 -109.72
N PHE NA 96 20.05 -71.47 -110.57
CA PHE NA 96 18.61 -71.34 -110.49
C PHE NA 96 17.99 -71.88 -111.77
N ILE NA 97 17.00 -72.75 -111.63
CA ILE NA 97 16.29 -73.33 -112.76
C ILE NA 97 14.79 -73.17 -112.52
N GLU NA 98 14.09 -72.64 -113.53
CA GLU NA 98 12.65 -72.44 -113.44
C GLU NA 98 11.99 -73.06 -114.66
N PHE NA 99 11.11 -74.03 -114.42
CA PHE NA 99 10.22 -74.55 -115.45
C PHE NA 99 8.84 -73.97 -115.22
N THR NA 100 8.13 -73.67 -116.31
CA THR NA 100 6.70 -73.38 -116.14
C THR NA 100 5.90 -74.28 -117.06
N LEU NA 101 4.81 -74.84 -116.53
CA LEU NA 101 4.01 -75.86 -117.22
C LEU NA 101 2.54 -75.43 -117.20
N PRO NA 102 1.97 -75.02 -118.33
CA PRO NA 102 0.59 -74.53 -118.34
C PRO NA 102 -0.39 -75.65 -118.00
N ASP NA 103 -1.63 -75.26 -117.70
CA ASP NA 103 -2.63 -76.24 -117.30
C ASP NA 103 -3.01 -77.17 -118.45
N ALA NA 104 -2.82 -76.73 -119.69
CA ALA NA 104 -3.17 -77.53 -120.86
C ALA NA 104 -1.99 -78.34 -121.40
N CYS NA 105 -1.01 -78.65 -120.54
CA CYS NA 105 0.30 -79.14 -120.96
C CYS NA 105 0.33 -80.67 -121.03
N THR NA 106 0.78 -81.20 -122.16
CA THR NA 106 0.88 -82.64 -122.35
C THR NA 106 2.02 -83.22 -121.51
N ILE NA 107 1.82 -84.47 -121.08
CA ILE NA 107 2.90 -85.22 -120.44
C ILE NA 107 4.10 -85.28 -121.36
N GLN NA 108 3.85 -85.44 -122.65
CA GLN NA 108 4.93 -85.48 -123.62
C GLN NA 108 5.66 -84.14 -123.70
N ASN NA 109 4.94 -83.03 -123.60
CA ASN NA 109 5.59 -81.73 -123.61
C ASN NA 109 6.48 -81.55 -122.38
N ARG NA 110 6.01 -82.03 -121.21
CA ARG NA 110 6.83 -81.94 -120.00
C ARG NA 110 8.12 -82.74 -120.15
N LYS NA 111 7.99 -83.98 -120.62
CA LYS NA 111 9.18 -84.79 -120.91
C LYS NA 111 10.11 -84.06 -121.87
N ASP NA 112 9.54 -83.48 -122.94
CA ASP NA 112 10.32 -82.74 -123.92
C ASP NA 112 11.14 -81.64 -123.26
N ILE NA 113 10.49 -80.79 -122.45
CA ILE NA 113 11.16 -79.61 -121.94
C ILE NA 113 12.25 -80.01 -120.93
N LEU NA 114 11.98 -81.00 -120.08
CA LEU NA 114 13.01 -81.46 -119.15
C LEU NA 114 14.18 -82.06 -119.93
N ALA NA 115 13.89 -82.76 -121.03
CA ALA NA 115 14.95 -83.36 -121.83
C ALA NA 115 15.82 -82.28 -122.47
N TYR NA 116 15.20 -81.25 -123.05
CA TYR NA 116 15.98 -80.17 -123.64
C TYR NA 116 16.89 -79.54 -122.60
N ALA NA 117 16.36 -79.29 -121.39
CA ALA NA 117 17.19 -78.72 -120.34
C ALA NA 117 18.38 -79.60 -120.00
N LYS NA 118 18.13 -80.88 -119.70
CA LYS NA 118 19.23 -81.74 -119.24
C LYS NA 118 20.25 -81.97 -120.35
N ASN NA 119 19.80 -82.19 -121.59
CA ASN NA 119 20.73 -82.46 -122.67
C ASN NA 119 21.54 -81.21 -123.03
N PHE NA 120 20.92 -80.02 -122.94
CA PHE NA 120 21.71 -78.82 -123.15
C PHE NA 120 22.76 -78.64 -122.06
N LEU NA 121 22.39 -78.84 -120.79
CA LEU NA 121 23.37 -78.67 -119.73
C LEU NA 121 24.51 -79.66 -119.86
N ALA NA 122 24.23 -80.88 -120.33
CA ALA NA 122 25.32 -81.79 -120.66
C ALA NA 122 26.13 -81.30 -121.86
N SER NA 123 25.53 -80.50 -122.74
CA SER NA 123 26.15 -80.18 -124.02
C SER NA 123 27.43 -79.37 -123.87
N ALA NA 124 28.33 -79.59 -124.83
CA ALA NA 124 29.63 -78.92 -124.82
C ALA NA 124 29.51 -77.42 -124.97
N THR NA 125 28.42 -76.92 -125.58
CA THR NA 125 28.21 -75.49 -125.63
C THR NA 125 27.89 -74.93 -124.24
N ALA NA 126 27.11 -75.67 -123.45
CA ALA NA 126 26.92 -75.28 -122.05
C ALA NA 126 28.24 -75.32 -121.28
N THR NA 127 29.10 -76.28 -121.60
CA THR NA 127 30.41 -76.30 -120.92
C THR NA 127 31.25 -75.08 -121.31
N ASP NA 128 31.36 -74.80 -122.62
CA ASP NA 128 32.02 -73.57 -123.09
C ASP NA 128 31.41 -72.33 -122.42
N LEU NA 129 30.12 -72.39 -122.11
CA LEU NA 129 29.38 -71.22 -121.62
C LEU NA 129 29.69 -70.95 -120.15
N VAL NA 130 29.66 -71.97 -119.31
CA VAL NA 130 29.77 -71.80 -117.87
C VAL NA 130 31.18 -72.09 -117.35
N VAL NA 131 31.78 -73.20 -117.80
CA VAL NA 131 33.09 -73.59 -117.29
C VAL NA 131 34.17 -72.62 -117.77
N ASN NA 132 34.13 -72.26 -119.05
CA ASN NA 132 35.07 -71.30 -119.60
C ASN NA 132 34.56 -69.87 -119.55
N THR NA 133 33.34 -69.65 -119.01
CA THR NA 133 32.72 -68.34 -118.93
C THR NA 133 32.84 -67.59 -120.25
N ALA NA 134 32.55 -68.31 -121.34
CA ALA NA 134 32.71 -67.72 -122.65
C ALA NA 134 31.37 -67.61 -123.35
N PRO NA 135 31.11 -66.51 -124.04
CA PRO NA 135 29.88 -66.35 -124.81
C PRO NA 135 30.00 -67.01 -126.19
N GLN NA 136 28.96 -66.83 -126.99
CA GLN NA 136 28.88 -67.36 -128.34
C GLN NA 136 28.92 -66.20 -129.31
N TYR NA 137 30.12 -65.93 -129.86
CA TYR NA 137 30.40 -64.66 -130.52
C TYR NA 137 30.20 -64.63 -132.05
N GLN OA 1 0.92 -92.70 -92.83
CA GLN OA 1 0.99 -91.25 -92.76
C GLN OA 1 -0.10 -90.61 -93.61
N ILE OA 2 0.25 -90.37 -94.88
CA ILE OA 2 -0.67 -90.01 -95.95
C ILE OA 2 -0.60 -91.08 -97.02
N ALA OA 3 -1.75 -91.51 -97.51
CA ALA OA 3 -1.82 -92.57 -98.51
C ALA OA 3 -2.81 -92.16 -99.57
N ASN OA 4 -2.53 -92.59 -100.80
CA ASN OA 4 -3.41 -92.28 -101.91
C ASN OA 4 -4.80 -92.87 -101.63
N VAL OA 5 -5.81 -92.33 -102.30
CA VAL OA 5 -7.19 -92.69 -102.01
C VAL OA 5 -7.90 -93.06 -103.30
N VAL OA 6 -8.63 -94.16 -103.29
CA VAL OA 6 -9.29 -94.66 -104.50
C VAL OA 6 -10.79 -94.58 -104.32
N LEU OA 7 -11.45 -93.88 -105.25
CA LEU OA 7 -12.90 -93.69 -105.21
C LEU OA 7 -13.54 -94.30 -106.45
N ALA OA 8 -14.75 -94.83 -106.27
CA ALA OA 8 -15.47 -95.47 -107.35
C ALA OA 8 -16.35 -94.47 -108.07
N ASP OA 9 -16.17 -94.32 -109.38
CA ASP OA 9 -17.00 -93.39 -110.13
C ASP OA 9 -18.37 -93.99 -110.39
N GLY OA 10 -19.28 -93.15 -110.87
CA GLY OA 10 -20.62 -93.59 -111.18
C GLY OA 10 -20.70 -94.12 -112.59
N GLN OA 11 -20.99 -95.40 -112.72
CA GLN OA 11 -21.16 -96.05 -114.01
C GLN OA 11 -21.95 -97.32 -113.74
N ALA OA 12 -22.18 -98.09 -114.79
CA ALA OA 12 -22.76 -99.43 -114.60
C ALA OA 12 -21.93 -100.23 -113.61
N ALA OA 13 -20.63 -100.37 -113.89
CA ALA OA 13 -19.68 -100.94 -112.95
C ALA OA 13 -18.74 -99.82 -112.57
N PRO OA 14 -18.61 -99.49 -111.29
CA PRO OA 14 -17.70 -98.42 -110.90
C PRO OA 14 -16.27 -98.71 -111.32
N ALA OA 15 -15.61 -97.69 -111.86
CA ALA OA 15 -14.21 -97.75 -112.27
C ALA OA 15 -13.40 -97.00 -111.23
N ASP OA 16 -12.60 -97.74 -110.48
CA ASP OA 16 -11.72 -97.16 -109.46
C ASP OA 16 -10.84 -96.07 -110.04
N LYS OA 17 -10.97 -94.87 -109.49
CA LYS OA 17 -10.12 -93.72 -109.80
C LYS OA 17 -9.20 -93.51 -108.62
N THR OA 18 -7.89 -93.59 -108.86
CA THR OA 18 -6.89 -93.49 -107.81
C THR OA 18 -6.34 -92.07 -107.76
N PHE OA 19 -6.37 -91.46 -106.57
CA PHE OA 19 -5.83 -90.13 -106.33
C PHE OA 19 -4.51 -90.31 -105.60
N GLU OA 20 -3.39 -90.03 -106.30
CA GLU OA 20 -2.06 -90.10 -105.70
C GLU OA 20 -1.83 -88.89 -104.80
N PRO OA 21 -1.12 -89.07 -103.68
CA PRO OA 21 -0.80 -87.93 -102.82
C PRO OA 21 0.33 -87.10 -103.44
N GLN OA 22 -0.03 -85.94 -103.96
CA GLN OA 22 0.99 -85.07 -104.52
C GLN OA 22 1.50 -84.03 -103.51
N ARG OA 23 0.73 -83.73 -102.47
CA ARG OA 23 1.19 -82.91 -101.36
C ARG OA 23 0.41 -83.26 -100.10
N GLY OA 24 1.11 -83.35 -98.96
CA GLY OA 24 0.49 -83.64 -97.69
C GLY OA 24 0.08 -82.38 -96.97
N GLN OA 25 -0.67 -82.56 -95.89
CA GLN OA 25 -1.19 -81.42 -95.13
C GLN OA 25 -0.05 -80.71 -94.42
N ASN OA 26 0.13 -79.43 -94.76
CA ASN OA 26 1.28 -78.65 -94.27
C ASN OA 26 1.37 -78.70 -92.76
N GLY OA 27 0.26 -78.45 -92.09
CA GLY OA 27 0.19 -78.27 -90.67
C GLY OA 27 -1.25 -77.94 -90.41
N VAL OA 28 -1.53 -76.77 -89.82
CA VAL OA 28 -2.90 -76.28 -89.75
C VAL OA 28 -3.22 -75.27 -90.83
N THR OA 29 -2.25 -74.93 -91.67
CA THR OA 29 -2.42 -73.86 -92.63
C THR OA 29 -2.90 -74.35 -94.00
N ASP OA 30 -2.19 -75.28 -94.62
CA ASP OA 30 -2.46 -75.72 -95.98
C ASP OA 30 -3.01 -77.14 -95.99
N PRO OA 31 -4.12 -77.40 -96.68
CA PRO OA 31 -4.71 -78.74 -96.67
C PRO OA 31 -3.89 -79.71 -97.49
N ALA OA 32 -4.10 -81.00 -97.20
CA ALA OA 32 -3.51 -82.06 -98.00
C ALA OA 32 -4.25 -82.18 -99.32
N GLU OA 33 -3.50 -82.54 -100.38
CA GLU OA 33 -4.07 -82.56 -101.72
C GLU OA 33 -3.65 -83.83 -102.46
N TRP OA 34 -4.59 -84.36 -103.23
CA TRP OA 34 -4.44 -85.59 -103.98
C TRP OA 34 -4.88 -85.35 -105.42
N TRP OA 35 -4.16 -85.97 -106.36
CA TRP OA 35 -4.33 -85.74 -107.79
C TRP OA 35 -4.58 -87.06 -108.51
N GLU OA 36 -5.63 -87.11 -109.34
CA GLU OA 36 -5.95 -88.35 -110.04
C GLU OA 36 -4.90 -88.67 -111.10
N LYS OA 37 -4.57 -87.68 -111.93
CA LYS OA 37 -3.53 -87.81 -112.95
C LYS OA 37 -3.89 -88.89 -113.98
N SER OA 38 -5.17 -88.97 -114.34
CA SER OA 38 -5.57 -89.91 -115.37
C SER OA 38 -5.47 -89.31 -116.77
N SER OA 39 -6.10 -88.15 -116.99
CA SER OA 39 -6.08 -87.49 -118.29
C SER OA 39 -4.66 -87.12 -118.70
N PRO OA 40 -4.41 -86.96 -120.01
CA PRO OA 40 -3.05 -86.58 -120.44
C PRO OA 40 -2.73 -85.12 -120.16
N THR OA 41 -3.73 -84.24 -120.15
CA THR OA 41 -3.50 -82.85 -119.81
C THR OA 41 -3.61 -82.66 -118.31
N LEU OA 42 -2.92 -81.63 -117.80
CA LEU OA 42 -3.08 -81.27 -116.39
C LEU OA 42 -4.50 -80.80 -116.09
N ASN OA 43 -5.26 -80.43 -117.12
CA ASN OA 43 -6.63 -79.98 -116.92
C ASN OA 43 -7.50 -81.05 -116.28
N GLY OA 44 -7.37 -82.29 -116.76
CA GLY OA 44 -8.21 -83.41 -116.40
C GLY OA 44 -7.79 -84.19 -115.17
N TYR OA 45 -6.85 -83.68 -114.39
CA TYR OA 45 -6.57 -84.25 -113.08
C TYR OA 45 -7.72 -83.94 -112.14
N ARG OA 46 -8.29 -84.98 -111.52
CA ARG OA 46 -9.30 -84.76 -110.49
C ARG OA 46 -8.60 -84.52 -109.14
N ARG OA 47 -9.22 -83.71 -108.28
CA ARG OA 47 -8.56 -83.24 -107.07
C ARG OA 47 -9.31 -83.60 -105.80
N LEU OA 48 -8.55 -83.79 -104.72
CA LEU OA 48 -9.11 -84.03 -103.39
C LEU OA 48 -8.29 -83.29 -102.35
N THR OA 49 -8.93 -82.40 -101.57
CA THR OA 49 -8.26 -81.67 -100.51
C THR OA 49 -8.90 -82.00 -99.16
N ALA OA 50 -8.06 -82.18 -98.14
CA ALA OA 50 -8.55 -82.47 -96.79
C ALA OA 50 -7.67 -81.78 -95.76
N LEU OA 51 -8.33 -81.05 -94.86
CA LEU OA 51 -7.67 -80.28 -93.81
C LEU OA 51 -8.37 -80.52 -92.47
N VAL OA 52 -7.57 -80.74 -91.42
CA VAL OA 52 -8.06 -80.96 -90.06
C VAL OA 52 -7.38 -79.95 -89.14
N ARG OA 53 -8.16 -79.00 -88.62
CA ARG OA 53 -7.58 -77.89 -87.87
C ARG OA 53 -8.43 -77.61 -86.64
N ARG OA 54 -7.78 -77.37 -85.50
CA ARG OA 54 -8.47 -77.06 -84.26
C ARG OA 54 -8.62 -75.55 -84.13
N ASN OA 55 -9.84 -75.05 -84.26
CA ASN OA 55 -10.13 -73.68 -83.90
C ASN OA 55 -10.15 -73.58 -82.38
N ALA OA 56 -9.10 -72.94 -81.83
CA ALA OA 56 -8.90 -72.90 -80.39
C ALA OA 56 -9.87 -71.96 -79.69
N ALA OA 57 -10.29 -70.89 -80.38
CA ALA OA 57 -11.31 -70.01 -79.84
C ALA OA 57 -12.61 -70.77 -79.62
N SER OA 58 -13.16 -71.34 -80.68
CA SER OA 58 -14.42 -72.08 -80.60
C SER OA 58 -14.28 -73.41 -79.91
N LYS OA 59 -13.08 -73.77 -79.45
CA LYS OA 59 -12.81 -75.07 -78.85
C LYS OA 59 -13.45 -76.18 -79.69
N SER OA 60 -13.03 -76.24 -80.95
CA SER OA 60 -13.61 -77.23 -81.84
C SER OA 60 -12.59 -77.63 -82.89
N VAL OA 61 -12.93 -78.67 -83.64
CA VAL OA 61 -12.10 -79.18 -84.72
C VAL OA 61 -12.91 -79.12 -86.00
N LYS OA 62 -12.41 -78.38 -86.98
CA LYS OA 62 -13.00 -78.35 -88.31
C LYS OA 62 -12.30 -79.36 -89.21
N VAL OA 63 -13.09 -80.04 -90.05
CA VAL OA 63 -12.59 -81.00 -91.01
C VAL OA 63 -13.21 -80.63 -92.36
N LYS OA 64 -12.37 -80.16 -93.29
CA LYS OA 64 -12.81 -79.70 -94.60
C LYS OA 64 -12.28 -80.61 -95.70
N VAL OA 65 -13.18 -81.10 -96.53
CA VAL OA 65 -12.83 -81.97 -97.65
C VAL OA 65 -13.48 -81.41 -98.91
N ALA OA 66 -12.75 -81.46 -100.02
CA ALA OA 66 -13.27 -81.00 -101.30
C ALA OA 66 -12.86 -81.98 -102.40
N ILE OA 67 -13.79 -82.24 -103.32
CA ILE OA 67 -13.56 -83.12 -104.46
C ILE OA 67 -13.88 -82.34 -105.73
N TYR OA 68 -12.88 -82.17 -106.58
CA TYR OA 68 -13.01 -81.39 -107.82
C TYR OA 68 -12.94 -82.33 -109.01
N ASP OA 69 -14.03 -82.40 -109.79
CA ASP OA 69 -14.05 -83.21 -111.00
C ASP OA 69 -14.17 -82.31 -112.22
N PRO OA 70 -13.13 -82.16 -113.04
CA PRO OA 70 -13.25 -81.31 -114.22
C PRO OA 70 -13.74 -82.08 -115.43
N THR OA 71 -14.49 -81.37 -116.27
CA THR OA 71 -14.87 -81.86 -117.59
C THR OA 71 -14.34 -80.89 -118.63
N LEU OA 72 -13.61 -81.45 -119.60
CA LEU OA 72 -12.88 -80.71 -120.62
C LEU OA 72 -13.70 -80.61 -121.89
N ALA OA 73 -13.26 -79.70 -122.76
CA ALA OA 73 -13.91 -79.53 -124.05
C ALA OA 73 -12.91 -78.92 -125.01
N VAL OA 74 -12.97 -79.35 -126.26
CA VAL OA 74 -12.10 -78.83 -127.29
C VAL OA 74 -12.94 -77.95 -128.21
N THR OA 75 -12.27 -77.01 -128.90
CA THR OA 75 -12.96 -76.18 -129.89
C THR OA 75 -13.66 -77.04 -130.93
N ALA OA 76 -13.03 -78.14 -131.34
CA ALA OA 76 -13.53 -79.00 -132.39
C ALA OA 76 -13.04 -80.42 -132.11
N PRO OA 77 -13.78 -81.43 -132.55
CA PRO OA 77 -13.41 -82.81 -132.20
C PRO OA 77 -12.05 -83.18 -132.76
N SER OA 78 -11.37 -84.08 -132.05
CA SER OA 78 -10.00 -84.44 -132.36
C SER OA 78 -9.90 -85.23 -133.66
N THR OA 79 -8.78 -85.05 -134.39
CA THR OA 79 -8.56 -85.74 -135.66
C THR OA 79 -7.49 -86.82 -135.62
N ALA OA 80 -6.50 -86.71 -134.72
CA ALA OA 80 -5.37 -87.63 -134.59
C ALA OA 80 -4.43 -87.59 -135.80
N SER OA 81 -4.49 -86.54 -136.62
CA SER OA 81 -3.63 -86.44 -137.79
C SER OA 81 -2.70 -85.25 -137.76
N GLY OA 82 -3.24 -84.03 -137.71
CA GLY OA 82 -2.44 -82.83 -137.70
C GLY OA 82 -2.49 -82.14 -136.35
N ILE OA 83 -1.93 -80.92 -136.31
CA ILE OA 83 -1.97 -80.14 -135.09
C ILE OA 83 -3.43 -79.85 -134.75
N GLN OA 84 -3.78 -80.13 -133.51
CA GLN OA 84 -5.16 -80.12 -133.06
C GLN OA 84 -5.36 -79.09 -131.97
N PRO OA 85 -6.61 -78.67 -131.72
CA PRO OA 85 -6.85 -77.65 -130.69
C PRO OA 85 -6.61 -78.22 -129.31
N SER OA 86 -5.81 -77.50 -128.52
CA SER OA 86 -5.62 -77.87 -127.13
C SER OA 86 -6.93 -77.69 -126.37
N PRO OA 87 -7.16 -78.50 -125.33
CA PRO OA 87 -8.46 -78.52 -124.68
C PRO OA 87 -8.58 -77.50 -123.56
N THR OA 88 -9.73 -76.85 -123.51
CA THR OA 88 -10.07 -75.94 -122.42
C THR OA 88 -10.83 -76.70 -121.35
N VAL OA 89 -10.87 -76.11 -120.16
CA VAL OA 89 -11.69 -76.65 -119.07
C VAL OA 89 -13.11 -76.15 -119.27
N ALA OA 90 -14.01 -77.05 -119.66
CA ALA OA 90 -15.40 -76.66 -119.86
C ALA OA 90 -16.05 -76.28 -118.54
N PHE OA 91 -16.00 -77.17 -117.55
CA PHE OA 91 -16.55 -76.83 -116.24
C PHE OA 91 -15.95 -77.76 -115.19
N THR OA 92 -16.34 -77.54 -113.94
CA THR OA 92 -15.87 -78.35 -112.83
C THR OA 92 -17.04 -78.61 -111.88
N CYS OA 93 -17.15 -79.86 -111.42
CA CYS OA 93 -18.15 -80.25 -110.44
C CYS OA 93 -17.47 -80.45 -109.10
N PRO OA 94 -17.65 -79.53 -108.16
CA PRO OA 94 -17.13 -79.75 -106.81
C PRO OA 94 -18.17 -80.26 -105.82
N VAL OA 95 -17.64 -81.04 -104.88
CA VAL OA 95 -18.26 -81.32 -103.58
C VAL OA 95 -17.41 -80.67 -102.50
N PHE OA 96 -18.08 -80.02 -101.56
CA PHE OA 96 -17.45 -79.52 -100.34
C PHE OA 96 -18.14 -80.19 -99.16
N ILE OA 97 -17.34 -80.70 -98.23
CA ILE OA 97 -17.81 -81.37 -97.03
C ILE OA 97 -17.13 -80.73 -95.83
N GLU OA 98 -17.91 -80.35 -94.83
CA GLU OA 98 -17.37 -79.76 -93.60
C GLU OA 98 -18.01 -80.44 -92.40
N PHE OA 99 -17.17 -80.97 -91.52
CA PHE OA 99 -17.58 -81.44 -90.21
C PHE OA 99 -17.05 -80.46 -89.17
N THR OA 100 -17.84 -80.19 -88.14
CA THR OA 100 -17.28 -79.50 -86.98
C THR OA 100 -17.58 -80.29 -85.72
N LEU OA 101 -16.55 -80.54 -84.93
CA LEU OA 101 -16.63 -81.40 -83.76
C LEU OA 101 -16.16 -80.63 -82.54
N PRO OA 102 -17.06 -80.26 -81.62
CA PRO OA 102 -16.64 -79.52 -80.42
C PRO OA 102 -15.63 -80.31 -79.61
N ASP OA 103 -14.86 -79.58 -78.79
CA ASP OA 103 -13.74 -80.21 -78.11
C ASP OA 103 -14.21 -81.29 -77.14
N ALA OA 104 -15.34 -81.06 -76.46
CA ALA OA 104 -15.88 -82.04 -75.53
C ALA OA 104 -16.85 -82.99 -76.25
N CYS OA 105 -16.31 -83.71 -77.23
CA CYS OA 105 -17.10 -84.54 -78.13
C CYS OA 105 -16.66 -85.99 -78.03
N THR OA 106 -17.64 -86.90 -78.01
CA THR OA 106 -17.35 -88.32 -77.90
C THR OA 106 -16.86 -88.88 -79.23
N ILE OA 107 -15.93 -89.83 -79.15
CA ILE OA 107 -15.56 -90.60 -80.32
C ILE OA 107 -16.80 -91.27 -80.91
N GLN OA 108 -17.74 -91.68 -80.06
CA GLN OA 108 -18.98 -92.27 -80.56
C GLN OA 108 -19.81 -91.23 -81.32
N ASN OA 109 -19.81 -89.97 -80.86
CA ASN OA 109 -20.51 -88.93 -81.61
C ASN OA 109 -19.86 -88.69 -82.97
N ARG OA 110 -18.52 -88.74 -83.02
CA ARG OA 110 -17.84 -88.58 -84.30
C ARG OA 110 -18.21 -89.70 -85.26
N LYS OA 111 -18.18 -90.94 -84.77
CA LYS OA 111 -18.60 -92.08 -85.59
C LYS OA 111 -20.03 -91.89 -86.07
N ASP OA 112 -20.93 -91.46 -85.17
CA ASP OA 112 -22.31 -91.20 -85.54
C ASP OA 112 -22.42 -90.22 -86.70
N ILE OA 113 -21.76 -89.06 -86.58
CA ILE OA 113 -21.95 -88.01 -87.56
C ILE OA 113 -21.38 -88.42 -88.91
N LEU OA 114 -20.20 -89.07 -88.91
CA LEU OA 114 -19.64 -89.54 -90.17
C LEU OA 114 -20.55 -90.59 -90.81
N ALA OA 115 -21.15 -91.46 -89.99
CA ALA OA 115 -22.05 -92.47 -90.52
C ALA OA 115 -23.29 -91.85 -91.11
N TYR OA 116 -23.85 -90.83 -90.45
CA TYR OA 116 -25.02 -90.13 -91.00
C TYR OA 116 -24.69 -89.55 -92.37
N ALA OA 117 -23.53 -88.91 -92.47
CA ALA OA 117 -23.11 -88.33 -93.75
C ALA OA 117 -22.99 -89.39 -94.83
N LYS OA 118 -22.24 -90.47 -94.57
CA LYS OA 118 -21.97 -91.44 -95.62
C LYS OA 118 -23.24 -92.21 -96.01
N ASN OA 119 -24.05 -92.61 -95.03
CA ASN OA 119 -25.28 -93.33 -95.34
C ASN OA 119 -26.25 -92.44 -96.10
N PHE OA 120 -26.33 -91.16 -95.75
CA PHE OA 120 -27.18 -90.26 -96.52
C PHE OA 120 -26.70 -90.15 -97.96
N LEU OA 121 -25.40 -89.92 -98.16
CA LEU OA 121 -24.90 -89.77 -99.53
C LEU OA 121 -25.12 -91.03 -100.33
N ALA OA 122 -25.07 -92.20 -99.70
CA ALA OA 122 -25.47 -93.41 -100.40
C ALA OA 122 -26.96 -93.45 -100.69
N SER OA 123 -27.77 -92.75 -99.88
CA SER OA 123 -29.23 -92.90 -99.96
C SER OA 123 -29.81 -92.42 -101.29
N ALA OA 124 -30.90 -93.09 -101.69
CA ALA OA 124 -31.58 -92.75 -102.91
C ALA OA 124 -32.22 -91.36 -102.87
N THR OA 125 -32.49 -90.83 -101.66
CA THR OA 125 -32.96 -89.44 -101.60
C THR OA 125 -31.86 -88.48 -101.99
N ALA OA 126 -30.62 -88.73 -101.55
CA ALA OA 126 -29.48 -87.97 -102.03
C ALA OA 126 -29.30 -88.15 -103.54
N THR OA 127 -29.59 -89.34 -104.05
CA THR OA 127 -29.49 -89.54 -105.50
C THR OA 127 -30.54 -88.71 -106.24
N ASP OA 128 -31.82 -88.81 -105.86
CA ASP OA 128 -32.86 -87.95 -106.41
C ASP OA 128 -32.47 -86.49 -106.30
N LEU OA 129 -31.75 -86.12 -105.23
CA LEU OA 129 -31.41 -84.73 -104.96
C LEU OA 129 -30.35 -84.21 -105.93
N VAL OA 130 -29.24 -84.92 -106.05
CA VAL OA 130 -28.07 -84.43 -106.76
C VAL OA 130 -27.99 -84.98 -108.18
N VAL OA 131 -28.12 -86.30 -108.34
CA VAL OA 131 -28.05 -86.89 -109.67
C VAL OA 131 -29.21 -86.41 -110.52
N ASN OA 132 -30.43 -86.55 -109.99
CA ASN OA 132 -31.62 -86.24 -110.76
C ASN OA 132 -31.87 -84.73 -110.89
N THR OA 133 -31.23 -83.91 -110.02
CA THR OA 133 -31.39 -82.45 -109.98
C THR OA 133 -32.83 -82.07 -109.68
N ALA OA 134 -33.34 -82.61 -108.58
CA ALA OA 134 -34.75 -82.44 -108.26
C ALA OA 134 -34.83 -82.29 -106.74
N PRO OA 135 -35.45 -81.23 -106.24
CA PRO OA 135 -35.59 -81.09 -104.80
C PRO OA 135 -36.80 -81.84 -104.26
N GLN OA 136 -36.89 -81.84 -102.94
CA GLN OA 136 -37.91 -82.59 -102.21
C GLN OA 136 -39.11 -81.67 -101.93
N TYR OA 137 -40.18 -81.84 -102.70
CA TYR OA 137 -41.31 -80.91 -102.60
C TYR OA 137 -42.49 -81.47 -101.82
N GLN PA 1 10.91 -87.12 -91.14
CA GLN PA 1 9.48 -86.97 -91.46
C GLN PA 1 8.74 -87.24 -90.19
N ILE PA 2 7.43 -86.96 -90.16
CA ILE PA 2 6.69 -86.98 -88.90
C ILE PA 2 5.92 -88.28 -88.77
N ALA PA 3 6.08 -88.94 -87.63
CA ALA PA 3 5.30 -90.09 -87.24
C ALA PA 3 5.06 -89.99 -85.74
N ASN PA 4 4.13 -90.78 -85.23
CA ASN PA 4 3.80 -90.70 -83.82
C ASN PA 4 4.98 -91.15 -82.99
N VAL PA 5 5.05 -90.64 -81.75
CA VAL PA 5 6.16 -90.93 -80.85
C VAL PA 5 5.61 -91.67 -79.63
N VAL PA 6 6.37 -92.64 -79.14
CA VAL PA 6 5.91 -93.52 -78.06
C VAL PA 6 6.79 -93.29 -76.84
N LEU PA 7 6.18 -92.84 -75.75
CA LEU PA 7 6.89 -92.50 -74.52
C LEU PA 7 6.41 -93.39 -73.39
N ALA PA 8 7.34 -94.00 -72.67
CA ALA PA 8 6.97 -94.90 -71.59
C ALA PA 8 6.77 -94.11 -70.30
N ASP PA 9 5.64 -94.33 -69.63
CA ASP PA 9 5.32 -93.56 -68.44
C ASP PA 9 6.13 -94.07 -67.24
N GLY PA 10 5.97 -93.38 -66.12
CA GLY PA 10 6.67 -93.75 -64.91
C GLY PA 10 5.81 -94.65 -64.08
N GLN PA 11 6.17 -95.92 -64.02
CA GLN PA 11 5.53 -96.92 -63.17
C GLN PA 11 6.58 -97.98 -62.87
N ALA PA 12 6.16 -99.01 -62.14
CA ALA PA 12 6.97 -100.22 -62.03
C ALA PA 12 7.28 -100.79 -63.40
N ALA PA 13 6.24 -101.11 -64.12
CA ALA PA 13 6.31 -101.56 -65.47
C ALA PA 13 5.84 -100.42 -66.34
N PRO PA 14 6.69 -99.93 -67.23
CA PRO PA 14 6.29 -98.82 -68.09
C PRO PA 14 5.13 -99.23 -68.98
N ALA PA 15 4.24 -98.28 -69.22
CA ALA PA 15 3.12 -98.44 -70.12
C ALA PA 15 3.29 -97.41 -71.22
N ASP PA 16 3.47 -97.88 -72.44
CA ASP PA 16 3.75 -97.00 -73.57
C ASP PA 16 2.52 -96.14 -73.88
N LYS PA 17 2.71 -94.84 -73.88
CA LYS PA 17 1.69 -93.88 -74.32
C LYS PA 17 2.12 -93.37 -75.69
N THR PA 18 1.21 -93.49 -76.66
CA THR PA 18 1.50 -93.12 -78.04
C THR PA 18 0.91 -91.75 -78.33
N PHE PA 19 1.74 -90.86 -78.88
CA PHE PA 19 1.35 -89.52 -79.28
C PHE PA 19 1.26 -89.48 -80.80
N GLU PA 20 0.04 -89.46 -81.33
CA GLU PA 20 -0.19 -89.38 -82.77
C GLU PA 20 -0.15 -87.93 -83.23
N PRO PA 21 0.50 -87.66 -84.36
CA PRO PA 21 0.72 -86.27 -84.77
C PRO PA 21 -0.56 -85.58 -85.19
N GLN PA 22 -0.64 -84.28 -84.87
CA GLN PA 22 -1.75 -83.42 -85.24
C GLN PA 22 -1.34 -82.25 -86.12
N ARG PA 23 -0.08 -81.81 -86.05
CA ARG PA 23 0.42 -80.69 -86.83
C ARG PA 23 1.85 -80.97 -87.27
N GLY PA 24 2.15 -80.57 -88.50
CA GLY PA 24 3.53 -80.48 -88.93
C GLY PA 24 4.07 -79.09 -88.65
N GLN PA 25 5.37 -79.01 -88.45
CA GLN PA 25 6.01 -77.71 -88.26
C GLN PA 25 6.01 -76.95 -89.58
N ASN PA 26 5.44 -75.75 -89.57
CA ASN PA 26 5.33 -74.92 -90.76
C ASN PA 26 6.09 -73.63 -90.51
N GLY PA 27 7.10 -73.36 -91.32
CA GLY PA 27 7.91 -72.17 -91.12
C GLY PA 27 8.71 -72.27 -89.83
N VAL PA 28 8.67 -71.19 -89.03
CA VAL PA 28 9.27 -71.21 -87.70
C VAL PA 28 8.28 -70.70 -86.68
N THR PA 29 7.17 -70.11 -87.15
CA THR PA 29 6.16 -69.63 -86.21
C THR PA 29 5.43 -70.79 -85.53
N ASP PA 30 5.14 -71.85 -86.28
CA ASP PA 30 4.22 -72.90 -85.85
C ASP PA 30 4.99 -74.14 -85.44
N PRO PA 31 4.85 -74.66 -84.21
CA PRO PA 31 5.50 -75.92 -83.86
C PRO PA 31 4.63 -77.13 -84.23
N ALA PA 32 5.30 -78.26 -84.40
CA ALA PA 32 4.60 -79.51 -84.67
C ALA PA 32 4.06 -80.11 -83.37
N GLU PA 33 2.85 -80.67 -83.43
CA GLU PA 33 2.13 -81.08 -82.23
C GLU PA 33 1.67 -82.54 -82.34
N TRP PA 34 1.70 -83.23 -81.19
CA TRP PA 34 1.30 -84.63 -81.04
C TRP PA 34 0.31 -84.76 -79.89
N TRP PA 35 -0.72 -85.59 -80.08
CA TRP PA 35 -1.80 -85.76 -79.12
C TRP PA 35 -1.91 -87.24 -78.71
N GLU PA 36 -2.14 -87.50 -77.41
CA GLU PA 36 -2.15 -88.89 -76.94
C GLU PA 36 -3.46 -89.59 -77.25
N LYS PA 37 -4.59 -88.90 -77.08
CA LYS PA 37 -5.91 -89.47 -77.35
C LYS PA 37 -6.26 -90.59 -76.37
N SER PA 38 -5.74 -90.52 -75.14
CA SER PA 38 -6.03 -91.59 -74.20
C SER PA 38 -7.43 -91.42 -73.58
N SER PA 39 -7.71 -90.24 -73.04
CA SER PA 39 -9.01 -89.97 -72.41
C SER PA 39 -10.08 -89.73 -73.48
N PRO PA 40 -11.37 -89.78 -73.11
CA PRO PA 40 -12.41 -89.57 -74.14
C PRO PA 40 -12.47 -88.16 -74.72
N THR PA 41 -12.38 -87.11 -73.90
CA THR PA 41 -12.47 -85.73 -74.38
C THR PA 41 -11.07 -85.17 -74.65
N LEU PA 42 -11.03 -83.95 -75.23
CA LEU PA 42 -9.71 -83.37 -75.55
C LEU PA 42 -8.91 -83.08 -74.29
N ASN PA 43 -9.57 -82.58 -73.25
CA ASN PA 43 -8.84 -82.14 -72.07
C ASN PA 43 -7.91 -83.22 -71.52
N GLY PA 44 -8.24 -84.50 -71.76
CA GLY PA 44 -7.43 -85.60 -71.27
C GLY PA 44 -6.25 -85.98 -72.15
N TYR PA 45 -6.24 -85.52 -73.41
CA TYR PA 45 -5.09 -85.77 -74.29
C TYR PA 45 -3.81 -85.21 -73.67
N ARG PA 46 -2.73 -86.00 -73.73
CA ARG PA 46 -1.41 -85.50 -73.40
C ARG PA 46 -0.78 -84.92 -74.66
N ARG PA 47 -0.04 -83.81 -74.50
CA ARG PA 47 0.46 -83.07 -75.64
C ARG PA 47 1.99 -83.08 -75.71
N LEU PA 48 2.50 -83.04 -76.95
CA LEU PA 48 3.92 -82.90 -77.21
C LEU PA 48 4.12 -81.90 -78.34
N THR PA 49 4.84 -80.82 -78.08
CA THR PA 49 5.14 -79.81 -79.10
C THR PA 49 6.64 -79.75 -79.35
N ALA PA 50 7.03 -79.58 -80.61
CA ALA PA 50 8.43 -79.52 -80.99
C ALA PA 50 8.61 -78.53 -82.12
N LEU PA 51 9.57 -77.62 -81.95
CA LEU PA 51 9.81 -76.55 -82.91
C LEU PA 51 11.31 -76.34 -83.05
N VAL PA 52 11.82 -76.45 -84.27
CA VAL PA 52 13.20 -76.11 -84.58
C VAL PA 52 13.17 -74.83 -85.41
N ARG PA 53 13.67 -73.75 -84.84
CA ARG PA 53 13.67 -72.45 -85.50
C ARG PA 53 15.08 -71.87 -85.51
N ARG PA 54 15.52 -71.39 -86.67
CA ARG PA 54 16.81 -70.75 -86.72
C ARG PA 54 16.66 -69.30 -86.27
N ASN PA 55 17.49 -68.89 -85.31
CA ASN PA 55 17.58 -67.51 -84.87
C ASN PA 55 18.80 -66.89 -85.54
N ALA PA 56 18.56 -65.91 -86.41
CA ALA PA 56 19.63 -65.31 -87.21
C ALA PA 56 20.43 -64.29 -86.42
N ALA PA 57 19.83 -63.72 -85.38
CA ALA PA 57 20.55 -62.79 -84.51
C ALA PA 57 21.76 -63.46 -83.89
N SER PA 58 21.55 -64.59 -83.21
CA SER PA 58 22.61 -65.32 -82.56
C SER PA 58 23.39 -66.22 -83.52
N LYS PA 59 23.02 -66.24 -84.80
CA LYS PA 59 23.59 -67.17 -85.77
C LYS PA 59 23.56 -68.59 -85.21
N SER PA 60 22.35 -69.05 -84.88
CA SER PA 60 22.24 -70.32 -84.19
C SER PA 60 20.86 -70.92 -84.44
N VAL PA 61 20.70 -72.17 -84.04
CA VAL PA 61 19.45 -72.90 -84.16
C VAL PA 61 18.90 -73.17 -82.76
N LYS PA 62 17.61 -72.95 -82.56
CA LYS PA 62 16.95 -73.28 -81.31
C LYS PA 62 16.03 -74.47 -81.51
N VAL PA 63 15.95 -75.32 -80.49
CA VAL PA 63 15.06 -76.49 -80.49
C VAL PA 63 14.26 -76.45 -79.19
N LYS PA 64 12.95 -76.29 -79.32
CA LYS PA 64 12.04 -76.22 -78.18
C LYS PA 64 11.10 -77.40 -78.20
N VAL PA 65 11.02 -78.09 -77.07
CA VAL PA 65 10.15 -79.25 -76.88
C VAL PA 65 9.34 -79.01 -75.61
N ALA PA 66 8.07 -79.43 -75.64
CA ALA PA 66 7.20 -79.29 -74.49
C ALA PA 66 6.34 -80.54 -74.36
N ILE PA 67 6.20 -81.03 -73.13
CA ILE PA 67 5.34 -82.18 -72.82
C ILE PA 67 4.35 -81.75 -71.75
N TYR PA 68 3.06 -81.78 -72.10
CA TYR PA 68 1.99 -81.41 -71.18
C TYR PA 68 1.23 -82.68 -70.77
N ASP PA 69 1.26 -83.01 -69.47
CA ASP PA 69 0.51 -84.13 -68.91
C ASP PA 69 -0.60 -83.60 -68.01
N PRO PA 70 -1.86 -83.57 -68.46
CA PRO PA 70 -2.94 -83.05 -67.61
C PRO PA 70 -3.64 -84.15 -66.83
N THR PA 71 -4.08 -83.85 -65.60
CA THR PA 71 -4.90 -84.78 -64.83
C THR PA 71 -6.28 -84.16 -64.63
N LEU PA 72 -7.32 -84.94 -64.87
CA LEU PA 72 -8.67 -84.40 -64.78
C LEU PA 72 -9.13 -84.34 -63.33
N ALA PA 73 -10.14 -83.50 -63.09
CA ALA PA 73 -10.67 -83.34 -61.75
C ALA PA 73 -11.80 -84.32 -61.51
N VAL PA 74 -12.03 -84.62 -60.23
CA VAL PA 74 -13.07 -85.56 -59.82
C VAL PA 74 -14.42 -84.86 -59.88
N THR PA 75 -15.32 -85.37 -60.71
CA THR PA 75 -16.61 -84.74 -60.94
C THR PA 75 -17.71 -85.43 -60.13
N ALA PA 76 -18.87 -84.78 -60.10
CA ALA PA 76 -20.05 -85.25 -59.39
C ALA PA 76 -21.24 -85.24 -60.32
N PRO PA 77 -22.17 -86.19 -60.17
CA PRO PA 77 -23.31 -86.25 -61.09
C PRO PA 77 -24.22 -85.03 -61.01
N SER PA 78 -24.43 -84.49 -59.81
CA SER PA 78 -25.32 -83.35 -59.60
C SER PA 78 -24.48 -82.09 -59.49
N THR PA 79 -24.55 -81.24 -60.51
CA THR PA 79 -23.96 -79.91 -60.48
C THR PA 79 -25.04 -78.90 -60.09
N ALA PA 80 -24.65 -77.87 -59.36
CA ALA PA 80 -25.63 -76.88 -58.94
C ALA PA 80 -26.25 -76.18 -60.15
N SER PA 81 -27.56 -75.94 -60.04
CA SER PA 81 -28.28 -75.13 -60.99
C SER PA 81 -27.96 -75.54 -62.42
N GLY PA 82 -28.07 -76.84 -62.69
CA GLY PA 82 -27.93 -77.19 -64.08
C GLY PA 82 -27.45 -78.61 -64.28
N ILE PA 83 -26.59 -78.75 -65.25
CA ILE PA 83 -26.35 -80.01 -65.91
C ILE PA 83 -25.12 -80.69 -65.31
N GLN PA 84 -25.07 -82.01 -65.45
CA GLN PA 84 -23.89 -82.78 -65.09
C GLN PA 84 -22.66 -82.23 -65.83
N PRO PA 85 -21.54 -82.03 -65.15
CA PRO PA 85 -20.46 -81.24 -65.75
C PRO PA 85 -19.63 -82.03 -66.74
N SER PA 86 -19.15 -81.33 -67.76
CA SER PA 86 -18.22 -81.94 -68.69
C SER PA 86 -16.85 -82.07 -68.02
N PRO PA 87 -16.04 -83.04 -68.44
CA PRO PA 87 -14.77 -83.28 -67.74
C PRO PA 87 -13.83 -82.10 -67.91
N THR PA 88 -13.23 -81.66 -66.80
CA THR PA 88 -12.38 -80.48 -66.79
C THR PA 88 -11.01 -80.84 -66.22
N VAL PA 89 -10.02 -80.03 -66.58
CA VAL PA 89 -8.66 -80.22 -66.12
C VAL PA 89 -8.51 -79.59 -64.74
N ALA PA 90 -8.00 -80.38 -63.78
CA ALA PA 90 -7.71 -79.83 -62.46
C ALA PA 90 -6.33 -79.19 -62.42
N PHE PA 91 -5.34 -79.83 -63.01
CA PHE PA 91 -4.01 -79.26 -63.17
C PHE PA 91 -3.28 -80.04 -64.25
N THR PA 92 -2.09 -79.54 -64.58
CA THR PA 92 -1.29 -80.13 -65.65
C THR PA 92 0.17 -79.96 -65.29
N CYS PA 93 0.97 -80.99 -65.59
CA CYS PA 93 2.41 -81.00 -65.33
C CYS PA 93 3.16 -80.83 -66.65
N PRO PA 94 3.80 -79.69 -66.86
CA PRO PA 94 4.65 -79.53 -68.06
C PRO PA 94 6.13 -79.73 -67.82
N VAL PA 95 6.77 -80.24 -68.88
CA VAL PA 95 8.20 -80.11 -69.12
C VAL PA 95 8.42 -79.17 -70.29
N PHE PA 96 9.41 -78.28 -70.16
CA PHE PA 96 9.96 -77.53 -71.27
C PHE PA 96 11.43 -77.88 -71.41
N ILE PA 97 11.88 -78.06 -72.65
CA ILE PA 97 13.27 -78.37 -72.97
C ILE PA 97 13.71 -77.48 -74.11
N GLU PA 98 14.84 -76.80 -73.94
CA GLU PA 98 15.39 -75.92 -74.97
C GLU PA 98 16.85 -76.23 -75.18
N PHE PA 99 17.20 -76.68 -76.39
CA PHE PA 99 18.57 -76.79 -76.84
C PHE PA 99 18.89 -75.56 -77.68
N THR PA 100 20.12 -75.05 -77.55
CA THR PA 100 20.58 -74.10 -78.56
C THR PA 100 21.92 -74.56 -79.13
N LEU PA 101 22.04 -74.45 -80.44
CA LEU PA 101 23.19 -74.99 -81.19
C LEU PA 101 23.74 -73.94 -82.14
N PRO PA 102 24.95 -73.44 -81.92
CA PRO PA 102 25.49 -72.40 -82.81
C PRO PA 102 25.78 -72.97 -84.19
N ASP PA 103 25.96 -72.05 -85.15
CA ASP PA 103 26.15 -72.47 -86.52
C ASP PA 103 27.50 -73.16 -86.73
N ALA PA 104 28.48 -72.82 -85.91
CA ALA PA 104 29.83 -73.37 -86.06
C ALA PA 104 30.03 -74.68 -85.29
N CYS PA 105 28.94 -75.37 -84.92
CA CYS PA 105 29.07 -76.51 -84.02
C CYS PA 105 29.19 -77.83 -84.79
N THR PA 106 29.71 -78.84 -84.10
CA THR PA 106 29.95 -80.14 -84.71
C THR PA 106 28.76 -81.08 -84.47
N ILE PA 107 28.59 -82.02 -85.41
CA ILE PA 107 27.68 -83.14 -85.20
C ILE PA 107 28.02 -83.85 -83.90
N GLN PA 108 29.31 -83.95 -83.58
CA GLN PA 108 29.73 -84.54 -82.32
C GLN PA 108 29.25 -83.72 -81.13
N ASN PA 109 29.29 -82.39 -81.24
CA ASN PA 109 28.81 -81.55 -80.14
C ASN PA 109 27.31 -81.74 -79.93
N ARG PA 110 26.54 -81.82 -81.02
CA ARG PA 110 25.10 -82.02 -80.89
C ARG PA 110 24.79 -83.36 -80.22
N LYS PA 111 25.47 -84.42 -80.65
CA LYS PA 111 25.25 -85.72 -80.02
C LYS PA 111 25.65 -85.69 -78.54
N ASP PA 112 26.77 -85.03 -78.24
CA ASP PA 112 27.19 -84.83 -76.85
C ASP PA 112 26.07 -84.21 -76.02
N ILE PA 113 25.56 -83.06 -76.47
CA ILE PA 113 24.63 -82.29 -75.65
C ILE PA 113 23.33 -83.08 -75.43
N LEU PA 114 22.84 -83.74 -76.49
CA LEU PA 114 21.60 -84.51 -76.34
C LEU PA 114 21.80 -85.68 -75.40
N ALA PA 115 22.94 -86.38 -75.50
CA ALA PA 115 23.19 -87.50 -74.62
C ALA PA 115 23.33 -87.05 -73.18
N TYR PA 116 23.97 -85.90 -72.95
CA TYR PA 116 24.05 -85.36 -71.60
C TYR PA 116 22.66 -85.14 -71.02
N ALA PA 117 21.77 -84.55 -71.83
CA ALA PA 117 20.40 -84.32 -71.37
C ALA PA 117 19.69 -85.63 -71.02
N LYS PA 118 19.70 -86.60 -71.94
CA LYS PA 118 18.94 -87.82 -71.70
C LYS PA 118 19.51 -88.62 -70.53
N ASN PA 119 20.85 -88.70 -70.41
CA ASN PA 119 21.45 -89.46 -69.33
C ASN PA 119 21.19 -88.78 -67.99
N PHE PA 120 21.23 -87.45 -67.94
CA PHE PA 120 20.88 -86.79 -66.69
C PHE PA 120 19.43 -87.08 -66.31
N LEU PA 121 18.51 -86.93 -67.26
CA LEU PA 121 17.10 -87.16 -66.92
C LEU PA 121 16.84 -88.58 -66.45
N ALA PA 122 17.61 -89.54 -66.96
CA ALA PA 122 17.54 -90.89 -66.40
C ALA PA 122 18.14 -90.93 -65.00
N SER PA 123 19.14 -90.10 -64.71
CA SER PA 123 19.93 -90.24 -63.49
C SER PA 123 19.09 -90.10 -62.23
N ALA PA 124 19.53 -90.78 -61.18
CA ALA PA 124 18.80 -90.76 -59.92
C ALA PA 124 18.78 -89.39 -59.30
N THR PA 125 19.77 -88.53 -59.59
CA THR PA 125 19.72 -87.16 -59.07
C THR PA 125 18.62 -86.36 -59.75
N ALA PA 126 18.39 -86.56 -61.05
CA ALA PA 126 17.20 -85.96 -61.65
C ALA PA 126 15.92 -86.55 -61.07
N THR PA 127 15.93 -87.86 -60.78
CA THR PA 127 14.74 -88.46 -60.17
C THR PA 127 14.48 -87.85 -58.77
N ASP PA 128 15.52 -87.78 -57.93
CA ASP PA 128 15.42 -87.07 -56.65
C ASP PA 128 14.91 -85.66 -56.87
N LEU PA 129 15.40 -84.99 -57.91
CA LEU PA 129 15.09 -83.57 -58.13
C LEU PA 129 13.62 -83.35 -58.45
N VAL PA 130 13.02 -84.21 -59.29
CA VAL PA 130 11.65 -83.95 -59.76
C VAL PA 130 10.62 -84.72 -58.96
N VAL PA 131 10.85 -86.02 -58.74
CA VAL PA 131 9.86 -86.86 -58.07
C VAL PA 131 9.76 -86.50 -56.59
N ASN PA 132 10.88 -86.27 -55.92
CA ASN PA 132 10.85 -85.88 -54.51
C ASN PA 132 10.82 -84.38 -54.30
N THR PA 133 10.93 -83.58 -55.37
CA THR PA 133 10.94 -82.12 -55.31
C THR PA 133 11.98 -81.62 -54.32
N ALA PA 134 13.12 -82.31 -54.25
CA ALA PA 134 14.10 -81.98 -53.23
C ALA PA 134 15.31 -81.28 -53.81
N PRO PA 135 15.86 -80.29 -53.09
CA PRO PA 135 17.13 -79.67 -53.51
C PRO PA 135 18.32 -80.62 -53.42
N GLN PA 136 19.52 -80.12 -53.68
CA GLN PA 136 20.74 -80.90 -53.52
C GLN PA 136 21.58 -80.27 -52.42
N TYR PA 137 21.53 -80.89 -51.23
CA TYR PA 137 22.00 -80.27 -49.98
C TYR PA 137 23.51 -80.47 -49.82
N GLN QA 1 -63.73 -72.75 -16.42
CA GLN QA 1 -62.31 -72.84 -16.08
C GLN QA 1 -61.52 -73.51 -17.21
N ILE QA 2 -60.22 -73.22 -17.33
CA ILE QA 2 -59.44 -73.71 -18.47
C ILE QA 2 -59.00 -75.15 -18.21
N ALA QA 3 -59.01 -75.93 -19.29
CA ALA QA 3 -58.61 -77.32 -19.33
C ALA QA 3 -58.40 -77.68 -20.78
N ASN QA 4 -57.50 -78.63 -21.03
CA ASN QA 4 -57.10 -78.95 -22.39
C ASN QA 4 -58.31 -79.42 -23.21
N VAL QA 5 -58.22 -79.27 -24.53
CA VAL QA 5 -59.31 -79.61 -25.44
C VAL QA 5 -58.79 -80.64 -26.44
N VAL QA 6 -59.62 -81.61 -26.78
CA VAL QA 6 -59.20 -82.77 -27.56
C VAL QA 6 -60.02 -82.78 -28.84
N LEU QA 7 -59.38 -82.56 -29.98
CA LEU QA 7 -60.05 -82.52 -31.26
C LEU QA 7 -59.52 -83.63 -32.16
N ALA QA 8 -60.40 -84.21 -32.97
CA ALA QA 8 -60.06 -85.37 -33.79
C ALA QA 8 -59.76 -84.92 -35.21
N ASP QA 9 -58.57 -85.29 -35.71
CA ASP QA 9 -58.23 -84.94 -37.09
C ASP QA 9 -58.99 -85.81 -38.07
N GLY QA 10 -59.04 -85.34 -39.32
CA GLY QA 10 -59.76 -86.05 -40.36
C GLY QA 10 -58.87 -87.09 -41.03
N GLN QA 11 -59.25 -88.36 -40.93
CA GLN QA 11 -58.49 -89.43 -41.55
C GLN QA 11 -59.39 -90.65 -41.72
N ALA QA 12 -58.77 -91.73 -42.19
CA ALA QA 12 -59.34 -93.06 -42.08
C ALA QA 12 -59.81 -93.34 -40.65
N ALA QA 13 -58.87 -93.35 -39.72
CA ALA QA 13 -59.14 -93.51 -38.29
C ALA QA 13 -58.65 -92.21 -37.67
N PRO QA 14 -59.55 -91.39 -37.18
CA PRO QA 14 -59.14 -90.09 -36.67
C PRO QA 14 -58.35 -90.25 -35.38
N ALA QA 15 -57.39 -89.35 -35.19
CA ALA QA 15 -56.54 -89.32 -34.02
C ALA QA 15 -56.91 -88.11 -33.19
N ASP QA 16 -56.97 -88.33 -31.88
CA ASP QA 16 -57.18 -87.27 -30.91
C ASP QA 16 -55.91 -86.42 -30.77
N LYS QA 17 -55.96 -85.17 -31.20
CA LYS QA 17 -54.91 -84.20 -30.95
C LYS QA 17 -55.34 -83.39 -29.73
N THR QA 18 -54.50 -83.38 -28.70
CA THR QA 18 -54.82 -82.74 -27.43
C THR QA 18 -54.09 -81.40 -27.37
N PHE QA 19 -54.86 -80.32 -27.23
CA PHE QA 19 -54.34 -78.98 -26.99
C PHE QA 19 -54.30 -78.79 -25.49
N GLU QA 20 -53.09 -78.88 -24.91
CA GLU QA 20 -52.88 -78.55 -23.51
C GLU QA 20 -53.01 -77.03 -23.31
N PRO QA 21 -53.60 -76.58 -22.20
CA PRO QA 21 -53.67 -75.13 -21.97
C PRO QA 21 -52.27 -74.59 -21.72
N GLN QA 22 -51.90 -73.57 -22.48
CA GLN QA 22 -50.63 -72.91 -22.29
C GLN QA 22 -50.76 -71.46 -21.85
N ARG QA 23 -51.91 -70.83 -22.10
CA ARG QA 23 -52.21 -69.54 -21.49
C ARG QA 23 -53.71 -69.37 -21.33
N GLY QA 24 -54.15 -69.00 -20.13
CA GLY QA 24 -55.55 -68.75 -19.87
C GLY QA 24 -55.94 -67.30 -20.15
N GLN QA 25 -57.26 -67.07 -20.20
CA GLN QA 25 -57.82 -65.72 -20.35
C GLN QA 25 -58.38 -65.27 -19.01
N ASN QA 26 -57.75 -64.29 -18.37
CA ASN QA 26 -58.32 -63.67 -17.19
C ASN QA 26 -58.78 -62.23 -17.43
N GLY QA 27 -58.51 -61.70 -18.62
CA GLY QA 27 -58.87 -60.33 -18.93
C GLY QA 27 -59.57 -60.28 -20.29
N VAL QA 28 -60.10 -59.09 -20.59
CA VAL QA 28 -60.88 -58.91 -21.84
C VAL QA 28 -59.98 -58.66 -23.04
N THR QA 29 -58.79 -58.12 -22.82
CA THR QA 29 -57.95 -57.74 -23.95
C THR QA 29 -57.47 -58.96 -24.75
N ASP QA 30 -56.83 -59.94 -24.08
CA ASP QA 30 -56.07 -61.02 -24.72
C ASP QA 30 -56.76 -62.38 -24.59
N PRO QA 31 -56.95 -63.11 -25.70
CA PRO QA 31 -57.66 -64.39 -25.65
C PRO QA 31 -56.85 -65.48 -24.99
N ALA QA 32 -57.57 -66.55 -24.62
CA ALA QA 32 -56.97 -67.77 -24.08
C ALA QA 32 -56.41 -68.62 -25.21
N GLU QA 33 -55.39 -69.41 -24.90
CA GLU QA 33 -54.62 -70.12 -25.93
C GLU QA 33 -54.27 -71.52 -25.44
N TRP QA 34 -54.37 -72.48 -26.36
CA TRP QA 34 -54.04 -73.88 -26.15
C TRP QA 34 -53.02 -74.31 -27.20
N TRP QA 35 -52.05 -75.12 -26.76
CA TRP QA 35 -50.91 -75.55 -27.58
C TRP QA 35 -50.90 -77.07 -27.68
N GLU QA 36 -50.60 -77.59 -28.89
CA GLU QA 36 -50.73 -79.03 -29.10
C GLU QA 36 -49.49 -79.80 -28.66
N LYS QA 37 -48.31 -79.31 -29.01
CA LYS QA 37 -47.03 -79.93 -28.61
C LYS QA 37 -46.81 -81.29 -29.26
N SER QA 38 -47.41 -81.55 -30.42
CA SER QA 38 -47.10 -82.78 -31.15
C SER QA 38 -45.66 -82.73 -31.68
N SER QA 39 -45.34 -81.75 -32.51
CA SER QA 39 -43.98 -81.56 -33.00
C SER QA 39 -43.03 -81.24 -31.84
N PRO QA 40 -41.70 -81.39 -32.04
CA PRO QA 40 -40.77 -81.09 -30.93
C PRO QA 40 -40.47 -79.62 -30.69
N THR QA 41 -40.61 -78.77 -31.72
CA THR QA 41 -40.30 -77.35 -31.60
C THR QA 41 -41.57 -76.51 -31.55
N LEU QA 42 -41.42 -75.28 -31.04
CA LEU QA 42 -42.58 -74.41 -30.83
C LEU QA 42 -43.31 -74.13 -32.14
N ASN QA 43 -42.59 -74.10 -33.26
CA ASN QA 43 -43.21 -73.75 -34.54
C ASN QA 43 -44.23 -74.80 -34.97
N GLY QA 44 -44.02 -76.05 -34.61
CA GLY QA 44 -44.89 -77.14 -35.02
C GLY QA 44 -46.09 -77.38 -34.16
N TYR QA 45 -46.32 -76.55 -33.14
CA TYR QA 45 -47.49 -76.70 -32.32
C TYR QA 45 -48.73 -76.26 -33.07
N ARG QA 46 -49.83 -76.96 -32.86
CA ARG QA 46 -51.13 -76.50 -33.32
C ARG QA 46 -51.72 -75.61 -32.23
N ARG QA 47 -52.41 -74.54 -32.65
CA ARG QA 47 -52.89 -73.54 -31.69
C ARG QA 47 -54.40 -73.43 -31.72
N LEU QA 48 -54.95 -73.07 -30.54
CA LEU QA 48 -56.36 -72.78 -30.39
C LEU QA 48 -56.53 -71.56 -29.49
N THR QA 49 -57.13 -70.48 -30.01
CA THR QA 49 -57.39 -69.26 -29.26
C THR QA 49 -58.89 -69.03 -29.09
N ALA QA 50 -59.28 -68.50 -27.93
CA ALA QA 50 -60.69 -68.31 -27.60
C ALA QA 50 -60.84 -67.12 -26.66
N LEU QA 51 -61.63 -66.15 -27.10
CA LEU QA 51 -61.88 -64.91 -26.37
C LEU QA 51 -63.38 -64.69 -26.26
N VAL QA 52 -63.90 -64.59 -25.05
CA VAL QA 52 -65.25 -64.14 -24.79
C VAL QA 52 -65.15 -62.74 -24.17
N ARG QA 53 -65.82 -61.78 -24.80
CA ARG QA 53 -65.64 -60.37 -24.49
C ARG QA 53 -66.98 -59.65 -24.55
N ARG QA 54 -67.34 -58.97 -23.47
CA ARG QA 54 -68.57 -58.20 -23.48
C ARG QA 54 -68.33 -56.88 -24.18
N ASN QA 55 -69.08 -56.63 -25.25
CA ASN QA 55 -69.06 -55.36 -25.96
C ASN QA 55 -70.24 -54.53 -25.48
N ALA QA 56 -69.95 -53.48 -24.69
CA ALA QA 56 -71.01 -52.65 -24.14
C ALA QA 56 -71.66 -51.76 -25.18
N ALA QA 57 -70.97 -51.50 -26.30
CA ALA QA 57 -71.52 -50.64 -27.34
C ALA QA 57 -72.78 -51.25 -27.95
N SER QA 58 -72.68 -52.49 -28.44
CA SER QA 58 -73.81 -53.21 -29.02
C SER QA 58 -74.65 -53.92 -27.95
N LYS QA 59 -74.33 -53.71 -26.67
CA LYS QA 59 -74.94 -54.46 -25.57
C LYS QA 59 -74.97 -55.93 -25.91
N SER QA 60 -73.78 -56.49 -26.13
CA SER QA 60 -73.68 -57.83 -26.66
C SER QA 60 -72.43 -58.50 -26.10
N VAL QA 61 -72.21 -59.74 -26.50
CA VAL QA 61 -71.05 -60.52 -26.07
C VAL QA 61 -70.51 -61.24 -27.30
N LYS QA 62 -69.26 -60.96 -27.65
CA LYS QA 62 -68.61 -61.63 -28.76
C LYS QA 62 -67.78 -62.81 -28.27
N VAL QA 63 -67.71 -63.83 -29.10
CA VAL QA 63 -66.90 -65.02 -28.84
C VAL QA 63 -66.10 -65.29 -30.12
N LYS QA 64 -64.77 -65.15 -30.03
CA LYS QA 64 -63.87 -65.38 -31.14
C LYS QA 64 -63.02 -66.61 -30.88
N VAL QA 65 -63.06 -67.57 -31.80
CA VAL QA 65 -62.28 -68.79 -31.71
C VAL QA 65 -61.45 -68.91 -32.98
N ALA QA 66 -60.21 -69.36 -32.82
CA ALA QA 66 -59.31 -69.54 -33.94
C ALA QA 66 -58.53 -70.85 -33.76
N ILE QA 67 -58.39 -71.60 -34.86
CA ILE QA 67 -57.64 -72.85 -34.86
C ILE QA 67 -56.57 -72.74 -35.95
N TYR QA 68 -55.30 -72.76 -35.54
CA TYR QA 68 -54.17 -72.68 -36.47
C TYR QA 68 -53.52 -74.06 -36.56
N ASP QA 69 -53.56 -74.65 -37.76
CA ASP QA 69 -52.88 -75.92 -38.04
C ASP QA 69 -51.71 -75.65 -38.98
N PRO QA 70 -50.48 -75.62 -38.49
CA PRO QA 70 -49.35 -75.39 -39.38
C PRO QA 70 -48.82 -76.68 -39.96
N THR QA 71 -48.35 -76.60 -41.21
CA THR QA 71 -47.69 -77.74 -41.84
C THR QA 71 -46.21 -77.38 -41.94
N LEU QA 72 -45.39 -78.01 -41.12
CA LEU QA 72 -43.96 -77.69 -41.10
C LEU QA 72 -43.33 -78.00 -42.44
N ALA QA 73 -42.53 -77.07 -42.94
CA ALA QA 73 -41.79 -77.33 -44.16
C ALA QA 73 -40.82 -78.48 -43.94
N VAL QA 74 -40.76 -79.38 -44.93
CA VAL QA 74 -39.73 -80.40 -44.95
C VAL QA 74 -38.36 -79.75 -44.97
N THR QA 75 -37.58 -79.96 -43.92
CA THR QA 75 -36.27 -79.33 -43.77
C THR QA 75 -35.20 -80.40 -43.97
N ALA QA 76 -34.43 -80.26 -45.06
CA ALA QA 76 -33.30 -81.10 -45.41
C ALA QA 76 -31.99 -80.38 -45.09
N PRO QA 77 -30.93 -81.11 -44.76
CA PRO QA 77 -29.63 -80.46 -44.49
C PRO QA 77 -29.16 -79.66 -45.69
N SER QA 78 -28.67 -78.46 -45.41
CA SER QA 78 -28.40 -77.49 -46.45
C SER QA 78 -27.53 -78.10 -47.55
N THR QA 79 -27.90 -77.79 -48.79
CA THR QA 79 -27.06 -78.17 -49.91
C THR QA 79 -25.87 -77.23 -50.01
N ALA QA 80 -26.01 -76.00 -49.54
CA ALA QA 80 -24.93 -75.04 -49.57
C ALA QA 80 -24.16 -74.95 -48.26
N SER QA 81 -24.84 -74.76 -47.13
CA SER QA 81 -24.15 -74.68 -45.86
C SER QA 81 -23.77 -76.05 -45.30
N GLY QA 82 -24.37 -77.12 -45.82
CA GLY QA 82 -24.23 -78.41 -45.18
C GLY QA 82 -24.86 -78.49 -43.80
N ILE QA 83 -25.66 -77.49 -43.43
CA ILE QA 83 -26.13 -77.30 -42.07
C ILE QA 83 -27.65 -77.18 -42.10
N GLN QA 84 -28.33 -78.23 -41.64
CA GLN QA 84 -29.79 -78.25 -41.67
C GLN QA 84 -30.37 -77.08 -40.90
N PRO QA 85 -31.26 -76.28 -41.50
CA PRO QA 85 -31.79 -75.12 -40.79
C PRO QA 85 -32.78 -75.54 -39.72
N SER QA 86 -32.89 -74.71 -38.69
CA SER QA 86 -33.89 -74.89 -37.65
C SER QA 86 -35.27 -75.02 -38.31
N PRO QA 87 -36.18 -75.82 -37.75
CA PRO QA 87 -37.43 -76.12 -38.45
C PRO QA 87 -38.28 -74.87 -38.60
N THR QA 88 -38.86 -74.70 -39.79
CA THR QA 88 -39.66 -73.54 -40.17
C THR QA 88 -41.04 -73.99 -40.61
N VAL QA 89 -41.94 -73.02 -40.76
CA VAL QA 89 -43.33 -73.26 -41.15
C VAL QA 89 -43.50 -72.84 -42.59
N ALA QA 90 -43.93 -73.77 -43.45
CA ALA QA 90 -44.12 -73.46 -44.86
C ALA QA 90 -45.45 -72.76 -45.11
N PHE QA 91 -46.50 -73.17 -44.40
CA PHE QA 91 -47.78 -72.49 -44.43
C PHE QA 91 -48.63 -72.99 -43.27
N THR QA 92 -49.75 -72.31 -43.07
CA THR QA 92 -50.64 -72.61 -41.96
C THR QA 92 -52.08 -72.47 -42.43
N CYS QA 93 -52.94 -73.39 -41.95
CA CYS QA 93 -54.37 -73.36 -42.27
C CYS QA 93 -55.14 -72.87 -41.06
N PRO QA 94 -55.72 -71.68 -41.11
CA PRO QA 94 -56.57 -71.24 -40.00
C PRO QA 94 -58.06 -71.42 -40.24
N VAL QA 95 -58.77 -71.60 -39.13
CA VAL QA 95 -60.20 -71.36 -39.02
C VAL QA 95 -60.43 -70.22 -38.06
N PHE QA 96 -61.33 -69.32 -38.44
CA PHE QA 96 -61.83 -68.26 -37.57
C PHE QA 96 -63.33 -68.43 -37.43
N ILE QA 97 -63.82 -68.42 -36.19
CA ILE QA 97 -65.24 -68.53 -35.89
C ILE QA 97 -65.61 -67.39 -34.94
N GLU QA 98 -66.66 -66.66 -35.28
CA GLU QA 98 -67.15 -65.56 -34.44
C GLU QA 98 -68.64 -65.75 -34.20
N PHE QA 99 -69.02 -65.87 -32.92
CA PHE QA 99 -70.41 -65.80 -32.50
C PHE QA 99 -70.65 -64.44 -31.88
N THR QA 100 -71.83 -63.88 -32.12
CA THR QA 100 -72.22 -62.71 -31.32
C THR QA 100 -73.56 -62.98 -30.66
N LEU QA 101 -73.67 -62.63 -29.38
CA LEU QA 101 -74.84 -62.94 -28.55
C LEU QA 101 -75.34 -61.67 -27.89
N PRO QA 102 -76.48 -61.13 -28.30
CA PRO QA 102 -76.95 -59.87 -27.72
C PRO QA 102 -77.31 -60.03 -26.24
N ASP QA 103 -77.47 -58.88 -25.57
CA ASP QA 103 -77.75 -58.92 -24.14
C ASP QA 103 -79.13 -59.51 -23.84
N ALA QA 104 -80.05 -59.45 -24.80
CA ALA QA 104 -81.41 -59.96 -24.62
C ALA QA 104 -81.57 -61.41 -25.11
N CYS QA 105 -80.47 -62.17 -25.15
CA CYS QA 105 -80.41 -63.44 -25.85
C CYS QA 105 -80.80 -64.61 -24.96
N THR QA 106 -81.73 -65.44 -25.43
CA THR QA 106 -82.16 -66.60 -24.68
C THR QA 106 -81.08 -67.69 -24.66
N ILE QA 107 -81.05 -68.44 -23.55
CA ILE QA 107 -80.21 -69.62 -23.48
C ILE QA 107 -80.53 -70.56 -24.62
N GLN QA 108 -81.81 -70.67 -24.95
CA GLN QA 108 -82.23 -71.52 -26.06
C GLN QA 108 -81.71 -71.01 -27.39
N ASN QA 109 -81.67 -69.68 -27.58
CA ASN QA 109 -81.12 -69.14 -28.81
C ASN QA 109 -79.63 -69.44 -28.93
N ARG QA 110 -78.89 -69.36 -27.79
CA ARG QA 110 -77.47 -69.68 -27.82
C ARG QA 110 -77.24 -71.13 -28.21
N LYS QA 111 -77.98 -72.04 -27.57
CA LYS QA 111 -77.92 -73.44 -27.95
C LYS QA 111 -78.23 -73.62 -29.43
N ASP QA 112 -79.27 -72.95 -29.92
CA ASP QA 112 -79.64 -73.01 -31.33
C ASP QA 112 -78.48 -72.65 -32.24
N ILE QA 113 -77.85 -71.49 -31.98
CA ILE QA 113 -76.86 -70.98 -32.91
C ILE QA 113 -75.61 -71.86 -32.90
N LEU QA 114 -75.18 -72.32 -31.70
CA LEU QA 114 -74.03 -73.24 -31.66
C LEU QA 114 -74.36 -74.54 -32.38
N ALA QA 115 -75.61 -75.01 -32.26
CA ALA QA 115 -76.00 -76.24 -32.92
C ALA QA 115 -75.98 -76.09 -34.44
N TYR QA 116 -76.52 -74.97 -34.95
CA TYR QA 116 -76.47 -74.74 -36.39
C TYR QA 116 -75.04 -74.73 -36.89
N ALA QA 117 -74.14 -74.07 -36.16
CA ALA QA 117 -72.74 -74.05 -36.55
C ALA QA 117 -72.14 -75.45 -36.61
N LYS QA 118 -72.26 -76.21 -35.51
CA LYS QA 118 -71.59 -77.51 -35.47
C LYS QA 118 -72.19 -78.48 -36.48
N ASN QA 119 -73.52 -78.50 -36.61
CA ASN QA 119 -74.15 -79.43 -37.54
C ASN QA 119 -73.85 -79.06 -38.99
N PHE QA 120 -73.76 -77.76 -39.31
CA PHE QA 120 -73.36 -77.40 -40.65
C PHE QA 120 -71.92 -77.82 -40.94
N LEU QA 121 -71.00 -77.58 -39.99
CA LEU QA 121 -69.62 -77.96 -40.23
C LEU QA 121 -69.47 -79.46 -40.40
N ALA QA 122 -70.28 -80.25 -39.68
CA ALA QA 122 -70.32 -81.68 -39.95
C ALA QA 122 -70.92 -81.98 -41.32
N SER QA 123 -71.79 -81.10 -41.83
CA SER QA 123 -72.58 -81.42 -43.02
C SER QA 123 -71.74 -81.63 -44.27
N ALA QA 124 -72.26 -82.49 -45.14
CA ALA QA 124 -71.56 -82.83 -46.38
C ALA QA 124 -71.41 -81.64 -47.30
N THR QA 125 -72.29 -80.64 -47.20
CA THR QA 125 -72.10 -79.43 -47.98
C THR QA 125 -70.89 -78.65 -47.50
N ALA QA 126 -70.68 -78.58 -46.18
CA ALA QA 126 -69.44 -78.00 -45.67
C ALA QA 126 -68.22 -78.80 -46.12
N THR QA 127 -68.35 -80.13 -46.21
CA THR QA 127 -67.22 -80.91 -46.72
C THR QA 127 -66.94 -80.58 -48.19
N ASP QA 128 -67.98 -80.60 -49.05
CA ASP QA 128 -67.84 -80.17 -50.43
C ASP QA 128 -67.25 -78.76 -50.53
N LEU QA 129 -67.52 -77.93 -49.52
CA LEU QA 129 -67.13 -76.52 -49.56
C LEU QA 129 -65.64 -76.33 -49.26
N VAL QA 130 -65.15 -76.99 -48.21
CA VAL QA 130 -63.78 -76.75 -47.73
C VAL QA 130 -62.81 -77.83 -48.20
N VAL QA 131 -63.21 -79.11 -48.10
CA VAL QA 131 -62.29 -80.18 -48.46
C VAL QA 131 -62.06 -80.23 -49.97
N ASN QA 132 -63.12 -80.08 -50.75
CA ASN QA 132 -63.01 -80.03 -52.20
C ASN QA 132 -62.86 -78.62 -52.74
N THR QA 133 -62.83 -77.61 -51.87
CA THR QA 133 -62.73 -76.21 -52.25
C THR QA 133 -63.69 -75.89 -53.39
N ALA QA 134 -64.92 -76.36 -53.25
CA ALA QA 134 -65.88 -76.18 -54.33
C ALA QA 134 -67.04 -75.30 -53.85
N PRO QA 135 -67.50 -74.40 -54.70
CA PRO QA 135 -68.67 -73.57 -54.37
C PRO QA 135 -69.97 -74.31 -54.67
N GLN QA 136 -71.07 -73.59 -54.48
CA GLN QA 136 -72.41 -74.10 -54.71
C GLN QA 136 -72.99 -73.37 -55.91
N TYR QA 137 -72.92 -74.01 -57.08
CA TYR QA 137 -73.11 -73.32 -58.36
C TYR QA 137 -74.54 -73.35 -58.95
N GLN RA 1 -58.35 -70.66 -4.96
CA GLN RA 1 -57.94 -69.61 -5.88
C GLN RA 1 -58.99 -68.52 -5.97
N ILE RA 2 -59.91 -68.71 -6.93
CA ILE RA 2 -61.17 -67.98 -7.06
C ILE RA 2 -62.31 -68.96 -6.92
N ALA RA 3 -63.31 -68.59 -6.14
CA ALA RA 3 -64.46 -69.45 -5.90
C ALA RA 3 -65.72 -68.63 -6.01
N ASN RA 4 -66.79 -69.28 -6.49
CA ASN RA 4 -68.06 -68.60 -6.61
C ASN RA 4 -68.52 -68.12 -5.24
N VAL RA 5 -69.42 -67.12 -5.24
CA VAL RA 5 -69.81 -66.46 -4.00
C VAL RA 5 -71.32 -66.43 -3.92
N VAL RA 6 -71.87 -66.78 -2.76
CA VAL RA 6 -73.31 -66.88 -2.59
C VAL RA 6 -73.77 -65.81 -1.60
N LEU RA 7 -74.71 -64.97 -2.03
CA LEU RA 7 -75.23 -63.88 -1.22
C LEU RA 7 -76.73 -64.06 -0.99
N ALA RA 8 -77.18 -63.65 0.18
CA ALA RA 8 -78.59 -63.81 0.55
C ALA RA 8 -79.37 -62.55 0.15
N ASP RA 9 -80.41 -62.72 -0.65
CA ASP RA 9 -81.20 -61.58 -1.05
C ASP RA 9 -82.14 -61.16 0.08
N GLY RA 10 -82.76 -60.00 -0.09
CA GLY RA 10 -83.68 -59.49 0.89
C GLY RA 10 -85.09 -60.00 0.64
N GLN RA 11 -85.60 -60.80 1.55
CA GLN RA 11 -86.95 -61.32 1.48
C GLN RA 11 -87.32 -61.71 2.90
N ALA RA 12 -88.52 -62.28 3.05
CA ALA RA 12 -88.89 -62.87 4.33
C ALA RA 12 -87.85 -63.90 4.75
N ALA RA 13 -87.58 -64.88 3.89
CA ALA RA 13 -86.49 -65.82 4.07
C ALA RA 13 -85.51 -65.55 2.95
N PRO RA 14 -84.26 -65.24 3.24
CA PRO RA 14 -83.29 -64.97 2.18
C PRO RA 14 -83.13 -66.18 1.27
N ALA RA 15 -83.12 -65.90 -0.03
CA ALA RA 15 -82.90 -66.91 -1.07
C ALA RA 15 -81.48 -66.75 -1.58
N ASP RA 16 -80.65 -67.74 -1.29
CA ASP RA 16 -79.26 -67.76 -1.74
C ASP RA 16 -79.16 -67.58 -3.25
N LYS RA 17 -78.46 -66.53 -3.66
CA LYS RA 17 -78.13 -66.26 -5.05
C LYS RA 17 -76.66 -66.56 -5.24
N THR RA 18 -76.35 -67.50 -6.13
CA THR RA 18 -74.98 -67.95 -6.35
C THR RA 18 -74.40 -67.24 -7.56
N PHE RA 19 -73.22 -66.62 -7.38
CA PHE RA 19 -72.49 -65.95 -8.43
C PHE RA 19 -71.34 -66.85 -8.83
N GLU RA 20 -71.43 -67.45 -10.03
CA GLU RA 20 -70.36 -68.30 -10.56
C GLU RA 20 -69.20 -67.44 -11.05
N PRO RA 21 -67.97 -67.90 -10.89
CA PRO RA 21 -66.81 -67.15 -11.41
C PRO RA 21 -66.70 -67.35 -12.91
N GLN RA 22 -67.05 -66.29 -13.65
CA GLN RA 22 -66.94 -66.38 -15.10
C GLN RA 22 -65.61 -65.81 -15.61
N ARG RA 23 -64.94 -64.95 -14.83
CA ARG RA 23 -63.58 -64.51 -15.13
C ARG RA 23 -62.88 -64.11 -13.84
N GLY RA 24 -61.60 -64.51 -13.72
CA GLY RA 24 -60.81 -64.16 -12.56
C GLY RA 24 -60.06 -62.87 -12.76
N GLN RA 25 -59.46 -62.39 -11.67
CA GLN RA 25 -58.76 -61.11 -11.71
C GLN RA 25 -57.48 -61.22 -12.54
N ASN RA 26 -57.43 -60.42 -13.62
CA ASN RA 26 -56.36 -60.53 -14.61
C ASN RA 26 -54.99 -60.45 -13.95
N GLY RA 27 -54.82 -59.46 -13.10
CA GLY RA 27 -53.55 -59.11 -12.51
C GLY RA 27 -53.85 -57.89 -11.68
N VAL RA 28 -53.18 -56.77 -11.97
CA VAL RA 28 -53.58 -55.49 -11.38
C VAL RA 28 -54.45 -54.66 -12.30
N THR RA 29 -54.70 -55.13 -13.51
CA THR RA 29 -55.39 -54.33 -14.51
C THR RA 29 -56.90 -54.56 -14.52
N ASP RA 30 -57.36 -55.81 -14.67
CA ASP RA 30 -58.77 -56.10 -14.84
C ASP RA 30 -59.32 -56.82 -13.61
N PRO RA 31 -60.44 -56.35 -13.06
CA PRO RA 31 -60.98 -56.98 -11.85
C PRO RA 31 -61.59 -58.35 -12.13
N ALA RA 32 -61.69 -59.14 -11.07
CA ALA RA 32 -62.39 -60.41 -11.14
C ALA RA 32 -63.89 -60.18 -11.20
N GLU RA 33 -64.59 -61.07 -11.94
CA GLU RA 33 -66.02 -60.88 -12.18
C GLU RA 33 -66.77 -62.18 -11.99
N TRP RA 34 -67.96 -62.07 -11.40
CA TRP RA 34 -68.84 -63.18 -11.08
C TRP RA 34 -70.23 -62.87 -11.61
N TRP RA 35 -70.90 -63.91 -12.11
CA TRP RA 35 -72.18 -63.81 -12.80
C TRP RA 35 -73.21 -64.71 -12.14
N GLU RA 36 -74.40 -64.17 -11.82
CA GLU RA 36 -75.42 -64.98 -11.17
C GLU RA 36 -75.99 -66.02 -12.13
N LYS RA 37 -76.36 -65.60 -13.32
CA LYS RA 37 -76.85 -66.50 -14.37
C LYS RA 37 -78.15 -67.19 -13.94
N SER RA 38 -79.02 -66.45 -13.24
CA SER RA 38 -80.30 -67.02 -12.86
C SER RA 38 -81.36 -66.81 -13.95
N SER RA 39 -81.57 -65.56 -14.37
CA SER RA 39 -82.55 -65.22 -15.38
C SER RA 39 -82.25 -65.93 -16.71
N PRO RA 40 -83.27 -66.13 -17.56
CA PRO RA 40 -82.99 -66.76 -18.86
C PRO RA 40 -82.29 -65.86 -19.84
N THR RA 41 -82.50 -64.55 -19.75
CA THR RA 41 -81.80 -63.61 -20.61
C THR RA 41 -80.48 -63.21 -19.97
N LEU RA 42 -79.52 -62.84 -20.81
CA LEU RA 42 -78.26 -62.29 -20.30
C LEU RA 42 -78.47 -60.98 -19.56
N ASN RA 43 -79.61 -60.32 -19.77
CA ASN RA 43 -79.91 -59.06 -19.09
C ASN RA 43 -79.95 -59.23 -17.58
N GLY RA 44 -80.59 -60.31 -17.11
CA GLY RA 44 -80.87 -60.55 -15.71
C GLY RA 44 -79.78 -61.27 -14.93
N TYR RA 45 -78.59 -61.40 -15.50
CA TYR RA 45 -77.45 -61.86 -14.73
C TYR RA 45 -77.03 -60.76 -13.74
N ARG RA 46 -76.95 -61.09 -12.46
CA ARG RA 46 -76.41 -60.15 -11.49
C ARG RA 46 -74.89 -60.27 -11.47
N ARG RA 47 -74.20 -59.16 -11.18
CA ARG RA 47 -72.75 -59.09 -11.34
C ARG RA 47 -72.02 -58.72 -10.06
N LEU RA 48 -70.80 -59.24 -9.94
CA LEU RA 48 -69.92 -58.89 -8.82
C LEU RA 48 -68.48 -58.73 -9.33
N THR RA 49 -67.88 -57.57 -9.12
CA THR RA 49 -66.50 -57.33 -9.52
C THR RA 49 -65.65 -57.01 -8.30
N ALA RA 50 -64.44 -57.55 -8.24
CA ALA RA 50 -63.51 -57.30 -7.15
C ALA RA 50 -62.09 -57.23 -7.66
N LEU RA 51 -61.40 -56.15 -7.29
CA LEU RA 51 -60.03 -55.88 -7.70
C LEU RA 51 -59.19 -55.45 -6.50
N VAL RA 52 -57.98 -56.00 -6.40
CA VAL RA 52 -57.04 -55.68 -5.32
C VAL RA 52 -55.73 -55.26 -5.96
N ARG RA 53 -55.38 -53.98 -5.82
CA ARG RA 53 -54.23 -53.43 -6.54
C ARG RA 53 -53.43 -52.53 -5.61
N ARG RA 54 -52.11 -52.63 -5.67
CA ARG RA 54 -51.23 -51.80 -4.85
C ARG RA 54 -50.84 -50.56 -5.63
N ASN RA 55 -51.36 -49.41 -5.22
CA ASN RA 55 -50.85 -48.14 -5.74
C ASN RA 55 -49.49 -47.88 -5.10
N ALA RA 56 -48.44 -48.01 -5.91
CA ALA RA 56 -47.07 -47.95 -5.41
C ALA RA 56 -46.65 -46.53 -5.05
N ALA RA 57 -47.20 -45.54 -5.77
CA ALA RA 57 -46.95 -44.16 -5.43
C ALA RA 57 -47.46 -43.85 -4.03
N SER RA 58 -48.76 -44.04 -3.81
CA SER RA 58 -49.38 -43.76 -2.51
C SER RA 58 -49.00 -44.77 -1.44
N LYS RA 59 -48.18 -45.76 -1.78
CA LYS RA 59 -47.83 -46.84 -0.87
C LYS RA 59 -49.07 -47.36 -0.16
N SER RA 60 -50.03 -47.83 -0.95
CA SER RA 60 -51.28 -48.30 -0.37
C SER RA 60 -51.86 -49.38 -1.25
N VAL RA 61 -52.90 -50.03 -0.73
CA VAL RA 61 -53.61 -51.08 -1.43
C VAL RA 61 -55.07 -50.66 -1.54
N LYS RA 62 -55.57 -50.56 -2.76
CA LYS RA 62 -56.97 -50.30 -3.02
C LYS RA 62 -57.69 -51.62 -3.24
N VAL RA 63 -58.91 -51.72 -2.70
CA VAL RA 63 -59.78 -52.88 -2.86
C VAL RA 63 -61.13 -52.35 -3.31
N LYS RA 64 -61.50 -52.67 -4.56
CA LYS RA 64 -62.74 -52.19 -5.16
C LYS RA 64 -63.69 -53.35 -5.43
N VAL RA 65 -64.92 -53.23 -4.94
CA VAL RA 65 -65.95 -54.23 -5.12
C VAL RA 65 -67.20 -53.54 -5.64
N ALA RA 66 -67.89 -54.19 -6.58
CA ALA RA 66 -69.14 -53.66 -7.12
C ALA RA 66 -70.15 -54.79 -7.27
N ILE RA 67 -71.40 -54.49 -6.94
CA ILE RA 67 -72.50 -55.43 -7.05
C ILE RA 67 -73.58 -54.79 -7.91
N TYR RA 68 -73.88 -55.42 -9.04
CA TYR RA 68 -74.85 -54.90 -10.01
C TYR RA 68 -76.08 -55.79 -10.01
N ASP RA 69 -77.24 -55.23 -9.64
CA ASP RA 69 -78.50 -55.96 -9.67
C ASP RA 69 -79.43 -55.36 -10.72
N PRO RA 70 -79.68 -56.02 -11.84
CA PRO RA 70 -80.58 -55.44 -12.83
C PRO RA 70 -82.03 -55.83 -12.59
N THR RA 71 -82.92 -54.92 -12.95
CA THR RA 71 -84.35 -55.20 -12.99
C THR RA 71 -84.84 -54.95 -14.41
N LEU RA 72 -85.51 -55.95 -14.97
CA LEU RA 72 -85.94 -55.99 -16.36
C LEU RA 72 -87.39 -55.54 -16.48
N ALA RA 73 -87.77 -55.24 -17.71
CA ALA RA 73 -89.14 -54.84 -18.00
C ALA RA 73 -89.43 -55.15 -19.46
N VAL RA 74 -90.64 -55.59 -19.72
CA VAL RA 74 -91.08 -55.89 -21.07
C VAL RA 74 -92.06 -54.79 -21.51
N THR RA 75 -92.17 -54.60 -22.83
CA THR RA 75 -93.15 -53.66 -23.36
C THR RA 75 -94.56 -53.96 -22.86
N ALA RA 76 -94.88 -55.25 -22.76
CA ALA RA 76 -96.21 -55.69 -22.38
C ALA RA 76 -96.08 -57.04 -21.69
N PRO RA 77 -96.99 -57.37 -20.77
CA PRO RA 77 -96.84 -58.60 -20.00
C PRO RA 77 -96.84 -59.83 -20.88
N SER RA 78 -96.13 -60.86 -20.43
CA SER RA 78 -95.92 -62.06 -21.22
C SER RA 78 -97.21 -62.88 -21.38
N THR RA 79 -97.34 -63.55 -22.54
CA THR RA 79 -98.51 -64.36 -22.83
C THR RA 79 -98.28 -65.87 -22.80
N ALA RA 80 -97.05 -66.32 -23.10
CA ALA RA 80 -96.67 -67.73 -23.19
C ALA RA 80 -97.33 -68.45 -24.35
N SER RA 81 -97.85 -67.73 -25.35
CA SER RA 81 -98.50 -68.36 -26.49
C SER RA 81 -97.81 -68.07 -27.81
N GLY RA 82 -97.73 -66.80 -28.20
CA GLY RA 82 -97.13 -66.41 -29.46
C GLY RA 82 -95.80 -65.71 -29.24
N ILE RA 83 -95.27 -65.15 -30.34
CA ILE RA 83 -94.03 -64.39 -30.25
C ILE RA 83 -94.27 -63.18 -29.35
N GLN RA 84 -93.39 -63.02 -28.37
CA GLN RA 84 -93.57 -62.06 -27.30
C GLN RA 84 -92.46 -61.02 -27.32
N PRO RA 85 -92.67 -59.88 -26.67
CA PRO RA 85 -91.64 -58.83 -26.69
C PRO RA 85 -90.43 -59.24 -25.86
N SER RA 86 -89.25 -59.13 -26.45
CA SER RA 86 -88.03 -59.38 -25.71
C SER RA 86 -87.86 -58.30 -24.65
N PRO RA 87 -87.22 -58.63 -23.52
CA PRO RA 87 -87.20 -57.71 -22.37
C PRO RA 87 -86.03 -56.74 -22.43
N THR RA 88 -86.32 -55.50 -22.08
CA THR RA 88 -85.30 -54.47 -21.94
C THR RA 88 -84.84 -54.41 -20.49
N VAL RA 89 -83.68 -53.80 -20.29
CA VAL RA 89 -83.17 -53.54 -18.94
C VAL RA 89 -83.83 -52.27 -18.45
N ALA RA 90 -84.76 -52.41 -17.49
CA ALA RA 90 -85.42 -51.24 -16.94
C ALA RA 90 -84.44 -50.37 -16.17
N PHE RA 91 -83.75 -50.95 -15.18
CA PHE RA 91 -82.74 -50.18 -14.45
C PHE RA 91 -81.78 -51.14 -13.77
N THR RA 92 -80.79 -50.58 -13.10
CA THR RA 92 -79.78 -51.35 -12.38
C THR RA 92 -79.50 -50.68 -11.04
N CYS RA 93 -79.41 -51.49 -9.99
CA CYS RA 93 -79.06 -51.01 -8.65
C CYS RA 93 -77.63 -51.44 -8.35
N PRO RA 94 -76.68 -50.52 -8.39
CA PRO RA 94 -75.32 -50.86 -7.96
C PRO RA 94 -74.99 -50.46 -6.53
N VAL RA 95 -74.12 -51.27 -5.95
CA VAL RA 95 -73.30 -50.93 -4.80
C VAL RA 95 -71.84 -50.86 -5.24
N PHE RA 96 -71.14 -49.82 -4.80
CA PHE RA 96 -69.69 -49.72 -4.95
C PHE RA 96 -69.08 -49.63 -3.56
N ILE RA 97 -68.04 -50.42 -3.32
CA ILE RA 97 -67.33 -50.47 -2.06
C ILE RA 97 -65.84 -50.29 -2.35
N GLU RA 98 -65.21 -49.38 -1.63
CA GLU RA 98 -63.77 -49.15 -1.78
C GLU RA 98 -63.13 -49.10 -0.41
N PHE RA 99 -62.12 -49.94 -0.20
CA PHE RA 99 -61.24 -49.86 0.95
C PHE RA 99 -59.88 -49.36 0.48
N THR RA 100 -59.24 -48.50 1.28
CA THR RA 100 -57.83 -48.21 1.02
C THR RA 100 -57.03 -48.46 2.29
N LEU RA 101 -55.96 -49.24 2.14
CA LEU RA 101 -55.14 -49.69 3.26
C LEU RA 101 -53.70 -49.26 3.04
N PRO RA 102 -53.18 -48.30 3.80
CA PRO RA 102 -51.79 -47.87 3.62
C PRO RA 102 -50.83 -49.02 3.84
N ASP RA 103 -49.63 -48.88 3.28
CA ASP RA 103 -48.69 -50.00 3.28
C ASP RA 103 -48.28 -50.39 4.69
N ALA RA 104 -48.10 -49.40 5.57
CA ALA RA 104 -47.72 -49.67 6.95
C ALA RA 104 -48.96 -49.84 7.83
N CYS RA 105 -49.77 -50.85 7.48
CA CYS RA 105 -51.07 -51.06 8.09
C CYS RA 105 -51.13 -52.42 8.76
N THR RA 106 -51.72 -52.47 9.96
CA THR RA 106 -51.81 -53.71 10.70
C THR RA 106 -52.91 -54.61 10.15
N ILE RA 107 -52.65 -55.91 10.19
CA ILE RA 107 -53.71 -56.86 9.90
C ILE RA 107 -54.90 -56.63 10.83
N GLN RA 108 -54.63 -56.23 12.07
CA GLN RA 108 -55.71 -55.92 12.99
C GLN RA 108 -56.50 -54.70 12.53
N ASN RA 109 -55.82 -53.70 11.96
CA ASN RA 109 -56.52 -52.55 11.40
C ASN RA 109 -57.41 -52.95 10.22
N ARG RA 110 -56.91 -53.87 9.38
CA ARG RA 110 -57.71 -54.34 8.26
C ARG RA 110 -58.97 -55.05 8.75
N LYS RA 111 -58.80 -55.94 9.73
CA LYS RA 111 -59.94 -56.62 10.34
C LYS RA 111 -60.93 -55.61 10.91
N ASP RA 112 -60.41 -54.60 11.62
CA ASP RA 112 -61.25 -53.54 12.18
C ASP RA 112 -62.10 -52.87 11.10
N ILE RA 113 -61.46 -52.43 10.02
CA ILE RA 113 -62.18 -51.62 9.03
C ILE RA 113 -63.21 -52.47 8.31
N LEU RA 114 -62.88 -53.72 7.97
CA LEU RA 114 -63.86 -54.60 7.33
C LEU RA 114 -65.03 -54.86 8.26
N ALA RA 115 -64.74 -55.03 9.57
CA ALA RA 115 -65.81 -55.26 10.53
C ALA RA 115 -66.72 -54.06 10.66
N TYR RA 116 -66.14 -52.85 10.68
CA TYR RA 116 -66.96 -51.64 10.73
C TYR RA 116 -67.90 -51.56 9.53
N ALA RA 117 -67.36 -51.86 8.35
CA ALA RA 117 -68.19 -51.85 7.14
C ALA RA 117 -69.33 -52.85 7.23
N LYS RA 118 -69.01 -54.11 7.56
CA LYS RA 118 -70.05 -55.15 7.51
C LYS RA 118 -71.09 -54.94 8.61
N ASN RA 119 -70.65 -54.59 9.83
CA ASN RA 119 -71.61 -54.37 10.92
C ASN RA 119 -72.49 -53.16 10.63
N PHE RA 120 -71.92 -52.11 10.03
CA PHE RA 120 -72.75 -50.98 9.67
C PHE RA 120 -73.79 -51.38 8.63
N LEU RA 121 -73.38 -52.08 7.58
CA LEU RA 121 -74.34 -52.45 6.55
C LEU RA 121 -75.43 -53.35 7.10
N ALA RA 122 -75.11 -54.18 8.09
CA ALA RA 122 -76.16 -54.92 8.78
C ALA RA 122 -77.04 -54.00 9.61
N SER RA 123 -76.51 -52.87 10.06
CA SER RA 123 -77.22 -52.03 11.04
C SER RA 123 -78.53 -51.45 10.51
N ALA RA 124 -79.48 -51.29 11.43
CA ALA RA 124 -80.78 -50.74 11.10
C ALA RA 124 -80.69 -49.28 10.67
N THR RA 125 -79.63 -48.55 11.05
CA THR RA 125 -79.46 -47.21 10.52
C THR RA 125 -79.13 -47.25 9.02
N ALA RA 126 -78.27 -48.18 8.61
CA ALA RA 126 -78.06 -48.42 7.19
C ALA RA 126 -79.36 -48.84 6.49
N THR RA 127 -80.19 -49.61 7.19
CA THR RA 127 -81.47 -50.00 6.59
C THR RA 127 -82.39 -48.78 6.40
N ASP RA 128 -82.60 -47.98 7.45
CA ASP RA 128 -83.33 -46.72 7.32
C ASP RA 128 -82.73 -45.87 6.21
N LEU RA 129 -81.42 -45.94 6.02
CA LEU RA 129 -80.74 -45.08 5.05
C LEU RA 129 -81.04 -45.50 3.62
N VAL RA 130 -80.83 -46.78 3.30
CA VAL RA 130 -80.87 -47.25 1.91
C VAL RA 130 -82.21 -47.88 1.57
N VAL RA 131 -82.69 -48.80 2.41
CA VAL RA 131 -83.97 -49.45 2.12
C VAL RA 131 -85.10 -48.43 2.18
N ASN RA 132 -85.16 -47.69 3.26
CA ASN RA 132 -86.27 -46.76 3.48
C ASN RA 132 -86.15 -45.49 2.64
N THR RA 133 -84.93 -45.19 2.12
CA THR RA 133 -84.65 -43.99 1.32
C THR RA 133 -84.89 -42.73 2.15
N ALA RA 134 -84.27 -42.66 3.31
CA ALA RA 134 -84.52 -41.58 4.24
C ALA RA 134 -83.19 -41.23 4.89
N PRO RA 135 -82.77 -39.98 4.86
CA PRO RA 135 -81.52 -39.61 5.52
C PRO RA 135 -81.72 -39.32 6.99
N GLN RA 136 -80.59 -39.11 7.66
CA GLN RA 136 -80.54 -38.91 9.10
C GLN RA 136 -80.58 -37.42 9.41
N TYR RA 137 -81.74 -36.93 9.84
CA TYR RA 137 -81.93 -35.49 10.02
C TYR RA 137 -81.85 -35.05 11.49
N GLN SA 1 -51.46 -72.78 -14.02
CA GLN SA 1 -52.31 -71.77 -13.34
C GLN SA 1 -51.55 -71.34 -12.12
N ILE SA 2 -52.01 -70.28 -11.45
CA ILE SA 2 -51.21 -69.66 -10.40
C ILE SA 2 -51.72 -70.13 -9.04
N ALA SA 3 -50.77 -70.59 -8.22
CA ALA SA 3 -51.01 -70.89 -6.82
C ALA SA 3 -49.77 -70.48 -6.05
N ASN SA 4 -49.89 -70.40 -4.73
CA ASN SA 4 -48.76 -69.96 -3.92
C ASN SA 4 -47.63 -70.97 -4.02
N VAL SA 5 -46.41 -70.49 -3.81
CA VAL SA 5 -45.20 -71.32 -3.92
C VAL SA 5 -44.52 -71.37 -2.57
N VAL SA 6 -43.99 -72.54 -2.21
CA VAL SA 6 -43.43 -72.77 -0.89
C VAL SA 6 -41.93 -73.03 -1.03
N LEU SA 7 -41.12 -72.15 -0.43
CA LEU SA 7 -39.68 -72.22 -0.53
C LEU SA 7 -39.08 -72.44 0.85
N ALA SA 8 -38.19 -73.41 0.97
CA ALA SA 8 -37.58 -73.72 2.26
C ALA SA 8 -36.35 -72.85 2.48
N ASP SA 9 -36.28 -72.19 3.64
CA ASP SA 9 -35.19 -71.27 3.90
C ASP SA 9 -33.91 -72.03 4.25
N GLY SA 10 -32.84 -71.29 4.43
CA GLY SA 10 -31.57 -71.87 4.77
C GLY SA 10 -31.39 -71.88 6.27
N GLN SA 11 -31.46 -73.07 6.86
CA GLN SA 11 -31.20 -73.30 8.27
C GLN SA 11 -30.74 -74.74 8.41
N ALA SA 12 -30.49 -75.15 9.65
CA ALA SA 12 -30.32 -76.58 9.94
C ALA SA 12 -31.53 -77.36 9.47
N ALA SA 13 -32.67 -77.00 10.00
CA ALA SA 13 -33.94 -77.56 9.62
C ALA SA 13 -34.65 -76.50 8.81
N PRO SA 14 -34.96 -76.79 7.57
CA PRO SA 14 -35.64 -75.80 6.73
C PRO SA 14 -37.00 -75.46 7.31
N ALA SA 15 -37.37 -74.20 7.18
CA ALA SA 15 -38.67 -73.69 7.58
C ALA SA 15 -39.34 -73.16 6.32
N ASP SA 16 -40.45 -73.78 5.95
CA ASP SA 16 -41.13 -73.44 4.71
C ASP SA 16 -41.73 -72.04 4.81
N LYS SA 17 -41.36 -71.17 3.87
CA LYS SA 17 -41.96 -69.85 3.73
C LYS SA 17 -42.88 -69.90 2.52
N THR SA 18 -44.13 -69.52 2.72
CA THR SA 18 -45.15 -69.59 1.68
C THR SA 18 -45.35 -68.21 1.06
N PHE SA 19 -45.30 -68.16 -0.28
CA PHE SA 19 -45.51 -66.93 -1.03
C PHE SA 19 -46.87 -67.04 -1.70
N GLU SA 20 -47.85 -66.29 -1.19
CA GLU SA 20 -49.20 -66.26 -1.73
C GLU SA 20 -49.26 -65.25 -2.88
N PRO SA 21 -49.94 -65.60 -3.98
CA PRO SA 21 -49.90 -64.75 -5.17
C PRO SA 21 -50.65 -63.44 -4.98
N GLN SA 22 -50.12 -62.39 -5.59
CA GLN SA 22 -50.71 -61.07 -5.59
C GLN SA 22 -51.05 -60.56 -6.98
N ARG SA 23 -50.37 -61.04 -8.02
CA ARG SA 23 -50.60 -60.63 -9.40
C ARG SA 23 -50.46 -61.81 -10.33
N GLY SA 24 -51.33 -61.86 -11.35
CA GLY SA 24 -51.11 -62.73 -12.47
C GLY SA 24 -50.34 -62.00 -13.55
N GLN SA 25 -49.59 -62.77 -14.34
CA GLN SA 25 -48.87 -62.20 -15.46
C GLN SA 25 -49.87 -61.79 -16.54
N ASN SA 26 -49.84 -60.52 -16.91
CA ASN SA 26 -50.74 -59.96 -17.91
C ASN SA 26 -49.92 -59.45 -19.08
N GLY SA 27 -50.15 -60.01 -20.26
CA GLY SA 27 -49.37 -59.61 -21.43
C GLY SA 27 -47.93 -60.06 -21.28
N VAL SA 28 -47.01 -59.14 -21.56
CA VAL SA 28 -45.59 -59.37 -21.33
C VAL SA 28 -44.98 -58.22 -20.56
N THR SA 29 -45.73 -57.12 -20.43
CA THR SA 29 -45.22 -55.99 -19.66
C THR SA 29 -45.17 -56.31 -18.17
N ASP SA 30 -46.20 -57.00 -17.66
CA ASP SA 30 -46.43 -57.13 -16.22
C ASP SA 30 -46.02 -58.53 -15.75
N PRO SA 31 -45.11 -58.67 -14.78
CA PRO SA 31 -44.82 -59.99 -14.24
C PRO SA 31 -45.76 -60.37 -13.11
N ALA SA 32 -45.90 -61.69 -12.90
CA ALA SA 32 -46.70 -62.20 -11.81
C ALA SA 32 -45.90 -62.15 -10.50
N GLU SA 33 -46.59 -61.79 -9.40
CA GLU SA 33 -45.91 -61.49 -8.14
C GLU SA 33 -46.53 -62.28 -6.99
N TRP SA 34 -45.66 -62.69 -6.05
CA TRP SA 34 -46.01 -63.45 -4.85
C TRP SA 34 -45.43 -62.77 -3.63
N TRP SA 35 -46.20 -62.75 -2.55
CA TRP SA 35 -45.85 -62.06 -1.31
C TRP SA 35 -45.86 -63.05 -0.14
N GLU SA 36 -44.87 -62.94 0.76
CA GLU SA 36 -44.76 -63.90 1.86
C GLU SA 36 -45.74 -63.62 2.98
N LYS SA 37 -45.91 -62.35 3.35
CA LYS SA 37 -46.82 -61.95 4.42
C LYS SA 37 -46.34 -62.44 5.79
N SER SA 38 -45.03 -62.59 5.97
CA SER SA 38 -44.56 -63.08 7.26
C SER SA 38 -44.56 -61.98 8.32
N SER SA 39 -43.93 -60.85 8.01
CA SER SA 39 -43.86 -59.72 8.96
C SER SA 39 -45.20 -58.97 9.00
N PRO SA 40 -45.42 -58.13 10.01
CA PRO SA 40 -46.72 -57.42 10.07
C PRO SA 40 -46.94 -56.38 8.97
N THR SA 41 -45.94 -55.55 8.63
CA THR SA 41 -46.11 -54.51 7.60
C THR SA 41 -45.64 -55.04 6.25
N LEU SA 42 -45.85 -54.24 5.19
CA LEU SA 42 -45.47 -54.69 3.85
C LEU SA 42 -43.95 -54.84 3.73
N ASN SA 43 -43.19 -53.92 4.32
CA ASN SA 43 -41.76 -53.92 4.11
C ASN SA 43 -41.12 -55.27 4.46
N GLY SA 44 -41.76 -56.04 5.35
CA GLY SA 44 -41.23 -57.35 5.74
C GLY SA 44 -41.61 -58.50 4.83
N TYR SA 45 -42.60 -58.32 3.96
CA TYR SA 45 -42.95 -59.34 2.98
C TYR SA 45 -41.75 -59.69 2.11
N ARG SA 46 -41.53 -60.99 1.89
CA ARG SA 46 -40.58 -61.44 0.89
C ARG SA 46 -41.30 -61.56 -0.46
N ARG SA 47 -40.61 -61.18 -1.53
CA ARG SA 47 -41.24 -61.10 -2.84
C ARG SA 47 -40.67 -62.11 -3.83
N LEU SA 48 -41.54 -62.56 -4.74
CA LEU SA 48 -41.15 -63.41 -5.86
C LEU SA 48 -41.85 -62.94 -7.12
N THR SA 49 -41.08 -62.55 -8.14
CA THR SA 49 -41.61 -62.11 -9.42
C THR SA 49 -41.20 -63.08 -10.52
N ALA SA 50 -42.12 -63.34 -11.45
CA ALA SA 50 -41.85 -64.26 -12.54
C ALA SA 50 -42.57 -63.78 -13.80
N LEU SA 51 -41.82 -63.70 -14.90
CA LEU SA 51 -42.32 -63.16 -16.16
C LEU SA 51 -41.77 -64.00 -17.31
N VAL SA 52 -42.66 -64.57 -18.11
CA VAL SA 52 -42.29 -65.24 -19.35
C VAL SA 52 -42.76 -64.36 -20.50
N ARG SA 53 -41.79 -63.80 -21.24
CA ARG SA 53 -42.09 -62.91 -22.35
C ARG SA 53 -41.39 -63.39 -23.61
N ARG SA 54 -42.12 -63.47 -24.71
CA ARG SA 54 -41.47 -63.82 -25.96
C ARG SA 54 -40.83 -62.58 -26.56
N ASN SA 55 -39.55 -62.70 -26.90
CA ASN SA 55 -38.81 -61.67 -27.62
C ASN SA 55 -38.76 -62.10 -29.09
N ALA SA 56 -39.41 -61.31 -29.94
CA ALA SA 56 -39.54 -61.65 -31.36
C ALA SA 56 -38.28 -61.31 -32.15
N ALA SA 57 -37.48 -60.36 -31.64
CA ALA SA 57 -36.22 -60.03 -32.29
C ALA SA 57 -35.31 -61.25 -32.35
N SER SA 58 -35.06 -61.87 -31.20
CA SER SA 58 -34.20 -63.04 -31.13
C SER SA 58 -34.92 -64.34 -31.49
N LYS SA 59 -36.20 -64.27 -31.83
CA LYS SA 59 -37.03 -65.44 -32.05
C LYS SA 59 -36.87 -66.42 -30.89
N SER SA 60 -37.17 -65.94 -29.69
CA SER SA 60 -36.90 -66.74 -28.51
C SER SA 60 -37.83 -66.32 -27.38
N VAL SA 61 -37.81 -67.10 -26.31
CA VAL SA 61 -38.61 -66.86 -25.12
C VAL SA 61 -37.66 -66.54 -23.97
N LYS SA 62 -37.97 -65.50 -23.19
CA LYS SA 62 -37.21 -65.17 -22.00
C LYS SA 62 -38.03 -65.48 -20.76
N VAL SA 63 -37.36 -65.95 -19.71
CA VAL SA 63 -37.97 -66.25 -18.43
C VAL SA 63 -37.17 -65.54 -17.34
N LYS SA 64 -37.79 -64.58 -16.67
CA LYS SA 64 -37.14 -63.80 -15.63
C LYS SA 64 -37.81 -64.08 -14.29
N VAL SA 65 -37.00 -64.42 -13.29
CA VAL SA 65 -37.45 -64.68 -11.94
C VAL SA 65 -36.63 -63.83 -10.99
N ALA SA 66 -37.26 -63.32 -9.94
CA ALA SA 66 -36.59 -62.52 -8.93
C ALA SA 66 -37.11 -62.88 -7.55
N ILE SA 67 -36.18 -63.00 -6.60
CA ILE SA 67 -36.53 -63.27 -5.21
C ILE SA 67 -35.91 -62.18 -4.35
N TYR SA 68 -36.75 -61.40 -3.67
CA TYR SA 68 -36.31 -60.31 -2.80
C TYR SA 68 -36.55 -60.72 -1.35
N ASP SA 69 -35.46 -60.83 -0.57
CA ASP SA 69 -35.52 -61.13 0.87
C ASP SA 69 -35.07 -59.90 1.65
N PRO SA 70 -35.99 -59.11 2.22
CA PRO SA 70 -35.57 -57.91 2.97
C PRO SA 70 -35.41 -58.19 4.46
N THR SA 71 -34.45 -57.54 5.11
CA THR SA 71 -34.31 -57.61 6.56
C THR SA 71 -34.58 -56.22 7.14
N LEU SA 72 -35.40 -56.15 8.18
CA LEU SA 72 -35.76 -54.85 8.74
C LEU SA 72 -34.66 -54.34 9.65
N ALA SA 73 -34.67 -53.03 9.88
CA ALA SA 73 -33.68 -52.40 10.73
C ALA SA 73 -34.16 -52.37 12.18
N VAL SA 74 -33.19 -52.29 13.09
CA VAL SA 74 -33.48 -52.27 14.52
C VAL SA 74 -33.93 -50.87 14.91
N THR SA 75 -35.16 -50.77 15.43
CA THR SA 75 -35.75 -49.49 15.75
C THR SA 75 -35.65 -49.19 17.24
N ALA SA 76 -35.97 -47.94 17.59
CA ALA SA 76 -35.93 -47.45 18.95
C ALA SA 76 -37.24 -46.77 19.28
N PRO SA 77 -37.71 -46.86 20.53
CA PRO SA 77 -39.01 -46.27 20.88
C PRO SA 77 -39.05 -44.75 20.73
N SER SA 78 -37.96 -44.07 21.07
CA SER SA 78 -37.90 -42.61 21.01
C SER SA 78 -37.16 -42.20 19.75
N THR SA 79 -37.91 -41.65 18.80
CA THR SA 79 -37.33 -41.03 17.62
C THR SA 79 -37.22 -39.53 17.85
N ALA SA 80 -36.19 -38.92 17.28
CA ALA SA 80 -36.01 -37.49 17.47
C ALA SA 80 -37.16 -36.70 16.89
N SER SA 81 -37.57 -35.66 17.61
CA SER SA 81 -38.54 -34.69 17.13
C SER SA 81 -39.75 -35.39 16.53
N GLY SA 82 -40.31 -36.31 17.29
CA GLY SA 82 -41.56 -36.82 16.79
C GLY SA 82 -41.84 -38.22 17.29
N ILE SA 83 -42.38 -39.00 16.37
CA ILE SA 83 -43.14 -40.20 16.71
C ILE SA 83 -42.24 -41.43 16.63
N GLN SA 84 -42.65 -42.47 17.36
CA GLN SA 84 -42.00 -43.77 17.25
C GLN SA 84 -42.04 -44.25 15.79
N PRO SA 85 -40.92 -44.76 15.26
CA PRO SA 85 -40.83 -44.92 13.81
C PRO SA 85 -41.53 -46.18 13.33
N SER SA 86 -42.07 -46.09 12.12
CA SER SA 86 -42.64 -47.26 11.48
C SER SA 86 -41.50 -48.17 11.00
N PRO SA 87 -41.75 -49.48 10.89
CA PRO SA 87 -40.65 -50.41 10.56
C PRO SA 87 -40.15 -50.14 9.16
N THR SA 88 -38.84 -50.07 9.01
CA THR SA 88 -38.21 -49.74 7.74
C THR SA 88 -37.21 -50.84 7.35
N VAL SA 89 -36.94 -50.91 6.05
CA VAL SA 89 -36.01 -51.90 5.52
C VAL SA 89 -34.59 -51.36 5.65
N ALA SA 90 -33.71 -52.16 6.25
CA ALA SA 90 -32.31 -51.78 6.34
C ALA SA 90 -31.55 -52.18 5.08
N PHE SA 91 -31.81 -53.39 4.59
CA PHE SA 91 -31.26 -53.84 3.32
C PHE SA 91 -32.08 -55.03 2.84
N THR SA 92 -31.77 -55.47 1.63
CA THR SA 92 -32.51 -56.55 1.00
C THR SA 92 -31.55 -57.35 0.13
N CYS SA 93 -31.71 -58.68 0.12
CA CYS SA 93 -30.88 -59.58 -0.67
C CYS SA 93 -31.69 -60.10 -1.84
N PRO SA 94 -31.37 -59.70 -3.07
CA PRO SA 94 -32.03 -60.27 -4.24
C PRO SA 94 -31.25 -61.36 -4.96
N VAL SA 95 -32.03 -62.28 -5.53
CA VAL SA 95 -31.61 -63.15 -6.63
C VAL SA 95 -32.35 -62.72 -7.88
N PHE SA 96 -31.62 -62.68 -9.00
CA PHE SA 96 -32.21 -62.61 -10.32
C PHE SA 96 -31.80 -63.85 -11.11
N ILE SA 97 -32.75 -64.42 -11.85
CA ILE SA 97 -32.52 -65.60 -12.68
C ILE SA 97 -33.14 -65.35 -14.04
N GLU SA 98 -32.36 -65.55 -15.10
CA GLU SA 98 -32.86 -65.37 -16.46
C GLU SA 98 -32.50 -66.58 -17.30
N PHE SA 99 -33.52 -67.29 -17.78
CA PHE SA 99 -33.37 -68.32 -18.80
C PHE SA 99 -33.71 -67.72 -20.15
N THR SA 100 -32.97 -68.11 -21.19
CA THR SA 100 -33.47 -67.82 -22.54
C THR SA 100 -33.51 -69.10 -23.36
N LEU SA 101 -34.59 -69.27 -24.11
CA LEU SA 101 -34.89 -70.50 -24.84
C LEU SA 101 -35.27 -70.18 -26.27
N PRO SA 102 -34.46 -70.57 -27.26
CA PRO SA 102 -34.78 -70.25 -28.65
C PRO SA 102 -36.01 -71.03 -29.11
N ASP SA 103 -36.57 -70.57 -30.22
CA ASP SA 103 -37.80 -71.18 -30.72
C ASP SA 103 -37.57 -72.59 -31.23
N ALA SA 104 -36.36 -72.88 -31.70
CA ALA SA 104 -36.06 -74.18 -32.27
C ALA SA 104 -35.60 -75.21 -31.24
N CYS SA 105 -35.87 -74.98 -29.96
CA CYS SA 105 -35.28 -75.81 -28.91
C CYS SA 105 -36.20 -76.96 -28.51
N THR SA 106 -35.60 -77.98 -27.90
CA THR SA 106 -36.32 -79.19 -27.51
C THR SA 106 -36.80 -79.09 -26.07
N ILE SA 107 -37.91 -79.79 -25.81
CA ILE SA 107 -38.35 -80.01 -24.43
C ILE SA 107 -37.23 -80.61 -23.61
N GLN SA 108 -36.43 -81.48 -24.23
CA GLN SA 108 -35.28 -82.05 -23.55
C GLN SA 108 -34.25 -80.98 -23.21
N ASN SA 109 -34.03 -80.02 -24.12
CA ASN SA 109 -33.08 -78.95 -23.83
C ASN SA 109 -33.56 -78.09 -22.67
N ARG SA 110 -34.86 -77.78 -22.63
CA ARG SA 110 -35.38 -76.98 -21.52
C ARG SA 110 -35.22 -77.70 -20.19
N LYS SA 111 -35.56 -78.99 -20.15
CA LYS SA 111 -35.37 -79.75 -18.92
C LYS SA 111 -33.90 -79.80 -18.52
N ASP SA 112 -33.01 -80.00 -19.50
CA ASP SA 112 -31.58 -79.97 -19.25
C ASP SA 112 -31.17 -78.67 -18.57
N ILE SA 113 -31.53 -77.53 -19.15
CA ILE SA 113 -31.02 -76.25 -18.66
C ILE SA 113 -31.54 -75.98 -17.26
N LEU SA 114 -32.82 -76.26 -17.01
CA LEU SA 114 -33.38 -76.02 -15.69
C LEU SA 114 -32.73 -76.92 -14.65
N ALA SA 115 -32.49 -78.19 -14.99
CA ALA SA 115 -31.87 -79.09 -14.03
C ALA SA 115 -30.43 -78.67 -13.75
N TYR SA 116 -29.72 -78.20 -14.77
CA TYR SA 116 -28.37 -77.69 -14.54
C TYR SA 116 -28.40 -76.55 -13.53
N ALA SA 117 -29.34 -75.63 -13.70
CA ALA SA 117 -29.45 -74.51 -12.77
C ALA SA 117 -29.73 -74.99 -11.34
N LYS SA 118 -30.76 -75.83 -11.17
CA LYS SA 118 -31.14 -76.23 -9.80
C LYS SA 118 -30.03 -77.05 -9.13
N ASN SA 119 -29.40 -77.97 -9.88
CA ASN SA 119 -28.36 -78.80 -9.30
C ASN SA 119 -27.13 -77.97 -8.94
N PHE SA 120 -26.78 -76.99 -9.78
CA PHE SA 120 -25.68 -76.11 -9.40
C PHE SA 120 -26.01 -75.35 -8.13
N LEU SA 121 -27.19 -74.74 -8.06
CA LEU SA 121 -27.54 -73.96 -6.87
C LEU SA 121 -27.55 -74.80 -5.61
N ALA SA 122 -27.89 -76.08 -5.73
CA ALA SA 122 -27.71 -76.98 -4.59
C ALA SA 122 -26.24 -77.24 -4.29
N SER SA 123 -25.39 -77.23 -5.33
CA SER SA 123 -24.02 -77.71 -5.18
C SER SA 123 -23.22 -76.89 -4.16
N ALA SA 124 -22.27 -77.58 -3.53
CA ALA SA 124 -21.45 -76.94 -2.51
C ALA SA 124 -20.61 -75.81 -3.08
N THR SA 125 -20.26 -75.85 -4.37
CA THR SA 125 -19.53 -74.74 -4.96
C THR SA 125 -20.40 -73.49 -5.06
N ALA SA 126 -21.69 -73.64 -5.38
CA ALA SA 126 -22.58 -72.50 -5.28
C ALA SA 126 -22.73 -72.04 -3.83
N THR SA 127 -22.76 -72.99 -2.88
CA THR SA 127 -22.84 -72.59 -1.48
C THR SA 127 -21.60 -71.80 -1.07
N ASP SA 128 -20.40 -72.32 -1.38
CA ASP SA 128 -19.16 -71.58 -1.18
C ASP SA 128 -19.26 -70.21 -1.83
N LEU SA 129 -19.82 -70.15 -3.04
CA LEU SA 129 -19.83 -68.92 -3.82
C LEU SA 129 -20.67 -67.83 -3.17
N VAL SA 130 -21.85 -68.17 -2.64
CA VAL SA 130 -22.77 -67.15 -2.16
C VAL SA 130 -22.67 -66.96 -0.64
N VAL SA 131 -22.67 -68.06 0.12
CA VAL SA 131 -22.66 -67.96 1.57
C VAL SA 131 -21.32 -67.46 2.10
N ASN SA 132 -20.22 -67.93 1.53
CA ASN SA 132 -18.91 -67.46 1.96
C ASN SA 132 -18.40 -66.28 1.13
N THR SA 133 -19.13 -65.89 0.08
CA THR SA 133 -18.75 -64.79 -0.81
C THR SA 133 -17.32 -64.97 -1.32
N ALA SA 134 -16.95 -66.22 -1.60
CA ALA SA 134 -15.57 -66.49 -1.94
C ALA SA 134 -15.41 -66.82 -3.43
N PRO SA 135 -14.33 -66.36 -4.06
CA PRO SA 135 -14.04 -66.77 -5.44
C PRO SA 135 -13.68 -68.24 -5.56
N GLN SA 136 -13.29 -68.68 -6.76
CA GLN SA 136 -12.82 -70.04 -6.98
C GLN SA 136 -11.35 -70.00 -7.40
N TYR SA 137 -10.46 -70.28 -6.44
CA TYR SA 137 -9.03 -69.97 -6.56
C TYR SA 137 -8.30 -71.08 -7.32
N GLN TA 1 -84.46 -40.03 11.48
CA GLN TA 1 -83.87 -39.06 12.41
C GLN TA 1 -82.49 -39.52 12.90
N ILE TA 2 -81.62 -38.58 13.30
CA ILE TA 2 -80.25 -38.94 13.63
C ILE TA 2 -80.17 -39.47 15.05
N ALA TA 3 -79.32 -40.48 15.23
CA ALA TA 3 -79.06 -41.13 16.50
C ALA TA 3 -77.76 -41.90 16.32
N ASN TA 4 -77.02 -42.06 17.42
CA ASN TA 4 -75.69 -42.66 17.34
C ASN TA 4 -75.76 -44.07 16.77
N VAL TA 5 -74.65 -44.52 16.19
CA VAL TA 5 -74.56 -45.83 15.56
C VAL TA 5 -73.46 -46.62 16.22
N VAL TA 6 -73.68 -47.92 16.41
CA VAL TA 6 -72.80 -48.76 17.21
C VAL TA 6 -72.26 -49.87 16.32
N LEU TA 7 -70.97 -49.84 16.04
CA LEU TA 7 -70.35 -50.82 15.17
C LEU TA 7 -69.30 -51.62 15.95
N ALA TA 8 -69.18 -52.90 15.64
CA ALA TA 8 -68.32 -53.82 16.39
C ALA TA 8 -67.00 -54.00 15.65
N ASP TA 9 -65.89 -53.73 16.34
CA ASP TA 9 -64.59 -53.92 15.72
C ASP TA 9 -64.25 -55.40 15.62
N GLY TA 10 -63.29 -55.71 14.77
CA GLY TA 10 -62.87 -57.08 14.55
C GLY TA 10 -61.80 -57.51 15.53
N GLN TA 11 -62.11 -58.50 16.36
CA GLN TA 11 -61.15 -59.01 17.33
C GLN TA 11 -61.56 -60.42 17.74
N ALA TA 12 -60.80 -60.95 18.71
CA ALA TA 12 -61.24 -62.10 19.48
C ALA TA 12 -62.66 -61.91 20.00
N ALA TA 13 -62.83 -60.91 20.85
CA ALA TA 13 -64.14 -60.52 21.38
C ALA TA 13 -64.35 -59.11 20.87
N PRO TA 14 -65.29 -58.91 19.97
CA PRO TA 14 -65.45 -57.59 19.38
C PRO TA 14 -66.02 -56.61 20.39
N ALA TA 15 -65.58 -55.37 20.28
CA ALA TA 15 -66.02 -54.27 21.13
C ALA TA 15 -66.91 -53.35 20.34
N ASP TA 16 -67.99 -52.92 20.97
CA ASP TA 16 -68.90 -51.93 20.42
C ASP TA 16 -68.26 -50.54 20.48
N LYS TA 17 -67.93 -49.98 19.32
CA LYS TA 17 -67.51 -48.59 19.21
C LYS TA 17 -68.75 -47.77 18.84
N THR TA 18 -69.07 -46.78 19.66
CA THR TA 18 -70.28 -45.99 19.49
C THR TA 18 -69.91 -44.66 18.85
N PHE TA 19 -70.47 -44.37 17.68
CA PHE TA 19 -70.34 -43.09 17.01
C PHE TA 19 -71.54 -42.24 17.46
N GLU TA 20 -71.27 -41.30 18.38
CA GLU TA 20 -72.27 -40.31 18.76
C GLU TA 20 -72.51 -39.32 17.62
N PRO TA 21 -73.76 -38.90 17.38
CA PRO TA 21 -73.98 -37.90 16.32
C PRO TA 21 -73.34 -36.58 16.73
N GLN TA 22 -72.52 -36.04 15.83
CA GLN TA 22 -71.91 -34.75 16.05
C GLN TA 22 -72.35 -33.71 15.04
N ARG TA 23 -72.83 -34.13 13.88
CA ARG TA 23 -73.50 -33.20 12.97
C ARG TA 23 -74.53 -33.95 12.12
N GLY TA 24 -75.76 -33.42 12.09
CA GLY TA 24 -76.79 -34.01 11.27
C GLY TA 24 -76.82 -33.44 9.85
N GLN TA 25 -77.56 -34.13 8.98
CA GLN TA 25 -77.78 -33.69 7.59
C GLN TA 25 -79.19 -33.13 7.48
N ASN TA 26 -79.32 -31.83 7.28
CA ASN TA 26 -80.62 -31.24 6.98
C ASN TA 26 -80.70 -30.71 5.55
N GLY TA 27 -79.59 -30.75 4.82
CA GLY TA 27 -79.54 -30.24 3.46
C GLY TA 27 -78.89 -31.25 2.55
N VAL TA 28 -78.95 -30.97 1.24
CA VAL TA 28 -78.43 -31.89 0.23
C VAL TA 28 -76.92 -31.74 0.04
N THR TA 29 -76.39 -30.55 0.31
CA THR TA 29 -74.99 -30.32 0.01
C THR TA 29 -74.06 -31.17 0.89
N ASP TA 30 -74.21 -31.09 2.23
CA ASP TA 30 -73.24 -31.61 3.20
C ASP TA 30 -73.75 -32.85 3.95
N PRO TA 31 -72.97 -33.93 3.98
CA PRO TA 31 -73.44 -35.17 4.62
C PRO TA 31 -73.48 -35.07 6.13
N ALA TA 32 -74.21 -36.03 6.72
CA ALA TA 32 -74.28 -36.18 8.17
C ALA TA 32 -73.04 -36.92 8.67
N GLU TA 33 -72.67 -36.64 9.93
CA GLU TA 33 -71.39 -37.09 10.47
C GLU TA 33 -71.57 -37.56 11.91
N TRP TA 34 -70.88 -38.64 12.25
CA TRP TA 34 -70.85 -39.24 13.58
C TRP TA 34 -69.40 -39.37 14.02
N TRP TA 35 -69.18 -39.09 15.31
CA TRP TA 35 -67.84 -39.05 15.91
C TRP TA 35 -67.74 -40.06 17.04
N GLU TA 36 -66.60 -40.76 17.14
CA GLU TA 36 -66.50 -41.85 18.09
C GLU TA 36 -66.11 -41.39 19.49
N LYS TA 37 -65.13 -40.50 19.59
CA LYS TA 37 -64.68 -39.93 20.87
C LYS TA 37 -64.02 -40.96 21.78
N SER TA 38 -63.46 -42.03 21.21
CA SER TA 38 -62.68 -42.95 22.04
C SER TA 38 -61.40 -42.28 22.55
N SER TA 39 -60.54 -41.83 21.63
CA SER TA 39 -59.33 -41.10 22.00
C SER TA 39 -59.71 -39.78 22.68
N PRO TA 40 -58.75 -39.15 23.40
CA PRO TA 40 -59.07 -37.88 24.07
C PRO TA 40 -59.10 -36.65 23.18
N THR TA 41 -58.36 -36.65 22.07
CA THR TA 41 -58.26 -35.50 21.19
C THR TA 41 -59.07 -35.72 19.91
N LEU TA 42 -59.39 -34.61 19.23
CA LEU TA 42 -60.24 -34.67 18.05
C LEU TA 42 -59.64 -35.53 16.96
N ASN TA 43 -58.30 -35.59 16.87
CA ASN TA 43 -57.66 -36.34 15.80
C ASN TA 43 -57.92 -37.84 15.91
N GLY TA 44 -58.08 -38.35 17.13
CA GLY TA 44 -58.27 -39.76 17.36
C GLY TA 44 -59.68 -40.26 17.25
N TYR TA 45 -60.63 -39.41 16.89
CA TYR TA 45 -62.00 -39.84 16.73
C TYR TA 45 -62.13 -40.67 15.46
N ARG TA 46 -62.96 -41.71 15.52
CA ARG TA 46 -63.37 -42.41 14.32
C ARG TA 46 -64.60 -41.72 13.75
N ARG TA 47 -64.68 -41.64 12.43
CA ARG TA 47 -65.72 -40.86 11.77
C ARG TA 47 -66.62 -41.73 10.90
N LEU TA 48 -67.89 -41.31 10.80
CA LEU TA 48 -68.85 -41.92 9.91
C LEU TA 48 -69.68 -40.83 9.23
N THR TA 49 -69.61 -40.75 7.89
CA THR TA 49 -70.38 -39.78 7.12
C THR TA 49 -71.40 -40.49 6.24
N ALA TA 50 -72.57 -39.85 6.08
CA ALA TA 50 -73.68 -40.44 5.34
C ALA TA 50 -74.53 -39.34 4.70
N LEU TA 51 -74.65 -39.40 3.38
CA LEU TA 51 -75.39 -38.44 2.58
C LEU TA 51 -76.37 -39.17 1.68
N VAL TA 52 -77.65 -38.86 1.82
CA VAL TA 52 -78.68 -39.29 0.87
C VAL TA 52 -79.11 -38.06 0.09
N ARG TA 53 -79.01 -38.15 -1.24
CA ARG TA 53 -79.15 -36.98 -2.11
C ARG TA 53 -79.90 -37.38 -3.36
N ARG TA 54 -80.98 -36.67 -3.67
CA ARG TA 54 -81.72 -36.94 -4.89
C ARG TA 54 -81.01 -36.27 -6.05
N ASN TA 55 -80.61 -37.06 -7.05
CA ASN TA 55 -80.02 -36.55 -8.28
C ASN TA 55 -81.12 -36.53 -9.34
N ALA TA 56 -81.57 -35.33 -9.69
CA ALA TA 56 -82.66 -35.19 -10.65
C ALA TA 56 -82.21 -35.51 -12.08
N ALA TA 57 -80.91 -35.43 -12.34
CA ALA TA 57 -80.41 -35.69 -13.70
C ALA TA 57 -80.66 -37.14 -14.10
N SER TA 58 -80.20 -38.09 -13.29
CA SER TA 58 -80.42 -39.51 -13.53
C SER TA 58 -81.77 -39.99 -13.01
N LYS TA 59 -82.62 -39.08 -12.52
CA LYS TA 59 -83.86 -39.42 -11.84
C LYS TA 59 -83.60 -40.55 -10.85
N SER TA 60 -82.71 -40.27 -9.90
CA SER TA 60 -82.23 -41.31 -9.01
C SER TA 60 -81.93 -40.70 -7.64
N VAL TA 61 -81.47 -41.56 -6.73
CA VAL TA 61 -81.12 -41.16 -5.38
C VAL TA 61 -79.82 -41.83 -5.01
N LYS TA 62 -78.78 -41.05 -4.72
CA LYS TA 62 -77.50 -41.58 -4.31
C LYS TA 62 -77.40 -41.60 -2.78
N VAL TA 63 -76.68 -42.60 -2.27
CA VAL TA 63 -76.40 -42.74 -0.85
C VAL TA 63 -74.91 -43.00 -0.72
N LYS TA 64 -74.19 -42.06 -0.13
CA LYS TA 64 -72.75 -42.16 0.09
C LYS TA 64 -72.45 -42.29 1.57
N VAL TA 65 -71.74 -43.35 1.93
CA VAL TA 65 -71.34 -43.62 3.30
C VAL TA 65 -69.83 -43.77 3.35
N ALA TA 66 -69.21 -43.21 4.38
CA ALA TA 66 -67.77 -43.29 4.56
C ALA TA 66 -67.46 -43.56 6.02
N ILE TA 67 -66.49 -44.46 6.25
CA ILE TA 67 -66.03 -44.79 7.59
C ILE TA 67 -64.53 -44.57 7.65
N TYR TA 68 -64.09 -43.61 8.46
CA TYR TA 68 -62.68 -43.30 8.63
C TYR TA 68 -62.20 -43.81 9.98
N ASP TA 69 -61.27 -44.77 9.95
CA ASP TA 69 -60.63 -45.29 11.17
C ASP TA 69 -59.18 -44.83 11.20
N PRO TA 70 -58.84 -43.82 12.00
CA PRO TA 70 -57.45 -43.38 12.06
C PRO TA 70 -56.65 -44.16 13.10
N THR TA 71 -55.38 -44.40 12.80
CA THR TA 71 -54.48 -45.00 13.77
C THR TA 71 -53.50 -43.90 14.21
N LEU TA 72 -53.68 -43.43 15.44
CA LEU TA 72 -52.85 -42.33 15.93
C LEU TA 72 -51.39 -42.76 15.97
N ALA TA 73 -50.52 -41.89 15.48
CA ALA TA 73 -49.09 -42.17 15.59
C ALA TA 73 -48.69 -42.21 17.05
N VAL TA 74 -47.86 -43.20 17.40
CA VAL TA 74 -47.22 -43.23 18.70
C VAL TA 74 -46.39 -41.97 18.89
N THR TA 75 -46.76 -41.15 19.85
CA THR TA 75 -46.10 -39.86 20.10
C THR TA 75 -45.30 -39.97 21.38
N ALA TA 76 -43.97 -39.92 21.26
CA ALA TA 76 -43.01 -39.92 22.35
C ALA TA 76 -42.48 -38.50 22.59
N PRO TA 77 -42.10 -38.18 23.83
CA PRO TA 77 -41.55 -36.84 24.09
C PRO TA 77 -40.31 -36.59 23.26
N SER TA 78 -40.25 -35.38 22.69
CA SER TA 78 -39.24 -35.06 21.68
C SER TA 78 -37.85 -35.43 22.18
N THR TA 79 -37.08 -36.02 21.28
CA THR TA 79 -35.68 -36.26 21.56
C THR TA 79 -34.87 -34.99 21.42
N ALA TA 80 -35.34 -34.06 20.58
CA ALA TA 80 -34.67 -32.79 20.38
C ALA TA 80 -35.26 -31.66 21.22
N SER TA 81 -36.57 -31.46 21.15
CA SER TA 81 -37.17 -30.38 21.92
C SER TA 81 -37.40 -30.77 23.38
N GLY TA 82 -37.34 -32.06 23.71
CA GLY TA 82 -37.77 -32.51 25.01
C GLY TA 82 -39.24 -32.31 25.28
N ILE TA 83 -40.03 -31.99 24.24
CA ILE TA 83 -41.40 -31.53 24.38
C ILE TA 83 -42.28 -32.42 23.51
N GLN TA 84 -43.06 -33.30 24.13
CA GLN TA 84 -43.90 -34.22 23.39
C GLN TA 84 -44.87 -33.47 22.49
N PRO TA 85 -44.92 -33.78 21.19
CA PRO TA 85 -45.82 -33.05 20.30
C PRO TA 85 -47.26 -33.44 20.53
N SER TA 86 -48.16 -32.51 20.22
CA SER TA 86 -49.59 -32.75 20.25
C SER TA 86 -49.88 -33.98 19.39
N PRO TA 87 -50.87 -34.80 19.76
CA PRO TA 87 -51.05 -36.09 19.07
C PRO TA 87 -51.46 -35.88 17.62
N THR TA 88 -50.83 -36.67 16.74
CA THR TA 88 -51.02 -36.59 15.30
C THR TA 88 -51.50 -37.94 14.76
N VAL TA 89 -51.93 -37.94 13.50
CA VAL TA 89 -52.44 -39.13 12.83
C VAL TA 89 -51.38 -39.62 11.85
N ALA TA 90 -50.94 -40.88 12.03
CA ALA TA 90 -49.93 -41.45 11.15
C ALA TA 90 -50.53 -41.94 9.84
N PHE TA 91 -51.73 -42.52 9.89
CA PHE TA 91 -52.46 -42.89 8.69
C PHE TA 91 -53.90 -43.19 9.08
N THR TA 92 -54.74 -43.36 8.07
CA THR TA 92 -56.15 -43.59 8.27
C THR TA 92 -56.65 -44.61 7.25
N CYS TA 93 -57.54 -45.50 7.68
CA CYS TA 93 -58.13 -46.51 6.81
C CYS TA 93 -59.57 -46.11 6.51
N PRO TA 94 -59.88 -45.74 5.28
CA PRO TA 94 -61.28 -45.47 4.93
C PRO TA 94 -61.98 -46.61 4.21
N VAL TA 95 -63.30 -46.65 4.41
CA VAL TA 95 -64.23 -47.34 3.54
C VAL TA 95 -65.14 -46.31 2.91
N PHE TA 96 -65.38 -46.46 1.62
CA PHE TA 96 -66.37 -45.69 0.89
C PHE TA 96 -67.39 -46.66 0.29
N ILE TA 97 -68.67 -46.38 0.51
CA ILE TA 97 -69.76 -47.18 -0.02
C ILE TA 97 -70.74 -46.26 -0.71
N GLU TA 98 -71.11 -46.59 -1.95
CA GLU TA 98 -72.07 -45.81 -2.72
C GLU TA 98 -73.17 -46.73 -3.24
N PHE TA 99 -74.41 -46.46 -2.85
CA PHE TA 99 -75.58 -47.08 -3.45
C PHE TA 99 -76.22 -46.06 -4.38
N THR TA 100 -76.73 -46.54 -5.52
CA THR TA 100 -77.61 -45.67 -6.30
C THR TA 100 -78.95 -46.37 -6.53
N LEU TA 101 -80.04 -45.62 -6.36
CA LEU TA 101 -81.39 -46.17 -6.41
C LEU TA 101 -82.23 -45.35 -7.38
N PRO TA 102 -82.58 -45.89 -8.53
CA PRO TA 102 -83.34 -45.11 -9.53
C PRO TA 102 -84.73 -44.76 -9.02
N ASP TA 103 -85.37 -43.82 -9.72
CA ASP TA 103 -86.68 -43.36 -9.30
C ASP TA 103 -87.74 -44.45 -9.43
N ALA TA 104 -87.52 -45.43 -10.32
CA ALA TA 104 -88.47 -46.50 -10.55
C ALA TA 104 -88.18 -47.74 -9.70
N CYS TA 105 -87.50 -47.57 -8.58
CA CYS TA 105 -86.89 -48.68 -7.84
C CYS TA 105 -87.84 -49.26 -6.79
N THR TA 106 -88.01 -50.58 -6.82
CA THR TA 106 -88.87 -51.24 -5.85
C THR TA 106 -88.25 -51.26 -4.46
N ILE TA 107 -89.11 -51.22 -3.45
CA ILE TA 107 -88.67 -51.42 -2.08
C ILE TA 107 -87.94 -52.75 -1.96
N GLN TA 108 -88.44 -53.76 -2.66
CA GLN TA 108 -87.81 -55.07 -2.64
C GLN TA 108 -86.42 -55.02 -3.27
N ASN TA 109 -86.25 -54.24 -4.35
CA ASN TA 109 -84.93 -54.12 -4.96
C ASN TA 109 -83.95 -53.44 -4.01
N ARG TA 110 -84.41 -52.43 -3.26
CA ARG TA 110 -83.54 -51.76 -2.30
C ARG TA 110 -83.09 -52.73 -1.20
N LYS TA 111 -84.05 -53.47 -0.65
CA LYS TA 111 -83.70 -54.51 0.32
C LYS TA 111 -82.69 -55.49 -0.27
N ASP TA 112 -82.94 -55.92 -1.51
CA ASP TA 112 -82.03 -56.84 -2.20
C ASP TA 112 -80.61 -56.31 -2.22
N ILE TA 113 -80.44 -55.07 -2.69
CA ILE TA 113 -79.09 -54.55 -2.93
C ILE TA 113 -78.36 -54.34 -1.60
N LEU TA 114 -79.05 -53.83 -0.58
CA LEU TA 114 -78.40 -53.69 0.72
C LEU TA 114 -78.03 -55.05 1.29
N ALA TA 115 -78.87 -56.07 1.05
CA ALA TA 115 -78.57 -57.41 1.54
C ALA TA 115 -77.34 -57.99 0.85
N TYR TA 116 -77.25 -57.83 -0.48
CA TYR TA 116 -76.07 -58.32 -1.19
C TYR TA 116 -74.81 -57.67 -0.64
N ALA TA 117 -74.86 -56.35 -0.41
CA ALA TA 117 -73.70 -55.65 0.13
C ALA TA 117 -73.31 -56.20 1.49
N LYS TA 118 -74.26 -56.26 2.44
CA LYS TA 118 -73.89 -56.66 3.79
C LYS TA 118 -73.43 -58.11 3.85
N ASN TA 119 -74.12 -59.01 3.13
CA ASN TA 119 -73.75 -60.42 3.16
C ASN TA 119 -72.41 -60.66 2.48
N PHE TA 120 -72.12 -59.93 1.40
CA PHE TA 120 -70.79 -60.06 0.81
C PHE TA 120 -69.71 -59.57 1.77
N LEU TA 121 -69.91 -58.41 2.42
CA LEU TA 121 -68.89 -57.91 3.32
C LEU TA 121 -68.67 -58.87 4.49
N ALA TA 122 -69.72 -59.54 4.95
CA ALA TA 122 -69.53 -60.60 5.93
C ALA TA 122 -68.79 -61.79 5.33
N SER TA 123 -68.90 -62.00 4.01
CA SER TA 123 -68.43 -63.24 3.39
C SER TA 123 -66.91 -63.42 3.51
N ALA TA 124 -66.52 -64.69 3.56
CA ALA TA 124 -65.12 -65.05 3.71
C ALA TA 124 -64.29 -64.62 2.52
N THR TA 125 -64.90 -64.47 1.34
CA THR TA 125 -64.16 -63.94 0.20
C THR TA 125 -63.83 -62.47 0.41
N ALA TA 126 -64.75 -61.70 0.97
CA ALA TA 126 -64.43 -60.33 1.36
C ALA TA 126 -63.33 -60.31 2.42
N THR TA 127 -63.34 -61.27 3.34
CA THR TA 127 -62.25 -61.31 4.33
C THR TA 127 -60.91 -61.60 3.65
N ASP TA 128 -60.84 -62.64 2.81
CA ASP TA 128 -59.65 -62.92 2.01
C ASP TA 128 -59.22 -61.70 1.21
N LEU TA 129 -60.19 -60.87 0.80
CA LEU TA 129 -59.93 -59.75 -0.09
C LEU TA 129 -59.28 -58.57 0.65
N VAL TA 130 -59.83 -58.21 1.80
CA VAL TA 130 -59.39 -56.99 2.50
C VAL TA 130 -58.42 -57.30 3.64
N VAL TA 131 -58.74 -58.31 4.47
CA VAL TA 131 -57.91 -58.60 5.63
C VAL TA 131 -56.56 -59.18 5.20
N ASN TA 132 -56.58 -60.10 4.24
CA ASN TA 132 -55.34 -60.67 3.71
C ASN TA 132 -54.82 -59.91 2.50
N THR TA 133 -55.51 -58.86 2.06
CA THR TA 133 -55.14 -58.06 0.89
C THR TA 133 -54.80 -58.98 -0.28
N ALA TA 134 -55.64 -59.98 -0.50
CA ALA TA 134 -55.37 -60.95 -1.54
C ALA TA 134 -56.43 -60.88 -2.62
N PRO TA 135 -56.04 -60.97 -3.88
CA PRO TA 135 -57.00 -61.01 -4.98
C PRO TA 135 -57.54 -62.42 -5.20
N GLN TA 136 -58.35 -62.55 -6.25
CA GLN TA 136 -58.97 -63.81 -6.62
C GLN TA 136 -58.35 -64.26 -7.95
N TYR TA 137 -57.37 -65.16 -7.87
CA TYR TA 137 -56.46 -65.43 -8.98
C TYR TA 137 -56.84 -66.59 -9.91
N GLN UA 1 -90.41 -30.12 17.03
CA GLN UA 1 -89.44 -29.61 16.08
C GLN UA 1 -90.00 -29.61 14.66
N ILE UA 2 -89.79 -30.74 13.97
CA ILE UA 2 -90.43 -31.10 12.72
C ILE UA 2 -91.22 -32.37 12.94
N ALA UA 3 -92.45 -32.39 12.43
CA ALA UA 3 -93.33 -33.54 12.61
C ALA UA 3 -94.00 -33.84 11.29
N ASN UA 4 -94.24 -35.13 11.07
CA ASN UA 4 -94.91 -35.54 9.84
C ASN UA 4 -96.28 -34.89 9.75
N VAL UA 5 -96.82 -34.80 8.53
CA VAL UA 5 -98.04 -34.06 8.29
C VAL UA 5 -99.03 -34.93 7.53
N VAL UA 6 -100.28 -34.95 7.97
CA VAL UA 6 -101.28 -35.83 7.37
C VAL UA 6 -102.34 -34.98 6.69
N LEU UA 7 -102.56 -35.21 5.41
CA LEU UA 7 -103.52 -34.47 4.61
C LEU UA 7 -104.60 -35.40 4.07
N ALA UA 8 -105.82 -34.88 3.97
CA ALA UA 8 -106.95 -35.67 3.51
C ALA UA 8 -107.10 -35.53 2.00
N ASP UA 9 -107.08 -36.66 1.29
CA ASP UA 9 -107.24 -36.59 -0.16
C ASP UA 9 -108.71 -36.38 -0.52
N GLY UA 10 -108.94 -36.10 -1.79
CA GLY UA 10 -110.28 -35.89 -2.29
C GLY UA 10 -110.91 -37.20 -2.71
N GLN UA 11 -111.95 -37.60 -2.01
CA GLN UA 11 -112.71 -38.81 -2.33
C GLN UA 11 -114.07 -38.64 -1.67
N ALA UA 12 -114.90 -39.67 -1.79
CA ALA UA 12 -116.15 -39.69 -1.03
C ALA UA 12 -115.87 -39.52 0.46
N ALA UA 13 -115.01 -40.37 1.01
CA ALA UA 13 -114.50 -40.21 2.37
C ALA UA 13 -113.01 -39.95 2.23
N PRO UA 14 -112.50 -38.85 2.74
CA PRO UA 14 -111.07 -38.58 2.62
C PRO UA 14 -110.24 -39.66 3.29
N ALA UA 15 -109.19 -40.08 2.58
CA ALA UA 15 -108.23 -41.07 3.06
C ALA UA 15 -106.97 -40.31 3.47
N ASP UA 16 -106.71 -40.30 4.77
CA ASP UA 16 -105.52 -39.66 5.32
C ASP UA 16 -104.24 -40.19 4.65
N LYS UA 17 -103.49 -39.27 4.05
CA LYS UA 17 -102.18 -39.53 3.48
C LYS UA 17 -101.15 -38.90 4.39
N THR UA 18 -100.26 -39.72 4.93
CA THR UA 18 -99.26 -39.27 5.89
C THR UA 18 -97.95 -39.01 5.18
N PHE UA 19 -97.40 -37.80 5.38
CA PHE UA 19 -96.10 -37.41 4.83
C PHE UA 19 -95.09 -37.46 5.97
N GLU UA 20 -94.18 -38.45 5.92
CA GLU UA 20 -93.12 -38.58 6.90
C GLU UA 20 -92.04 -37.54 6.66
N PRO UA 21 -91.43 -36.99 7.70
CA PRO UA 21 -90.32 -36.04 7.52
C PRO UA 21 -89.05 -36.79 7.15
N GLN UA 22 -88.67 -36.68 5.88
CA GLN UA 22 -87.44 -37.32 5.46
C GLN UA 22 -86.24 -36.37 5.49
N ARG UA 23 -86.46 -35.05 5.48
CA ARG UA 23 -85.41 -34.08 5.73
C ARG UA 23 -86.03 -32.79 6.27
N GLY UA 24 -85.35 -32.20 7.28
CA GLY UA 24 -85.81 -30.97 7.85
C GLY UA 24 -85.21 -29.77 7.18
N GLN UA 25 -85.72 -28.58 7.53
CA GLN UA 25 -85.27 -27.35 6.89
C GLN UA 25 -83.84 -27.03 7.30
N ASN UA 26 -82.95 -26.98 6.31
CA ASN UA 26 -81.52 -26.83 6.56
C ASN UA 26 -81.22 -25.65 7.45
N GLY UA 27 -81.80 -24.50 7.11
CA GLY UA 27 -81.51 -23.23 7.72
C GLY UA 27 -82.36 -22.25 6.94
N VAL UA 28 -81.74 -21.26 6.31
CA VAL UA 28 -82.45 -20.41 5.36
C VAL UA 28 -82.22 -20.83 3.91
N THR UA 29 -81.41 -21.86 3.69
CA THR UA 29 -81.02 -22.22 2.33
C THR UA 29 -81.92 -23.30 1.73
N ASP UA 30 -82.07 -24.45 2.40
CA ASP UA 30 -82.78 -25.60 1.84
C ASP UA 30 -84.09 -25.83 2.57
N PRO UA 31 -85.20 -25.97 1.85
CA PRO UA 31 -86.49 -26.15 2.52
C PRO UA 31 -86.63 -27.53 3.16
N ALA UA 32 -87.55 -27.61 4.12
CA ALA UA 32 -87.90 -28.89 4.72
C ALA UA 32 -88.75 -29.70 3.74
N GLU UA 33 -88.57 -31.02 3.78
CA GLU UA 33 -89.24 -31.89 2.81
C GLU UA 33 -89.85 -33.11 3.51
N TRP UA 34 -91.02 -33.49 3.02
CA TRP UA 34 -91.80 -34.60 3.55
C TRP UA 34 -92.21 -35.50 2.40
N TRP UA 35 -92.21 -36.81 2.67
CA TRP UA 35 -92.43 -37.85 1.67
C TRP UA 35 -93.58 -38.76 2.09
N GLU UA 36 -94.53 -38.99 1.19
CA GLU UA 36 -95.66 -39.85 1.54
C GLU UA 36 -95.24 -41.31 1.68
N LYS UA 37 -94.50 -41.81 0.70
CA LYS UA 37 -93.97 -43.17 0.74
C LYS UA 37 -95.08 -44.22 0.77
N SER UA 38 -96.16 -43.97 0.03
CA SER UA 38 -97.23 -44.95 -0.05
C SER UA 38 -97.00 -45.96 -1.17
N SER UA 39 -96.78 -45.47 -2.39
CA SER UA 39 -96.56 -46.33 -3.54
C SER UA 39 -95.31 -47.21 -3.35
N PRO UA 40 -95.24 -48.35 -4.05
CA PRO UA 40 -94.03 -49.19 -3.93
C PRO UA 40 -92.82 -48.62 -4.64
N THR UA 41 -93.02 -47.88 -5.72
CA THR UA 41 -91.92 -47.23 -6.41
C THR UA 41 -91.64 -45.87 -5.80
N LEU UA 42 -90.39 -45.43 -5.92
CA LEU UA 42 -90.06 -44.07 -5.49
C LEU UA 42 -90.78 -43.02 -6.32
N ASN UA 43 -91.29 -43.40 -7.49
CA ASN UA 43 -92.01 -42.47 -8.35
C ASN UA 43 -93.24 -41.91 -7.66
N GLY UA 44 -94.00 -42.77 -6.99
CA GLY UA 44 -95.29 -42.47 -6.39
C GLY UA 44 -95.27 -41.89 -5.00
N TYR UA 45 -94.10 -41.50 -4.50
CA TYR UA 45 -94.04 -40.73 -3.26
C TYR UA 45 -94.57 -39.33 -3.51
N ARG UA 46 -95.56 -38.90 -2.73
CA ARG UA 46 -96.01 -37.51 -2.80
C ARG UA 46 -95.11 -36.64 -1.93
N ARG UA 47 -94.95 -35.38 -2.31
CA ARG UA 47 -93.94 -34.52 -1.68
C ARG UA 47 -94.53 -33.24 -1.11
N LEU UA 48 -93.90 -32.75 -0.04
CA LEU UA 48 -94.26 -31.47 0.58
C LEU UA 48 -93.00 -30.74 1.00
N THR UA 49 -92.81 -29.51 0.49
CA THR UA 49 -91.66 -28.69 0.86
C THR UA 49 -92.14 -27.42 1.51
N ALA UA 50 -91.45 -26.99 2.58
CA ALA UA 50 -91.78 -25.76 3.27
C ALA UA 50 -90.51 -25.06 3.76
N LEU UA 51 -90.40 -23.77 3.42
CA LEU UA 51 -89.25 -22.95 3.75
C LEU UA 51 -89.71 -21.61 4.32
N VAL UA 52 -89.07 -21.17 5.40
CA VAL UA 52 -89.37 -19.90 6.05
C VAL UA 52 -88.07 -19.10 6.16
N ARG UA 53 -87.98 -18.00 5.40
CA ARG UA 53 -86.72 -17.28 5.30
C ARG UA 53 -86.99 -15.78 5.36
N ARG UA 54 -86.15 -15.06 6.11
CA ARG UA 54 -86.28 -13.61 6.23
C ARG UA 54 -85.42 -12.93 5.17
N ASN UA 55 -86.05 -12.33 4.17
CA ASN UA 55 -85.34 -11.45 3.27
C ASN UA 55 -85.05 -10.14 4.01
N ALA UA 56 -83.77 -9.94 4.33
CA ALA UA 56 -83.36 -8.83 5.18
C ALA UA 56 -83.39 -7.51 4.43
N ALA UA 57 -83.14 -7.54 3.12
CA ALA UA 57 -83.26 -6.34 2.32
C ALA UA 57 -84.69 -5.81 2.35
N SER UA 58 -85.64 -6.64 1.93
CA SER UA 58 -87.05 -6.24 1.89
C SER UA 58 -87.68 -6.18 3.26
N LYS UA 59 -86.93 -6.46 4.33
CA LYS UA 59 -87.45 -6.51 5.68
C LYS UA 59 -88.76 -7.27 5.72
N SER UA 60 -88.69 -8.53 5.29
CA SER UA 60 -89.90 -9.34 5.23
C SER UA 60 -89.54 -10.80 5.42
N VAL UA 61 -90.58 -11.61 5.58
CA VAL UA 61 -90.44 -13.05 5.77
C VAL UA 61 -91.23 -13.73 4.66
N LYS UA 62 -90.55 -14.52 3.84
CA LYS UA 62 -91.19 -15.35 2.83
C LYS UA 62 -91.44 -16.74 3.40
N VAL UA 63 -92.59 -17.29 3.05
CA VAL UA 63 -92.98 -18.64 3.44
C VAL UA 63 -93.43 -19.36 2.17
N LYS UA 64 -92.65 -20.36 1.74
CA LYS UA 64 -92.91 -21.09 0.50
C LYS UA 64 -93.26 -22.54 0.81
N VAL UA 65 -94.39 -22.99 0.28
CA VAL UA 65 -94.87 -24.37 0.45
C VAL UA 65 -95.20 -24.93 -0.92
N ALA UA 66 -94.85 -26.19 -1.14
CA ALA UA 66 -95.17 -26.87 -2.38
C ALA UA 66 -95.65 -28.29 -2.10
N ILE UA 67 -96.66 -28.71 -2.84
CA ILE UA 67 -97.24 -30.06 -2.73
C ILE UA 67 -97.20 -30.70 -4.10
N TYR UA 68 -96.46 -31.80 -4.21
CA TYR UA 68 -96.27 -32.51 -5.47
C TYR UA 68 -97.00 -33.85 -5.43
N ASP UA 69 -98.00 -34.03 -6.30
CA ASP UA 69 -98.73 -35.29 -6.39
C ASP UA 69 -98.44 -35.95 -7.72
N PRO UA 70 -97.69 -37.04 -7.79
CA PRO UA 70 -97.43 -37.70 -9.07
C PRO UA 70 -98.50 -38.73 -9.42
N THR UA 71 -98.74 -38.85 -10.72
CA THR UA 71 -99.56 -39.93 -11.25
C THR UA 71 -98.72 -40.72 -12.24
N LEU UA 72 -98.67 -42.03 -12.02
CA LEU UA 72 -97.82 -42.95 -12.75
C LEU UA 72 -98.58 -43.62 -13.89
N ALA UA 73 -97.82 -44.24 -14.79
CA ALA UA 73 -98.41 -44.95 -15.90
C ALA UA 73 -97.42 -46.00 -16.37
N VAL UA 74 -97.94 -47.14 -16.76
CA VAL UA 74 -97.12 -48.23 -17.28
C VAL UA 74 -97.35 -48.33 -18.79
N THR UA 75 -96.37 -48.87 -19.49
CA THR UA 75 -96.53 -49.12 -20.93
C THR UA 75 -97.77 -49.94 -21.22
N ALA UA 76 -98.04 -50.93 -20.37
CA ALA UA 76 -99.14 -51.87 -20.55
C ALA UA 76 -99.62 -52.32 -19.19
N PRO UA 77 -100.90 -52.68 -19.05
CA PRO UA 77 -101.42 -53.01 -17.72
C PRO UA 77 -100.71 -54.22 -17.12
N SER UA 78 -100.65 -54.23 -15.79
CA SER UA 78 -99.89 -55.23 -15.06
C SER UA 78 -100.52 -56.61 -15.16
N THR UA 79 -99.68 -57.66 -15.15
CA THR UA 79 -100.14 -59.04 -15.23
C THR UA 79 -100.01 -59.84 -13.95
N ALA UA 80 -99.05 -59.51 -13.09
CA ALA UA 80 -98.75 -60.22 -11.85
C ALA UA 80 -98.20 -61.62 -12.08
N SER UA 81 -97.72 -61.94 -13.29
CA SER UA 81 -97.20 -63.26 -13.57
C SER UA 81 -95.73 -63.26 -13.95
N GLY UA 82 -95.37 -62.57 -15.03
CA GLY UA 82 -93.99 -62.54 -15.50
C GLY UA 82 -93.39 -61.16 -15.29
N ILE UA 83 -92.18 -60.99 -15.86
CA ILE UA 83 -91.52 -59.69 -15.77
C ILE UA 83 -92.38 -58.66 -16.47
N GLN UA 84 -92.64 -57.56 -15.78
CA GLN UA 84 -93.61 -56.57 -16.20
C GLN UA 84 -92.93 -55.23 -16.44
N PRO UA 85 -93.56 -54.33 -17.17
CA PRO UA 85 -92.95 -53.03 -17.46
C PRO UA 85 -92.89 -52.17 -16.20
N SER UA 86 -91.70 -51.64 -15.91
CA SER UA 86 -91.57 -50.71 -14.81
C SER UA 86 -92.32 -49.42 -15.14
N PRO UA 87 -92.85 -48.73 -14.13
CA PRO UA 87 -93.75 -47.60 -14.39
C PRO UA 87 -93.01 -46.28 -14.55
N THR UA 88 -93.46 -45.50 -15.52
CA THR UA 88 -92.97 -44.15 -15.73
C THR UA 88 -93.86 -43.16 -14.99
N VAL UA 89 -93.32 -41.96 -14.78
CA VAL UA 89 -94.09 -40.87 -14.21
C VAL UA 89 -94.89 -40.23 -15.33
N ALA UA 90 -96.21 -40.46 -15.33
CA ALA UA 90 -97.06 -39.86 -16.36
C ALA UA 90 -97.09 -38.35 -16.23
N PHE UA 91 -97.46 -37.84 -15.05
CA PHE UA 91 -97.44 -36.40 -14.85
C PHE UA 91 -97.41 -36.11 -13.36
N THR UA 92 -97.36 -34.82 -13.02
CA THR UA 92 -97.33 -34.37 -11.64
C THR UA 92 -98.23 -33.15 -11.50
N CYS UA 93 -99.02 -33.13 -10.43
CA CYS UA 93 -99.88 -32.00 -10.09
C CYS UA 93 -99.27 -31.25 -8.92
N PRO UA 94 -98.66 -30.10 -9.15
CA PRO UA 94 -98.20 -29.29 -8.03
C PRO UA 94 -99.14 -28.16 -7.63
N VAL UA 95 -99.09 -27.88 -6.32
CA VAL UA 95 -99.52 -26.62 -5.72
C VAL UA 95 -98.29 -25.89 -5.21
N PHE UA 96 -98.23 -24.59 -5.47
CA PHE UA 96 -97.25 -23.70 -4.86
C PHE UA 96 -98.00 -22.62 -4.09
N ILE UA 97 -97.56 -22.38 -2.86
CA ILE UA 97 -98.15 -21.39 -1.97
C ILE UA 97 -97.04 -20.50 -1.46
N GLU UA 98 -97.23 -19.19 -1.55
CA GLU UA 98 -96.25 -18.23 -1.06
C GLU UA 98 -96.97 -17.17 -0.25
N PHE UA 99 -96.53 -16.99 1.00
CA PHE UA 99 -96.91 -15.87 1.84
C PHE UA 99 -95.73 -14.93 1.95
N THR UA 100 -95.99 -13.63 1.94
CA THR UA 100 -94.94 -12.68 2.34
C THR UA 100 -95.47 -11.78 3.43
N LEU UA 101 -94.70 -11.67 4.51
CA LEU UA 101 -95.12 -10.94 5.71
C LEU UA 101 -94.08 -9.88 6.05
N PRO UA 102 -94.38 -8.60 5.86
CA PRO UA 102 -93.41 -7.55 6.17
C PRO UA 102 -93.01 -7.59 7.64
N ASP UA 103 -91.84 -7.02 7.92
CA ASP UA 103 -91.27 -7.16 9.26
C ASP UA 103 -92.15 -6.51 10.31
N ALA UA 104 -92.76 -5.37 9.98
CA ALA UA 104 -93.63 -4.67 10.92
C ALA UA 104 -95.08 -5.14 10.75
N CYS UA 105 -95.29 -6.44 10.97
CA CYS UA 105 -96.56 -7.10 10.71
C CYS UA 105 -97.12 -7.70 11.98
N THR UA 106 -98.44 -7.53 12.18
CA THR UA 106 -99.09 -8.05 13.37
C THR UA 106 -99.29 -9.56 13.27
N ILE UA 107 -99.17 -10.21 14.43
CA ILE UA 107 -99.57 -11.61 14.51
C ILE UA 107 -101.02 -11.76 14.08
N GLN UA 108 -101.85 -10.76 14.38
CA GLN UA 108 -103.25 -10.82 13.94
C GLN UA 108 -103.35 -10.73 12.42
N ASN UA 109 -102.49 -9.93 11.79
CA ASN UA 109 -102.47 -9.88 10.33
C ASN UA 109 -102.04 -11.23 9.74
N ARG UA 110 -101.08 -11.90 10.36
CA ARG UA 110 -100.66 -13.22 9.89
C ARG UA 110 -101.81 -14.22 9.99
N LYS UA 111 -102.48 -14.23 11.13
CA LYS UA 111 -103.66 -15.08 11.30
C LYS UA 111 -104.71 -14.79 10.24
N ASP UA 112 -104.96 -13.50 10.00
CA ASP UA 112 -105.91 -13.08 8.97
C ASP UA 112 -105.56 -13.67 7.61
N ILE UA 113 -104.32 -13.49 7.17
CA ILE UA 113 -103.95 -13.87 5.81
C ILE UA 113 -103.99 -15.39 5.65
N LEU UA 114 -103.51 -16.13 6.66
CA LEU UA 114 -103.59 -17.59 6.58
C LEU UA 114 -105.04 -18.05 6.54
N ALA UA 115 -105.91 -17.39 7.31
CA ALA UA 115 -107.32 -17.76 7.33
C ALA UA 115 -107.96 -17.49 5.98
N TYR UA 116 -107.65 -16.34 5.35
CA TYR UA 116 -108.18 -16.05 4.03
C TYR UA 116 -107.78 -17.13 3.04
N ALA UA 117 -106.50 -17.53 3.07
CA ALA UA 117 -106.04 -18.58 2.18
C ALA UA 117 -106.79 -19.90 2.40
N LYS UA 118 -106.85 -20.36 3.65
CA LYS UA 118 -107.44 -21.67 3.91
C LYS UA 118 -108.94 -21.68 3.63
N ASN UA 119 -109.66 -20.63 4.06
CA ASN UA 119 -111.10 -20.57 3.82
C ASN UA 119 -111.40 -20.46 2.33
N PHE UA 120 -110.58 -19.73 1.58
CA PHE UA 120 -110.79 -19.68 0.15
C PHE UA 120 -110.58 -21.06 -0.48
N LEU UA 121 -109.49 -21.73 -0.13
CA LEU UA 121 -109.24 -23.03 -0.74
C LEU UA 121 -110.33 -24.03 -0.39
N ALA UA 122 -110.93 -23.91 0.80
CA ALA UA 122 -112.11 -24.72 1.08
C ALA UA 122 -113.31 -24.29 0.26
N SER UA 123 -113.35 -23.02 -0.18
CA SER UA 123 -114.56 -22.48 -0.80
C SER UA 123 -114.91 -23.16 -2.12
N ALA UA 124 -116.23 -23.21 -2.38
CA ALA UA 124 -116.74 -23.81 -3.60
C ALA UA 124 -116.34 -23.03 -4.85
N THR UA 125 -116.01 -21.73 -4.70
CA THR UA 125 -115.48 -21.01 -5.86
C THR UA 125 -114.10 -21.52 -6.24
N ALA UA 126 -113.25 -21.78 -5.24
CA ALA UA 126 -111.98 -22.45 -5.50
C ALA UA 126 -112.20 -23.83 -6.09
N THR UA 127 -113.26 -24.53 -5.67
CA THR UA 127 -113.54 -25.84 -6.25
C THR UA 127 -113.93 -25.71 -7.73
N ASP UA 128 -114.91 -24.85 -8.05
CA ASP UA 128 -115.25 -24.54 -9.44
C ASP UA 128 -114.00 -24.15 -10.23
N LEU UA 129 -113.06 -23.47 -9.58
CA LEU UA 129 -111.87 -22.95 -10.24
C LEU UA 129 -110.90 -24.05 -10.63
N VAL UA 130 -110.52 -24.89 -9.67
CA VAL UA 130 -109.44 -25.85 -9.86
C VAL UA 130 -109.96 -27.24 -10.19
N VAL UA 131 -110.92 -27.74 -9.42
CA VAL UA 131 -111.45 -29.08 -9.67
C VAL UA 131 -112.17 -29.10 -11.01
N ASN UA 132 -113.09 -28.16 -11.20
CA ASN UA 132 -113.93 -28.15 -12.39
C ASN UA 132 -113.18 -27.64 -13.63
N THR UA 133 -112.04 -26.95 -13.44
CA THR UA 133 -111.23 -26.36 -14.52
C THR UA 133 -112.04 -25.33 -15.29
N ALA UA 134 -112.60 -24.37 -14.58
CA ALA UA 134 -113.49 -23.41 -15.19
C ALA UA 134 -113.22 -22.07 -14.52
N PRO UA 135 -112.94 -21.03 -15.28
CA PRO UA 135 -112.72 -19.72 -14.68
C PRO UA 135 -114.03 -18.97 -14.44
N GLN UA 136 -113.88 -17.83 -13.77
CA GLN UA 136 -115.01 -17.02 -13.33
C GLN UA 136 -115.29 -15.94 -14.38
N TYR UA 137 -116.33 -16.16 -15.18
CA TYR UA 137 -116.59 -15.26 -16.32
C TYR UA 137 -117.71 -14.25 -16.05
N GLN VA 1 -79.04 -31.39 18.71
CA GLN VA 1 -80.09 -30.95 17.76
C GLN VA 1 -80.61 -29.65 18.29
N ILE VA 2 -81.42 -28.94 17.50
CA ILE VA 2 -81.79 -27.58 17.83
C ILE VA 2 -83.18 -27.55 18.45
N ALA VA 3 -83.28 -26.89 19.60
CA ALA VA 3 -84.54 -26.59 20.25
C ALA VA 3 -84.41 -25.21 20.87
N ASN VA 4 -85.54 -24.63 21.25
CA ASN VA 4 -85.52 -23.28 21.80
C ASN VA 4 -84.76 -23.27 23.12
N VAL VA 5 -84.19 -22.11 23.46
CA VAL VA 5 -83.39 -21.96 24.66
C VAL VA 5 -84.06 -20.94 25.58
N VAL VA 6 -84.02 -21.21 26.88
CA VAL VA 6 -84.75 -20.41 27.86
C VAL VA 6 -83.74 -19.71 28.75
N LEU VA 7 -83.74 -18.37 28.74
CA LEU VA 7 -82.79 -17.57 29.49
C LEU VA 7 -83.54 -16.70 30.49
N ALA VA 8 -83.10 -16.73 31.75
CA ALA VA 8 -83.77 -15.96 32.79
C ALA VA 8 -83.22 -14.54 32.83
N ASP VA 9 -84.10 -13.56 32.81
CA ASP VA 9 -83.67 -12.17 32.75
C ASP VA 9 -83.18 -11.71 34.13
N GLY VA 10 -82.69 -10.49 34.18
CA GLY VA 10 -82.19 -9.91 35.41
C GLY VA 10 -83.28 -9.13 36.09
N GLN VA 11 -83.79 -9.67 37.19
CA GLN VA 11 -84.78 -9.00 38.04
C GLN VA 11 -84.61 -9.58 39.44
N ALA VA 12 -85.45 -9.13 40.36
CA ALA VA 12 -85.58 -9.80 41.64
C ALA VA 12 -85.92 -11.25 41.45
N ALA VA 13 -87.04 -11.49 40.79
CA ALA VA 13 -87.49 -12.79 40.42
C ALA VA 13 -87.27 -12.92 38.94
N PRO VA 14 -86.46 -13.88 38.52
CA PRO VA 14 -86.19 -14.05 37.09
C PRO VA 14 -87.47 -14.40 36.37
N ALA VA 15 -87.59 -13.88 35.15
CA ALA VA 15 -88.69 -14.18 34.25
C ALA VA 15 -88.09 -14.83 33.02
N ASP VA 16 -88.44 -16.08 32.79
CA ASP VA 16 -87.86 -16.84 31.69
C ASP VA 16 -88.31 -16.27 30.34
N LYS VA 17 -87.33 -15.92 29.51
CA LYS VA 17 -87.57 -15.52 28.13
C LYS VA 17 -87.15 -16.66 27.23
N THR VA 18 -88.06 -17.10 26.38
CA THR VA 18 -87.85 -18.26 25.51
C THR VA 18 -87.46 -17.78 24.11
N PHE VA 19 -86.37 -18.31 23.59
CA PHE VA 19 -85.89 -18.02 22.25
C PHE VA 19 -86.17 -19.24 21.38
N GLU VA 20 -87.17 -19.12 20.50
CA GLU VA 20 -87.54 -20.17 19.57
C GLU VA 20 -86.66 -20.10 18.31
N PRO VA 21 -86.18 -21.25 17.82
CA PRO VA 21 -85.20 -21.22 16.73
C PRO VA 21 -85.81 -20.77 15.41
N GLN VA 22 -85.00 -20.04 14.65
CA GLN VA 22 -85.36 -19.56 13.32
C GLN VA 22 -84.45 -20.09 12.22
N ARG VA 23 -83.21 -20.44 12.55
CA ARG VA 23 -82.25 -20.96 11.58
C ARG VA 23 -81.41 -22.06 12.21
N GLY VA 24 -81.12 -23.09 11.42
CA GLY VA 24 -80.09 -24.03 11.76
C GLY VA 24 -78.75 -23.58 11.19
N GLN VA 25 -77.68 -23.97 11.86
CA GLN VA 25 -76.36 -23.68 11.35
C GLN VA 25 -76.09 -24.52 10.11
N ASN VA 26 -75.76 -23.86 9.00
CA ASN VA 26 -75.51 -24.52 7.72
C ASN VA 26 -74.07 -24.23 7.31
N GLY VA 27 -73.27 -25.28 7.16
CA GLY VA 27 -71.87 -25.07 6.81
C GLY VA 27 -71.13 -24.40 7.95
N VAL VA 28 -70.35 -23.37 7.61
CA VAL VA 28 -69.68 -22.55 8.62
C VAL VA 28 -69.95 -21.07 8.33
N THR VA 29 -70.50 -20.77 7.15
CA THR VA 29 -70.81 -19.39 6.84
C THR VA 29 -71.97 -18.87 7.68
N ASP VA 30 -73.00 -19.72 7.88
CA ASP VA 30 -74.29 -19.28 8.42
C ASP VA 30 -74.42 -19.71 9.88
N PRO VA 31 -74.65 -18.79 10.82
CA PRO VA 31 -74.91 -19.20 12.20
C PRO VA 31 -76.37 -19.52 12.44
N ALA VA 32 -76.61 -20.34 13.46
CA ALA VA 32 -77.98 -20.66 13.87
C ALA VA 32 -78.56 -19.55 14.73
N GLU VA 33 -79.84 -19.23 14.53
CA GLU VA 33 -80.45 -18.04 15.12
C GLU VA 33 -81.73 -18.40 15.86
N TRP VA 34 -81.97 -17.70 16.98
CA TRP VA 34 -83.13 -17.85 17.85
C TRP VA 34 -83.77 -16.50 18.10
N TRP VA 35 -85.10 -16.45 18.10
CA TRP VA 35 -85.89 -15.23 18.23
C TRP VA 35 -86.83 -15.32 19.43
N GLU VA 36 -86.95 -14.24 20.20
CA GLU VA 36 -87.76 -14.30 21.41
C GLU VA 36 -89.25 -14.20 21.13
N LYS VA 37 -89.65 -13.32 20.21
CA LYS VA 37 -91.04 -13.13 19.84
C LYS VA 37 -91.85 -12.52 20.99
N SER VA 38 -91.22 -11.72 21.84
CA SER VA 38 -91.97 -11.16 22.96
C SER VA 38 -92.82 -9.98 22.51
N SER VA 39 -92.20 -9.00 21.85
CA SER VA 39 -92.91 -7.81 21.39
C SER VA 39 -93.75 -8.12 20.14
N PRO VA 40 -94.71 -7.26 19.77
CA PRO VA 40 -95.52 -7.58 18.57
C PRO VA 40 -94.77 -7.56 17.25
N THR VA 41 -93.91 -6.57 16.99
CA THR VA 41 -93.19 -6.47 15.72
C THR VA 41 -91.82 -7.15 15.84
N LEU VA 42 -91.10 -7.25 14.70
CA LEU VA 42 -89.80 -7.91 14.75
C LEU VA 42 -88.80 -7.14 15.59
N ASN VA 43 -88.81 -5.81 15.48
CA ASN VA 43 -87.78 -5.01 16.14
C ASN VA 43 -87.68 -5.33 17.64
N GLY VA 44 -88.77 -5.80 18.25
CA GLY VA 44 -88.78 -6.13 19.67
C GLY VA 44 -88.26 -7.51 20.01
N TYR VA 45 -88.16 -8.41 19.03
CA TYR VA 45 -87.59 -9.74 19.26
C TYR VA 45 -86.18 -9.62 19.82
N ARG VA 46 -85.87 -10.42 20.83
CA ARG VA 46 -84.49 -10.58 21.29
C ARG VA 46 -83.84 -11.72 20.50
N ARG VA 47 -82.57 -11.55 20.16
CA ARG VA 47 -81.89 -12.48 19.26
C ARG VA 47 -80.77 -13.23 19.95
N LEU VA 48 -80.55 -14.47 19.50
CA LEU VA 48 -79.42 -15.28 19.92
C LEU VA 48 -78.83 -15.99 18.71
N THR VA 49 -77.55 -15.74 18.43
CA THR VA 49 -76.85 -16.38 17.32
C THR VA 49 -75.72 -17.25 17.85
N ALA VA 50 -75.52 -18.42 17.23
CA ALA VA 50 -74.48 -19.34 17.64
C ALA VA 50 -73.90 -20.04 16.43
N LEU VA 51 -72.58 -20.03 16.33
CA LEU VA 51 -71.87 -20.58 15.18
C LEU VA 51 -70.62 -21.30 15.67
N VAL VA 52 -70.51 -22.58 15.34
CA VAL VA 52 -69.30 -23.36 15.57
C VAL VA 52 -68.65 -23.61 14.21
N ARG VA 53 -67.48 -22.99 13.99
CA ARG VA 53 -66.77 -23.12 12.72
C ARG VA 53 -65.35 -23.56 12.97
N ARG VA 54 -64.90 -24.58 12.23
CA ARG VA 54 -63.51 -24.97 12.35
C ARG VA 54 -62.65 -24.07 11.50
N ASN VA 55 -61.61 -23.50 12.12
CA ASN VA 55 -60.58 -22.72 11.43
C ASN VA 55 -59.37 -23.63 11.22
N ALA VA 56 -59.08 -23.92 9.95
CA ALA VA 56 -58.03 -24.87 9.60
C ALA VA 56 -56.65 -24.23 9.68
N ALA VA 57 -56.57 -22.91 9.56
CA ALA VA 57 -55.29 -22.22 9.70
C ALA VA 57 -54.70 -22.46 11.08
N SER VA 58 -55.47 -22.17 12.13
CA SER VA 58 -55.01 -22.36 13.50
C SER VA 58 -55.15 -23.80 13.98
N LYS VA 59 -55.64 -24.70 13.13
CA LYS VA 59 -55.96 -26.07 13.53
C LYS VA 59 -56.79 -26.07 14.82
N SER VA 60 -57.94 -25.40 14.75
CA SER VA 60 -58.73 -25.20 15.96
C SER VA 60 -60.19 -24.98 15.59
N VAL VA 61 -61.03 -24.98 16.62
CA VAL VA 61 -62.46 -24.76 16.47
C VAL VA 61 -62.81 -23.45 17.16
N LYS VA 62 -63.63 -22.62 16.50
CA LYS VA 62 -64.12 -21.39 17.10
C LYS VA 62 -65.62 -21.54 17.39
N VAL VA 63 -66.05 -20.93 18.49
CA VAL VA 63 -67.45 -20.92 18.90
C VAL VA 63 -67.82 -19.47 19.19
N LYS VA 64 -68.74 -18.93 18.38
CA LYS VA 64 -69.20 -17.55 18.53
C LYS VA 64 -70.67 -17.53 18.91
N VAL VA 65 -70.97 -16.79 19.97
CA VAL VA 65 -72.33 -16.62 20.46
C VAL VA 65 -72.60 -15.12 20.59
N ALA VA 66 -73.83 -14.71 20.28
CA ALA VA 66 -74.22 -13.32 20.40
C ALA VA 66 -75.64 -13.24 20.93
N ILE VA 67 -75.85 -12.31 21.86
CA ILE VA 67 -77.17 -12.06 22.43
C ILE VA 67 -77.49 -10.58 22.24
N TYR VA 68 -78.53 -10.29 21.47
CA TYR VA 68 -78.98 -8.93 21.19
C TYR VA 68 -80.29 -8.66 21.94
N ASP VA 69 -80.25 -7.71 22.89
CA ASP VA 69 -81.44 -7.27 23.63
C ASP VA 69 -81.81 -5.85 23.22
N PRO VA 70 -82.82 -5.65 22.36
CA PRO VA 70 -83.17 -4.28 21.94
C PRO VA 70 -84.27 -3.68 22.81
N THR VA 71 -84.21 -2.36 23.06
CA THR VA 71 -85.29 -1.66 23.73
C THR VA 71 -85.91 -0.67 22.76
N LEU VA 72 -87.24 -0.66 22.68
CA LEU VA 72 -87.91 0.20 21.71
C LEU VA 72 -87.99 1.64 22.23
N ALA VA 73 -88.18 2.57 21.30
CA ALA VA 73 -88.26 3.98 21.66
C ALA VA 73 -89.70 4.36 21.95
N VAL VA 74 -89.86 5.43 22.73
CA VAL VA 74 -91.18 5.92 23.11
C VAL VA 74 -91.77 6.71 21.96
N THR VA 75 -92.92 6.26 21.45
CA THR VA 75 -93.52 6.87 20.28
C THR VA 75 -94.67 7.80 20.68
N ALA VA 76 -95.13 8.57 19.70
CA ALA VA 76 -96.20 9.54 19.85
C ALA VA 76 -97.25 9.30 18.78
N PRO VA 77 -98.53 9.54 19.10
CA PRO VA 77 -99.59 9.27 18.11
C PRO VA 77 -99.49 10.15 16.88
N SER VA 78 -99.12 11.41 17.04
CA SER VA 78 -99.04 12.36 15.93
C SER VA 78 -97.58 12.49 15.50
N THR VA 79 -97.27 11.96 14.33
CA THR VA 79 -95.98 12.17 13.69
C THR VA 79 -96.10 13.30 12.68
N ALA VA 80 -95.02 14.06 12.52
CA ALA VA 80 -95.08 15.18 11.60
C ALA VA 80 -95.30 14.70 10.17
N SER VA 81 -96.13 15.45 9.45
CA SER VA 81 -96.32 15.26 8.02
C SER VA 81 -96.57 13.80 7.70
N GLY VA 82 -97.52 13.20 8.42
CA GLY VA 82 -97.86 11.86 7.98
C GLY VA 82 -98.42 11.02 9.10
N ILE VA 83 -98.01 9.78 9.08
CA ILE VA 83 -98.72 8.70 9.73
C ILE VA 83 -98.13 8.43 11.10
N GLN VA 84 -98.95 7.84 11.98
CA GLN VA 84 -98.48 7.36 13.26
C GLN VA 84 -97.32 6.38 13.06
N PRO VA 85 -96.23 6.49 13.81
CA PRO VA 85 -95.01 5.77 13.44
C PRO VA 85 -95.05 4.31 13.86
N SER VA 86 -94.40 3.48 13.04
CA SER VA 86 -94.23 2.09 13.41
C SER VA 86 -93.17 1.99 14.50
N PRO VA 87 -93.23 0.95 15.35
CA PRO VA 87 -92.31 0.88 16.49
C PRO VA 87 -90.87 0.70 16.00
N THR VA 88 -89.97 1.50 16.57
CA THR VA 88 -88.57 1.51 16.15
C THR VA 88 -87.67 1.24 17.34
N VAL VA 89 -86.47 0.77 17.05
CA VAL VA 89 -85.47 0.47 18.07
C VAL VA 89 -84.74 1.75 18.45
N ALA VA 90 -84.70 2.05 19.74
CA ALA VA 90 -83.92 3.20 20.19
C ALA VA 90 -82.46 2.83 20.41
N PHE VA 91 -82.21 1.67 21.02
CA PHE VA 91 -80.87 1.14 21.16
C PHE VA 91 -80.98 -0.34 21.47
N THR VA 92 -79.82 -0.99 21.50
CA THR VA 92 -79.76 -2.42 21.70
C THR VA 92 -78.48 -2.75 22.48
N CYS VA 93 -78.57 -3.70 23.41
CA CYS VA 93 -77.44 -4.13 24.23
C CYS VA 93 -76.98 -5.50 23.77
N PRO VA 94 -75.81 -5.60 23.14
CA PRO VA 94 -75.27 -6.91 22.80
C PRO VA 94 -74.23 -7.46 23.76
N VAL VA 95 -74.24 -8.80 23.85
CA VAL VA 95 -73.10 -9.59 24.30
C VAL VA 95 -72.53 -10.35 23.12
N PHE VA 96 -71.21 -10.39 23.03
CA PHE VA 96 -70.49 -11.32 22.17
C PHE VA 96 -69.61 -12.22 23.03
N ILE VA 97 -69.59 -13.50 22.69
CA ILE VA 97 -68.79 -14.50 23.41
C ILE VA 97 -68.07 -15.35 22.37
N GLU VA 98 -66.75 -15.48 22.52
CA GLU VA 98 -65.96 -16.30 21.61
C GLU VA 98 -65.07 -17.25 22.40
N PHE VA 99 -65.30 -18.54 22.24
CA PHE VA 99 -64.39 -19.57 22.71
C PHE VA 99 -63.51 -20.02 21.56
N THR VA 100 -62.24 -20.29 21.83
CA THR VA 100 -61.46 -21.03 20.84
C THR VA 100 -60.82 -22.25 21.49
N LEU VA 101 -60.87 -23.36 20.77
CA LEU VA 101 -60.46 -24.68 21.29
C LEU VA 101 -59.53 -25.37 20.29
N PRO VA 102 -58.26 -25.56 20.63
CA PRO VA 102 -57.34 -26.20 19.69
C PRO VA 102 -57.70 -27.66 19.48
N ASP VA 103 -57.14 -28.24 18.41
CA ASP VA 103 -57.48 -29.61 18.05
C ASP VA 103 -56.93 -30.61 19.06
N ALA VA 104 -55.83 -30.27 19.73
CA ALA VA 104 -55.19 -31.17 20.66
C ALA VA 104 -55.74 -31.07 22.08
N CYS VA 105 -56.93 -30.50 22.27
CA CYS VA 105 -57.42 -30.18 23.60
C CYS VA 105 -58.29 -31.31 24.17
N THR VA 106 -58.41 -31.31 25.50
CA THR VA 106 -59.15 -32.35 26.20
C THR VA 106 -60.60 -31.93 26.43
N ILE VA 107 -61.47 -32.93 26.51
CA ILE VA 107 -62.84 -32.72 26.97
C ILE VA 107 -62.83 -32.03 28.33
N GLN VA 108 -61.85 -32.38 29.17
CA GLN VA 108 -61.70 -31.72 30.46
C GLN VA 108 -61.36 -30.25 30.29
N ASN VA 109 -60.51 -29.92 29.32
CA ASN VA 109 -60.17 -28.52 29.10
C ASN VA 109 -61.38 -27.73 28.63
N ARG VA 110 -62.20 -28.30 27.75
CA ARG VA 110 -63.40 -27.61 27.28
C ARG VA 110 -64.37 -27.35 28.44
N LYS VA 111 -64.60 -28.37 29.27
CA LYS VA 111 -65.48 -28.19 30.42
C LYS VA 111 -64.92 -27.12 31.37
N ASP VA 112 -63.60 -27.16 31.60
CA ASP VA 112 -62.93 -26.14 32.40
C ASP VA 112 -63.25 -24.74 31.88
N ILE VA 113 -62.99 -24.50 30.59
CA ILE VA 113 -63.08 -23.14 30.06
C ILE VA 113 -64.52 -22.64 30.12
N LEU VA 114 -65.48 -23.50 29.78
CA LEU VA 114 -66.87 -23.08 29.81
C LEU VA 114 -67.32 -22.78 31.24
N ALA VA 115 -66.90 -23.61 32.21
CA ALA VA 115 -67.29 -23.36 33.59
C ALA VA 115 -66.67 -22.07 34.11
N TYR VA 116 -65.42 -21.80 33.72
CA TYR VA 116 -64.79 -20.53 34.11
C TYR VA 116 -65.62 -19.35 33.60
N ALA VA 117 -66.06 -19.43 32.35
CA ALA VA 117 -66.86 -18.35 31.79
C ALA VA 117 -68.18 -18.18 32.56
N LYS VA 118 -68.93 -19.27 32.75
CA LYS VA 118 -70.24 -19.13 33.38
C LYS VA 118 -70.12 -18.68 34.84
N ASN VA 119 -69.14 -19.21 35.58
CA ASN VA 119 -68.98 -18.84 36.97
C ASN VA 119 -68.54 -17.39 37.10
N PHE VA 120 -67.65 -16.92 36.21
CA PHE VA 120 -67.30 -15.51 36.25
C PHE VA 120 -68.52 -14.64 35.98
N LEU VA 121 -69.29 -14.96 34.93
CA LEU VA 121 -70.45 -14.12 34.60
C LEU VA 121 -71.46 -14.08 35.73
N ALA VA 122 -71.57 -15.17 36.50
CA ALA VA 122 -72.38 -15.11 37.71
C ALA VA 122 -71.73 -14.24 38.78
N SER VA 123 -70.40 -14.18 38.81
CA SER VA 123 -69.69 -13.57 39.94
C SER VA 123 -70.03 -12.10 40.11
N ALA VA 124 -69.97 -11.66 41.37
CA ALA VA 124 -70.30 -10.27 41.68
C ALA VA 124 -69.34 -9.29 41.05
N THR VA 125 -68.09 -9.70 40.75
CA THR VA 125 -67.18 -8.80 40.03
C THR VA 125 -67.63 -8.60 38.60
N ALA VA 126 -68.15 -9.63 37.93
CA ALA VA 126 -68.76 -9.39 36.64
C ALA VA 126 -70.01 -8.53 36.76
N THR VA 127 -70.78 -8.73 37.84
CA THR VA 127 -71.96 -7.88 38.04
C THR VA 127 -71.55 -6.41 38.22
N ASP VA 128 -70.57 -6.15 39.11
CA ASP VA 128 -70.00 -4.82 39.25
C ASP VA 128 -69.54 -4.30 37.90
N LEU VA 129 -68.91 -5.17 37.10
CA LEU VA 129 -68.29 -4.74 35.85
C LEU VA 129 -69.32 -4.27 34.83
N VAL VA 130 -70.44 -4.97 34.70
CA VAL VA 130 -71.39 -4.67 33.63
C VAL VA 130 -72.54 -3.79 34.12
N VAL VA 131 -73.15 -4.13 35.25
CA VAL VA 131 -74.31 -3.40 35.74
C VAL VA 131 -73.93 -2.01 36.23
N ASN VA 132 -72.82 -1.89 36.94
CA ASN VA 132 -72.37 -0.58 37.42
C ASN VA 132 -71.41 0.10 36.46
N THR VA 133 -71.01 -0.58 35.39
CA THR VA 133 -70.06 -0.06 34.39
C THR VA 133 -68.80 0.48 35.07
N ALA VA 134 -68.35 -0.22 36.11
CA ALA VA 134 -67.25 0.30 36.89
C ALA VA 134 -65.97 -0.50 36.66
N PRO VA 135 -64.81 0.18 36.62
CA PRO VA 135 -63.53 -0.54 36.54
C PRO VA 135 -63.21 -1.31 37.81
N GLN VA 136 -62.02 -1.90 37.89
CA GLN VA 136 -61.56 -2.59 39.10
C GLN VA 136 -60.35 -1.85 39.65
N TYR VA 137 -60.58 -1.03 40.69
CA TYR VA 137 -59.64 -0.02 41.14
C TYR VA 137 -58.59 -0.63 42.08
N GLN WA 1 10.59 37.15 64.39
CA GLN WA 1 11.88 37.60 63.85
C GLN WA 1 12.78 36.42 63.48
N ILE WA 2 13.72 36.60 62.53
CA ILE WA 2 14.50 35.46 62.04
C ILE WA 2 15.65 35.18 62.99
N ALA WA 3 15.94 33.89 63.16
CA ALA WA 3 17.01 33.36 63.98
C ALA WA 3 17.21 31.92 63.56
N ASN WA 4 18.44 31.44 63.70
CA ASN WA 4 18.79 30.12 63.19
C ASN WA 4 17.93 29.04 63.85
N VAL WA 5 17.77 27.91 63.15
CA VAL WA 5 16.94 26.81 63.62
C VAL WA 5 17.81 25.56 63.72
N VAL WA 6 17.59 24.76 64.75
CA VAL WA 6 18.46 23.64 65.09
C VAL WA 6 17.63 22.37 65.03
N LEU WA 7 17.94 21.51 64.05
CA LEU WA 7 17.20 20.26 63.87
C LEU WA 7 18.14 19.08 64.06
N ALA WA 8 17.61 18.01 64.65
CA ALA WA 8 18.42 16.85 65.01
C ALA WA 8 18.28 15.75 63.95
N ASP WA 9 19.42 15.31 63.40
CA ASP WA 9 19.37 14.24 62.41
C ASP WA 9 19.08 12.90 63.07
N GLY WA 10 18.64 11.95 62.24
CA GLY WA 10 18.32 10.63 62.74
C GLY WA 10 19.52 9.72 62.78
N GLN WA 11 19.89 9.27 63.98
CA GLN WA 11 21.02 8.37 64.14
C GLN WA 11 20.88 7.63 65.46
N ALA WA 12 21.92 6.85 65.76
CA ALA WA 12 22.16 6.36 67.11
C ALA WA 12 22.07 7.48 68.13
N ALA WA 13 22.97 8.44 68.02
CA ALA WA 13 22.98 9.64 68.85
C ALA WA 13 22.78 10.78 67.87
N PRO WA 14 21.64 11.45 67.92
CA PRO WA 14 21.36 12.47 66.93
C PRO WA 14 22.25 13.68 67.15
N ALA WA 15 22.61 14.32 66.05
CA ALA WA 15 23.44 15.52 66.04
C ALA WA 15 22.58 16.71 65.67
N ASP WA 16 22.79 17.80 66.38
CA ASP WA 16 22.16 19.08 66.08
C ASP WA 16 22.80 19.70 64.84
N LYS WA 17 22.05 19.79 63.75
CA LYS WA 17 22.45 20.54 62.57
C LYS WA 17 21.80 21.91 62.67
N THR WA 18 22.62 22.97 62.65
CA THR WA 18 22.15 24.33 62.83
C THR WA 18 22.06 25.00 61.47
N PHE WA 19 20.86 25.46 61.12
CA PHE WA 19 20.63 26.27 59.92
C PHE WA 19 20.72 27.73 60.37
N GLU WA 20 21.85 28.37 60.03
CA GLU WA 20 22.01 29.80 60.24
C GLU WA 20 21.14 30.57 59.25
N PRO WA 21 20.51 31.68 59.65
CA PRO WA 21 19.72 32.45 58.69
C PRO WA 21 20.64 33.07 57.65
N GLN WA 22 20.33 32.84 56.38
CA GLN WA 22 21.08 33.42 55.29
C GLN WA 22 20.25 34.37 54.45
N ARG WA 23 18.93 34.26 54.48
CA ARG WA 23 18.06 35.28 53.91
C ARG WA 23 16.72 35.29 54.63
N GLY WA 24 16.29 36.49 55.07
CA GLY WA 24 15.01 36.65 55.71
C GLY WA 24 13.89 36.92 54.72
N GLN WA 25 12.65 36.79 55.20
CA GLN WA 25 11.45 37.13 54.43
C GLN WA 25 10.88 38.45 54.92
N ASN WA 26 10.96 39.49 54.10
CA ASN WA 26 10.29 40.74 54.41
C ASN WA 26 9.12 41.03 53.47
N GLY WA 27 8.93 40.20 52.45
CA GLY WA 27 7.88 40.40 51.48
C GLY WA 27 7.11 39.10 51.27
N VAL WA 28 6.00 39.22 50.53
CA VAL WA 28 5.12 38.07 50.30
C VAL WA 28 5.61 37.18 49.16
N THR WA 29 6.36 37.75 48.22
CA THR WA 29 6.73 36.97 47.05
C THR WA 29 7.70 35.82 47.40
N ASP WA 30 8.82 36.14 48.06
CA ASP WA 30 9.97 35.22 48.23
C ASP WA 30 10.11 34.71 49.66
N PRO WA 31 10.22 33.39 49.86
CA PRO WA 31 10.29 32.85 51.22
C PRO WA 31 11.62 33.11 51.88
N ALA WA 32 11.62 32.94 53.21
CA ALA WA 32 12.83 33.02 54.02
C ALA WA 32 13.62 31.72 53.93
N GLU WA 33 14.94 31.83 54.11
CA GLU WA 33 15.83 30.72 53.83
C GLU WA 33 16.92 30.65 54.90
N TRP WA 34 17.26 29.42 55.30
CA TRP WA 34 18.29 29.10 56.27
C TRP WA 34 19.26 28.11 55.64
N TRP WA 35 20.55 28.30 55.91
CA TRP WA 35 21.64 27.53 55.33
C TRP WA 35 22.45 26.84 56.41
N GLU WA 36 22.84 25.58 56.17
CA GLU WA 36 23.46 24.80 57.23
C GLU WA 36 24.96 25.04 57.34
N LYS WA 37 25.67 25.08 56.22
CA LYS WA 37 27.11 25.36 56.18
C LYS WA 37 27.95 24.26 56.83
N SER WA 38 27.44 23.03 56.86
CA SER WA 38 28.27 21.92 57.33
C SER WA 38 29.41 21.64 56.34
N SER WA 39 29.06 21.32 55.09
CA SER WA 39 30.06 21.11 54.05
C SER WA 39 30.81 22.42 53.78
N PRO WA 40 31.99 22.35 53.12
CA PRO WA 40 32.75 23.59 52.85
C PRO WA 40 32.24 24.42 51.68
N THR WA 41 31.56 23.81 50.70
CA THR WA 41 31.09 24.52 49.52
C THR WA 41 29.58 24.73 49.57
N LEU WA 42 29.12 25.70 48.77
CA LEU WA 42 27.71 26.09 48.80
C LEU WA 42 26.80 24.92 48.45
N ASN WA 43 27.26 24.00 47.61
CA ASN WA 43 26.42 22.90 47.16
C ASN WA 43 26.05 21.96 48.31
N GLY WA 44 26.94 21.82 49.28
CA GLY WA 44 26.74 20.90 50.39
C GLY WA 44 25.94 21.44 51.54
N TYR WA 45 25.42 22.67 51.44
CA TYR WA 45 24.61 23.21 52.51
C TYR WA 45 23.25 22.53 52.51
N ARG WA 46 22.72 22.30 53.71
CA ARG WA 46 21.33 21.91 53.85
C ARG WA 46 20.47 23.17 53.93
N ARG WA 47 19.29 23.13 53.32
CA ARG WA 47 18.47 24.33 53.19
C ARG WA 47 17.12 24.17 53.89
N LEU WA 48 16.61 25.31 54.38
CA LEU WA 48 15.28 25.38 54.96
C LEU WA 48 14.59 26.66 54.49
N THR WA 49 13.47 26.53 53.78
CA THR WA 49 12.69 27.67 53.30
C THR WA 49 11.33 27.72 53.98
N ALA WA 50 10.84 28.93 54.24
CA ALA WA 50 9.59 29.13 54.98
C ALA WA 50 8.95 30.43 54.54
N LEU WA 51 7.71 30.32 54.04
CA LEU WA 51 6.93 31.45 53.54
C LEU WA 51 5.56 31.43 54.20
N VAL WA 52 5.20 32.52 54.87
CA VAL WA 52 3.86 32.76 55.34
C VAL WA 52 3.28 33.88 54.49
N ARG WA 53 2.14 33.61 53.86
CA ARG WA 53 1.58 34.47 52.82
C ARG WA 53 0.07 34.52 52.96
N ARG WA 54 -0.48 35.73 53.08
CA ARG WA 54 -1.93 35.86 53.14
C ARG WA 54 -2.50 35.78 51.73
N ASN WA 55 -3.38 34.81 51.51
CA ASN WA 55 -4.10 34.67 50.25
C ASN WA 55 -5.49 35.29 50.44
N ALA WA 56 -5.71 36.45 49.81
CA ALA WA 56 -6.98 37.15 49.98
C ALA WA 56 -8.11 36.46 49.22
N ALA WA 57 -7.79 35.64 48.22
CA ALA WA 57 -8.82 34.97 47.44
C ALA WA 57 -9.63 34.01 48.32
N SER WA 58 -8.94 33.09 48.99
CA SER WA 58 -9.57 32.14 49.90
C SER WA 58 -9.79 32.72 51.29
N LYS WA 59 -9.50 34.01 51.48
CA LYS WA 59 -9.51 34.63 52.80
C LYS WA 59 -8.78 33.73 53.81
N SER WA 60 -7.52 33.47 53.50
CA SER WA 60 -6.77 32.46 54.25
C SER WA 60 -5.31 32.88 54.33
N VAL WA 61 -4.52 32.04 54.99
CA VAL WA 61 -3.09 32.27 55.15
C VAL WA 61 -2.38 30.95 54.91
N LYS WA 62 -1.52 30.90 53.90
CA LYS WA 62 -0.73 29.70 53.62
C LYS WA 62 0.63 29.79 54.27
N VAL WA 63 1.15 28.63 54.67
CA VAL WA 63 2.48 28.50 55.24
C VAL WA 63 3.16 27.34 54.53
N LYS WA 64 4.21 27.64 53.76
CA LYS WA 64 4.97 26.65 53.01
C LYS WA 64 6.37 26.52 53.59
N VAL WA 65 6.74 25.30 53.97
CA VAL WA 65 8.03 24.99 54.53
C VAL WA 65 8.67 23.90 53.67
N ALA WA 66 9.98 24.03 53.43
CA ALA WA 66 10.71 23.05 52.65
C ALA WA 66 12.05 22.80 53.29
N ILE WA 67 12.46 21.53 53.34
CA ILE WA 67 13.75 21.12 53.89
C ILE WA 67 14.48 20.31 52.83
N TYR WA 68 15.59 20.84 52.33
CA TYR WA 68 16.40 20.17 51.32
C TYR WA 68 17.67 19.62 51.96
N ASP WA 69 17.82 18.30 51.96
CA ASP WA 69 19.02 17.62 52.43
C ASP WA 69 19.76 17.02 51.25
N PRO WA 70 20.84 17.63 50.79
CA PRO WA 70 21.58 17.07 49.65
C PRO WA 70 22.64 16.09 50.13
N THR WA 71 22.84 15.05 49.32
CA THR WA 71 23.94 14.11 49.57
C THR WA 71 24.99 14.34 48.49
N LEU WA 72 26.11 14.95 48.87
CA LEU WA 72 27.14 15.29 47.89
C LEU WA 72 27.68 14.01 47.26
N ALA WA 73 27.82 14.03 45.93
CA ALA WA 73 28.44 12.91 45.26
C ALA WA 73 29.88 12.78 45.72
N VAL WA 74 30.30 11.54 45.96
CA VAL WA 74 31.71 11.24 46.18
C VAL WA 74 32.52 11.66 44.96
N THR WA 75 33.40 12.63 45.13
CA THR WA 75 34.19 13.19 44.03
C THR WA 75 35.63 12.71 44.19
N ALA WA 76 36.08 11.88 43.26
CA ALA WA 76 37.44 11.37 43.15
C ALA WA 76 38.20 12.11 42.06
N PRO WA 77 39.53 12.26 42.19
CA PRO WA 77 40.30 12.92 41.13
C PRO WA 77 40.14 12.21 39.81
N SER WA 78 39.95 13.01 38.75
CA SER WA 78 39.56 12.47 37.45
C SER WA 78 40.48 11.35 37.03
N THR WA 79 39.88 10.29 36.49
CA THR WA 79 40.66 9.23 35.88
C THR WA 79 41.16 9.65 34.52
N ALA WA 80 40.44 10.55 33.86
CA ALA WA 80 40.85 11.04 32.55
C ALA WA 80 41.60 12.37 32.61
N SER WA 81 41.04 13.38 33.27
CA SER WA 81 41.73 14.66 33.35
C SER WA 81 42.82 14.67 34.41
N GLY WA 82 42.83 13.71 35.33
CA GLY WA 82 43.69 13.80 36.49
C GLY WA 82 43.36 14.94 37.42
N ILE WA 83 42.20 15.57 37.24
CA ILE WA 83 41.85 16.83 37.88
C ILE WA 83 40.51 16.64 38.58
N GLN WA 84 40.53 16.57 39.91
CA GLN WA 84 39.31 16.34 40.68
C GLN WA 84 38.29 17.43 40.40
N PRO WA 85 37.06 17.10 40.02
CA PRO WA 85 36.07 18.13 39.72
C PRO WA 85 35.58 18.81 40.98
N SER WA 86 35.15 20.05 40.82
CA SER WA 86 34.52 20.80 41.90
C SER WA 86 33.36 19.98 42.45
N PRO WA 87 33.08 20.06 43.75
CA PRO WA 87 32.11 19.14 44.34
C PRO WA 87 30.71 19.39 43.80
N THR WA 88 30.01 18.31 43.49
CA THR WA 88 28.69 18.32 42.89
C THR WA 88 27.71 17.56 43.78
N VAL WA 89 26.41 17.70 43.46
CA VAL WA 89 25.34 17.07 44.21
C VAL WA 89 24.80 15.90 43.39
N ALA WA 90 24.85 14.69 43.98
CA ALA WA 90 24.36 13.50 43.27
C ALA WA 90 22.84 13.39 43.35
N PHE WA 91 22.26 13.74 44.49
CA PHE WA 91 20.81 13.81 44.63
C PHE WA 91 20.49 14.56 45.92
N THR WA 92 19.20 14.87 46.07
CA THR WA 92 18.74 15.64 47.21
C THR WA 92 17.40 15.09 47.68
N CYS WA 93 17.20 15.06 49.00
CA CYS WA 93 15.96 14.59 49.60
C CYS WA 93 15.18 15.79 50.12
N PRO WA 94 14.06 16.15 49.51
CA PRO WA 94 13.23 17.21 50.06
C PRO WA 94 12.04 16.73 50.88
N VAL WA 95 11.67 17.59 51.83
CA VAL WA 95 10.35 17.59 52.45
C VAL WA 95 9.65 18.89 52.09
N PHE WA 96 8.38 18.79 51.73
CA PHE WA 96 7.50 19.92 51.55
C PHE WA 96 6.34 19.81 52.51
N ILE WA 97 6.06 20.87 53.25
CA ILE WA 97 4.95 20.92 54.19
C ILE WA 97 4.15 22.19 53.92
N GLU WA 98 2.83 22.04 53.79
CA GLU WA 98 1.93 23.16 53.54
C GLU WA 98 0.80 23.13 54.57
N PHE WA 99 0.70 24.19 55.36
CA PHE WA 99 -0.46 24.42 56.21
C PHE WA 99 -1.32 25.50 55.56
N THR WA 100 -2.64 25.35 55.66
CA THR WA 100 -3.49 26.49 55.30
C THR WA 100 -4.41 26.81 56.47
N LEU WA 101 -4.54 28.10 56.77
CA LEU WA 101 -5.27 28.58 57.95
C LEU WA 101 -6.29 29.63 57.52
N PRO WA 102 -7.58 29.32 57.54
CA PRO WA 102 -8.58 30.29 57.07
C PRO WA 102 -8.64 31.52 57.97
N ASP WA 103 -9.29 32.56 57.46
CA ASP WA 103 -9.36 33.81 58.22
C ASP WA 103 -10.18 33.67 59.49
N ALA WA 104 -11.09 32.70 59.55
CA ALA WA 104 -11.94 32.50 60.72
C ALA WA 104 -11.37 31.47 61.68
N CYS WA 105 -10.05 31.27 61.68
CA CYS WA 105 -9.41 30.13 62.32
C CYS WA 105 -9.02 30.43 63.76
N THR WA 106 -9.42 29.55 64.68
CA THR WA 106 -9.09 29.73 66.09
C THR WA 106 -7.60 29.45 66.35
N ILE WA 107 -7.06 30.17 67.34
CA ILE WA 107 -5.72 29.88 67.82
C ILE WA 107 -5.62 28.41 68.23
N GLN WA 108 -6.68 27.91 68.85
CA GLN WA 108 -6.71 26.52 69.27
C GLN WA 108 -6.69 25.58 68.08
N ASN WA 109 -7.37 25.93 66.99
CA ASN WA 109 -7.33 25.09 65.79
C ASN WA 109 -5.92 25.07 65.19
N ARG WA 110 -5.23 26.21 65.20
CA ARG WA 110 -3.86 26.24 64.68
C ARG WA 110 -2.93 25.35 65.51
N LYS WA 111 -3.03 25.47 66.83
CA LYS WA 111 -2.26 24.59 67.71
C LYS WA 111 -2.59 23.13 67.41
N ASP WA 112 -3.88 22.82 67.25
CA ASP WA 112 -4.33 21.46 66.93
C ASP WA 112 -3.63 20.93 65.68
N ILE WA 113 -3.68 21.70 64.59
CA ILE WA 113 -3.21 21.18 63.31
C ILE WA 113 -1.70 21.01 63.33
N LEU WA 114 -0.96 21.95 63.93
CA LEU WA 114 0.48 21.78 64.04
C LEU WA 114 0.82 20.58 64.91
N ALA WA 115 0.02 20.34 65.96
CA ALA WA 115 0.27 19.20 66.82
C ALA WA 115 0.04 17.89 66.09
N TYR WA 116 -1.06 17.79 65.32
CA TYR WA 116 -1.31 16.58 64.55
C TYR WA 116 -0.14 16.31 63.60
N ALA WA 117 0.34 17.35 62.92
CA ALA WA 117 1.47 17.18 62.00
C ALA WA 117 2.70 16.65 62.73
N LYS WA 118 3.12 17.34 63.80
CA LYS WA 118 4.37 16.95 64.45
C LYS WA 118 4.27 15.56 65.09
N ASN WA 119 3.14 15.27 65.75
CA ASN WA 119 3.00 13.98 66.40
C ASN WA 119 2.90 12.84 65.39
N PHE WA 120 2.25 13.07 64.24
CA PHE WA 120 2.26 12.04 63.22
C PHE WA 120 3.66 11.82 62.67
N LEU WA 121 4.41 12.88 62.39
CA LEU WA 121 5.75 12.69 61.85
C LEU WA 121 6.64 11.95 62.84
N ALA WA 122 6.45 12.19 64.14
CA ALA WA 122 7.15 11.38 65.13
C ALA WA 122 6.65 9.95 65.12
N SER WA 123 5.40 9.71 64.71
CA SER WA 123 4.76 8.42 64.89
C SER WA 123 5.44 7.30 64.10
N ALA WA 124 5.36 6.09 64.68
CA ALA WA 124 6.00 4.92 64.08
C ALA WA 124 5.40 4.57 62.73
N THR WA 125 4.14 4.95 62.48
CA THR WA 125 3.57 4.73 61.15
C THR WA 125 4.23 5.64 60.12
N ALA WA 126 4.53 6.89 60.49
CA ALA WA 126 5.32 7.75 59.61
C ALA WA 126 6.72 7.17 59.40
N THR WA 127 7.30 6.55 60.43
CA THR WA 127 8.60 5.93 60.22
C THR WA 127 8.51 4.75 59.24
N ASP WA 128 7.55 3.83 59.46
CA ASP WA 128 7.28 2.76 58.51
C ASP WA 128 7.03 3.31 57.10
N LEU WA 129 6.47 4.51 57.01
CA LEU WA 129 6.06 5.09 55.74
C LEU WA 129 7.25 5.62 54.94
N VAL WA 130 8.13 6.38 55.59
CA VAL WA 130 9.20 7.09 54.89
C VAL WA 130 10.53 6.35 55.01
N VAL WA 131 10.88 5.90 56.21
CA VAL WA 131 12.19 5.25 56.40
C VAL WA 131 12.24 3.90 55.71
N ASN WA 132 11.17 3.10 55.84
CA ASN WA 132 11.09 1.82 55.17
C ASN WA 132 10.41 1.91 53.81
N THR WA 133 10.00 3.11 53.38
CA THR WA 133 9.30 3.33 52.12
C THR WA 133 8.20 2.29 51.92
N ALA WA 134 7.43 2.07 52.98
CA ALA WA 134 6.40 1.04 52.92
C ALA WA 134 5.02 1.67 53.05
N PRO WA 135 4.06 1.20 52.27
CA PRO WA 135 2.68 1.69 52.40
C PRO WA 135 1.93 0.95 53.50
N GLN WA 136 0.65 1.27 53.61
CA GLN WA 136 -0.24 0.68 54.61
C GLN WA 136 -1.25 -0.20 53.89
N TYR WA 137 -0.99 -1.50 53.86
CA TYR WA 137 -1.64 -2.42 52.93
C TYR WA 137 -2.88 -3.15 53.46
N GLN XA 1 15.30 49.09 64.58
CA GLN XA 1 14.99 48.72 63.21
C GLN XA 1 13.52 48.94 62.90
N ILE XA 2 12.73 47.88 63.15
CA ILE XA 2 11.27 47.89 63.20
C ILE XA 2 10.84 47.48 64.59
N ALA XA 3 9.89 48.21 65.14
CA ALA XA 3 9.41 47.94 66.49
C ALA XA 3 7.90 48.00 66.49
N ASN XA 4 7.29 47.18 67.34
CA ASN XA 4 5.86 47.17 67.45
C ASN XA 4 5.35 48.55 67.87
N VAL XA 5 4.08 48.82 67.59
CA VAL XA 5 3.53 50.16 67.79
C VAL XA 5 2.25 50.06 68.60
N VAL XA 6 2.10 50.90 69.61
CA VAL XA 6 0.96 50.84 70.50
C VAL XA 6 0.13 52.10 70.33
N LEU XA 7 -1.16 51.92 70.02
CA LEU XA 7 -2.08 53.02 69.80
C LEU XA 7 -3.23 52.97 70.81
N ALA XA 8 -3.70 54.14 71.21
CA ALA XA 8 -4.77 54.24 72.20
C ALA XA 8 -6.13 54.27 71.51
N ASP XA 9 -7.00 53.34 71.86
CA ASP XA 9 -8.31 53.33 71.26
C ASP XA 9 -9.20 54.40 71.89
N GLY XA 10 -10.35 54.62 71.26
CA GLY XA 10 -11.29 55.60 71.76
C GLY XA 10 -12.24 54.99 72.76
N GLN XA 11 -12.14 55.44 74.01
CA GLN XA 11 -13.02 54.99 75.07
C GLN XA 11 -12.97 56.09 76.14
N ALA XA 12 -13.66 55.85 77.25
CA ALA XA 12 -13.52 56.73 78.40
C ALA XA 12 -12.05 56.84 78.81
N ALA XA 13 -11.41 55.70 79.05
CA ALA XA 13 -9.97 55.64 79.26
C ALA XA 13 -9.41 54.84 78.10
N PRO XA 14 -8.49 55.40 77.32
CA PRO XA 14 -7.93 54.65 76.19
C PRO XA 14 -7.27 53.37 76.66
N ALA XA 15 -7.53 52.29 75.92
CA ALA XA 15 -6.94 50.98 76.15
C ALA XA 15 -5.88 50.76 75.08
N ASP XA 16 -4.63 50.74 75.51
CA ASP XA 16 -3.50 50.50 74.61
C ASP XA 16 -3.68 49.21 73.82
N LYS XA 17 -3.68 49.35 72.50
CA LYS XA 17 -3.70 48.23 71.57
C LYS XA 17 -2.32 48.13 70.95
N THR XA 18 -1.66 46.99 71.14
CA THR XA 18 -0.30 46.78 70.68
C THR XA 18 -0.32 46.03 69.35
N PHE XA 19 0.37 46.60 68.36
CA PHE XA 19 0.51 45.99 67.04
C PHE XA 19 1.92 45.42 66.96
N GLU XA 20 2.03 44.08 66.98
CA GLU XA 20 3.31 43.40 66.84
C GLU XA 20 3.79 43.44 65.39
N PRO XA 21 5.09 43.57 65.15
CA PRO XA 21 5.61 43.54 63.79
C PRO XA 21 5.64 42.10 63.27
N GLN XA 22 4.71 41.80 62.37
CA GLN XA 22 4.69 40.46 61.78
C GLN XA 22 5.46 40.40 60.46
N ARG XA 23 5.65 41.53 59.78
CA ARG XA 23 6.53 41.60 58.62
C ARG XA 23 7.05 43.02 58.47
N GLY XA 24 8.35 43.14 58.14
CA GLY XA 24 8.96 44.43 57.93
C GLY XA 24 8.89 44.86 56.49
N GLN XA 25 9.26 46.12 56.24
CA GLN XA 25 9.18 46.68 54.90
C GLN XA 25 10.22 46.03 53.99
N ASN XA 26 9.73 45.37 52.93
CA ASN XA 26 10.57 44.57 52.06
C ASN XA 26 11.76 45.38 51.54
N GLY XA 27 11.48 46.57 51.05
CA GLY XA 27 12.44 47.40 50.36
C GLY XA 27 11.63 48.60 49.92
N VAL XA 28 11.57 48.86 48.62
CA VAL XA 28 10.63 49.86 48.10
C VAL XA 28 9.36 49.23 47.56
N THR XA 29 9.25 47.92 47.57
CA THR XA 29 8.14 47.24 46.92
C THR XA 29 6.98 46.94 47.88
N ASP XA 30 7.24 46.26 48.99
CA ASP XA 30 6.19 45.80 49.90
C ASP XA 30 6.23 46.57 51.20
N PRO XA 31 5.10 47.11 51.67
CA PRO XA 31 5.11 47.89 52.90
C PRO XA 31 5.30 47.01 54.13
N ALA XA 32 5.74 47.66 55.22
CA ALA XA 32 5.82 47.00 56.51
C ALA XA 32 4.42 46.84 57.10
N GLU XA 33 4.21 45.75 57.82
CA GLU XA 33 2.89 45.42 58.33
C GLU XA 33 2.96 44.98 59.79
N TRP XA 34 1.96 45.40 60.56
CA TRP XA 34 1.84 45.15 61.98
C TRP XA 34 0.44 44.61 62.27
N TRP XA 35 0.38 43.66 63.20
CA TRP XA 35 -0.83 42.91 63.52
C TRP XA 35 -1.15 43.03 65.00
N GLU XA 36 -2.40 43.37 65.33
CA GLU XA 36 -2.77 43.51 66.74
C GLU XA 36 -2.80 42.16 67.44
N LYS XA 37 -3.47 41.19 66.83
CA LYS XA 37 -3.53 39.82 67.36
C LYS XA 37 -4.21 39.77 68.73
N SER XA 38 -5.26 40.58 68.91
CA SER XA 38 -6.00 40.55 70.16
C SER XA 38 -7.11 39.51 70.12
N SER XA 39 -7.99 39.59 69.11
CA SER XA 39 -9.12 38.68 68.97
C SER XA 39 -8.64 37.23 68.81
N PRO XA 40 -9.48 36.25 69.15
CA PRO XA 40 -9.06 34.85 68.97
C PRO XA 40 -9.05 34.40 67.52
N THR XA 41 -9.91 34.97 66.68
CA THR XA 41 -9.91 34.66 65.27
C THR XA 41 -8.93 35.56 64.53
N LEU XA 42 -8.42 35.06 63.41
CA LEU XA 42 -7.59 35.90 62.56
C LEU XA 42 -8.37 37.07 61.96
N ASN XA 43 -9.70 36.99 61.99
CA ASN XA 43 -10.54 38.07 61.46
C ASN XA 43 -10.31 39.37 62.22
N GLY XA 44 -10.24 39.29 63.55
CA GLY XA 44 -10.19 40.42 64.44
C GLY XA 44 -8.81 41.00 64.72
N TYR XA 45 -7.80 40.58 63.98
CA TYR XA 45 -6.51 41.25 64.04
C TYR XA 45 -6.63 42.63 63.38
N ARG XA 46 -6.25 43.68 64.11
CA ARG XA 46 -6.18 45.01 63.50
C ARG XA 46 -4.83 45.17 62.80
N ARG XA 47 -4.80 45.97 61.72
CA ARG XA 47 -3.64 46.02 60.85
C ARG XA 47 -3.08 47.44 60.69
N LEU XA 48 -1.76 47.49 60.49
CA LEU XA 48 -1.07 48.76 60.22
C LEU XA 48 -0.01 48.53 59.16
N THR XA 49 -0.09 49.27 58.05
CA THR XA 49 0.91 49.18 56.97
C THR XA 49 1.59 50.53 56.79
N ALA XA 50 2.90 50.50 56.58
CA ALA XA 50 3.67 51.73 56.35
C ALA XA 50 4.77 51.47 55.34
N LEU XA 51 4.83 52.33 54.32
CA LEU XA 51 5.79 52.22 53.22
C LEU XA 51 6.40 53.59 52.96
N VAL XA 52 7.73 53.63 52.77
CA VAL XA 52 8.47 54.85 52.48
C VAL XA 52 9.29 54.60 51.22
N ARG XA 53 8.92 55.28 50.12
CA ARG XA 53 9.52 54.99 48.83
C ARG XA 53 9.82 56.30 48.10
N ARG XA 54 10.99 56.37 47.47
CA ARG XA 54 11.38 57.56 46.71
C ARG XA 54 10.96 57.37 45.26
N ASN XA 55 9.97 58.14 44.82
CA ASN XA 55 9.67 58.24 43.40
C ASN XA 55 10.75 59.10 42.75
N ALA XA 56 11.62 58.45 41.97
CA ALA XA 56 12.79 59.11 41.41
C ALA XA 56 12.43 60.04 40.27
N ALA XA 57 11.38 59.70 39.52
CA ALA XA 57 10.90 60.60 38.48
C ALA XA 57 10.46 61.93 39.08
N SER XA 58 9.49 61.89 39.99
CA SER XA 58 8.96 63.09 40.61
C SER XA 58 9.93 63.71 41.61
N LYS XA 59 11.10 63.13 41.79
CA LYS XA 59 12.07 63.57 42.79
C LYS XA 59 11.38 63.86 44.12
N SER XA 60 10.73 62.82 44.65
CA SER XA 60 10.00 63.01 45.88
C SER XA 60 9.97 61.71 46.65
N VAL XA 61 9.50 61.79 47.89
CA VAL XA 61 9.37 60.64 48.78
C VAL XA 61 7.91 60.53 49.18
N LYS XA 62 7.30 59.39 48.87
CA LYS XA 62 5.95 59.09 49.31
C LYS XA 62 6.02 58.27 50.60
N VAL XA 63 5.11 58.56 51.52
CA VAL XA 63 4.97 57.85 52.78
C VAL XA 63 3.50 57.47 52.91
N LYS XA 64 3.21 56.17 52.84
CA LYS XA 64 1.85 55.65 52.89
C LYS XA 64 1.63 54.82 54.14
N VAL XA 65 0.59 55.17 54.90
CA VAL XA 65 0.22 54.47 56.13
C VAL XA 65 -1.25 54.11 56.06
N ALA XA 66 -1.60 52.91 56.52
CA ALA XA 66 -2.98 52.47 56.56
C ALA XA 66 -3.25 51.76 57.88
N ILE XA 67 -4.43 52.02 58.44
CA ILE XA 67 -4.88 51.40 59.68
C ILE XA 67 -6.22 50.74 59.41
N TYR XA 68 -6.28 49.43 59.59
CA TYR XA 68 -7.47 48.62 59.32
C TYR XA 68 -8.04 48.11 60.63
N ASP XA 69 -9.27 48.53 60.96
CA ASP XA 69 -9.94 48.05 62.17
C ASP XA 69 -11.16 47.22 61.78
N PRO XA 70 -11.15 45.90 61.96
CA PRO XA 70 -12.32 45.11 61.60
C PRO XA 70 -13.31 44.99 62.74
N THR XA 71 -14.59 44.91 62.38
CA THR XA 71 -15.65 44.58 63.32
C THR XA 71 -16.35 43.33 62.81
N LEU XA 72 -16.45 42.34 63.70
CA LEU XA 72 -16.95 41.01 63.40
C LEU XA 72 -18.41 40.88 63.77
N ALA XA 73 -19.03 39.83 63.25
CA ALA XA 73 -20.42 39.55 63.54
C ALA XA 73 -20.66 38.06 63.35
N VAL XA 74 -21.49 37.50 64.21
CA VAL XA 74 -21.86 36.10 64.12
C VAL XA 74 -23.30 36.02 63.63
N THR XA 75 -23.64 34.87 63.02
CA THR XA 75 -25.02 34.64 62.61
C THR XA 75 -25.98 34.79 63.77
N ALA XA 76 -25.58 34.34 64.95
CA ALA XA 76 -26.42 34.33 66.14
C ALA XA 76 -25.53 34.45 67.35
N PRO XA 77 -26.02 35.03 68.45
CA PRO XA 77 -25.15 35.27 69.60
C PRO XA 77 -24.61 33.98 70.18
N SER XA 78 -23.42 34.08 70.77
CA SER XA 78 -22.69 32.91 71.25
C SER XA 78 -23.36 32.27 72.47
N THR XA 79 -23.25 30.94 72.58
CA THR XA 79 -23.84 30.20 73.69
C THR XA 79 -22.85 29.66 74.69
N ALA XA 80 -21.61 29.38 74.29
CA ALA XA 80 -20.56 28.78 75.12
C ALA XA 80 -20.87 27.35 75.53
N SER XA 81 -21.79 26.67 74.87
CA SER XA 81 -22.13 25.31 75.22
C SER XA 81 -21.86 24.29 74.12
N GLY XA 82 -22.49 24.46 72.96
CA GLY XA 82 -22.33 23.54 71.85
C GLY XA 82 -21.57 24.19 70.71
N ILE XA 83 -21.52 23.47 69.58
CA ILE XA 83 -20.88 24.02 68.39
C ILE XA 83 -21.60 25.28 67.98
N GLN XA 84 -20.85 26.35 67.78
CA GLN XA 84 -21.38 27.68 67.58
C GLN XA 84 -20.99 28.21 66.21
N PRO XA 85 -21.71 29.23 65.71
CA PRO XA 85 -21.40 29.76 64.38
C PRO XA 85 -20.07 30.50 64.40
N SER XA 86 -19.20 30.16 63.45
CA SER XA 86 -17.95 30.89 63.30
C SER XA 86 -18.26 32.31 62.82
N PRO XA 87 -17.43 33.28 63.19
CA PRO XA 87 -17.76 34.69 62.95
C PRO XA 87 -17.29 35.18 61.58
N THR XA 88 -18.15 35.94 60.93
CA THR XA 88 -17.82 36.60 59.69
C THR XA 88 -17.30 38.01 59.98
N VAL XA 89 -16.63 38.58 59.00
CA VAL XA 89 -16.18 39.97 59.08
C VAL XA 89 -17.35 40.85 58.66
N ALA XA 90 -17.95 41.54 59.64
CA ALA XA 90 -19.07 42.42 59.32
C ALA XA 90 -18.62 43.59 58.46
N PHE XA 91 -17.62 44.34 58.94
CA PHE XA 91 -17.10 45.43 58.12
C PHE XA 91 -15.70 45.80 58.61
N THR XA 92 -15.09 46.77 57.93
CA THR XA 92 -13.77 47.24 58.28
C THR XA 92 -13.72 48.76 58.16
N CYS XA 93 -13.11 49.41 59.15
CA CYS XA 93 -12.92 50.85 59.14
C CYS XA 93 -11.45 51.14 58.84
N PRO XA 94 -11.13 51.58 57.63
CA PRO XA 94 -9.77 52.02 57.35
C PRO XA 94 -9.54 53.52 57.45
N VAL XA 95 -8.30 53.84 57.84
CA VAL XA 95 -7.67 55.14 57.61
C VAL XA 95 -6.53 54.94 56.62
N PHE XA 96 -6.44 55.84 55.64
CA PHE XA 96 -5.29 55.93 54.76
C PHE XA 96 -4.67 57.31 54.92
N ILE XA 97 -3.34 57.35 55.06
CA ILE XA 97 -2.58 58.57 55.24
C ILE XA 97 -1.46 58.56 54.22
N GLU XA 98 -1.31 59.66 53.48
CA GLU XA 98 -0.25 59.80 52.49
C GLU XA 98 0.42 61.15 52.67
N PHE XA 99 1.73 61.14 52.86
CA PHE XA 99 2.57 62.33 52.79
C PHE XA 99 3.38 62.27 51.52
N THR XA 100 3.57 63.41 50.87
CA THR XA 100 4.58 63.47 49.81
C THR XA 100 5.53 64.62 50.08
N LEU XA 101 6.82 64.32 50.03
CA LEU XA 101 7.87 65.27 50.41
C LEU XA 101 8.84 65.42 49.25
N PRO XA 102 8.84 66.57 48.56
CA PRO XA 102 9.78 66.75 47.44
C PRO XA 102 11.22 66.62 47.88
N ASP XA 103 12.09 66.31 46.92
CA ASP XA 103 13.46 65.98 47.27
C ASP XA 103 14.18 67.16 47.91
N ALA XA 104 13.90 68.37 47.44
CA ALA XA 104 14.53 69.58 48.00
C ALA XA 104 13.66 70.15 49.12
N CYS XA 105 13.48 69.34 50.16
CA CYS XA 105 12.55 69.64 51.25
C CYS XA 105 13.30 69.71 52.57
N THR XA 106 12.97 70.70 53.39
CA THR XA 106 13.61 70.87 54.68
C THR XA 106 13.10 69.87 55.69
N ILE XA 107 14.01 69.43 56.56
CA ILE XA 107 13.59 68.66 57.72
C ILE XA 107 12.57 69.44 58.53
N GLN XA 108 12.72 70.77 58.57
CA GLN XA 108 11.75 71.59 59.29
C GLN XA 108 10.38 71.56 58.60
N ASN XA 109 10.37 71.52 57.26
CA ASN XA 109 9.10 71.38 56.54
C ASN XA 109 8.45 70.03 56.84
N ARG XA 110 9.25 68.96 56.92
CA ARG XA 110 8.70 67.65 57.26
C ARG XA 110 8.08 67.66 58.65
N LYS XA 111 8.80 68.23 59.62
CA LYS XA 111 8.26 68.36 60.97
C LYS XA 111 6.95 69.15 60.95
N ASP XA 112 6.94 70.27 60.21
CA ASP XA 112 5.74 71.08 60.07
C ASP XA 112 4.55 70.25 59.58
N ILE XA 113 4.73 69.53 58.48
CA ILE XA 113 3.60 68.86 57.84
C ILE XA 113 3.08 67.73 58.74
N LEU XA 114 4.00 66.97 59.37
CA LEU XA 114 3.55 65.92 60.28
C LEU XA 114 2.81 66.52 61.47
N ALA XA 115 3.29 67.67 61.97
CA ALA XA 115 2.62 68.32 63.09
C ALA XA 115 1.22 68.79 62.71
N TYR XA 116 1.08 69.37 61.51
CA TYR XA 116 -0.25 69.79 61.05
C TYR XA 116 -1.20 68.61 61.00
N ALA XA 117 -0.73 67.48 60.46
CA ALA XA 117 -1.57 66.28 60.41
C ALA XA 117 -1.98 65.82 61.80
N LYS XA 118 -1.02 65.66 62.71
CA LYS XA 118 -1.35 65.08 64.01
C LYS XA 118 -2.22 66.03 64.84
N ASN XA 119 -1.90 67.33 64.84
CA ASN XA 119 -2.70 68.28 65.61
C ASN XA 119 -4.11 68.39 65.04
N PHE XA 120 -4.25 68.34 63.72
CA PHE XA 120 -5.59 68.34 63.15
C PHE XA 120 -6.37 67.11 63.58
N LEU XA 121 -5.77 65.93 63.46
CA LEU XA 121 -6.49 64.72 63.84
C LEU XA 121 -6.88 64.73 65.31
N ALA XA 122 -6.06 65.34 66.17
CA ALA XA 122 -6.49 65.53 67.55
C ALA XA 122 -7.62 66.56 67.65
N SER XA 123 -7.73 67.48 66.69
CA SER XA 123 -8.64 68.61 66.83
C SER XA 123 -10.11 68.18 66.86
N ALA XA 124 -10.90 68.96 67.60
CA ALA XA 124 -12.32 68.71 67.73
C ALA XA 124 -13.06 68.91 66.42
N THR XA 125 -12.51 69.67 65.47
CA THR XA 125 -13.14 69.74 64.16
C THR XA 125 -13.01 68.41 63.42
N ALA XA 126 -11.83 67.78 63.51
CA ALA XA 126 -11.68 66.42 63.00
C ALA XA 126 -12.63 65.46 63.72
N THR XA 127 -12.85 65.68 65.02
CA THR XA 127 -13.79 64.82 65.74
C THR XA 127 -15.22 65.00 65.22
N ASP XA 128 -15.71 66.25 65.16
CA ASP XA 128 -17.00 66.54 64.53
C ASP XA 128 -17.08 65.94 63.13
N LEU XA 129 -15.96 65.91 62.43
CA LEU XA 129 -15.93 65.45 61.04
C LEU XA 129 -16.12 63.94 60.93
N VAL XA 130 -15.31 63.19 61.65
CA VAL XA 130 -15.25 61.73 61.48
C VAL XA 130 -16.08 60.99 62.52
N VAL XA 131 -15.93 61.33 63.79
CA VAL XA 131 -16.68 60.65 64.84
C VAL XA 131 -18.16 60.95 64.68
N ASN XA 132 -18.49 62.24 64.59
CA ASN XA 132 -19.89 62.66 64.57
C ASN XA 132 -20.54 62.40 63.20
N THR XA 133 -19.74 62.21 62.13
CA THR XA 133 -20.22 62.00 60.77
C THR XA 133 -20.99 63.21 60.28
N ALA XA 134 -20.37 64.38 60.36
CA ALA XA 134 -21.06 65.61 60.05
C ALA XA 134 -20.05 66.52 59.36
N PRO XA 135 -20.35 67.03 58.18
CA PRO XA 135 -19.43 67.93 57.51
C PRO XA 135 -19.58 69.36 57.98
N GLN XA 136 -18.67 70.21 57.51
CA GLN XA 136 -18.56 71.60 57.92
C GLN XA 136 -19.36 72.47 56.94
N TYR XA 137 -20.55 72.91 57.35
CA TYR XA 137 -21.44 73.62 56.43
C TYR XA 137 -21.44 75.13 56.64
N GLN YA 1 21.22 40.90 58.95
CA GLN YA 1 20.05 41.80 58.91
C GLN YA 1 20.59 43.18 58.68
N ILE YA 2 19.73 44.15 58.38
CA ILE YA 2 20.19 45.45 57.92
C ILE YA 2 20.16 46.44 59.07
N ALA YA 3 21.28 47.13 59.26
CA ALA YA 3 21.40 48.26 60.17
C ALA YA 3 22.32 49.26 59.52
N ASN YA 4 22.32 50.49 60.06
CA ASN YA 4 23.12 51.53 59.46
C ASN YA 4 24.61 51.21 59.59
N VAL YA 5 25.41 51.74 58.67
CA VAL YA 5 26.84 51.45 58.62
C VAL YA 5 27.60 52.76 58.84
N VAL YA 6 28.70 52.69 59.59
CA VAL YA 6 29.44 53.87 60.00
C VAL YA 6 30.81 53.83 59.35
N LEU YA 7 31.10 54.83 58.51
CA LEU YA 7 32.35 54.89 57.76
C LEU YA 7 33.12 56.14 58.16
N ALA YA 8 34.41 55.98 58.49
CA ALA YA 8 35.22 57.11 58.92
C ALA YA 8 35.82 57.81 57.70
N ASP YA 9 35.66 59.13 57.63
CA ASP YA 9 36.12 59.87 56.48
C ASP YA 9 37.64 60.05 56.53
N GLY YA 10 38.17 60.65 55.47
CA GLY YA 10 39.59 60.89 55.39
C GLY YA 10 39.92 62.27 55.90
N GLN YA 11 40.54 62.32 57.07
CA GLN YA 11 41.04 63.55 57.66
C GLN YA 11 42.20 63.17 58.57
N ALA YA 12 42.77 64.17 59.24
CA ALA YA 12 43.68 63.89 60.34
C ALA YA 12 43.03 63.00 61.37
N ALA YA 13 41.93 63.47 61.92
CA ALA YA 13 41.12 62.75 62.84
C ALA YA 13 39.88 62.34 62.09
N PRO YA 14 39.62 61.05 61.99
CA PRO YA 14 38.44 60.59 61.26
C PRO YA 14 37.18 61.09 61.95
N ALA YA 15 36.19 61.41 61.13
CA ALA YA 15 34.86 61.81 61.60
C ALA YA 15 33.89 60.80 61.04
N ASP YA 16 33.24 60.07 61.94
CA ASP YA 16 32.33 59.00 61.53
C ASP YA 16 31.11 59.56 60.83
N LYS YA 17 30.86 59.10 59.62
CA LYS YA 17 29.65 59.41 58.87
C LYS YA 17 28.76 58.17 58.91
N THR YA 18 27.53 58.34 59.36
CA THR YA 18 26.59 57.24 59.54
C THR YA 18 25.63 57.20 58.36
N PHE YA 19 25.50 56.02 57.75
CA PHE YA 19 24.59 55.78 56.63
C PHE YA 19 23.43 54.95 57.17
N GLU YA 20 22.26 55.60 57.32
CA GLU YA 20 21.05 54.94 57.77
C GLU YA 20 20.34 54.28 56.59
N PRO YA 21 19.84 53.06 56.77
CA PRO YA 21 19.29 52.32 55.63
C PRO YA 21 17.99 52.91 55.12
N GLN YA 22 17.82 52.84 53.80
CA GLN YA 22 16.62 53.28 53.11
C GLN YA 22 15.91 52.18 52.35
N ARG YA 23 16.61 51.13 51.94
CA ARG YA 23 16.05 50.01 51.20
C ARG YA 23 16.69 48.71 51.65
N GLY YA 24 15.88 47.67 51.73
CA GLY YA 24 16.39 46.32 51.82
C GLY YA 24 16.55 45.72 50.44
N GLN YA 25 17.50 44.80 50.31
CA GLN YA 25 17.67 44.10 49.05
C GLN YA 25 16.50 43.16 48.84
N ASN YA 26 15.81 43.31 47.71
CA ASN YA 26 14.65 42.51 47.37
C ASN YA 26 14.94 41.75 46.09
N GLY YA 27 14.90 40.42 46.16
CA GLY YA 27 15.23 39.62 44.98
C GLY YA 27 16.69 39.77 44.61
N VAL YA 28 16.96 39.99 43.33
CA VAL YA 28 18.31 40.29 42.86
C VAL YA 28 18.29 41.53 41.99
N THR YA 29 17.10 41.98 41.61
CA THR YA 29 17.01 43.19 40.80
C THR YA 29 17.39 44.43 41.61
N ASP YA 30 16.95 44.49 42.86
CA ASP YA 30 16.98 45.71 43.67
C ASP YA 30 18.11 45.64 44.68
N PRO YA 31 19.05 46.59 44.70
CA PRO YA 31 20.06 46.60 45.76
C PRO YA 31 19.59 47.35 47.00
N ALA YA 32 20.20 47.00 48.14
CA ALA YA 32 19.90 47.70 49.38
C ALA YA 32 20.69 49.01 49.46
N GLU YA 33 20.05 50.07 49.97
CA GLU YA 33 20.59 51.41 49.90
C GLU YA 33 20.62 52.07 51.28
N TRP YA 34 21.67 52.87 51.51
CA TRP YA 34 21.91 53.61 52.75
C TRP YA 34 22.18 55.08 52.42
N TRP YA 35 21.64 55.97 53.24
CA TRP YA 35 21.71 57.42 53.03
C TRP YA 35 22.35 58.09 54.25
N GLU YA 36 23.23 59.07 54.01
CA GLU YA 36 23.94 59.70 55.12
C GLU YA 36 23.10 60.72 55.87
N LYS YA 37 22.33 61.53 55.15
CA LYS YA 37 21.47 62.54 55.74
C LYS YA 37 22.28 63.65 56.42
N SER YA 38 23.49 63.93 55.92
CA SER YA 38 24.28 64.97 56.56
C SER YA 38 23.81 66.36 56.15
N SER YA 39 23.72 66.62 54.84
CA SER YA 39 23.30 67.92 54.34
C SER YA 39 21.77 68.09 54.49
N PRO YA 40 21.25 69.32 54.38
CA PRO YA 40 19.79 69.48 54.54
C PRO YA 40 18.94 68.86 53.43
N THR YA 41 19.29 69.01 52.16
CA THR YA 41 18.51 68.47 51.05
C THR YA 41 19.03 67.08 50.66
N LEU YA 42 18.31 66.41 49.74
CA LEU YA 42 18.73 65.07 49.35
C LEU YA 42 20.06 65.09 48.63
N ASN YA 43 20.27 66.08 47.76
CA ASN YA 43 21.47 66.08 46.93
C ASN YA 43 22.75 65.94 47.76
N GLY YA 44 22.72 66.37 49.03
CA GLY YA 44 23.90 66.28 49.89
C GLY YA 44 24.09 64.95 50.58
N TYR YA 45 23.06 64.10 50.63
CA TYR YA 45 23.19 62.76 51.20
C TYR YA 45 24.29 61.99 50.48
N ARG YA 46 25.13 61.30 51.25
CA ARG YA 46 26.06 60.33 50.69
C ARG YA 46 25.38 58.97 50.62
N ARG YA 47 25.64 58.22 49.55
CA ARG YA 47 24.92 56.98 49.28
C ARG YA 47 25.82 55.76 49.35
N LEU YA 48 25.22 54.64 49.78
CA LEU YA 48 25.88 53.33 49.77
C LEU YA 48 24.90 52.28 49.27
N THR YA 49 25.24 51.61 48.18
CA THR YA 49 24.41 50.54 47.61
C THR YA 49 25.14 49.22 47.69
N ALA YA 50 24.41 48.16 48.00
CA ALA YA 50 24.99 46.82 48.10
C ALA YA 50 24.00 45.79 47.61
N LEU YA 51 24.47 44.92 46.72
CA LEU YA 51 23.62 43.91 46.07
C LEU YA 51 24.40 42.62 45.96
N VAL YA 52 23.85 41.55 46.53
CA VAL YA 52 24.39 40.20 46.35
C VAL YA 52 23.41 39.44 45.47
N ARG YA 53 23.85 39.11 44.25
CA ARG YA 53 23.00 38.41 43.29
C ARG YA 53 23.70 37.17 42.78
N ARG YA 54 23.01 36.05 42.78
CA ARG YA 54 23.60 34.84 42.21
C ARG YA 54 23.42 34.87 40.70
N ASN YA 55 24.53 34.68 39.98
CA ASN YA 55 24.53 34.52 38.53
C ASN YA 55 24.63 33.03 38.24
N ALA YA 56 23.57 32.48 37.63
CA ALA YA 56 23.49 31.04 37.40
C ALA YA 56 24.29 30.62 36.17
N ALA YA 57 24.51 31.56 35.24
CA ALA YA 57 25.33 31.25 34.07
C ALA YA 57 26.74 30.84 34.48
N SER YA 58 27.41 31.67 35.28
CA SER YA 58 28.75 31.38 35.75
C SER YA 58 28.78 30.45 36.95
N LYS YA 59 27.63 30.00 37.43
CA LYS YA 59 27.52 29.23 38.66
C LYS YA 59 28.30 29.91 39.78
N SER YA 60 27.93 31.16 40.06
CA SER YA 60 28.71 31.96 41.00
C SER YA 60 27.84 33.04 41.61
N VAL YA 61 28.38 33.70 42.62
CA VAL YA 61 27.70 34.78 43.33
C VAL YA 61 28.46 36.07 43.06
N LYS YA 62 27.75 37.15 42.75
CA LYS YA 62 28.34 38.46 42.58
C LYS YA 62 27.95 39.36 43.74
N VAL YA 63 28.88 40.22 44.15
CA VAL YA 63 28.66 41.18 45.22
C VAL YA 63 29.08 42.55 44.70
N LYS YA 64 28.13 43.47 44.56
CA LYS YA 64 28.38 44.82 44.06
C LYS YA 64 28.11 45.83 45.15
N VAL YA 65 29.09 46.70 45.38
CA VAL YA 65 29.00 47.78 46.36
C VAL YA 65 29.34 49.07 45.67
N ALA YA 66 28.66 50.15 46.05
CA ALA YA 66 28.92 51.47 45.49
C ALA YA 66 28.83 52.52 46.58
N ILE YA 67 29.76 53.45 46.57
CA ILE YA 67 29.77 54.57 47.51
C ILE YA 67 29.82 55.86 46.70
N TYR YA 68 28.77 56.67 46.83
CA TYR YA 68 28.67 57.95 46.14
C TYR YA 68 28.84 59.09 47.14
N ASP YA 69 29.90 59.89 46.97
CA ASP YA 69 30.16 61.08 47.80
C ASP YA 69 29.98 62.34 46.96
N PRO YA 70 28.85 63.05 47.07
CA PRO YA 70 28.67 64.25 46.26
C PRO YA 70 29.10 65.53 46.97
N THR YA 71 29.65 66.49 46.24
CA THR YA 71 29.95 67.80 46.80
C THR YA 71 29.07 68.84 46.13
N LEU YA 72 28.46 69.71 46.92
CA LEU YA 72 27.53 70.69 46.36
C LEU YA 72 28.28 71.86 45.76
N ALA YA 73 27.61 72.58 44.87
CA ALA YA 73 28.20 73.73 44.22
C ALA YA 73 27.95 74.99 45.02
N VAL YA 74 28.83 75.98 44.83
CA VAL YA 74 28.73 77.26 45.53
C VAL YA 74 27.65 78.11 44.88
N THR YA 75 26.63 78.46 45.65
CA THR YA 75 25.48 79.18 45.12
C THR YA 75 25.58 80.68 45.44
N ALA YA 76 24.70 81.44 44.81
CA ALA YA 76 24.62 82.88 44.95
C ALA YA 76 23.19 83.27 45.26
N PRO YA 77 22.98 84.32 46.08
CA PRO YA 77 21.61 84.70 46.45
C PRO YA 77 20.77 85.17 45.27
N SER YA 78 21.36 85.88 44.32
CA SER YA 78 20.65 86.42 43.17
C SER YA 78 20.90 85.52 41.97
N THR YA 79 19.87 84.78 41.55
CA THR YA 79 19.90 84.02 40.32
C THR YA 79 19.23 84.84 39.23
N ALA YA 80 19.72 84.69 38.00
CA ALA YA 80 19.14 85.46 36.90
C ALA YA 80 17.69 85.09 36.69
N SER YA 81 16.88 86.12 36.40
CA SER YA 81 15.49 85.94 35.98
C SER YA 81 14.78 84.97 36.90
N GLY YA 82 14.87 85.22 38.20
CA GLY YA 82 14.03 84.39 39.04
C GLY YA 82 14.59 84.26 40.44
N ILE YA 83 14.45 83.04 40.95
CA ILE YA 83 14.47 82.79 42.36
C ILE YA 83 15.86 82.34 42.80
N GLN YA 84 16.15 82.53 44.08
CA GLN YA 84 17.37 82.01 44.68
C GLN YA 84 17.44 80.50 44.47
N PRO YA 85 18.58 79.94 44.06
CA PRO YA 85 18.60 78.57 43.55
C PRO YA 85 18.61 77.55 44.67
N SER YA 86 17.97 76.42 44.41
CA SER YA 86 18.04 75.30 45.33
C SER YA 86 19.42 74.65 45.23
N PRO YA 87 19.89 74.01 46.30
CA PRO YA 87 21.26 73.48 46.29
C PRO YA 87 21.39 72.36 45.27
N THR YA 88 22.45 72.43 44.47
CA THR YA 88 22.67 71.48 43.39
C THR YA 88 24.03 70.82 43.53
N VAL YA 89 24.16 69.64 42.93
CA VAL YA 89 25.41 68.89 42.96
C VAL YA 89 26.33 69.41 41.88
N ALA YA 90 27.57 69.75 42.26
CA ALA YA 90 28.56 70.16 41.26
C ALA YA 90 29.26 68.95 40.68
N PHE YA 91 29.63 68.00 41.53
CA PHE YA 91 30.20 66.73 41.07
C PHE YA 91 30.07 65.72 42.20
N THR YA 92 30.44 64.48 41.89
CA THR YA 92 30.31 63.39 42.84
C THR YA 92 31.44 62.39 42.59
N CYS YA 93 32.00 61.85 43.67
CA CYS YA 93 33.09 60.88 43.60
C CYS YA 93 32.56 59.50 43.94
N PRO YA 94 32.48 58.59 42.97
CA PRO YA 94 32.09 57.21 43.29
C PRO YA 94 33.24 56.23 43.41
N VAL YA 95 33.00 55.24 44.29
CA VAL YA 95 33.70 53.96 44.28
C VAL YA 95 32.71 52.89 43.84
N PHE YA 96 33.17 51.98 42.99
CA PHE YA 96 32.50 50.72 42.71
C PHE YA 96 33.41 49.57 43.11
N ILE YA 97 32.83 48.56 43.74
CA ILE YA 97 33.56 47.37 44.17
C ILE YA 97 32.75 46.15 43.76
N GLU YA 98 33.39 45.21 43.09
CA GLU YA 98 32.73 43.98 42.67
C GLU YA 98 33.58 42.77 43.06
N PHE YA 99 33.03 41.93 43.93
CA PHE YA 99 33.59 40.61 44.23
C PHE YA 99 32.84 39.58 43.40
N THR YA 100 33.55 38.58 42.90
CA THR YA 100 32.83 37.40 42.40
C THR YA 100 33.38 36.15 43.06
N LEU YA 101 32.47 35.26 43.44
CA LEU YA 101 32.80 34.07 44.24
C LEU YA 101 32.15 32.85 43.62
N PRO YA 102 32.92 31.90 43.09
CA PRO YA 102 32.33 30.71 42.47
C PRO YA 102 31.66 29.83 43.51
N ASP YA 103 30.81 28.92 43.02
CA ASP YA 103 30.04 28.07 43.91
C ASP YA 103 30.93 27.07 44.65
N ALA YA 104 32.05 26.69 44.06
CA ALA YA 104 32.93 25.69 44.65
C ALA YA 104 33.96 26.29 45.59
N CYS YA 105 33.77 27.51 46.08
CA CYS YA 105 34.80 28.22 46.82
C CYS YA 105 34.68 28.01 48.32
N THR YA 106 35.79 28.24 49.01
CA THR YA 106 35.87 28.03 50.46
C THR YA 106 35.56 29.31 51.21
N ILE YA 107 35.03 29.13 52.42
CA ILE YA 107 34.92 30.24 53.37
C ILE YA 107 36.28 30.89 53.56
N GLN YA 108 37.34 30.08 53.55
CA GLN YA 108 38.69 30.62 53.66
C GLN YA 108 39.02 31.49 52.44
N ASN YA 109 38.61 31.07 51.25
CA ASN YA 109 38.88 31.88 50.06
C ASN YA 109 38.15 33.21 50.12
N ARG YA 110 36.90 33.21 50.59
CA ARG YA 110 36.15 34.46 50.70
C ARG YA 110 36.82 35.41 51.69
N LYS YA 111 37.21 34.90 52.86
CA LYS YA 111 37.91 35.74 53.82
C LYS YA 111 39.22 36.27 53.25
N ASP YA 112 39.97 35.41 52.55
CA ASP YA 112 41.19 35.83 51.86
C ASP YA 112 40.92 37.02 50.96
N ILE YA 113 39.95 36.89 50.05
CA ILE YA 113 39.76 37.91 49.02
C ILE YA 113 39.34 39.23 49.64
N LEU YA 114 38.44 39.17 50.63
CA LEU YA 114 37.98 40.40 51.26
C LEU YA 114 39.12 41.08 52.02
N ALA YA 115 39.94 40.29 52.72
CA ALA YA 115 41.06 40.89 53.45
C ALA YA 115 42.08 41.50 52.51
N TYR YA 116 42.33 40.85 51.36
CA TYR YA 116 43.22 41.42 50.36
C TYR YA 116 42.71 42.79 49.93
N ALA YA 117 41.40 42.89 49.65
CA ALA YA 117 40.82 44.16 49.24
C ALA YA 117 40.99 45.23 50.32
N LYS YA 118 40.59 44.93 51.57
CA LYS YA 118 40.64 45.96 52.61
C LYS YA 118 42.07 46.39 52.92
N ASN YA 119 43.00 45.43 52.98
CA ASN YA 119 44.38 45.76 53.29
C ASN YA 119 45.02 46.56 52.17
N PHE YA 120 44.71 46.24 50.91
CA PHE YA 120 45.22 47.07 49.83
C PHE YA 120 44.68 48.49 49.93
N LEU YA 121 43.37 48.64 50.13
CA LEU YA 121 42.79 49.98 50.18
C LEU YA 121 43.37 50.80 51.33
N ALA YA 122 43.75 50.14 52.43
CA ALA YA 122 44.49 50.85 53.47
C ALA YA 122 45.90 51.19 53.02
N SER YA 123 46.50 50.37 52.15
CA SER YA 123 47.93 50.49 51.85
C SER YA 123 48.28 51.83 51.23
N ALA YA 124 49.52 52.27 51.49
CA ALA YA 124 49.98 53.55 51.00
C ALA YA 124 50.04 53.59 49.48
N THR YA 125 50.20 52.44 48.81
CA THR YA 125 50.17 52.44 47.35
C THR YA 125 48.77 52.73 46.83
N ALA YA 126 47.73 52.21 47.49
CA ALA YA 126 46.38 52.64 47.14
C ALA YA 126 46.18 54.12 47.46
N THR YA 127 46.75 54.60 48.56
CA THR YA 127 46.63 56.03 48.87
C THR YA 127 47.31 56.88 47.79
N ASP YA 128 48.56 56.53 47.43
CA ASP YA 128 49.24 57.17 46.29
C ASP YA 128 48.36 57.11 45.06
N LEU YA 129 47.72 55.96 44.82
CA LEU YA 129 46.98 55.74 43.59
C LEU YA 129 45.76 56.65 43.47
N VAL YA 130 45.01 56.85 44.55
CA VAL YA 130 43.75 57.57 44.47
C VAL YA 130 43.90 59.03 44.87
N VAL YA 131 44.57 59.30 46.00
CA VAL YA 131 44.68 60.66 46.51
C VAL YA 131 45.59 61.51 45.64
N ASN YA 132 46.71 60.95 45.19
CA ASN YA 132 47.62 61.68 44.32
C ASN YA 132 47.33 61.47 42.84
N THR YA 133 46.41 60.57 42.51
CA THR YA 133 46.04 60.24 41.12
C THR YA 133 47.30 59.89 40.31
N ALA YA 134 48.23 59.19 40.94
CA ALA YA 134 49.50 58.94 40.28
C ALA YA 134 49.63 57.48 39.86
N PRO YA 135 50.24 57.23 38.69
CA PRO YA 135 50.55 55.85 38.29
C PRO YA 135 51.61 55.20 39.16
N GLN YA 136 52.04 53.99 38.80
CA GLN YA 136 53.13 53.31 39.51
C GLN YA 136 54.29 53.14 38.53
N TYR YA 137 55.30 54.01 38.66
CA TYR YA 137 56.33 54.21 37.64
C TYR YA 137 57.45 53.17 37.79
N GLN ZA 1 68.96 -39.11 4.22
CA GLN ZA 1 69.47 -37.77 4.52
C GLN ZA 1 70.51 -37.34 3.47
N ILE ZA 2 70.69 -36.03 3.27
CA ILE ZA 2 71.57 -35.55 2.20
C ILE ZA 2 73.02 -35.58 2.66
N ALA ZA 3 73.89 -35.93 1.73
CA ALA ZA 3 75.33 -36.01 1.91
C ALA ZA 3 75.94 -36.05 0.52
N ASN ZA 4 77.16 -35.54 0.40
CA ASN ZA 4 77.78 -35.39 -0.91
C ASN ZA 4 77.93 -36.76 -1.59
N VAL ZA 5 78.00 -36.73 -2.93
CA VAL ZA 5 78.10 -37.95 -3.72
C VAL ZA 5 79.37 -37.88 -4.56
N VAL ZA 6 80.05 -39.01 -4.71
CA VAL ZA 6 81.37 -39.06 -5.30
C VAL ZA 6 81.31 -39.95 -6.53
N LEU ZA 7 81.46 -39.37 -7.71
CA LEU ZA 7 81.38 -40.11 -8.97
C LEU ZA 7 82.73 -40.05 -9.68
N ALA ZA 8 83.09 -41.14 -10.35
CA ALA ZA 8 84.40 -41.27 -10.99
C ALA ZA 8 84.28 -40.96 -12.48
N ASP ZA 9 85.09 -40.01 -12.96
CA ASP ZA 9 85.06 -39.70 -14.38
C ASP ZA 9 85.77 -40.79 -15.18
N GLY ZA 10 85.49 -40.80 -16.47
CA GLY ZA 10 86.07 -41.80 -17.36
C GLY ZA 10 87.41 -41.35 -17.90
N GLN ZA 11 88.46 -42.11 -17.57
CA GLN ZA 11 89.80 -41.79 -18.04
C GLN ZA 11 90.67 -43.05 -17.97
N ALA ZA 12 91.95 -42.85 -18.28
CA ALA ZA 12 92.98 -43.82 -17.93
C ALA ZA 12 92.89 -44.21 -16.46
N ALA ZA 13 93.08 -43.24 -15.58
CA ALA ZA 13 92.94 -43.41 -14.14
C ALA ZA 13 91.80 -42.48 -13.76
N PRO ZA 14 90.66 -43.03 -13.36
CA PRO ZA 14 89.52 -42.18 -13.09
C PRO ZA 14 89.74 -41.37 -11.83
N ALA ZA 15 89.20 -40.16 -11.83
CA ALA ZA 15 89.28 -39.24 -10.70
C ALA ZA 15 87.91 -39.12 -10.07
N ASP ZA 16 87.91 -39.13 -8.75
CA ASP ZA 16 86.71 -38.89 -7.95
C ASP ZA 16 86.33 -37.42 -8.00
N LYS ZA 17 85.20 -37.11 -8.63
CA LYS ZA 17 84.61 -35.78 -8.58
C LYS ZA 17 83.54 -35.81 -7.50
N THR ZA 18 83.67 -34.93 -6.50
CA THR ZA 18 82.79 -34.91 -5.35
C THR ZA 18 81.77 -33.79 -5.53
N PHE ZA 19 80.48 -34.15 -5.56
CA PHE ZA 19 79.37 -33.20 -5.55
C PHE ZA 19 79.00 -32.98 -4.10
N GLU ZA 20 79.40 -31.81 -3.56
CA GLU ZA 20 78.96 -31.38 -2.25
C GLU ZA 20 77.48 -30.99 -2.28
N PRO ZA 21 76.70 -31.32 -1.25
CA PRO ZA 21 75.29 -30.88 -1.26
C PRO ZA 21 75.22 -29.37 -1.15
N GLN ZA 22 74.49 -28.77 -2.08
CA GLN ZA 22 74.27 -27.33 -2.05
C GLN ZA 22 72.82 -26.96 -1.85
N ARG ZA 23 71.89 -27.86 -2.14
CA ARG ZA 23 70.50 -27.67 -1.75
C ARG ZA 23 69.83 -29.02 -1.56
N GLY ZA 24 69.16 -29.21 -0.41
CA GLY ZA 24 68.42 -30.42 -0.15
C GLY ZA 24 66.98 -30.35 -0.64
N GLN ZA 25 66.33 -31.51 -0.68
CA GLN ZA 25 64.91 -31.63 -1.02
C GLN ZA 25 64.12 -31.90 0.25
N ASN ZA 26 63.31 -30.92 0.68
CA ASN ZA 26 62.38 -31.16 1.77
C ASN ZA 26 60.93 -31.15 1.32
N GLY ZA 27 60.68 -30.83 0.04
CA GLY ZA 27 59.34 -30.76 -0.47
C GLY ZA 27 59.25 -31.52 -1.79
N VAL ZA 28 58.00 -31.67 -2.27
CA VAL ZA 28 57.75 -32.45 -3.48
C VAL ZA 28 58.00 -31.64 -4.75
N THR ZA 29 57.86 -30.32 -4.66
CA THR ZA 29 57.94 -29.52 -5.88
C THR ZA 29 59.35 -29.53 -6.48
N ASP ZA 30 60.38 -29.18 -5.68
CA ASP ZA 30 61.73 -28.87 -6.17
C ASP ZA 30 62.75 -29.95 -5.80
N PRO ZA 31 63.52 -30.44 -6.76
CA PRO ZA 31 64.47 -31.53 -6.48
C PRO ZA 31 65.67 -31.06 -5.68
N ALA ZA 32 66.37 -32.05 -5.10
CA ALA ZA 32 67.62 -31.82 -4.40
C ALA ZA 32 68.78 -31.68 -5.40
N GLU ZA 33 69.81 -30.93 -5.00
CA GLU ZA 33 70.86 -30.53 -5.93
C GLU ZA 33 72.21 -30.61 -5.24
N TRP ZA 34 73.21 -31.08 -5.98
CA TRP ZA 34 74.60 -31.21 -5.56
C TRP ZA 34 75.47 -30.48 -6.56
N TRP ZA 35 76.50 -29.79 -6.05
CA TRP ZA 35 77.39 -28.94 -6.83
C TRP ZA 35 78.83 -29.42 -6.68
N GLU ZA 36 79.58 -29.40 -7.79
CA GLU ZA 36 80.91 -30.01 -7.76
C GLU ZA 36 81.99 -29.06 -7.26
N LYS ZA 37 81.97 -27.80 -7.71
CA LYS ZA 37 82.90 -26.77 -7.27
C LYS ZA 37 84.35 -27.06 -7.70
N SER ZA 38 84.55 -27.81 -8.79
CA SER ZA 38 85.90 -27.97 -9.32
C SER ZA 38 86.42 -26.65 -9.89
N SER ZA 39 85.71 -26.11 -10.89
CA SER ZA 39 86.07 -24.80 -11.45
C SER ZA 39 85.91 -23.70 -10.40
N PRO ZA 40 86.52 -22.52 -10.62
CA PRO ZA 40 86.41 -21.45 -9.62
C PRO ZA 40 85.09 -20.68 -9.63
N THR ZA 41 84.39 -20.63 -10.78
CA THR ZA 41 83.16 -19.87 -10.91
C THR ZA 41 81.95 -20.79 -10.94
N LEU ZA 42 80.77 -20.21 -10.64
CA LEU ZA 42 79.55 -21.00 -10.54
C LEU ZA 42 79.22 -21.71 -11.84
N ASN ZA 43 79.59 -21.13 -12.99
CA ASN ZA 43 79.25 -21.71 -14.27
C ASN ZA 43 79.95 -23.06 -14.49
N GLY ZA 44 81.14 -23.23 -13.93
CA GLY ZA 44 81.92 -24.42 -14.13
C GLY ZA 44 81.61 -25.57 -13.20
N TYR ZA 45 80.64 -25.42 -12.33
CA TYR ZA 45 80.26 -26.50 -11.43
C TYR ZA 45 79.55 -27.59 -12.21
N ARG ZA 46 79.82 -28.84 -11.84
CA ARG ZA 46 79.01 -29.96 -12.32
C ARG ZA 46 77.84 -30.13 -11.36
N ARG ZA 47 76.68 -30.48 -11.92
CA ARG ZA 47 75.45 -30.52 -11.13
C ARG ZA 47 74.84 -31.91 -11.10
N LEU ZA 48 74.17 -32.20 -9.99
CA LEU ZA 48 73.39 -33.44 -9.83
C LEU ZA 48 72.08 -33.11 -9.14
N THR ZA 49 70.95 -33.38 -9.80
CA THR ZA 49 69.62 -33.16 -9.25
C THR ZA 49 68.89 -34.49 -9.07
N ALA ZA 50 68.09 -34.58 -8.00
CA ALA ZA 50 67.41 -35.82 -7.64
C ALA ZA 50 66.12 -35.50 -6.90
N LEU ZA 51 65.01 -35.97 -7.46
CA LEU ZA 51 63.67 -35.74 -6.93
C LEU ZA 51 62.95 -37.08 -6.81
N VAL ZA 52 62.51 -37.41 -5.61
CA VAL ZA 52 61.60 -38.53 -5.37
C VAL ZA 52 60.25 -37.94 -5.00
N ARG ZA 53 59.22 -38.31 -5.75
CA ARG ZA 53 57.91 -37.66 -5.67
C ARG ZA 53 56.82 -38.70 -5.81
N ARG ZA 54 55.90 -38.71 -4.84
CA ARG ZA 54 54.78 -39.64 -4.92
C ARG ZA 54 53.72 -39.04 -5.84
N ASN ZA 55 53.39 -39.77 -6.92
CA ASN ZA 55 52.31 -39.39 -7.82
C ASN ZA 55 51.08 -40.20 -7.43
N ALA ZA 56 50.09 -39.53 -6.84
CA ALA ZA 56 48.89 -40.22 -6.39
C ALA ZA 56 47.99 -40.63 -7.54
N ALA ZA 57 48.13 -40.01 -8.71
CA ALA ZA 57 47.29 -40.34 -9.85
C ALA ZA 57 47.53 -41.78 -10.30
N SER ZA 58 48.79 -42.12 -10.59
CA SER ZA 58 49.17 -43.46 -10.99
C SER ZA 58 49.40 -44.39 -9.80
N LYS ZA 59 49.13 -43.91 -8.58
CA LYS ZA 59 49.46 -44.62 -7.36
C LYS ZA 59 50.89 -45.17 -7.45
N SER ZA 60 51.83 -44.23 -7.61
CA SER ZA 60 53.20 -44.62 -7.92
C SER ZA 60 54.15 -43.60 -7.31
N VAL ZA 61 55.44 -43.84 -7.51
CA VAL ZA 61 56.48 -42.96 -7.01
C VAL ZA 61 57.51 -42.78 -8.12
N LYS ZA 62 57.71 -41.55 -8.56
CA LYS ZA 62 58.71 -41.25 -9.57
C LYS ZA 62 60.02 -40.80 -8.93
N VAL ZA 63 61.12 -41.14 -9.59
CA VAL ZA 63 62.46 -40.73 -9.17
C VAL ZA 63 63.15 -40.18 -10.40
N LYS ZA 64 63.45 -38.88 -10.39
CA LYS ZA 64 64.11 -38.20 -11.50
C LYS ZA 64 65.51 -37.77 -11.07
N VAL ZA 65 66.51 -38.19 -11.81
CA VAL ZA 65 67.90 -37.86 -11.56
C VAL ZA 65 68.48 -37.21 -12.81
N ALA ZA 66 69.28 -36.18 -12.63
CA ALA ZA 66 69.92 -35.48 -13.75
C ALA ZA 66 71.35 -35.15 -13.38
N ILE ZA 67 72.25 -35.37 -14.35
CA ILE ZA 67 73.67 -35.06 -14.18
C ILE ZA 67 74.09 -34.11 -15.30
N TYR ZA 68 74.46 -32.89 -14.95
CA TYR ZA 68 74.89 -31.89 -15.91
C TYR ZA 68 76.40 -31.71 -15.82
N ASP ZA 69 77.11 -32.05 -16.90
CA ASP ZA 69 78.56 -31.85 -17.00
C ASP ZA 69 78.83 -30.74 -18.02
N PRO ZA 70 79.15 -29.53 -17.58
CA PRO ZA 70 79.42 -28.45 -18.55
C PRO ZA 70 80.90 -28.44 -18.93
N THR ZA 71 81.16 -28.08 -20.18
CA THR ZA 71 82.52 -27.88 -20.66
C THR ZA 71 82.69 -26.37 -20.87
N LEU ZA 72 83.43 -25.72 -19.98
CA LEU ZA 72 83.61 -24.28 -20.06
C LEU ZA 72 84.29 -23.91 -21.36
N ALA ZA 73 83.76 -22.89 -22.04
CA ALA ZA 73 84.42 -22.40 -23.23
C ALA ZA 73 85.79 -21.84 -22.86
N VAL ZA 74 86.78 -22.15 -23.68
CA VAL ZA 74 88.09 -21.51 -23.59
C VAL ZA 74 87.93 -20.00 -23.77
N THR ZA 75 88.24 -19.25 -22.73
CA THR ZA 75 88.06 -17.79 -22.73
C THR ZA 75 89.43 -17.15 -22.80
N ALA ZA 76 89.72 -16.48 -23.92
CA ALA ZA 76 90.92 -15.71 -24.18
C ALA ZA 76 90.64 -14.22 -24.03
N PRO ZA 77 91.64 -13.42 -23.62
CA PRO ZA 77 91.42 -11.98 -23.51
C PRO ZA 77 91.00 -11.38 -24.84
N SER ZA 78 90.00 -10.51 -24.78
CA SER ZA 78 89.33 -10.02 -25.98
C SER ZA 78 90.34 -9.51 -26.99
N THR ZA 79 90.10 -9.87 -28.25
CA THR ZA 79 90.89 -9.30 -29.32
C THR ZA 79 90.43 -7.88 -29.63
N ALA ZA 80 89.16 -7.58 -29.36
CA ALA ZA 80 88.63 -6.24 -29.59
C ALA ZA 80 88.63 -5.37 -28.34
N SER ZA 81 88.06 -5.86 -27.23
CA SER ZA 81 88.03 -5.06 -26.02
C SER ZA 81 89.36 -5.10 -25.26
N GLY ZA 82 90.23 -6.06 -25.57
CA GLY ZA 82 91.38 -6.28 -24.73
C GLY ZA 82 91.06 -6.77 -23.35
N ILE ZA 83 89.81 -7.17 -23.11
CA ILE ZA 83 89.28 -7.42 -21.78
C ILE ZA 83 88.68 -8.83 -21.77
N GLN ZA 84 89.36 -9.77 -21.12
CA GLN ZA 84 88.91 -11.16 -21.10
C GLN ZA 84 87.50 -11.26 -20.50
N PRO ZA 85 86.56 -11.89 -21.18
CA PRO ZA 85 85.19 -11.96 -20.65
C PRO ZA 85 85.11 -12.93 -19.49
N SER ZA 86 84.14 -12.68 -18.61
CA SER ZA 86 83.83 -13.58 -17.52
C SER ZA 86 83.59 -14.98 -18.09
N PRO ZA 87 83.97 -16.04 -17.37
CA PRO ZA 87 83.93 -17.38 -17.98
C PRO ZA 87 82.49 -17.79 -18.28
N THR ZA 88 82.32 -18.39 -19.47
CA THR ZA 88 81.03 -18.80 -20.00
C THR ZA 88 81.05 -20.30 -20.30
N VAL ZA 89 79.86 -20.84 -20.56
CA VAL ZA 89 79.69 -22.27 -20.86
C VAL ZA 89 79.43 -22.42 -22.35
N ALA ZA 90 80.30 -23.20 -23.03
CA ALA ZA 90 80.14 -23.41 -24.47
C ALA ZA 90 79.08 -24.46 -24.77
N PHE ZA 91 79.01 -25.52 -23.96
CA PHE ZA 91 77.96 -26.52 -24.06
C PHE ZA 91 77.98 -27.36 -22.80
N THR ZA 92 76.95 -28.19 -22.67
CA THR ZA 92 76.78 -29.02 -21.50
C THR ZA 92 76.24 -30.38 -21.91
N CYS ZA 93 76.73 -31.43 -21.26
CA CYS ZA 93 76.28 -32.81 -21.53
C CYS ZA 93 75.40 -33.27 -20.38
N PRO ZA 94 74.11 -33.44 -20.60
CA PRO ZA 94 73.26 -34.00 -19.55
C PRO ZA 94 72.96 -35.48 -19.70
N VAL ZA 95 72.74 -36.11 -18.55
CA VAL ZA 95 72.04 -37.37 -18.43
C VAL ZA 95 70.75 -37.14 -17.65
N PHE ZA 96 69.66 -37.72 -18.15
CA PHE ZA 96 68.39 -37.78 -17.44
C PHE ZA 96 68.02 -39.24 -17.21
N ILE ZA 97 67.68 -39.57 -15.97
CA ILE ZA 97 67.26 -40.92 -15.61
C ILE ZA 97 65.95 -40.83 -14.84
N GLU ZA 98 64.97 -41.62 -15.25
CA GLU ZA 98 63.66 -41.65 -14.59
C GLU ZA 98 63.31 -43.09 -14.25
N PHE ZA 99 63.12 -43.37 -12.97
CA PHE ZA 99 62.54 -44.62 -12.51
C PHE ZA 99 61.10 -44.36 -12.11
N THR ZA 100 60.21 -45.31 -12.39
CA THR ZA 100 58.88 -45.23 -11.78
C THR ZA 100 58.60 -46.52 -11.03
N LEU ZA 101 58.05 -46.39 -9.82
CA LEU ZA 101 57.84 -47.52 -8.92
C LEU ZA 101 56.39 -47.52 -8.43
N PRO ZA 102 55.57 -48.46 -8.89
CA PRO ZA 102 54.15 -48.45 -8.50
C PRO ZA 102 53.97 -48.71 -7.02
N ASP ZA 103 52.76 -48.44 -6.53
CA ASP ZA 103 52.50 -48.57 -5.10
C ASP ZA 103 52.55 -50.05 -4.66
N ALA ZA 104 52.32 -50.98 -5.58
CA ALA ZA 104 52.33 -52.41 -5.27
C ALA ZA 104 53.69 -53.05 -5.50
N CYS ZA 105 54.77 -52.28 -5.45
CA CYS ZA 105 56.08 -52.70 -5.95
C CYS ZA 105 56.92 -53.35 -4.87
N THR ZA 106 57.45 -54.54 -5.17
CA THR ZA 106 58.29 -55.26 -4.21
C THR ZA 106 59.65 -54.58 -4.06
N ILE ZA 107 60.20 -54.70 -2.85
CA ILE ZA 107 61.57 -54.27 -2.61
C ILE ZA 107 62.51 -54.99 -3.57
N GLN ZA 108 62.23 -56.26 -3.83
CA GLN ZA 108 63.04 -57.02 -4.76
C GLN ZA 108 62.92 -56.49 -6.18
N ASN ZA 109 61.73 -56.05 -6.59
CA ASN ZA 109 61.58 -55.45 -7.91
C ASN ZA 109 62.37 -54.16 -8.03
N ARG ZA 110 62.38 -53.35 -6.97
CA ARG ZA 110 63.15 -52.10 -7.00
C ARG ZA 110 64.63 -52.38 -7.14
N LYS ZA 111 65.15 -53.33 -6.34
CA LYS ZA 111 66.53 -53.74 -6.48
C LYS ZA 111 66.81 -54.23 -7.91
N ASP ZA 112 65.89 -55.04 -8.46
CA ASP ZA 112 66.03 -55.54 -9.81
C ASP ZA 112 66.21 -54.40 -10.82
N ILE ZA 113 65.30 -53.42 -10.77
CA ILE ZA 113 65.29 -52.39 -11.81
C ILE ZA 113 66.52 -51.50 -11.70
N LEU ZA 114 66.94 -51.14 -10.47
CA LEU ZA 114 68.15 -50.36 -10.33
C LEU ZA 114 69.36 -51.15 -10.80
N ALA ZA 115 69.37 -52.46 -10.56
CA ALA ZA 115 70.48 -53.29 -11.00
C ALA ZA 115 70.56 -53.35 -12.53
N TYR ZA 116 69.41 -53.55 -13.18
CA TYR ZA 116 69.41 -53.56 -14.65
C TYR ZA 116 69.96 -52.25 -15.20
N ALA ZA 117 69.52 -51.12 -14.62
CA ALA ZA 117 70.02 -49.83 -15.07
C ALA ZA 117 71.54 -49.72 -14.92
N LYS ZA 118 72.06 -49.98 -13.71
CA LYS ZA 118 73.48 -49.76 -13.48
C LYS ZA 118 74.33 -50.73 -14.30
N ASN ZA 119 73.93 -52.00 -14.37
CA ASN ZA 119 74.73 -52.98 -15.11
C ASN ZA 119 74.68 -52.70 -16.61
N PHE ZA 120 73.54 -52.24 -17.14
CA PHE ZA 120 73.53 -51.85 -18.54
C PHE ZA 120 74.44 -50.66 -18.79
N LEU ZA 121 74.38 -49.64 -17.94
CA LEU ZA 121 75.23 -48.48 -18.17
C LEU ZA 121 76.71 -48.84 -18.10
N ALA ZA 122 77.07 -49.79 -17.23
CA ALA ZA 122 78.43 -50.31 -17.26
C ALA ZA 122 78.70 -51.09 -18.54
N SER ZA 123 77.67 -51.67 -19.16
CA SER ZA 123 77.87 -52.63 -20.24
C SER ZA 123 78.52 -52.02 -21.48
N ALA ZA 124 79.27 -52.86 -22.18
CA ALA ZA 124 80.00 -52.43 -23.36
C ALA ZA 124 79.07 -51.99 -24.47
N THR ZA 125 77.84 -52.49 -24.50
CA THR ZA 125 76.88 -51.98 -25.48
C THR ZA 125 76.48 -50.55 -25.18
N ALA ZA 126 76.30 -50.22 -23.89
CA ALA ZA 126 76.10 -48.81 -23.54
C ALA ZA 126 77.31 -47.96 -23.91
N THR ZA 127 78.52 -48.52 -23.77
CA THR ZA 127 79.70 -47.75 -24.19
C THR ZA 127 79.69 -47.52 -25.69
N ASP ZA 128 79.49 -48.57 -26.49
CA ASP ZA 128 79.32 -48.43 -27.95
C ASP ZA 128 78.23 -47.43 -28.28
N LEU ZA 129 77.21 -47.32 -27.43
CA LEU ZA 129 76.03 -46.51 -27.71
C LEU ZA 129 76.31 -45.03 -27.49
N VAL ZA 130 76.93 -44.67 -26.38
CA VAL ZA 130 77.10 -43.26 -25.99
C VAL ZA 130 78.49 -42.74 -26.33
N VAL ZA 131 79.54 -43.50 -26.00
CA VAL ZA 131 80.90 -43.03 -26.21
C VAL ZA 131 81.22 -42.96 -27.69
N ASN ZA 132 80.85 -43.98 -28.45
CA ASN ZA 132 81.05 -43.98 -29.90
C ASN ZA 132 79.86 -43.44 -30.66
N THR ZA 133 78.80 -43.02 -29.96
CA THR ZA 133 77.58 -42.51 -30.59
C THR ZA 133 77.12 -43.41 -31.72
N ALA ZA 134 77.14 -44.71 -31.46
CA ALA ZA 134 76.80 -45.65 -32.50
C ALA ZA 134 75.54 -46.42 -32.14
N PRO ZA 135 74.66 -46.64 -33.11
CA PRO ZA 135 73.45 -47.44 -32.86
C PRO ZA 135 73.74 -48.94 -32.99
N GLN ZA 136 72.68 -49.73 -32.88
CA GLN ZA 136 72.75 -51.17 -32.97
C GLN ZA 136 72.05 -51.59 -34.26
N TYR ZA 137 72.83 -51.84 -35.31
CA TYR ZA 137 72.31 -51.91 -36.68
C TYR ZA 137 71.95 -53.32 -37.19
N GLN AB 1 67.17 -32.33 14.96
CA GLN AB 1 66.46 -31.68 13.88
C GLN AB 1 65.10 -32.34 13.65
N ILE AB 2 65.11 -33.37 12.78
CA ILE AB 2 64.03 -34.32 12.57
C ILE AB 2 64.55 -35.70 12.91
N ALA AB 3 63.76 -36.46 13.66
CA ALA AB 3 64.15 -37.79 14.08
C ALA AB 3 62.98 -38.72 13.89
N ASN AB 4 63.30 -39.97 13.56
CA ASN AB 4 62.26 -40.98 13.38
C ASN AB 4 61.46 -41.13 14.66
N VAL AB 5 60.25 -41.64 14.54
CA VAL AB 5 59.32 -41.70 15.67
C VAL AB 5 58.77 -43.12 15.81
N VAL AB 6 58.76 -43.63 17.03
CA VAL AB 6 58.35 -45.01 17.27
C VAL AB 6 57.06 -45.00 18.08
N LEU AB 7 56.03 -45.65 17.56
CA LEU AB 7 54.72 -45.73 18.20
C LEU AB 7 54.37 -47.18 18.52
N ALA AB 8 53.66 -47.38 19.62
CA ALA AB 8 53.29 -48.71 20.06
C ALA AB 8 51.92 -49.08 19.50
N ASP AB 9 51.84 -50.19 18.77
CA ASP AB 9 50.56 -50.60 18.23
C ASP AB 9 49.71 -51.25 19.31
N GLY AB 10 48.45 -51.48 18.98
CA GLY AB 10 47.52 -52.09 19.90
C GLY AB 10 47.57 -53.61 19.78
N GLN AB 11 48.02 -54.26 20.84
CA GLN AB 11 48.07 -55.72 20.90
C GLN AB 11 48.11 -56.05 22.38
N ALA AB 12 48.23 -57.36 22.66
CA ALA AB 12 48.47 -57.78 24.04
C ALA AB 12 49.72 -57.10 24.59
N ALA AB 13 50.84 -57.23 23.88
CA ALA AB 13 52.05 -56.48 24.17
C ALA AB 13 52.29 -55.58 22.98
N PRO AB 14 52.36 -54.27 23.17
CA PRO AB 14 52.59 -53.38 22.04
C PRO AB 14 53.90 -53.69 21.33
N ALA AB 15 53.83 -53.71 20.00
CA ALA AB 15 54.98 -53.93 19.14
C ALA AB 15 55.38 -52.58 18.56
N ASP AB 16 56.54 -52.08 18.97
CA ASP AB 16 57.08 -50.82 18.48
C ASP AB 16 57.16 -50.81 16.95
N LYS AB 17 56.46 -49.84 16.35
CA LYS AB 17 56.53 -49.57 14.92
C LYS AB 17 57.32 -48.29 14.73
N THR AB 18 58.42 -48.39 14.00
CA THR AB 18 59.33 -47.26 13.80
C THR AB 18 59.03 -46.59 12.46
N PHE AB 19 58.81 -45.28 12.50
CA PHE AB 19 58.58 -44.45 11.32
C PHE AB 19 59.86 -43.69 11.04
N GLU AB 20 60.56 -44.08 9.95
CA GLU AB 20 61.78 -43.41 9.52
C GLU AB 20 61.42 -42.08 8.86
N PRO AB 21 62.25 -41.05 9.05
CA PRO AB 21 62.00 -39.76 8.37
C PRO AB 21 62.44 -39.86 6.91
N GLN AB 22 61.44 -39.92 6.02
CA GLN AB 22 61.77 -39.96 4.60
C GLN AB 22 61.75 -38.58 3.96
N ARG AB 23 61.06 -37.60 4.57
CA ARG AB 23 61.14 -36.21 4.15
C ARG AB 23 60.82 -35.29 5.32
N GLY AB 24 61.59 -34.21 5.45
CA GLY AB 24 61.37 -33.25 6.51
C GLY AB 24 60.44 -32.14 6.07
N GLN AB 25 60.04 -31.33 7.04
CA GLN AB 25 59.08 -30.25 6.78
C GLN AB 25 59.72 -29.17 5.91
N ASN AB 26 59.15 -28.95 4.73
CA ASN AB 26 59.74 -28.06 3.73
C ASN AB 26 60.04 -26.70 4.31
N GLY AB 27 59.05 -26.14 4.98
CA GLY AB 27 59.06 -24.78 5.45
C GLY AB 27 57.70 -24.59 6.08
N VAL AB 28 56.92 -23.63 5.59
CA VAL AB 28 55.51 -23.53 6.00
C VAL AB 28 54.57 -24.17 4.97
N THR AB 29 55.10 -24.68 3.87
CA THR AB 29 54.27 -25.16 2.78
C THR AB 29 53.97 -26.66 2.86
N ASP AB 30 55.01 -27.50 2.94
CA ASP AB 30 54.85 -28.95 2.87
C ASP AB 30 55.16 -29.58 4.22
N PRO AB 31 54.28 -30.44 4.73
CA PRO AB 31 54.51 -31.04 6.04
C PRO AB 31 55.64 -32.07 6.01
N ALA AB 32 56.18 -32.33 7.19
CA ALA AB 32 57.16 -33.41 7.36
C ALA AB 32 56.45 -34.75 7.32
N GLU AB 33 57.13 -35.76 6.76
CA GLU AB 33 56.52 -37.06 6.55
C GLU AB 33 57.46 -38.18 6.99
N TRP AB 34 56.88 -39.21 7.58
CA TRP AB 34 57.58 -40.36 8.12
C TRP AB 34 56.91 -41.63 7.60
N TRP AB 35 57.72 -42.64 7.31
CA TRP AB 35 57.30 -43.87 6.65
C TRP AB 35 57.71 -45.07 7.50
N GLU AB 36 56.77 -45.99 7.76
CA GLU AB 36 57.09 -47.16 8.57
C GLU AB 36 58.01 -48.11 7.83
N LYS AB 37 57.66 -48.44 6.60
CA LYS AB 37 58.48 -49.29 5.73
C LYS AB 37 58.64 -50.69 6.32
N SER AB 38 57.57 -51.22 6.92
CA SER AB 38 57.62 -52.57 7.44
C SER AB 38 57.22 -53.60 6.38
N SER AB 39 56.04 -53.42 5.76
CA SER AB 39 55.55 -54.35 4.74
C SER AB 39 56.50 -54.40 3.54
N PRO AB 40 56.46 -55.50 2.77
CA PRO AB 40 57.34 -55.57 1.59
C PRO AB 40 56.86 -54.69 0.43
N THR AB 41 55.56 -54.47 0.32
CA THR AB 41 55.03 -53.58 -0.70
C THR AB 41 55.00 -52.15 -0.19
N LEU AB 42 55.09 -51.19 -1.12
CA LEU AB 42 54.93 -49.80 -0.76
C LEU AB 42 53.54 -49.51 -0.23
N ASN AB 43 52.57 -50.39 -0.50
CA ASN AB 43 51.21 -50.21 -0.02
C ASN AB 43 51.15 -50.16 1.50
N GLY AB 44 51.86 -51.07 2.16
CA GLY AB 44 51.81 -51.29 3.59
C GLY AB 44 52.71 -50.42 4.43
N TYR AB 45 53.32 -49.39 3.85
CA TYR AB 45 54.01 -48.39 4.65
C TYR AB 45 52.99 -47.55 5.41
N ARG AB 46 53.14 -47.47 6.74
CA ARG AB 46 52.30 -46.57 7.52
C ARG AB 46 52.91 -45.16 7.49
N ARG AB 47 52.07 -44.14 7.58
CA ARG AB 47 52.51 -42.77 7.34
C ARG AB 47 52.22 -41.84 8.52
N LEU AB 48 53.09 -40.84 8.68
CA LEU AB 48 52.90 -39.80 9.69
C LEU AB 48 53.31 -38.46 9.10
N THR AB 49 52.39 -37.48 9.10
CA THR AB 49 52.67 -36.14 8.61
C THR AB 49 52.48 -35.13 9.74
N ALA AB 50 53.39 -34.17 9.83
CA ALA AB 50 53.31 -33.11 10.84
C ALA AB 50 53.79 -31.78 10.27
N LEU AB 51 52.95 -30.76 10.42
CA LEU AB 51 53.20 -29.41 9.92
C LEU AB 51 52.92 -28.37 11.00
N VAL AB 52 53.81 -27.40 11.15
CA VAL AB 52 53.68 -26.32 12.12
C VAL AB 52 53.81 -25.00 11.37
N ARG AB 53 52.72 -24.25 11.29
CA ARG AB 53 52.69 -23.05 10.45
C ARG AB 53 51.97 -21.93 11.17
N ARG AB 54 52.52 -20.72 11.09
CA ARG AB 54 51.92 -19.56 11.73
C ARG AB 54 51.00 -18.86 10.72
N ASN AB 55 49.70 -18.94 10.97
CA ASN AB 55 48.76 -18.10 10.23
C ASN AB 55 48.87 -16.68 10.77
N ALA AB 56 49.46 -15.80 9.95
CA ALA AB 56 49.78 -14.44 10.38
C ALA AB 56 48.54 -13.57 10.48
N ALA AB 57 47.54 -13.83 9.63
CA ALA AB 57 46.28 -13.11 9.74
C ALA AB 57 45.63 -13.37 11.09
N SER AB 58 45.36 -14.64 11.39
CA SER AB 58 44.70 -15.01 12.64
C SER AB 58 45.62 -14.88 13.85
N LYS AB 59 46.86 -14.46 13.64
CA LYS AB 59 47.85 -14.39 14.72
C LYS AB 59 47.82 -15.67 15.55
N SER AB 60 48.06 -16.79 14.87
CA SER AB 60 48.00 -18.07 15.57
C SER AB 60 48.94 -19.05 14.90
N VAL AB 61 49.13 -20.18 15.56
CA VAL AB 61 49.98 -21.26 15.07
C VAL AB 61 49.12 -22.51 14.95
N LYS AB 62 49.03 -23.06 13.74
CA LYS AB 62 48.36 -24.32 13.51
C LYS AB 62 49.39 -25.44 13.53
N VAL AB 63 48.99 -26.57 14.13
CA VAL AB 63 49.81 -27.77 14.20
C VAL AB 63 48.94 -28.92 13.72
N LYS AB 64 49.28 -29.49 12.55
CA LYS AB 64 48.51 -30.55 11.92
C LYS AB 64 49.32 -31.84 11.88
N VAL AB 65 48.73 -32.92 12.39
CA VAL AB 65 49.36 -34.24 12.42
C VAL AB 65 48.37 -35.24 11.85
N ALA AB 66 48.88 -36.18 11.05
CA ALA AB 66 48.05 -37.23 10.49
C ALA AB 66 48.79 -38.56 10.55
N ILE AB 67 48.04 -39.61 10.88
CA ILE AB 67 48.57 -40.97 10.97
C ILE AB 67 47.74 -41.86 10.06
N TYR AB 68 48.37 -42.45 9.06
CA TYR AB 68 47.71 -43.28 8.06
C TYR AB 68 48.14 -44.72 8.24
N ASP AB 69 47.18 -45.61 8.57
CA ASP AB 69 47.45 -47.03 8.71
C ASP AB 69 46.72 -47.80 7.62
N PRO AB 70 47.41 -48.36 6.62
CA PRO AB 70 46.72 -49.12 5.58
C PRO AB 70 46.58 -50.58 5.95
N THR AB 71 45.47 -51.16 5.48
CA THR AB 71 45.27 -52.60 5.53
C THR AB 71 45.07 -53.11 4.12
N LEU AB 72 45.86 -54.11 3.75
CA LEU AB 72 45.95 -54.65 2.41
C LEU AB 72 45.08 -55.88 2.26
N ALA AB 73 44.84 -56.26 1.01
CA ALA AB 73 44.05 -57.45 0.72
C ALA AB 73 44.45 -57.95 -0.65
N VAL AB 74 44.50 -59.26 -0.79
CA VAL AB 74 44.82 -59.90 -2.05
C VAL AB 74 43.53 -60.51 -2.63
N THR AB 75 43.51 -60.66 -3.96
CA THR AB 75 42.38 -61.33 -4.60
C THR AB 75 42.12 -62.71 -4.00
N ALA AB 76 43.19 -63.42 -3.67
CA ALA AB 76 43.12 -64.78 -3.18
C ALA AB 76 44.32 -65.03 -2.28
N PRO AB 77 44.20 -65.92 -1.29
CA PRO AB 77 45.29 -66.09 -0.33
C PRO AB 77 46.56 -66.58 -1.01
N SER AB 78 47.69 -66.20 -0.42
CA SER AB 78 49.00 -66.45 -1.00
C SER AB 78 49.35 -67.94 -0.98
N THR AB 79 50.10 -68.39 -2.00
CA THR AB 79 50.52 -69.79 -2.12
C THR AB 79 51.99 -70.04 -1.86
N ALA AB 80 52.86 -69.06 -2.13
CA ALA AB 80 54.31 -69.16 -2.00
C ALA AB 80 54.93 -70.11 -3.01
N SER AB 81 54.23 -70.46 -4.08
CA SER AB 81 54.76 -71.38 -5.07
C SER AB 81 54.90 -70.76 -6.45
N GLY AB 82 53.80 -70.31 -7.05
CA GLY AB 82 53.81 -69.73 -8.38
C GLY AB 82 53.56 -68.23 -8.33
N ILE AB 83 53.39 -67.66 -9.52
CA ILE AB 83 53.07 -66.24 -9.60
C ILE AB 83 51.74 -65.99 -8.90
N GLN AB 84 51.73 -65.02 -8.00
CA GLN AB 84 50.64 -64.78 -7.09
C GLN AB 84 50.04 -63.40 -7.33
N PRO AB 85 48.80 -63.17 -6.87
CA PRO AB 85 48.17 -61.86 -7.09
C PRO AB 85 48.84 -60.80 -6.25
N SER AB 86 49.22 -59.70 -6.90
CA SER AB 86 49.74 -58.55 -6.18
C SER AB 86 48.64 -57.96 -5.31
N PRO AB 87 49.01 -57.37 -4.17
CA PRO AB 87 47.99 -56.94 -3.20
C PRO AB 87 47.48 -55.53 -3.45
N THR AB 88 46.18 -55.37 -3.30
CA THR AB 88 45.54 -54.07 -3.37
C THR AB 88 45.43 -53.48 -1.97
N VAL AB 89 45.21 -52.17 -1.91
CA VAL AB 89 44.96 -51.49 -0.65
C VAL AB 89 43.48 -51.66 -0.34
N ALA AB 90 43.17 -52.49 0.66
CA ALA AB 90 41.78 -52.70 1.04
C ALA AB 90 41.18 -51.42 1.62
N PHE AB 91 41.81 -50.87 2.66
CA PHE AB 91 41.32 -49.61 3.21
C PHE AB 91 42.44 -48.95 4.00
N THR AB 92 42.14 -47.76 4.54
CA THR AB 92 43.09 -47.01 5.33
C THR AB 92 42.38 -46.39 6.53
N CYS AB 93 43.01 -46.49 7.69
CA CYS AB 93 42.50 -45.87 8.93
C CYS AB 93 43.32 -44.64 9.23
N PRO AB 94 42.79 -43.45 9.01
CA PRO AB 94 43.50 -42.24 9.43
C PRO AB 94 43.03 -41.67 10.77
N VAL AB 95 44.00 -41.06 11.45
CA VAL AB 95 43.79 -40.06 12.49
C VAL AB 95 44.27 -38.72 11.98
N PHE AB 96 43.47 -37.68 12.22
CA PHE AB 96 43.87 -36.30 12.01
C PHE AB 96 43.80 -35.56 13.33
N ILE AB 97 44.84 -34.81 13.66
CA ILE AB 97 44.95 -34.05 14.89
C ILE AB 97 45.32 -32.62 14.52
N GLU AB 98 44.58 -31.66 15.05
CA GLU AB 98 44.86 -30.25 14.81
C GLU AB 98 44.82 -29.49 16.12
N PHE AB 99 45.92 -28.80 16.43
CA PHE AB 99 45.97 -27.84 17.52
C PHE AB 99 46.02 -26.44 16.92
N THR AB 100 45.33 -25.49 17.54
CA THR AB 100 45.55 -24.10 17.19
C THR AB 100 45.88 -23.30 18.44
N LEU AB 101 46.98 -22.55 18.37
CA LEU AB 101 47.50 -21.83 19.53
C LEU AB 101 47.62 -20.35 19.19
N PRO AB 102 46.79 -19.49 19.76
CA PRO AB 102 46.87 -18.05 19.46
C PRO AB 102 48.23 -17.49 19.82
N ASP AB 103 48.58 -16.36 19.20
CA ASP AB 103 49.93 -15.85 19.34
C ASP AB 103 50.24 -15.45 20.79
N ALA AB 104 49.25 -14.90 21.48
CA ALA AB 104 49.44 -14.49 22.87
C ALA AB 104 49.05 -15.64 23.81
N CYS AB 105 49.77 -16.76 23.67
CA CYS AB 105 49.45 -18.00 24.36
C CYS AB 105 50.61 -18.43 25.24
N THR AB 106 50.29 -18.89 26.45
CA THR AB 106 51.31 -19.31 27.40
C THR AB 106 51.86 -20.68 27.04
N ILE AB 107 53.16 -20.85 27.27
CA ILE AB 107 53.74 -22.18 27.19
C ILE AB 107 53.00 -23.14 28.11
N GLN AB 108 52.53 -22.64 29.25
CA GLN AB 108 51.76 -23.49 30.16
C GLN AB 108 50.42 -23.87 29.54
N ASN AB 109 49.80 -22.97 28.78
CA ASN AB 109 48.57 -23.31 28.08
C ASN AB 109 48.82 -24.38 27.02
N ARG AB 110 49.95 -24.28 26.31
CA ARG AB 110 50.29 -25.30 25.31
C ARG AB 110 50.46 -26.66 25.97
N LYS AB 111 51.22 -26.71 27.07
CA LYS AB 111 51.38 -27.94 27.83
C LYS AB 111 50.03 -28.49 28.27
N ASP AB 112 49.16 -27.62 28.77
CA ASP AB 112 47.81 -28.02 29.18
C ASP AB 112 47.07 -28.70 28.05
N ILE AB 113 47.01 -28.06 26.88
CA ILE AB 113 46.17 -28.55 25.80
C ILE AB 113 46.71 -29.88 25.27
N LEU AB 114 48.04 -29.99 25.13
CA LEU AB 114 48.62 -31.25 24.67
C LEU AB 114 48.35 -32.36 25.69
N ALA AB 115 48.42 -32.03 26.98
CA ALA AB 115 48.15 -33.01 28.02
C ALA AB 115 46.70 -33.48 27.98
N TYR AB 116 45.76 -32.55 27.79
CA TYR AB 116 44.35 -32.93 27.68
C TYR AB 116 44.14 -33.89 26.52
N ALA AB 117 44.76 -33.58 25.37
CA ALA AB 117 44.65 -34.47 24.21
C ALA AB 117 45.20 -35.86 24.51
N LYS AB 118 46.43 -35.95 25.02
CA LYS AB 118 47.06 -37.25 25.19
C LYS AB 118 46.37 -38.07 26.28
N ASN AB 119 46.01 -37.43 27.40
CA ASN AB 119 45.34 -38.16 28.48
C ASN AB 119 43.95 -38.63 28.04
N PHE AB 120 43.25 -37.81 27.25
CA PHE AB 120 41.96 -38.27 26.74
C PHE AB 120 42.15 -39.47 25.83
N LEU AB 121 43.08 -39.40 24.88
CA LEU AB 121 43.26 -40.52 23.96
C LEU AB 121 43.65 -41.79 24.69
N ALA AB 122 44.40 -41.66 25.80
CA ALA AB 122 44.64 -42.84 26.63
C ALA AB 122 43.38 -43.29 27.34
N SER AB 123 42.42 -42.38 27.57
CA SER AB 123 41.28 -42.69 28.44
C SER AB 123 40.38 -43.79 27.86
N ALA AB 124 39.78 -44.55 28.79
CA ALA AB 124 38.88 -45.62 28.41
C ALA AB 124 37.61 -45.11 27.74
N THR AB 125 37.24 -43.85 27.96
CA THR AB 125 36.11 -43.30 27.21
C THR AB 125 36.47 -43.14 25.74
N ALA AB 126 37.69 -42.68 25.45
CA ALA AB 126 38.18 -42.68 24.08
C ALA AB 126 38.23 -44.09 23.52
N THR AB 127 38.57 -45.06 24.36
CA THR AB 127 38.60 -46.45 23.87
C THR AB 127 37.20 -46.94 23.53
N ASP AB 128 36.23 -46.79 24.45
CA ASP AB 128 34.83 -47.08 24.14
C ASP AB 128 34.38 -46.35 22.88
N LEU AB 129 34.91 -45.15 22.65
CA LEU AB 129 34.48 -44.32 21.53
C LEU AB 129 34.97 -44.86 20.19
N VAL AB 130 36.27 -45.10 20.08
CA VAL AB 130 36.89 -45.42 18.80
C VAL AB 130 37.09 -46.91 18.61
N VAL AB 131 37.66 -47.60 19.60
CA VAL AB 131 37.89 -49.03 19.48
C VAL AB 131 36.56 -49.76 19.41
N ASN AB 132 35.69 -49.49 20.37
CA ASN AB 132 34.43 -50.21 20.47
C ASN AB 132 33.41 -49.76 19.42
N THR AB 133 33.59 -48.57 18.82
CA THR AB 133 32.68 -47.98 17.83
C THR AB 133 31.31 -47.74 18.45
N ALA AB 134 31.30 -47.02 19.56
CA ALA AB 134 30.07 -46.83 20.31
C ALA AB 134 30.10 -45.41 20.84
N PRO AB 135 29.07 -44.61 20.59
CA PRO AB 135 29.05 -43.26 21.12
C PRO AB 135 28.50 -43.22 22.54
N GLN AB 136 28.58 -42.02 23.13
CA GLN AB 136 28.21 -41.78 24.51
C GLN AB 136 26.76 -41.32 24.58
N TYR AB 137 25.86 -42.21 24.97
CA TYR AB 137 24.43 -41.91 24.92
C TYR AB 137 23.84 -41.56 26.28
N GLN BB 1 72.70 -27.33 6.12
CA GLN BB 1 71.40 -27.75 6.65
C GLN BB 1 71.07 -26.79 7.76
N ILE BB 2 69.83 -26.81 8.26
CA ILE BB 2 69.37 -25.78 9.16
C ILE BB 2 69.44 -26.27 10.60
N ALA BB 3 70.07 -25.46 11.45
CA ALA BB 3 70.08 -25.65 12.89
C ALA BB 3 70.00 -24.27 13.53
N ASN BB 4 69.70 -24.25 14.83
CA ASN BB 4 69.55 -22.98 15.51
C ASN BB 4 70.88 -22.24 15.54
N VAL BB 5 70.81 -20.91 15.61
CA VAL BB 5 71.99 -20.05 15.59
C VAL BB 5 72.08 -19.30 16.90
N VAL BB 6 73.30 -19.14 17.43
CA VAL BB 6 73.51 -18.57 18.75
C VAL BB 6 74.26 -17.26 18.59
N LEU BB 7 73.63 -16.16 19.01
CA LEU BB 7 74.19 -14.82 18.87
C LEU BB 7 74.39 -14.21 20.24
N ALA BB 8 75.58 -13.67 20.49
CA ALA BB 8 75.88 -13.08 21.78
C ALA BB 8 75.45 -11.62 21.81
N ASP BB 9 74.70 -11.24 22.84
CA ASP BB 9 74.16 -9.90 22.91
C ASP BB 9 75.24 -8.91 23.33
N GLY BB 10 74.88 -7.64 23.34
CA GLY BB 10 75.80 -6.59 23.72
C GLY BB 10 75.67 -6.29 25.20
N GLN BB 11 76.66 -6.69 25.97
CA GLN BB 11 76.75 -6.39 27.39
C GLN BB 11 78.24 -6.40 27.74
N ALA BB 12 78.53 -6.19 29.03
CA ALA BB 12 79.86 -6.47 29.54
C ALA BB 12 80.27 -7.90 29.25
N ALA BB 13 79.48 -8.81 29.76
CA ALA BB 13 79.63 -10.22 29.52
C ALA BB 13 78.52 -10.62 28.58
N PRO BB 14 78.87 -11.13 27.41
CA PRO BB 14 77.84 -11.52 26.45
C PRO BB 14 76.99 -12.64 27.03
N ALA BB 15 75.71 -12.59 26.70
CA ALA BB 15 74.75 -13.63 27.06
C ALA BB 15 74.20 -14.20 25.77
N ASP BB 16 74.47 -15.47 25.54
CA ASP BB 16 74.09 -16.12 24.29
C ASP BB 16 72.57 -16.23 24.18
N LYS BB 17 72.02 -15.68 23.10
CA LYS BB 17 70.62 -15.83 22.76
C LYS BB 17 70.53 -16.82 21.62
N THR BB 18 69.73 -17.87 21.80
CA THR BB 18 69.61 -18.95 20.83
C THR BB 18 68.35 -18.75 20.00
N PHE BB 19 68.50 -18.80 18.68
CA PHE BB 19 67.40 -18.68 17.73
C PHE BB 19 67.14 -20.06 17.14
N GLU BB 20 66.04 -20.69 17.58
CA GLU BB 20 65.64 -21.99 17.08
C GLU BB 20 64.84 -21.84 15.78
N PRO BB 21 65.10 -22.69 14.78
CA PRO BB 21 64.49 -22.48 13.46
C PRO BB 21 62.99 -22.75 13.47
N GLN BB 22 62.27 -21.97 12.67
CA GLN BB 22 60.84 -22.10 12.48
C GLN BB 22 60.45 -22.39 11.05
N ARG BB 23 61.27 -21.99 10.07
CA ARG BB 23 61.00 -22.20 8.66
C ARG BB 23 62.29 -22.54 7.93
N GLY BB 24 62.20 -23.45 6.97
CA GLY BB 24 63.23 -23.64 5.99
C GLY BB 24 62.97 -22.77 4.78
N GLN BB 25 64.05 -22.38 4.10
CA GLN BB 25 63.90 -21.62 2.87
C GLN BB 25 63.34 -22.53 1.78
N ASN BB 26 62.21 -22.12 1.20
CA ASN BB 26 61.54 -22.89 0.16
C ASN BB 26 61.50 -22.05 -1.11
N GLY BB 27 62.11 -22.57 -2.18
CA GLY BB 27 62.16 -21.80 -3.41
C GLY BB 27 63.03 -20.58 -3.26
N VAL BB 28 62.52 -19.43 -3.72
CA VAL BB 28 63.19 -18.15 -3.50
C VAL BB 28 62.20 -17.14 -2.95
N THR BB 29 60.92 -17.49 -2.97
CA THR BB 29 59.92 -16.57 -2.42
C THR BB 29 60.02 -16.49 -0.90
N ASP BB 30 60.24 -17.63 -0.25
CA ASP BB 30 60.09 -17.77 1.20
C ASP BB 30 61.46 -17.79 1.87
N PRO BB 31 61.76 -16.89 2.82
CA PRO BB 31 63.01 -16.99 3.56
C PRO BB 31 62.90 -17.89 4.77
N ALA BB 32 64.05 -18.42 5.19
CA ALA BB 32 64.11 -19.25 6.39
C ALA BB 32 64.13 -18.37 7.64
N GLU BB 33 63.42 -18.79 8.69
CA GLU BB 33 63.18 -17.95 9.85
C GLU BB 33 63.55 -18.68 11.14
N TRP BB 34 64.10 -17.91 12.10
CA TRP BB 34 64.52 -18.38 13.41
C TRP BB 34 63.91 -17.50 14.50
N TRP BB 35 63.47 -18.12 15.59
CA TRP BB 35 62.78 -17.46 16.68
C TRP BB 35 63.53 -17.68 18.00
N GLU BB 36 63.62 -16.62 18.83
CA GLU BB 36 64.41 -16.74 20.06
C GLU BB 36 63.66 -17.47 21.16
N LYS BB 37 62.37 -17.18 21.33
CA LYS BB 37 61.54 -17.81 22.35
C LYS BB 37 61.96 -17.40 23.76
N SER BB 38 62.52 -16.20 23.91
CA SER BB 38 62.94 -15.80 25.25
C SER BB 38 61.76 -15.35 26.11
N SER BB 39 60.95 -14.42 25.59
CA SER BB 39 59.80 -13.91 26.34
C SER BB 39 58.65 -14.92 26.31
N PRO BB 40 57.64 -14.76 27.18
CA PRO BB 40 56.54 -15.75 27.17
C PRO BB 40 55.66 -15.73 25.92
N THR BB 41 55.26 -14.56 25.43
CA THR BB 41 54.39 -14.47 24.25
C THR BB 41 55.23 -14.32 22.97
N LEU BB 42 54.56 -14.36 21.81
CA LEU BB 42 55.30 -14.26 20.56
C LEU BB 42 55.96 -12.90 20.40
N ASN BB 43 55.27 -11.83 20.79
CA ASN BB 43 55.76 -10.49 20.53
C ASN BB 43 57.18 -10.30 21.07
N GLY BB 44 57.58 -11.06 22.11
CA GLY BB 44 58.90 -10.96 22.68
C GLY BB 44 59.98 -11.76 21.99
N TYR BB 45 59.61 -12.72 21.14
CA TYR BB 45 60.59 -13.46 20.36
C TYR BB 45 61.43 -12.52 19.51
N ARG BB 46 62.74 -12.76 19.48
CA ARG BB 46 63.62 -12.08 18.54
C ARG BB 46 63.70 -12.92 17.27
N ARG BB 47 63.73 -12.25 16.12
CA ARG BB 47 63.62 -12.94 14.83
C ARG BB 47 64.89 -12.82 14.00
N LEU BB 48 65.15 -13.86 13.22
CA LEU BB 48 66.24 -13.86 12.23
C LEU BB 48 65.74 -14.49 10.93
N THR BB 49 65.78 -13.73 9.84
CA THR BB 49 65.37 -14.21 8.53
C THR BB 49 66.57 -14.23 7.59
N ALA BB 50 66.64 -15.27 6.75
CA ALA BB 50 67.74 -15.41 5.80
C ALA BB 50 67.23 -16.04 4.52
N LEU BB 51 67.55 -15.40 3.40
CA LEU BB 51 67.07 -15.82 2.09
C LEU BB 51 68.20 -15.67 1.07
N VAL BB 52 68.54 -16.77 0.40
CA VAL BB 52 69.48 -16.75 -0.71
C VAL BB 52 68.66 -17.01 -1.99
N ARG BB 53 68.56 -15.99 -2.83
CA ARG BB 53 67.77 -16.08 -4.07
C ARG BB 53 68.64 -15.68 -5.25
N ARG BB 54 68.63 -16.50 -6.30
CA ARG BB 54 69.35 -16.12 -7.50
C ARG BB 54 68.49 -15.17 -8.32
N ASN BB 55 69.08 -14.02 -8.68
CA ASN BB 55 68.46 -13.07 -9.60
C ASN BB 55 69.08 -13.28 -10.98
N ALA BB 56 68.25 -13.73 -11.92
CA ALA BB 56 68.72 -14.08 -13.26
C ALA BB 56 68.93 -12.86 -14.13
N ALA BB 57 68.25 -11.76 -13.82
CA ALA BB 57 68.45 -10.52 -14.57
C ALA BB 57 69.89 -10.05 -14.46
N SER BB 58 70.39 -9.91 -13.24
CA SER BB 58 71.77 -9.47 -13.00
C SER BB 58 72.78 -10.60 -13.12
N LYS BB 59 72.34 -11.82 -13.43
CA LYS BB 59 73.19 -13.00 -13.42
C LYS BB 59 74.00 -13.05 -12.12
N SER BB 60 73.28 -13.08 -11.00
CA SER BB 60 73.95 -12.97 -9.72
C SER BB 60 73.09 -13.61 -8.63
N VAL BB 61 73.67 -13.75 -7.46
CA VAL BB 61 73.01 -14.32 -6.29
C VAL BB 61 72.87 -13.21 -5.25
N LYS BB 62 71.69 -13.11 -4.64
CA LYS BB 62 71.46 -12.17 -3.55
C LYS BB 62 71.30 -12.94 -2.24
N VAL BB 63 71.82 -12.36 -1.16
CA VAL BB 63 71.71 -12.92 0.19
C VAL BB 63 71.16 -11.84 1.10
N LYS BB 64 69.96 -12.05 1.64
CA LYS BB 64 69.31 -11.09 2.51
C LYS BB 64 69.15 -11.70 3.90
N VAL BB 65 69.60 -10.95 4.91
CA VAL BB 65 69.50 -11.34 6.30
C VAL BB 65 68.85 -10.20 7.07
N ALA BB 66 68.02 -10.54 8.05
CA ALA BB 66 67.35 -9.56 8.88
C ALA BB 66 67.32 -10.04 10.32
N ILE BB 67 67.60 -9.12 11.24
CA ILE BB 67 67.54 -9.41 12.67
C ILE BB 67 66.61 -8.40 13.32
N TYR BB 68 65.51 -8.88 13.88
CA TYR BB 68 64.52 -8.04 14.56
C TYR BB 68 64.60 -8.26 16.06
N ASP BB 69 64.97 -7.20 16.81
CA ASP BB 69 65.01 -7.22 18.27
C ASP BB 69 63.90 -6.33 18.83
N PRO BB 70 62.79 -6.89 19.30
CA PRO BB 70 61.70 -6.05 19.83
C PRO BB 70 61.81 -5.86 21.33
N THR BB 71 61.42 -4.68 21.83
CA THR BB 71 61.33 -4.45 23.27
C THR BB 71 59.87 -4.18 23.62
N LEU BB 72 59.38 -4.85 24.67
CA LEU BB 72 57.97 -4.73 25.03
C LEU BB 72 57.72 -3.44 25.80
N ALA BB 73 56.47 -3.01 25.80
CA ALA BB 73 56.09 -1.80 26.51
C ALA BB 73 55.71 -2.10 27.94
N VAL BB 74 55.82 -1.08 28.79
CA VAL BB 74 55.50 -1.22 30.21
C VAL BB 74 53.99 -1.16 30.39
N THR BB 75 53.42 -2.24 30.93
CA THR BB 75 51.97 -2.36 31.05
C THR BB 75 51.53 -2.03 32.48
N ALA BB 76 50.20 -1.90 32.63
CA ALA BB 76 49.56 -1.58 33.89
C ALA BB 76 48.46 -2.58 34.15
N PRO BB 77 48.21 -2.93 35.42
CA PRO BB 77 47.17 -3.94 35.70
C PRO BB 77 45.77 -3.49 35.33
N SER BB 78 45.45 -2.22 35.50
CA SER BB 78 44.11 -1.70 35.22
C SER BB 78 44.15 -0.99 33.86
N THR BB 79 43.52 -1.59 32.87
CA THR BB 79 43.30 -0.96 31.57
C THR BB 79 41.90 -0.35 31.56
N ALA BB 80 41.75 0.76 30.85
CA ALA BB 80 40.45 1.41 30.81
C ALA BB 80 39.42 0.51 30.14
N SER BB 81 38.21 0.54 30.71
CA SER BB 81 37.05 -0.11 30.11
C SER BB 81 37.39 -1.53 29.69
N GLY BB 82 37.95 -2.28 30.60
CA GLY BB 82 38.09 -3.68 30.25
C GLY BB 82 39.24 -4.36 30.97
N ILE BB 83 39.92 -5.18 30.22
CA ILE BB 83 40.73 -6.25 30.77
C ILE BB 83 42.18 -5.81 30.86
N GLN BB 84 42.92 -6.47 31.76
CA GLN BB 84 44.36 -6.28 31.84
C GLN BB 84 45.00 -6.59 30.49
N PRO BB 85 45.92 -5.75 30.00
CA PRO BB 85 46.32 -5.85 28.59
C PRO BB 85 47.33 -6.96 28.35
N SER BB 86 47.23 -7.55 27.16
CA SER BB 86 48.23 -8.52 26.75
C SER BB 86 49.52 -7.79 26.38
N PRO BB 87 50.67 -8.45 26.50
CA PRO BB 87 51.93 -7.74 26.28
C PRO BB 87 52.06 -7.31 24.83
N THR BB 88 52.46 -6.05 24.63
CA THR BB 88 52.54 -5.48 23.29
C THR BB 88 53.94 -4.93 23.06
N VAL BB 89 54.29 -4.81 21.77
CA VAL BB 89 55.59 -4.29 21.37
C VAL BB 89 55.54 -2.78 21.36
N ALA BB 90 56.49 -2.15 22.05
CA ALA BB 90 56.59 -0.69 22.02
C ALA BB 90 57.40 -0.23 20.82
N PHE BB 91 58.51 -0.89 20.54
CA PHE BB 91 59.29 -0.64 19.34
C PHE BB 91 60.19 -1.84 19.09
N THR BB 92 60.88 -1.80 17.95
CA THR BB 92 61.73 -2.91 17.54
C THR BB 92 62.92 -2.33 16.77
N CYS BB 93 64.11 -2.91 17.00
CA CYS BB 93 65.33 -2.49 16.33
C CYS BB 93 65.72 -3.53 15.28
N PRO BB 94 65.62 -3.20 14.00
CA PRO BB 94 66.10 -4.11 12.97
C PRO BB 94 67.47 -3.80 12.41
N VAL BB 95 68.16 -4.88 12.02
CA VAL BB 95 69.25 -4.86 11.07
C VAL BB 95 68.79 -5.53 9.78
N PHE BB 96 69.15 -4.94 8.65
CA PHE BB 96 69.08 -5.59 7.35
C PHE BB 96 70.48 -5.67 6.77
N ILE BB 97 70.81 -6.82 6.16
CA ILE BB 97 72.10 -7.05 5.53
C ILE BB 97 71.85 -7.67 4.18
N GLU BB 98 72.45 -7.10 3.13
CA GLU BB 98 72.31 -7.64 1.78
C GLU BB 98 73.68 -7.77 1.13
N PHE BB 99 74.07 -9.00 0.82
CA PHE BB 99 75.23 -9.28 -0.02
C PHE BB 99 74.74 -9.53 -1.44
N THR BB 100 75.50 -9.05 -2.43
CA THR BB 100 75.24 -9.54 -3.78
C THR BB 100 76.55 -10.07 -4.38
N LEU BB 101 76.44 -11.20 -5.06
CA LEU BB 101 77.60 -11.95 -5.55
C LEU BB 101 77.38 -12.34 -7.01
N PRO BB 102 78.15 -11.78 -7.96
CA PRO BB 102 77.95 -12.12 -9.37
C PRO BB 102 78.33 -13.56 -9.65
N ASP BB 103 77.87 -14.05 -10.80
CA ASP BB 103 78.09 -15.45 -11.14
C ASP BB 103 79.57 -15.73 -11.42
N ALA BB 104 80.31 -14.73 -11.89
CA ALA BB 104 81.70 -14.91 -12.25
C ALA BB 104 82.67 -14.72 -11.08
N CYS BB 105 82.19 -14.78 -9.84
CA CYS BB 105 83.00 -14.40 -8.70
C CYS BB 105 83.71 -15.59 -8.08
N THR BB 106 84.78 -15.30 -7.34
CA THR BB 106 85.61 -16.33 -6.72
C THR BB 106 85.16 -16.63 -5.30
N ILE BB 107 85.41 -17.88 -4.88
CA ILE BB 107 85.27 -18.24 -3.48
C ILE BB 107 86.09 -17.30 -2.61
N GLN BB 108 87.25 -16.88 -3.12
CA GLN BB 108 88.07 -15.92 -2.39
C GLN BB 108 87.36 -14.57 -2.28
N ASN BB 109 86.66 -14.14 -3.33
CA ASN BB 109 85.94 -12.87 -3.26
C ASN BB 109 84.82 -12.94 -2.24
N ARG BB 110 84.09 -14.07 -2.20
CA ARG BB 110 83.01 -14.20 -1.22
C ARG BB 110 83.56 -14.15 0.21
N LYS BB 111 84.64 -14.89 0.47
CA LYS BB 111 85.24 -14.85 1.80
C LYS BB 111 85.72 -13.44 2.14
N ASP BB 112 86.34 -12.76 1.18
CA ASP BB 112 86.74 -11.36 1.36
C ASP BB 112 85.57 -10.50 1.81
N ILE BB 113 84.47 -10.54 1.07
CA ILE BB 113 83.38 -9.60 1.31
C ILE BB 113 82.75 -9.87 2.67
N LEU BB 114 82.56 -11.15 3.01
CA LEU BB 114 81.96 -11.47 4.30
C LEU BB 114 82.87 -11.06 5.45
N ALA BB 115 84.18 -11.29 5.31
CA ALA BB 115 85.10 -10.89 6.37
C ALA BB 115 85.13 -9.38 6.53
N TYR BB 116 85.08 -8.64 5.42
CA TYR BB 116 85.02 -7.18 5.51
C TYR BB 116 83.81 -6.75 6.32
N ALA BB 117 82.65 -7.36 6.04
CA ALA BB 117 81.44 -7.03 6.78
C ALA BB 117 81.59 -7.32 8.28
N LYS BB 118 82.02 -8.53 8.63
CA LYS BB 118 82.07 -8.89 10.05
C LYS BB 118 83.11 -8.06 10.80
N ASN BB 119 84.27 -7.83 10.19
CA ASN BB 119 85.31 -7.06 10.85
C ASN BB 119 84.90 -5.61 11.02
N PHE BB 120 84.22 -5.04 10.03
CA PHE BB 120 83.72 -3.68 10.22
C PHE BB 120 82.71 -3.63 11.36
N LEU BB 121 81.74 -4.56 11.37
CA LEU BB 121 80.72 -4.52 12.42
C LEU BB 121 81.33 -4.68 13.81
N ALA BB 122 82.43 -5.42 13.92
CA ALA BB 122 83.16 -5.45 15.18
C ALA BB 122 83.85 -4.12 15.45
N SER BB 123 84.26 -3.40 14.40
CA SER BB 123 85.15 -2.25 14.57
C SER BB 123 84.52 -1.15 15.42
N ALA BB 124 85.37 -0.41 16.11
CA ALA BB 124 84.90 0.66 16.98
C ALA BB 124 84.22 1.77 16.21
N THR BB 125 84.55 1.97 14.92
CA THR BB 125 83.83 2.96 14.13
C THR BB 125 82.40 2.53 13.86
N ALA BB 126 82.16 1.24 13.63
CA ALA BB 126 80.78 0.77 13.57
C ALA BB 126 80.10 0.91 14.92
N THR BB 127 80.84 0.66 16.01
CA THR BB 127 80.25 0.84 17.34
C THR BB 127 79.86 2.30 17.57
N ASP BB 128 80.78 3.24 17.30
CA ASP BB 128 80.48 4.67 17.33
C ASP BB 128 79.25 4.95 16.47
N LEU BB 129 79.19 4.33 15.29
CA LEU BB 129 78.15 4.65 14.32
C LEU BB 129 76.76 4.26 14.82
N VAL BB 130 76.62 3.09 15.44
CA VAL BB 130 75.29 2.58 15.79
C VAL BB 130 74.93 2.88 17.24
N VAL BB 131 75.85 2.60 18.17
CA VAL BB 131 75.56 2.76 19.59
C VAL BB 131 75.44 4.24 19.97
N ASN BB 132 76.34 5.08 19.45
CA ASN BB 132 76.27 6.51 19.74
C ASN BB 132 75.46 7.29 18.71
N THR BB 133 75.00 6.63 17.64
CA THR BB 133 74.23 7.27 16.57
C THR BB 133 74.94 8.51 16.04
N ALA BB 134 76.27 8.43 15.96
CA ALA BB 134 77.03 9.61 15.61
C ALA BB 134 77.60 9.51 14.19
N PRO BB 135 77.62 10.63 13.45
CA PRO BB 135 78.29 10.66 12.14
C PRO BB 135 79.80 10.51 12.25
N GLN BB 136 80.50 10.63 11.13
CA GLN BB 136 81.97 10.61 11.11
C GLN BB 136 82.47 11.97 10.63
N TYR BB 137 82.89 12.80 11.60
CA TYR BB 137 83.10 14.25 11.37
C TYR BB 137 84.48 14.50 10.78
N GLN CB 1 77.96 98.73 13.08
CA GLN CB 1 76.81 99.65 13.11
C GLN CB 1 76.88 100.67 11.97
N ILE CB 2 75.74 101.22 11.52
CA ILE CB 2 75.75 102.09 10.36
C ILE CB 2 76.16 103.50 10.76
N ALA CB 3 76.92 104.14 9.87
CA ALA CB 3 77.41 105.50 10.00
C ALA CB 3 77.86 105.93 8.61
N ASN CB 4 77.77 107.24 8.36
CA ASN CB 4 78.04 107.74 7.01
C ASN CB 4 79.47 107.41 6.58
N VAL CB 5 79.67 107.35 5.26
CA VAL CB 5 80.96 107.00 4.69
C VAL CB 5 81.44 108.15 3.80
N VAL CB 6 82.73 108.44 3.83
CA VAL CB 6 83.29 109.62 3.19
C VAL CB 6 84.29 109.16 2.14
N LEU CB 7 83.97 109.38 0.87
CA LEU CB 7 84.84 108.96 -0.23
C LEU CB 7 85.31 110.18 -1.01
N ALA CB 8 86.55 110.14 -1.48
CA ALA CB 8 87.18 111.28 -2.13
C ALA CB 8 87.09 111.12 -3.65
N ASP CB 9 86.52 112.12 -4.32
CA ASP CB 9 86.44 112.07 -5.78
C ASP CB 9 87.81 112.33 -6.40
N GLY CB 10 87.92 111.95 -7.66
CA GLY CB 10 89.18 112.11 -8.39
C GLY CB 10 89.27 113.47 -9.04
N GLN CB 11 90.25 114.26 -8.63
CA GLN CB 11 90.46 115.58 -9.21
C GLN CB 11 91.90 116.03 -8.94
N ALA CB 12 92.17 117.27 -9.35
CA ALA CB 12 93.35 117.99 -8.87
C ALA CB 12 93.46 117.91 -7.35
N ALA CB 13 92.48 118.48 -6.67
CA ALA CB 13 92.37 118.43 -5.21
C ALA CB 13 91.09 117.66 -4.95
N PRO CB 14 91.18 116.46 -4.42
CA PRO CB 14 89.97 115.66 -4.26
C PRO CB 14 89.09 116.23 -3.16
N ALA CB 15 87.79 116.10 -3.36
CA ALA CB 15 86.78 116.55 -2.42
C ALA CB 15 86.15 115.35 -1.75
N ASP CB 16 85.94 115.47 -0.44
CA ASP CB 16 85.23 114.48 0.34
C ASP CB 16 83.73 114.56 0.06
N LYS CB 17 83.18 113.53 -0.58
CA LYS CB 17 81.74 113.38 -0.74
C LYS CB 17 81.27 112.46 0.38
N THR CB 18 80.33 112.94 1.20
CA THR CB 18 79.85 112.22 2.37
C THR CB 18 78.51 111.57 2.02
N PHE CB 19 78.45 110.25 2.13
CA PHE CB 19 77.22 109.48 2.00
C PHE CB 19 76.64 109.33 3.41
N GLU CB 20 75.62 110.12 3.72
CA GLU CB 20 74.86 109.96 4.96
C GLU CB 20 74.04 108.67 4.92
N PRO CB 21 73.93 107.93 6.02
CA PRO CB 21 73.08 106.73 5.99
C PRO CB 21 71.63 107.13 5.84
N GLN CB 22 70.98 106.53 4.84
CA GLN CB 22 69.56 106.77 4.62
C GLN CB 22 68.72 105.52 4.82
N ARG CB 23 69.31 104.34 4.72
CA ARG CB 23 68.64 103.12 5.14
C ARG CB 23 69.66 102.08 5.59
N GLY CB 24 69.45 101.50 6.77
CA GLY CB 24 70.31 100.46 7.28
C GLY CB 24 69.86 99.07 6.84
N GLN CB 25 70.76 98.09 7.03
CA GLN CB 25 70.46 96.68 6.77
C GLN CB 25 70.27 95.97 8.10
N ASN CB 26 69.04 95.55 8.39
CA ASN CB 26 68.80 94.70 9.55
C ASN CB 26 68.40 93.28 9.16
N GLY CB 27 68.21 93.02 7.86
CA GLY CB 27 67.80 91.72 7.39
C GLY CB 27 68.69 91.27 6.24
N VAL CB 28 68.52 90.01 5.85
CA VAL CB 28 69.36 89.42 4.80
C VAL CB 28 68.86 89.78 3.39
N THR CB 29 67.57 90.05 3.25
CA THR CB 29 67.03 90.26 1.91
C THR CB 29 67.57 91.53 1.27
N ASP CB 30 67.46 92.70 1.95
CA ASP CB 30 67.67 94.03 1.37
C ASP CB 30 68.93 94.70 1.87
N PRO CB 31 69.80 95.18 0.97
CA PRO CB 31 71.07 95.78 1.41
C PRO CB 31 70.89 97.14 2.06
N ALA CB 32 71.94 97.56 2.77
CA ALA CB 32 72.03 98.88 3.37
C ALA CB 32 72.40 99.91 2.32
N GLU CB 33 71.97 101.16 2.53
CA GLU CB 33 72.07 102.20 1.51
C GLU CB 33 72.47 103.52 2.15
N TRP CB 34 73.34 104.26 1.46
CA TRP CB 34 73.83 105.57 1.84
C TRP CB 34 73.57 106.53 0.69
N TRP CB 35 73.18 107.75 1.04
CA TRP CB 35 72.78 108.79 0.09
C TRP CB 35 73.66 110.02 0.25
N GLU CB 36 74.06 110.63 -0.87
CA GLU CB 36 75.05 111.71 -0.79
C GLU CB 36 74.41 113.07 -0.50
N LYS CB 37 73.31 113.39 -1.18
CA LYS CB 37 72.57 114.63 -0.95
C LYS CB 37 73.36 115.87 -1.39
N SER CB 38 74.29 115.73 -2.33
CA SER CB 38 74.95 116.92 -2.88
C SER CB 38 73.96 117.75 -3.70
N SER CB 39 73.39 117.16 -4.74
CA SER CB 39 72.37 117.83 -5.55
C SER CB 39 71.13 118.12 -4.69
N PRO CB 40 70.25 119.04 -5.14
CA PRO CB 40 69.05 119.35 -4.35
C PRO CB 40 67.92 118.33 -4.44
N THR CB 41 67.82 117.59 -5.54
CA THR CB 41 66.74 116.64 -5.75
C THR CB 41 67.23 115.20 -5.58
N LEU CB 42 66.27 114.30 -5.33
CA LEU CB 42 66.60 112.91 -5.04
C LEU CB 42 67.36 112.25 -6.18
N ASN CB 43 67.12 112.68 -7.43
CA ASN CB 43 67.76 112.05 -8.59
C ASN CB 43 69.26 112.28 -8.59
N GLY CB 44 69.72 113.42 -8.06
CA GLY CB 44 71.11 113.77 -8.08
C GLY CB 44 71.95 113.23 -6.94
N TYR CB 45 71.36 112.42 -6.07
CA TYR CB 45 72.12 111.82 -4.99
C TYR CB 45 73.03 110.74 -5.53
N ARG CB 46 74.23 110.64 -4.96
CA ARG CB 46 75.09 109.51 -5.21
C ARG CB 46 74.74 108.42 -4.19
N ARG CB 47 74.78 107.16 -4.63
CA ARG CB 47 74.31 106.06 -3.80
C ARG CB 47 75.42 105.05 -3.50
N LEU CB 48 75.31 104.44 -2.32
CA LEU CB 48 76.19 103.34 -1.92
C LEU CB 48 75.37 102.26 -1.24
N THR CB 49 75.36 101.05 -1.81
CA THR CB 49 74.65 99.91 -1.24
C THR CB 49 75.64 98.83 -0.79
N ALA CB 50 75.30 98.14 0.30
CA ALA CB 50 76.19 97.15 0.90
C ALA CB 50 75.37 96.09 1.63
N LEU CB 51 75.55 94.84 1.19
CA LEU CB 51 74.83 93.69 1.73
C LEU CB 51 75.84 92.61 2.11
N VAL CB 52 75.82 92.20 3.38
CA VAL CB 52 76.55 91.03 3.84
C VAL CB 52 75.50 89.97 4.16
N ARG CB 53 75.64 88.81 3.53
CA ARG CB 53 74.61 87.78 3.53
C ARG CB 53 75.25 86.40 3.64
N ARG CB 54 74.83 85.62 4.63
CA ARG CB 54 75.36 84.27 4.76
C ARG CB 54 74.61 83.37 3.78
N ASN CB 55 75.34 82.73 2.88
CA ASN CB 55 74.80 81.74 1.96
C ASN CB 55 75.10 80.35 2.54
N ALA CB 56 74.07 79.69 3.04
CA ALA CB 56 74.26 78.38 3.66
C ALA CB 56 74.54 77.29 2.63
N ALA CB 57 74.18 77.51 1.37
CA ALA CB 57 74.40 76.50 0.34
C ALA CB 57 75.89 76.25 0.13
N SER CB 58 76.65 77.30 -0.14
CA SER CB 58 78.09 77.23 -0.32
C SER CB 58 78.85 77.26 1.01
N LYS CB 59 78.13 77.27 2.13
CA LYS CB 59 78.72 77.48 3.46
C LYS CB 59 79.69 78.66 3.39
N SER CB 60 79.14 79.82 3.03
CA SER CB 60 79.98 80.98 2.74
C SER CB 60 79.23 82.24 3.12
N VAL CB 61 79.90 83.37 2.91
CA VAL CB 61 79.33 84.68 3.21
C VAL CB 61 79.65 85.61 2.05
N LYS CB 62 78.63 86.13 1.40
CA LYS CB 62 78.82 87.07 0.30
C LYS CB 62 78.72 88.50 0.81
N VAL CB 63 79.48 89.38 0.17
CA VAL CB 63 79.46 90.82 0.46
C VAL CB 63 79.36 91.53 -0.89
N LYS CB 64 78.23 92.19 -1.12
CA LYS CB 64 77.97 92.94 -2.34
C LYS CB 64 77.94 94.44 -2.05
N VAL CB 65 78.77 95.18 -2.76
CA VAL CB 65 78.85 96.64 -2.62
C VAL CB 65 78.63 97.25 -3.99
N ALA CB 66 77.88 98.35 -4.02
CA ALA CB 66 77.61 99.05 -5.27
C ALA CB 66 77.71 100.55 -5.03
N ILE CB 67 78.32 101.26 -5.98
CA ILE CB 67 78.46 102.71 -5.93
C ILE CB 67 77.89 103.28 -7.22
N TYR CB 68 76.80 104.05 -7.10
CA TYR CB 68 76.14 104.67 -8.25
C TYR CB 68 76.45 106.16 -8.23
N ASP CB 69 77.16 106.64 -9.27
CA ASP CB 69 77.44 108.06 -9.46
C ASP CB 69 76.64 108.56 -10.66
N PRO CB 70 75.53 109.27 -10.46
CA PRO CB 70 74.78 109.77 -11.60
C PRO CB 70 75.28 111.13 -12.05
N THR CB 71 75.22 111.36 -13.36
CA THR CB 71 75.53 112.67 -13.91
C THR CB 71 74.21 113.28 -14.39
N LEU CB 72 73.71 114.27 -13.67
CA LEU CB 72 72.42 114.86 -14.00
C LEU CB 72 72.49 115.50 -15.37
N ALA CB 73 71.48 115.24 -16.20
CA ALA CB 73 71.40 115.90 -17.48
C ALA CB 73 71.25 117.41 -17.27
N VAL CB 74 71.99 118.18 -18.07
CA VAL CB 74 71.79 119.62 -18.14
C VAL CB 74 70.36 119.91 -18.58
N THR CB 75 69.58 120.53 -17.70
CA THR CB 75 68.16 120.80 -17.95
C THR CB 75 68.00 122.30 -18.18
N ALA CB 76 67.65 122.66 -19.41
CA ALA CB 76 67.34 124.02 -19.85
C ALA CB 76 65.83 124.22 -19.95
N PRO CB 77 65.34 125.45 -19.73
CA PRO CB 77 63.90 125.69 -19.87
C PRO CB 77 63.42 125.35 -21.26
N SER CB 78 62.27 124.67 -21.33
CA SER CB 78 61.79 124.08 -22.56
C SER CB 78 61.78 125.09 -23.68
N THR CB 79 62.23 124.65 -24.85
CA THR CB 79 62.12 125.47 -26.04
C THR CB 79 60.69 125.44 -26.57
N ALA CB 80 59.97 124.35 -26.30
CA ALA CB 80 58.59 124.23 -26.74
C ALA CB 80 57.58 124.60 -25.66
N SER CB 81 57.69 124.03 -24.47
CA SER CB 81 56.74 124.36 -23.41
C SER CB 81 57.08 125.67 -22.71
N GLY CB 82 58.30 126.17 -22.89
CA GLY CB 82 58.75 127.29 -22.07
C GLY CB 82 58.89 126.95 -20.60
N ILE CB 83 58.83 125.67 -20.24
CA ILE CB 83 58.71 125.21 -18.87
C ILE CB 83 59.82 124.21 -18.60
N GLN CB 84 60.82 124.63 -17.82
CA GLN CB 84 61.96 123.78 -17.53
C GLN CB 84 61.52 122.48 -16.87
N PRO CB 85 61.92 121.32 -17.40
CA PRO CB 85 61.48 120.07 -16.81
C PRO CB 85 62.18 119.80 -15.49
N SER CB 86 61.50 119.05 -14.63
CA SER CB 86 62.09 118.58 -13.38
C SER CB 86 63.40 117.87 -13.69
N PRO CB 87 64.41 117.96 -12.81
CA PRO CB 87 65.73 117.46 -13.17
C PRO CB 87 65.73 115.95 -13.34
N THR CB 88 66.40 115.50 -14.40
CA THR CB 88 66.46 114.09 -14.79
C THR CB 88 67.92 113.63 -14.83
N VAL CB 89 68.10 112.32 -14.95
CA VAL CB 89 69.42 111.69 -14.98
C VAL CB 89 69.71 111.26 -16.41
N ALA CB 90 70.81 111.77 -16.98
CA ALA CB 90 71.19 111.42 -18.34
C ALA CB 90 71.89 110.07 -18.42
N PHE CB 91 72.73 109.76 -17.44
CA PHE CB 91 73.34 108.45 -17.31
C PHE CB 91 73.95 108.33 -15.93
N THR CB 92 74.37 107.11 -15.62
CA THR CB 92 74.92 106.80 -14.30
C THR CB 92 76.09 105.84 -14.46
N CYS CB 93 77.13 106.04 -13.65
CA CYS CB 93 78.31 105.18 -13.66
C CYS CB 93 78.29 104.31 -12.41
N PRO CB 94 78.07 103.02 -12.54
CA PRO CB 94 78.16 102.13 -11.38
C PRO CB 94 79.48 101.38 -11.25
N VAL CB 95 79.82 101.09 -10.00
CA VAL CB 95 80.77 100.05 -9.62
C VAL CB 95 80.02 98.98 -8.86
N PHE CB 96 80.31 97.72 -9.19
CA PHE CB 96 79.84 96.58 -8.44
C PHE CB 96 81.05 95.79 -7.94
N ILE CB 97 81.07 95.47 -6.65
CA ILE CB 97 82.15 94.72 -6.05
C ILE CB 97 81.52 93.57 -5.25
N GLU CB 98 82.02 92.35 -5.48
CA GLU CB 98 81.54 91.17 -4.77
C GLU CB 98 82.72 90.43 -4.17
N PHE CB 99 82.72 90.29 -2.85
CA PHE CB 99 83.64 89.39 -2.15
C PHE CB 99 82.87 88.15 -1.74
N THR CB 100 83.53 86.99 -1.81
CA THR CB 100 82.94 85.82 -1.18
C THR CB 100 83.95 85.22 -0.20
N LEU CB 101 83.47 84.86 0.99
CA LEU CB 101 84.32 84.40 2.08
C LEU CB 101 83.79 83.07 2.62
N PRO CB 102 84.47 81.96 2.36
CA PRO CB 102 83.95 80.65 2.80
C PRO CB 102 83.92 80.55 4.32
N ASP CB 103 83.20 79.53 4.80
CA ASP CB 103 83.04 79.37 6.23
C ASP CB 103 84.36 79.01 6.93
N ALA CB 104 85.30 78.43 6.19
CA ALA CB 104 86.58 78.03 6.75
C ALA CB 104 87.66 79.10 6.57
N CYS CB 105 87.27 80.36 6.45
CA CYS CB 105 88.15 81.42 5.97
C CYS CB 105 88.87 82.12 7.13
N THR CB 106 90.19 82.24 7.01
CA THR CB 106 90.97 82.90 8.05
C THR CB 106 90.76 84.41 8.02
N ILE CB 107 90.85 85.02 9.21
CA ILE CB 107 90.85 86.47 9.31
C ILE CB 107 91.96 87.05 8.45
N GLN CB 108 93.11 86.37 8.44
CA GLN CB 108 94.23 86.81 7.62
C GLN CB 108 93.89 86.74 6.13
N ASN CB 109 93.17 85.70 5.70
CA ASN CB 109 92.77 85.61 4.30
C ASN CB 109 91.82 86.75 3.93
N ARG CB 110 90.90 87.11 4.83
CA ARG CB 110 89.99 88.21 4.56
C ARG CB 110 90.75 89.52 4.40
N LYS CB 111 91.67 89.79 5.33
CA LYS CB 111 92.52 90.96 5.21
C LYS CB 111 93.28 90.95 3.88
N ASP CB 112 93.82 89.78 3.52
CA ASP CB 112 94.55 89.63 2.26
C ASP CB 112 93.69 90.05 1.08
N ILE CB 113 92.49 89.50 0.98
CA ILE CB 113 91.69 89.70 -0.22
C ILE CB 113 91.21 91.15 -0.32
N LEU CB 114 90.82 91.75 0.81
CA LEU CB 114 90.45 93.17 0.77
C LEU CB 114 91.65 94.03 0.39
N ALA CB 115 92.84 93.66 0.85
CA ALA CB 115 94.04 94.43 0.52
C ALA CB 115 94.35 94.34 -0.97
N TYR CB 116 94.27 93.13 -1.55
CA TYR CB 116 94.51 92.99 -2.98
C TYR CB 116 93.54 93.85 -3.77
N ALA CB 117 92.26 93.84 -3.38
CA ALA CB 117 91.27 94.67 -4.07
C ALA CB 117 91.63 96.15 -4.00
N LYS CB 118 91.85 96.67 -2.79
CA LYS CB 118 92.06 98.11 -2.65
C LYS CB 118 93.36 98.55 -3.32
N ASN CB 119 94.44 97.77 -3.16
CA ASN CB 119 95.72 98.16 -3.74
C ASN CB 119 95.68 98.05 -5.27
N PHE CB 120 94.97 97.07 -5.82
CA PHE CB 120 94.82 97.05 -7.27
C PHE CB 120 94.03 98.24 -7.77
N LEU CB 121 92.92 98.57 -7.10
CA LEU CB 121 92.13 99.72 -7.58
C LEU CB 121 92.93 101.01 -7.50
N ALA CB 122 93.80 101.15 -6.49
CA ALA CB 122 94.72 102.28 -6.48
C ALA CB 122 95.74 102.18 -7.62
N SER CB 123 96.04 100.96 -8.07
CA SER CB 123 97.18 100.76 -8.98
C SER CB 123 96.99 101.44 -10.34
N ALA CB 124 98.13 101.84 -10.90
CA ALA CB 124 98.14 102.56 -12.17
C ALA CB 124 97.59 101.70 -13.31
N THR CB 125 97.68 100.38 -13.20
CA THR CB 125 97.07 99.52 -14.21
C THR CB 125 95.54 99.61 -14.15
N ALA CB 126 94.98 99.67 -12.94
CA ALA CB 126 93.55 99.93 -12.82
C ALA CB 126 93.19 101.31 -13.39
N THR CB 127 94.07 102.30 -13.20
CA THR CB 127 93.78 103.61 -13.79
C THR CB 127 93.79 103.54 -15.32
N ASP CB 128 94.84 102.95 -15.91
CA ASP CB 128 94.88 102.69 -17.36
C ASP CB 128 93.65 101.92 -17.82
N LEU CB 129 93.10 101.08 -16.95
CA LEU CB 129 92.01 100.19 -17.32
C LEU CB 129 90.68 100.92 -17.39
N VAL CB 130 90.36 101.73 -16.37
CA VAL CB 130 89.04 102.35 -16.25
C VAL CB 130 89.05 103.80 -16.73
N VAL CB 131 90.04 104.58 -16.31
CA VAL CB 131 90.05 106.00 -16.66
C VAL CB 131 90.32 106.19 -18.14
N ASN CB 132 91.28 105.45 -18.70
CA ASN CB 132 91.56 105.51 -20.12
C ASN CB 132 90.80 104.47 -20.93
N THR CB 133 89.96 103.66 -20.26
CA THR CB 133 89.19 102.61 -20.92
C THR CB 133 90.06 101.78 -21.86
N ALA CB 134 91.25 101.43 -21.38
CA ALA CB 134 92.19 100.73 -22.22
C ALA CB 134 92.45 99.33 -21.68
N PRO CB 135 92.52 98.34 -22.55
CA PRO CB 135 92.85 96.97 -22.13
C PRO CB 135 94.37 96.78 -22.01
N GLN CB 136 94.75 95.55 -21.71
CA GLN CB 136 96.14 95.16 -21.55
C GLN CB 136 96.51 94.25 -22.72
N TYR CB 137 97.15 94.81 -23.73
CA TYR CB 137 97.26 94.18 -25.05
C TYR CB 137 98.55 93.36 -25.29
N GLN DB 1 69.38 100.11 22.53
CA GLN DB 1 68.72 99.52 21.38
C GLN DB 1 68.94 98.02 21.32
N ILE DB 2 70.03 97.63 20.65
CA ILE DB 2 70.61 96.29 20.65
C ILE DB 2 72.02 96.40 21.21
N ALA DB 3 72.37 95.49 22.11
CA ALA DB 3 73.67 95.50 22.74
C ALA DB 3 74.21 94.08 22.77
N ASN DB 4 75.53 93.98 22.65
CA ASN DB 4 76.16 92.68 22.69
C ASN DB 4 75.86 91.99 24.02
N VAL DB 5 75.98 90.66 24.03
CA VAL DB 5 75.56 89.88 25.18
C VAL DB 5 76.69 88.94 25.59
N VAL DB 6 76.99 88.88 26.89
CA VAL DB 6 78.11 88.09 27.39
C VAL DB 6 77.57 86.95 28.23
N LEU DB 7 77.95 85.73 27.87
CA LEU DB 7 77.50 84.53 28.57
C LEU DB 7 78.69 83.78 29.16
N ALA DB 8 78.48 83.15 30.30
CA ALA DB 8 79.54 82.43 30.98
C ALA DB 8 79.54 80.97 30.55
N ASP DB 9 80.67 80.50 30.03
CA ASP DB 9 80.74 79.10 29.61
C ASP DB 9 80.91 78.20 30.84
N GLY DB 10 80.78 76.90 30.59
CA GLY DB 10 80.92 75.92 31.65
C GLY DB 10 82.37 75.49 31.79
N GLN DB 11 82.96 75.82 32.93
CA GLN DB 11 84.33 75.43 33.24
C GLN DB 11 84.44 75.50 34.76
N ALA DB 12 85.64 75.23 35.26
CA ALA DB 12 85.90 75.47 36.67
C ALA DB 12 85.57 76.92 37.05
N ALA DB 13 86.17 77.87 36.33
CA ALA DB 13 85.81 79.27 36.44
C ALA DB 13 85.22 79.66 35.10
N PRO DB 14 83.99 80.15 35.06
CA PRO DB 14 83.39 80.53 33.77
C PRO DB 14 84.21 81.60 33.08
N ALA DB 15 84.41 81.42 31.78
CA ALA DB 15 85.11 82.37 30.92
C ALA DB 15 84.05 83.09 30.09
N ASP DB 16 83.90 84.38 30.37
CA ASP DB 16 82.96 85.23 29.63
C ASP DB 16 83.21 85.17 28.14
N LYS DB 17 82.19 84.75 27.40
CA LYS DB 17 82.17 84.75 25.94
C LYS DB 17 81.24 85.88 25.50
N THR DB 18 81.79 86.83 24.75
CA THR DB 18 81.06 88.02 24.32
C THR DB 18 80.54 87.81 22.91
N PHE DB 19 79.23 88.01 22.72
CA PHE DB 19 78.58 87.92 21.42
C PHE DB 19 78.31 89.35 20.95
N GLU DB 20 79.07 89.79 19.93
CA GLU DB 20 78.88 91.11 19.33
C GLU DB 20 77.63 91.12 18.46
N PRO DB 21 76.89 92.23 18.44
CA PRO DB 21 75.72 92.32 17.56
C PRO DB 21 76.17 92.57 16.11
N GLN DB 22 76.05 91.53 15.30
CA GLN DB 22 76.40 91.69 13.90
C GLN DB 22 75.20 92.03 13.02
N ARG DB 23 73.98 91.73 13.48
CA ARG DB 23 72.77 92.20 12.81
C ARG DB 23 71.64 92.28 13.83
N GLY DB 24 70.84 93.35 13.73
CA GLY DB 24 69.70 93.53 14.62
C GLY DB 24 68.44 92.95 14.04
N GLN DB 25 67.39 92.91 14.86
CA GLN DB 25 66.13 92.30 14.45
C GLN DB 25 65.46 93.17 13.39
N ASN DB 26 65.27 92.58 12.20
CA ASN DB 26 64.77 93.31 11.04
C ASN DB 26 63.49 94.06 11.36
N GLY DB 27 62.54 93.36 11.96
CA GLY DB 27 61.21 93.83 12.19
C GLY DB 27 60.50 92.66 12.82
N VAL DB 28 59.43 92.16 12.21
CA VAL DB 28 58.84 90.89 12.65
C VAL DB 28 59.30 89.72 11.79
N THR DB 29 60.10 89.96 10.77
CA THR DB 29 60.46 88.92 9.81
C THR DB 29 61.75 88.20 10.17
N ASP DB 30 62.86 88.92 10.35
CA ASP DB 30 64.17 88.33 10.55
C ASP DB 30 64.66 88.55 11.97
N PRO DB 31 65.10 87.50 12.66
CA PRO DB 31 65.54 87.67 14.06
C PRO DB 31 66.87 88.41 14.15
N ALA DB 32 67.10 88.96 15.34
CA ALA DB 32 68.39 89.57 15.65
C ALA DB 32 69.44 88.49 15.87
N GLU DB 33 70.68 88.78 15.48
CA GLU DB 33 71.74 87.79 15.52
C GLU DB 33 73.02 88.38 16.10
N TRP DB 34 73.71 87.56 16.90
CA TRP DB 34 74.92 87.93 17.60
C TRP DB 34 75.97 86.85 17.34
N TRP DB 35 77.22 87.30 17.19
CA TRP DB 35 78.34 86.45 16.78
C TRP DB 35 79.47 86.56 17.81
N GLU DB 36 79.99 85.41 18.27
CA GLU DB 36 81.06 85.44 19.26
C GLU DB 36 82.36 85.95 18.66
N LYS DB 37 82.74 85.40 17.51
CA LYS DB 37 83.93 85.84 16.78
C LYS DB 37 85.20 85.62 17.59
N SER DB 38 85.25 84.49 18.32
CA SER DB 38 86.47 84.18 19.06
C SER DB 38 87.47 83.39 18.21
N SER DB 39 87.02 82.27 17.62
CA SER DB 39 87.89 81.42 16.80
C SER DB 39 88.42 82.19 15.60
N PRO DB 40 89.56 81.76 15.04
CA PRO DB 40 90.07 82.45 13.84
C PRO DB 40 89.29 82.15 12.58
N THR DB 41 88.68 80.98 12.48
CA THR DB 41 87.84 80.66 11.34
C THR DB 41 86.42 81.12 11.59
N LEU DB 42 85.70 81.40 10.50
CA LEU DB 42 84.28 81.71 10.63
C LEU DB 42 83.48 80.53 11.16
N ASN DB 43 84.05 79.31 11.08
CA ASN DB 43 83.37 78.13 11.57
C ASN DB 43 83.07 78.23 13.06
N GLY DB 44 84.04 78.68 13.84
CA GLY DB 44 84.01 78.70 15.29
C GLY DB 44 83.36 79.90 15.93
N TYR DB 45 82.68 80.73 15.15
CA TYR DB 45 81.84 81.77 15.73
C TYR DB 45 80.62 81.13 16.38
N ARG DB 46 80.39 81.43 17.66
CA ARG DB 46 79.16 80.98 18.30
C ARG DB 46 78.03 81.98 18.01
N ARG DB 47 76.80 81.50 17.95
CA ARG DB 47 75.69 82.31 17.47
C ARG DB 47 74.56 82.43 18.47
N LEU DB 48 73.86 83.57 18.42
CA LEU DB 48 72.67 83.81 19.23
C LEU DB 48 71.63 84.55 18.41
N THR DB 49 70.43 83.98 18.27
CA THR DB 49 69.34 84.61 17.55
C THR DB 49 68.16 84.84 18.48
N ALA DB 50 67.53 86.01 18.37
CA ALA DB 50 66.36 86.34 19.17
C ALA DB 50 65.36 87.14 18.36
N LEU DB 51 64.10 86.68 18.37
CA LEU DB 51 63.01 87.29 17.62
C LEU DB 51 61.79 87.43 18.52
N VAL DB 52 61.14 88.60 18.46
CA VAL DB 52 59.93 88.89 19.23
C VAL DB 52 58.85 89.34 18.25
N ARG DB 53 57.81 88.53 18.09
CA ARG DB 53 56.82 88.78 17.05
C ARG DB 53 55.42 88.52 17.61
N ARG DB 54 54.48 89.40 17.29
CA ARG DB 54 53.10 89.25 17.74
C ARG DB 54 52.31 88.49 16.67
N ASN DB 55 51.93 87.25 16.97
CA ASN DB 55 50.97 86.55 16.14
C ASN DB 55 49.59 87.14 16.42
N ALA DB 56 49.07 87.89 15.43
CA ALA DB 56 47.84 88.65 15.61
C ALA DB 56 46.61 87.76 15.60
N ALA DB 57 46.67 86.65 14.86
CA ALA DB 57 45.58 85.68 14.88
C ALA DB 57 45.41 85.10 16.28
N SER DB 58 46.47 84.49 16.81
CA SER DB 58 46.42 83.87 18.13
C SER DB 58 46.40 84.89 19.26
N LYS DB 59 46.43 86.18 18.94
CA LYS DB 59 46.52 87.24 19.93
C LYS DB 59 47.57 86.91 20.98
N SER DB 60 48.80 86.72 20.51
CA SER DB 60 49.87 86.35 21.41
C SER DB 60 51.20 86.87 20.89
N VAL DB 61 52.21 86.77 21.73
CA VAL DB 61 53.57 87.20 21.40
C VAL DB 61 54.48 85.98 21.54
N LYS DB 62 55.14 85.62 20.45
CA LYS DB 62 56.16 84.58 20.47
C LYS DB 62 57.53 85.21 20.65
N VAL DB 63 58.37 84.55 21.45
CA VAL DB 63 59.75 84.97 21.69
C VAL DB 63 60.62 83.75 21.45
N LYS DB 64 61.43 83.79 20.39
CA LYS DB 64 62.28 82.67 19.99
C LYS DB 64 63.75 83.05 20.14
N VAL DB 65 64.50 82.21 20.86
CA VAL DB 65 65.92 82.40 21.09
C VAL DB 65 66.64 81.11 20.74
N ALA DB 66 67.80 81.22 20.10
CA ALA DB 66 68.61 80.07 19.77
C ALA DB 66 70.08 80.37 20.04
N ILE DB 67 70.78 79.37 20.57
CA ILE DB 67 72.21 79.47 20.87
C ILE DB 67 72.91 78.32 20.17
N TYR DB 68 73.81 78.65 19.26
CA TYR DB 68 74.54 77.68 18.45
C TYR DB 68 76.01 77.66 18.87
N ASP DB 69 76.46 76.51 19.38
CA ASP DB 69 77.87 76.35 19.76
C ASP DB 69 78.53 75.32 18.84
N PRO DB 70 79.42 75.72 17.94
CA PRO DB 70 80.06 74.73 17.08
C PRO DB 70 81.34 74.17 17.69
N THR DB 71 81.60 72.91 17.39
CA THR DB 71 82.88 72.28 17.70
C THR DB 71 83.51 71.81 16.40
N LEU DB 72 84.76 72.22 16.19
CA LEU DB 72 85.49 72.01 14.96
C LEU DB 72 86.40 70.79 15.07
N ALA DB 73 86.87 70.33 13.91
CA ALA DB 73 87.77 69.20 13.87
C ALA DB 73 88.58 69.30 12.58
N VAL DB 74 89.85 68.93 12.67
CA VAL DB 74 90.73 68.92 11.52
C VAL DB 74 90.98 67.47 11.13
N THR DB 75 91.33 67.27 9.85
CA THR DB 75 91.69 65.93 9.38
C THR DB 75 92.81 65.33 10.22
N ALA DB 76 93.77 66.16 10.62
CA ALA DB 76 94.95 65.72 11.34
C ALA DB 76 95.42 66.87 12.23
N PRO DB 77 96.06 66.57 13.36
CA PRO DB 77 96.42 67.65 14.29
C PRO DB 77 97.38 68.64 13.67
N SER DB 78 97.29 69.87 14.12
CA SER DB 78 98.03 70.99 13.53
C SER DB 78 99.53 70.87 13.81
N THR DB 79 100.34 71.35 12.85
CA THR DB 79 101.80 71.31 12.97
C THR DB 79 102.46 72.65 13.21
N ALA DB 80 101.86 73.74 12.73
CA ALA DB 80 102.40 75.10 12.82
C ALA DB 80 103.65 75.31 11.97
N SER DB 81 103.91 74.43 11.00
CA SER DB 81 105.09 74.56 10.16
C SER DB 81 104.77 74.76 8.69
N GLY DB 82 104.09 73.80 8.07
CA GLY DB 82 103.76 73.86 6.67
C GLY DB 82 102.27 74.08 6.46
N ILE DB 83 101.85 73.97 5.19
CA ILE DB 83 100.43 74.11 4.88
C ILE DB 83 99.68 72.99 5.58
N GLN DB 84 98.63 73.36 6.29
CA GLN DB 84 97.92 72.48 7.19
C GLN DB 84 96.48 72.31 6.75
N PRO DB 85 95.81 71.25 7.20
CA PRO DB 85 94.42 71.03 6.78
C PRO DB 85 93.49 72.07 7.39
N SER DB 86 92.68 72.70 6.54
CA SER DB 86 91.66 73.61 7.04
C SER DB 86 90.63 72.83 7.83
N PRO DB 87 90.01 73.47 8.83
CA PRO DB 87 89.14 72.73 9.76
C PRO DB 87 87.70 72.65 9.28
N THR DB 88 87.12 71.47 9.45
CA THR DB 88 85.70 71.26 9.19
C THR DB 88 84.91 71.46 10.47
N VAL DB 89 83.61 71.67 10.30
CA VAL DB 89 82.69 71.74 11.44
C VAL DB 89 82.33 70.33 11.84
N ALA DB 90 82.86 69.87 12.97
CA ALA DB 90 82.55 68.52 13.43
C ALA DB 90 81.09 68.40 13.81
N PHE DB 91 80.61 69.26 14.71
CA PHE DB 91 79.19 69.23 15.06
C PHE DB 91 78.79 70.58 15.67
N THR DB 92 77.52 70.71 16.00
CA THR DB 92 76.99 71.92 16.61
C THR DB 92 76.01 71.53 17.71
N CYS DB 93 76.11 72.22 18.85
CA CYS DB 93 75.19 72.03 19.97
C CYS DB 93 74.25 73.21 20.03
N PRO DB 94 73.00 73.06 19.62
CA PRO DB 94 72.03 74.13 19.79
C PRO DB 94 71.14 73.98 21.02
N VAL DB 95 70.77 75.16 21.54
CA VAL DB 95 69.61 75.35 22.41
C VAL DB 95 68.58 76.18 21.66
N PHE DB 96 67.31 75.75 21.73
CA PHE DB 96 66.18 76.54 21.27
C PHE DB 96 65.27 76.81 22.45
N ILE DB 97 64.85 78.07 22.59
CA ILE DB 97 63.98 78.51 23.67
C ILE DB 97 62.81 79.26 23.03
N GLU DB 98 61.59 78.90 23.42
CA GLU DB 98 60.40 79.57 22.92
C GLU DB 98 59.48 79.90 24.09
N PHE DB 99 59.13 81.17 24.23
CA PHE DB 99 58.08 81.62 25.12
C PHE DB 99 56.88 82.03 24.28
N THR DB 100 55.68 81.72 24.76
CA THR DB 100 54.50 82.33 24.16
C THR DB 100 53.66 83.00 25.24
N LEU DB 101 53.32 84.26 25.00
CA LEU DB 101 52.63 85.10 25.98
C LEU DB 101 51.34 85.62 25.39
N PRO DB 102 50.18 85.14 25.84
CA PRO DB 102 48.91 85.64 25.28
C PRO DB 102 48.76 87.13 25.49
N ASP DB 103 47.91 87.74 24.67
CA ASP DB 103 47.83 89.20 24.66
C ASP DB 103 47.34 89.74 25.99
N ALA DB 104 46.40 89.04 26.62
CA ALA DB 104 45.86 89.48 27.92
C ALA DB 104 46.67 88.85 29.06
N CYS DB 105 47.97 89.18 29.08
CA CYS DB 105 48.93 88.56 29.99
C CYS DB 105 49.55 89.61 30.89
N THR DB 106 49.69 89.28 32.17
CA THR DB 106 50.27 90.21 33.13
C THR DB 106 51.79 90.28 32.98
N ILE DB 107 52.32 91.47 33.20
CA ILE DB 107 53.76 91.61 33.33
C ILE DB 107 54.29 90.71 34.44
N GLN DB 108 53.49 90.52 35.49
CA GLN DB 108 53.89 89.61 36.57
C GLN DB 108 53.94 88.17 36.07
N ASN DB 109 53.00 87.78 35.20
CA ASN DB 109 53.05 86.44 34.62
C ASN DB 109 54.29 86.26 33.75
N ARG DB 110 54.66 87.30 32.99
CA ARG DB 110 55.88 87.21 32.17
C ARG DB 110 57.11 87.03 33.05
N LYS DB 111 57.21 87.83 34.11
CA LYS DB 111 58.31 87.68 35.06
C LYS DB 111 58.33 86.27 35.64
N ASP DB 112 57.16 85.77 36.04
CA ASP DB 112 57.05 84.40 36.55
C ASP DB 112 57.63 83.39 35.58
N ILE DB 113 57.18 83.42 34.33
CA ILE DB 113 57.55 82.36 33.40
C ILE DB 113 59.04 82.43 33.07
N LEU DB 114 59.58 83.64 32.90
CA LEU DB 114 61.01 83.76 32.66
C LEU DB 114 61.82 83.26 33.86
N ALA DB 115 61.32 83.55 35.07
CA ALA DB 115 62.01 83.09 36.28
C ALA DB 115 61.99 81.56 36.37
N TYR DB 116 60.85 80.95 36.06
CA TYR DB 116 60.77 79.48 36.07
C TYR DB 116 61.79 78.89 35.11
N ALA DB 117 61.88 79.46 33.91
CA ALA DB 117 62.85 78.97 32.92
C ALA DB 117 64.28 79.09 33.44
N LYS DB 118 64.66 80.29 33.91
CA LYS DB 118 66.06 80.50 34.27
C LYS DB 118 66.44 79.70 35.51
N ASN DB 119 65.57 79.65 36.53
CA ASN DB 119 65.86 78.90 37.74
C ASN DB 119 65.93 77.41 37.45
N PHE DB 120 65.07 76.91 36.56
CA PHE DB 120 65.16 75.51 36.19
C PHE DB 120 66.48 75.22 35.49
N LEU DB 121 66.86 76.05 34.51
CA LEU DB 121 68.11 75.78 33.79
C LEU DB 121 69.31 75.85 34.72
N ALA DB 122 69.25 76.69 35.76
CA ALA DB 122 70.30 76.65 36.78
C ALA DB 122 70.22 75.37 37.60
N SER DB 123 69.03 74.77 37.71
CA SER DB 123 68.83 73.67 38.66
C SER DB 123 69.66 72.43 38.32
N ALA DB 124 70.04 71.71 39.39
CA ALA DB 124 70.82 70.50 39.25
C ALA DB 124 70.04 69.39 38.56
N THR DB 125 68.70 69.44 38.56
CA THR DB 125 67.96 68.47 37.77
C THR DB 125 68.14 68.72 36.28
N ALA DB 126 68.13 69.99 35.87
CA ALA DB 126 68.50 70.32 34.49
C ALA DB 126 69.93 69.90 34.18
N THR DB 127 70.82 70.01 35.17
CA THR DB 127 72.19 69.56 34.94
C THR DB 127 72.26 68.04 34.73
N ASP DB 128 71.68 67.26 35.65
CA ASP DB 128 71.55 65.82 35.47
C ASP DB 128 70.92 65.49 34.11
N LEU DB 129 70.00 66.34 33.65
CA LEU DB 129 69.26 66.08 32.43
C LEU DB 129 70.13 66.26 31.19
N VAL DB 130 70.78 67.41 31.07
CA VAL DB 130 71.47 67.78 29.83
C VAL DB 130 72.96 67.49 29.89
N VAL DB 131 73.63 67.92 30.98
CA VAL DB 131 75.07 67.69 31.10
C VAL DB 131 75.34 66.20 31.21
N ASN DB 132 74.66 65.54 32.14
CA ASN DB 132 74.92 64.14 32.42
C ASN DB 132 74.35 63.21 31.36
N THR DB 133 73.38 63.70 30.55
CA THR DB 133 72.69 62.92 29.50
C THR DB 133 71.94 61.75 30.12
N ALA DB 134 71.09 62.05 31.08
CA ALA DB 134 70.41 61.02 31.84
C ALA DB 134 69.00 61.53 32.13
N PRO DB 135 67.97 60.78 31.77
CA PRO DB 135 66.61 61.21 32.06
C PRO DB 135 66.18 60.84 33.48
N GLN DB 136 65.00 61.34 33.83
CA GLN DB 136 64.45 61.20 35.18
C GLN DB 136 63.54 59.96 35.22
N TYR DB 137 64.04 58.88 35.79
CA TYR DB 137 63.31 57.61 35.75
C TYR DB 137 62.58 57.29 37.06
N GLN EB 1 67.81 106.05 12.74
CA GLN EB 1 67.71 104.73 13.38
C GLN EB 1 66.54 104.81 14.31
N ILE EB 2 66.09 103.69 14.86
CA ILE EB 2 64.82 103.65 15.59
C ILE EB 2 65.10 103.70 17.09
N ALA EB 3 64.40 104.62 17.75
CA ALA EB 3 64.37 104.70 19.20
C ALA EB 3 62.96 105.12 19.60
N ASN EB 4 62.64 104.95 20.88
CA ASN EB 4 61.30 105.27 21.33
C ASN EB 4 61.02 106.75 21.18
N VAL EB 5 59.74 107.09 21.02
CA VAL EB 5 59.32 108.48 20.80
C VAL EB 5 58.43 108.91 21.96
N VAL EB 6 58.60 110.16 22.39
CA VAL EB 6 57.93 110.66 23.59
C VAL EB 6 56.96 111.76 23.17
N LEU EB 7 55.67 111.53 23.42
CA LEU EB 7 54.61 112.46 23.02
C LEU EB 7 53.89 112.96 24.26
N ALA EB 8 53.73 114.28 24.36
CA ALA EB 8 53.07 114.87 25.51
C ALA EB 8 51.56 114.90 25.30
N ASP EB 9 50.81 114.40 26.28
CA ASP EB 9 49.37 114.31 26.14
C ASP EB 9 48.73 115.68 26.33
N GLY EB 10 47.42 115.72 26.15
CA GLY EB 10 46.67 116.95 26.30
C GLY EB 10 46.12 117.04 27.69
N GLN EB 11 46.69 117.94 28.48
CA GLN EB 11 46.23 118.26 29.83
C GLN EB 11 46.65 119.70 30.12
N ALA EB 12 46.35 120.15 31.33
CA ALA EB 12 46.96 121.39 31.82
C ALA EB 12 48.46 121.30 31.77
N ALA EB 13 48.99 120.33 32.47
CA ALA EB 13 50.39 120.02 32.48
C ALA EB 13 50.55 118.76 31.66
N PRO EB 14 51.33 118.82 30.59
CA PRO EB 14 51.52 117.64 29.76
C PRO EB 14 52.20 116.55 30.55
N ALA EB 15 51.81 115.31 30.27
CA ALA EB 15 52.41 114.12 30.86
C ALA EB 15 52.98 113.31 29.70
N ASP EB 16 54.29 113.15 29.69
CA ASP EB 16 54.96 112.48 28.59
C ASP EB 16 54.59 111.00 28.56
N LYS EB 17 54.09 110.55 27.42
CA LYS EB 17 53.83 109.14 27.18
C LYS EB 17 54.92 108.64 26.22
N THR EB 18 55.60 107.57 26.62
CA THR EB 18 56.73 107.04 25.86
C THR EB 18 56.26 105.83 25.06
N PHE EB 19 56.56 105.84 23.76
CA PHE EB 19 56.25 104.74 22.86
C PHE EB 19 57.55 104.02 22.53
N GLU EB 20 57.72 102.83 23.11
CA GLU EB 20 58.90 102.00 22.86
C GLU EB 20 58.70 101.17 21.60
N PRO EB 21 59.72 101.07 20.75
CA PRO EB 21 59.54 100.42 19.45
C PRO EB 21 59.32 98.92 19.56
N GLN EB 22 58.48 98.41 18.67
CA GLN EB 22 58.18 96.99 18.56
C GLN EB 22 58.55 96.40 17.21
N ARG EB 23 58.59 97.21 16.15
CA ARG EB 23 58.92 96.76 14.81
C ARG EB 23 59.75 97.80 14.09
N GLY EB 24 60.73 97.34 13.32
CA GLY EB 24 61.38 98.19 12.35
C GLY EB 24 60.67 98.08 11.01
N GLN EB 25 60.74 99.15 10.24
CA GLN EB 25 60.18 99.14 8.90
C GLN EB 25 61.02 98.23 8.01
N ASN EB 26 60.37 97.23 7.41
CA ASN EB 26 61.04 96.26 6.56
C ASN EB 26 60.43 96.36 5.15
N GLY EB 27 61.27 96.69 4.17
CA GLY EB 27 60.77 96.85 2.82
C GLY EB 27 59.87 98.06 2.73
N VAL EB 28 58.70 97.88 2.09
CA VAL EB 28 57.68 98.92 2.05
C VAL EB 28 56.33 98.35 2.46
N THR EB 29 56.25 97.02 2.54
CA THR EB 29 55.01 96.40 2.96
C THR EB 29 54.73 96.66 4.44
N ASP EB 30 55.77 96.60 5.28
CA ASP EB 30 55.62 96.56 6.73
C ASP EB 30 55.97 97.90 7.35
N PRO EB 31 55.07 98.54 8.10
CA PRO EB 31 55.45 99.77 8.79
C PRO EB 31 56.09 99.50 10.15
N ALA EB 32 56.88 100.47 10.61
CA ALA EB 32 57.48 100.39 11.93
C ALA EB 32 56.48 100.79 13.00
N GLU EB 33 56.48 100.09 14.14
CA GLU EB 33 55.45 100.23 15.15
C GLU EB 33 56.05 100.49 16.53
N TRP EB 34 55.35 101.32 17.32
CA TRP EB 34 55.72 101.70 18.67
C TRP EB 34 54.53 101.49 19.61
N TRP EB 35 54.81 100.99 20.81
CA TRP EB 35 53.80 100.64 21.80
C TRP EB 35 54.05 101.40 23.10
N GLU EB 36 52.97 101.90 23.73
CA GLU EB 36 53.13 102.72 24.93
C GLU EB 36 53.41 101.89 26.18
N LYS EB 37 52.71 100.77 26.33
CA LYS EB 37 52.88 99.88 27.48
C LYS EB 37 52.41 100.54 28.79
N SER EB 38 51.44 101.45 28.70
CA SER EB 38 50.99 102.10 29.93
C SER EB 38 50.06 101.20 30.74
N SER EB 39 49.02 100.67 30.11
CA SER EB 39 48.06 99.80 30.80
C SER EB 39 48.65 98.40 30.99
N PRO EB 40 48.05 97.57 31.87
CA PRO EB 40 48.63 96.23 32.07
C PRO EB 40 48.52 95.29 30.88
N THR EB 41 47.38 95.22 30.20
CA THR EB 41 47.19 94.31 29.06
C THR EB 41 47.52 95.02 27.75
N LEU EB 42 47.52 94.27 26.64
CA LEU EB 42 47.85 94.88 25.35
C LEU EB 42 46.81 95.92 24.94
N ASN EB 43 45.53 95.62 25.17
CA ASN EB 43 44.48 96.48 24.66
C ASN EB 43 44.67 97.93 25.10
N GLY EB 44 45.34 98.16 26.22
CA GLY EB 44 45.57 99.51 26.72
C GLY EB 44 46.77 100.23 26.13
N TYR EB 45 47.68 99.49 25.49
CA TYR EB 45 48.81 100.13 24.81
C TYR EB 45 48.33 101.13 23.78
N ARG EB 46 48.96 102.30 23.74
CA ARG EB 46 48.76 103.25 22.65
C ARG EB 46 49.77 102.94 21.54
N ARG EB 47 49.32 103.07 20.29
CA ARG EB 47 50.12 102.63 19.16
C ARG EB 47 50.54 103.80 18.26
N LEU EB 48 51.73 103.66 17.67
CA LEU EB 48 52.21 104.59 16.66
C LEU EB 48 52.84 103.80 15.51
N THR EB 49 52.32 103.98 14.30
CA THR EB 49 52.84 103.31 13.11
C THR EB 49 53.38 104.36 12.13
N ALA EB 50 54.51 104.03 11.49
CA ALA EB 50 55.13 104.94 10.54
C ALA EB 50 55.76 104.15 9.41
N LEU EB 51 55.43 104.55 8.18
CA LEU EB 51 55.87 103.84 6.97
C LEU EB 51 56.25 104.86 5.91
N VAL EB 52 57.48 104.78 5.43
CA VAL EB 52 57.93 105.57 4.29
C VAL EB 52 58.10 104.60 3.12
N ARG EB 53 57.25 104.74 2.11
CA ARG EB 53 57.29 103.85 0.94
C ARG EB 53 57.37 104.68 -0.33
N ARG EB 54 58.28 104.32 -1.21
CA ARG EB 54 58.35 105.01 -2.49
C ARG EB 54 57.30 104.41 -3.43
N ASN EB 55 56.47 105.28 -4.01
CA ASN EB 55 55.53 104.91 -5.05
C ASN EB 55 56.14 105.29 -6.39
N ALA EB 56 56.43 104.28 -7.21
CA ALA EB 56 57.12 104.50 -8.48
C ALA EB 56 56.17 104.99 -9.57
N ALA EB 57 54.88 104.71 -9.43
CA ALA EB 57 53.90 105.20 -10.38
C ALA EB 57 53.91 106.72 -10.43
N SER EB 58 53.74 107.36 -9.27
CA SER EB 58 53.72 108.82 -9.17
C SER EB 58 55.13 109.42 -9.13
N LYS EB 59 56.17 108.59 -9.20
CA LYS EB 59 57.54 109.04 -9.02
C LYS EB 59 57.65 109.92 -7.77
N SER EB 60 57.28 109.33 -6.63
CA SER EB 60 57.19 110.12 -5.41
C SER EB 60 57.35 109.21 -4.20
N VAL EB 61 57.48 109.83 -3.04
CA VAL EB 61 57.62 109.14 -1.77
C VAL EB 61 56.39 109.44 -0.92
N LYS EB 62 55.83 108.41 -0.30
CA LYS EB 62 54.72 108.58 0.63
C LYS EB 62 55.18 108.33 2.05
N VAL EB 63 54.62 109.08 2.99
CA VAL EB 63 54.92 108.94 4.41
C VAL EB 63 53.59 108.84 5.15
N LYS EB 64 53.33 107.69 5.76
CA LYS EB 64 52.09 107.43 6.48
C LYS EB 64 52.39 107.23 7.96
N VAL EB 65 51.67 107.98 8.80
CA VAL EB 65 51.80 107.90 10.24
C VAL EB 65 50.41 107.71 10.82
N ALA EB 66 50.32 106.90 11.88
CA ALA EB 66 49.06 106.65 12.55
C ALA EB 66 49.28 106.61 14.05
N ILE EB 67 48.37 107.24 14.79
CA ILE EB 67 48.39 107.23 16.25
C ILE EB 67 47.05 106.71 16.74
N TYR EB 68 47.06 105.58 17.44
CA TYR EB 68 45.87 104.96 17.99
C TYR EB 68 45.87 105.12 19.50
N ASP EB 69 44.88 105.85 20.04
CA ASP EB 69 44.68 106.02 21.48
C ASP EB 69 43.42 105.30 21.92
N PRO EB 70 43.51 104.11 22.52
CA PRO EB 70 42.30 103.40 22.94
C PRO EB 70 41.92 103.69 24.38
N THR EB 71 40.62 103.73 24.69
CA THR EB 71 40.15 103.84 26.06
C THR EB 71 39.40 102.57 26.42
N LEU EB 72 39.71 102.00 27.59
CA LEU EB 72 39.09 100.75 27.97
C LEU EB 72 37.68 100.98 28.52
N ALA EB 73 36.88 99.91 28.51
CA ALA EB 73 35.52 99.99 29.00
C ALA EB 73 35.47 99.67 30.48
N VAL EB 74 34.43 100.17 31.13
CA VAL EB 74 34.23 99.96 32.57
C VAL EB 74 33.67 98.56 32.79
N THR EB 75 34.41 97.74 33.54
CA THR EB 75 34.05 96.35 33.74
C THR EB 75 33.39 96.14 35.10
N ALA EB 76 32.82 94.96 35.27
CA ALA EB 76 32.12 94.56 36.49
C ALA EB 76 32.67 93.23 36.97
N PRO EB 77 32.72 93.02 38.28
CA PRO EB 77 33.29 91.75 38.78
C PRO EB 77 32.50 90.52 38.39
N SER EB 78 31.17 90.62 38.35
CA SER EB 78 30.31 89.49 38.03
C SER EB 78 29.86 89.61 36.57
N THR EB 79 30.38 88.73 35.72
CA THR EB 79 29.92 88.60 34.36
C THR EB 79 28.91 87.46 34.29
N ALA EB 80 27.93 87.60 33.41
CA ALA EB 80 26.91 86.56 33.30
C ALA EB 80 27.53 85.24 32.85
N SER EB 81 27.04 84.15 33.45
CA SER EB 81 27.37 82.80 33.03
C SER EB 81 28.86 82.65 32.84
N GLY EB 82 29.62 83.03 33.85
CA GLY EB 82 31.02 82.71 33.74
C GLY EB 82 31.90 83.67 34.53
N ILE EB 83 33.01 83.98 33.91
CA ILE EB 83 34.18 84.47 34.60
C ILE EB 83 34.21 85.99 34.55
N GLN EB 84 34.92 86.58 35.52
CA GLN EB 84 35.19 88.01 35.51
C GLN EB 84 35.89 88.39 34.21
N PRO EB 85 35.48 89.47 33.54
CA PRO EB 85 35.90 89.70 32.16
C PRO EB 85 37.31 90.28 32.07
N SER EB 86 38.01 89.89 31.02
CA SER EB 86 39.30 90.51 30.74
C SER EB 86 39.07 91.93 30.19
N PRO EB 87 40.04 92.82 30.38
CA PRO EB 87 39.81 94.23 29.98
C PRO EB 87 39.67 94.33 28.48
N THR EB 88 38.65 95.08 28.04
CA THR EB 88 38.34 95.21 26.63
C THR EB 88 38.30 96.68 26.23
N VAL EB 89 38.50 96.92 24.94
CA VAL EB 89 38.49 98.28 24.40
C VAL EB 89 37.05 98.68 24.13
N ALA EB 90 36.66 99.85 24.67
CA ALA EB 90 35.33 100.38 24.36
C ALA EB 90 35.34 101.17 23.07
N PHE EB 91 36.36 102.00 22.87
CA PHE EB 91 36.55 102.71 21.61
C PHE EB 91 38.00 103.17 21.54
N THR EB 92 38.35 103.72 20.39
CA THR EB 92 39.72 104.16 20.14
C THR EB 92 39.68 105.39 19.23
N CYS EB 93 40.56 106.35 19.51
CA CYS EB 93 40.66 107.59 18.73
C CYS EB 93 41.91 107.54 17.86
N PRO EB 94 41.77 107.42 16.55
CA PRO EB 94 42.94 107.50 15.67
C PRO EB 94 43.16 108.85 15.00
N VAL EB 95 44.45 109.13 14.79
CA VAL EB 95 44.93 110.09 13.80
C VAL EB 95 45.61 109.32 12.68
N PHE EB 96 45.33 109.74 11.44
CA PHE EB 96 46.12 109.36 10.29
C PHE EB 96 46.73 110.60 9.66
N ILE EB 97 47.99 110.50 9.26
CA ILE EB 97 48.72 111.60 8.63
C ILE EB 97 49.44 111.05 7.41
N GLU EB 98 49.25 111.69 6.27
CA GLU EB 98 49.91 111.27 5.04
C GLU EB 98 50.56 112.47 4.37
N PHE EB 99 51.89 112.44 4.25
CA PHE EB 99 52.65 113.36 3.43
C PHE EB 99 52.94 112.69 2.10
N THR EB 100 52.89 113.46 1.01
CA THR EB 100 53.48 112.95 -0.22
C THR EB 100 54.47 113.97 -0.78
N LEU EB 101 55.61 113.46 -1.23
CA LEU EB 101 56.75 114.28 -1.65
C LEU EB 101 57.27 113.82 -3.00
N PRO EB 102 57.13 114.63 -4.05
CA PRO EB 102 57.60 114.20 -5.38
C PRO EB 102 59.12 114.10 -5.42
N ASP EB 103 59.61 113.41 -6.45
CA ASP EB 103 61.04 113.16 -6.54
C ASP EB 103 61.82 114.44 -6.84
N ALA EB 104 61.19 115.41 -7.50
CA ALA EB 104 61.85 116.65 -7.88
C ALA EB 104 61.78 117.72 -6.81
N CYS EB 105 61.51 117.37 -5.55
CA CYS EB 105 61.23 118.36 -4.53
C CYS EB 105 62.49 118.73 -3.74
N THR EB 106 62.44 119.90 -3.11
CA THR EB 106 63.57 120.43 -2.36
C THR EB 106 63.48 120.04 -0.89
N ILE EB 107 64.66 119.94 -0.27
CA ILE EB 107 64.75 119.83 1.19
C ILE EB 107 63.99 120.98 1.84
N GLN EB 108 64.04 122.16 1.23
CA GLN EB 108 63.29 123.29 1.73
C GLN EB 108 61.79 123.05 1.64
N ASN EB 109 61.33 122.42 0.55
CA ASN EB 109 59.90 122.13 0.43
C ASN EB 109 59.45 121.13 1.50
N ARG EB 110 60.27 120.10 1.77
CA ARG EB 110 59.91 119.13 2.80
C ARG EB 110 59.81 119.79 4.16
N LYS EB 111 60.80 120.62 4.50
CA LYS EB 111 60.75 121.33 5.79
C LYS EB 111 59.53 122.24 5.86
N ASP EB 112 59.24 122.95 4.77
CA ASP EB 112 58.04 123.77 4.68
C ASP EB 112 56.79 122.96 5.02
N ILE EB 113 56.58 121.85 4.33
CA ILE EB 113 55.33 121.11 4.46
C ILE EB 113 55.18 120.57 5.87
N LEU EB 114 56.26 120.04 6.44
CA LEU EB 114 56.17 119.49 7.79
C LEU EB 114 55.90 120.58 8.81
N ALA EB 115 56.54 121.74 8.65
CA ALA EB 115 56.31 122.83 9.60
C ALA EB 115 54.87 123.34 9.49
N TYR EB 116 54.33 123.41 8.27
CA TYR EB 116 52.94 123.80 8.10
C TYR EB 116 52.03 122.86 8.88
N ALA EB 117 52.28 121.56 8.75
CA ALA EB 117 51.46 120.57 9.48
C ALA EB 117 51.55 120.76 10.99
N LYS EB 118 52.78 120.84 11.53
CA LYS EB 118 52.91 120.91 12.99
C LYS EB 118 52.35 122.22 13.53
N ASN EB 119 52.59 123.33 12.85
CA ASN EB 119 52.09 124.62 13.33
C ASN EB 119 50.58 124.68 13.26
N PHE EB 120 49.98 124.12 12.20
CA PHE EB 120 48.52 124.08 12.18
C PHE EB 120 47.98 123.24 13.33
N LEU EB 121 48.54 122.04 13.55
CA LEU EB 121 48.02 121.19 14.61
C LEU EB 121 48.15 121.85 15.98
N ALA EB 122 49.18 122.68 16.17
CA ALA EB 122 49.24 123.48 17.39
C ALA EB 122 48.17 124.57 17.39
N SER EB 123 47.79 125.08 16.22
CA SER EB 123 46.96 126.28 16.14
C SER EB 123 45.60 126.10 16.81
N ALA EB 124 45.08 127.20 17.33
CA ALA EB 124 43.80 127.16 18.01
C ALA EB 124 42.67 126.77 17.09
N THR EB 125 42.79 127.03 15.78
CA THR EB 125 41.74 126.58 14.86
C THR EB 125 41.74 125.06 14.72
N ALA EB 126 42.91 124.42 14.73
CA ALA EB 126 42.91 122.97 14.81
C ALA EB 126 42.36 122.50 16.15
N THR EB 127 42.67 123.22 17.24
CA THR EB 127 42.10 122.83 18.53
C THR EB 127 40.58 122.93 18.52
N ASP EB 128 40.04 124.08 18.04
CA ASP EB 128 38.59 124.22 17.85
C ASP EB 128 38.07 123.07 17.00
N LEU EB 129 38.82 122.70 15.94
CA LEU EB 129 38.34 121.73 14.98
C LEU EB 129 38.18 120.33 15.60
N VAL EB 130 39.14 119.90 16.41
CA VAL EB 130 39.14 118.52 16.90
C VAL EB 130 38.53 118.41 18.29
N VAL EB 131 38.93 119.28 19.22
CA VAL EB 131 38.47 119.18 20.60
C VAL EB 131 37.00 119.57 20.72
N ASN EB 132 36.57 120.61 20.03
CA ASN EB 132 35.18 121.01 20.06
C ASN EB 132 34.34 120.39 18.95
N THR EB 133 34.98 119.66 18.03
CA THR EB 133 34.30 119.02 16.89
C THR EB 133 33.45 120.02 16.12
N ALA EB 134 33.95 121.25 16.00
CA ALA EB 134 33.14 122.30 15.42
C ALA EB 134 33.63 122.67 14.02
N PRO EB 135 32.70 122.97 13.10
CA PRO EB 135 33.10 123.49 11.78
C PRO EB 135 33.69 124.88 11.85
N GLN EB 136 33.98 125.48 10.70
CA GLN EB 136 34.46 126.86 10.63
C GLN EB 136 33.41 127.70 9.89
N TYR EB 137 32.62 128.44 10.68
CA TYR EB 137 31.38 129.06 10.20
C TYR EB 137 31.66 130.40 9.51
N GLN FB 1 -21.16 72.75 61.86
CA GLN FB 1 -21.08 74.05 61.18
C GLN FB 1 -19.64 74.49 60.99
N ILE FB 2 -19.35 75.33 59.98
CA ILE FB 2 -17.97 75.68 59.66
C ILE FB 2 -17.47 76.78 60.59
N ALA FB 3 -16.21 76.66 60.96
CA ALA FB 3 -15.49 77.60 61.82
C ALA FB 3 -14.01 77.30 61.64
N ASN FB 4 -13.18 78.33 61.82
CA ASN FB 4 -11.76 78.20 61.53
C ASN FB 4 -11.14 77.12 62.41
N VAL FB 5 -10.02 76.55 61.93
CA VAL FB 5 -9.33 75.48 62.63
C VAL FB 5 -7.90 75.93 62.90
N VAL FB 6 -7.38 75.56 64.07
CA VAL FB 6 -6.11 76.08 64.56
C VAL FB 6 -5.18 74.90 64.76
N LEU FB 7 -4.13 74.81 63.95
CA LEU FB 7 -3.17 73.72 64.02
C LEU FB 7 -1.79 74.25 64.37
N ALA FB 8 -1.05 73.49 65.16
CA ALA FB 8 0.24 73.93 65.69
C ALA FB 8 1.37 73.35 64.83
N ASP FB 9 2.24 74.23 64.33
CA ASP FB 9 3.37 73.76 63.54
C ASP FB 9 4.43 73.14 64.44
N GLY FB 10 5.31 72.35 63.82
CA GLY FB 10 6.36 71.68 64.56
C GLY FB 10 7.59 72.54 64.70
N GLN FB 11 7.95 72.87 65.94
CA GLN FB 11 9.13 73.68 66.21
C GLN FB 11 9.58 73.46 67.64
N ALA FB 12 10.59 74.23 68.02
CA ALA FB 12 10.93 74.44 69.42
C ALA FB 12 9.69 74.80 70.24
N ALA FB 13 9.10 75.94 69.91
CA ALA FB 13 7.86 76.41 70.52
C ALA FB 13 6.87 76.47 69.36
N PRO FB 14 5.88 75.61 69.34
CA PRO FB 14 4.98 75.56 68.20
C PRO FB 14 4.11 76.79 68.17
N ALA FB 15 3.79 77.22 66.95
CA ALA FB 15 2.93 78.37 66.70
C ALA FB 15 1.61 77.89 66.15
N ASP FB 16 0.54 78.50 66.64
CA ASP FB 16 -0.81 78.27 66.16
C ASP FB 16 -0.99 78.94 64.80
N LYS FB 17 -1.15 78.15 63.75
CA LYS FB 17 -1.54 78.64 62.43
C LYS FB 17 -3.06 78.45 62.33
N THR FB 18 -3.76 79.56 62.07
CA THR FB 18 -5.22 79.56 62.04
C THR FB 18 -5.67 79.54 60.59
N PHE FB 19 -6.43 78.50 60.21
CA PHE FB 19 -7.08 78.41 58.92
C PHE FB 19 -8.48 79.00 59.08
N GLU FB 20 -8.66 80.23 58.59
CA GLU FB 20 -9.98 80.85 58.52
C GLU FB 20 -10.84 80.16 57.46
N PRO FB 21 -12.13 79.94 57.69
CA PRO FB 21 -12.96 79.33 56.64
C PRO FB 21 -13.08 80.30 55.47
N GLN FB 22 -12.77 79.79 54.28
CA GLN FB 22 -12.92 80.57 53.07
C GLN FB 22 -13.94 80.00 52.12
N ARG FB 23 -14.26 78.71 52.23
CA ARG FB 23 -15.41 78.16 51.53
C ARG FB 23 -15.97 76.96 52.30
N GLY FB 24 -17.29 76.97 52.53
CA GLY FB 24 -17.95 75.87 53.21
C GLY FB 24 -18.41 74.79 52.23
N GLN FB 25 -18.76 73.63 52.79
CA GLN FB 25 -19.33 72.52 52.03
C GLN FB 25 -20.83 72.44 52.31
N ASN FB 26 -21.65 72.76 51.31
CA ASN FB 26 -23.09 72.54 51.43
C ASN FB 26 -23.59 71.44 50.51
N GLY FB 27 -22.72 70.90 49.66
CA GLY FB 27 -23.09 69.86 48.73
C GLY FB 27 -22.10 68.71 48.78
N VAL FB 28 -22.46 67.63 48.10
CA VAL FB 28 -21.63 66.41 48.11
C VAL FB 28 -20.48 66.49 47.13
N THR FB 29 -20.62 67.27 46.07
CA THR FB 29 -19.59 67.26 45.04
C THR FB 29 -18.27 67.85 45.53
N ASP FB 30 -18.29 69.09 46.09
CA ASP FB 30 -17.09 69.90 46.35
C ASP FB 30 -16.79 70.03 47.83
N PRO FB 31 -15.56 69.74 48.26
CA PRO FB 31 -15.22 69.78 49.69
C PRO FB 31 -15.15 71.19 50.24
N ALA FB 32 -15.20 71.28 51.57
CA ALA FB 32 -15.01 72.52 52.29
C ALA FB 32 -13.52 72.86 52.40
N GLU FB 33 -13.22 74.16 52.49
CA GLU FB 33 -11.85 74.64 52.37
C GLU FB 33 -11.60 75.76 53.38
N TRP FB 34 -10.41 75.73 53.97
CA TRP FB 34 -9.91 76.70 54.94
C TRP FB 34 -8.59 77.25 54.44
N TRP FB 35 -8.39 78.56 54.62
CA TRP FB 35 -7.23 79.28 54.12
C TRP FB 35 -6.49 79.95 55.27
N GLU FB 36 -5.15 79.90 55.23
CA GLU FB 36 -4.38 80.36 56.39
C GLU FB 36 -4.15 81.86 56.39
N LYS FB 37 -3.78 82.43 55.23
CA LYS FB 37 -3.58 83.87 55.07
C LYS FB 37 -2.37 84.39 55.86
N SER FB 38 -1.39 83.54 56.15
CA SER FB 38 -0.16 84.03 56.76
C SER FB 38 0.62 84.92 55.78
N SER FB 39 1.00 84.36 54.63
CA SER FB 39 1.67 85.13 53.59
C SER FB 39 0.74 86.22 53.06
N PRO FB 40 1.28 87.25 52.37
CA PRO FB 40 0.41 88.31 51.84
C PRO FB 40 -0.36 87.97 50.57
N THR FB 41 0.15 87.05 49.76
CA THR FB 41 -0.48 86.70 48.49
C THR FB 41 -1.18 85.34 48.58
N LEU FB 42 -2.12 85.13 47.64
CA LEU FB 42 -2.93 83.91 47.66
C LEU FB 42 -2.09 82.65 47.57
N ASN FB 43 -0.95 82.73 46.87
CA ASN FB 43 -0.11 81.54 46.68
C ASN FB 43 0.47 81.02 47.98
N GLY FB 44 0.73 81.91 48.94
CA GLY FB 44 1.36 81.56 50.19
C GLY FB 44 0.42 81.08 51.28
N TYR FB 45 -0.88 80.97 50.97
CA TYR FB 45 -1.81 80.47 51.97
C TYR FB 45 -1.62 78.97 52.15
N ARG FB 46 -1.75 78.53 53.41
CA ARG FB 46 -1.85 77.10 53.68
C ARG FB 46 -3.32 76.70 53.57
N ARG FB 47 -3.57 75.50 53.04
CA ARG FB 47 -4.94 75.09 52.74
C ARG FB 47 -5.33 73.83 53.52
N LEU FB 48 -6.63 73.74 53.83
CA LEU FB 48 -7.22 72.57 54.44
C LEU FB 48 -8.56 72.27 53.80
N THR FB 49 -8.69 71.10 53.17
CA THR FB 49 -9.93 70.66 52.53
C THR FB 49 -10.52 69.46 53.26
N ALA FB 50 -11.85 69.41 53.33
CA ALA FB 50 -12.55 68.36 54.07
C ALA FB 50 -13.91 68.11 53.45
N LEU FB 51 -14.13 66.85 53.03
CA LEU FB 51 -15.35 66.41 52.38
C LEU FB 51 -15.88 65.17 53.09
N VAL FB 52 -17.11 65.25 53.58
CA VAL FB 52 -17.84 64.09 54.08
C VAL FB 52 -18.95 63.80 53.07
N ARG FB 53 -18.97 62.57 52.55
CA ARG FB 53 -19.79 62.21 51.40
C ARG FB 53 -20.35 60.82 51.61
N ARG FB 54 -21.67 60.68 51.53
CA ARG FB 54 -22.28 59.36 51.64
C ARG FB 54 -22.16 58.65 50.30
N ASN FB 55 -21.51 57.49 50.30
CA ASN FB 55 -21.42 56.63 49.11
C ASN FB 55 -22.47 55.54 49.26
N ALA FB 56 -23.53 55.63 48.45
CA ALA FB 56 -24.62 54.66 48.54
C ALA FB 56 -24.23 53.30 47.98
N ALA FB 57 -23.21 53.25 47.13
CA ALA FB 57 -22.79 51.98 46.53
C ALA FB 57 -22.29 51.01 47.61
N SER FB 58 -21.31 51.44 48.39
CA SER FB 58 -20.77 50.64 49.48
C SER FB 58 -21.59 50.75 50.76
N LYS FB 59 -22.72 51.46 50.71
CA LYS FB 59 -23.51 51.78 51.89
C LYS FB 59 -22.59 52.29 53.00
N SER FB 60 -21.89 53.38 52.69
CA SER FB 60 -20.83 53.84 53.57
C SER FB 60 -20.76 55.36 53.49
N VAL FB 61 -19.82 55.92 54.26
CA VAL FB 61 -19.60 57.35 54.29
C VAL FB 61 -18.10 57.59 54.27
N LYS FB 62 -17.62 58.30 53.25
CA LYS FB 62 -16.20 58.63 53.14
C LYS FB 62 -15.95 60.02 53.70
N VAL FB 63 -14.76 60.18 54.28
CA VAL FB 63 -14.30 61.47 54.80
C VAL FB 63 -12.89 61.68 54.27
N LYS FB 64 -12.71 62.69 53.41
CA LYS FB 64 -11.43 63.01 52.80
C LYS FB 64 -10.95 64.36 53.34
N VAL FB 65 -9.74 64.36 53.90
CA VAL FB 65 -9.12 65.57 54.44
C VAL FB 65 -7.77 65.74 53.77
N ALA FB 66 -7.43 66.97 53.44
CA ALA FB 66 -6.16 67.30 52.81
C ALA FB 66 -5.58 68.56 53.42
N ILE FB 67 -4.28 68.55 53.67
CA ILE FB 67 -3.57 69.70 54.22
C ILE FB 67 -2.41 70.02 53.29
N TYR FB 68 -2.47 71.20 52.65
CA TYR FB 68 -1.44 71.65 51.73
C TYR FB 68 -0.61 72.74 52.40
N ASP FB 69 0.68 72.47 52.62
CA ASP FB 69 1.63 73.45 53.16
C ASP FB 69 2.60 73.85 52.06
N PRO FB 70 2.45 75.01 51.44
CA PRO FB 70 3.39 75.41 50.39
C PRO FB 70 4.57 76.16 50.98
N THR FB 71 5.74 75.96 50.37
CA THR FB 71 6.93 76.72 50.73
C THR FB 71 7.21 77.68 49.57
N LEU FB 72 6.94 78.97 49.78
CA LEU FB 72 7.12 79.94 48.71
C LEU FB 72 8.57 79.99 48.28
N ALA FB 73 8.80 80.00 46.97
CA ALA FB 73 10.15 80.17 46.47
C ALA FB 73 10.68 81.54 46.88
N VAL FB 74 11.93 81.58 47.32
CA VAL FB 74 12.62 82.84 47.52
C VAL FB 74 12.68 83.60 46.21
N THR FB 75 12.03 84.76 46.16
CA THR FB 75 11.93 85.56 44.94
C THR FB 75 12.81 86.80 45.11
N ALA FB 76 13.88 86.87 44.32
CA ALA FB 76 14.82 87.99 44.25
C ALA FB 76 14.53 88.82 42.99
N PRO FB 77 14.80 90.14 43.04
CA PRO FB 77 14.59 90.96 41.84
C PRO FB 77 15.41 90.46 40.68
N SER FB 78 14.77 90.41 39.50
CA SER FB 78 15.33 89.75 38.34
C SER FB 78 16.75 90.23 38.08
N THR FB 79 17.61 89.27 37.77
CA THR FB 79 18.95 89.63 37.32
C THR FB 79 18.93 90.09 35.88
N ALA FB 80 17.96 89.63 35.10
CA ALA FB 80 17.83 90.02 33.71
C ALA FB 80 16.82 91.15 33.50
N SER FB 81 15.60 91.00 34.00
CA SER FB 81 14.61 92.05 33.82
C SER FB 81 14.79 93.20 34.81
N GLY FB 82 15.55 93.00 35.87
CA GLY FB 82 15.57 93.96 36.96
C GLY FB 82 14.26 94.10 37.69
N ILE FB 83 13.32 93.18 37.45
CA ILE FB 83 11.94 93.31 37.89
C ILE FB 83 11.57 92.05 38.66
N GLN FB 84 11.44 92.17 39.98
CA GLN FB 84 11.15 91.04 40.83
C GLN FB 84 9.83 90.38 40.42
N PRO FB 85 9.82 89.07 40.17
CA PRO FB 85 8.58 88.43 39.74
C PRO FB 85 7.60 88.30 40.88
N SER FB 86 6.31 88.28 40.53
CA SER FB 86 5.24 88.01 41.48
C SER FB 86 5.57 86.72 42.23
N PRO FB 87 5.20 86.61 43.50
CA PRO FB 87 5.66 85.46 44.30
C PRO FB 87 5.05 84.17 43.79
N THR FB 88 5.89 83.14 43.71
CA THR FB 88 5.54 81.83 43.18
C THR FB 88 5.80 80.76 44.23
N VAL FB 89 5.30 79.55 43.96
CA VAL FB 89 5.43 78.41 44.86
C VAL FB 89 6.48 77.45 44.30
N ALA FB 90 7.53 77.18 45.08
CA ALA FB 90 8.59 76.29 44.63
C ALA FB 90 8.20 74.82 44.79
N PHE FB 91 7.50 74.49 45.88
CA PHE FB 91 6.95 73.17 46.08
C PHE FB 91 5.95 73.23 47.22
N THR FB 92 5.22 72.12 47.39
CA THR FB 92 4.18 72.04 48.39
C THR FB 92 4.19 70.65 49.01
N CYS FB 93 3.96 70.59 50.31
CA CYS FB 93 3.90 69.33 51.06
C CYS FB 93 2.45 69.02 51.39
N PRO FB 94 1.86 68.01 50.78
CA PRO FB 94 0.50 67.61 51.18
C PRO FB 94 0.44 66.42 52.13
N VAL FB 95 -0.62 66.43 52.93
CA VAL FB 95 -1.15 65.24 53.60
C VAL FB 95 -2.52 64.95 53.05
N PHE FB 96 -2.79 63.68 52.78
CA PHE FB 96 -4.11 63.18 52.43
C PHE FB 96 -4.52 62.13 53.47
N ILE FB 97 -5.72 62.28 54.02
CA ILE FB 97 -6.26 61.35 54.99
C ILE FB 97 -7.66 60.95 54.53
N GLU FB 98 -7.92 59.65 54.48
CA GLU FB 98 -9.22 59.12 54.10
C GLU FB 98 -9.72 58.16 55.16
N PHE FB 99 -10.86 58.46 55.76
CA PHE FB 99 -11.58 57.52 56.60
C PHE FB 99 -12.76 56.98 55.82
N THR FB 100 -13.06 55.70 56.00
CA THR FB 100 -14.35 55.20 55.50
C THR FB 100 -15.12 54.55 56.63
N LEU FB 101 -16.41 54.86 56.71
CA LEU FB 101 -17.28 54.43 57.82
C LEU FB 101 -18.52 53.76 57.26
N PRO FB 102 -18.66 52.44 57.40
CA PRO FB 102 -19.80 51.75 56.81
C PRO FB 102 -21.10 52.17 57.48
N ASP FB 103 -22.22 51.82 56.83
CA ASP FB 103 -23.53 52.22 57.35
C ASP FB 103 -23.86 51.53 58.68
N ALA FB 104 -23.25 50.37 58.94
CA ALA FB 104 -23.51 49.62 60.16
C ALA FB 104 -22.50 49.94 61.27
N CYS FB 105 -21.90 51.13 61.24
CA CYS FB 105 -20.72 51.45 62.04
C CYS FB 105 -21.10 52.06 63.39
N THR FB 106 -20.54 51.50 64.46
CA THR FB 106 -20.81 52.02 65.80
C THR FB 106 -20.13 53.36 66.03
N ILE FB 107 -20.77 54.20 66.85
CA ILE FB 107 -20.13 55.43 67.31
C ILE FB 107 -18.81 55.11 67.97
N GLN FB 108 -18.77 54.01 68.73
CA GLN FB 108 -17.55 53.59 69.39
C GLN FB 108 -16.47 53.21 68.37
N ASN FB 109 -16.86 52.55 67.27
CA ASN FB 109 -15.88 52.22 66.24
C ASN FB 109 -15.31 53.47 65.60
N ARG FB 110 -16.16 54.49 65.36
CA ARG FB 110 -15.67 55.74 64.78
C ARG FB 110 -14.66 56.41 65.70
N LYS FB 111 -15.00 56.51 66.99
CA LYS FB 111 -14.07 57.04 67.97
C LYS FB 111 -12.76 56.25 67.96
N ASP FB 112 -12.87 54.92 67.91
CA ASP FB 112 -11.69 54.05 67.85
C ASP FB 112 -10.78 54.42 66.69
N ILE FB 113 -11.35 54.49 65.49
CA ILE FB 113 -10.52 54.65 64.30
C ILE FB 113 -9.87 56.03 64.27
N LEU FB 114 -10.62 57.07 64.66
CA LEU FB 114 -10.00 58.40 64.72
C LEU FB 114 -8.90 58.44 65.78
N ALA FB 115 -9.10 57.72 66.89
CA ALA FB 115 -8.08 57.68 67.93
C ALA FB 115 -6.82 56.99 67.45
N TYR FB 116 -6.96 55.84 66.77
CA TYR FB 116 -5.80 55.15 66.23
C TYR FB 116 -5.02 56.07 65.29
N ALA FB 117 -5.74 56.78 64.41
CA ALA FB 117 -5.08 57.69 63.49
C ALA FB 117 -4.29 58.77 64.24
N LYS FB 118 -4.96 59.50 65.16
CA LYS FB 118 -4.30 60.63 65.80
C LYS FB 118 -3.13 60.17 66.67
N ASN FB 119 -3.32 59.07 67.43
CA ASN FB 119 -2.26 58.61 68.31
C ASN FB 119 -1.07 58.06 67.52
N PHE FB 120 -1.33 57.40 66.39
CA PHE FB 120 -0.21 56.98 65.55
C PHE FB 120 0.55 58.17 64.99
N LEU FB 121 -0.17 59.19 64.49
CA LEU FB 121 0.52 60.34 63.93
C LEU FB 121 1.34 61.06 64.98
N ALA FB 122 0.86 61.09 66.23
CA ALA FB 122 1.69 61.60 67.31
C ALA FB 122 2.89 60.68 67.59
N SER FB 123 2.76 59.38 67.28
CA SER FB 123 3.74 58.40 67.72
C SER FB 123 5.12 58.62 67.10
N ALA FB 124 6.13 58.23 67.89
CA ALA FB 124 7.52 58.41 67.48
C ALA FB 124 7.86 57.59 66.25
N THR FB 125 7.14 56.50 65.99
CA THR FB 125 7.36 55.75 64.76
C THR FB 125 6.88 56.56 63.55
N ALA FB 126 5.75 57.26 63.69
CA ALA FB 126 5.35 58.18 62.63
C ALA FB 126 6.36 59.30 62.45
N THR FB 127 6.98 59.75 63.54
CA THR FB 127 8.01 60.78 63.39
C THR FB 127 9.23 60.23 62.64
N ASP FB 128 9.75 59.07 63.05
CA ASP FB 128 10.80 58.38 62.31
C ASP FB 128 10.43 58.17 60.85
N LEU FB 129 9.14 58.01 60.59
CA LEU FB 129 8.65 57.66 59.25
C LEU FB 129 8.66 58.87 58.32
N VAL FB 130 8.13 59.99 58.77
CA VAL FB 130 7.94 61.16 57.92
C VAL FB 130 9.03 62.20 58.09
N VAL FB 131 9.39 62.51 59.34
CA VAL FB 131 10.38 63.58 59.58
C VAL FB 131 11.76 63.13 59.13
N ASN FB 132 12.14 61.90 59.46
CA ASN FB 132 13.42 61.35 59.02
C ASN FB 132 13.32 60.60 57.70
N THR FB 133 12.14 60.53 57.10
CA THR FB 133 11.90 59.81 55.85
C THR FB 133 12.55 58.42 55.89
N ALA FB 134 12.34 57.73 57.01
CA ALA FB 134 12.97 56.45 57.19
C ALA FB 134 11.93 55.34 57.26
N PRO FB 135 12.17 54.21 56.63
CA PRO FB 135 11.25 53.07 56.73
C PRO FB 135 11.54 52.25 57.99
N GLN FB 136 10.80 51.15 58.10
CA GLN FB 136 10.91 50.23 59.23
C GLN FB 136 11.53 48.92 58.72
N TYR FB 137 12.83 48.78 58.92
CA TYR FB 137 13.63 47.77 58.19
C TYR FB 137 13.82 46.42 58.91
N GLN GB 1 -30.83 80.90 59.71
CA GLN GB 1 -30.37 80.37 58.43
C GLN GB 1 -31.01 79.01 58.17
N ILE GB 2 -30.30 77.96 58.64
CA ILE GB 2 -30.79 76.59 58.75
C ILE GB 2 -30.76 76.19 60.21
N ALA GB 3 -31.83 75.58 60.68
CA ALA GB 3 -31.94 75.18 62.07
C ALA GB 3 -32.49 73.77 62.13
N ASN GB 4 -32.04 73.03 63.14
CA ASN GB 4 -32.52 71.67 63.33
C ASN GB 4 -34.03 71.67 63.52
N VAL GB 5 -34.65 70.52 63.26
CA VAL GB 5 -36.11 70.44 63.24
C VAL GB 5 -36.55 69.27 64.11
N VAL GB 6 -37.55 69.51 64.96
CA VAL GB 6 -37.99 68.50 65.92
C VAL GB 6 -39.40 68.07 65.56
N LEU GB 7 -39.60 66.77 65.36
CA LEU GB 7 -40.90 66.22 64.98
C LEU GB 7 -41.37 65.23 66.04
N ALA GB 8 -42.68 65.19 66.25
CA ALA GB 8 -43.26 64.31 67.26
C ALA GB 8 -43.62 62.97 66.64
N ASP GB 9 -43.09 61.88 67.19
CA ASP GB 9 -43.41 60.57 66.66
C ASP GB 9 -44.79 60.13 67.14
N GLY GB 10 -45.28 59.04 66.54
CA GLY GB 10 -46.57 58.51 66.90
C GLY GB 10 -46.46 57.54 68.04
N GLN GB 11 -47.04 57.89 69.17
CA GLN GB 11 -47.06 57.03 70.35
C GLN GB 11 -48.23 57.53 71.20
N ALA GB 12 -48.40 56.92 72.37
CA ALA GB 12 -49.36 57.44 73.34
C ALA GB 12 -49.05 58.90 73.64
N ALA GB 13 -47.81 59.18 74.07
CA ALA GB 13 -47.32 60.54 74.21
C ALA GB 13 -46.22 60.71 73.17
N PRO GB 14 -46.33 61.67 72.27
CA PRO GB 14 -45.28 61.84 71.27
C PRO GB 14 -43.93 62.13 71.92
N ALA GB 15 -42.90 61.47 71.40
CA ALA GB 15 -41.52 61.64 71.83
C ALA GB 15 -40.82 62.47 70.76
N ASP GB 16 -40.45 63.69 71.12
CA ASP GB 16 -39.73 64.59 70.23
C ASP GB 16 -38.46 63.94 69.69
N LYS GB 17 -38.39 63.85 68.37
CA LYS GB 17 -37.20 63.38 67.65
C LYS GB 17 -36.57 64.60 66.99
N THR GB 18 -35.33 64.89 67.35
CA THR GB 18 -34.62 66.06 66.87
C THR GB 18 -33.73 65.68 65.69
N PHE GB 19 -33.88 66.40 64.58
CA PHE GB 19 -33.07 66.22 63.39
C PHE GB 19 -32.07 67.37 63.34
N GLU GB 20 -30.78 67.06 63.59
CA GLU GB 20 -29.71 68.04 63.51
C GLU GB 20 -29.39 68.35 62.06
N PRO GB 21 -29.05 69.60 61.75
CA PRO GB 21 -28.64 69.94 60.38
C PRO GB 21 -27.21 69.48 60.12
N GLN GB 22 -27.09 68.41 59.34
CA GLN GB 22 -25.76 67.93 59.00
C GLN GB 22 -25.25 68.48 57.67
N ARG GB 23 -26.14 68.95 56.79
CA ARG GB 23 -25.74 69.69 55.60
C ARG GB 23 -26.88 70.62 55.17
N GLY GB 24 -26.53 71.84 54.77
CA GLY GB 24 -27.51 72.80 54.30
C GLY GB 24 -27.71 72.72 52.81
N GLN GB 25 -28.73 73.43 52.33
CA GLN GB 25 -29.07 73.38 50.92
C GLN GB 25 -27.99 74.07 50.09
N ASN GB 26 -27.38 73.30 49.19
CA ASN GB 26 -26.23 73.76 48.42
C ASN GB 26 -26.51 75.08 47.72
N GLY GB 27 -27.64 75.13 47.04
CA GLY GB 27 -28.01 76.22 46.17
C GLY GB 27 -29.31 75.79 45.56
N VAL GB 28 -29.39 75.67 44.23
CA VAL GB 28 -30.54 75.05 43.60
C VAL GB 28 -30.29 73.59 43.23
N THR GB 29 -29.08 73.08 43.49
CA THR GB 29 -28.71 71.76 43.03
C THR GB 29 -28.96 70.67 44.07
N ASP GB 30 -28.41 70.82 45.27
CA ASP GB 30 -28.45 69.77 46.30
C ASP GB 30 -29.36 70.18 47.45
N PRO GB 31 -30.29 69.33 47.86
CA PRO GB 31 -31.21 69.72 48.93
C PRO GB 31 -30.52 69.74 50.29
N ALA GB 32 -31.14 70.46 51.22
CA ALA GB 32 -30.70 70.47 52.60
C ALA GB 32 -31.09 69.16 53.27
N GLU GB 33 -30.24 68.71 54.19
CA GLU GB 33 -30.44 67.39 54.82
C GLU GB 33 -30.23 67.48 56.33
N TRP GB 34 -31.07 66.74 57.05
CA TRP GB 34 -31.08 66.70 58.51
C TRP GB 34 -31.07 65.24 58.94
N TRP GB 35 -30.35 64.97 60.04
CA TRP GB 35 -30.09 63.63 60.53
C TRP GB 35 -30.51 63.52 61.99
N GLU GB 36 -31.30 62.48 62.32
CA GLU GB 36 -31.77 62.32 63.69
C GLU GB 36 -30.62 61.95 64.63
N LYS GB 37 -29.83 60.94 64.24
CA LYS GB 37 -28.66 60.52 64.99
C LYS GB 37 -29.04 60.00 66.38
N SER GB 38 -30.15 59.29 66.46
CA SER GB 38 -30.55 58.71 67.74
C SER GB 38 -29.93 57.31 67.93
N SER GB 39 -30.15 56.40 66.97
CA SER GB 39 -29.63 55.05 67.05
C SER GB 39 -28.10 55.04 67.12
N PRO GB 40 -27.51 53.97 67.68
CA PRO GB 40 -26.03 53.92 67.73
C PRO GB 40 -25.40 53.64 66.37
N THR GB 41 -26.07 52.92 65.50
CA THR GB 41 -25.56 52.69 64.16
C THR GB 41 -25.99 53.80 63.23
N LEU GB 42 -25.18 54.03 62.19
CA LEU GB 42 -25.57 54.98 61.15
C LEU GB 42 -26.83 54.55 60.42
N ASN GB 43 -27.18 53.25 60.51
CA ASN GB 43 -28.37 52.75 59.85
C ASN GB 43 -29.64 53.44 60.35
N GLY GB 44 -29.74 53.62 61.67
CA GLY GB 44 -30.92 54.12 62.34
C GLY GB 44 -31.06 55.62 62.45
N TYR GB 45 -30.23 56.38 61.74
CA TYR GB 45 -30.44 57.81 61.62
C TYR GB 45 -31.67 58.06 60.74
N ARG GB 46 -32.64 58.81 61.25
CA ARG GB 46 -33.77 59.23 60.41
C ARG GB 46 -33.38 60.48 59.62
N ARG GB 47 -33.94 60.64 58.42
CA ARG GB 47 -33.48 61.68 57.50
C ARG GB 47 -34.60 62.62 57.08
N LEU GB 48 -34.21 63.86 56.80
CA LEU GB 48 -35.13 64.88 56.27
C LEU GB 48 -34.41 65.70 55.22
N THR GB 49 -34.95 65.75 54.00
CA THR GB 49 -34.39 66.54 52.91
C THR GB 49 -35.40 67.58 52.45
N ALA GB 50 -34.93 68.81 52.20
CA ALA GB 50 -35.79 69.88 51.72
C ALA GB 50 -35.03 70.75 50.72
N LEU GB 51 -35.66 70.95 49.55
CA LEU GB 51 -35.09 71.73 48.45
C LEU GB 51 -36.13 72.70 47.91
N VAL GB 52 -35.71 73.94 47.67
CA VAL GB 52 -36.56 75.00 47.13
C VAL GB 52 -35.88 75.56 45.88
N ARG GB 53 -36.47 75.32 44.71
CA ARG GB 53 -35.81 75.66 43.46
C ARG GB 53 -36.81 76.27 42.50
N ARG GB 54 -36.41 77.34 41.81
CA ARG GB 54 -37.28 77.99 40.83
C ARG GB 54 -37.02 77.39 39.45
N ASN GB 55 -37.99 76.64 38.94
CA ASN GB 55 -37.96 76.24 37.54
C ASN GB 55 -38.32 77.46 36.70
N ALA GB 56 -37.31 78.00 36.00
CA ALA GB 56 -37.46 79.26 35.28
C ALA GB 56 -38.27 79.09 34.00
N ALA GB 57 -38.19 77.92 33.38
CA ALA GB 57 -39.02 77.64 32.22
C ALA GB 57 -40.50 77.68 32.59
N SER GB 58 -40.91 76.85 33.56
CA SER GB 58 -42.31 76.80 33.98
C SER GB 58 -42.72 78.00 34.80
N LYS GB 59 -41.82 78.95 35.02
CA LYS GB 59 -42.07 80.10 35.88
C LYS GB 59 -42.77 79.66 37.16
N SER GB 60 -42.09 78.79 37.90
CA SER GB 60 -42.70 78.28 39.12
C SER GB 60 -41.60 77.92 40.12
N VAL GB 61 -42.02 77.64 41.34
CA VAL GB 61 -41.12 77.26 42.42
C VAL GB 61 -41.55 75.89 42.90
N LYS GB 62 -40.64 74.92 42.83
CA LYS GB 62 -40.85 73.59 43.39
C LYS GB 62 -40.26 73.54 44.79
N VAL GB 63 -40.98 72.86 45.68
CA VAL GB 63 -40.55 72.63 47.06
C VAL GB 63 -40.68 71.15 47.33
N LYS GB 64 -39.55 70.46 47.50
CA LYS GB 64 -39.50 69.02 47.71
C LYS GB 64 -39.00 68.69 49.10
N VAL GB 65 -39.77 67.88 49.83
CA VAL GB 65 -39.42 67.45 51.18
C VAL GB 65 -39.54 65.93 51.24
N ALA GB 66 -38.61 65.29 51.93
CA ALA GB 66 -38.66 63.85 52.11
C ALA GB 66 -38.27 63.50 53.54
N ILE GB 67 -38.98 62.53 54.11
CA ILE GB 67 -38.74 62.04 55.46
C ILE GB 67 -38.51 60.53 55.38
N TYR GB 68 -37.33 60.10 55.79
CA TYR GB 68 -36.92 58.70 55.72
C TYR GB 68 -36.83 58.13 57.14
N ASP GB 69 -37.66 57.14 57.44
CA ASP GB 69 -37.62 56.47 58.75
C ASP GB 69 -37.18 55.02 58.56
N PRO GB 70 -35.97 54.64 58.98
CA PRO GB 70 -35.55 53.25 58.82
C PRO GB 70 -35.93 52.40 60.02
N THR GB 71 -36.22 51.14 59.73
CA THR GB 71 -36.39 50.13 60.78
C THR GB 71 -35.37 49.02 60.53
N LEU GB 72 -34.60 48.71 61.58
CA LEU GB 72 -33.48 47.81 61.54
C LEU GB 72 -33.89 46.42 61.99
N ALA GB 73 -33.03 45.45 61.70
CA ALA GB 73 -33.26 44.08 62.12
C ALA GB 73 -31.92 43.37 62.20
N VAL GB 74 -31.79 42.50 63.18
CA VAL GB 74 -30.59 41.72 63.36
C VAL GB 74 -30.89 40.28 62.96
N THR GB 75 -29.84 39.53 62.58
CA THR GB 75 -30.01 38.11 62.28
C THR GB 75 -30.64 37.37 63.44
N ALA GB 76 -30.26 37.73 64.66
CA ALA GB 76 -30.71 37.05 65.88
C ALA GB 76 -30.72 38.07 67.01
N PRO GB 77 -31.59 37.89 68.00
CA PRO GB 77 -31.72 38.90 69.05
C PRO GB 77 -30.42 39.07 69.82
N SER GB 78 -30.21 40.28 70.32
CA SER GB 78 -28.96 40.67 70.96
C SER GB 78 -28.77 39.96 72.30
N THR GB 79 -27.51 39.67 72.65
CA THR GB 79 -27.18 38.99 73.90
C THR GB 79 -26.50 39.87 74.94
N ALA GB 80 -25.76 40.90 74.53
CA ALA GB 80 -25.00 41.80 75.40
C ALA GB 80 -23.83 41.12 76.08
N SER GB 81 -23.39 39.96 75.58
CA SER GB 81 -22.28 39.24 76.20
C SER GB 81 -21.08 39.08 75.27
N GLY GB 82 -21.25 38.41 74.13
CA GLY GB 82 -20.18 38.17 73.20
C GLY GB 82 -20.37 38.98 71.93
N ILE GB 83 -19.52 38.68 70.94
CA ILE GB 83 -19.63 39.34 69.66
C ILE GB 83 -20.98 39.00 69.05
N GLN GB 84 -21.71 40.02 68.63
CA GLN GB 84 -23.09 39.91 68.23
C GLN GB 84 -23.25 40.30 66.76
N PRO GB 85 -24.35 39.89 66.13
CA PRO GB 85 -24.56 40.22 64.72
C PRO GB 85 -24.82 41.70 64.53
N SER GB 86 -24.08 42.32 63.62
CA SER GB 86 -24.34 43.71 63.28
C SER GB 86 -25.69 43.80 62.58
N PRO GB 87 -26.38 44.94 62.73
CA PRO GB 87 -27.77 45.03 62.26
C PRO GB 87 -27.86 45.48 60.80
N THR GB 88 -28.76 44.84 60.08
CA THR GB 88 -29.08 45.23 58.72
C THR GB 88 -30.28 46.18 58.73
N VAL GB 89 -30.44 46.91 57.62
CA VAL GB 89 -31.61 47.76 57.44
C VAL GB 89 -32.74 46.87 56.94
N ALA GB 90 -33.73 46.62 57.79
CA ALA GB 90 -34.86 45.81 57.38
C ALA GB 90 -35.68 46.51 56.31
N PHE GB 91 -36.13 47.74 56.59
CA PHE GB 91 -36.87 48.48 55.57
C PHE GB 91 -36.83 49.97 55.93
N THR GB 92 -37.43 50.77 55.06
CA THR GB 92 -37.50 52.21 55.25
C THR GB 92 -38.89 52.71 54.87
N CYS GB 93 -39.45 53.58 55.68
CA CYS GB 93 -40.73 54.22 55.41
C CYS GB 93 -40.49 55.66 55.00
N PRO GB 94 -40.62 55.98 53.71
CA PRO GB 94 -40.54 57.38 53.30
C PRO GB 94 -41.89 58.06 53.11
N VAL GB 95 -41.85 59.37 53.38
CA VAL GB 95 -42.81 60.35 52.89
C VAL GB 95 -42.12 61.26 51.90
N PHE GB 96 -42.78 61.52 50.78
CA PHE GB 96 -42.36 62.55 49.83
C PHE GB 96 -43.47 63.58 49.72
N ILE GB 97 -43.10 64.86 49.79
CA ILE GB 97 -44.02 65.98 49.71
C ILE GB 97 -43.50 66.93 48.65
N GLU GB 98 -44.37 67.33 47.73
CA GLU GB 98 -44.00 68.28 46.69
C GLU GB 98 -45.08 69.35 46.58
N PHE GB 99 -44.67 70.60 46.71
CA PHE GB 99 -45.50 71.75 46.40
C PHE GB 99 -44.99 72.38 45.12
N THR GB 100 -45.90 72.84 44.26
CA THR GB 100 -45.47 73.70 43.16
C THR GB 100 -46.28 74.98 43.18
N LEU GB 101 -45.58 76.11 43.13
CA LEU GB 101 -46.18 77.43 43.27
C LEU GB 101 -45.83 78.27 42.05
N PRO GB 102 -46.79 78.56 41.18
CA PRO GB 102 -46.49 79.39 39.99
C PRO GB 102 -45.97 80.76 40.39
N ASP GB 103 -45.26 81.39 39.45
CA ASP GB 103 -44.56 82.63 39.80
C ASP GB 103 -45.54 83.73 40.17
N ALA GB 104 -46.68 83.79 39.51
CA ALA GB 104 -47.69 84.81 39.81
C ALA GB 104 -48.68 84.29 40.86
N CYS GB 105 -48.14 83.96 42.03
CA CYS GB 105 -48.89 83.30 43.10
C CYS GB 105 -48.90 84.16 44.35
N THR GB 106 -50.07 84.24 45.00
CA THR GB 106 -50.22 85.03 46.20
C THR GB 106 -49.60 84.34 47.40
N ILE GB 107 -49.02 85.16 48.28
CA ILE GB 107 -48.61 84.64 49.58
C ILE GB 107 -49.80 84.00 50.29
N GLN GB 108 -51.00 84.56 50.10
CA GLN GB 108 -52.19 83.96 50.69
C GLN GB 108 -52.49 82.59 50.08
N ASN GB 109 -52.25 82.43 48.78
CA ASN GB 109 -52.42 81.11 48.16
C ASN GB 109 -51.42 80.11 48.72
N ARG GB 110 -50.18 80.55 48.96
CA ARG GB 110 -49.17 79.65 49.55
C ARG GB 110 -49.60 79.21 50.93
N LYS GB 111 -50.04 80.16 51.76
CA LYS GB 111 -50.55 79.83 53.09
C LYS GB 111 -51.71 78.85 52.99
N ASP GB 112 -52.64 79.10 52.07
CA ASP GB 112 -53.77 78.20 51.84
C ASP GB 112 -53.30 76.78 51.58
N ILE GB 113 -52.41 76.61 50.60
CA ILE GB 113 -52.04 75.26 50.16
C ILE GB 113 -51.29 74.52 51.26
N LEU GB 114 -50.38 75.21 51.97
CA LEU GB 114 -49.69 74.56 53.08
C LEU GB 114 -50.66 74.17 54.17
N ALA GB 115 -51.66 75.02 54.44
CA ALA GB 115 -52.66 74.71 55.45
C ALA GB 115 -53.49 73.50 55.05
N TYR GB 116 -53.89 73.41 53.79
CA TYR GB 116 -54.64 72.24 53.32
C TYR GB 116 -53.84 70.98 53.54
N ALA GB 117 -52.55 71.02 53.17
CA ALA GB 117 -51.69 69.85 53.38
C ALA GB 117 -51.60 69.45 54.85
N LYS GB 118 -51.28 70.41 55.73
CA LYS GB 118 -51.04 70.05 57.12
C LYS GB 118 -52.34 69.61 57.82
N ASN GB 119 -53.45 70.31 57.56
CA ASN GB 119 -54.71 69.93 58.19
C ASN GB 119 -55.19 68.58 57.69
N PHE GB 120 -54.98 68.29 56.39
CA PHE GB 120 -55.33 66.96 55.90
C PHE GB 120 -54.50 65.89 56.59
N LEU GB 121 -53.18 66.08 56.65
CA LEU GB 121 -52.34 65.06 57.27
C LEU GB 121 -52.69 64.84 58.73
N ALA GB 122 -53.14 65.90 59.42
CA ALA GB 122 -53.67 65.69 60.77
C ALA GB 122 -54.99 64.95 60.75
N SER GB 123 -55.75 65.04 59.64
CA SER GB 123 -57.12 64.53 59.62
C SER GB 123 -57.20 63.02 59.81
N ALA GB 124 -58.30 62.59 60.44
CA ALA GB 124 -58.54 61.18 60.67
C ALA GB 124 -58.76 60.40 59.39
N THR GB 125 -59.15 61.07 58.28
CA THR GB 125 -59.22 60.36 57.01
C THR GB 125 -57.82 60.00 56.52
N ALA GB 126 -56.87 60.92 56.67
CA ALA GB 126 -55.47 60.59 56.40
C ALA GB 126 -54.99 59.47 57.32
N THR GB 127 -55.46 59.47 58.56
CA THR GB 127 -55.07 58.39 59.47
C THR GB 127 -55.63 57.03 59.00
N ASP GB 128 -56.94 56.95 58.74
CA ASP GB 128 -57.54 55.76 58.13
C ASP GB 128 -56.78 55.35 56.88
N LEU GB 129 -56.28 56.34 56.13
CA LEU GB 129 -55.63 56.07 54.84
C LEU GB 129 -54.27 55.41 55.01
N VAL GB 130 -53.41 56.02 55.83
CA VAL GB 130 -52.01 55.61 55.91
C VAL GB 130 -51.74 54.70 57.10
N VAL GB 131 -52.20 55.09 58.28
CA VAL GB 131 -51.97 54.27 59.46
C VAL GB 131 -52.71 52.95 59.33
N ASN GB 132 -54.00 53.03 59.04
CA ASN GB 132 -54.84 51.84 58.99
C ASN GB 132 -54.60 50.99 57.74
N THR GB 133 -54.01 51.58 56.68
CA THR GB 133 -53.75 50.93 55.39
C THR GB 133 -55.05 50.51 54.74
N ALA GB 134 -55.95 51.46 54.59
CA ALA GB 134 -57.29 51.17 54.10
C ALA GB 134 -57.70 52.34 53.21
N PRO GB 135 -58.10 52.09 51.98
CA PRO GB 135 -58.54 53.18 51.10
C PRO GB 135 -60.01 53.52 51.32
N GLN GB 136 -60.42 54.60 50.66
CA GLN GB 136 -61.75 55.17 50.82
C GLN GB 136 -62.67 54.59 49.73
N TYR GB 137 -63.52 53.64 50.12
CA TYR GB 137 -64.33 52.92 49.14
C TYR GB 137 -65.78 53.40 49.07
N GLN HB 1 -20.41 83.39 55.34
CA GLN HB 1 -21.63 82.57 55.19
C GLN HB 1 -22.70 83.48 54.69
N ILE HB 2 -23.84 82.93 54.27
CA ILE HB 2 -24.84 83.73 53.57
C ILE HB 2 -25.95 84.12 54.53
N ALA HB 3 -26.26 85.42 54.54
CA ALA HB 3 -27.41 85.97 55.22
C ALA HB 3 -27.96 87.08 54.36
N ASN HB 4 -29.18 87.51 54.68
CA ASN HB 4 -29.82 88.54 53.86
C ASN HB 4 -29.04 89.85 53.98
N VAL HB 5 -29.15 90.67 52.93
CA VAL HB 5 -28.42 91.94 52.86
C VAL HB 5 -29.42 93.08 52.82
N VAL HB 6 -29.10 94.17 53.51
CA VAL HB 6 -30.04 95.28 53.67
C VAL HB 6 -29.47 96.51 52.97
N LEU HB 7 -30.18 97.01 51.95
CA LEU HB 7 -29.72 98.12 51.15
C LEU HB 7 -30.70 99.28 51.29
N ALA HB 8 -30.19 100.47 51.57
CA ALA HB 8 -31.04 101.64 51.75
C ALA HB 8 -31.32 102.30 50.41
N ASP HB 9 -32.59 102.54 50.12
CA ASP HB 9 -32.96 103.09 48.82
C ASP HB 9 -32.65 104.58 48.77
N GLY HB 10 -32.88 105.17 47.60
CA GLY HB 10 -32.63 106.58 47.40
C GLY HB 10 -33.89 107.36 47.64
N GLN HB 11 -33.92 108.09 48.75
CA GLN HB 11 -35.00 109.01 49.10
C GLN HB 11 -34.40 110.08 50.00
N ALA HB 12 -35.26 110.99 50.46
CA ALA HB 12 -34.86 111.88 51.54
C ALA HB 12 -34.40 111.10 52.75
N ALA HB 13 -35.29 110.27 53.25
CA ALA HB 13 -35.02 109.37 54.33
C ALA HB 13 -34.92 107.98 53.72
N PRO HB 14 -33.78 107.33 53.86
CA PRO HB 14 -33.62 106.01 53.28
C PRO HB 14 -34.59 105.04 53.93
N ALA HB 15 -35.10 104.12 53.13
CA ALA HB 15 -35.96 103.04 53.57
C ALA HB 15 -35.25 101.74 53.26
N ASP HB 16 -34.91 100.99 54.30
CA ASP HB 16 -34.14 99.78 54.14
C ASP HB 16 -34.95 98.71 53.40
N LYS HB 17 -34.41 98.20 52.30
CA LYS HB 17 -34.98 97.08 51.58
C LYS HB 17 -34.11 95.87 51.86
N THR HB 18 -34.74 94.79 52.34
CA THR HB 18 -34.04 93.59 52.75
C THR HB 18 -34.12 92.54 51.65
N PHE HB 19 -32.98 91.99 51.27
CA PHE HB 19 -32.87 90.94 50.26
C PHE HB 19 -32.56 89.65 50.98
N GLU HB 20 -33.56 88.77 51.08
CA GLU HB 20 -33.40 87.45 51.70
C GLU HB 20 -32.84 86.46 50.69
N PRO HB 21 -31.89 85.62 51.11
CA PRO HB 21 -31.20 84.76 50.14
C PRO HB 21 -32.09 83.66 49.59
N GLN HB 22 -31.87 83.34 48.32
CA GLN HB 22 -32.58 82.27 47.62
C GLN HB 22 -31.66 81.18 47.11
N ARG HB 23 -30.39 81.49 46.86
CA ARG HB 23 -29.41 80.53 46.36
C ARG HB 23 -28.05 80.78 46.99
N GLY HB 24 -27.35 79.70 47.30
CA GLY HB 24 -25.95 79.78 47.60
C GLY HB 24 -25.12 79.60 46.34
N GLN HB 25 -23.94 80.20 46.33
CA GLN HB 25 -23.03 80.01 45.21
C GLN HB 25 -22.50 78.59 45.22
N ASN HB 26 -22.70 77.88 44.11
CA ASN HB 26 -22.27 76.49 43.97
C ASN HB 26 -21.28 76.41 42.84
N GLY HB 27 -20.05 75.97 43.15
CA GLY HB 27 -19.02 75.90 42.12
C GLY HB 27 -18.63 77.29 41.66
N VAL HB 28 -18.56 77.49 40.34
CA VAL HB 28 -18.33 78.81 39.78
C VAL HB 28 -19.36 79.09 38.69
N THR HB 29 -20.11 78.06 38.29
CA THR HB 29 -21.14 78.27 37.28
C THR HB 29 -22.30 79.09 37.85
N ASP HB 30 -22.69 78.82 39.09
CA ASP HB 30 -23.95 79.31 39.66
C ASP HB 30 -23.67 80.46 40.62
N PRO HB 31 -24.25 81.64 40.43
CA PRO HB 31 -24.10 82.71 41.42
C PRO HB 31 -25.14 82.63 42.53
N ALA HB 32 -24.79 83.20 43.67
CA ALA HB 32 -25.73 83.28 44.79
C ALA HB 32 -26.71 84.43 44.58
N GLU HB 33 -27.99 84.20 44.94
CA GLU HB 33 -29.06 85.13 44.61
C GLU HB 33 -29.87 85.51 45.84
N TRP HB 34 -30.31 86.77 45.88
CA TRP HB 34 -31.12 87.35 46.96
C TRP HB 34 -32.34 88.02 46.36
N TRP HB 35 -33.49 87.86 47.03
CA TRP HB 35 -34.78 88.36 46.58
C TRP HB 35 -35.40 89.30 47.61
N GLU HB 36 -36.00 90.41 47.16
CA GLU HB 36 -36.52 91.39 48.12
C GLU HB 36 -37.85 90.98 48.71
N LYS HB 37 -38.75 90.43 47.89
CA LYS HB 37 -40.07 89.99 48.34
C LYS HB 37 -40.95 91.17 48.76
N SER HB 38 -40.73 92.34 48.17
CA SER HB 38 -41.55 93.49 48.58
C SER HB 38 -42.94 93.43 47.95
N SER HB 39 -43.01 93.28 46.63
CA SER HB 39 -44.29 93.24 45.93
C SER HB 39 -44.96 91.86 46.12
N PRO HB 40 -46.26 91.74 45.81
CA PRO HB 40 -46.91 90.43 46.01
C PRO HB 40 -46.43 89.32 45.08
N THR HB 41 -46.26 89.58 43.78
CA THR HB 41 -45.84 88.55 42.82
C THR HB 41 -44.32 88.56 42.66
N LEU HB 42 -43.78 87.58 41.91
CA LEU HB 42 -42.33 87.53 41.74
C LEU HB 42 -41.81 88.73 40.96
N ASN HB 43 -42.54 89.14 39.93
CA ASN HB 43 -42.02 90.19 39.05
C ASN HB 43 -41.61 91.44 39.83
N GLY HB 44 -42.21 91.68 41.00
CA GLY HB 44 -41.88 92.84 41.81
C GLY HB 44 -40.68 92.69 42.72
N TYR HB 45 -40.23 91.45 42.95
CA TYR HB 45 -39.02 91.22 43.75
C TYR HB 45 -37.84 91.95 43.12
N ARG HB 46 -37.04 92.60 43.96
CA ARG HB 46 -35.75 93.13 43.53
C ARG HB 46 -34.68 92.06 43.74
N ARG HB 47 -33.74 91.96 42.81
CA ARG HB 47 -32.78 90.88 42.81
C ARG HB 47 -31.35 91.36 43.05
N LEU HB 48 -30.57 90.50 43.70
CA LEU HB 48 -29.13 90.71 43.88
C LEU HB 48 -28.39 89.41 43.62
N THR HB 49 -27.49 89.41 42.65
CA THR HB 49 -26.68 88.24 42.33
C THR HB 49 -25.20 88.52 42.59
N ALA HB 50 -24.49 87.53 43.13
CA ALA HB 50 -23.08 87.68 43.44
C ALA HB 50 -22.36 86.37 43.18
N LEU HB 51 -21.26 86.46 42.44
CA LEU HB 51 -20.50 85.28 42.03
C LEU HB 51 -19.01 85.61 42.11
N VAL HB 52 -18.27 84.82 42.89
CA VAL HB 52 -16.82 84.89 42.92
C VAL HB 52 -16.28 83.64 42.23
N ARG HB 53 -15.66 83.82 41.08
CA ARG HB 53 -15.13 82.70 40.29
C ARG HB 53 -13.67 82.94 39.98
N ARG HB 54 -12.84 81.94 40.21
CA ARG HB 54 -11.44 82.07 39.84
C ARG HB 54 -11.28 81.75 38.36
N ASN HB 55 -10.64 82.66 37.63
CA ASN HB 55 -10.27 82.47 36.23
C ASN HB 55 -8.80 82.07 36.20
N ALA HB 56 -8.54 80.83 35.76
CA ALA HB 56 -7.18 80.28 35.78
C ALA HB 56 -6.36 80.78 34.61
N ALA HB 57 -7.01 81.19 33.53
CA ALA HB 57 -6.29 81.76 32.38
C ALA HB 57 -5.50 83.00 32.80
N SER HB 58 -6.18 83.97 33.40
CA SER HB 58 -5.56 85.21 33.85
C SER HB 58 -4.86 85.06 35.19
N LYS HB 59 -4.88 83.89 35.79
CA LYS HB 59 -4.39 83.67 37.15
C LYS HB 59 -4.95 84.74 38.09
N SER HB 60 -6.27 84.79 38.16
CA SER HB 60 -6.91 85.88 38.91
C SER HB 60 -8.29 85.44 39.36
N VAL HB 61 -8.89 86.27 40.21
CA VAL HB 61 -10.22 86.04 40.74
C VAL HB 61 -11.14 87.13 40.21
N LYS HB 62 -12.34 86.74 39.75
CA LYS HB 62 -13.34 87.70 39.33
C LYS HB 62 -14.49 87.72 40.33
N VAL HB 63 -15.05 88.92 40.54
CA VAL HB 63 -16.19 89.11 41.43
C VAL HB 63 -17.25 89.89 40.65
N LYS HB 64 -18.39 89.25 40.41
CA LYS HB 64 -19.49 89.85 39.66
C LYS HB 64 -20.69 90.02 40.57
N VAL HB 65 -21.23 91.23 40.59
CA VAL HB 65 -22.41 91.59 41.37
C VAL HB 65 -23.41 92.25 40.44
N ALA HB 66 -24.69 91.97 40.65
CA ALA HB 66 -25.76 92.56 39.85
C ALA HB 66 -26.93 92.91 40.75
N ILE HB 67 -27.51 94.09 40.53
CA ILE HB 67 -28.69 94.54 41.26
C ILE HB 67 -29.75 94.90 40.23
N TYR HB 68 -30.88 94.17 40.26
CA TYR HB 68 -32.00 94.40 39.37
C TYR HB 68 -33.15 95.02 40.14
N ASP HB 69 -33.53 96.25 39.78
CA ASP HB 69 -34.68 96.95 40.37
C ASP HB 69 -35.79 97.08 39.33
N PRO HB 70 -36.83 96.25 39.36
CA PRO HB 70 -37.90 96.36 38.36
C PRO HB 70 -39.05 97.24 38.82
N THR HB 71 -39.68 97.97 37.90
CA THR HB 71 -40.88 98.73 38.21
C THR HB 71 -42.04 98.14 37.40
N LEU HB 72 -43.17 97.91 38.05
CA LEU HB 72 -44.30 97.28 37.38
C LEU HB 72 -45.06 98.30 36.54
N ALA HB 73 -45.81 97.79 35.57
CA ALA HB 73 -46.60 98.65 34.70
C ALA HB 73 -47.98 98.88 35.28
N VAL HB 74 -48.59 99.99 34.87
CA VAL HB 74 -49.92 100.36 35.35
C VAL HB 74 -50.96 99.54 34.60
N THR HB 75 -51.75 98.76 35.34
CA THR HB 75 -52.70 97.84 34.75
C THR HB 75 -54.11 98.42 34.80
N ALA HB 76 -55.02 97.77 34.09
CA ALA HB 76 -56.41 98.15 33.98
C ALA HB 76 -57.29 96.96 34.29
N PRO HB 77 -58.46 97.17 34.91
CA PRO HB 77 -59.31 96.03 35.27
C PRO HB 77 -59.83 95.26 34.07
N SER HB 78 -60.17 95.94 32.98
CA SER HB 78 -60.73 95.31 31.79
C SER HB 78 -59.62 95.15 30.76
N THR HB 79 -59.20 93.92 30.54
CA THR HB 79 -58.29 93.58 29.45
C THR HB 79 -59.11 93.09 28.27
N ALA HB 80 -58.63 93.37 27.06
CA ALA HB 80 -59.36 92.95 25.88
C ALA HB 80 -59.45 91.44 25.80
N SER HB 81 -60.62 90.96 25.38
CA SER HB 81 -60.83 89.56 25.06
C SER HB 81 -60.30 88.67 26.18
N GLY HB 82 -60.70 88.96 27.40
CA GLY HB 82 -60.34 88.01 28.42
C GLY HB 82 -60.23 88.64 29.80
N ILE HB 83 -59.23 88.18 30.50
CA ILE HB 83 -59.19 88.27 31.95
C ILE HB 83 -58.40 89.49 32.38
N GLN HB 84 -58.68 89.95 33.60
CA GLN HB 84 -57.89 91.00 34.22
C GLN HB 84 -56.42 90.58 34.28
N PRO HB 85 -55.48 91.45 33.91
CA PRO HB 85 -54.11 90.98 33.66
C PRO HB 85 -53.32 90.80 34.94
N SER HB 86 -52.43 89.81 34.92
CA SER HB 86 -51.50 89.63 36.02
C SER HB 86 -50.44 90.73 35.96
N PRO HB 87 -49.84 91.08 37.11
CA PRO HB 87 -48.91 92.21 37.13
C PRO HB 87 -47.67 91.88 36.31
N THR HB 88 -47.27 92.83 35.46
CA THR HB 88 -46.15 92.62 34.55
C THR HB 88 -45.12 93.72 34.75
N VAL HB 89 -43.89 93.43 34.35
CA VAL HB 89 -42.78 94.37 34.46
C VAL HB 89 -42.80 95.29 33.26
N ALA HB 90 -42.79 96.61 33.51
CA ALA HB 90 -42.69 97.57 32.42
C ALA HB 90 -41.24 97.81 32.02
N PHE HB 91 -40.36 97.95 33.01
CA PHE HB 91 -38.93 98.04 32.75
C PHE HB 91 -38.20 97.72 34.05
N THR HB 92 -36.88 97.65 33.94
CA THR HB 92 -36.04 97.29 35.08
C THR HB 92 -34.71 98.04 34.95
N CYS HB 93 -34.19 98.50 36.08
CA CYS HB 93 -32.92 99.23 36.13
C CYS HB 93 -31.85 98.32 36.74
N PRO HB 94 -30.88 97.87 35.95
CA PRO HB 94 -29.77 97.12 36.53
C PRO HB 94 -28.50 97.91 36.76
N VAL HB 95 -27.79 97.47 37.81
CA VAL HB 95 -26.37 97.72 38.00
C VAL HB 95 -25.61 96.42 37.80
N PHE HB 96 -24.48 96.49 37.10
CA PHE HB 96 -23.48 95.43 37.09
C PHE HB 96 -22.19 95.98 37.64
N ILE HB 97 -21.51 95.18 38.46
CA ILE HB 97 -20.24 95.54 39.07
C ILE HB 97 -19.30 94.36 38.92
N GLU HB 98 -18.09 94.62 38.39
CA GLU HB 98 -17.09 93.56 38.24
C GLU HB 98 -15.76 94.04 38.79
N PHE HB 99 -15.29 93.35 39.82
CA PHE HB 99 -13.91 93.50 40.31
C PHE HB 99 -13.07 92.38 39.72
N THR HB 100 -11.82 92.69 39.37
CA THR HB 100 -10.88 91.60 39.12
C THR HB 100 -9.63 91.80 39.96
N LEU HB 101 -9.15 90.71 40.55
CA LEU HB 101 -8.06 90.72 41.52
C LEU HB 101 -7.03 89.67 41.16
N PRO HB 102 -5.82 90.06 40.77
CA PRO HB 102 -4.81 89.06 40.40
C PRO HB 102 -4.36 88.26 41.61
N ASP HB 103 -3.70 87.13 41.32
CA ASP HB 103 -3.30 86.23 42.39
C ASP HB 103 -2.19 86.84 43.25
N ALA HB 104 -1.38 87.71 42.69
CA ALA HB 104 -0.26 88.30 43.40
C ALA HB 104 -0.62 89.57 44.17
N CYS HB 105 -1.90 89.80 44.44
CA CYS HB 105 -2.33 91.08 44.98
C CYS HB 105 -2.40 91.04 46.51
N THR HB 106 -2.37 92.25 47.11
CA THR HB 106 -2.37 92.39 48.55
C THR HB 106 -3.78 92.58 49.09
N ILE HB 107 -3.97 92.15 50.33
CA ILE HB 107 -5.19 92.48 51.08
C ILE HB 107 -5.39 93.99 51.09
N GLN HB 108 -4.29 94.74 51.16
CA GLN HB 108 -4.37 96.20 51.10
C GLN HB 108 -4.89 96.66 49.75
N ASN HB 109 -4.45 96.00 48.66
CA ASN HB 109 -4.94 96.39 47.34
C ASN HB 109 -6.44 96.12 47.20
N ARG HB 110 -6.90 94.98 47.72
CA ARG HB 110 -8.33 94.68 47.64
C ARG HB 110 -9.16 95.71 48.41
N LYS HB 111 -8.72 96.04 49.63
CA LYS HB 111 -9.43 97.06 50.40
C LYS HB 111 -9.42 98.41 49.68
N ASP HB 112 -8.27 98.77 49.11
CA ASP HB 112 -8.17 99.98 48.30
C ASP HB 112 -9.23 100.01 47.20
N ILE HB 113 -9.28 98.96 46.39
CA ILE HB 113 -10.13 98.99 45.20
C ILE HB 113 -11.59 99.06 45.60
N LEU HB 114 -11.98 98.29 46.63
CA LEU HB 114 -13.38 98.31 47.06
C LEU HB 114 -13.76 99.67 47.63
N ALA HB 115 -12.86 100.27 48.41
CA ALA HB 115 -13.18 101.59 48.97
C ALA HB 115 -13.26 102.64 47.88
N TYR HB 116 -12.41 102.55 46.85
CA TYR HB 116 -12.51 103.48 45.73
C TYR HB 116 -13.89 103.37 45.09
N ALA HB 117 -14.35 102.14 44.87
CA ALA HB 117 -15.67 101.94 44.26
C ALA HB 117 -16.78 102.54 45.13
N LYS HB 118 -16.81 102.21 46.43
CA LYS HB 118 -17.92 102.67 47.25
C LYS HB 118 -17.90 104.19 47.42
N ASN HB 119 -16.72 104.79 47.61
CA ASN HB 119 -16.62 106.22 47.79
C ASN HB 119 -17.01 106.96 46.51
N PHE HB 120 -16.61 106.43 45.34
CA PHE HB 120 -17.06 107.06 44.12
C PHE HB 120 -18.57 107.00 43.99
N LEU HB 121 -19.16 105.83 44.22
CA LEU HB 121 -20.61 105.70 44.07
C LEU HB 121 -21.36 106.62 45.02
N ALA HB 122 -20.79 106.89 46.19
CA ALA HB 122 -21.38 107.91 47.06
C ALA HB 122 -21.18 109.31 46.48
N SER HB 123 -20.09 109.53 45.74
CA SER HB 123 -19.69 110.88 45.36
C SER HB 123 -20.74 111.57 44.50
N ALA HB 124 -20.79 112.90 44.62
CA ALA HB 124 -21.76 113.68 43.88
C ALA HB 124 -21.55 113.60 42.39
N THR HB 125 -20.32 113.33 41.92
CA THR HB 125 -20.11 113.14 40.48
C THR HB 125 -20.75 111.85 40.00
N ALA HB 126 -20.70 110.78 40.78
CA ALA HB 126 -21.49 109.61 40.42
C ALA HB 126 -22.98 109.90 40.48
N THR HB 127 -23.40 110.71 41.46
CA THR HB 127 -24.83 111.07 41.52
C THR HB 127 -25.24 111.86 40.27
N ASP HB 128 -24.46 112.90 39.91
CA ASP HB 128 -24.66 113.62 38.66
C ASP HB 128 -24.70 112.64 37.49
N LEU HB 129 -23.80 111.66 37.50
CA LEU HB 129 -23.64 110.76 36.35
C LEU HB 129 -24.87 109.88 36.14
N VAL HB 130 -25.45 109.35 37.20
CA VAL HB 130 -26.54 108.37 37.06
C VAL HB 130 -27.91 109.01 37.18
N VAL HB 131 -28.11 109.83 38.22
CA VAL HB 131 -29.43 110.42 38.48
C VAL HB 131 -29.78 111.45 37.42
N ASN HB 132 -28.84 112.29 37.03
CA ASN HB 132 -29.10 113.29 36.00
C ASN HB 132 -28.76 112.80 34.58
N THR HB 133 -28.17 111.60 34.46
CA THR HB 133 -27.77 111.03 33.18
C THR HB 133 -26.92 112.01 32.38
N ALA HB 134 -26.06 112.74 33.08
CA ALA HB 134 -25.32 113.80 32.42
C ALA HB 134 -23.85 113.44 32.25
N PRO HB 135 -23.24 113.81 31.12
CA PRO HB 135 -21.78 113.63 30.95
C PRO HB 135 -20.97 114.53 31.88
N GLN HB 136 -19.65 114.52 31.72
CA GLN HB 136 -18.77 115.41 32.47
C GLN HB 136 -18.08 116.36 31.50
N TYR HB 137 -18.59 117.59 31.42
CA TYR HB 137 -18.29 118.53 30.32
C TYR HB 137 -16.99 119.28 30.61
#